data_6ZHH
#
_entry.id   6ZHH
#
_cell.length_a   74.062
_cell.length_b   188.499
_cell.length_c   350.007
_cell.angle_alpha   90.000
_cell.angle_beta   91.940
_cell.angle_gamma   90.000
#
_symmetry.space_group_name_H-M   'P 1 21 1'
#
loop_
_entity.id
_entity.type
_entity.pdbx_description
1 polymer 'Calcium-transporting ATPase'
2 non-polymer 'BERYLLIUM TRIFLUORIDE ION'
3 non-polymer 'MAGNESIUM ION'
4 non-polymer 1,2-DIOLEOYL-SN-GLYCERO-3-PHOSPHOCHOLINE
5 non-polymer 'O-DODECANYL OCTAETHYLENE GLYCOL'
6 water water
#
_entity_poly.entity_id   1
_entity_poly.type   'polypeptide(L)'
_entity_poly.pdbx_seq_one_letter_code
;MAEIYRKSAAETFTQLEATEKGLTTSEVTKRQEKYGFNELKNKKKGGGGDPLWKLFLETFKDPMVIVLVIAALVQLVLGE
VVESLIIFLVLIVNSIISVVQTRKAESSLDALREMSAPVAKVIRDGSKQSIHARELVPGDVVILDAGDFVPADGRLFESG
SLKIDEGMLTGESEAVEKYIDTIPDEVGLGDRVNMVFSGSLVVYGRGMFVVTGTASETEIGKIAGLLETAEAKQTPLQRK
LESFSKKLGLGILALCVLIFAVEAGRVLLGDNSADMATAILNAFMFAVAVAVAAIPEALSSIVTIVLAVGTNKMAKQHAI
IRKLPAVETLGSTSVICTDKTGTLTQNKMTVVDYYLPDGTKENFPESPENWSEGERRLIHIAVLCNDSNINSEGKELGDP
TEVALIAFSNKNNQDYNEIREKFIREGEIPFDSDRKLMSTLHTFNENKAMLTKGGPDVMFARCSYVFLDGEEKPMTEEIL
AKLKETNEEFSNQALRVLAYGYKRMPADTTELKLEDEQDIVLVGLTAMIDPPREAVYASIEESKKAGIRTVMITGDHKTT
AQAIGRDIGLMDADDIALTGQELDAMPEEELDKKLEHIAVYARVSPENKIRIVKAWQKKGKITAMTGDGVNDAPALKQAD
IGVAMGSGTDVAKDSAAMILTDDNFVSIVDAVGVGRTVFDNIKKSIAYLFAGNLGAIIAILFALVLDWINPFTALQLLFI
NLVNDSLPAIALGMEKAEPDVMKRKPRDINEGIFAGGTMRAVISRGVLIGIAVIISQYIGMQISPEMSVAMAFTTLILAR
TLQTFAARSNVQTAFGAGFFSNKYVIGAVLLCFVLYGITVLPGAREIFSIPASFGLHEWSIAAGLALAAVVMMEIIKVVQ
NKFFKDYDIPTTENLYFQGLEHHHHHHHHHH
;
_entity_poly.pdbx_strand_id   A,B,C,D,E,F,G,H
#
# COMPACT_ATOMS: atom_id res chain seq x y z
N ALA A 2 -31.91 -46.97 5.18
CA ALA A 2 -31.29 -47.68 6.30
C ALA A 2 -31.08 -46.75 7.49
N GLU A 3 -32.15 -46.49 8.24
CA GLU A 3 -32.24 -45.64 9.42
C GLU A 3 -32.01 -44.17 9.07
N ILE A 4 -31.89 -43.83 7.78
CA ILE A 4 -31.76 -42.44 7.38
C ILE A 4 -33.11 -41.76 7.42
N TYR A 5 -34.16 -42.50 7.06
CA TYR A 5 -35.52 -41.98 7.03
C TYR A 5 -36.01 -41.58 8.41
N ARG A 6 -35.34 -42.00 9.47
CA ARG A 6 -35.71 -41.56 10.80
C ARG A 6 -35.01 -40.27 11.20
N LYS A 7 -34.02 -39.83 10.43
CA LYS A 7 -33.36 -38.55 10.65
C LYS A 7 -34.04 -37.45 9.84
N SER A 8 -33.80 -36.21 10.26
CA SER A 8 -34.25 -35.08 9.47
C SER A 8 -33.33 -34.87 8.28
N ALA A 9 -33.76 -34.03 7.36
CA ALA A 9 -32.92 -33.72 6.20
C ALA A 9 -31.63 -33.07 6.65
N ALA A 10 -31.70 -32.19 7.65
CA ALA A 10 -30.50 -31.49 8.14
C ALA A 10 -29.49 -32.47 8.72
N GLU A 11 -29.96 -33.44 9.50
CA GLU A 11 -29.04 -34.42 10.07
C GLU A 11 -28.39 -35.26 8.97
N THR A 12 -29.17 -35.63 7.95
CA THR A 12 -28.59 -36.40 6.86
C THR A 12 -27.55 -35.57 6.12
N PHE A 13 -27.82 -34.27 5.99
CA PHE A 13 -26.87 -33.40 5.30
C PHE A 13 -25.57 -33.30 6.06
N THR A 14 -25.63 -33.10 7.37
CA THR A 14 -24.40 -32.99 8.14
C THR A 14 -23.68 -34.34 8.19
N GLN A 15 -24.42 -35.44 8.07
CA GLN A 15 -23.80 -36.76 8.02
C GLN A 15 -23.02 -36.95 6.73
N LEU A 16 -23.60 -36.57 5.58
CA LEU A 16 -22.87 -36.68 4.32
C LEU A 16 -21.91 -35.53 4.09
N GLU A 17 -21.79 -34.60 5.04
CA GLU A 17 -20.94 -33.43 4.89
C GLU A 17 -21.26 -32.71 3.58
N ALA A 18 -22.54 -32.41 3.39
CA ALA A 18 -23.01 -31.74 2.19
C ALA A 18 -24.14 -30.81 2.57
N THR A 19 -24.38 -29.82 1.72
CA THR A 19 -25.52 -28.92 1.86
C THR A 19 -26.48 -29.13 0.71
N GLU A 20 -27.58 -28.39 0.73
CA GLU A 20 -28.62 -28.52 -0.28
C GLU A 20 -28.37 -27.65 -1.50
N LYS A 21 -27.22 -26.99 -1.58
CA LYS A 21 -26.87 -26.21 -2.74
C LYS A 21 -25.92 -26.96 -3.66
N GLY A 22 -25.68 -28.24 -3.35
CA GLY A 22 -24.92 -29.10 -4.23
C GLY A 22 -23.48 -29.27 -3.78
N LEU A 23 -22.73 -29.96 -4.62
CA LEU A 23 -21.33 -30.23 -4.38
C LEU A 23 -20.48 -29.54 -5.44
N THR A 24 -19.23 -29.29 -5.08
CA THR A 24 -18.25 -28.75 -5.98
C THR A 24 -17.58 -29.89 -6.75
N THR A 25 -16.81 -29.52 -7.78
CA THR A 25 -16.13 -30.54 -8.57
C THR A 25 -15.03 -31.22 -7.77
N SER A 26 -14.29 -30.46 -6.94
CA SER A 26 -13.23 -31.06 -6.13
C SER A 26 -13.80 -32.04 -5.10
N GLU A 27 -14.90 -31.68 -4.45
CA GLU A 27 -15.51 -32.59 -3.48
C GLU A 27 -16.07 -33.83 -4.18
N VAL A 28 -16.62 -33.66 -5.37
CA VAL A 28 -17.16 -34.80 -6.08
C VAL A 28 -16.04 -35.74 -6.50
N THR A 29 -14.92 -35.19 -6.96
CA THR A 29 -13.77 -36.04 -7.32
C THR A 29 -13.23 -36.76 -6.09
N LYS A 30 -13.22 -36.10 -4.95
CA LYS A 30 -12.73 -36.72 -3.73
C LYS A 30 -13.62 -37.87 -3.29
N ARG A 31 -14.94 -37.65 -3.32
CA ARG A 31 -15.86 -38.70 -2.91
C ARG A 31 -15.93 -39.84 -3.93
N GLN A 32 -15.56 -39.59 -5.18
CA GLN A 32 -15.51 -40.68 -6.15
C GLN A 32 -14.36 -41.65 -5.85
N GLU A 33 -13.31 -41.20 -5.16
CA GLU A 33 -12.25 -42.14 -4.76
C GLU A 33 -12.67 -42.97 -3.58
N LYS A 34 -13.51 -42.42 -2.71
CA LYS A 34 -13.96 -43.17 -1.54
C LYS A 34 -15.02 -44.18 -1.92
N TYR A 35 -16.04 -43.75 -2.66
CA TYR A 35 -17.17 -44.62 -2.94
C TYR A 35 -17.12 -45.34 -4.27
N GLY A 36 -16.29 -44.91 -5.20
CA GLY A 36 -16.34 -45.51 -6.52
C GLY A 36 -17.46 -44.89 -7.32
N PHE A 37 -17.65 -45.41 -8.52
CA PHE A 37 -18.71 -44.90 -9.39
C PHE A 37 -20.04 -45.55 -9.04
N ASN A 38 -21.12 -44.87 -9.43
CA ASN A 38 -22.48 -45.33 -9.13
C ASN A 38 -22.90 -46.40 -10.14
N GLU A 39 -22.37 -47.61 -9.96
CA GLU A 39 -22.69 -48.71 -10.86
C GLU A 39 -22.43 -50.02 -10.15
N LEU A 40 -22.95 -51.10 -10.71
CA LEU A 40 -22.84 -52.43 -10.12
C LEU A 40 -21.73 -53.23 -10.78
N LYS A 41 -21.26 -54.24 -10.06
CA LYS A 41 -20.32 -55.19 -10.63
C LYS A 41 -20.18 -56.38 -9.67
N ASP A 50 -15.91 -71.79 -9.59
CA ASP A 50 -16.46 -73.05 -10.10
C ASP A 50 -16.33 -73.21 -11.63
N PRO A 51 -16.88 -72.29 -12.44
CA PRO A 51 -16.88 -72.51 -13.89
C PRO A 51 -15.48 -72.40 -14.47
N LEU A 52 -15.07 -73.46 -15.18
CA LEU A 52 -13.75 -73.61 -15.77
C LEU A 52 -13.75 -74.95 -16.48
N TRP A 53 -13.26 -74.99 -17.72
CA TRP A 53 -13.49 -76.15 -18.57
C TRP A 53 -12.53 -77.31 -18.36
N LYS A 54 -11.68 -77.27 -17.35
CA LYS A 54 -11.06 -78.50 -16.88
C LYS A 54 -11.97 -79.30 -15.94
N LEU A 55 -13.22 -78.87 -15.74
CA LEU A 55 -14.18 -79.65 -14.95
C LEU A 55 -14.55 -80.95 -15.67
N PHE A 56 -14.23 -81.01 -16.97
CA PHE A 56 -14.27 -82.26 -17.71
C PHE A 56 -13.47 -83.33 -16.96
N LEU A 57 -12.47 -82.91 -16.18
CA LEU A 57 -11.73 -83.84 -15.34
C LEU A 57 -12.52 -84.23 -14.10
N GLU A 58 -13.31 -83.32 -13.53
CA GLU A 58 -14.12 -83.70 -12.38
C GLU A 58 -15.23 -84.66 -12.76
N THR A 59 -15.54 -84.81 -14.05
CA THR A 59 -16.51 -85.84 -14.39
C THR A 59 -15.95 -87.24 -14.14
N PHE A 60 -14.64 -87.37 -14.03
CA PHE A 60 -13.99 -88.67 -13.85
C PHE A 60 -13.97 -89.13 -12.39
N LYS A 61 -14.57 -88.36 -11.47
CA LYS A 61 -14.78 -88.84 -10.11
C LYS A 61 -15.97 -89.79 -9.98
N ASP A 62 -16.80 -89.93 -11.02
CA ASP A 62 -17.94 -90.83 -10.93
C ASP A 62 -17.47 -92.28 -10.94
N PRO A 63 -17.99 -93.13 -10.04
CA PRO A 63 -17.54 -94.53 -10.00
C PRO A 63 -17.80 -95.30 -11.28
N MET A 64 -18.91 -95.04 -11.95
CA MET A 64 -19.15 -95.74 -13.19
C MET A 64 -18.09 -95.39 -14.22
N VAL A 65 -17.62 -94.14 -14.17
CA VAL A 65 -16.55 -93.73 -15.07
C VAL A 65 -15.26 -94.46 -14.73
N ILE A 66 -14.96 -94.59 -13.43
CA ILE A 66 -13.74 -95.29 -13.03
C ILE A 66 -13.78 -96.75 -13.46
N VAL A 67 -14.95 -97.39 -13.29
CA VAL A 67 -15.11 -98.78 -13.70
C VAL A 67 -14.91 -98.95 -15.20
N LEU A 68 -15.51 -98.05 -15.99
CA LEU A 68 -15.43 -98.19 -17.44
C LEU A 68 -14.04 -97.86 -17.96
N VAL A 69 -13.36 -96.90 -17.32
CA VAL A 69 -11.98 -96.57 -17.69
C VAL A 69 -11.05 -97.75 -17.46
N ILE A 70 -11.18 -98.41 -16.30
CA ILE A 70 -10.37 -99.59 -16.05
C ILE A 70 -10.72 -100.72 -17.03
N ALA A 71 -12.02 -100.93 -17.31
CA ALA A 71 -12.39 -101.97 -18.27
C ALA A 71 -11.82 -101.66 -19.65
N ALA A 72 -11.83 -100.38 -20.03
CA ALA A 72 -11.30 -99.96 -21.31
C ALA A 72 -9.80 -100.19 -21.40
N LEU A 73 -9.05 -99.86 -20.34
CA LEU A 73 -7.60 -100.08 -20.39
C LEU A 73 -7.28 -101.57 -20.43
N VAL A 74 -8.00 -102.38 -19.66
CA VAL A 74 -7.72 -103.82 -19.68
C VAL A 74 -7.96 -104.36 -21.08
N GLN A 75 -9.01 -103.90 -21.73
CA GLN A 75 -9.28 -104.40 -23.07
C GLN A 75 -8.24 -103.90 -24.04
N LEU A 76 -7.67 -102.73 -23.77
CA LEU A 76 -6.60 -102.24 -24.61
C LEU A 76 -5.43 -103.21 -24.56
N VAL A 77 -5.09 -103.65 -23.34
CA VAL A 77 -3.98 -104.57 -23.18
C VAL A 77 -4.31 -105.92 -23.81
N LEU A 78 -5.57 -106.34 -23.74
CA LEU A 78 -5.96 -107.64 -24.26
C LEU A 78 -6.05 -107.65 -25.77
N GLY A 79 -6.05 -106.48 -26.40
CA GLY A 79 -6.15 -106.43 -27.84
C GLY A 79 -7.53 -106.06 -28.35
N GLU A 80 -8.51 -105.96 -27.47
CA GLU A 80 -9.86 -105.60 -27.89
C GLU A 80 -9.89 -104.09 -28.01
N VAL A 81 -9.47 -103.60 -29.18
CA VAL A 81 -9.24 -102.16 -29.27
C VAL A 81 -10.53 -101.42 -29.55
N VAL A 82 -11.35 -101.91 -30.50
CA VAL A 82 -12.53 -101.14 -30.91
C VAL A 82 -13.54 -101.07 -29.76
N GLU A 83 -13.70 -102.13 -28.99
CA GLU A 83 -14.58 -102.03 -27.83
C GLU A 83 -14.01 -101.11 -26.76
N SER A 84 -12.70 -101.03 -26.64
CA SER A 84 -12.12 -100.04 -25.74
C SER A 84 -12.44 -98.63 -26.23
N LEU A 85 -12.38 -98.44 -27.56
CA LEU A 85 -12.68 -97.14 -28.16
C LEU A 85 -14.14 -96.79 -27.99
N ILE A 86 -15.02 -97.79 -28.08
CA ILE A 86 -16.45 -97.58 -27.89
C ILE A 86 -16.73 -97.09 -26.48
N ILE A 87 -16.03 -97.69 -25.51
CA ILE A 87 -16.20 -97.26 -24.13
C ILE A 87 -15.72 -95.82 -23.97
N PHE A 88 -14.58 -95.50 -24.59
CA PHE A 88 -14.10 -94.12 -24.49
C PHE A 88 -15.06 -93.13 -25.15
N LEU A 89 -15.72 -93.55 -26.24
CA LEU A 89 -16.73 -92.68 -26.84
C LEU A 89 -17.90 -92.43 -25.90
N VAL A 90 -18.40 -93.47 -25.23
CA VAL A 90 -19.55 -93.16 -24.39
C VAL A 90 -19.11 -92.32 -23.21
N LEU A 91 -17.85 -92.47 -22.79
CA LEU A 91 -17.34 -91.66 -21.69
C LEU A 91 -17.22 -90.20 -22.07
N ILE A 92 -16.64 -89.93 -23.24
CA ILE A 92 -16.47 -88.55 -23.70
C ILE A 92 -17.83 -87.89 -23.91
N VAL A 93 -18.78 -88.66 -24.45
CA VAL A 93 -20.10 -88.12 -24.76
C VAL A 93 -20.88 -87.80 -23.50
N ASN A 94 -20.96 -88.75 -22.57
CA ASN A 94 -21.74 -88.47 -21.37
C ASN A 94 -21.08 -87.39 -20.53
N SER A 95 -19.75 -87.24 -20.65
CA SER A 95 -19.10 -86.16 -19.93
C SER A 95 -19.55 -84.82 -20.50
N ILE A 96 -19.65 -84.71 -21.81
CA ILE A 96 -20.15 -83.45 -22.35
C ILE A 96 -21.64 -83.28 -22.06
N ILE A 97 -22.40 -84.37 -21.87
CA ILE A 97 -23.79 -84.23 -21.41
C ILE A 97 -23.83 -83.56 -20.04
N SER A 98 -22.82 -83.82 -19.19
CA SER A 98 -22.79 -83.12 -17.90
C SER A 98 -22.25 -81.68 -18.02
N VAL A 99 -21.32 -81.45 -18.95
CA VAL A 99 -20.77 -80.10 -19.09
C VAL A 99 -21.80 -79.13 -19.67
N VAL A 100 -22.72 -79.62 -20.52
CA VAL A 100 -23.74 -78.73 -21.05
C VAL A 100 -24.78 -78.37 -19.99
N GLN A 101 -24.87 -79.17 -18.93
CA GLN A 101 -25.74 -78.86 -17.80
C GLN A 101 -25.10 -77.85 -16.85
N THR A 102 -23.77 -77.85 -16.78
CA THR A 102 -23.12 -76.84 -15.95
C THR A 102 -22.81 -75.52 -16.66
N ARG A 103 -22.57 -75.53 -17.99
CA ARG A 103 -22.16 -74.30 -18.67
C ARG A 103 -23.28 -73.27 -18.81
N LYS A 104 -24.50 -73.72 -19.10
CA LYS A 104 -25.58 -72.77 -19.30
C LYS A 104 -25.94 -72.07 -18.01
N ALA A 105 -25.89 -72.78 -16.87
CA ALA A 105 -26.06 -72.17 -15.55
C ALA A 105 -25.11 -70.99 -15.30
N GLU A 106 -24.03 -70.84 -16.06
CA GLU A 106 -23.13 -69.70 -15.85
C GLU A 106 -23.73 -68.43 -16.41
N SER A 107 -24.47 -68.54 -17.52
CA SER A 107 -25.15 -67.36 -18.05
C SER A 107 -26.40 -67.01 -17.25
N SER A 108 -26.70 -67.80 -16.20
CA SER A 108 -27.75 -67.46 -15.26
C SER A 108 -27.19 -66.63 -14.11
N LEU A 109 -25.85 -66.59 -14.01
CA LEU A 109 -25.07 -65.81 -13.06
C LEU A 109 -24.64 -64.47 -13.65
N ASP A 110 -25.44 -63.92 -14.56
CA ASP A 110 -25.10 -62.69 -15.28
C ASP A 110 -25.47 -61.40 -14.55
N ALA A 111 -26.63 -61.31 -13.92
CA ALA A 111 -27.09 -60.10 -13.24
C ALA A 111 -27.09 -58.93 -14.22
N LEU A 112 -27.93 -59.05 -15.25
CA LEU A 112 -28.06 -58.03 -16.31
C LEU A 112 -29.00 -56.92 -15.87
N ARG A 113 -28.43 -55.83 -15.37
CA ARG A 113 -29.20 -54.67 -14.89
C ARG A 113 -29.13 -53.51 -15.87
N GLU A 114 -29.75 -53.67 -17.04
CA GLU A 114 -29.90 -52.54 -17.94
C GLU A 114 -31.14 -51.71 -17.64
N MET A 115 -31.61 -51.73 -16.39
CA MET A 115 -32.76 -50.97 -15.94
C MET A 115 -32.37 -49.81 -15.04
N SER A 116 -31.10 -49.72 -14.70
CA SER A 116 -30.55 -48.59 -13.95
C SER A 116 -30.63 -47.30 -14.76
N ALA A 117 -30.80 -46.19 -14.05
CA ALA A 117 -30.98 -44.90 -14.71
C ALA A 117 -29.70 -44.45 -15.41
N PRO A 118 -29.78 -43.98 -16.65
CA PRO A 118 -28.58 -43.54 -17.35
C PRO A 118 -28.24 -42.07 -17.18
N VAL A 119 -29.17 -41.25 -16.69
CA VAL A 119 -28.96 -39.82 -16.56
C VAL A 119 -29.30 -39.41 -15.14
N ALA A 120 -28.56 -38.46 -14.62
CA ALA A 120 -28.82 -37.86 -13.32
C ALA A 120 -28.90 -36.36 -13.53
N LYS A 121 -29.88 -35.74 -12.91
CA LYS A 121 -30.09 -34.31 -13.02
C LYS A 121 -29.61 -33.72 -11.70
N VAL A 122 -28.34 -33.31 -11.67
CA VAL A 122 -27.65 -32.96 -10.44
C VAL A 122 -27.43 -31.45 -10.41
N ILE A 123 -27.22 -30.93 -9.20
CA ILE A 123 -26.75 -29.55 -8.98
C ILE A 123 -25.28 -29.64 -8.60
N ARG A 124 -24.41 -29.05 -9.42
CA ARG A 124 -22.99 -29.05 -9.11
C ARG A 124 -22.39 -27.70 -9.47
N ASP A 125 -21.47 -27.24 -8.63
CA ASP A 125 -20.80 -25.95 -8.79
C ASP A 125 -21.80 -24.80 -8.81
N GLY A 126 -22.99 -25.01 -8.26
CA GLY A 126 -24.04 -24.01 -8.25
C GLY A 126 -24.94 -24.02 -9.47
N SER A 127 -24.73 -24.96 -10.39
CA SER A 127 -25.45 -25.00 -11.67
C SER A 127 -26.11 -26.36 -11.86
N LYS A 128 -27.37 -26.34 -12.30
CA LYS A 128 -28.05 -27.58 -12.65
C LYS A 128 -27.50 -28.11 -13.96
N GLN A 129 -27.17 -29.40 -13.99
CA GLN A 129 -26.64 -30.02 -15.19
C GLN A 129 -26.98 -31.50 -15.17
N SER A 130 -27.06 -32.09 -16.36
CA SER A 130 -27.30 -33.51 -16.52
C SER A 130 -25.96 -34.23 -16.72
N ILE A 131 -25.77 -35.31 -15.97
CA ILE A 131 -24.53 -36.07 -15.97
C ILE A 131 -24.89 -37.53 -16.17
N HIS A 132 -23.87 -38.34 -16.47
CA HIS A 132 -24.08 -39.77 -16.45
C HIS A 132 -24.42 -40.17 -15.03
N ALA A 133 -25.46 -40.98 -14.85
CA ALA A 133 -25.84 -41.33 -13.50
C ALA A 133 -24.75 -42.09 -12.78
N ARG A 134 -23.87 -42.77 -13.52
CA ARG A 134 -22.78 -43.51 -12.89
C ARG A 134 -21.80 -42.61 -12.18
N GLU A 135 -21.83 -41.31 -12.42
CA GLU A 135 -20.91 -40.38 -11.75
C GLU A 135 -21.47 -39.79 -10.45
N LEU A 136 -22.59 -40.29 -9.95
CA LEU A 136 -23.16 -39.73 -8.73
C LEU A 136 -22.42 -40.25 -7.51
N VAL A 137 -22.42 -39.43 -6.45
CA VAL A 137 -21.71 -39.76 -5.21
C VAL A 137 -22.52 -39.27 -4.02
N PRO A 138 -22.36 -39.90 -2.86
CA PRO A 138 -23.13 -39.47 -1.68
C PRO A 138 -22.84 -38.01 -1.33
N GLY A 139 -23.92 -37.25 -1.18
CA GLY A 139 -23.86 -35.82 -0.97
C GLY A 139 -24.32 -35.03 -2.16
N ASP A 140 -24.44 -35.66 -3.32
CA ASP A 140 -24.96 -34.99 -4.50
C ASP A 140 -26.42 -34.64 -4.32
N VAL A 141 -26.80 -33.51 -4.88
CA VAL A 141 -28.18 -33.03 -4.88
C VAL A 141 -28.78 -33.34 -6.24
N VAL A 142 -29.78 -34.21 -6.27
CA VAL A 142 -30.42 -34.63 -7.52
C VAL A 142 -31.84 -34.09 -7.60
N ILE A 143 -32.24 -33.67 -8.80
CA ILE A 143 -33.58 -33.17 -9.08
C ILE A 143 -34.36 -34.28 -9.78
N LEU A 144 -35.60 -34.47 -9.38
CA LEU A 144 -36.49 -35.46 -9.97
C LEU A 144 -37.68 -34.76 -10.57
N ASP A 145 -38.04 -35.14 -11.79
CA ASP A 145 -39.23 -34.65 -12.44
C ASP A 145 -39.98 -35.88 -12.94
N ALA A 146 -41.19 -35.69 -13.43
CA ALA A 146 -41.98 -36.83 -13.88
C ALA A 146 -41.33 -37.52 -15.08
N GLY A 147 -41.41 -38.84 -15.08
CA GLY A 147 -40.88 -39.67 -16.14
C GLY A 147 -39.40 -39.96 -16.04
N ASP A 148 -38.72 -39.41 -15.02
CA ASP A 148 -37.29 -39.65 -14.79
C ASP A 148 -37.13 -40.94 -14.00
N PHE A 149 -35.98 -41.58 -14.18
CA PHE A 149 -35.63 -42.77 -13.40
C PHE A 149 -34.70 -42.35 -12.28
N VAL A 150 -35.03 -42.77 -11.06
CA VAL A 150 -34.28 -42.41 -9.86
C VAL A 150 -32.87 -42.95 -9.98
N PRO A 151 -31.86 -42.07 -9.95
CA PRO A 151 -30.49 -42.47 -10.30
C PRO A 151 -29.70 -43.08 -9.13
N ALA A 152 -30.11 -42.78 -7.90
CA ALA A 152 -29.41 -43.29 -6.72
C ALA A 152 -30.35 -43.19 -5.53
N ASP A 153 -30.00 -43.89 -4.46
CA ASP A 153 -30.81 -43.80 -3.23
C ASP A 153 -30.49 -42.55 -2.45
N GLY A 154 -31.52 -41.95 -1.87
CA GLY A 154 -31.30 -40.72 -1.12
C GLY A 154 -32.52 -40.32 -0.32
N ARG A 155 -32.33 -39.26 0.48
CA ARG A 155 -33.34 -38.73 1.39
C ARG A 155 -33.94 -37.47 0.78
N LEU A 156 -35.27 -37.42 0.66
CA LEU A 156 -35.90 -36.24 0.08
C LEU A 156 -35.80 -35.07 1.05
N PHE A 157 -35.54 -33.90 0.49
CA PHE A 157 -35.61 -32.65 1.24
C PHE A 157 -36.44 -31.61 0.51
N GLU A 158 -36.95 -31.92 -0.69
CA GLU A 158 -37.87 -31.01 -1.37
C GLU A 158 -38.83 -31.84 -2.22
N SER A 159 -40.13 -31.72 -1.96
CA SER A 159 -41.12 -32.49 -2.71
C SER A 159 -42.33 -31.65 -3.06
N GLY A 160 -42.73 -31.70 -4.33
CA GLY A 160 -43.92 -31.07 -4.87
C GLY A 160 -44.84 -32.09 -5.51
N SER A 161 -45.69 -32.71 -4.69
CA SER A 161 -46.61 -33.77 -5.10
C SER A 161 -45.89 -34.87 -5.85
N LEU A 162 -44.75 -35.30 -5.30
CA LEU A 162 -43.93 -36.32 -5.94
C LEU A 162 -44.54 -37.70 -5.69
N LYS A 163 -44.66 -38.47 -6.75
CA LYS A 163 -45.21 -39.81 -6.75
C LYS A 163 -44.30 -40.69 -7.60
N ILE A 164 -43.80 -41.79 -6.99
CA ILE A 164 -42.86 -42.71 -7.64
C ILE A 164 -43.45 -44.12 -7.66
N ASP A 165 -43.11 -44.87 -8.71
CA ASP A 165 -43.47 -46.28 -8.90
C ASP A 165 -42.34 -47.14 -8.34
N GLU A 166 -42.51 -47.62 -7.10
CA GLU A 166 -41.51 -48.47 -6.46
C GLU A 166 -41.82 -49.95 -6.67
N GLY A 167 -42.31 -50.33 -7.83
CA GLY A 167 -42.64 -51.72 -8.07
C GLY A 167 -41.46 -52.65 -8.10
N MET A 168 -40.24 -52.11 -8.12
CA MET A 168 -39.06 -52.98 -8.10
C MET A 168 -38.76 -53.50 -6.71
N LEU A 169 -39.23 -52.81 -5.68
CA LEU A 169 -39.01 -53.21 -4.29
C LEU A 169 -40.23 -53.82 -3.63
N THR A 170 -41.43 -53.39 -4.01
CA THR A 170 -42.65 -53.88 -3.40
C THR A 170 -43.53 -54.73 -4.31
N GLY A 171 -43.30 -54.70 -5.63
CA GLY A 171 -44.11 -55.45 -6.56
C GLY A 171 -45.39 -54.78 -6.97
N GLU A 172 -45.69 -53.62 -6.39
CA GLU A 172 -46.90 -52.86 -6.69
C GLU A 172 -46.55 -51.73 -7.65
N SER A 173 -47.16 -51.72 -8.82
CA SER A 173 -46.86 -50.69 -9.81
C SER A 173 -47.56 -49.37 -9.54
N GLU A 174 -48.34 -49.28 -8.47
CA GLU A 174 -49.03 -48.04 -8.16
C GLU A 174 -48.04 -47.01 -7.62
N ALA A 175 -48.24 -45.77 -8.02
CA ALA A 175 -47.37 -44.70 -7.55
C ALA A 175 -47.65 -44.40 -6.09
N VAL A 176 -46.59 -44.29 -5.32
CA VAL A 176 -46.70 -43.94 -3.92
C VAL A 176 -46.36 -42.47 -3.79
N GLU A 177 -47.08 -41.78 -2.93
CA GLU A 177 -46.82 -40.38 -2.66
C GLU A 177 -45.63 -40.27 -1.74
N LYS A 178 -44.76 -39.31 -2.01
CA LYS A 178 -43.59 -39.05 -1.20
C LYS A 178 -43.79 -37.78 -0.38
N TYR A 179 -43.18 -37.75 0.80
CA TYR A 179 -43.26 -36.58 1.68
C TYR A 179 -41.89 -36.38 2.33
N ILE A 180 -41.50 -35.12 2.51
CA ILE A 180 -40.18 -34.81 3.09
C ILE A 180 -40.16 -34.89 4.61
N ASP A 181 -41.29 -35.21 5.25
CA ASP A 181 -41.35 -35.27 6.70
C ASP A 181 -40.52 -36.41 7.27
N THR A 182 -40.04 -36.21 8.48
CA THR A 182 -39.28 -37.25 9.18
C THR A 182 -40.24 -38.33 9.65
N ILE A 183 -39.86 -39.59 9.44
CA ILE A 183 -40.66 -40.73 9.86
C ILE A 183 -40.22 -41.08 11.27
N PRO A 184 -41.09 -40.99 12.27
CA PRO A 184 -40.66 -41.17 13.66
C PRO A 184 -40.40 -42.61 14.05
N ASP A 185 -41.26 -43.51 13.57
CA ASP A 185 -41.15 -44.92 13.93
C ASP A 185 -40.43 -45.67 12.81
N GLU A 186 -40.07 -46.91 13.11
CA GLU A 186 -39.44 -47.75 12.11
C GLU A 186 -40.54 -48.42 11.29
N VAL A 187 -40.48 -48.25 9.97
CA VAL A 187 -41.48 -48.82 9.07
C VAL A 187 -40.77 -49.66 8.03
N GLY A 188 -41.54 -50.46 7.33
CA GLY A 188 -40.99 -51.32 6.29
C GLY A 188 -40.47 -50.53 5.09
N LEU A 189 -39.81 -51.27 4.20
CA LEU A 189 -39.11 -50.64 3.08
C LEU A 189 -40.05 -49.95 2.10
N GLY A 190 -41.24 -50.50 1.88
CA GLY A 190 -42.16 -49.83 0.97
C GLY A 190 -42.75 -48.56 1.51
N ASP A 191 -42.77 -48.41 2.84
CA ASP A 191 -43.41 -47.27 3.48
C ASP A 191 -42.42 -46.17 3.85
N ARG A 192 -41.22 -46.20 3.26
CA ARG A 192 -40.21 -45.16 3.45
C ARG A 192 -40.59 -43.97 2.57
N VAL A 193 -41.54 -43.19 3.07
CA VAL A 193 -42.12 -42.12 2.28
C VAL A 193 -41.13 -41.00 1.96
N ASN A 194 -40.16 -40.76 2.85
CA ASN A 194 -39.20 -39.69 2.65
C ASN A 194 -37.92 -40.16 1.97
N MET A 195 -37.96 -41.31 1.32
CA MET A 195 -36.79 -41.91 0.72
C MET A 195 -37.12 -42.28 -0.72
N VAL A 196 -36.17 -42.07 -1.61
CA VAL A 196 -36.32 -42.48 -2.98
C VAL A 196 -35.24 -43.53 -3.25
N PHE A 197 -35.52 -44.43 -4.19
CA PHE A 197 -34.60 -45.53 -4.42
C PHE A 197 -34.23 -45.68 -5.89
N SER A 198 -32.96 -46.02 -6.09
CA SER A 198 -32.43 -46.13 -7.44
C SER A 198 -33.15 -47.24 -8.18
N GLY A 199 -33.52 -46.95 -9.42
CA GLY A 199 -34.20 -47.87 -10.28
C GLY A 199 -35.68 -47.58 -10.45
N SER A 200 -36.29 -46.89 -9.49
CA SER A 200 -37.71 -46.58 -9.58
C SER A 200 -37.98 -45.47 -10.58
N LEU A 201 -39.23 -45.38 -11.03
CA LEU A 201 -39.67 -44.43 -12.04
C LEU A 201 -40.61 -43.39 -11.42
N VAL A 202 -40.28 -42.11 -11.61
CA VAL A 202 -41.13 -41.04 -11.13
C VAL A 202 -42.36 -40.93 -12.01
N VAL A 203 -43.51 -40.74 -11.39
CA VAL A 203 -44.78 -40.71 -12.07
C VAL A 203 -45.35 -39.30 -12.12
N TYR A 204 -45.21 -38.53 -11.04
CA TYR A 204 -45.80 -37.19 -11.05
C TYR A 204 -45.15 -36.32 -9.99
N GLY A 205 -44.85 -35.08 -10.34
CA GLY A 205 -44.39 -34.14 -9.34
C GLY A 205 -42.92 -33.83 -9.49
N ARG A 206 -42.47 -32.87 -8.67
CA ARG A 206 -41.07 -32.48 -8.64
C ARG A 206 -40.46 -32.90 -7.31
N GLY A 207 -39.17 -33.19 -7.33
CA GLY A 207 -38.50 -33.62 -6.13
C GLY A 207 -37.04 -33.21 -6.14
N MET A 208 -36.43 -33.32 -4.98
CA MET A 208 -35.02 -32.96 -4.84
C MET A 208 -34.53 -33.71 -3.62
N PHE A 209 -33.51 -34.54 -3.81
CA PHE A 209 -32.98 -35.37 -2.73
C PHE A 209 -31.46 -35.36 -2.72
N VAL A 210 -30.89 -35.67 -1.56
CA VAL A 210 -29.45 -35.78 -1.39
C VAL A 210 -29.09 -37.26 -1.45
N VAL A 211 -28.11 -37.60 -2.30
CA VAL A 211 -27.77 -38.99 -2.47
C VAL A 211 -27.15 -39.52 -1.17
N THR A 212 -27.69 -40.64 -0.70
CA THR A 212 -27.16 -41.33 0.46
C THR A 212 -26.58 -42.68 0.12
N GLY A 213 -26.86 -43.20 -1.07
CA GLY A 213 -26.32 -44.48 -1.45
C GLY A 213 -26.18 -44.60 -2.94
N THR A 214 -25.06 -45.17 -3.37
CA THR A 214 -24.75 -45.44 -4.76
C THR A 214 -24.16 -46.83 -4.84
N ALA A 215 -23.98 -47.32 -6.06
CA ALA A 215 -23.29 -48.59 -6.35
C ALA A 215 -24.01 -49.70 -5.60
N SER A 216 -23.30 -50.62 -4.92
CA SER A 216 -23.95 -51.74 -4.27
C SER A 216 -24.45 -51.43 -2.87
N GLU A 217 -24.36 -50.16 -2.46
CA GLU A 217 -24.89 -49.73 -1.18
C GLU A 217 -26.30 -49.19 -1.35
N THR A 218 -27.05 -49.78 -2.28
CA THR A 218 -28.41 -49.40 -2.54
C THR A 218 -29.30 -50.63 -2.48
N GLU A 219 -30.61 -50.40 -2.33
CA GLU A 219 -31.57 -51.51 -2.27
C GLU A 219 -31.50 -52.37 -3.52
N ILE A 220 -31.32 -51.75 -4.69
CA ILE A 220 -31.18 -52.55 -5.89
C ILE A 220 -29.81 -53.20 -5.90
N GLY A 221 -28.80 -52.54 -5.33
CA GLY A 221 -27.50 -53.19 -5.19
C GLY A 221 -27.58 -54.37 -4.24
N LYS A 222 -28.41 -54.26 -3.20
CA LYS A 222 -28.63 -55.40 -2.33
C LYS A 222 -29.28 -56.53 -3.10
N ILE A 223 -30.19 -56.21 -4.03
CA ILE A 223 -30.81 -57.25 -4.86
C ILE A 223 -29.75 -57.93 -5.73
N ALA A 224 -28.83 -57.14 -6.28
CA ALA A 224 -27.77 -57.72 -7.09
C ALA A 224 -26.90 -58.66 -6.28
N GLY A 225 -26.61 -58.28 -5.03
CA GLY A 225 -25.81 -59.14 -4.17
C GLY A 225 -26.54 -60.42 -3.82
N LEU A 226 -27.86 -60.31 -3.61
CA LEU A 226 -28.65 -61.50 -3.33
C LEU A 226 -28.65 -62.44 -4.52
N LEU A 227 -28.73 -61.90 -5.73
CA LEU A 227 -28.66 -62.74 -6.93
C LEU A 227 -27.32 -63.43 -7.03
N GLU A 228 -26.26 -62.76 -6.57
CA GLU A 228 -24.92 -63.33 -6.65
C GLU A 228 -24.77 -64.53 -5.74
N THR A 229 -25.30 -64.42 -4.53
CA THR A 229 -25.09 -65.47 -3.54
C THR A 229 -25.93 -66.70 -3.86
N ALA A 230 -27.01 -66.54 -4.62
CA ALA A 230 -27.82 -67.70 -4.93
C ALA A 230 -26.99 -68.69 -5.72
N GLU A 231 -26.85 -69.88 -5.17
CA GLU A 231 -26.02 -70.94 -5.70
C GLU A 231 -26.95 -72.09 -6.04
N ALA A 232 -26.65 -72.78 -7.13
CA ALA A 232 -27.51 -73.87 -7.57
C ALA A 232 -27.43 -75.06 -6.62
N LYS A 233 -28.51 -75.82 -6.60
CA LYS A 233 -28.73 -77.00 -5.78
C LYS A 233 -28.49 -78.26 -6.62
N GLN A 234 -28.40 -79.40 -5.93
CA GLN A 234 -28.36 -80.68 -6.61
C GLN A 234 -29.79 -81.18 -6.80
N THR A 235 -30.05 -81.77 -7.96
CA THR A 235 -31.39 -82.28 -8.27
C THR A 235 -31.70 -83.56 -7.50
N PRO A 236 -32.95 -83.77 -7.10
CA PRO A 236 -33.31 -85.06 -6.45
C PRO A 236 -32.94 -86.28 -7.29
N LEU A 237 -33.22 -86.27 -8.59
CA LEU A 237 -32.79 -87.39 -9.44
C LEU A 237 -31.28 -87.51 -9.45
N GLN A 238 -30.59 -86.37 -9.43
CA GLN A 238 -29.14 -86.40 -9.42
C GLN A 238 -28.61 -87.03 -8.14
N ARG A 239 -29.22 -86.72 -6.99
CA ARG A 239 -28.77 -87.36 -5.76
C ARG A 239 -29.01 -88.86 -5.81
N LYS A 240 -30.20 -89.28 -6.29
CA LYS A 240 -30.51 -90.69 -6.31
C LYS A 240 -29.55 -91.45 -7.21
N LEU A 241 -29.19 -90.85 -8.35
CA LEU A 241 -28.24 -91.49 -9.25
C LEU A 241 -26.82 -91.49 -8.66
N GLU A 242 -26.42 -90.47 -7.91
CA GLU A 242 -25.10 -90.52 -7.29
C GLU A 242 -25.00 -91.71 -6.34
N SER A 243 -25.98 -91.82 -5.43
CA SER A 243 -25.91 -92.88 -4.42
C SER A 243 -25.97 -94.26 -5.06
N PHE A 244 -26.82 -94.40 -6.07
CA PHE A 244 -26.89 -95.67 -6.76
C PHE A 244 -25.60 -95.98 -7.51
N SER A 245 -24.94 -94.96 -8.06
CA SER A 245 -23.70 -95.20 -8.79
C SER A 245 -22.60 -95.68 -7.86
N LYS A 246 -22.53 -95.11 -6.65
CA LYS A 246 -21.57 -95.62 -5.68
C LYS A 246 -21.84 -97.09 -5.36
N LYS A 247 -23.12 -97.44 -5.15
CA LYS A 247 -23.45 -98.83 -4.83
C LYS A 247 -23.06 -99.76 -5.97
N LEU A 248 -23.28 -99.31 -7.21
CA LEU A 248 -22.97 -100.16 -8.35
C LEU A 248 -21.47 -100.35 -8.48
N GLY A 249 -20.69 -99.30 -8.21
CA GLY A 249 -19.25 -99.44 -8.28
C GLY A 249 -18.70 -100.40 -7.25
N LEU A 250 -19.14 -100.27 -5.99
CA LEU A 250 -18.70 -101.21 -4.98
C LEU A 250 -19.09 -102.64 -5.32
N GLY A 251 -20.32 -102.85 -5.77
CA GLY A 251 -20.71 -104.20 -6.11
C GLY A 251 -19.83 -104.78 -7.20
N ILE A 252 -19.56 -103.99 -8.24
CA ILE A 252 -18.76 -104.48 -9.35
C ILE A 252 -17.36 -104.81 -8.87
N LEU A 253 -16.80 -103.99 -7.99
CA LEU A 253 -15.48 -104.27 -7.43
C LEU A 253 -15.50 -105.61 -6.68
N ALA A 254 -16.58 -105.88 -5.95
CA ALA A 254 -16.69 -107.14 -5.21
C ALA A 254 -16.79 -108.31 -6.18
N LEU A 255 -17.57 -108.17 -7.25
CA LEU A 255 -17.68 -109.26 -8.21
C LEU A 255 -16.35 -109.53 -8.89
N CYS A 256 -15.59 -108.48 -9.20
CA CYS A 256 -14.31 -108.73 -9.85
C CYS A 256 -13.32 -109.40 -8.90
N VAL A 257 -13.32 -109.01 -7.62
CA VAL A 257 -12.47 -109.71 -6.65
C VAL A 257 -12.88 -111.18 -6.55
N LEU A 258 -14.19 -111.44 -6.53
CA LEU A 258 -14.68 -112.82 -6.49
C LEU A 258 -14.27 -113.60 -7.74
N ILE A 259 -14.27 -112.94 -8.90
CA ILE A 259 -13.89 -113.60 -10.15
C ILE A 259 -12.44 -114.07 -10.07
N PHE A 260 -11.56 -113.17 -9.63
CA PHE A 260 -10.16 -113.58 -9.52
C PHE A 260 -10.00 -114.65 -8.46
N ALA A 261 -10.78 -114.59 -7.39
CA ALA A 261 -10.70 -115.59 -6.34
C ALA A 261 -11.13 -116.97 -6.86
N VAL A 262 -12.23 -117.03 -7.60
CA VAL A 262 -12.68 -118.30 -8.15
C VAL A 262 -11.65 -118.83 -9.15
N GLU A 263 -11.12 -117.98 -10.01
CA GLU A 263 -10.16 -118.48 -10.99
C GLU A 263 -8.90 -119.00 -10.33
N ALA A 264 -8.41 -118.29 -9.30
CA ALA A 264 -7.20 -118.70 -8.60
C ALA A 264 -7.40 -119.98 -7.80
N GLY A 265 -8.55 -120.11 -7.11
CA GLY A 265 -8.82 -121.33 -6.38
C GLY A 265 -9.00 -122.53 -7.28
N ARG A 266 -9.58 -122.32 -8.47
CA ARG A 266 -9.74 -123.42 -9.42
C ARG A 266 -8.41 -123.87 -9.99
N VAL A 267 -7.51 -122.94 -10.27
CA VAL A 267 -6.23 -123.43 -10.78
C VAL A 267 -5.38 -123.99 -9.65
N LEU A 268 -5.57 -123.50 -8.43
CA LEU A 268 -4.77 -123.98 -7.30
C LEU A 268 -5.26 -125.33 -6.77
N LEU A 269 -6.56 -125.47 -6.54
CA LEU A 269 -7.13 -126.68 -5.93
C LEU A 269 -7.89 -127.52 -6.95
N GLY A 270 -7.41 -127.59 -8.20
CA GLY A 270 -8.07 -128.30 -9.28
C GLY A 270 -7.17 -129.08 -10.22
N ASP A 271 -7.67 -129.36 -11.43
CA ASP A 271 -6.92 -130.07 -12.46
C ASP A 271 -5.82 -129.17 -13.03
N ASN A 272 -4.62 -129.74 -13.10
CA ASN A 272 -3.44 -129.11 -13.69
C ASN A 272 -3.55 -128.91 -15.20
N SER A 273 -4.68 -129.26 -15.83
CA SER A 273 -4.78 -129.19 -17.29
C SER A 273 -4.62 -127.77 -17.84
N ALA A 274 -5.47 -126.84 -17.40
CA ALA A 274 -5.40 -125.42 -17.73
C ALA A 274 -4.05 -124.81 -17.29
N ASP A 275 -3.65 -123.76 -18.00
CA ASP A 275 -2.45 -123.02 -17.61
C ASP A 275 -2.78 -121.94 -16.58
N MET A 276 -1.71 -121.44 -15.96
CA MET A 276 -1.77 -120.20 -15.22
C MET A 276 -2.13 -119.05 -16.15
N ALA A 277 -1.59 -119.09 -17.37
CA ALA A 277 -1.88 -118.04 -18.34
C ALA A 277 -3.33 -118.09 -18.78
N THR A 278 -3.83 -119.28 -19.09
CA THR A 278 -5.22 -119.38 -19.54
C THR A 278 -6.17 -118.98 -18.41
N ALA A 279 -5.83 -119.34 -17.18
CA ALA A 279 -6.69 -118.98 -16.05
C ALA A 279 -6.66 -117.48 -15.80
N ILE A 280 -5.49 -116.85 -15.93
CA ILE A 280 -5.44 -115.41 -15.65
C ILE A 280 -6.14 -114.63 -16.76
N LEU A 281 -5.99 -115.08 -18.01
CA LEU A 281 -6.72 -114.44 -19.09
C LEU A 281 -8.21 -114.58 -18.91
N ASN A 282 -8.69 -115.75 -18.50
CA ASN A 282 -10.11 -115.90 -18.25
C ASN A 282 -10.56 -115.02 -17.10
N ALA A 283 -9.72 -114.87 -16.07
CA ALA A 283 -10.12 -114.01 -14.97
C ALA A 283 -10.33 -112.59 -15.46
N PHE A 284 -9.43 -112.12 -16.33
CA PHE A 284 -9.55 -110.76 -16.86
C PHE A 284 -10.75 -110.62 -17.78
N MET A 285 -10.98 -111.62 -18.63
CA MET A 285 -12.11 -111.55 -19.55
C MET A 285 -13.43 -111.54 -18.79
N PHE A 286 -13.55 -112.36 -17.75
CA PHE A 286 -14.77 -112.38 -16.94
C PHE A 286 -14.93 -111.08 -16.15
N ALA A 287 -13.84 -110.51 -15.64
CA ALA A 287 -13.95 -109.27 -14.91
C ALA A 287 -14.40 -108.12 -15.82
N VAL A 288 -13.82 -108.01 -17.01
CA VAL A 288 -14.23 -106.99 -17.97
C VAL A 288 -15.66 -107.22 -18.44
N ALA A 289 -16.03 -108.49 -18.70
CA ALA A 289 -17.40 -108.79 -19.13
C ALA A 289 -18.41 -108.34 -18.08
N VAL A 290 -18.16 -108.65 -16.81
CA VAL A 290 -19.09 -108.23 -15.79
C VAL A 290 -19.11 -106.72 -15.67
N ALA A 291 -17.95 -106.08 -15.85
CA ALA A 291 -17.91 -104.62 -15.73
C ALA A 291 -18.79 -103.96 -16.79
N VAL A 292 -18.63 -104.36 -18.05
CA VAL A 292 -19.48 -103.76 -19.08
C VAL A 292 -20.94 -104.13 -18.88
N ALA A 293 -21.22 -105.38 -18.51
CA ALA A 293 -22.61 -105.80 -18.42
C ALA A 293 -23.35 -105.11 -17.30
N ALA A 294 -22.68 -104.81 -16.20
CA ALA A 294 -23.39 -104.24 -15.09
C ALA A 294 -23.70 -102.76 -15.28
N ILE A 295 -22.86 -102.05 -16.03
CA ILE A 295 -23.04 -100.61 -16.19
C ILE A 295 -24.00 -100.36 -17.34
N PRO A 296 -25.09 -99.64 -17.12
CA PRO A 296 -25.95 -99.21 -18.24
C PRO A 296 -25.36 -97.98 -18.93
N GLU A 297 -24.48 -98.18 -19.91
CA GLU A 297 -23.67 -97.09 -20.48
C GLU A 297 -24.52 -95.98 -21.10
N ALA A 298 -25.74 -96.29 -21.52
CA ALA A 298 -26.60 -95.33 -22.19
C ALA A 298 -27.55 -94.61 -21.23
N LEU A 299 -27.33 -94.74 -19.92
CA LEU A 299 -28.35 -94.30 -18.98
C LEU A 299 -28.54 -92.79 -18.98
N SER A 300 -27.47 -92.02 -18.83
CA SER A 300 -27.63 -90.58 -18.77
C SER A 300 -28.21 -90.04 -20.08
N SER A 301 -27.90 -90.67 -21.21
CA SER A 301 -28.41 -90.24 -22.49
C SER A 301 -29.91 -90.49 -22.61
N ILE A 302 -30.35 -91.65 -22.15
CA ILE A 302 -31.75 -92.01 -22.17
C ILE A 302 -32.52 -91.12 -21.20
N VAL A 303 -31.94 -90.85 -20.03
CA VAL A 303 -32.56 -89.98 -19.05
C VAL A 303 -32.75 -88.58 -19.61
N THR A 304 -31.77 -88.10 -20.40
CA THR A 304 -31.91 -86.79 -21.02
C THR A 304 -33.06 -86.77 -22.00
N ILE A 305 -33.24 -87.85 -22.76
CA ILE A 305 -34.33 -87.89 -23.74
C ILE A 305 -35.70 -87.93 -23.04
N VAL A 306 -35.82 -88.72 -21.96
CA VAL A 306 -37.07 -88.76 -21.21
C VAL A 306 -37.40 -87.39 -20.60
N LEU A 307 -36.38 -86.72 -20.05
CA LEU A 307 -36.59 -85.37 -19.52
C LEU A 307 -37.02 -84.41 -20.61
N ALA A 308 -36.47 -84.58 -21.81
CA ALA A 308 -36.84 -83.70 -22.92
C ALA A 308 -38.30 -83.89 -23.29
N VAL A 309 -38.79 -85.12 -23.24
CA VAL A 309 -40.20 -85.34 -23.51
C VAL A 309 -41.04 -84.60 -22.48
N GLY A 310 -40.57 -84.61 -21.22
CA GLY A 310 -41.33 -83.89 -20.21
C GLY A 310 -41.38 -82.39 -20.46
N THR A 311 -40.22 -81.82 -20.80
CA THR A 311 -40.18 -80.37 -21.03
C THR A 311 -40.98 -79.98 -22.26
N ASN A 312 -41.05 -80.86 -23.26
CA ASN A 312 -41.84 -80.58 -24.44
C ASN A 312 -43.34 -80.60 -24.12
N LYS A 313 -43.76 -81.58 -23.31
CA LYS A 313 -45.15 -81.63 -22.88
C LYS A 313 -45.52 -80.38 -22.10
N MET A 314 -44.57 -79.82 -21.34
CA MET A 314 -44.85 -78.55 -20.69
C MET A 314 -44.85 -77.40 -21.67
N ALA A 315 -44.07 -77.51 -22.75
CA ALA A 315 -44.01 -76.45 -23.75
C ALA A 315 -45.30 -76.33 -24.55
N LYS A 316 -46.02 -77.43 -24.72
CA LYS A 316 -47.29 -77.31 -25.43
C LYS A 316 -48.26 -76.41 -24.66
N GLN A 317 -48.14 -76.35 -23.33
CA GLN A 317 -48.98 -75.48 -22.50
C GLN A 317 -48.36 -74.11 -22.31
N HIS A 318 -47.40 -73.75 -23.15
CA HIS A 318 -46.76 -72.44 -23.11
C HIS A 318 -46.03 -72.20 -21.80
N ALA A 319 -45.35 -73.24 -21.31
CA ALA A 319 -44.48 -73.17 -20.14
C ALA A 319 -43.10 -73.63 -20.59
N ILE A 320 -42.19 -72.68 -20.74
CA ILE A 320 -40.87 -72.96 -21.30
C ILE A 320 -39.90 -73.20 -20.15
N ILE A 321 -39.38 -74.42 -20.04
CA ILE A 321 -38.41 -74.80 -19.02
C ILE A 321 -37.01 -74.74 -19.61
N ARG A 322 -36.12 -73.97 -18.96
CA ARG A 322 -34.79 -73.76 -19.50
C ARG A 322 -33.93 -75.02 -19.40
N LYS A 323 -33.75 -75.51 -18.17
CA LYS A 323 -32.93 -76.69 -17.90
C LYS A 323 -33.77 -77.95 -17.95
N LEU A 324 -33.26 -79.01 -18.57
CA LEU A 324 -34.03 -80.24 -18.66
C LEU A 324 -34.29 -80.87 -17.29
N PRO A 325 -33.29 -81.02 -16.42
CA PRO A 325 -33.56 -81.67 -15.12
C PRO A 325 -34.59 -80.93 -14.30
N ALA A 326 -34.88 -79.67 -14.64
CA ALA A 326 -35.83 -78.89 -13.85
C ALA A 326 -37.22 -79.50 -13.88
N VAL A 327 -37.59 -80.17 -14.98
CA VAL A 327 -38.95 -80.70 -15.00
C VAL A 327 -39.08 -81.81 -13.97
N GLU A 328 -38.04 -82.63 -13.83
CA GLU A 328 -38.14 -83.68 -12.82
C GLU A 328 -38.14 -83.05 -11.43
N THR A 329 -37.39 -81.96 -11.23
CA THR A 329 -37.42 -81.34 -9.91
C THR A 329 -38.80 -80.78 -9.60
N LEU A 330 -39.54 -80.32 -10.61
CA LEU A 330 -40.89 -79.86 -10.35
C LEU A 330 -41.74 -80.96 -9.74
N GLY A 331 -41.47 -82.22 -10.09
CA GLY A 331 -42.27 -83.31 -9.53
C GLY A 331 -42.04 -83.55 -8.06
N SER A 332 -40.86 -83.21 -7.56
CA SER A 332 -40.58 -83.43 -6.15
C SER A 332 -40.89 -82.22 -5.29
N THR A 333 -41.61 -81.24 -5.84
CA THR A 333 -41.91 -80.02 -5.10
C THR A 333 -42.79 -80.33 -3.92
N SER A 334 -42.48 -79.67 -2.79
CA SER A 334 -43.22 -79.79 -1.56
C SER A 334 -43.78 -78.46 -1.07
N VAL A 335 -43.11 -77.36 -1.36
CA VAL A 335 -43.57 -76.03 -0.98
C VAL A 335 -43.56 -75.16 -2.23
N ILE A 336 -44.62 -74.39 -2.44
CA ILE A 336 -44.71 -73.49 -3.60
C ILE A 336 -44.90 -72.09 -3.03
N CYS A 337 -43.83 -71.31 -3.02
CA CYS A 337 -43.91 -69.92 -2.56
C CYS A 337 -44.37 -69.05 -3.71
N THR A 338 -45.36 -68.19 -3.47
CA THR A 338 -45.87 -67.37 -4.55
C THR A 338 -45.93 -65.92 -4.11
N ASP A 339 -45.66 -65.05 -5.07
CA ASP A 339 -45.90 -63.64 -4.91
C ASP A 339 -47.37 -63.40 -5.22
N LYS A 340 -47.91 -62.29 -4.73
CA LYS A 340 -49.30 -61.96 -5.03
C LYS A 340 -49.47 -61.16 -6.32
N THR A 341 -49.26 -59.85 -6.22
CA THR A 341 -49.50 -58.93 -7.33
C THR A 341 -48.71 -59.33 -8.55
N GLY A 342 -49.44 -59.66 -9.61
CA GLY A 342 -48.85 -60.04 -10.85
C GLY A 342 -48.70 -61.52 -11.03
N THR A 343 -48.68 -62.28 -9.94
CA THR A 343 -48.53 -63.74 -9.96
C THR A 343 -49.85 -64.40 -9.57
N LEU A 344 -50.25 -64.31 -8.29
CA LEU A 344 -51.55 -64.84 -7.90
C LEU A 344 -52.66 -64.04 -8.52
N THR A 345 -52.44 -62.74 -8.69
CA THR A 345 -53.41 -61.89 -9.33
C THR A 345 -52.91 -61.54 -10.74
N GLN A 346 -53.50 -60.52 -11.34
CA GLN A 346 -53.13 -60.08 -12.68
C GLN A 346 -52.84 -58.59 -12.72
N ASN A 347 -52.62 -57.98 -11.55
CA ASN A 347 -52.29 -56.58 -11.47
C ASN A 347 -53.34 -55.74 -12.19
N LYS A 348 -54.61 -56.12 -12.01
CA LYS A 348 -55.70 -55.49 -12.75
C LYS A 348 -56.80 -55.08 -11.77
N MET A 349 -56.90 -53.78 -11.47
CA MET A 349 -57.98 -53.30 -10.63
C MET A 349 -59.31 -53.69 -11.26
N THR A 350 -60.20 -54.26 -10.45
CA THR A 350 -61.44 -54.87 -10.90
C THR A 350 -62.57 -54.64 -9.91
N VAL A 351 -63.73 -54.22 -10.40
CA VAL A 351 -64.90 -54.08 -9.52
C VAL A 351 -65.30 -55.49 -9.09
N VAL A 352 -65.50 -55.70 -7.79
CA VAL A 352 -65.84 -57.00 -7.25
C VAL A 352 -67.16 -56.96 -6.48
N ASP A 353 -67.44 -55.85 -5.77
CA ASP A 353 -68.71 -55.71 -5.07
C ASP A 353 -69.30 -54.33 -5.34
N TYR A 354 -70.62 -54.22 -5.12
CA TYR A 354 -71.31 -52.94 -5.27
C TYR A 354 -72.47 -52.87 -4.27
N TYR A 355 -72.89 -51.65 -3.95
CA TYR A 355 -74.01 -51.46 -3.04
C TYR A 355 -74.99 -50.46 -3.63
N LEU A 356 -76.25 -50.86 -3.78
CA LEU A 356 -77.31 -49.92 -4.12
C LEU A 356 -78.30 -49.87 -2.97
N PRO A 357 -78.71 -48.67 -2.52
CA PRO A 357 -79.66 -48.61 -1.41
C PRO A 357 -81.01 -49.19 -1.78
N ASP A 358 -81.40 -49.09 -3.04
CA ASP A 358 -82.67 -49.67 -3.49
C ASP A 358 -82.48 -51.10 -4.00
N GLY A 359 -81.88 -51.96 -3.17
CA GLY A 359 -81.67 -53.35 -3.52
C GLY A 359 -80.34 -53.74 -4.12
N THR A 360 -79.52 -54.43 -3.33
CA THR A 360 -78.23 -54.95 -3.76
C THR A 360 -78.35 -56.44 -4.04
N LYS A 361 -77.87 -56.86 -5.20
CA LYS A 361 -77.91 -58.25 -5.64
C LYS A 361 -76.57 -58.93 -5.38
N GLU A 362 -76.60 -60.26 -5.32
CA GLU A 362 -75.37 -61.02 -5.14
C GLU A 362 -74.38 -60.72 -6.26
N ASN A 363 -74.85 -60.86 -7.50
CA ASN A 363 -74.05 -60.51 -8.67
C ASN A 363 -74.79 -59.43 -9.44
N PHE A 364 -74.03 -58.60 -10.14
CA PHE A 364 -74.60 -57.57 -10.98
C PHE A 364 -75.11 -58.22 -12.26
N PRO A 365 -76.32 -57.90 -12.71
CA PRO A 365 -76.86 -58.61 -13.88
C PRO A 365 -76.03 -58.35 -15.12
N GLU A 366 -76.21 -59.22 -16.12
CA GLU A 366 -75.44 -59.14 -17.35
C GLU A 366 -76.23 -58.65 -18.55
N SER A 367 -77.53 -58.46 -18.42
CA SER A 367 -78.28 -57.86 -19.51
C SER A 367 -78.44 -56.38 -19.21
N PRO A 368 -78.03 -55.48 -20.10
CA PRO A 368 -78.24 -54.05 -19.82
C PRO A 368 -79.72 -53.67 -19.74
N GLU A 369 -80.61 -54.49 -20.31
CA GLU A 369 -82.03 -54.20 -20.30
C GLU A 369 -82.74 -54.89 -19.14
N ASN A 370 -82.08 -55.83 -18.48
CA ASN A 370 -82.56 -56.45 -17.26
C ASN A 370 -82.27 -55.63 -16.01
N TRP A 371 -81.49 -54.56 -16.12
CA TRP A 371 -81.11 -53.79 -14.95
C TRP A 371 -82.27 -52.96 -14.42
N SER A 372 -82.11 -52.54 -13.16
CA SER A 372 -82.95 -51.58 -12.49
C SER A 372 -82.46 -50.16 -12.77
N GLU A 373 -83.35 -49.18 -12.57
CA GLU A 373 -82.96 -47.79 -12.78
C GLU A 373 -81.77 -47.42 -11.91
N GLY A 374 -81.69 -47.96 -10.69
CA GLY A 374 -80.50 -47.73 -9.89
C GLY A 374 -79.27 -48.36 -10.51
N GLU A 375 -79.42 -49.53 -11.11
CA GLU A 375 -78.28 -50.18 -11.75
C GLU A 375 -77.85 -49.45 -13.01
N ARG A 376 -78.80 -48.93 -13.79
CA ARG A 376 -78.42 -48.23 -15.02
C ARG A 376 -77.86 -46.87 -14.69
N ARG A 377 -78.32 -46.24 -13.62
CA ARG A 377 -77.77 -44.94 -13.24
C ARG A 377 -76.38 -45.10 -12.64
N LEU A 378 -76.15 -46.17 -11.87
CA LEU A 378 -74.83 -46.43 -11.34
C LEU A 378 -73.83 -46.67 -12.46
N ILE A 379 -74.23 -47.46 -13.46
CA ILE A 379 -73.33 -47.74 -14.58
C ILE A 379 -73.10 -46.47 -15.40
N HIS A 380 -74.15 -45.69 -15.65
CA HIS A 380 -73.98 -44.46 -16.43
C HIS A 380 -73.07 -43.47 -15.70
N ILE A 381 -73.18 -43.36 -14.38
CA ILE A 381 -72.29 -42.44 -13.68
C ILE A 381 -70.86 -42.98 -13.68
N ALA A 382 -70.70 -44.30 -13.56
CA ALA A 382 -69.34 -44.87 -13.55
C ALA A 382 -68.65 -44.70 -14.89
N VAL A 383 -69.41 -44.76 -15.99
CA VAL A 383 -68.82 -44.69 -17.32
C VAL A 383 -68.64 -43.25 -17.78
N LEU A 384 -69.62 -42.39 -17.52
CA LEU A 384 -69.59 -41.03 -18.05
C LEU A 384 -68.73 -40.09 -17.21
N CYS A 385 -68.49 -40.45 -15.96
CA CYS A 385 -67.71 -39.59 -15.07
C CYS A 385 -66.26 -40.08 -14.96
N ASN A 386 -65.61 -40.33 -16.09
CA ASN A 386 -64.20 -40.70 -16.09
C ASN A 386 -63.66 -40.50 -17.51
N ASP A 387 -62.33 -40.42 -17.61
CA ASP A 387 -61.67 -40.15 -18.88
C ASP A 387 -60.90 -41.35 -19.41
N SER A 388 -61.12 -42.54 -18.86
CA SER A 388 -60.41 -43.73 -19.30
C SER A 388 -61.04 -44.31 -20.57
N ASN A 389 -60.25 -45.08 -21.32
CA ASN A 389 -60.71 -45.63 -22.59
C ASN A 389 -60.01 -46.95 -22.88
N ILE A 390 -60.65 -47.74 -23.74
CA ILE A 390 -60.10 -49.01 -24.25
C ILE A 390 -60.29 -49.00 -25.76
N ASN A 391 -59.20 -49.17 -26.50
CA ASN A 391 -59.30 -49.06 -27.94
C ASN A 391 -59.74 -50.38 -28.55
N SER A 392 -59.79 -50.43 -29.89
CA SER A 392 -60.27 -51.62 -30.58
C SER A 392 -59.29 -52.78 -30.41
N GLU A 393 -57.99 -52.48 -30.34
CA GLU A 393 -57.00 -53.51 -30.10
C GLU A 393 -57.14 -54.07 -28.69
N GLY A 394 -57.62 -53.24 -27.75
CA GLY A 394 -57.82 -53.66 -26.39
C GLY A 394 -56.87 -53.04 -25.40
N LYS A 395 -56.10 -52.03 -25.81
CA LYS A 395 -55.16 -51.36 -24.92
C LYS A 395 -55.90 -50.44 -23.96
N GLU A 396 -55.55 -50.52 -22.68
CA GLU A 396 -56.21 -49.72 -21.65
C GLU A 396 -55.43 -48.43 -21.47
N LEU A 397 -56.15 -47.30 -21.42
CA LEU A 397 -55.49 -46.01 -21.25
C LEU A 397 -56.25 -45.22 -20.20
N GLY A 398 -55.56 -44.85 -19.13
CA GLY A 398 -56.13 -44.12 -18.03
C GLY A 398 -55.83 -44.79 -16.71
N ASP A 399 -56.28 -44.15 -15.63
CA ASP A 399 -56.04 -44.69 -14.29
C ASP A 399 -56.71 -46.05 -14.18
N PRO A 400 -56.02 -47.06 -13.66
CA PRO A 400 -56.63 -48.40 -13.57
C PRO A 400 -57.90 -48.42 -12.74
N THR A 401 -58.06 -47.49 -11.79
CA THR A 401 -59.34 -47.37 -11.09
C THR A 401 -60.45 -46.97 -12.03
N GLU A 402 -60.18 -46.03 -12.95
CA GLU A 402 -61.24 -45.64 -13.87
C GLU A 402 -61.43 -46.68 -14.97
N VAL A 403 -60.35 -47.34 -15.43
CA VAL A 403 -60.51 -48.38 -16.43
C VAL A 403 -61.29 -49.55 -15.85
N ALA A 404 -61.28 -49.69 -14.53
CA ALA A 404 -62.05 -50.75 -13.91
C ALA A 404 -63.53 -50.57 -14.16
N LEU A 405 -63.99 -49.32 -14.26
CA LEU A 405 -65.42 -49.07 -14.43
C LEU A 405 -65.89 -49.35 -15.85
N ILE A 406 -65.13 -48.92 -16.85
CA ILE A 406 -65.56 -49.25 -18.21
C ILE A 406 -65.34 -50.73 -18.48
N ALA A 407 -64.36 -51.36 -17.83
CA ALA A 407 -64.23 -52.81 -17.94
C ALA A 407 -65.41 -53.52 -17.28
N PHE A 408 -65.95 -52.95 -16.19
CA PHE A 408 -67.12 -53.49 -15.53
C PHE A 408 -68.35 -53.39 -16.42
N SER A 409 -68.51 -52.26 -17.12
CA SER A 409 -69.64 -52.11 -18.02
C SER A 409 -69.52 -53.05 -19.20
N ASN A 410 -68.33 -53.14 -19.81
CA ASN A 410 -68.13 -54.06 -20.93
C ASN A 410 -68.31 -55.52 -20.51
N LYS A 411 -67.96 -55.85 -19.26
CA LYS A 411 -68.14 -57.23 -18.80
C LYS A 411 -69.61 -57.60 -18.74
N ASN A 412 -70.47 -56.64 -18.43
CA ASN A 412 -71.90 -56.87 -18.30
C ASN A 412 -72.67 -56.47 -19.55
N ASN A 413 -72.05 -56.67 -20.71
CA ASN A 413 -72.66 -56.57 -22.03
C ASN A 413 -73.13 -55.16 -22.39
N GLN A 414 -72.68 -54.15 -21.65
CA GLN A 414 -72.96 -52.75 -21.96
C GLN A 414 -71.69 -52.07 -22.45
N ASP A 415 -71.55 -51.93 -23.76
CA ASP A 415 -70.40 -51.26 -24.34
C ASP A 415 -70.31 -49.85 -23.77
N TYR A 416 -69.18 -49.53 -23.14
CA TYR A 416 -69.04 -48.22 -22.50
C TYR A 416 -69.05 -47.11 -23.53
N ASN A 417 -68.62 -47.43 -24.76
CA ASN A 417 -68.55 -46.46 -25.84
C ASN A 417 -69.93 -46.01 -26.27
N GLU A 418 -70.93 -46.89 -26.21
CA GLU A 418 -72.28 -46.48 -26.57
C GLU A 418 -72.79 -45.43 -25.61
N ILE A 419 -72.41 -45.54 -24.34
CA ILE A 419 -72.84 -44.55 -23.36
C ILE A 419 -72.05 -43.27 -23.51
N ARG A 420 -70.78 -43.36 -23.88
CA ARG A 420 -70.01 -42.14 -24.09
C ARG A 420 -70.47 -41.40 -25.35
N GLU A 421 -70.90 -42.15 -26.36
CA GLU A 421 -71.36 -41.57 -27.61
C GLU A 421 -72.75 -41.00 -27.48
N LYS A 422 -73.60 -41.62 -26.65
CA LYS A 422 -74.98 -41.16 -26.50
C LYS A 422 -75.05 -39.90 -25.66
N PHE A 423 -74.30 -39.86 -24.58
CA PHE A 423 -74.26 -38.72 -23.70
C PHE A 423 -72.86 -38.13 -23.82
N ILE A 424 -72.79 -36.92 -24.35
CA ILE A 424 -71.54 -36.26 -24.61
C ILE A 424 -71.24 -35.36 -23.42
N ARG A 425 -69.95 -35.05 -23.25
CA ARG A 425 -69.56 -34.26 -22.09
C ARG A 425 -69.71 -32.78 -22.39
N GLU A 426 -70.45 -32.09 -21.51
CA GLU A 426 -70.78 -30.69 -21.65
C GLU A 426 -70.06 -29.82 -20.65
N GLY A 427 -69.15 -30.38 -19.87
CA GLY A 427 -68.45 -29.63 -18.86
C GLY A 427 -67.92 -30.57 -17.80
N GLU A 428 -66.78 -30.20 -17.23
CA GLU A 428 -66.09 -31.06 -16.29
C GLU A 428 -65.43 -30.21 -15.21
N ILE A 429 -65.19 -30.84 -14.06
CA ILE A 429 -64.35 -30.28 -13.02
C ILE A 429 -63.23 -31.29 -12.80
N PRO A 430 -61.98 -30.91 -12.94
CA PRO A 430 -60.89 -31.89 -12.83
C PRO A 430 -60.77 -32.41 -11.41
N PHE A 431 -60.18 -33.60 -11.29
CA PHE A 431 -59.98 -34.19 -9.98
C PHE A 431 -58.89 -33.46 -9.21
N ASP A 432 -59.25 -32.95 -8.03
CA ASP A 432 -58.38 -32.20 -7.14
C ASP A 432 -57.81 -33.12 -6.07
N SER A 433 -56.60 -32.80 -5.62
CA SER A 433 -55.97 -33.63 -4.61
C SER A 433 -56.59 -33.36 -3.23
N ASP A 434 -56.68 -32.09 -2.84
CA ASP A 434 -57.31 -31.71 -1.59
C ASP A 434 -58.83 -31.70 -1.67
N ARG A 435 -59.42 -32.30 -2.69
CA ARG A 435 -60.87 -32.39 -2.89
C ARG A 435 -61.09 -33.59 -3.80
N LYS A 436 -60.97 -34.78 -3.23
CA LYS A 436 -60.99 -36.01 -3.99
C LYS A 436 -62.41 -36.22 -4.51
N LEU A 437 -62.67 -35.66 -5.70
CA LEU A 437 -64.00 -35.60 -6.30
C LEU A 437 -63.86 -35.24 -7.77
N MET A 438 -64.79 -35.76 -8.60
CA MET A 438 -64.78 -35.49 -10.04
C MET A 438 -66.18 -35.40 -10.58
N SER A 439 -66.49 -34.34 -11.31
CA SER A 439 -67.83 -34.14 -11.85
C SER A 439 -67.80 -33.79 -13.33
N THR A 440 -68.81 -34.28 -14.05
CA THR A 440 -69.02 -34.07 -15.47
C THR A 440 -70.46 -33.61 -15.71
N LEU A 441 -70.66 -32.83 -16.77
CA LEU A 441 -71.98 -32.31 -17.12
C LEU A 441 -72.53 -33.04 -18.35
N HIS A 442 -73.77 -33.53 -18.28
CA HIS A 442 -74.36 -34.31 -19.36
C HIS A 442 -75.83 -33.94 -19.54
N THR A 443 -76.38 -34.11 -20.74
CA THR A 443 -77.81 -33.87 -21.02
C THR A 443 -78.49 -35.22 -21.22
N PHE A 444 -79.35 -35.62 -20.28
CA PHE A 444 -80.11 -36.88 -20.25
C PHE A 444 -81.55 -36.64 -20.69
N ASN A 445 -81.83 -36.81 -21.98
CA ASN A 445 -83.20 -36.64 -22.49
C ASN A 445 -83.75 -35.29 -22.03
N GLU A 446 -83.18 -34.23 -22.60
CA GLU A 446 -83.51 -32.83 -22.33
C GLU A 446 -83.40 -32.39 -20.87
N ASN A 447 -82.89 -33.23 -19.96
CA ASN A 447 -82.68 -32.81 -18.59
C ASN A 447 -81.19 -32.76 -18.32
N LYS A 448 -80.67 -31.58 -17.98
CA LYS A 448 -79.26 -31.51 -17.68
C LYS A 448 -78.99 -32.10 -16.31
N ALA A 449 -77.93 -32.90 -16.20
CA ALA A 449 -77.51 -33.53 -14.95
C ALA A 449 -76.02 -33.41 -14.77
N MET A 450 -75.60 -33.37 -13.51
CA MET A 450 -74.19 -33.33 -13.12
C MET A 450 -73.85 -34.65 -12.47
N LEU A 451 -72.96 -35.40 -13.08
CA LEU A 451 -72.52 -36.68 -12.54
C LEU A 451 -71.26 -36.45 -11.73
N THR A 452 -71.13 -37.18 -10.62
CA THR A 452 -70.03 -36.90 -9.70
C THR A 452 -69.64 -38.20 -9.03
N LYS A 453 -68.33 -38.42 -8.89
CA LYS A 453 -67.87 -39.62 -8.21
C LYS A 453 -66.62 -39.32 -7.39
N GLY A 454 -66.44 -40.15 -6.36
CA GLY A 454 -65.26 -40.03 -5.52
C GLY A 454 -65.37 -40.92 -4.30
N GLY A 455 -64.40 -40.80 -3.40
CA GLY A 455 -64.39 -41.65 -2.23
C GLY A 455 -65.54 -41.38 -1.29
N PRO A 456 -65.95 -42.39 -0.52
CA PRO A 456 -67.14 -42.23 0.32
C PRO A 456 -66.98 -41.18 1.39
N ASP A 457 -65.76 -41.00 1.91
CA ASP A 457 -65.55 -40.05 3.01
C ASP A 457 -65.87 -38.61 2.57
N VAL A 458 -65.38 -38.21 1.40
CA VAL A 458 -65.67 -36.87 0.91
C VAL A 458 -66.99 -36.77 0.15
N MET A 459 -67.52 -37.90 -0.35
CA MET A 459 -68.76 -37.84 -1.10
C MET A 459 -69.98 -37.83 -0.21
N PHE A 460 -69.94 -38.51 0.95
CA PHE A 460 -71.11 -38.49 1.83
C PHE A 460 -71.32 -37.12 2.44
N ALA A 461 -70.25 -36.33 2.56
CA ALA A 461 -70.38 -35.01 3.17
C ALA A 461 -71.10 -34.04 2.26
N ARG A 462 -71.22 -34.38 0.98
CA ARG A 462 -71.84 -33.50 0.00
C ARG A 462 -73.13 -34.09 -0.57
N CYS A 463 -73.58 -35.23 -0.05
CA CYS A 463 -74.83 -35.86 -0.46
C CYS A 463 -75.94 -35.45 0.50
N SER A 464 -77.02 -34.88 -0.05
CA SER A 464 -78.19 -34.48 0.71
C SER A 464 -79.44 -35.20 0.22
N TYR A 465 -79.30 -36.17 -0.68
CA TYR A 465 -80.43 -36.94 -1.16
C TYR A 465 -79.95 -38.35 -1.48
N VAL A 466 -80.86 -39.31 -1.46
CA VAL A 466 -80.52 -40.67 -1.87
C VAL A 466 -81.52 -41.11 -2.94
N PHE A 467 -81.10 -42.06 -3.76
CA PHE A 467 -81.91 -42.61 -4.85
C PHE A 467 -82.36 -44.01 -4.44
N LEU A 468 -83.55 -44.06 -3.84
CA LEU A 468 -84.22 -45.30 -3.47
C LEU A 468 -85.28 -45.55 -4.55
N ASP A 469 -86.49 -45.05 -4.35
CA ASP A 469 -87.48 -45.12 -5.42
C ASP A 469 -87.52 -43.83 -6.24
N GLY A 470 -87.54 -42.68 -5.58
CA GLY A 470 -87.40 -41.40 -6.25
C GLY A 470 -86.16 -40.71 -5.73
N GLU A 471 -86.24 -39.39 -5.64
CA GLU A 471 -85.14 -38.61 -5.05
C GLU A 471 -85.60 -38.26 -3.64
N GLU A 472 -84.89 -38.79 -2.64
CA GLU A 472 -85.35 -38.75 -1.27
C GLU A 472 -84.23 -38.34 -0.33
N LYS A 473 -84.59 -37.53 0.67
CA LYS A 473 -83.59 -37.02 1.60
C LYS A 473 -83.08 -38.14 2.49
N PRO A 474 -81.79 -38.14 2.84
CA PRO A 474 -81.24 -39.24 3.63
C PRO A 474 -81.44 -39.05 5.12
N MET A 475 -81.93 -40.03 5.85
CA MET A 475 -81.95 -39.85 7.30
C MET A 475 -80.66 -40.44 7.84
N THR A 476 -80.18 -39.92 8.97
CA THR A 476 -78.93 -40.44 9.50
C THR A 476 -79.05 -41.92 9.88
N GLU A 477 -80.15 -42.33 10.50
CA GLU A 477 -80.36 -43.73 10.82
C GLU A 477 -80.82 -44.50 9.58
N GLU A 478 -80.19 -45.65 9.35
CA GLU A 478 -80.59 -46.60 8.32
C GLU A 478 -80.38 -46.08 6.89
N ILE A 479 -79.88 -44.87 6.69
CA ILE A 479 -79.49 -44.51 5.32
C ILE A 479 -78.00 -44.15 5.31
N LEU A 480 -77.65 -43.10 6.06
CA LEU A 480 -76.25 -42.70 6.18
C LEU A 480 -75.49 -43.66 7.07
N ALA A 481 -76.18 -44.17 8.09
CA ALA A 481 -75.57 -45.17 8.94
C ALA A 481 -75.37 -46.47 8.18
N LYS A 482 -76.33 -46.85 7.32
CA LYS A 482 -76.13 -48.07 6.54
C LYS A 482 -75.05 -47.89 5.48
N LEU A 483 -74.96 -46.69 4.90
CA LEU A 483 -73.90 -46.41 3.94
C LEU A 483 -72.52 -46.48 4.58
N LYS A 484 -72.36 -45.88 5.76
CA LYS A 484 -71.08 -45.99 6.45
C LYS A 484 -70.80 -47.40 6.95
N GLU A 485 -71.86 -48.16 7.28
CA GLU A 485 -71.70 -49.56 7.70
C GLU A 485 -71.16 -50.39 6.55
N THR A 486 -71.70 -50.20 5.36
CA THR A 486 -71.24 -50.97 4.23
C THR A 486 -69.90 -50.48 3.73
N ASN A 487 -69.58 -49.20 3.93
CA ASN A 487 -68.27 -48.70 3.51
C ASN A 487 -67.17 -49.29 4.38
N GLU A 488 -67.34 -49.23 5.70
CA GLU A 488 -66.33 -49.81 6.59
C GLU A 488 -66.29 -51.33 6.47
N GLU A 489 -67.42 -51.97 6.13
CA GLU A 489 -67.36 -53.40 5.85
C GLU A 489 -66.53 -53.69 4.61
N PHE A 490 -66.62 -52.82 3.59
CA PHE A 490 -65.74 -52.97 2.44
C PHE A 490 -64.28 -52.75 2.81
N SER A 491 -64.01 -51.78 3.69
CA SER A 491 -62.63 -51.54 4.10
C SER A 491 -62.06 -52.72 4.86
N ASN A 492 -62.89 -53.42 5.64
CA ASN A 492 -62.40 -54.61 6.34
C ASN A 492 -62.02 -55.74 5.41
N GLN A 493 -62.56 -55.76 4.20
CA GLN A 493 -62.19 -56.74 3.19
C GLN A 493 -61.18 -56.20 2.20
N ALA A 494 -60.57 -55.04 2.51
CA ALA A 494 -59.55 -54.40 1.69
C ALA A 494 -60.07 -54.11 0.28
N LEU A 495 -61.11 -53.29 0.22
CA LEU A 495 -61.74 -52.91 -1.03
C LEU A 495 -61.71 -51.40 -1.19
N ARG A 496 -61.26 -50.95 -2.35
CA ARG A 496 -61.31 -49.53 -2.68
C ARG A 496 -62.75 -49.20 -3.01
N VAL A 497 -63.33 -48.26 -2.26
CA VAL A 497 -64.73 -47.89 -2.36
C VAL A 497 -64.83 -46.56 -3.07
N LEU A 498 -65.82 -46.46 -3.97
CA LEU A 498 -66.21 -45.20 -4.58
C LEU A 498 -67.72 -45.03 -4.47
N ALA A 499 -68.11 -43.80 -4.16
CA ALA A 499 -69.51 -43.39 -4.09
C ALA A 499 -69.82 -42.52 -5.30
N TYR A 500 -71.01 -42.75 -5.84
CA TYR A 500 -71.48 -42.14 -7.08
C TYR A 500 -72.75 -41.35 -6.85
N GLY A 501 -72.97 -40.38 -7.71
CA GLY A 501 -74.19 -39.61 -7.57
C GLY A 501 -74.35 -38.66 -8.72
N TYR A 502 -75.47 -37.95 -8.68
CA TYR A 502 -75.81 -36.99 -9.72
C TYR A 502 -76.57 -35.85 -9.07
N LYS A 503 -76.87 -34.85 -9.89
CA LYS A 503 -77.60 -33.67 -9.46
C LYS A 503 -78.35 -33.16 -10.67
N ARG A 504 -79.66 -32.96 -10.52
CA ARG A 504 -80.41 -32.36 -11.61
C ARG A 504 -80.06 -30.87 -11.71
N MET A 505 -80.06 -30.31 -12.90
CA MET A 505 -79.34 -29.03 -12.91
C MET A 505 -80.19 -28.01 -13.67
N PRO A 506 -79.97 -26.70 -13.57
CA PRO A 506 -80.81 -25.81 -14.38
C PRO A 506 -80.54 -26.03 -15.86
N ALA A 507 -81.63 -26.08 -16.62
CA ALA A 507 -81.52 -26.36 -18.05
C ALA A 507 -80.75 -25.31 -18.83
N ASP A 508 -80.34 -24.19 -18.20
CA ASP A 508 -79.64 -23.12 -18.89
C ASP A 508 -78.13 -23.18 -18.65
N THR A 509 -77.67 -24.13 -17.84
CA THR A 509 -76.26 -24.20 -17.47
C THR A 509 -75.44 -24.75 -18.64
N THR A 510 -74.30 -24.13 -18.89
CA THR A 510 -73.38 -24.58 -19.91
C THR A 510 -72.02 -24.92 -19.34
N GLU A 511 -71.78 -24.62 -18.06
CA GLU A 511 -70.50 -24.90 -17.42
C GLU A 511 -70.74 -25.28 -15.97
N LEU A 512 -69.79 -25.99 -15.39
CA LEU A 512 -69.87 -26.36 -13.98
C LEU A 512 -69.00 -25.45 -13.14
N LYS A 513 -69.45 -25.19 -11.92
CA LYS A 513 -68.71 -24.38 -10.97
C LYS A 513 -68.35 -25.25 -9.77
N LEU A 514 -67.36 -24.78 -9.01
CA LEU A 514 -66.93 -25.54 -7.85
C LEU A 514 -67.90 -25.37 -6.70
N GLU A 515 -68.75 -24.34 -6.76
CA GLU A 515 -69.75 -24.09 -5.74
C GLU A 515 -70.99 -24.95 -5.96
N ASP A 516 -71.02 -25.74 -7.05
CA ASP A 516 -72.17 -26.54 -7.42
C ASP A 516 -72.02 -28.01 -7.07
N GLU A 517 -71.10 -28.33 -6.16
CA GLU A 517 -70.84 -29.71 -5.77
C GLU A 517 -71.41 -30.02 -4.40
N GLN A 518 -72.53 -29.37 -4.07
CA GLN A 518 -73.26 -29.59 -2.85
C GLN A 518 -74.62 -30.17 -3.21
N ASP A 519 -75.36 -30.59 -2.19
CA ASP A 519 -76.67 -31.23 -2.34
C ASP A 519 -76.71 -32.16 -3.56
N ILE A 520 -75.97 -33.26 -3.45
CA ILE A 520 -75.87 -34.29 -4.48
C ILE A 520 -76.88 -35.38 -4.19
N VAL A 521 -77.39 -36.03 -5.23
CA VAL A 521 -78.23 -37.21 -5.07
C VAL A 521 -77.33 -38.42 -5.18
N LEU A 522 -77.28 -39.23 -4.12
CA LEU A 522 -76.39 -40.38 -4.13
C LEU A 522 -77.10 -41.55 -4.78
N VAL A 523 -76.35 -42.29 -5.60
CA VAL A 523 -76.90 -43.44 -6.31
C VAL A 523 -76.40 -44.71 -5.65
N GLY A 524 -75.10 -44.97 -5.73
CA GLY A 524 -74.59 -46.22 -5.21
C GLY A 524 -73.10 -46.20 -4.92
N LEU A 525 -72.60 -47.38 -4.55
CA LEU A 525 -71.21 -47.60 -4.19
C LEU A 525 -70.60 -48.74 -5.00
N THR A 526 -69.27 -48.70 -5.11
CA THR A 526 -68.50 -49.79 -5.72
C THR A 526 -67.35 -50.13 -4.80
N ALA A 527 -66.90 -51.36 -4.94
CA ALA A 527 -65.79 -51.93 -4.20
C ALA A 527 -64.95 -52.69 -5.21
N MET A 528 -63.67 -52.31 -5.35
CA MET A 528 -62.76 -52.96 -6.30
C MET A 528 -61.51 -53.39 -5.57
N ILE A 529 -60.87 -54.46 -6.06
CA ILE A 529 -59.65 -55.03 -5.48
C ILE A 529 -58.80 -55.58 -6.62
N ASP A 530 -57.56 -55.96 -6.31
CA ASP A 530 -56.79 -56.77 -7.25
C ASP A 530 -57.16 -58.25 -7.04
N PRO A 531 -58.01 -58.81 -7.89
CA PRO A 531 -58.56 -60.14 -7.64
C PRO A 531 -57.59 -61.23 -8.07
N PRO A 532 -57.68 -62.41 -7.46
CA PRO A 532 -56.84 -63.52 -7.92
C PRO A 532 -57.22 -63.99 -9.31
N ARG A 533 -56.34 -64.75 -9.93
CA ARG A 533 -56.67 -65.34 -11.22
C ARG A 533 -57.72 -66.43 -11.04
N GLU A 534 -58.44 -66.72 -12.12
CA GLU A 534 -59.55 -67.65 -12.01
C GLU A 534 -59.06 -69.05 -11.67
N ALA A 535 -57.89 -69.43 -12.19
CA ALA A 535 -57.41 -70.79 -12.00
C ALA A 535 -56.72 -71.00 -10.66
N VAL A 536 -56.55 -69.93 -9.88
CA VAL A 536 -55.78 -69.99 -8.64
C VAL A 536 -56.50 -70.85 -7.60
N TYR A 537 -57.81 -70.69 -7.49
CA TYR A 537 -58.54 -71.43 -6.47
C TYR A 537 -58.38 -72.92 -6.67
N ALA A 538 -58.61 -73.39 -7.90
CA ALA A 538 -58.52 -74.81 -8.19
C ALA A 538 -57.08 -75.29 -8.14
N SER A 539 -56.11 -74.47 -8.53
CA SER A 539 -54.72 -74.95 -8.47
C SER A 539 -54.30 -75.15 -7.03
N ILE A 540 -54.71 -74.26 -6.13
CA ILE A 540 -54.28 -74.39 -4.74
C ILE A 540 -54.91 -75.63 -4.12
N GLU A 541 -56.19 -75.89 -4.43
CA GLU A 541 -56.79 -77.12 -3.93
C GLU A 541 -56.11 -78.36 -4.55
N GLU A 542 -55.73 -78.28 -5.83
CA GLU A 542 -55.06 -79.40 -6.50
C GLU A 542 -53.72 -79.69 -5.83
N SER A 543 -52.99 -78.65 -5.46
CA SER A 543 -51.71 -78.88 -4.82
C SER A 543 -51.89 -79.39 -3.39
N LYS A 544 -52.98 -79.01 -2.73
CA LYS A 544 -53.20 -79.57 -1.40
C LYS A 544 -53.39 -81.09 -1.49
N LYS A 545 -54.18 -81.55 -2.48
CA LYS A 545 -54.32 -83.01 -2.60
C LYS A 545 -53.00 -83.71 -2.88
N ALA A 546 -52.01 -83.00 -3.44
CA ALA A 546 -50.70 -83.57 -3.75
C ALA A 546 -49.70 -83.43 -2.62
N GLY A 547 -50.13 -82.99 -1.45
CA GLY A 547 -49.19 -82.85 -0.36
C GLY A 547 -48.24 -81.69 -0.56
N ILE A 548 -48.76 -80.58 -1.10
CA ILE A 548 -47.94 -79.40 -1.37
C ILE A 548 -48.45 -78.23 -0.54
N ARG A 549 -47.57 -77.63 0.24
CA ARG A 549 -47.89 -76.43 1.01
C ARG A 549 -47.67 -75.21 0.12
N THR A 550 -48.63 -74.29 0.12
CA THR A 550 -48.53 -73.05 -0.64
C THR A 550 -48.39 -71.87 0.32
N VAL A 551 -47.37 -71.07 0.09
CA VAL A 551 -47.06 -69.91 0.93
C VAL A 551 -47.14 -68.66 0.08
N MET A 552 -47.72 -67.59 0.59
CA MET A 552 -47.82 -66.34 -0.15
C MET A 552 -46.86 -65.31 0.44
N ILE A 553 -45.96 -64.78 -0.39
CA ILE A 553 -44.93 -63.82 0.03
C ILE A 553 -45.09 -62.58 -0.84
N THR A 554 -45.67 -61.52 -0.29
CA THR A 554 -45.98 -60.33 -1.08
C THR A 554 -45.35 -59.10 -0.48
N GLY A 555 -45.12 -58.11 -1.34
CA GLY A 555 -44.68 -56.82 -0.86
C GLY A 555 -45.84 -55.87 -0.67
N ASP A 556 -47.06 -56.35 -0.83
CA ASP A 556 -48.25 -55.53 -0.68
C ASP A 556 -48.62 -55.41 0.78
N HIS A 557 -49.61 -54.56 1.06
CA HIS A 557 -50.01 -54.29 2.43
C HIS A 557 -50.61 -55.52 3.09
N LYS A 558 -50.55 -55.52 4.42
CA LYS A 558 -51.04 -56.66 5.18
C LYS A 558 -52.54 -56.88 4.98
N THR A 559 -53.33 -55.80 4.99
CA THR A 559 -54.78 -55.95 4.85
C THR A 559 -55.13 -56.59 3.51
N THR A 560 -54.51 -56.13 2.43
CA THR A 560 -54.79 -56.72 1.12
C THR A 560 -54.27 -58.15 1.08
N ALA A 561 -53.08 -58.38 1.62
CA ALA A 561 -52.48 -59.71 1.57
C ALA A 561 -53.22 -60.72 2.43
N GLN A 562 -54.04 -60.27 3.37
CA GLN A 562 -54.83 -61.17 4.19
C GLN A 562 -56.20 -61.39 3.57
N ALA A 563 -56.78 -60.34 2.96
CA ALA A 563 -58.02 -60.49 2.22
C ALA A 563 -57.86 -61.50 1.08
N ILE A 564 -56.86 -61.29 0.23
CA ILE A 564 -56.44 -62.37 -0.66
C ILE A 564 -55.74 -63.39 0.23
N GLY A 565 -55.86 -64.67 -0.12
CA GLY A 565 -55.26 -65.65 0.75
C GLY A 565 -56.28 -66.12 1.72
N ARG A 566 -57.12 -65.20 2.19
CA ARG A 566 -58.36 -65.63 2.83
C ARG A 566 -59.35 -66.06 1.78
N ASP A 567 -59.23 -65.52 0.57
CA ASP A 567 -60.09 -65.81 -0.57
C ASP A 567 -59.63 -67.02 -1.36
N ILE A 568 -58.31 -67.27 -1.44
CA ILE A 568 -57.81 -68.40 -2.23
C ILE A 568 -57.64 -69.68 -1.41
N GLY A 569 -57.88 -69.64 -0.10
CA GLY A 569 -57.87 -70.83 0.73
C GLY A 569 -56.59 -71.14 1.46
N LEU A 570 -55.88 -70.10 1.91
CA LEU A 570 -54.66 -70.26 2.71
C LEU A 570 -54.83 -69.80 4.15
N MET A 571 -55.74 -68.87 4.41
CA MET A 571 -55.99 -68.27 5.72
C MET A 571 -57.45 -68.40 6.12
N ASP A 572 -57.70 -68.78 7.37
CA ASP A 572 -59.06 -68.60 7.86
C ASP A 572 -59.22 -67.20 8.43
N ALA A 573 -60.47 -66.82 8.68
CA ALA A 573 -60.78 -65.56 9.33
C ALA A 573 -59.91 -65.34 10.57
N ASP A 574 -59.51 -64.10 10.78
CA ASP A 574 -58.75 -63.70 11.98
C ASP A 574 -57.42 -64.44 12.07
N ASP A 575 -56.86 -64.82 10.92
CA ASP A 575 -55.49 -65.29 10.86
C ASP A 575 -54.61 -64.12 10.45
N ILE A 576 -53.45 -63.99 11.08
CA ILE A 576 -52.57 -62.86 10.82
C ILE A 576 -51.43 -63.27 9.92
N ALA A 577 -50.98 -62.31 9.14
CA ALA A 577 -49.85 -62.48 8.23
C ALA A 577 -48.63 -61.85 8.87
N LEU A 578 -47.49 -62.50 8.69
CA LEU A 578 -46.26 -61.93 9.21
C LEU A 578 -45.82 -60.78 8.28
N THR A 579 -45.20 -59.76 8.85
CA THR A 579 -44.76 -58.64 8.03
C THR A 579 -43.24 -58.62 7.96
N GLY A 580 -42.71 -57.97 6.94
CA GLY A 580 -41.26 -57.86 6.84
C GLY A 580 -40.67 -57.18 8.05
N GLN A 581 -41.38 -56.20 8.62
CA GLN A 581 -40.93 -55.57 9.85
C GLN A 581 -40.83 -56.61 10.95
N GLU A 582 -41.90 -57.40 11.12
CA GLU A 582 -41.89 -58.42 12.16
C GLU A 582 -40.90 -59.53 11.86
N LEU A 583 -40.63 -59.80 10.57
CA LEU A 583 -39.72 -60.85 10.16
C LEU A 583 -38.26 -60.45 10.38
N ASP A 584 -37.91 -59.20 10.08
CA ASP A 584 -36.54 -58.74 10.24
C ASP A 584 -36.12 -58.73 11.70
N ALA A 585 -37.08 -58.62 12.62
CA ALA A 585 -36.78 -58.67 14.04
C ALA A 585 -36.64 -60.09 14.58
N MET A 586 -37.04 -61.11 13.80
CA MET A 586 -36.92 -62.48 14.27
C MET A 586 -35.57 -63.05 13.88
N PRO A 587 -34.81 -63.65 14.82
CA PRO A 587 -33.60 -64.37 14.44
C PRO A 587 -33.98 -65.66 13.73
N GLU A 588 -32.95 -66.33 13.18
CA GLU A 588 -33.21 -67.52 12.36
C GLU A 588 -33.73 -68.67 13.20
N GLU A 589 -33.32 -68.79 14.46
CA GLU A 589 -33.80 -69.89 15.29
C GLU A 589 -35.31 -69.77 15.55
N GLU A 590 -35.76 -68.56 15.84
CA GLU A 590 -37.19 -68.35 16.05
C GLU A 590 -37.95 -68.57 14.76
N LEU A 591 -37.35 -68.17 13.62
CA LEU A 591 -38.03 -68.36 12.35
C LEU A 591 -38.09 -69.84 12.01
N ASP A 592 -37.08 -70.61 12.37
CA ASP A 592 -37.16 -72.05 12.16
C ASP A 592 -38.29 -72.64 12.96
N LYS A 593 -38.56 -72.12 14.15
CA LYS A 593 -39.67 -72.69 14.89
C LYS A 593 -41.03 -72.10 14.51
N LYS A 594 -41.08 -70.95 13.85
CA LYS A 594 -42.36 -70.41 13.38
C LYS A 594 -42.59 -70.60 11.88
N LEU A 595 -41.69 -71.24 11.15
CA LEU A 595 -41.75 -71.23 9.69
C LEU A 595 -42.92 -72.05 9.18
N GLU A 596 -43.23 -73.13 9.86
CA GLU A 596 -44.23 -74.06 9.36
C GLU A 596 -45.64 -73.67 9.76
N HIS A 597 -45.82 -72.48 10.34
CA HIS A 597 -47.14 -72.05 10.81
C HIS A 597 -47.61 -70.74 10.22
N ILE A 598 -46.83 -70.14 9.33
CA ILE A 598 -47.23 -68.96 8.55
C ILE A 598 -47.91 -69.50 7.30
N ALA A 599 -48.59 -68.64 6.56
CA ALA A 599 -49.12 -69.04 5.28
C ALA A 599 -48.97 -67.84 4.37
N VAL A 600 -48.95 -66.66 4.98
CA VAL A 600 -48.91 -65.40 4.26
C VAL A 600 -47.94 -64.46 4.93
N TYR A 601 -46.97 -63.97 4.17
CA TYR A 601 -46.09 -62.89 4.58
C TYR A 601 -46.49 -61.69 3.75
N ALA A 602 -46.59 -60.52 4.37
CA ALA A 602 -47.08 -59.34 3.71
C ALA A 602 -46.08 -58.22 3.89
N ARG A 603 -46.01 -57.34 2.90
CA ARG A 603 -45.18 -56.14 2.97
C ARG A 603 -43.72 -56.51 3.27
N VAL A 604 -43.15 -57.32 2.38
CA VAL A 604 -41.80 -57.82 2.56
C VAL A 604 -40.88 -57.17 1.55
N SER A 605 -39.60 -57.16 1.88
CA SER A 605 -38.49 -56.68 1.08
C SER A 605 -37.95 -57.82 0.22
N PRO A 606 -37.19 -57.51 -0.83
CA PRO A 606 -36.65 -58.59 -1.67
C PRO A 606 -35.78 -59.58 -0.90
N GLU A 607 -35.12 -59.17 0.19
CA GLU A 607 -34.35 -60.12 0.97
C GLU A 607 -35.24 -61.03 1.81
N ASN A 608 -36.46 -60.61 2.12
CA ASN A 608 -37.33 -61.46 2.93
C ASN A 608 -37.75 -62.70 2.17
N LYS A 609 -38.01 -62.54 0.87
CA LYS A 609 -38.47 -63.67 0.09
C LYS A 609 -37.39 -64.73 -0.01
N ILE A 610 -36.17 -64.29 -0.31
CA ILE A 610 -35.08 -65.25 -0.44
C ILE A 610 -34.75 -65.86 0.91
N ARG A 611 -35.01 -65.11 2.00
CA ARG A 611 -34.82 -65.70 3.32
C ARG A 611 -35.84 -66.80 3.61
N ILE A 612 -37.11 -66.57 3.27
CA ILE A 612 -38.12 -67.60 3.49
C ILE A 612 -37.84 -68.82 2.63
N VAL A 613 -37.45 -68.61 1.38
CA VAL A 613 -37.18 -69.75 0.50
C VAL A 613 -35.99 -70.55 1.05
N LYS A 614 -34.95 -69.86 1.54
CA LYS A 614 -33.83 -70.56 2.17
C LYS A 614 -34.27 -71.30 3.41
N ALA A 615 -35.19 -70.72 4.19
CA ALA A 615 -35.64 -71.40 5.41
C ALA A 615 -36.41 -72.66 5.08
N TRP A 616 -37.24 -72.60 4.04
CA TRP A 616 -37.97 -73.81 3.64
C TRP A 616 -37.01 -74.86 3.09
N GLN A 617 -35.97 -74.41 2.39
CA GLN A 617 -35.01 -75.39 1.91
C GLN A 617 -34.22 -75.98 3.06
N LYS A 618 -34.02 -75.20 4.12
CA LYS A 618 -33.29 -75.68 5.30
C LYS A 618 -34.07 -76.77 6.01
N LYS A 619 -35.40 -76.76 5.89
CA LYS A 619 -36.26 -77.85 6.35
C LYS A 619 -36.14 -79.08 5.49
N GLY A 620 -35.38 -79.01 4.40
CA GLY A 620 -35.20 -80.14 3.53
C GLY A 620 -36.25 -80.28 2.47
N LYS A 621 -37.06 -79.25 2.25
CA LYS A 621 -38.14 -79.32 1.27
C LYS A 621 -37.65 -78.78 -0.07
N ILE A 622 -37.99 -79.47 -1.16
CA ILE A 622 -37.72 -78.96 -2.50
C ILE A 622 -38.74 -77.87 -2.76
N THR A 623 -38.28 -76.62 -2.89
CA THR A 623 -39.20 -75.50 -2.98
C THR A 623 -39.22 -74.86 -4.37
N ALA A 624 -40.43 -74.47 -4.76
CA ALA A 624 -40.69 -73.73 -5.97
C ALA A 624 -41.10 -72.32 -5.56
N MET A 625 -40.66 -71.35 -6.36
CA MET A 625 -41.00 -69.95 -6.13
C MET A 625 -41.55 -69.41 -7.44
N THR A 626 -42.75 -68.85 -7.39
CA THR A 626 -43.38 -68.24 -8.55
C THR A 626 -43.46 -66.73 -8.35
N GLY A 627 -43.14 -65.98 -9.39
CA GLY A 627 -43.05 -64.54 -9.24
C GLY A 627 -43.05 -63.82 -10.57
N ASP A 628 -43.13 -62.49 -10.48
CA ASP A 628 -43.31 -61.69 -11.69
C ASP A 628 -42.52 -60.39 -11.69
N GLY A 629 -41.69 -60.12 -10.69
CA GLY A 629 -41.04 -58.82 -10.63
C GLY A 629 -39.63 -58.86 -10.07
N VAL A 630 -39.01 -57.68 -10.00
CA VAL A 630 -37.64 -57.60 -9.55
C VAL A 630 -37.53 -57.98 -8.08
N ASN A 631 -38.57 -57.77 -7.28
CA ASN A 631 -38.49 -58.15 -5.88
C ASN A 631 -38.47 -59.67 -5.68
N ASP A 632 -38.95 -60.44 -6.64
CA ASP A 632 -38.91 -61.90 -6.59
C ASP A 632 -37.63 -62.51 -7.17
N ALA A 633 -36.81 -61.73 -7.86
CA ALA A 633 -35.69 -62.33 -8.58
C ALA A 633 -34.73 -63.08 -7.68
N PRO A 634 -34.29 -62.54 -6.54
CA PRO A 634 -33.43 -63.34 -5.65
C PRO A 634 -34.09 -64.62 -5.17
N ALA A 635 -35.39 -64.57 -4.87
CA ALA A 635 -36.06 -65.79 -4.45
C ALA A 635 -36.27 -66.75 -5.61
N LEU A 636 -36.40 -66.24 -6.83
CA LEU A 636 -36.56 -67.13 -7.97
C LEU A 636 -35.26 -67.87 -8.27
N LYS A 637 -34.12 -67.19 -8.11
CA LYS A 637 -32.86 -67.84 -8.40
C LYS A 637 -32.44 -68.77 -7.27
N GLN A 638 -32.81 -68.42 -6.03
CA GLN A 638 -32.44 -69.24 -4.88
C GLN A 638 -33.28 -70.49 -4.76
N ALA A 639 -34.54 -70.43 -5.21
CA ALA A 639 -35.45 -71.56 -5.07
C ALA A 639 -34.97 -72.76 -5.87
N ASP A 640 -35.46 -73.94 -5.48
CA ASP A 640 -35.13 -75.16 -6.20
C ASP A 640 -35.68 -75.11 -7.61
N ILE A 641 -36.84 -74.49 -7.78
CA ILE A 641 -37.37 -74.29 -9.13
C ILE A 641 -38.14 -72.97 -9.19
N GLY A 642 -37.62 -72.05 -10.01
CA GLY A 642 -38.17 -70.73 -10.14
C GLY A 642 -39.05 -70.63 -11.37
N VAL A 643 -40.23 -70.06 -11.17
CA VAL A 643 -41.25 -69.92 -12.19
C VAL A 643 -41.59 -68.44 -12.31
N ALA A 644 -41.40 -67.89 -13.50
CA ALA A 644 -41.69 -66.50 -13.73
C ALA A 644 -42.90 -66.35 -14.64
N MET A 645 -43.65 -65.28 -14.39
CA MET A 645 -44.78 -64.94 -15.24
C MET A 645 -44.27 -64.38 -16.57
N GLY A 646 -44.97 -64.71 -17.66
CA GLY A 646 -44.56 -64.22 -18.95
C GLY A 646 -44.71 -62.71 -19.06
N SER A 647 -45.68 -62.15 -18.35
CA SER A 647 -45.91 -60.71 -18.31
C SER A 647 -45.08 -60.04 -17.23
N GLY A 648 -44.16 -60.78 -16.61
CA GLY A 648 -43.30 -60.21 -15.62
C GLY A 648 -42.11 -59.49 -16.23
N THR A 649 -41.24 -59.02 -15.35
CA THR A 649 -40.03 -58.30 -15.74
C THR A 649 -39.00 -59.25 -16.32
N ASP A 650 -38.04 -58.68 -17.07
CA ASP A 650 -37.00 -59.51 -17.65
C ASP A 650 -36.03 -60.03 -16.59
N VAL A 651 -35.88 -59.30 -15.48
CA VAL A 651 -34.98 -59.77 -14.43
C VAL A 651 -35.48 -61.07 -13.84
N ALA A 652 -36.78 -61.15 -13.55
CA ALA A 652 -37.34 -62.36 -12.98
C ALA A 652 -37.34 -63.50 -13.98
N LYS A 653 -37.54 -63.20 -15.27
CA LYS A 653 -37.53 -64.26 -16.27
C LYS A 653 -36.14 -64.83 -16.47
N ASP A 654 -35.12 -63.98 -16.45
CA ASP A 654 -33.78 -64.49 -16.54
C ASP A 654 -33.38 -65.22 -15.27
N SER A 655 -34.03 -64.90 -14.15
CA SER A 655 -33.72 -65.57 -12.90
C SER A 655 -34.51 -66.86 -12.71
N ALA A 656 -35.55 -67.10 -13.49
CA ALA A 656 -36.41 -68.26 -13.31
C ALA A 656 -35.98 -69.43 -14.20
N ALA A 657 -36.51 -70.62 -13.88
CA ALA A 657 -36.20 -71.84 -14.61
C ALA A 657 -37.34 -72.28 -15.51
N MET A 658 -38.55 -71.87 -15.20
CA MET A 658 -39.68 -72.07 -16.09
C MET A 658 -40.39 -70.74 -16.22
N ILE A 659 -40.89 -70.45 -17.41
CA ILE A 659 -41.59 -69.20 -17.69
C ILE A 659 -42.95 -69.55 -18.25
N LEU A 660 -43.99 -68.99 -17.64
CA LEU A 660 -45.37 -69.20 -18.09
C LEU A 660 -45.71 -68.13 -19.12
N THR A 661 -45.58 -68.50 -20.40
CA THR A 661 -45.75 -67.54 -21.48
C THR A 661 -47.15 -66.95 -21.50
N ASP A 662 -48.18 -67.80 -21.36
CA ASP A 662 -49.56 -67.38 -21.32
C ASP A 662 -50.04 -67.01 -19.92
N ASP A 663 -49.15 -66.91 -18.94
CA ASP A 663 -49.50 -66.56 -17.57
C ASP A 663 -50.53 -67.51 -16.98
N ASN A 664 -50.59 -68.72 -17.52
CA ASN A 664 -51.56 -69.75 -17.11
C ASN A 664 -51.11 -70.36 -15.80
N PHE A 665 -51.75 -69.96 -14.71
CA PHE A 665 -51.26 -70.36 -13.39
C PHE A 665 -51.42 -71.85 -13.15
N VAL A 666 -52.45 -72.48 -13.75
CA VAL A 666 -52.63 -73.90 -13.58
C VAL A 666 -51.49 -74.69 -14.20
N SER A 667 -50.61 -74.03 -14.95
CA SER A 667 -49.46 -74.76 -15.49
C SER A 667 -48.54 -75.23 -14.38
N ILE A 668 -48.45 -74.48 -13.26
CA ILE A 668 -47.50 -74.87 -12.22
C ILE A 668 -47.84 -76.24 -11.67
N VAL A 669 -49.08 -76.43 -11.22
CA VAL A 669 -49.51 -77.74 -10.74
C VAL A 669 -49.41 -78.78 -11.85
N ASP A 670 -49.76 -78.38 -13.08
CA ASP A 670 -49.62 -79.31 -14.19
C ASP A 670 -48.17 -79.73 -14.34
N ALA A 671 -47.23 -78.80 -14.15
CA ALA A 671 -45.83 -79.16 -14.28
C ALA A 671 -45.46 -80.19 -13.24
N VAL A 672 -45.99 -80.03 -12.02
CA VAL A 672 -45.74 -81.03 -10.98
C VAL A 672 -46.23 -82.39 -11.44
N GLY A 673 -47.46 -82.42 -11.99
CA GLY A 673 -47.97 -83.68 -12.47
C GLY A 673 -47.12 -84.24 -13.58
N VAL A 674 -46.74 -83.39 -14.52
CA VAL A 674 -45.87 -83.86 -15.59
C VAL A 674 -44.57 -84.34 -14.99
N GLY A 675 -44.02 -83.56 -14.05
CA GLY A 675 -42.77 -83.96 -13.45
C GLY A 675 -42.87 -85.30 -12.75
N ARG A 676 -44.00 -85.56 -12.08
CA ARG A 676 -44.13 -86.82 -11.37
C ARG A 676 -44.07 -87.99 -12.34
N THR A 677 -44.76 -87.88 -13.47
CA THR A 677 -44.73 -89.00 -14.39
C THR A 677 -43.36 -89.14 -15.01
N VAL A 678 -42.66 -88.01 -15.20
CA VAL A 678 -41.31 -88.11 -15.74
C VAL A 678 -40.47 -89.01 -14.86
N PHE A 679 -40.49 -88.74 -13.55
CA PHE A 679 -39.66 -89.57 -12.69
C PHE A 679 -40.16 -91.02 -12.68
N ASP A 680 -41.49 -91.22 -12.69
CA ASP A 680 -41.98 -92.59 -12.71
C ASP A 680 -41.43 -93.31 -13.94
N ASN A 681 -41.46 -92.63 -15.10
CA ASN A 681 -40.99 -93.30 -16.30
C ASN A 681 -39.49 -93.47 -16.28
N ILE A 682 -38.76 -92.50 -15.70
CA ILE A 682 -37.32 -92.71 -15.57
C ILE A 682 -37.06 -93.93 -14.72
N LYS A 683 -37.79 -94.06 -13.60
CA LYS A 683 -37.62 -95.24 -12.77
C LYS A 683 -37.89 -96.49 -13.59
N LYS A 684 -38.93 -96.45 -14.43
CA LYS A 684 -39.23 -97.62 -15.24
C LYS A 684 -38.06 -97.96 -16.14
N SER A 685 -37.50 -96.95 -16.80
CA SER A 685 -36.43 -97.22 -17.75
C SER A 685 -35.24 -97.78 -17.03
N ILE A 686 -34.87 -97.18 -15.90
CA ILE A 686 -33.70 -97.68 -15.18
C ILE A 686 -33.96 -99.10 -14.71
N ALA A 687 -35.17 -99.36 -14.21
CA ALA A 687 -35.48 -100.72 -13.78
C ALA A 687 -35.46 -101.66 -14.96
N TYR A 688 -35.84 -101.19 -16.12
CA TYR A 688 -35.77 -102.05 -17.29
C TYR A 688 -34.32 -102.32 -17.66
N LEU A 689 -33.47 -101.29 -17.54
CA LEU A 689 -32.09 -101.44 -17.95
C LEU A 689 -31.36 -102.39 -17.01
N PHE A 690 -31.51 -102.19 -15.71
CA PHE A 690 -30.73 -103.00 -14.80
C PHE A 690 -31.24 -104.42 -14.72
N ALA A 691 -32.54 -104.63 -14.91
CA ALA A 691 -33.02 -106.00 -14.95
C ALA A 691 -32.32 -106.77 -16.05
N GLY A 692 -32.01 -106.11 -17.16
CA GLY A 692 -31.26 -106.81 -18.18
C GLY A 692 -29.83 -107.03 -17.76
N ASN A 693 -29.23 -106.02 -17.12
CA ASN A 693 -27.84 -106.16 -16.70
C ASN A 693 -27.74 -107.29 -15.70
N LEU A 694 -28.68 -107.33 -14.76
CA LEU A 694 -28.66 -108.38 -13.75
C LEU A 694 -28.76 -109.75 -14.39
N GLY A 695 -29.61 -109.91 -15.41
CA GLY A 695 -29.69 -111.20 -16.07
C GLY A 695 -28.36 -111.57 -16.68
N ALA A 696 -27.68 -110.59 -17.27
CA ALA A 696 -26.39 -110.84 -17.90
C ALA A 696 -25.37 -111.26 -16.86
N ILE A 697 -25.35 -110.57 -15.72
CA ILE A 697 -24.39 -110.93 -14.68
C ILE A 697 -24.64 -112.36 -14.21
N ILE A 698 -25.91 -112.71 -13.97
CA ILE A 698 -26.21 -114.05 -13.50
C ILE A 698 -25.73 -115.09 -14.51
N ALA A 699 -25.82 -114.78 -15.79
CA ALA A 699 -25.41 -115.80 -16.75
C ALA A 699 -23.90 -115.95 -16.78
N ILE A 700 -23.16 -114.86 -16.58
CA ILE A 700 -21.71 -114.91 -16.63
C ILE A 700 -21.15 -115.63 -15.40
N LEU A 701 -21.61 -115.23 -14.20
CA LEU A 701 -21.14 -115.84 -12.95
C LEU A 701 -21.43 -117.33 -12.92
N PHE A 702 -22.59 -117.74 -13.41
CA PHE A 702 -22.84 -119.17 -13.46
C PHE A 702 -21.81 -119.85 -14.34
N ALA A 703 -21.56 -119.26 -15.52
CA ALA A 703 -20.54 -119.79 -16.43
C ALA A 703 -19.18 -119.79 -15.75
N LEU A 704 -18.97 -118.87 -14.81
CA LEU A 704 -17.72 -118.86 -14.06
C LEU A 704 -17.65 -120.01 -13.06
N VAL A 705 -18.66 -120.16 -12.21
CA VAL A 705 -18.50 -121.20 -11.21
C VAL A 705 -18.55 -122.60 -11.82
N LEU A 706 -19.10 -122.78 -13.02
CA LEU A 706 -19.08 -124.09 -13.64
C LEU A 706 -17.95 -124.28 -14.63
N ASP A 707 -17.06 -123.29 -14.76
CA ASP A 707 -15.95 -123.30 -15.72
C ASP A 707 -16.49 -123.44 -17.16
N TRP A 708 -17.59 -122.76 -17.46
CA TRP A 708 -18.01 -122.73 -18.85
C TRP A 708 -17.30 -121.61 -19.59
N ILE A 709 -17.47 -121.62 -20.90
CA ILE A 709 -17.02 -120.49 -21.69
C ILE A 709 -17.90 -119.30 -21.35
N ASN A 710 -17.27 -118.13 -21.37
CA ASN A 710 -17.93 -116.87 -21.17
C ASN A 710 -19.09 -116.75 -22.15
N PRO A 711 -20.35 -116.68 -21.69
CA PRO A 711 -21.49 -116.70 -22.62
C PRO A 711 -21.53 -115.50 -23.53
N PHE A 712 -20.88 -114.40 -23.15
CA PHE A 712 -20.95 -113.15 -23.89
C PHE A 712 -19.56 -112.63 -24.23
N THR A 713 -19.51 -111.80 -25.28
CA THR A 713 -18.37 -110.98 -25.66
C THR A 713 -18.58 -109.56 -25.18
N ALA A 714 -17.46 -108.86 -24.91
CA ALA A 714 -17.55 -107.45 -24.59
C ALA A 714 -18.21 -106.68 -25.72
N LEU A 715 -17.96 -107.08 -26.97
CA LEU A 715 -18.60 -106.40 -28.08
C LEU A 715 -20.08 -106.67 -28.08
N GLN A 716 -20.50 -107.90 -27.78
CA GLN A 716 -21.93 -108.18 -27.66
C GLN A 716 -22.57 -107.39 -26.55
N LEU A 717 -21.95 -107.37 -25.37
CA LEU A 717 -22.53 -106.66 -24.23
C LEU A 717 -22.61 -105.17 -24.51
N LEU A 718 -21.60 -104.63 -25.19
CA LEU A 718 -21.63 -103.22 -25.53
C LEU A 718 -22.77 -102.93 -26.50
N PHE A 719 -22.99 -103.85 -27.45
CA PHE A 719 -24.04 -103.67 -28.46
C PHE A 719 -25.42 -103.75 -27.83
N ILE A 720 -25.62 -104.66 -26.87
CA ILE A 720 -26.91 -104.76 -26.20
C ILE A 720 -27.13 -103.54 -25.31
N ASN A 721 -26.13 -103.16 -24.52
CA ASN A 721 -26.34 -102.10 -23.55
C ASN A 721 -26.49 -100.75 -24.21
N LEU A 722 -25.94 -100.59 -25.42
CA LEU A 722 -25.98 -99.30 -26.12
C LEU A 722 -27.01 -99.23 -27.23
N VAL A 723 -27.04 -100.21 -28.14
CA VAL A 723 -27.87 -100.13 -29.34
C VAL A 723 -29.23 -100.80 -29.15
N ASN A 724 -29.24 -102.02 -28.63
CA ASN A 724 -30.50 -102.75 -28.56
C ASN A 724 -31.39 -102.21 -27.44
N ASP A 725 -30.82 -101.84 -26.32
CA ASP A 725 -31.65 -101.46 -25.18
C ASP A 725 -31.97 -99.96 -25.11
N SER A 726 -31.45 -99.15 -26.04
CA SER A 726 -31.74 -97.71 -25.97
C SER A 726 -33.18 -97.39 -26.36
N LEU A 727 -33.66 -97.90 -27.50
CA LEU A 727 -35.05 -97.61 -27.88
C LEU A 727 -36.06 -98.12 -26.88
N PRO A 728 -36.01 -99.37 -26.40
CA PRO A 728 -36.99 -99.79 -25.41
C PRO A 728 -36.97 -98.93 -24.14
N ALA A 729 -35.81 -98.52 -23.65
CA ALA A 729 -35.84 -97.64 -22.48
C ALA A 729 -36.54 -96.31 -22.78
N ILE A 730 -36.29 -95.73 -23.96
CA ILE A 730 -36.94 -94.47 -24.32
C ILE A 730 -38.45 -94.66 -24.44
N ALA A 731 -38.85 -95.76 -25.08
CA ALA A 731 -40.26 -96.07 -25.22
C ALA A 731 -40.92 -96.21 -23.86
N LEU A 732 -40.26 -96.89 -22.92
CA LEU A 732 -40.78 -96.92 -21.56
C LEU A 732 -40.83 -95.51 -20.98
N GLY A 733 -39.96 -94.64 -21.45
CA GLY A 733 -40.04 -93.24 -21.05
C GLY A 733 -41.27 -92.55 -21.58
N MET A 734 -41.88 -93.08 -22.64
CA MET A 734 -43.11 -92.48 -23.17
C MET A 734 -44.37 -93.14 -22.62
N GLU A 735 -44.40 -93.55 -21.36
CA GLU A 735 -45.54 -94.31 -20.85
C GLU A 735 -46.56 -93.36 -20.24
N LYS A 736 -47.85 -93.70 -20.35
CA LYS A 736 -48.89 -92.79 -19.88
C LYS A 736 -48.80 -92.60 -18.38
N ALA A 737 -49.34 -91.46 -17.93
CA ALA A 737 -49.34 -91.17 -16.51
C ALA A 737 -50.18 -92.20 -15.79
N GLU A 738 -49.73 -92.57 -14.58
CA GLU A 738 -50.43 -93.51 -13.75
C GLU A 738 -51.70 -92.88 -13.17
N PRO A 739 -52.71 -93.70 -12.85
CA PRO A 739 -54.01 -93.13 -12.42
C PRO A 739 -53.93 -92.31 -11.15
N ASP A 740 -53.28 -92.81 -10.11
CA ASP A 740 -53.32 -92.16 -8.82
C ASP A 740 -52.19 -91.16 -8.60
N VAL A 741 -51.53 -90.71 -9.67
CA VAL A 741 -50.51 -89.68 -9.48
C VAL A 741 -51.26 -88.37 -9.28
N MET A 742 -50.67 -87.50 -8.45
CA MET A 742 -51.22 -86.23 -8.00
C MET A 742 -52.17 -86.48 -6.81
N LYS A 743 -52.44 -87.72 -6.45
CA LYS A 743 -53.02 -88.09 -5.17
C LYS A 743 -51.93 -88.47 -4.19
N ARG A 744 -50.69 -88.52 -4.66
CA ARG A 744 -49.54 -88.92 -3.87
C ARG A 744 -48.86 -87.72 -3.23
N LYS A 745 -48.09 -88.01 -2.20
CA LYS A 745 -47.28 -87.02 -1.50
C LYS A 745 -45.95 -86.85 -2.24
N PRO A 746 -45.23 -85.75 -2.00
CA PRO A 746 -43.93 -85.58 -2.66
C PRO A 746 -42.95 -86.68 -2.25
N ARG A 747 -42.18 -87.18 -3.21
CA ARG A 747 -41.26 -88.26 -2.89
C ARG A 747 -40.16 -87.75 -1.96
N ASP A 748 -39.66 -88.65 -1.10
CA ASP A 748 -38.55 -88.30 -0.23
C ASP A 748 -37.28 -88.16 -1.05
N ILE A 749 -36.44 -87.18 -0.69
CA ILE A 749 -35.21 -86.99 -1.46
C ILE A 749 -34.25 -88.13 -1.17
N ASN A 750 -34.25 -88.63 0.06
CA ASN A 750 -33.39 -89.75 0.47
C ASN A 750 -33.92 -91.09 0.01
N GLU A 751 -35.07 -91.12 -0.63
CA GLU A 751 -35.61 -92.36 -1.16
C GLU A 751 -34.67 -92.87 -2.24
N GLY A 752 -34.46 -94.18 -2.27
CA GLY A 752 -33.57 -94.74 -3.28
C GLY A 752 -34.24 -94.73 -4.61
N ILE A 753 -33.49 -95.08 -5.65
CA ILE A 753 -34.07 -95.09 -6.99
C ILE A 753 -34.84 -96.37 -7.29
N PHE A 754 -34.67 -97.41 -6.49
CA PHE A 754 -35.40 -98.67 -6.70
C PHE A 754 -36.43 -98.91 -5.61
N ALA A 755 -36.77 -97.87 -4.85
CA ALA A 755 -37.68 -98.03 -3.74
C ALA A 755 -39.10 -98.26 -4.22
N GLY A 756 -39.87 -99.01 -3.43
CA GLY A 756 -41.28 -99.14 -3.74
C GLY A 756 -41.66 -100.17 -4.78
N GLY A 757 -41.14 -101.38 -4.64
CA GLY A 757 -41.50 -102.45 -5.54
C GLY A 757 -40.68 -102.52 -6.80
N THR A 758 -39.99 -101.44 -7.15
CA THR A 758 -39.10 -101.49 -8.31
C THR A 758 -37.92 -102.42 -8.06
N MET A 759 -37.35 -102.44 -6.85
CA MET A 759 -36.27 -103.39 -6.61
C MET A 759 -36.74 -104.83 -6.76
N ARG A 760 -37.95 -105.12 -6.27
CA ARG A 760 -38.50 -106.45 -6.42
C ARG A 760 -38.69 -106.80 -7.88
N ALA A 761 -39.14 -105.81 -8.67
CA ALA A 761 -39.38 -106.03 -10.08
C ALA A 761 -38.08 -106.29 -10.83
N VAL A 762 -37.03 -105.53 -10.48
CA VAL A 762 -35.74 -105.71 -11.12
C VAL A 762 -35.19 -107.09 -10.85
N ILE A 763 -35.24 -107.52 -9.59
CA ILE A 763 -34.66 -108.82 -9.26
C ILE A 763 -35.46 -109.94 -9.89
N SER A 764 -36.79 -109.83 -9.90
CA SER A 764 -37.61 -110.89 -10.50
C SER A 764 -37.31 -111.03 -11.98
N ARG A 765 -37.34 -109.91 -12.71
CA ARG A 765 -37.10 -109.98 -14.15
C ARG A 765 -35.66 -110.38 -14.44
N GLY A 766 -34.70 -109.89 -13.65
CA GLY A 766 -33.32 -110.23 -13.91
C GLY A 766 -33.04 -111.70 -13.69
N VAL A 767 -33.50 -112.25 -12.56
CA VAL A 767 -33.28 -113.68 -12.28
C VAL A 767 -33.90 -114.51 -13.39
N LEU A 768 -35.10 -114.13 -13.85
CA LEU A 768 -35.72 -114.92 -14.91
C LEU A 768 -34.94 -114.86 -16.22
N ILE A 769 -34.45 -113.68 -16.60
CA ILE A 769 -33.63 -113.56 -17.81
C ILE A 769 -32.36 -114.38 -17.66
N GLY A 770 -31.77 -114.35 -16.47
CA GLY A 770 -30.56 -115.10 -16.23
C GLY A 770 -30.77 -116.60 -16.34
N ILE A 771 -31.85 -117.11 -15.74
CA ILE A 771 -32.14 -118.53 -15.81
C ILE A 771 -32.38 -118.95 -17.26
N ALA A 772 -33.01 -118.06 -18.03
CA ALA A 772 -33.22 -118.32 -19.44
C ALA A 772 -31.88 -118.38 -20.20
N VAL A 773 -30.96 -117.47 -19.89
CA VAL A 773 -29.68 -117.51 -20.57
C VAL A 773 -28.86 -118.73 -20.13
N ILE A 774 -28.96 -119.11 -18.85
CA ILE A 774 -28.21 -120.26 -18.36
C ILE A 774 -28.68 -121.53 -19.06
N ILE A 775 -30.01 -121.74 -19.12
CA ILE A 775 -30.53 -122.93 -19.81
C ILE A 775 -30.17 -122.89 -21.30
N SER A 776 -30.27 -121.70 -21.91
CA SER A 776 -29.93 -121.58 -23.33
C SER A 776 -28.48 -121.91 -23.58
N GLN A 777 -27.58 -121.41 -22.73
CA GLN A 777 -26.16 -121.68 -22.90
C GLN A 777 -25.86 -123.14 -22.67
N TYR A 778 -26.57 -123.76 -21.73
CA TYR A 778 -26.37 -125.18 -21.51
C TYR A 778 -26.75 -125.97 -22.76
N ILE A 779 -27.90 -125.62 -23.35
CA ILE A 779 -28.34 -126.38 -24.51
C ILE A 779 -27.33 -126.19 -25.63
N GLY A 780 -26.87 -124.96 -25.83
CA GLY A 780 -25.87 -124.74 -26.86
C GLY A 780 -24.58 -125.46 -26.54
N MET A 781 -24.26 -125.56 -25.26
CA MET A 781 -23.06 -126.25 -24.82
C MET A 781 -23.09 -127.72 -25.22
N GLN A 782 -24.27 -128.29 -25.44
CA GLN A 782 -24.30 -129.68 -25.91
C GLN A 782 -23.75 -129.85 -27.32
N ILE A 783 -23.71 -128.78 -28.12
CA ILE A 783 -23.18 -128.90 -29.48
C ILE A 783 -21.71 -128.50 -29.52
N SER A 784 -21.42 -127.28 -29.09
CA SER A 784 -20.07 -126.74 -29.10
C SER A 784 -20.06 -125.48 -28.24
N PRO A 785 -18.90 -125.08 -27.73
CA PRO A 785 -18.84 -123.83 -26.96
C PRO A 785 -19.25 -122.62 -27.77
N GLU A 786 -18.94 -122.62 -29.07
CA GLU A 786 -19.35 -121.51 -29.92
C GLU A 786 -20.87 -121.46 -30.07
N MET A 787 -21.51 -122.63 -30.15
CA MET A 787 -22.96 -122.62 -30.24
C MET A 787 -23.57 -122.09 -28.96
N SER A 788 -22.93 -122.37 -27.83
CA SER A 788 -23.45 -121.88 -26.56
C SER A 788 -23.36 -120.38 -26.48
N VAL A 789 -22.31 -119.79 -27.05
CA VAL A 789 -22.25 -118.34 -27.02
C VAL A 789 -23.32 -117.73 -27.93
N ALA A 790 -23.56 -118.34 -29.09
CA ALA A 790 -24.60 -117.78 -29.95
C ALA A 790 -25.97 -117.88 -29.30
N MET A 791 -26.26 -119.00 -28.63
CA MET A 791 -27.58 -119.15 -28.00
C MET A 791 -27.72 -118.28 -26.76
N ALA A 792 -26.64 -118.12 -25.99
CA ALA A 792 -26.71 -117.23 -24.83
C ALA A 792 -26.91 -115.79 -25.27
N PHE A 793 -26.20 -115.37 -26.32
CA PHE A 793 -26.39 -114.01 -26.82
C PHE A 793 -27.81 -113.85 -27.35
N THR A 794 -28.32 -114.83 -28.11
CA THR A 794 -29.68 -114.72 -28.63
C THR A 794 -30.70 -114.61 -27.51
N THR A 795 -30.65 -115.51 -26.52
CA THR A 795 -31.62 -115.43 -25.45
C THR A 795 -31.49 -114.11 -24.70
N LEU A 796 -30.26 -113.65 -24.45
CA LEU A 796 -30.12 -112.42 -23.68
C LEU A 796 -30.73 -111.24 -24.42
N ILE A 797 -30.39 -111.08 -25.70
CA ILE A 797 -30.85 -109.90 -26.43
C ILE A 797 -32.35 -109.98 -26.68
N LEU A 798 -32.88 -111.17 -26.98
CA LEU A 798 -34.32 -111.27 -27.24
C LEU A 798 -35.15 -111.22 -25.95
N ALA A 799 -34.66 -111.79 -24.83
CA ALA A 799 -35.36 -111.61 -23.57
C ALA A 799 -35.33 -110.14 -23.13
N ARG A 800 -34.23 -109.44 -23.38
CA ARG A 800 -34.23 -108.01 -23.09
C ARG A 800 -35.16 -107.24 -24.01
N THR A 801 -35.27 -107.66 -25.28
CA THR A 801 -36.19 -106.98 -26.19
C THR A 801 -37.64 -107.21 -25.74
N LEU A 802 -38.02 -108.47 -25.51
CA LEU A 802 -39.40 -108.83 -25.13
C LEU A 802 -39.75 -108.38 -23.71
N GLN A 803 -38.76 -108.22 -22.84
CA GLN A 803 -39.04 -107.74 -21.49
C GLN A 803 -39.71 -106.37 -21.49
N THR A 804 -39.61 -105.62 -22.58
CA THR A 804 -40.18 -104.27 -22.59
C THR A 804 -41.67 -104.30 -22.28
N PHE A 805 -42.36 -105.34 -22.77
CA PHE A 805 -43.77 -105.48 -22.45
C PHE A 805 -43.97 -105.69 -20.95
N ALA A 806 -43.13 -106.50 -20.33
CA ALA A 806 -43.27 -106.71 -18.89
C ALA A 806 -42.80 -105.51 -18.10
N ALA A 807 -41.95 -104.68 -18.67
CA ALA A 807 -41.40 -103.56 -17.94
C ALA A 807 -42.24 -102.32 -18.08
N ARG A 808 -43.33 -102.38 -18.84
CA ARG A 808 -44.17 -101.19 -18.97
C ARG A 808 -44.85 -100.81 -17.66
N SER A 809 -45.10 -101.77 -16.78
CA SER A 809 -45.77 -101.47 -15.51
C SER A 809 -45.44 -102.53 -14.48
N ASN A 810 -45.34 -102.11 -13.21
CA ASN A 810 -45.11 -103.07 -12.14
C ASN A 810 -46.38 -103.72 -11.63
N VAL A 811 -47.55 -103.17 -11.94
CA VAL A 811 -48.79 -103.66 -11.36
C VAL A 811 -49.79 -104.08 -12.42
N GLN A 812 -49.39 -104.17 -13.68
CA GLN A 812 -50.34 -104.41 -14.75
C GLN A 812 -49.63 -105.06 -15.92
N THR A 813 -50.17 -106.21 -16.36
CA THR A 813 -49.62 -106.92 -17.50
C THR A 813 -49.70 -106.05 -18.75
N ALA A 814 -48.92 -106.43 -19.76
CA ALA A 814 -48.99 -105.74 -21.04
C ALA A 814 -50.41 -105.79 -21.58
N PHE A 815 -50.97 -107.00 -21.69
CA PHE A 815 -52.41 -107.14 -21.93
C PHE A 815 -53.06 -106.79 -20.59
N GLY A 816 -53.55 -105.56 -20.47
CA GLY A 816 -54.26 -105.15 -19.28
C GLY A 816 -54.26 -103.65 -19.24
N ALA A 817 -53.06 -103.12 -19.42
CA ALA A 817 -52.82 -101.72 -19.69
C ALA A 817 -53.29 -101.35 -21.08
N GLY A 818 -53.17 -102.28 -22.01
CA GLY A 818 -53.48 -102.09 -23.40
C GLY A 818 -52.28 -102.61 -24.18
N PHE A 819 -52.35 -103.78 -24.82
CA PHE A 819 -51.12 -104.29 -25.43
C PHE A 819 -50.60 -103.35 -26.51
N PHE A 820 -51.47 -102.55 -27.13
CA PHE A 820 -51.01 -101.53 -28.06
C PHE A 820 -51.17 -100.13 -27.49
N SER A 821 -51.49 -100.01 -26.19
CA SER A 821 -51.68 -98.71 -25.56
C SER A 821 -50.46 -97.81 -25.68
N ASN A 822 -49.26 -98.39 -25.72
CA ASN A 822 -48.02 -97.65 -25.94
C ASN A 822 -47.48 -98.07 -27.30
N LYS A 823 -47.51 -97.14 -28.27
CA LYS A 823 -47.08 -97.51 -29.61
C LYS A 823 -45.59 -97.40 -29.77
N TYR A 824 -44.93 -96.63 -28.89
CA TYR A 824 -43.48 -96.51 -28.98
C TYR A 824 -42.81 -97.80 -28.56
N VAL A 825 -43.39 -98.50 -27.58
CA VAL A 825 -42.85 -99.81 -27.19
C VAL A 825 -43.00 -100.80 -28.34
N ILE A 826 -44.15 -100.78 -29.03
CA ILE A 826 -44.33 -101.72 -30.12
C ILE A 826 -43.30 -101.46 -31.20
N GLY A 827 -43.09 -100.19 -31.55
CA GLY A 827 -42.11 -99.87 -32.56
C GLY A 827 -40.72 -100.25 -32.12
N ALA A 828 -40.43 -100.06 -30.82
CA ALA A 828 -39.12 -100.39 -30.31
C ALA A 828 -38.84 -101.88 -30.41
N VAL A 829 -39.80 -102.71 -30.01
CA VAL A 829 -39.59 -104.16 -30.10
C VAL A 829 -39.43 -104.60 -31.55
N LEU A 830 -40.22 -104.05 -32.45
CA LEU A 830 -40.08 -104.42 -33.85
C LEU A 830 -38.70 -104.01 -34.40
N LEU A 831 -38.24 -102.82 -34.00
CA LEU A 831 -36.94 -102.33 -34.45
C LEU A 831 -35.81 -103.17 -33.89
N CYS A 832 -35.93 -103.60 -32.63
CA CYS A 832 -34.93 -104.47 -32.03
C CYS A 832 -34.90 -105.83 -32.71
N PHE A 833 -36.05 -106.30 -33.21
CA PHE A 833 -36.01 -107.52 -33.98
C PHE A 833 -35.17 -107.30 -35.23
N VAL A 834 -35.30 -106.13 -35.84
CA VAL A 834 -34.46 -105.81 -36.99
C VAL A 834 -32.97 -105.82 -36.59
N LEU A 835 -32.68 -105.31 -35.39
CA LEU A 835 -31.31 -105.32 -34.90
C LEU A 835 -30.76 -106.74 -34.73
N TYR A 836 -31.51 -107.61 -34.03
CA TYR A 836 -31.04 -108.98 -33.88
C TYR A 836 -30.85 -109.63 -35.24
N GLY A 837 -31.73 -109.33 -36.19
CA GLY A 837 -31.53 -109.87 -37.52
C GLY A 837 -30.25 -109.38 -38.15
N ILE A 838 -29.90 -108.11 -37.92
CA ILE A 838 -28.66 -107.62 -38.49
C ILE A 838 -27.47 -108.38 -37.92
N THR A 839 -27.53 -108.78 -36.65
CA THR A 839 -26.37 -109.46 -36.07
C THR A 839 -26.11 -110.83 -36.70
N VAL A 840 -27.13 -111.50 -37.24
CA VAL A 840 -26.91 -112.82 -37.85
C VAL A 840 -26.75 -112.76 -39.35
N LEU A 841 -26.71 -111.55 -39.94
CA LEU A 841 -26.40 -111.44 -41.36
C LEU A 841 -25.01 -111.99 -41.61
N PRO A 842 -24.76 -112.61 -42.76
CA PRO A 842 -23.49 -113.31 -42.97
C PRO A 842 -22.25 -112.46 -42.81
N GLY A 843 -22.37 -111.14 -42.92
CA GLY A 843 -21.22 -110.30 -42.71
C GLY A 843 -20.91 -110.02 -41.26
N ALA A 844 -21.93 -109.86 -40.43
CA ALA A 844 -21.74 -109.49 -39.04
C ALA A 844 -21.81 -110.67 -38.10
N ARG A 845 -21.73 -111.90 -38.63
CA ARG A 845 -21.79 -113.06 -37.75
C ARG A 845 -20.51 -113.19 -36.94
N GLU A 846 -19.37 -113.21 -37.63
CA GLU A 846 -18.13 -113.33 -36.86
C GLU A 846 -17.87 -112.08 -36.04
N ILE A 847 -18.48 -110.96 -36.42
CA ILE A 847 -18.37 -109.77 -35.58
C ILE A 847 -19.05 -110.02 -34.24
N PHE A 848 -20.25 -110.61 -34.26
CA PHE A 848 -20.99 -110.89 -33.04
C PHE A 848 -20.80 -112.32 -32.54
N SER A 849 -19.75 -112.99 -33.01
CA SER A 849 -19.33 -114.30 -32.49
C SER A 849 -20.45 -115.33 -32.62
N ILE A 850 -21.08 -115.34 -33.79
CA ILE A 850 -22.14 -116.29 -34.11
C ILE A 850 -21.59 -117.27 -35.15
N PRO A 851 -21.44 -118.55 -34.82
CA PRO A 851 -20.81 -119.49 -35.75
C PRO A 851 -21.68 -119.74 -36.97
N ALA A 852 -21.04 -120.28 -38.01
CA ALA A 852 -21.73 -120.53 -39.27
C ALA A 852 -22.81 -121.59 -39.14
N SER A 853 -22.67 -122.51 -38.21
CA SER A 853 -23.64 -123.58 -38.03
C SER A 853 -24.88 -123.17 -37.23
N PHE A 854 -24.92 -121.94 -36.69
CA PHE A 854 -26.07 -121.48 -35.91
C PHE A 854 -27.28 -121.34 -36.83
N GLY A 855 -28.26 -122.23 -36.69
CA GLY A 855 -29.40 -122.26 -37.57
C GLY A 855 -30.70 -121.78 -36.94
N LEU A 856 -31.77 -121.92 -37.74
CA LEU A 856 -33.11 -121.62 -37.25
C LEU A 856 -33.52 -122.57 -36.13
N HIS A 857 -32.97 -123.78 -36.08
CA HIS A 857 -33.28 -124.68 -34.96
C HIS A 857 -32.73 -124.16 -33.63
N GLU A 858 -31.43 -123.85 -33.60
CA GLU A 858 -30.86 -123.31 -32.37
C GLU A 858 -31.46 -121.95 -32.08
N TRP A 859 -31.73 -121.16 -33.12
CA TRP A 859 -32.35 -119.88 -32.87
C TRP A 859 -33.74 -120.07 -32.29
N SER A 860 -34.46 -121.09 -32.75
CA SER A 860 -35.79 -121.38 -32.24
C SER A 860 -35.74 -121.71 -30.76
N ILE A 861 -34.75 -122.52 -30.36
CA ILE A 861 -34.66 -122.88 -28.94
C ILE A 861 -34.33 -121.65 -28.10
N ALA A 862 -33.34 -120.86 -28.52
CA ALA A 862 -32.98 -119.67 -27.74
C ALA A 862 -34.12 -118.67 -27.66
N ALA A 863 -34.81 -118.44 -28.78
CA ALA A 863 -35.89 -117.45 -28.78
C ALA A 863 -37.06 -117.94 -27.95
N GLY A 864 -37.33 -119.25 -28.01
CA GLY A 864 -38.37 -119.79 -27.18
C GLY A 864 -38.05 -119.62 -25.72
N LEU A 865 -36.77 -119.77 -25.36
CA LEU A 865 -36.40 -119.59 -23.96
C LEU A 865 -36.64 -118.15 -23.53
N ALA A 866 -36.32 -117.20 -24.41
CA ALA A 866 -36.56 -115.80 -24.03
C ALA A 866 -38.04 -115.53 -23.83
N LEU A 867 -38.87 -116.04 -24.76
CA LEU A 867 -40.30 -115.83 -24.66
C LEU A 867 -40.89 -116.49 -23.43
N ALA A 868 -40.42 -117.69 -23.09
CA ALA A 868 -40.90 -118.37 -21.90
C ALA A 868 -40.54 -117.59 -20.64
N ALA A 869 -39.34 -117.02 -20.60
CA ALA A 869 -38.96 -116.23 -19.44
C ALA A 869 -39.82 -114.99 -19.28
N VAL A 870 -40.23 -114.37 -20.40
CA VAL A 870 -41.03 -113.15 -20.28
C VAL A 870 -42.47 -113.49 -19.88
N VAL A 871 -42.99 -114.61 -20.37
CA VAL A 871 -44.30 -115.06 -19.91
C VAL A 871 -44.26 -115.35 -18.41
N MET A 872 -43.16 -115.93 -17.92
CA MET A 872 -43.04 -116.15 -16.48
C MET A 872 -43.01 -114.83 -15.72
N MET A 873 -42.39 -113.80 -16.29
CA MET A 873 -42.43 -112.49 -15.64
C MET A 873 -43.87 -111.98 -15.52
N GLU A 874 -44.66 -112.10 -16.59
CA GLU A 874 -46.04 -111.61 -16.50
C GLU A 874 -46.89 -112.46 -15.57
N ILE A 875 -46.66 -113.78 -15.55
CA ILE A 875 -47.41 -114.66 -14.65
C ILE A 875 -47.10 -114.30 -13.20
N ILE A 876 -45.82 -114.11 -12.88
CA ILE A 876 -45.42 -113.76 -11.54
C ILE A 876 -45.99 -112.39 -11.14
N LYS A 877 -46.06 -111.46 -12.10
CA LYS A 877 -46.63 -110.15 -11.78
C LYS A 877 -48.13 -110.23 -11.54
N VAL A 878 -48.84 -111.05 -12.31
CA VAL A 878 -50.29 -111.09 -12.18
C VAL A 878 -50.69 -111.81 -10.91
N VAL A 879 -49.91 -112.82 -10.51
CA VAL A 879 -50.17 -113.47 -9.22
C VAL A 879 -49.87 -112.52 -8.09
N GLN A 880 -48.80 -111.73 -8.23
CA GLN A 880 -48.42 -110.81 -7.17
C GLN A 880 -49.43 -109.69 -6.98
N ASN A 881 -49.99 -109.16 -8.06
CA ASN A 881 -50.93 -108.08 -7.89
C ASN A 881 -52.38 -108.54 -7.74
N LYS A 882 -52.69 -109.82 -7.95
CA LYS A 882 -54.05 -110.17 -7.65
C LYS A 882 -54.20 -110.73 -6.24
N PHE A 883 -53.17 -111.40 -5.71
CA PHE A 883 -53.32 -112.01 -4.40
C PHE A 883 -52.57 -111.32 -3.28
N PHE A 884 -51.45 -110.66 -3.59
CA PHE A 884 -50.71 -109.87 -2.61
C PHE A 884 -50.73 -108.41 -3.06
N LYS A 885 -51.89 -107.76 -3.00
CA LYS A 885 -51.97 -106.42 -3.59
C LYS A 885 -51.74 -105.32 -2.57
N ASP A 886 -51.60 -105.67 -1.28
CA ASP A 886 -51.33 -104.64 -0.27
C ASP A 886 -49.88 -104.17 -0.34
N TYR A 887 -48.93 -105.11 -0.24
CA TYR A 887 -47.50 -104.86 -0.48
C TYR A 887 -47.04 -105.86 -1.54
N ASP A 888 -47.03 -105.43 -2.80
CA ASP A 888 -46.86 -106.32 -3.95
C ASP A 888 -45.60 -107.17 -3.86
N ILE A 889 -45.76 -108.48 -3.69
CA ILE A 889 -44.66 -109.42 -3.67
C ILE A 889 -45.11 -110.75 -4.28
N PRO A 890 -44.37 -111.30 -5.24
CA PRO A 890 -44.89 -112.40 -6.05
C PRO A 890 -44.40 -113.78 -5.63
N THR A 891 -45.12 -114.82 -6.05
CA THR A 891 -44.69 -116.19 -5.81
C THR A 891 -45.19 -117.08 -6.95
N THR A 892 -44.32 -117.99 -7.37
CA THR A 892 -44.53 -119.09 -8.33
C THR A 892 -43.28 -119.21 -9.21
N ALA B 2 -8.91 -37.87 8.62
CA ALA B 2 -9.82 -37.32 7.59
C ALA B 2 -10.93 -36.49 8.22
N GLU B 3 -10.60 -35.25 8.59
CA GLU B 3 -11.54 -34.29 9.14
C GLU B 3 -12.03 -34.66 10.54
N ILE B 4 -11.61 -35.79 11.10
CA ILE B 4 -12.08 -36.12 12.44
C ILE B 4 -11.35 -35.29 13.49
N TYR B 5 -10.03 -35.13 13.32
CA TYR B 5 -9.27 -34.29 14.24
C TYR B 5 -9.64 -32.82 14.13
N ARG B 6 -10.30 -32.43 13.04
CA ARG B 6 -10.79 -31.08 12.89
C ARG B 6 -12.19 -30.88 13.46
N LYS B 7 -12.87 -31.97 13.83
CA LYS B 7 -14.18 -31.92 14.47
C LYS B 7 -14.03 -31.91 15.98
N SER B 8 -15.07 -31.44 16.65
CA SER B 8 -15.07 -31.54 18.11
C SER B 8 -15.43 -32.96 18.54
N ALA B 9 -15.20 -33.24 19.82
CA ALA B 9 -15.56 -34.57 20.33
C ALA B 9 -17.05 -34.81 20.19
N ALA B 10 -17.86 -33.77 20.42
CA ALA B 10 -19.30 -33.92 20.31
C ALA B 10 -19.72 -34.28 18.90
N GLU B 11 -19.11 -33.65 17.89
CA GLU B 11 -19.44 -33.97 16.51
C GLU B 11 -19.06 -35.41 16.19
N THR B 12 -17.90 -35.85 16.68
CA THR B 12 -17.50 -37.24 16.44
C THR B 12 -18.45 -38.20 17.13
N PHE B 13 -18.95 -37.82 18.30
CA PHE B 13 -19.93 -38.66 19.02
C PHE B 13 -21.22 -38.79 18.24
N THR B 14 -21.77 -37.69 17.74
CA THR B 14 -23.02 -37.79 16.99
C THR B 14 -22.80 -38.48 15.64
N GLN B 15 -21.60 -38.37 15.06
CA GLN B 15 -21.34 -39.05 13.81
C GLN B 15 -21.34 -40.56 13.99
N LEU B 16 -20.70 -41.05 15.06
CA LEU B 16 -20.64 -42.46 15.34
C LEU B 16 -21.90 -42.98 16.01
N GLU B 17 -22.91 -42.12 16.16
CA GLU B 17 -24.16 -42.47 16.81
C GLU B 17 -23.89 -43.09 18.18
N ALA B 18 -23.08 -42.39 18.97
CA ALA B 18 -22.70 -42.86 20.28
C ALA B 18 -22.54 -41.66 21.21
N THR B 19 -22.65 -41.93 22.50
CA THR B 19 -22.39 -40.94 23.53
C THR B 19 -21.18 -41.38 24.35
N GLU B 20 -20.82 -40.56 25.32
CA GLU B 20 -19.65 -40.83 26.13
C GLU B 20 -19.94 -41.76 27.30
N LYS B 21 -21.12 -42.34 27.37
CA LYS B 21 -21.39 -43.29 28.43
C LYS B 21 -21.12 -44.72 27.96
N GLY B 22 -20.62 -44.87 26.74
CA GLY B 22 -20.28 -46.19 26.26
C GLY B 22 -21.40 -46.77 25.44
N LEU B 23 -21.21 -48.02 25.01
CA LEU B 23 -22.18 -48.71 24.20
C LEU B 23 -22.79 -49.88 24.98
N THR B 24 -23.96 -50.28 24.53
CA THR B 24 -24.63 -51.45 25.03
C THR B 24 -24.17 -52.69 24.25
N THR B 25 -24.52 -53.87 24.77
CA THR B 25 -24.10 -55.10 24.10
C THR B 25 -24.80 -55.29 22.75
N SER B 26 -26.08 -54.89 22.66
CA SER B 26 -26.80 -55.02 21.39
C SER B 26 -26.18 -54.15 20.29
N GLU B 27 -25.81 -52.91 20.64
CA GLU B 27 -25.16 -52.05 19.65
C GLU B 27 -23.79 -52.60 19.24
N VAL B 28 -23.07 -53.19 20.19
CA VAL B 28 -21.78 -53.76 19.85
C VAL B 28 -21.97 -54.96 18.92
N THR B 29 -23.00 -55.77 19.18
CA THR B 29 -23.26 -56.93 18.32
C THR B 29 -23.59 -56.49 16.90
N LYS B 30 -24.35 -55.39 16.77
CA LYS B 30 -24.74 -54.90 15.44
C LYS B 30 -23.54 -54.29 14.69
N ARG B 31 -22.76 -53.45 15.37
CA ARG B 31 -21.63 -52.82 14.69
C ARG B 31 -20.53 -53.83 14.37
N GLN B 32 -20.48 -54.97 15.08
CA GLN B 32 -19.52 -56.00 14.71
C GLN B 32 -19.92 -56.69 13.41
N GLU B 33 -21.21 -56.73 13.10
CA GLU B 33 -21.62 -57.27 11.80
C GLU B 33 -21.34 -56.25 10.71
N LYS B 34 -21.41 -54.96 11.05
CA LYS B 34 -21.12 -53.98 10.01
C LYS B 34 -19.63 -53.86 9.71
N TYR B 35 -18.82 -53.62 10.73
CA TYR B 35 -17.39 -53.31 10.54
C TYR B 35 -16.46 -54.51 10.65
N GLY B 36 -16.91 -55.64 11.20
CA GLY B 36 -16.02 -56.75 11.43
C GLY B 36 -15.25 -56.58 12.72
N PHE B 37 -14.37 -57.53 13.00
CA PHE B 37 -13.58 -57.46 14.21
C PHE B 37 -12.31 -56.64 13.97
N ASN B 38 -11.80 -56.09 15.07
CA ASN B 38 -10.67 -55.16 15.06
C ASN B 38 -9.37 -55.96 14.87
N GLU B 39 -9.13 -56.37 13.64
CA GLU B 39 -7.95 -57.17 13.33
C GLU B 39 -7.61 -57.08 11.86
N LEU B 40 -6.41 -57.53 11.53
CA LEU B 40 -5.90 -57.53 10.17
C LEU B 40 -6.01 -58.93 9.57
N LYS B 41 -5.53 -59.06 8.33
CA LYS B 41 -5.34 -60.35 7.63
C LYS B 41 -5.12 -60.12 6.13
N ASP B 50 2.14 -69.10 -8.46
CA ASP B 50 2.46 -69.25 -7.04
C ASP B 50 2.41 -70.71 -6.50
N PRO B 51 1.43 -71.52 -6.91
CA PRO B 51 1.54 -72.97 -6.64
C PRO B 51 2.81 -73.55 -7.27
N LEU B 52 3.53 -74.32 -6.46
CA LEU B 52 4.84 -74.83 -6.86
C LEU B 52 4.85 -75.54 -8.20
N TRP B 53 3.77 -76.22 -8.57
CA TRP B 53 3.88 -76.94 -9.83
C TRP B 53 3.61 -76.02 -11.01
N LYS B 54 2.84 -74.96 -10.80
CA LYS B 54 2.69 -73.99 -11.87
C LYS B 54 3.92 -73.10 -11.94
N LEU B 55 4.60 -72.93 -10.80
CA LEU B 55 5.77 -72.09 -10.77
C LEU B 55 6.99 -72.80 -11.33
N PHE B 56 7.01 -74.14 -11.26
CA PHE B 56 8.07 -74.91 -11.90
C PHE B 56 7.97 -74.83 -13.42
N LEU B 57 6.76 -74.63 -13.95
CA LEU B 57 6.54 -74.58 -15.39
C LEU B 57 7.02 -73.28 -16.04
N GLU B 58 7.04 -72.16 -15.32
CA GLU B 58 7.52 -70.94 -15.98
C GLU B 58 9.00 -71.01 -16.36
N THR B 59 9.77 -71.98 -15.83
CA THR B 59 11.17 -72.12 -16.23
C THR B 59 11.30 -72.55 -17.69
N PHE B 60 10.24 -73.07 -18.29
CA PHE B 60 10.29 -73.47 -19.68
C PHE B 60 10.06 -72.32 -20.63
N LYS B 61 9.79 -71.11 -20.13
CA LYS B 61 9.74 -69.94 -20.99
C LYS B 61 11.11 -69.37 -21.31
N ASP B 62 12.16 -69.79 -20.61
CA ASP B 62 13.50 -69.29 -20.89
C ASP B 62 14.03 -69.87 -22.19
N PRO B 63 14.59 -69.05 -23.09
CA PRO B 63 15.12 -69.59 -24.35
C PRO B 63 16.22 -70.63 -24.16
N MET B 64 17.10 -70.46 -23.17
CA MET B 64 18.15 -71.44 -22.98
C MET B 64 17.56 -72.80 -22.63
N VAL B 65 16.47 -72.81 -21.85
CA VAL B 65 15.81 -74.05 -21.50
C VAL B 65 15.13 -74.68 -22.72
N ILE B 66 14.50 -73.86 -23.56
CA ILE B 66 13.85 -74.41 -24.75
C ILE B 66 14.89 -75.07 -25.64
N VAL B 67 16.04 -74.41 -25.83
CA VAL B 67 17.12 -74.96 -26.64
C VAL B 67 17.64 -76.27 -26.05
N LEU B 68 17.83 -76.30 -24.73
CA LEU B 68 18.41 -77.51 -24.15
C LEU B 68 17.42 -78.65 -24.18
N VAL B 69 16.11 -78.37 -24.00
CA VAL B 69 15.11 -79.42 -24.08
C VAL B 69 15.07 -80.02 -25.48
N ILE B 70 15.08 -79.17 -26.50
CA ILE B 70 15.09 -79.66 -27.89
C ILE B 70 16.35 -80.48 -28.16
N ALA B 71 17.51 -79.99 -27.69
CA ALA B 71 18.77 -80.74 -27.86
C ALA B 71 18.72 -82.08 -27.14
N ALA B 72 18.11 -82.11 -25.95
CA ALA B 72 17.99 -83.35 -25.19
C ALA B 72 17.08 -84.35 -25.88
N LEU B 73 15.95 -83.89 -26.43
CA LEU B 73 15.03 -84.81 -27.10
C LEU B 73 15.68 -85.40 -28.34
N VAL B 74 16.42 -84.56 -29.08
CA VAL B 74 17.10 -85.04 -30.27
C VAL B 74 18.13 -86.09 -29.88
N GLN B 75 18.81 -85.88 -28.77
CA GLN B 75 19.80 -86.86 -28.38
C GLN B 75 19.15 -88.14 -27.89
N LEU B 76 17.95 -88.02 -27.34
CA LEU B 76 17.17 -89.18 -26.97
C LEU B 76 16.90 -90.02 -28.19
N VAL B 77 16.51 -89.36 -29.28
CA VAL B 77 16.20 -90.06 -30.52
C VAL B 77 17.48 -90.67 -31.12
N LEU B 78 18.60 -89.96 -31.00
CA LEU B 78 19.84 -90.42 -31.63
C LEU B 78 20.49 -91.56 -30.86
N GLY B 79 20.03 -91.84 -29.66
CA GLY B 79 20.61 -92.90 -28.88
C GLY B 79 21.56 -92.41 -27.84
N GLU B 80 21.87 -91.12 -27.86
CA GLU B 80 22.78 -90.57 -26.87
C GLU B 80 21.94 -90.29 -25.64
N VAL B 81 21.75 -91.34 -24.84
CA VAL B 81 20.81 -91.21 -23.74
C VAL B 81 21.46 -90.54 -22.56
N VAL B 82 22.72 -90.88 -22.27
CA VAL B 82 23.37 -90.38 -21.06
C VAL B 82 23.58 -88.88 -21.16
N GLU B 83 23.97 -88.41 -22.36
CA GLU B 83 24.11 -86.98 -22.65
C GLU B 83 22.78 -86.25 -22.57
N SER B 84 21.72 -86.93 -23.00
CA SER B 84 20.38 -86.41 -22.84
C SER B 84 19.97 -86.29 -21.38
N LEU B 85 20.27 -87.31 -20.60
CA LEU B 85 19.95 -87.31 -19.19
C LEU B 85 20.75 -86.28 -18.43
N ILE B 86 22.01 -86.05 -18.80
CA ILE B 86 22.79 -85.00 -18.14
C ILE B 86 22.15 -83.64 -18.40
N ILE B 87 21.66 -83.42 -19.64
CA ILE B 87 20.98 -82.16 -19.92
C ILE B 87 19.74 -82.03 -19.05
N PHE B 88 18.97 -83.10 -18.92
CA PHE B 88 17.78 -83.02 -18.08
C PHE B 88 18.13 -82.81 -16.61
N LEU B 89 19.26 -83.34 -16.17
CA LEU B 89 19.64 -83.12 -14.78
C LEU B 89 19.94 -81.64 -14.55
N VAL B 90 20.65 -81.01 -15.48
CA VAL B 90 20.96 -79.60 -15.22
C VAL B 90 19.70 -78.77 -15.32
N LEU B 91 18.75 -79.19 -16.16
CA LEU B 91 17.50 -78.43 -16.27
C LEU B 91 16.70 -78.50 -14.98
N ILE B 92 16.58 -79.70 -14.42
CA ILE B 92 15.88 -79.92 -13.17
C ILE B 92 16.53 -79.11 -12.05
N VAL B 93 17.86 -79.04 -12.05
CA VAL B 93 18.59 -78.32 -11.03
C VAL B 93 18.43 -76.81 -11.13
N ASN B 94 18.68 -76.24 -12.31
CA ASN B 94 18.58 -74.80 -12.43
C ASN B 94 17.14 -74.32 -12.28
N SER B 95 16.16 -75.21 -12.54
CA SER B 95 14.79 -74.79 -12.25
C SER B 95 14.65 -74.57 -10.75
N ILE B 96 15.32 -75.40 -9.94
CA ILE B 96 15.29 -75.23 -8.49
C ILE B 96 16.03 -73.96 -8.08
N ILE B 97 17.09 -73.61 -8.81
CA ILE B 97 17.82 -72.37 -8.51
C ILE B 97 16.95 -71.13 -8.78
N SER B 98 16.05 -71.19 -9.78
CA SER B 98 15.12 -70.09 -10.02
C SER B 98 13.90 -70.10 -9.08
N VAL B 99 13.43 -71.29 -8.68
CA VAL B 99 12.25 -71.40 -7.81
C VAL B 99 12.57 -70.94 -6.39
N VAL B 100 13.79 -71.16 -5.92
CA VAL B 100 14.07 -70.79 -4.52
C VAL B 100 14.15 -69.28 -4.33
N GLN B 101 14.34 -68.52 -5.41
CA GLN B 101 14.38 -67.08 -5.30
C GLN B 101 12.99 -66.42 -5.34
N THR B 102 12.03 -67.03 -6.03
CA THR B 102 10.66 -66.52 -6.09
C THR B 102 9.73 -67.10 -5.03
N ARG B 103 9.99 -68.33 -4.54
CA ARG B 103 9.09 -69.00 -3.60
C ARG B 103 9.12 -68.43 -2.18
N LYS B 104 10.25 -67.85 -1.76
CA LYS B 104 10.35 -67.26 -0.44
C LYS B 104 9.47 -66.02 -0.29
N ALA B 105 9.15 -65.36 -1.41
CA ALA B 105 8.25 -64.21 -1.42
C ALA B 105 6.94 -64.44 -0.65
N GLU B 106 6.50 -65.68 -0.45
CA GLU B 106 5.25 -65.84 0.31
C GLU B 106 5.50 -65.63 1.80
N SER B 107 6.64 -66.12 2.30
CA SER B 107 6.99 -65.87 3.69
C SER B 107 7.47 -64.44 3.90
N SER B 108 7.83 -63.74 2.81
CA SER B 108 8.11 -62.31 2.97
C SER B 108 6.84 -61.49 2.86
N LEU B 109 5.77 -62.08 2.36
CA LEU B 109 4.45 -61.46 2.24
C LEU B 109 3.55 -61.86 3.41
N ASP B 110 4.14 -62.12 4.59
CA ASP B 110 3.36 -62.61 5.72
C ASP B 110 2.67 -61.52 6.54
N ALA B 111 3.34 -60.40 6.81
CA ALA B 111 2.75 -59.32 7.61
C ALA B 111 2.41 -59.81 9.03
N LEU B 112 3.40 -60.38 9.71
CA LEU B 112 3.20 -60.88 11.08
C LEU B 112 3.23 -59.69 12.03
N ARG B 113 2.06 -59.21 12.40
CA ARG B 113 1.92 -58.04 13.24
C ARG B 113 1.52 -58.45 14.66
N GLU B 114 2.52 -58.77 15.48
CA GLU B 114 2.32 -59.01 16.90
C GLU B 114 2.43 -57.73 17.72
N MET B 115 2.13 -56.59 17.11
CA MET B 115 2.30 -55.28 17.70
C MET B 115 0.98 -54.63 18.10
N SER B 116 -0.12 -55.21 17.67
CA SER B 116 -1.46 -54.77 18.06
C SER B 116 -1.75 -55.03 19.53
N ALA B 117 -2.55 -54.15 20.12
CA ALA B 117 -2.87 -54.26 21.54
C ALA B 117 -3.75 -55.48 21.78
N PRO B 118 -3.45 -56.30 22.79
CA PRO B 118 -4.28 -57.48 23.04
C PRO B 118 -5.47 -57.25 23.96
N VAL B 119 -5.49 -56.13 24.69
CA VAL B 119 -6.53 -55.86 25.67
C VAL B 119 -7.04 -54.45 25.45
N ALA B 120 -8.35 -54.28 25.63
CA ALA B 120 -8.99 -52.97 25.53
C ALA B 120 -9.78 -52.77 26.81
N LYS B 121 -9.69 -51.59 27.37
CA LYS B 121 -10.36 -51.26 28.63
C LYS B 121 -11.53 -50.37 28.24
N VAL B 122 -12.70 -50.98 28.05
CA VAL B 122 -13.86 -50.35 27.45
C VAL B 122 -14.92 -50.12 28.53
N ILE B 123 -15.83 -49.18 28.25
CA ILE B 123 -17.04 -49.01 29.02
C ILE B 123 -18.18 -49.62 28.23
N ARG B 124 -18.82 -50.65 28.76
CA ARG B 124 -19.95 -51.26 28.06
C ARG B 124 -21.02 -51.59 29.08
N ASP B 125 -22.28 -51.39 28.69
CA ASP B 125 -23.44 -51.59 29.56
C ASP B 125 -23.33 -50.78 30.83
N GLY B 126 -22.54 -49.71 30.81
CA GLY B 126 -22.36 -48.85 31.96
C GLY B 126 -21.27 -49.26 32.91
N SER B 127 -20.52 -50.33 32.61
CA SER B 127 -19.48 -50.85 33.49
C SER B 127 -18.17 -50.94 32.75
N LYS B 128 -17.09 -50.51 33.39
CA LYS B 128 -15.76 -50.65 32.82
C LYS B 128 -15.35 -52.11 32.84
N GLN B 129 -14.81 -52.59 31.73
CA GLN B 129 -14.40 -53.98 31.65
C GLN B 129 -13.27 -54.11 30.65
N SER B 130 -12.45 -55.13 30.84
CA SER B 130 -11.38 -55.43 29.91
C SER B 130 -11.86 -56.52 28.97
N ILE B 131 -11.65 -56.31 27.68
CA ILE B 131 -12.04 -57.26 26.66
C ILE B 131 -10.88 -57.47 25.71
N HIS B 132 -11.00 -58.48 24.86
CA HIS B 132 -10.06 -58.65 23.78
C HIS B 132 -10.20 -57.45 22.86
N ALA B 133 -9.06 -56.88 22.48
CA ALA B 133 -9.11 -55.67 21.65
C ALA B 133 -9.69 -55.92 20.27
N ARG B 134 -9.65 -57.16 19.79
CA ARG B 134 -10.21 -57.47 18.49
C ARG B 134 -11.72 -57.30 18.44
N GLU B 135 -12.40 -57.23 19.58
CA GLU B 135 -13.85 -57.09 19.63
C GLU B 135 -14.31 -55.63 19.67
N LEU B 136 -13.40 -54.69 19.49
CA LEU B 136 -13.78 -53.29 19.57
C LEU B 136 -14.46 -52.84 18.29
N VAL B 137 -15.31 -51.82 18.42
CA VAL B 137 -16.07 -51.30 17.27
C VAL B 137 -16.14 -49.78 17.38
N PRO B 138 -16.27 -49.14 16.23
CA PRO B 138 -16.40 -47.67 16.24
C PRO B 138 -17.60 -47.27 17.07
N GLY B 139 -17.38 -46.31 17.97
CA GLY B 139 -18.37 -45.86 18.92
C GLY B 139 -18.09 -46.30 20.34
N ASP B 140 -17.18 -47.25 20.54
CA ASP B 140 -16.79 -47.66 21.88
C ASP B 140 -16.01 -46.58 22.61
N VAL B 141 -16.21 -46.52 23.92
CA VAL B 141 -15.47 -45.64 24.80
C VAL B 141 -14.38 -46.48 25.45
N VAL B 142 -13.13 -46.18 25.15
CA VAL B 142 -12.00 -46.92 25.66
C VAL B 142 -11.26 -46.04 26.66
N ILE B 143 -10.75 -46.66 27.73
CA ILE B 143 -9.97 -46.01 28.76
C ILE B 143 -8.50 -46.34 28.58
N LEU B 144 -7.64 -45.32 28.74
CA LEU B 144 -6.20 -45.50 28.65
C LEU B 144 -5.56 -45.10 29.97
N ASP B 145 -4.62 -45.92 30.42
CA ASP B 145 -3.80 -45.62 31.57
C ASP B 145 -2.36 -45.81 31.13
N ALA B 146 -1.41 -45.47 32.00
CA ALA B 146 -0.01 -45.59 31.63
C ALA B 146 0.35 -47.05 31.39
N GLY B 147 1.17 -47.27 30.37
CA GLY B 147 1.63 -48.60 30.01
C GLY B 147 0.67 -49.39 29.14
N ASP B 148 -0.50 -48.86 28.82
CA ASP B 148 -1.44 -49.57 27.97
C ASP B 148 -1.08 -49.37 26.51
N PHE B 149 -1.40 -50.35 25.68
CA PHE B 149 -1.22 -50.22 24.25
C PHE B 149 -2.57 -49.82 23.65
N VAL B 150 -2.55 -48.74 22.87
CA VAL B 150 -3.76 -48.19 22.26
C VAL B 150 -4.36 -49.22 21.30
N PRO B 151 -5.60 -49.64 21.54
CA PRO B 151 -6.21 -50.77 20.80
C PRO B 151 -6.85 -50.42 19.47
N ALA B 152 -7.24 -49.15 19.26
CA ALA B 152 -7.85 -48.73 18.01
C ALA B 152 -7.69 -47.23 17.86
N ASP B 153 -7.91 -46.72 16.64
CA ASP B 153 -7.81 -45.28 16.41
C ASP B 153 -9.06 -44.57 16.92
N GLY B 154 -8.88 -43.38 17.49
CA GLY B 154 -10.05 -42.68 18.00
C GLY B 154 -9.75 -41.26 18.45
N ARG B 155 -10.84 -40.55 18.78
CA ARG B 155 -10.82 -39.14 19.14
C ARG B 155 -10.92 -39.02 20.65
N LEU B 156 -9.94 -38.35 21.26
CA LEU B 156 -9.94 -38.17 22.70
C LEU B 156 -11.04 -37.20 23.13
N PHE B 157 -11.69 -37.50 24.24
CA PHE B 157 -12.59 -36.56 24.87
C PHE B 157 -12.30 -36.38 26.34
N GLU B 158 -11.32 -37.09 26.89
CA GLU B 158 -10.93 -36.87 28.28
C GLU B 158 -9.44 -37.13 28.39
N SER B 159 -8.68 -36.14 28.86
CA SER B 159 -7.24 -36.28 28.99
C SER B 159 -6.78 -35.67 30.29
N GLY B 160 -5.96 -36.42 31.02
CA GLY B 160 -5.31 -36.00 32.24
C GLY B 160 -3.81 -36.16 32.13
N SER B 161 -3.16 -35.15 31.56
CA SER B 161 -1.71 -35.16 31.31
C SER B 161 -1.31 -36.44 30.57
N LEU B 162 -2.08 -36.76 29.54
CA LEU B 162 -1.85 -37.96 28.75
C LEU B 162 -0.70 -37.73 27.77
N LYS B 163 0.23 -38.67 27.74
CA LYS B 163 1.40 -38.67 26.88
C LYS B 163 1.59 -40.06 26.29
N ILE B 164 1.65 -40.13 24.95
CA ILE B 164 1.76 -41.40 24.23
C ILE B 164 3.03 -41.38 23.39
N ASP B 165 3.63 -42.57 23.23
CA ASP B 165 4.80 -42.80 22.38
C ASP B 165 4.29 -43.24 21.02
N GLU B 166 4.17 -42.30 20.09
CA GLU B 166 3.68 -42.59 18.75
C GLU B 166 4.80 -42.82 17.75
N GLY B 167 5.88 -43.46 18.19
CA GLY B 167 6.99 -43.71 17.30
C GLY B 167 6.69 -44.68 16.17
N MET B 168 5.58 -45.40 16.22
CA MET B 168 5.32 -46.32 15.13
C MET B 168 4.89 -45.58 13.87
N LEU B 169 4.40 -44.36 14.03
CA LEU B 169 3.96 -43.55 12.92
C LEU B 169 4.96 -42.48 12.53
N THR B 170 5.71 -41.94 13.49
CA THR B 170 6.65 -40.87 13.19
C THR B 170 8.12 -41.28 13.30
N GLY B 171 8.42 -42.41 13.93
CA GLY B 171 9.79 -42.82 14.17
C GLY B 171 10.43 -42.18 15.37
N GLU B 172 9.70 -41.30 16.06
CA GLU B 172 10.18 -40.59 17.24
C GLU B 172 9.63 -41.29 18.48
N SER B 173 10.52 -41.75 19.34
CA SER B 173 10.11 -42.44 20.55
C SER B 173 9.72 -41.51 21.68
N GLU B 174 9.86 -40.20 21.51
CA GLU B 174 9.48 -39.29 22.58
C GLU B 174 7.98 -39.20 22.70
N ALA B 175 7.50 -39.16 23.93
CA ALA B 175 6.06 -39.10 24.17
C ALA B 175 5.53 -37.74 23.77
N VAL B 176 4.39 -37.74 23.08
CA VAL B 176 3.73 -36.52 22.65
C VAL B 176 2.59 -36.24 23.62
N GLU B 177 2.42 -34.97 23.97
CA GLU B 177 1.35 -34.59 24.88
C GLU B 177 0.05 -34.51 24.08
N LYS B 178 -1.02 -35.07 24.63
CA LYS B 178 -2.31 -35.08 23.98
C LYS B 178 -3.26 -34.10 24.64
N TYR B 179 -4.15 -33.56 23.83
CA TYR B 179 -5.11 -32.58 24.30
C TYR B 179 -6.43 -32.88 23.61
N ILE B 180 -7.55 -32.70 24.33
CA ILE B 180 -8.85 -32.97 23.74
C ILE B 180 -9.38 -31.83 22.87
N ASP B 181 -8.65 -30.71 22.76
CA ASP B 181 -9.15 -29.56 21.99
C ASP B 181 -9.26 -29.88 20.50
N THR B 182 -10.21 -29.22 19.84
CA THR B 182 -10.40 -29.37 18.41
C THR B 182 -9.27 -28.69 17.68
N ILE B 183 -8.71 -29.34 16.66
CA ILE B 183 -7.62 -28.75 15.88
C ILE B 183 -8.25 -28.00 14.71
N PRO B 184 -8.16 -26.66 14.66
CA PRO B 184 -8.85 -25.93 13.58
C PRO B 184 -8.17 -26.04 12.23
N ASP B 185 -6.84 -26.01 12.17
CA ASP B 185 -6.19 -26.07 10.88
C ASP B 185 -5.80 -27.51 10.58
N GLU B 186 -5.40 -27.78 9.35
CA GLU B 186 -4.95 -29.10 8.97
C GLU B 186 -3.46 -29.26 9.32
N VAL B 187 -3.15 -30.29 10.10
CA VAL B 187 -1.78 -30.54 10.51
C VAL B 187 -1.43 -31.97 10.13
N GLY B 188 -0.13 -32.25 10.09
CA GLY B 188 0.34 -33.56 9.68
C GLY B 188 -0.05 -34.64 10.67
N LEU B 189 0.22 -35.89 10.28
CA LEU B 189 -0.23 -37.03 11.07
C LEU B 189 0.41 -37.08 12.45
N GLY B 190 1.68 -36.69 12.56
CA GLY B 190 2.33 -36.73 13.87
C GLY B 190 1.81 -35.72 14.86
N ASP B 191 1.20 -34.64 14.39
CA ASP B 191 0.73 -33.55 15.23
C ASP B 191 -0.78 -33.60 15.50
N ARG B 192 -1.41 -34.76 15.29
CA ARG B 192 -2.83 -34.94 15.58
C ARG B 192 -3.02 -35.12 17.08
N VAL B 193 -2.94 -34.00 17.79
CA VAL B 193 -2.90 -34.01 19.25
C VAL B 193 -4.18 -34.55 19.88
N ASN B 194 -5.34 -34.36 19.24
CA ASN B 194 -6.59 -34.79 19.85
C ASN B 194 -7.01 -36.18 19.43
N MET B 195 -6.09 -36.99 18.92
CA MET B 195 -6.43 -38.33 18.44
C MET B 195 -5.35 -39.30 18.89
N VAL B 196 -5.76 -40.54 19.14
CA VAL B 196 -4.85 -41.62 19.47
C VAL B 196 -4.88 -42.64 18.35
N PHE B 197 -3.78 -43.36 18.16
CA PHE B 197 -3.62 -44.27 17.04
C PHE B 197 -3.29 -45.65 17.51
N SER B 198 -3.89 -46.64 16.85
CA SER B 198 -3.80 -48.02 17.29
C SER B 198 -2.36 -48.50 17.19
N GLY B 199 -1.88 -49.13 18.26
CA GLY B 199 -0.55 -49.65 18.32
C GLY B 199 0.43 -48.84 19.16
N SER B 200 0.16 -47.55 19.34
CA SER B 200 1.07 -46.74 20.12
C SER B 200 0.94 -47.06 21.61
N LEU B 201 1.96 -46.67 22.36
CA LEU B 201 2.12 -47.03 23.76
C LEU B 201 1.92 -45.79 24.66
N VAL B 202 1.01 -45.89 25.62
CA VAL B 202 0.81 -44.80 26.56
C VAL B 202 1.98 -44.77 27.54
N VAL B 203 2.49 -43.57 27.80
CA VAL B 203 3.66 -43.37 28.64
C VAL B 203 3.30 -42.73 29.97
N TYR B 204 2.36 -41.78 29.98
CA TYR B 204 2.08 -41.08 31.22
C TYR B 204 0.70 -40.46 31.16
N GLY B 205 -0.07 -40.57 32.23
CA GLY B 205 -1.33 -39.84 32.29
C GLY B 205 -2.54 -40.75 32.13
N ARG B 206 -3.71 -40.14 32.27
CA ARG B 206 -4.97 -40.85 32.10
C ARG B 206 -5.71 -40.35 30.87
N GLY B 207 -6.47 -41.23 30.22
CA GLY B 207 -7.17 -40.82 29.02
C GLY B 207 -8.45 -41.61 28.76
N MET B 208 -9.26 -41.07 27.85
CA MET B 208 -10.54 -41.69 27.50
C MET B 208 -10.92 -41.19 26.12
N PHE B 209 -11.11 -42.11 25.17
CA PHE B 209 -11.39 -41.73 23.80
C PHE B 209 -12.51 -42.60 23.23
N VAL B 210 -13.16 -42.09 22.18
CA VAL B 210 -14.19 -42.85 21.48
C VAL B 210 -13.57 -43.45 20.21
N VAL B 211 -13.75 -44.76 20.02
CA VAL B 211 -13.14 -45.40 18.86
C VAL B 211 -13.79 -44.90 17.58
N THR B 212 -12.95 -44.47 16.65
CA THR B 212 -13.39 -44.09 15.31
C THR B 212 -12.84 -44.99 14.22
N GLY B 213 -11.88 -45.85 14.52
CA GLY B 213 -11.35 -46.73 13.49
C GLY B 213 -10.81 -48.02 14.07
N THR B 214 -11.13 -49.13 13.41
CA THR B 214 -10.67 -50.46 13.77
C THR B 214 -10.25 -51.18 12.50
N ALA B 215 -9.71 -52.38 12.67
CA ALA B 215 -9.38 -53.30 11.54
C ALA B 215 -8.46 -52.57 10.57
N SER B 216 -8.70 -52.66 9.27
CA SER B 216 -7.79 -52.06 8.30
C SER B 216 -8.10 -50.60 8.05
N GLU B 217 -9.01 -50.03 8.81
CA GLU B 217 -9.38 -48.62 8.70
C GLU B 217 -8.62 -47.80 9.70
N THR B 218 -7.38 -48.21 9.99
CA THR B 218 -6.52 -47.55 10.95
C THR B 218 -5.18 -47.20 10.29
N GLU B 219 -4.45 -46.29 10.93
CA GLU B 219 -3.10 -45.94 10.43
C GLU B 219 -2.18 -47.15 10.39
N ILE B 220 -2.31 -48.04 11.39
CA ILE B 220 -1.53 -49.28 11.37
C ILE B 220 -2.06 -50.21 10.30
N GLY B 221 -3.38 -50.21 10.09
CA GLY B 221 -3.95 -50.96 8.98
C GLY B 221 -3.52 -50.41 7.65
N LYS B 222 -3.37 -49.09 7.56
CA LYS B 222 -2.87 -48.53 6.31
C LYS B 222 -1.44 -49.01 6.06
N ILE B 223 -0.63 -49.12 7.12
CA ILE B 223 0.73 -49.66 6.95
C ILE B 223 0.68 -51.10 6.46
N ALA B 224 -0.22 -51.89 7.03
CA ALA B 224 -0.33 -53.28 6.59
C ALA B 224 -0.75 -53.37 5.13
N GLY B 225 -1.67 -52.48 4.72
CA GLY B 225 -2.10 -52.50 3.33
C GLY B 225 -1.00 -52.08 2.39
N LEU B 226 -0.20 -51.11 2.81
CA LEU B 226 0.95 -50.70 2.02
C LEU B 226 1.97 -51.83 1.88
N LEU B 227 2.21 -52.57 2.96
CA LEU B 227 3.14 -53.71 2.90
C LEU B 227 2.61 -54.78 1.96
N GLU B 228 1.29 -54.96 1.90
CA GLU B 228 0.75 -55.99 1.03
C GLU B 228 0.98 -55.65 -0.44
N THR B 229 0.82 -54.38 -0.80
CA THR B 229 0.96 -53.96 -2.19
C THR B 229 2.42 -53.88 -2.64
N ALA B 230 3.39 -53.82 -1.71
CA ALA B 230 4.77 -53.77 -2.13
C ALA B 230 5.09 -55.02 -2.94
N GLU B 231 5.59 -54.81 -4.15
CA GLU B 231 5.79 -55.89 -5.10
C GLU B 231 7.26 -55.96 -5.45
N ALA B 232 7.74 -57.18 -5.68
CA ALA B 232 9.13 -57.42 -6.02
C ALA B 232 9.46 -56.91 -7.42
N LYS B 233 10.71 -56.48 -7.57
CA LYS B 233 11.26 -55.99 -8.84
C LYS B 233 12.16 -57.08 -9.44
N GLN B 234 12.55 -56.90 -10.71
CA GLN B 234 13.55 -57.75 -11.34
C GLN B 234 14.92 -57.17 -11.05
N THR B 235 15.88 -58.04 -10.80
CA THR B 235 17.24 -57.58 -10.53
C THR B 235 17.89 -57.05 -11.82
N PRO B 236 18.74 -56.04 -11.71
CA PRO B 236 19.47 -55.59 -12.91
C PRO B 236 20.25 -56.70 -13.59
N LEU B 237 20.93 -57.55 -12.82
CA LEU B 237 21.57 -58.72 -13.45
C LEU B 237 20.54 -59.62 -14.10
N GLN B 238 19.37 -59.76 -13.47
CA GLN B 238 18.33 -60.59 -14.05
C GLN B 238 17.84 -60.03 -15.37
N ARG B 239 17.66 -58.71 -15.48
CA ARG B 239 17.27 -58.16 -16.77
C ARG B 239 18.36 -58.41 -17.79
N LYS B 240 19.63 -58.20 -17.40
CA LYS B 240 20.71 -58.37 -18.36
C LYS B 240 20.78 -59.80 -18.85
N LEU B 241 20.63 -60.76 -17.95
CA LEU B 241 20.68 -62.15 -18.36
C LEU B 241 19.48 -62.53 -19.20
N GLU B 242 18.29 -61.95 -18.93
CA GLU B 242 17.15 -62.28 -19.77
C GLU B 242 17.40 -61.84 -21.21
N SER B 243 17.81 -60.57 -21.40
CA SER B 243 18.00 -60.06 -22.75
C SER B 243 19.09 -60.83 -23.46
N PHE B 244 20.14 -61.16 -22.73
CA PHE B 244 21.22 -61.92 -23.34
C PHE B 244 20.75 -63.33 -23.69
N SER B 245 19.85 -63.90 -22.89
CA SER B 245 19.34 -65.23 -23.18
C SER B 245 18.52 -65.23 -24.45
N LYS B 246 17.70 -64.19 -24.65
CA LYS B 246 16.92 -64.10 -25.90
C LYS B 246 17.85 -64.02 -27.11
N LYS B 247 18.90 -63.20 -27.01
CA LYS B 247 19.81 -63.07 -28.13
C LYS B 247 20.51 -64.39 -28.43
N LEU B 248 20.91 -65.11 -27.39
CA LEU B 248 21.58 -66.40 -27.59
C LEU B 248 20.63 -67.43 -28.20
N GLY B 249 19.36 -67.42 -27.79
CA GLY B 249 18.41 -68.36 -28.35
C GLY B 249 18.19 -68.12 -29.83
N LEU B 250 18.00 -66.85 -30.24
CA LEU B 250 17.89 -66.57 -31.67
C LEU B 250 19.16 -66.95 -32.42
N GLY B 251 20.32 -66.67 -31.85
CA GLY B 251 21.54 -67.03 -32.53
C GLY B 251 21.65 -68.52 -32.78
N ILE B 252 21.34 -69.32 -31.76
CA ILE B 252 21.45 -70.76 -31.92
C ILE B 252 20.45 -71.26 -32.95
N LEU B 253 19.24 -70.69 -32.95
CA LEU B 253 18.27 -71.05 -33.98
C LEU B 253 18.79 -70.73 -35.38
N ALA B 254 19.44 -69.57 -35.53
CA ALA B 254 19.98 -69.20 -36.84
C ALA B 254 21.10 -70.14 -37.25
N LEU B 255 21.99 -70.48 -36.31
CA LEU B 255 23.06 -71.41 -36.64
C LEU B 255 22.53 -72.79 -37.00
N CYS B 256 21.48 -73.25 -36.31
CA CYS B 256 20.95 -74.55 -36.67
C CYS B 256 20.32 -74.53 -38.05
N VAL B 257 19.63 -73.44 -38.40
CA VAL B 257 19.11 -73.32 -39.75
C VAL B 257 20.24 -73.32 -40.77
N LEU B 258 21.31 -72.59 -40.48
CA LEU B 258 22.46 -72.57 -41.39
C LEU B 258 23.11 -73.95 -41.52
N ILE B 259 23.16 -74.70 -40.43
CA ILE B 259 23.74 -76.04 -40.47
C ILE B 259 22.93 -76.93 -41.42
N PHE B 260 21.60 -76.91 -41.27
CA PHE B 260 20.79 -77.75 -42.16
C PHE B 260 20.90 -77.28 -43.59
N ALA B 261 21.01 -75.96 -43.79
CA ALA B 261 21.13 -75.44 -45.15
C ALA B 261 22.42 -75.93 -45.81
N VAL B 262 23.54 -75.89 -45.07
CA VAL B 262 24.80 -76.33 -45.63
C VAL B 262 24.77 -77.83 -45.92
N GLU B 263 24.21 -78.62 -45.00
CA GLU B 263 24.20 -80.05 -45.24
C GLU B 263 23.31 -80.40 -46.41
N ALA B 264 22.16 -79.74 -46.53
CA ALA B 264 21.23 -80.02 -47.62
C ALA B 264 21.77 -79.56 -48.96
N GLY B 265 22.41 -78.39 -49.02
CA GLY B 265 22.99 -77.95 -50.27
C GLY B 265 24.16 -78.80 -50.69
N ARG B 266 24.96 -79.27 -49.72
CA ARG B 266 26.10 -80.10 -50.10
C ARG B 266 25.68 -81.46 -50.59
N VAL B 267 24.66 -82.04 -49.99
CA VAL B 267 24.23 -83.31 -50.56
C VAL B 267 23.47 -83.09 -51.86
N LEU B 268 22.85 -81.92 -52.03
CA LEU B 268 22.12 -81.64 -53.27
C LEU B 268 23.05 -81.27 -54.43
N LEU B 269 23.98 -80.34 -54.20
CA LEU B 269 24.83 -79.80 -55.26
C LEU B 269 26.28 -80.31 -55.19
N GLY B 270 26.46 -81.56 -54.78
CA GLY B 270 27.80 -82.10 -54.70
C GLY B 270 27.92 -83.51 -55.23
N ASP B 271 28.00 -84.45 -54.30
CA ASP B 271 28.12 -85.87 -54.62
C ASP B 271 26.72 -86.45 -54.80
N ASN B 272 26.50 -87.13 -55.93
CA ASN B 272 25.20 -87.53 -56.45
C ASN B 272 24.28 -88.20 -55.43
N SER B 273 24.11 -87.55 -54.28
CA SER B 273 23.31 -88.05 -53.16
C SER B 273 23.99 -89.32 -52.65
N ALA B 274 25.27 -89.16 -52.25
CA ALA B 274 26.07 -90.29 -51.78
C ALA B 274 25.32 -91.07 -50.70
N ASP B 275 24.92 -90.38 -49.64
CA ASP B 275 23.98 -90.96 -48.70
C ASP B 275 23.33 -89.80 -47.95
N MET B 276 22.07 -89.54 -48.27
CA MET B 276 21.33 -88.50 -47.56
C MET B 276 21.05 -88.90 -46.13
N ALA B 277 20.95 -90.19 -45.82
CA ALA B 277 20.75 -90.57 -44.44
C ALA B 277 21.91 -90.09 -43.58
N THR B 278 23.14 -90.28 -44.08
CA THR B 278 24.33 -89.78 -43.38
C THR B 278 24.31 -88.25 -43.31
N ALA B 279 23.83 -87.59 -44.36
CA ALA B 279 23.77 -86.14 -44.35
C ALA B 279 22.76 -85.63 -43.33
N ILE B 280 21.63 -86.32 -43.18
CA ILE B 280 20.63 -85.88 -42.21
C ILE B 280 21.15 -86.10 -40.80
N LEU B 281 21.81 -87.24 -40.58
CA LEU B 281 22.38 -87.50 -39.28
C LEU B 281 23.42 -86.45 -38.93
N ASN B 282 24.27 -86.09 -39.89
CA ASN B 282 25.26 -85.05 -39.64
C ASN B 282 24.60 -83.71 -39.39
N ALA B 283 23.51 -83.39 -40.10
CA ALA B 283 22.87 -82.11 -39.84
C ALA B 283 22.36 -82.06 -38.40
N PHE B 284 21.78 -83.16 -37.91
CA PHE B 284 21.28 -83.21 -36.54
C PHE B 284 22.41 -83.20 -35.53
N MET B 285 23.47 -83.96 -35.80
CA MET B 285 24.59 -84.05 -34.87
C MET B 285 25.28 -82.71 -34.72
N PHE B 286 25.52 -82.03 -35.84
CA PHE B 286 26.15 -80.72 -35.83
C PHE B 286 25.24 -79.70 -35.16
N ALA B 287 23.93 -79.80 -35.39
CA ALA B 287 23.00 -78.88 -34.75
C ALA B 287 23.02 -79.04 -33.22
N VAL B 288 23.00 -80.29 -32.74
CA VAL B 288 23.04 -80.54 -31.30
C VAL B 288 24.37 -80.09 -30.70
N ALA B 289 25.49 -80.35 -31.39
CA ALA B 289 26.78 -79.91 -30.89
C ALA B 289 26.83 -78.40 -30.74
N VAL B 290 26.35 -77.65 -31.75
CA VAL B 290 26.37 -76.20 -31.62
C VAL B 290 25.44 -75.76 -30.50
N ALA B 291 24.31 -76.45 -30.34
CA ALA B 291 23.37 -76.07 -29.29
C ALA B 291 23.99 -76.24 -27.90
N VAL B 292 24.50 -77.43 -27.59
CA VAL B 292 25.10 -77.65 -26.28
C VAL B 292 26.32 -76.76 -26.09
N ALA B 293 27.15 -76.61 -27.13
CA ALA B 293 28.39 -75.86 -26.99
C ALA B 293 28.12 -74.39 -26.75
N ALA B 294 27.07 -73.85 -27.36
CA ALA B 294 26.84 -72.41 -27.26
C ALA B 294 26.25 -72.05 -25.91
N ILE B 295 25.51 -72.97 -25.31
CA ILE B 295 24.80 -72.71 -24.07
C ILE B 295 25.75 -72.97 -22.90
N PRO B 296 26.00 -72.01 -22.02
CA PRO B 296 26.71 -72.27 -20.75
C PRO B 296 25.85 -72.88 -19.65
N GLU B 297 25.72 -74.22 -19.70
CA GLU B 297 24.77 -74.94 -18.84
C GLU B 297 25.04 -74.73 -17.35
N ALA B 298 26.25 -74.35 -16.99
CA ALA B 298 26.61 -74.15 -15.60
C ALA B 298 26.48 -72.69 -15.15
N LEU B 299 25.86 -71.82 -15.95
CA LEU B 299 25.96 -70.39 -15.68
C LEU B 299 25.24 -69.99 -14.41
N SER B 300 23.99 -70.41 -14.24
CA SER B 300 23.24 -69.92 -13.08
C SER B 300 23.84 -70.40 -11.77
N SER B 301 24.39 -71.63 -11.71
CA SER B 301 25.00 -72.09 -10.48
C SER B 301 26.30 -71.34 -10.21
N ILE B 302 27.07 -71.05 -11.25
CA ILE B 302 28.30 -70.32 -11.05
C ILE B 302 27.97 -68.93 -10.53
N VAL B 303 26.96 -68.29 -11.11
CA VAL B 303 26.54 -66.97 -10.67
C VAL B 303 26.03 -67.02 -9.24
N THR B 304 25.36 -68.12 -8.87
CA THR B 304 24.91 -68.27 -7.49
C THR B 304 26.09 -68.30 -6.53
N ILE B 305 27.17 -68.98 -6.93
CA ILE B 305 28.34 -69.06 -6.07
C ILE B 305 29.01 -67.68 -5.93
N VAL B 306 29.14 -66.94 -7.03
CA VAL B 306 29.77 -65.61 -6.94
C VAL B 306 28.94 -64.69 -6.06
N LEU B 307 27.62 -64.78 -6.17
CA LEU B 307 26.76 -64.02 -5.28
C LEU B 307 26.96 -64.43 -3.81
N ALA B 308 27.17 -65.73 -3.59
CA ALA B 308 27.34 -66.21 -2.22
C ALA B 308 28.61 -65.64 -1.62
N VAL B 309 29.66 -65.55 -2.44
CA VAL B 309 30.90 -64.94 -1.97
C VAL B 309 30.66 -63.49 -1.59
N GLY B 310 29.85 -62.78 -2.39
CA GLY B 310 29.58 -61.38 -2.07
C GLY B 310 28.84 -61.20 -0.76
N THR B 311 27.80 -62.02 -0.54
CA THR B 311 27.04 -61.87 0.70
C THR B 311 27.89 -62.28 1.90
N ASN B 312 28.84 -63.19 1.70
CA ASN B 312 29.71 -63.57 2.80
C ASN B 312 30.66 -62.44 3.16
N LYS B 313 31.24 -61.79 2.15
CA LYS B 313 32.10 -60.64 2.40
C LYS B 313 31.34 -59.55 3.13
N MET B 314 30.05 -59.42 2.84
CA MET B 314 29.25 -58.49 3.62
C MET B 314 28.93 -59.02 5.01
N ALA B 315 28.85 -60.34 5.17
CA ALA B 315 28.56 -60.90 6.47
C ALA B 315 29.69 -60.69 7.46
N LYS B 316 30.94 -60.64 6.97
CA LYS B 316 32.05 -60.36 7.88
C LYS B 316 31.95 -58.96 8.49
N GLN B 317 31.32 -58.01 7.79
CA GLN B 317 31.10 -56.67 8.32
C GLN B 317 29.80 -56.56 9.10
N HIS B 318 29.24 -57.69 9.49
CA HIS B 318 28.01 -57.75 10.29
C HIS B 318 26.84 -57.14 9.52
N ALA B 319 26.79 -57.44 8.22
CA ALA B 319 25.72 -57.00 7.32
C ALA B 319 25.11 -58.26 6.73
N ILE B 320 23.94 -58.64 7.21
CA ILE B 320 23.34 -59.92 6.84
C ILE B 320 22.39 -59.70 5.67
N ILE B 321 22.72 -60.26 4.51
CA ILE B 321 21.88 -60.17 3.33
C ILE B 321 21.10 -61.48 3.18
N ARG B 322 19.77 -61.36 3.10
CA ARG B 322 18.92 -62.54 3.03
C ARG B 322 19.01 -63.20 1.66
N LYS B 323 18.67 -62.47 0.60
CA LYS B 323 18.67 -62.99 -0.77
C LYS B 323 20.03 -62.73 -1.41
N LEU B 324 20.54 -63.71 -2.14
CA LEU B 324 21.84 -63.54 -2.79
C LEU B 324 21.81 -62.47 -3.88
N PRO B 325 20.80 -62.43 -4.75
CA PRO B 325 20.81 -61.41 -5.80
C PRO B 325 20.78 -60.00 -5.26
N ALA B 326 20.42 -59.82 -3.99
CA ALA B 326 20.35 -58.48 -3.43
C ALA B 326 21.71 -57.83 -3.41
N VAL B 327 22.79 -58.62 -3.22
CA VAL B 327 24.09 -58.00 -3.12
C VAL B 327 24.48 -57.36 -4.45
N GLU B 328 24.17 -58.02 -5.57
CA GLU B 328 24.49 -57.41 -6.85
C GLU B 328 23.62 -56.19 -7.08
N THR B 329 22.36 -56.24 -6.63
CA THR B 329 21.50 -55.07 -6.79
C THR B 329 22.04 -53.88 -6.01
N LEU B 330 22.69 -54.13 -4.88
CA LEU B 330 23.23 -52.98 -4.15
C LEU B 330 24.21 -52.19 -4.99
N GLY B 331 24.97 -52.87 -5.88
CA GLY B 331 25.95 -52.18 -6.69
C GLY B 331 25.34 -51.26 -7.72
N SER B 332 24.12 -51.55 -8.14
CA SER B 332 23.51 -50.71 -9.17
C SER B 332 22.73 -49.55 -8.62
N THR B 333 22.83 -49.27 -7.31
CA THR B 333 22.07 -48.21 -6.68
C THR B 333 22.45 -46.83 -7.17
N SER B 334 21.43 -46.00 -7.34
CA SER B 334 21.53 -44.60 -7.74
C SER B 334 20.95 -43.66 -6.70
N VAL B 335 19.93 -44.07 -5.94
CA VAL B 335 19.38 -43.21 -4.90
C VAL B 335 19.31 -44.00 -3.61
N ILE B 336 19.70 -43.37 -2.50
CA ILE B 336 19.64 -43.99 -1.19
C ILE B 336 18.72 -43.11 -0.35
N CYS B 337 17.48 -43.57 -0.16
CA CYS B 337 16.55 -42.89 0.71
C CYS B 337 16.81 -43.37 2.13
N THR B 338 16.94 -42.44 3.07
CA THR B 338 17.26 -42.87 4.43
C THR B 338 16.32 -42.21 5.41
N ASP B 339 16.06 -42.92 6.49
CA ASP B 339 15.33 -42.40 7.63
C ASP B 339 16.33 -41.62 8.49
N LYS B 340 15.84 -40.69 9.31
CA LYS B 340 16.74 -39.96 10.22
C LYS B 340 16.89 -40.63 11.60
N THR B 341 15.92 -40.38 12.49
CA THR B 341 15.96 -40.88 13.87
C THR B 341 16.11 -42.38 13.88
N GLY B 342 17.23 -42.85 14.44
CA GLY B 342 17.49 -44.26 14.57
C GLY B 342 18.31 -44.83 13.46
N THR B 343 18.35 -44.16 12.31
CA THR B 343 19.09 -44.63 11.15
C THR B 343 20.31 -43.75 10.88
N LEU B 344 20.11 -42.48 10.47
CA LEU B 344 21.23 -41.54 10.39
C LEU B 344 21.76 -41.20 11.78
N THR B 345 20.88 -41.15 12.77
CA THR B 345 21.30 -40.93 14.15
C THR B 345 21.12 -42.25 14.91
N GLN B 346 21.20 -42.18 16.23
CA GLN B 346 21.07 -43.38 17.06
C GLN B 346 20.06 -43.19 18.18
N ASN B 347 19.19 -42.19 18.05
CA ASN B 347 18.12 -41.93 19.01
C ASN B 347 18.70 -41.70 20.41
N LYS B 348 19.78 -40.95 20.48
CA LYS B 348 20.48 -40.73 21.75
C LYS B 348 20.72 -39.23 21.92
N MET B 349 19.91 -38.57 22.75
CA MET B 349 20.11 -37.15 23.00
C MET B 349 21.53 -36.93 23.50
N THR B 350 22.20 -35.92 22.95
CA THR B 350 23.62 -35.66 23.21
C THR B 350 23.85 -34.16 23.29
N VAL B 351 24.58 -33.73 24.30
CA VAL B 351 24.96 -32.33 24.43
C VAL B 351 25.97 -32.05 23.31
N VAL B 352 25.76 -30.96 22.57
CA VAL B 352 26.62 -30.65 21.43
C VAL B 352 27.28 -29.29 21.60
N ASP B 353 26.54 -28.33 22.16
CA ASP B 353 27.10 -27.01 22.40
C ASP B 353 26.80 -26.56 23.83
N TYR B 354 27.59 -25.60 24.32
CA TYR B 354 27.39 -25.04 25.65
C TYR B 354 27.76 -23.56 25.63
N TYR B 355 27.20 -22.79 26.57
CA TYR B 355 27.49 -21.37 26.68
C TYR B 355 27.82 -21.02 28.12
N LEU B 356 29.01 -20.50 28.36
CA LEU B 356 29.34 -19.96 29.67
C LEU B 356 29.64 -18.47 29.53
N PRO B 357 29.09 -17.63 30.40
CA PRO B 357 29.37 -16.19 30.29
C PRO B 357 30.82 -15.84 30.58
N ASP B 358 31.49 -16.56 31.47
CA ASP B 358 32.90 -16.26 31.75
C ASP B 358 33.80 -17.07 30.82
N GLY B 359 33.54 -16.97 29.52
CA GLY B 359 34.34 -17.64 28.52
C GLY B 359 33.81 -18.97 28.01
N THR B 360 33.31 -19.00 26.78
CA THR B 360 32.88 -20.22 26.13
C THR B 360 33.94 -20.67 25.14
N LYS B 361 34.29 -21.95 25.19
CA LYS B 361 35.30 -22.54 24.32
C LYS B 361 34.63 -23.23 23.14
N GLU B 362 35.43 -23.44 22.08
CA GLU B 362 34.90 -24.11 20.89
C GLU B 362 34.39 -25.50 21.25
N ASN B 363 35.23 -26.28 21.93
CA ASN B 363 34.87 -27.60 22.44
C ASN B 363 35.05 -27.59 23.96
N PHE B 364 34.27 -28.44 24.63
CA PHE B 364 34.39 -28.56 26.09
C PHE B 364 35.65 -29.35 26.39
N PRO B 365 36.49 -28.91 27.33
CA PRO B 365 37.76 -29.61 27.56
C PRO B 365 37.51 -31.01 28.09
N GLU B 366 38.52 -31.87 27.96
CA GLU B 366 38.37 -33.25 28.37
C GLU B 366 39.15 -33.61 29.62
N SER B 367 39.94 -32.69 30.15
CA SER B 367 40.60 -32.96 31.42
C SER B 367 39.79 -32.32 32.53
N PRO B 368 39.34 -33.07 33.53
CA PRO B 368 38.59 -32.44 34.63
C PRO B 368 39.42 -31.46 35.43
N GLU B 369 40.75 -31.52 35.35
CA GLU B 369 41.62 -30.60 36.08
C GLU B 369 42.02 -29.40 35.23
N ASN B 370 41.80 -29.46 33.92
CA ASN B 370 41.99 -28.34 33.03
C ASN B 370 40.77 -27.40 32.99
N TRP B 371 39.66 -27.77 33.64
CA TRP B 371 38.48 -26.94 33.56
C TRP B 371 38.62 -25.67 34.42
N SER B 372 37.81 -24.68 34.04
CA SER B 372 37.59 -23.45 34.79
C SER B 372 36.48 -23.65 35.81
N GLU B 373 36.45 -22.79 36.82
CA GLU B 373 35.41 -22.91 37.84
C GLU B 373 34.02 -22.84 37.25
N GLY B 374 33.82 -22.01 36.23
CA GLY B 374 32.53 -22.01 35.56
C GLY B 374 32.23 -23.33 34.89
N GLU B 375 33.23 -23.93 34.26
CA GLU B 375 33.03 -25.20 33.57
C GLU B 375 32.78 -26.34 34.56
N ARG B 376 33.50 -26.37 35.69
CA ARG B 376 33.29 -27.44 36.64
C ARG B 376 32.01 -27.23 37.44
N ARG B 377 31.58 -25.98 37.63
CA ARG B 377 30.30 -25.75 38.30
C ARG B 377 29.16 -26.14 37.38
N LEU B 378 29.29 -25.88 36.07
CA LEU B 378 28.27 -26.30 35.12
C LEU B 378 28.15 -27.82 35.08
N ILE B 379 29.28 -28.52 35.09
CA ILE B 379 29.21 -29.98 35.08
C ILE B 379 28.62 -30.51 36.39
N HIS B 380 29.02 -29.93 37.54
CA HIS B 380 28.48 -30.39 38.81
C HIS B 380 26.96 -30.20 38.88
N ILE B 381 26.46 -29.10 38.32
CA ILE B 381 25.00 -28.90 38.36
C ILE B 381 24.31 -29.86 37.41
N ALA B 382 24.88 -30.09 36.23
CA ALA B 382 24.21 -30.99 35.29
C ALA B 382 24.21 -32.42 35.80
N VAL B 383 25.24 -32.81 36.56
CA VAL B 383 25.33 -34.19 37.01
C VAL B 383 24.55 -34.42 38.30
N LEU B 384 24.64 -33.49 39.26
CA LEU B 384 24.03 -33.74 40.57
C LEU B 384 22.55 -33.45 40.61
N CYS B 385 22.05 -32.64 39.69
CA CYS B 385 20.63 -32.25 39.70
C CYS B 385 19.80 -33.09 38.72
N ASN B 386 19.92 -34.41 38.78
CA ASN B 386 19.09 -35.25 37.95
C ASN B 386 19.15 -36.67 38.51
N ASP B 387 18.19 -37.50 38.10
CA ASP B 387 18.04 -38.85 38.64
C ASP B 387 18.39 -39.95 37.64
N SER B 388 19.00 -39.62 36.51
CA SER B 388 19.36 -40.66 35.56
C SER B 388 20.65 -41.36 35.97
N ASN B 389 20.83 -42.59 35.49
CA ASN B 389 21.98 -43.38 35.90
C ASN B 389 22.39 -44.30 34.77
N ILE B 390 23.66 -44.74 34.83
CA ILE B 390 24.23 -45.73 33.92
C ILE B 390 24.96 -46.77 34.76
N ASN B 391 24.56 -48.04 34.61
CA ASN B 391 25.08 -49.08 35.47
C ASN B 391 26.39 -49.62 34.89
N SER B 392 26.94 -50.65 35.52
CA SER B 392 28.23 -51.19 35.09
C SER B 392 28.11 -51.86 33.72
N GLU B 393 26.98 -52.50 33.46
CA GLU B 393 26.78 -53.16 32.18
C GLU B 393 26.66 -52.16 31.05
N GLY B 394 26.17 -50.95 31.34
CA GLY B 394 25.99 -49.91 30.36
C GLY B 394 24.54 -49.60 30.04
N LYS B 395 23.61 -50.13 30.83
CA LYS B 395 22.19 -49.85 30.62
C LYS B 395 21.87 -48.44 31.12
N GLU B 396 21.18 -47.68 30.28
CA GLU B 396 20.80 -46.31 30.62
C GLU B 396 19.40 -46.34 31.22
N LEU B 397 19.23 -45.66 32.35
CA LEU B 397 17.93 -45.57 33.02
C LEU B 397 17.68 -44.14 33.43
N GLY B 398 16.58 -43.57 32.93
CA GLY B 398 16.20 -42.20 33.21
C GLY B 398 15.83 -41.46 31.95
N ASP B 399 15.46 -40.19 32.12
CA ASP B 399 15.07 -39.39 30.97
C ASP B 399 16.28 -39.21 30.06
N PRO B 400 16.14 -39.47 28.75
CA PRO B 400 17.28 -39.33 27.85
C PRO B 400 17.87 -37.94 27.84
N THR B 401 17.08 -36.91 28.16
CA THR B 401 17.65 -35.57 28.31
C THR B 401 18.61 -35.54 29.48
N GLU B 402 18.25 -36.18 30.60
CA GLU B 402 19.13 -36.24 31.75
C GLU B 402 20.25 -37.26 31.57
N VAL B 403 19.98 -38.37 30.88
CA VAL B 403 21.05 -39.33 30.64
C VAL B 403 22.11 -38.68 29.76
N ALA B 404 21.71 -37.68 28.96
CA ALA B 404 22.67 -36.99 28.12
C ALA B 404 23.71 -36.25 28.93
N LEU B 405 23.33 -35.73 30.10
CA LEU B 405 24.25 -34.96 30.93
C LEU B 405 25.28 -35.84 31.64
N ILE B 406 24.85 -36.97 32.19
CA ILE B 406 25.85 -37.84 32.81
C ILE B 406 26.71 -38.48 31.73
N ALA B 407 26.16 -38.69 30.53
CA ALA B 407 26.98 -39.16 29.44
C ALA B 407 27.99 -38.09 29.00
N PHE B 408 27.60 -36.82 29.12
CA PHE B 408 28.50 -35.70 28.82
C PHE B 408 29.66 -35.68 29.80
N SER B 409 29.36 -35.92 31.08
CA SER B 409 30.44 -35.96 32.06
C SER B 409 31.36 -37.15 31.81
N ASN B 410 30.79 -38.33 31.53
CA ASN B 410 31.62 -39.50 31.27
C ASN B 410 32.48 -39.34 30.02
N LYS B 411 32.00 -38.58 29.02
CA LYS B 411 32.79 -38.39 27.81
C LYS B 411 34.04 -37.57 28.08
N ASN B 412 33.96 -36.62 29.00
CA ASN B 412 35.06 -35.69 29.27
C ASN B 412 35.91 -36.12 30.46
N ASN B 413 36.07 -37.43 30.61
CA ASN B 413 36.98 -38.06 31.57
C ASN B 413 36.60 -37.79 33.02
N GLN B 414 35.38 -37.31 33.27
CA GLN B 414 34.86 -37.12 34.62
C GLN B 414 33.73 -38.11 34.89
N ASP B 415 34.03 -39.19 35.61
CA ASP B 415 33.02 -40.16 36.00
C ASP B 415 31.93 -39.45 36.79
N TYR B 416 30.68 -39.55 36.34
CA TYR B 416 29.61 -38.87 37.07
C TYR B 416 29.40 -39.47 38.43
N ASN B 417 29.72 -40.75 38.58
CA ASN B 417 29.51 -41.44 39.84
C ASN B 417 30.36 -40.85 40.94
N GLU B 418 31.57 -40.38 40.62
CA GLU B 418 32.40 -39.75 41.64
C GLU B 418 31.76 -38.46 42.14
N ILE B 419 31.08 -37.72 41.27
CA ILE B 419 30.39 -36.52 41.75
C ILE B 419 29.12 -36.87 42.49
N ARG B 420 28.47 -37.97 42.11
CA ARG B 420 27.29 -38.40 42.86
C ARG B 420 27.66 -38.92 44.24
N GLU B 421 28.83 -39.55 44.35
CA GLU B 421 29.30 -40.11 45.61
C GLU B 421 29.90 -39.05 46.52
N LYS B 422 30.55 -38.02 45.94
CA LYS B 422 31.18 -37.00 46.76
C LYS B 422 30.15 -36.04 47.34
N PHE B 423 29.19 -35.66 46.53
CA PHE B 423 28.14 -34.75 46.97
C PHE B 423 26.85 -35.54 46.97
N ILE B 424 26.32 -35.76 48.16
CA ILE B 424 25.13 -36.58 48.34
C ILE B 424 23.94 -35.66 48.40
N ARG B 425 22.77 -36.19 48.05
CA ARG B 425 21.58 -35.38 47.93
C ARG B 425 20.92 -35.24 49.29
N GLU B 426 20.67 -34.00 49.68
CA GLU B 426 20.13 -33.66 50.98
C GLU B 426 18.75 -33.03 50.88
N GLY B 427 18.07 -33.18 49.75
CA GLY B 427 16.76 -32.59 49.62
C GLY B 427 16.48 -32.31 48.17
N GLU B 428 15.22 -32.34 47.76
CA GLU B 428 14.90 -32.15 46.34
C GLU B 428 13.54 -31.51 46.19
N ILE B 429 13.36 -30.85 45.04
CA ILE B 429 12.05 -30.43 44.57
C ILE B 429 11.93 -31.09 43.20
N PRO B 430 10.96 -31.98 43.01
CA PRO B 430 10.87 -32.72 41.76
C PRO B 430 10.41 -31.80 40.64
N PHE B 431 10.53 -32.31 39.41
CA PHE B 431 10.10 -31.54 38.26
C PHE B 431 8.58 -31.58 38.15
N ASP B 432 7.94 -30.42 38.27
CA ASP B 432 6.48 -30.35 38.16
C ASP B 432 6.14 -29.90 36.75
N SER B 433 4.91 -30.21 36.32
CA SER B 433 4.51 -29.90 34.96
C SER B 433 4.16 -28.43 34.79
N ASP B 434 3.79 -27.74 35.87
CA ASP B 434 3.46 -26.33 35.79
C ASP B 434 4.73 -25.51 35.63
N ARG B 435 5.50 -25.37 36.71
CA ARG B 435 6.79 -24.71 36.70
C ARG B 435 7.85 -25.73 36.33
N LYS B 436 8.53 -25.52 35.20
CA LYS B 436 9.42 -26.53 34.61
C LYS B 436 10.83 -26.47 35.17
N LEU B 437 10.96 -26.73 36.46
CA LEU B 437 12.23 -26.62 37.16
C LEU B 437 12.46 -27.83 38.06
N MET B 438 13.72 -28.23 38.18
CA MET B 438 14.11 -29.32 39.07
C MET B 438 15.22 -28.82 39.99
N SER B 439 15.09 -29.04 41.30
CA SER B 439 16.11 -28.56 42.23
C SER B 439 16.56 -29.65 43.20
N THR B 440 17.86 -29.66 43.48
CA THR B 440 18.45 -30.60 44.45
C THR B 440 19.36 -29.84 45.41
N LEU B 441 19.41 -30.31 46.64
CA LEU B 441 20.17 -29.69 47.72
C LEU B 441 21.41 -30.50 48.04
N HIS B 442 22.56 -29.83 48.09
CA HIS B 442 23.82 -30.50 48.33
C HIS B 442 24.65 -29.62 49.26
N THR B 443 25.53 -30.23 50.03
CA THR B 443 26.41 -29.46 50.90
C THR B 443 27.80 -29.47 50.28
N PHE B 444 28.23 -28.32 49.79
CA PHE B 444 29.51 -28.17 49.09
C PHE B 444 30.57 -27.66 50.04
N ASN B 445 31.27 -28.61 50.68
CA ASN B 445 32.35 -28.32 51.61
C ASN B 445 31.78 -27.74 52.89
N GLU B 446 31.70 -26.43 53.00
CA GLU B 446 31.13 -25.85 54.21
C GLU B 446 29.61 -25.71 54.17
N ASN B 447 29.10 -24.94 53.23
CA ASN B 447 27.68 -24.58 53.23
C ASN B 447 26.86 -25.27 52.17
N LYS B 448 25.59 -25.38 52.47
CA LYS B 448 24.57 -25.98 51.61
C LYS B 448 24.31 -25.09 50.41
N ALA B 449 24.08 -25.69 49.25
CA ALA B 449 23.74 -24.99 48.02
C ALA B 449 22.55 -25.70 47.38
N MET B 450 21.73 -24.95 46.67
CA MET B 450 20.59 -25.51 45.94
C MET B 450 20.91 -25.40 44.48
N LEU B 451 21.02 -26.55 43.84
CA LEU B 451 21.27 -26.63 42.42
C LEU B 451 19.93 -26.71 41.70
N THR B 452 19.84 -26.09 40.53
CA THR B 452 18.55 -25.97 39.89
C THR B 452 18.77 -25.93 38.38
N LYS B 453 17.92 -26.64 37.64
CA LYS B 453 18.04 -26.59 36.19
C LYS B 453 16.67 -26.65 35.53
N GLY B 454 16.63 -26.11 34.32
CA GLY B 454 15.40 -26.13 33.55
C GLY B 454 15.54 -25.30 32.29
N GLY B 455 14.43 -25.17 31.58
CA GLY B 455 14.45 -24.47 30.32
C GLY B 455 14.76 -23.00 30.47
N PRO B 456 15.33 -22.40 29.42
CA PRO B 456 15.77 -21.00 29.54
C PRO B 456 14.63 -20.03 29.77
N ASP B 457 13.44 -20.33 29.23
CA ASP B 457 12.30 -19.43 29.37
C ASP B 457 11.91 -19.27 30.83
N VAL B 458 11.78 -20.38 31.55
CA VAL B 458 11.42 -20.33 32.96
C VAL B 458 12.63 -20.14 33.87
N MET B 459 13.83 -20.46 33.41
CA MET B 459 14.99 -20.28 34.28
C MET B 459 15.49 -18.85 34.30
N PHE B 460 15.39 -18.12 33.17
CA PHE B 460 15.82 -16.73 33.19
C PHE B 460 14.91 -15.90 34.07
N ALA B 461 13.67 -16.34 34.28
CA ALA B 461 12.74 -15.59 35.11
C ALA B 461 13.08 -15.67 36.58
N ARG B 462 13.92 -16.62 37.00
CA ARG B 462 14.23 -16.78 38.41
C ARG B 462 15.69 -16.52 38.70
N CYS B 463 16.46 -16.11 37.71
CA CYS B 463 17.87 -15.82 37.88
C CYS B 463 18.03 -14.33 38.11
N SER B 464 18.70 -13.97 39.21
CA SER B 464 18.98 -12.59 39.52
C SER B 464 20.47 -12.34 39.63
N TYR B 465 21.30 -13.34 39.33
CA TYR B 465 22.74 -13.20 39.38
C TYR B 465 23.35 -14.09 38.30
N VAL B 466 24.58 -13.77 37.94
CA VAL B 466 25.36 -14.57 37.00
C VAL B 466 26.70 -14.90 37.65
N PHE B 467 27.32 -15.96 37.16
CA PHE B 467 28.65 -16.36 37.61
C PHE B 467 29.57 -15.89 36.49
N LEU B 468 29.90 -14.60 36.57
CA LEU B 468 30.84 -13.94 35.69
C LEU B 468 32.01 -13.42 36.51
N ASP B 469 33.20 -13.54 35.94
CA ASP B 469 34.44 -13.04 36.54
C ASP B 469 34.74 -13.70 37.88
N GLY B 470 34.02 -14.75 38.23
CA GLY B 470 34.24 -15.44 39.48
C GLY B 470 33.35 -15.03 40.63
N GLU B 471 32.65 -13.90 40.53
CA GLU B 471 31.76 -13.45 41.59
C GLU B 471 30.31 -13.80 41.21
N GLU B 472 29.33 -13.10 41.81
CA GLU B 472 27.90 -13.36 41.60
C GLU B 472 27.20 -12.01 41.31
N LYS B 473 27.51 -11.41 40.18
CA LYS B 473 26.91 -10.15 39.75
C LYS B 473 25.48 -10.30 39.22
N PRO B 474 24.65 -9.26 39.31
CA PRO B 474 23.25 -9.40 38.88
C PRO B 474 23.16 -9.38 37.36
N MET B 475 21.92 -9.27 36.86
CA MET B 475 21.71 -9.48 35.42
C MET B 475 21.99 -8.23 34.60
N THR B 476 21.62 -7.07 35.10
CA THR B 476 21.89 -5.81 34.42
C THR B 476 21.21 -5.65 33.06
N GLU B 477 20.33 -6.55 32.64
CA GLU B 477 19.57 -6.44 31.39
C GLU B 477 20.45 -6.57 30.14
N GLU B 478 21.77 -6.58 30.27
CA GLU B 478 22.62 -6.79 29.11
C GLU B 478 23.16 -8.20 29.03
N ILE B 479 23.46 -8.80 30.19
CA ILE B 479 23.77 -10.21 30.30
C ILE B 479 22.54 -11.04 30.03
N LEU B 480 21.37 -10.51 30.41
CA LEU B 480 20.11 -11.20 30.13
C LEU B 480 19.80 -11.14 28.64
N ALA B 481 20.14 -10.03 28.01
CA ALA B 481 19.98 -9.90 26.57
C ALA B 481 20.96 -10.79 25.81
N LYS B 482 22.20 -10.89 26.30
CA LYS B 482 23.18 -11.76 25.65
C LYS B 482 22.79 -13.23 25.84
N LEU B 483 22.22 -13.55 27.00
CA LEU B 483 21.72 -14.90 27.25
C LEU B 483 20.58 -15.26 26.31
N LYS B 484 19.63 -14.33 26.11
CA LYS B 484 18.56 -14.61 25.16
C LYS B 484 19.07 -14.68 23.72
N GLU B 485 20.15 -13.96 23.41
CA GLU B 485 20.76 -14.05 22.09
C GLU B 485 21.29 -15.45 21.84
N THR B 486 21.98 -16.01 22.83
CA THR B 486 22.52 -17.35 22.62
C THR B 486 21.44 -18.43 22.71
N ASN B 487 20.37 -18.20 23.48
CA ASN B 487 19.30 -19.19 23.53
C ASN B 487 18.55 -19.27 22.20
N GLU B 488 18.15 -18.11 21.66
CA GLU B 488 17.45 -18.14 20.36
C GLU B 488 18.37 -18.60 19.24
N GLU B 489 19.68 -18.34 19.36
CA GLU B 489 20.61 -18.91 18.39
C GLU B 489 20.63 -20.43 18.46
N PHE B 490 20.57 -20.99 19.67
CA PHE B 490 20.45 -22.44 19.79
C PHE B 490 19.13 -22.95 19.23
N SER B 491 18.05 -22.20 19.45
CA SER B 491 16.77 -22.66 18.94
C SER B 491 16.75 -22.70 17.42
N ASN B 492 17.47 -21.77 16.77
CA ASN B 492 17.50 -21.79 15.31
C ASN B 492 18.20 -23.01 14.72
N GLN B 493 19.06 -23.67 15.49
CA GLN B 493 19.74 -24.88 15.06
C GLN B 493 19.04 -26.14 15.56
N ALA B 494 17.80 -26.01 16.02
CA ALA B 494 16.98 -27.11 16.51
C ALA B 494 17.67 -27.83 17.65
N LEU B 495 18.01 -27.07 18.68
CA LEU B 495 18.70 -27.58 19.85
C LEU B 495 17.85 -27.35 21.09
N ARG B 496 17.70 -28.40 21.90
CA ARG B 496 17.03 -28.29 23.19
C ARG B 496 17.97 -27.62 24.18
N VAL B 497 17.53 -26.51 24.75
CA VAL B 497 18.37 -25.70 25.62
C VAL B 497 17.95 -25.93 27.06
N LEU B 498 18.94 -26.02 27.96
CA LEU B 498 18.74 -26.03 29.41
C LEU B 498 19.70 -25.05 30.06
N ALA B 499 19.18 -24.29 31.02
CA ALA B 499 19.94 -23.34 31.82
C ALA B 499 20.12 -23.89 33.23
N TYR B 500 21.30 -23.65 33.77
CA TYR B 500 21.74 -24.20 35.05
C TYR B 500 22.06 -23.10 36.03
N GLY B 501 21.94 -23.43 37.31
CA GLY B 501 22.25 -22.42 38.29
C GLY B 501 22.26 -23.03 39.68
N TYR B 502 22.61 -22.20 40.65
CA TYR B 502 22.72 -22.60 42.03
C TYR B 502 22.32 -21.43 42.90
N LYS B 503 22.34 -21.68 44.21
CA LYS B 503 22.03 -20.66 45.19
C LYS B 503 22.70 -21.10 46.47
N ARG B 504 23.46 -20.19 47.07
CA ARG B 504 24.10 -20.50 48.34
C ARG B 504 22.99 -20.59 49.36
N MET B 505 23.13 -21.45 50.35
CA MET B 505 21.93 -21.64 51.17
C MET B 505 22.35 -21.54 52.63
N PRO B 506 21.46 -21.32 53.57
CA PRO B 506 21.90 -21.33 54.97
C PRO B 506 22.23 -22.74 55.42
N ALA B 507 23.35 -22.89 56.11
CA ALA B 507 23.79 -24.23 56.52
C ALA B 507 22.82 -24.89 57.47
N ASP B 508 21.73 -24.22 57.81
CA ASP B 508 20.73 -24.72 58.72
C ASP B 508 19.53 -25.32 57.99
N THR B 509 19.46 -25.15 56.66
CA THR B 509 18.35 -25.71 55.91
C THR B 509 18.55 -27.22 55.82
N THR B 510 17.47 -27.97 56.01
CA THR B 510 17.48 -29.41 55.89
C THR B 510 16.52 -29.88 54.80
N GLU B 511 15.71 -28.98 54.26
CA GLU B 511 14.74 -29.31 53.23
C GLU B 511 14.57 -28.11 52.29
N LEU B 512 14.16 -28.41 51.08
CA LEU B 512 13.86 -27.38 50.11
C LEU B 512 12.35 -27.18 50.01
N LYS B 513 11.95 -25.94 49.83
CA LYS B 513 10.55 -25.61 49.60
C LYS B 513 10.45 -24.93 48.24
N LEU B 514 9.23 -24.84 47.73
CA LEU B 514 9.02 -24.25 46.42
C LEU B 514 9.30 -22.75 46.46
N GLU B 515 9.07 -22.12 47.60
CA GLU B 515 9.34 -20.71 47.79
C GLU B 515 10.82 -20.34 47.71
N ASP B 516 11.71 -21.33 47.54
CA ASP B 516 13.15 -21.12 47.57
C ASP B 516 13.77 -21.07 46.17
N GLU B 517 12.95 -20.98 45.14
CA GLU B 517 13.41 -21.05 43.75
C GLU B 517 13.45 -19.68 43.09
N GLN B 518 13.74 -18.65 43.87
CA GLN B 518 13.90 -17.29 43.39
C GLN B 518 15.35 -16.85 43.60
N ASP B 519 15.68 -15.69 43.04
CA ASP B 519 17.02 -15.12 43.07
C ASP B 519 18.09 -16.19 42.95
N ILE B 520 18.14 -16.81 41.78
CA ILE B 520 19.10 -17.86 41.47
C ILE B 520 20.31 -17.24 40.78
N VAL B 521 21.47 -17.81 41.02
CA VAL B 521 22.70 -17.42 40.32
C VAL B 521 22.85 -18.35 39.12
N LEU B 522 22.87 -17.78 37.92
CA LEU B 522 22.97 -18.58 36.73
C LEU B 522 24.43 -18.89 36.46
N VAL B 523 24.70 -20.11 36.02
CA VAL B 523 26.05 -20.54 35.69
C VAL B 523 26.19 -20.60 34.18
N GLY B 524 25.48 -21.50 33.53
CA GLY B 524 25.63 -21.65 32.10
C GLY B 524 24.45 -22.32 31.41
N LEU B 525 24.63 -22.55 30.11
CA LEU B 525 23.63 -23.15 29.23
C LEU B 525 24.20 -24.38 28.54
N THR B 526 23.30 -25.29 28.16
CA THR B 526 23.64 -26.44 27.34
C THR B 526 22.60 -26.52 26.26
N ALA B 527 23.00 -27.11 25.14
CA ALA B 527 22.18 -27.34 23.96
C ALA B 527 22.47 -28.75 23.50
N MET B 528 21.41 -29.54 23.34
CA MET B 528 21.52 -30.94 22.98
C MET B 528 20.63 -31.24 21.78
N ILE B 529 21.05 -32.23 20.98
CA ILE B 529 20.34 -32.67 19.79
C ILE B 529 20.57 -34.17 19.66
N ASP B 530 19.83 -34.81 18.75
CA ASP B 530 20.11 -36.17 18.32
C ASP B 530 21.12 -36.12 17.20
N PRO B 531 22.40 -36.36 17.48
CA PRO B 531 23.44 -36.13 16.47
C PRO B 531 23.51 -37.26 15.47
N PRO B 532 23.98 -37.01 14.26
CA PRO B 532 24.18 -38.09 13.31
C PRO B 532 25.29 -39.01 13.79
N ARG B 533 25.34 -40.19 13.21
CA ARG B 533 26.42 -41.09 13.56
C ARG B 533 27.71 -40.56 12.96
N GLU B 534 28.84 -40.94 13.56
CA GLU B 534 30.10 -40.35 13.14
C GLU B 534 30.44 -40.78 11.71
N ALA B 535 30.02 -41.98 11.31
CA ALA B 535 30.38 -42.47 10.00
C ALA B 535 29.51 -41.93 8.88
N VAL B 536 28.46 -41.17 9.23
CA VAL B 536 27.48 -40.74 8.23
C VAL B 536 28.08 -39.72 7.27
N TYR B 537 28.84 -38.76 7.77
CA TYR B 537 29.39 -37.72 6.91
C TYR B 537 30.25 -38.33 5.82
N ALA B 538 31.15 -39.24 6.21
CA ALA B 538 32.03 -39.88 5.25
C ALA B 538 31.25 -40.80 4.32
N SER B 539 30.18 -41.46 4.81
CA SER B 539 29.43 -42.31 3.90
C SER B 539 28.74 -41.47 2.84
N ILE B 540 28.25 -40.29 3.22
CA ILE B 540 27.55 -39.44 2.26
C ILE B 540 28.53 -38.91 1.23
N GLU B 541 29.74 -38.54 1.65
CA GLU B 541 30.75 -38.09 0.70
C GLU B 541 31.18 -39.22 -0.23
N GLU B 542 31.33 -40.44 0.31
CA GLU B 542 31.72 -41.58 -0.50
C GLU B 542 30.66 -41.89 -1.53
N SER B 543 29.37 -41.79 -1.14
CA SER B 543 28.33 -42.08 -2.12
C SER B 543 28.21 -40.96 -3.15
N LYS B 544 28.49 -39.70 -2.77
CA LYS B 544 28.49 -38.65 -3.78
C LYS B 544 29.55 -38.91 -4.84
N LYS B 545 30.78 -39.28 -4.41
CA LYS B 545 31.81 -39.55 -5.41
C LYS B 545 31.42 -40.73 -6.29
N ALA B 546 30.57 -41.62 -5.82
CA ALA B 546 30.16 -42.78 -6.61
C ALA B 546 28.93 -42.48 -7.46
N GLY B 547 28.48 -41.23 -7.52
CA GLY B 547 27.31 -40.90 -8.31
C GLY B 547 26.01 -41.40 -7.72
N ILE B 548 25.88 -41.34 -6.40
CA ILE B 548 24.69 -41.82 -5.70
C ILE B 548 24.06 -40.63 -4.98
N ARG B 549 22.78 -40.41 -5.25
CA ARG B 549 22.00 -39.36 -4.62
C ARG B 549 21.47 -39.84 -3.28
N THR B 550 21.62 -39.02 -2.25
CA THR B 550 21.18 -39.36 -0.92
C THR B 550 20.00 -38.49 -0.55
N VAL B 551 18.88 -39.11 -0.18
CA VAL B 551 17.66 -38.39 0.17
C VAL B 551 17.26 -38.77 1.60
N MET B 552 16.95 -37.78 2.42
CA MET B 552 16.58 -38.02 3.80
C MET B 552 15.06 -37.88 3.94
N ILE B 553 14.41 -38.93 4.44
CA ILE B 553 12.95 -38.99 4.58
C ILE B 553 12.62 -39.29 6.04
N THR B 554 12.21 -38.28 6.80
CA THR B 554 11.97 -38.47 8.22
C THR B 554 10.58 -38.01 8.62
N GLY B 555 10.09 -38.59 9.70
CA GLY B 555 8.84 -38.17 10.28
C GLY B 555 9.04 -37.17 11.40
N ASP B 556 10.27 -36.71 11.59
CA ASP B 556 10.60 -35.73 12.62
C ASP B 556 10.25 -34.34 12.14
N HIS B 557 10.37 -33.38 13.04
CA HIS B 557 9.98 -32.01 12.74
C HIS B 557 10.87 -31.40 11.65
N LYS B 558 10.30 -30.42 10.95
CA LYS B 558 11.03 -29.77 9.87
C LYS B 558 12.29 -29.08 10.39
N THR B 559 12.19 -28.43 11.55
CA THR B 559 13.37 -27.74 12.09
C THR B 559 14.50 -28.73 12.37
N THR B 560 14.20 -29.85 13.00
CA THR B 560 15.24 -30.83 13.26
C THR B 560 15.73 -31.46 11.97
N ALA B 561 14.80 -31.79 11.07
CA ALA B 561 15.18 -32.45 9.82
C ALA B 561 15.99 -31.54 8.92
N GLN B 562 15.95 -30.24 9.18
CA GLN B 562 16.76 -29.27 8.45
C GLN B 562 18.07 -28.96 9.15
N ALA B 563 18.10 -28.99 10.49
CA ALA B 563 19.37 -28.85 11.20
C ALA B 563 20.30 -29.99 10.84
N ILE B 564 19.83 -31.22 11.03
CA ILE B 564 20.54 -32.36 10.44
C ILE B 564 20.32 -32.31 8.93
N GLY B 565 21.32 -32.76 8.18
CA GLY B 565 21.22 -32.66 6.73
C GLY B 565 21.95 -31.44 6.24
N ARG B 566 21.82 -30.35 6.97
CA ARG B 566 22.73 -29.24 6.75
C ARG B 566 24.07 -29.55 7.37
N ASP B 567 24.07 -30.40 8.40
CA ASP B 567 25.27 -30.87 9.08
C ASP B 567 25.88 -32.06 8.39
N ILE B 568 25.06 -32.92 7.76
CA ILE B 568 25.59 -34.09 7.09
C ILE B 568 25.85 -33.87 5.60
N GLY B 569 25.52 -32.69 5.08
CA GLY B 569 25.90 -32.34 3.72
C GLY B 569 24.87 -32.61 2.65
N LEU B 570 23.59 -32.45 2.95
CA LEU B 570 22.49 -32.61 2.00
C LEU B 570 21.79 -31.32 1.66
N MET B 571 21.82 -30.35 2.58
CA MET B 571 21.15 -29.06 2.46
C MET B 571 22.15 -27.92 2.58
N ASP B 572 22.00 -26.92 1.72
CA ASP B 572 22.77 -25.70 1.91
C ASP B 572 22.06 -24.78 2.90
N ALA B 573 22.77 -23.75 3.33
CA ALA B 573 22.17 -22.71 4.14
C ALA B 573 20.86 -22.24 3.51
N ASP B 574 19.84 -22.03 4.33
CA ASP B 574 18.56 -21.49 3.86
C ASP B 574 17.88 -22.40 2.83
N ASP B 575 18.09 -23.70 2.94
CA ASP B 575 17.34 -24.67 2.17
C ASP B 575 16.20 -25.21 3.01
N ILE B 576 15.03 -25.35 2.41
CA ILE B 576 13.86 -25.83 3.11
C ILE B 576 13.59 -27.27 2.73
N ALA B 577 13.03 -28.01 3.68
CA ALA B 577 12.67 -29.40 3.48
C ALA B 577 11.17 -29.51 3.25
N LEU B 578 10.79 -30.40 2.35
CA LEU B 578 9.37 -30.59 2.09
C LEU B 578 8.73 -31.36 3.25
N THR B 579 7.46 -31.06 3.50
CA THR B 579 6.75 -31.66 4.61
C THR B 579 5.71 -32.64 4.10
N GLY B 580 5.29 -33.54 5.00
CA GLY B 580 4.26 -34.48 4.63
C GLY B 580 2.97 -33.79 4.25
N GLN B 581 2.63 -32.70 4.95
CA GLN B 581 1.43 -31.94 4.62
C GLN B 581 1.53 -31.38 3.20
N GLU B 582 2.63 -30.70 2.91
CA GLU B 582 2.82 -30.11 1.59
C GLU B 582 2.95 -31.19 0.52
N LEU B 583 3.43 -32.38 0.90
CA LEU B 583 3.60 -33.47 -0.05
C LEU B 583 2.26 -34.09 -0.42
N ASP B 584 1.38 -34.25 0.58
CA ASP B 584 0.06 -34.83 0.32
C ASP B 584 -0.79 -33.94 -0.57
N ALA B 585 -0.51 -32.64 -0.58
CA ALA B 585 -1.23 -31.71 -1.45
C ALA B 585 -0.73 -31.73 -2.89
N MET B 586 0.41 -32.35 -3.16
CA MET B 586 0.97 -32.40 -4.50
C MET B 586 0.47 -33.62 -5.25
N PRO B 587 -0.05 -33.47 -6.47
CA PRO B 587 -0.34 -34.66 -7.29
C PRO B 587 0.95 -35.27 -7.78
N GLU B 588 0.83 -36.44 -8.41
CA GLU B 588 2.01 -37.16 -8.86
C GLU B 588 2.73 -36.41 -9.97
N GLU B 589 1.98 -35.71 -10.83
CA GLU B 589 2.60 -34.97 -11.91
C GLU B 589 3.44 -33.81 -11.37
N GLU B 590 2.98 -33.15 -10.30
CA GLU B 590 3.79 -32.09 -9.70
C GLU B 590 5.04 -32.67 -9.02
N LEU B 591 4.90 -33.83 -8.40
CA LEU B 591 6.03 -34.46 -7.73
C LEU B 591 7.04 -34.95 -8.73
N ASP B 592 6.59 -35.39 -9.91
CA ASP B 592 7.56 -35.89 -10.89
C ASP B 592 8.53 -34.80 -11.30
N LYS B 593 8.05 -33.56 -11.40
CA LYS B 593 8.91 -32.47 -11.77
C LYS B 593 9.62 -31.83 -10.58
N LYS B 594 9.15 -32.06 -9.35
CA LYS B 594 9.87 -31.54 -8.19
C LYS B 594 10.70 -32.58 -7.46
N LEU B 595 10.78 -33.83 -7.94
CA LEU B 595 11.38 -34.91 -7.14
C LEU B 595 12.88 -34.78 -7.03
N GLU B 596 13.53 -34.35 -8.11
CA GLU B 596 14.98 -34.38 -8.18
C GLU B 596 15.61 -33.14 -7.56
N HIS B 597 14.83 -32.32 -6.87
CA HIS B 597 15.33 -31.12 -6.25
C HIS B 597 14.99 -31.05 -4.77
N ILE B 598 14.28 -32.04 -4.25
CA ILE B 598 13.98 -32.21 -2.84
C ILE B 598 14.97 -33.22 -2.29
N ALA B 599 15.88 -32.77 -1.41
CA ALA B 599 16.82 -33.69 -0.78
C ALA B 599 16.37 -34.17 0.58
N VAL B 600 15.50 -33.42 1.26
CA VAL B 600 15.07 -33.74 2.62
C VAL B 600 13.56 -33.54 2.72
N TYR B 601 12.87 -34.59 3.14
CA TYR B 601 11.45 -34.53 3.45
C TYR B 601 11.30 -34.62 4.96
N ALA B 602 10.44 -33.80 5.53
CA ALA B 602 10.29 -33.73 6.97
C ALA B 602 8.84 -33.96 7.36
N ARG B 603 8.65 -34.56 8.53
CA ARG B 603 7.34 -34.75 9.13
C ARG B 603 6.40 -35.49 8.19
N VAL B 604 6.83 -36.70 7.79
CA VAL B 604 6.11 -37.49 6.81
C VAL B 604 5.45 -38.67 7.49
N SER B 605 4.41 -39.18 6.83
CA SER B 605 3.65 -40.37 7.21
C SER B 605 4.25 -41.59 6.53
N PRO B 606 3.95 -42.78 7.04
CA PRO B 606 4.48 -44.00 6.40
C PRO B 606 4.08 -44.15 4.94
N GLU B 607 2.96 -43.59 4.52
CA GLU B 607 2.63 -43.66 3.10
C GLU B 607 3.48 -42.73 2.26
N ASN B 608 4.01 -41.67 2.87
CA ASN B 608 4.81 -40.72 2.11
C ASN B 608 6.16 -41.32 1.74
N LYS B 609 6.73 -42.14 2.64
CA LYS B 609 8.04 -42.72 2.36
C LYS B 609 7.97 -43.66 1.18
N ILE B 610 6.96 -44.55 1.17
CA ILE B 610 6.81 -45.48 0.07
C ILE B 610 6.42 -44.73 -1.20
N ARG B 611 5.75 -43.58 -1.06
CA ARG B 611 5.45 -42.80 -2.27
C ARG B 611 6.73 -42.22 -2.88
N ILE B 612 7.65 -41.72 -2.05
CA ILE B 612 8.91 -41.19 -2.57
C ILE B 612 9.75 -42.29 -3.22
N VAL B 613 9.85 -43.44 -2.56
CA VAL B 613 10.65 -44.52 -3.15
C VAL B 613 10.03 -44.98 -4.47
N LYS B 614 8.68 -45.06 -4.52
CA LYS B 614 8.02 -45.39 -5.79
C LYS B 614 8.28 -44.31 -6.83
N ALA B 615 8.34 -43.06 -6.40
CA ALA B 615 8.56 -41.97 -7.34
C ALA B 615 9.94 -42.05 -7.96
N TRP B 616 10.95 -42.39 -7.15
CA TRP B 616 12.30 -42.55 -7.68
C TRP B 616 12.37 -43.79 -8.57
N GLN B 617 11.62 -44.83 -8.24
CA GLN B 617 11.65 -45.99 -9.12
C GLN B 617 10.99 -45.70 -10.45
N LYS B 618 10.00 -44.81 -10.47
CA LYS B 618 9.37 -44.43 -11.73
C LYS B 618 10.36 -43.67 -12.60
N LYS B 619 11.29 -42.94 -11.97
CA LYS B 619 12.38 -42.20 -12.59
C LYS B 619 13.46 -43.12 -13.17
N GLY B 620 13.34 -44.43 -13.00
CA GLY B 620 14.27 -45.39 -13.52
C GLY B 620 15.47 -45.67 -12.64
N LYS B 621 15.48 -45.21 -11.39
CA LYS B 621 16.62 -45.36 -10.50
C LYS B 621 16.47 -46.55 -9.57
N ILE B 622 17.55 -47.33 -9.41
CA ILE B 622 17.61 -48.42 -8.44
C ILE B 622 17.74 -47.79 -7.06
N THR B 623 16.74 -47.93 -6.21
CA THR B 623 16.73 -47.22 -4.94
C THR B 623 16.96 -48.15 -3.75
N ALA B 624 17.74 -47.65 -2.83
CA ALA B 624 17.94 -48.29 -1.55
C ALA B 624 17.21 -47.45 -0.51
N MET B 625 16.62 -48.12 0.45
CA MET B 625 15.91 -47.45 1.52
C MET B 625 16.51 -48.01 2.80
N THR B 626 17.03 -47.14 3.66
CA THR B 626 17.52 -47.56 4.96
C THR B 626 16.58 -47.04 6.02
N GLY B 627 16.30 -47.89 6.99
CA GLY B 627 15.32 -47.52 8.00
C GLY B 627 15.44 -48.40 9.22
N ASP B 628 14.70 -47.99 10.26
CA ASP B 628 14.79 -48.68 11.53
C ASP B 628 13.45 -48.83 12.26
N GLY B 629 12.32 -48.37 11.68
CA GLY B 629 11.06 -48.43 12.40
C GLY B 629 9.86 -48.76 11.53
N VAL B 630 8.67 -48.80 12.13
CA VAL B 630 7.46 -49.25 11.43
C VAL B 630 7.04 -48.31 10.31
N ASN B 631 7.36 -47.01 10.39
CA ASN B 631 7.08 -46.09 9.32
C ASN B 631 7.91 -46.39 8.09
N ASP B 632 9.06 -47.02 8.27
CA ASP B 632 9.92 -47.34 7.16
C ASP B 632 9.56 -48.64 6.48
N ALA B 633 8.72 -49.48 7.12
CA ALA B 633 8.52 -50.82 6.58
C ALA B 633 7.97 -50.82 5.17
N PRO B 634 6.89 -50.10 4.87
CA PRO B 634 6.43 -50.09 3.48
C PRO B 634 7.47 -49.59 2.49
N ALA B 635 8.25 -48.58 2.86
CA ALA B 635 9.27 -48.09 1.94
C ALA B 635 10.42 -49.07 1.83
N LEU B 636 10.73 -49.78 2.91
CA LEU B 636 11.80 -50.77 2.91
C LEU B 636 11.44 -51.98 2.06
N LYS B 637 10.17 -52.39 2.08
CA LYS B 637 9.74 -53.53 1.28
C LYS B 637 9.56 -53.13 -0.17
N GLN B 638 9.18 -51.86 -0.40
CA GLN B 638 8.98 -51.38 -1.75
C GLN B 638 10.30 -51.16 -2.49
N ALA B 639 11.34 -50.80 -1.74
CA ALA B 639 12.62 -50.42 -2.33
C ALA B 639 13.25 -51.56 -3.12
N ASP B 640 14.15 -51.19 -4.03
CA ASP B 640 14.93 -52.20 -4.75
C ASP B 640 15.81 -52.95 -3.78
N ILE B 641 16.29 -52.25 -2.76
CA ILE B 641 17.04 -52.91 -1.70
C ILE B 641 16.76 -52.20 -0.37
N GLY B 642 16.18 -52.94 0.56
CA GLY B 642 15.84 -52.40 1.87
C GLY B 642 16.88 -52.81 2.90
N VAL B 643 17.32 -51.84 3.69
CA VAL B 643 18.36 -52.04 4.68
C VAL B 643 17.80 -51.59 6.03
N ALA B 644 17.73 -52.51 6.97
CA ALA B 644 17.20 -52.19 8.29
C ALA B 644 18.32 -52.20 9.31
N MET B 645 18.19 -51.30 10.28
CA MET B 645 19.11 -51.19 11.39
C MET B 645 18.87 -52.36 12.34
N GLY B 646 19.96 -52.91 12.89
CA GLY B 646 19.84 -54.03 13.79
C GLY B 646 19.16 -53.68 15.10
N SER B 647 19.31 -52.44 15.56
CA SER B 647 18.63 -51.98 16.75
C SER B 647 17.24 -51.42 16.44
N GLY B 648 16.77 -51.62 15.21
CA GLY B 648 15.45 -51.22 14.82
C GLY B 648 14.40 -52.26 15.23
N THR B 649 13.17 -52.00 14.79
CA THR B 649 12.01 -52.83 15.08
C THR B 649 12.04 -54.13 14.27
N ASP B 650 11.25 -55.10 14.71
CA ASP B 650 11.18 -56.38 14.01
C ASP B 650 10.44 -56.26 12.69
N VAL B 651 9.50 -55.32 12.58
CA VAL B 651 8.79 -55.14 11.32
C VAL B 651 9.74 -54.65 10.24
N ALA B 652 10.58 -53.67 10.57
CA ALA B 652 11.51 -53.13 9.58
C ALA B 652 12.55 -54.17 9.19
N LYS B 653 12.98 -55.00 10.15
CA LYS B 653 13.95 -56.03 9.82
C LYS B 653 13.33 -57.11 8.96
N ASP B 654 12.06 -57.43 9.21
CA ASP B 654 11.40 -58.43 8.37
C ASP B 654 11.12 -57.88 6.98
N SER B 655 11.00 -56.56 6.85
CA SER B 655 10.72 -55.98 5.55
C SER B 655 11.98 -55.74 4.73
N ALA B 656 13.16 -55.86 5.33
CA ALA B 656 14.41 -55.52 4.66
C ALA B 656 15.10 -56.73 4.02
N ALA B 657 16.05 -56.41 3.15
CA ALA B 657 16.87 -57.41 2.48
C ALA B 657 18.28 -57.47 3.02
N MET B 658 18.76 -56.40 3.65
CA MET B 658 20.03 -56.44 4.35
C MET B 658 19.78 -55.84 5.73
N ILE B 659 20.46 -56.39 6.74
CA ILE B 659 20.30 -55.94 8.11
C ILE B 659 21.68 -55.61 8.66
N LEU B 660 21.83 -54.39 9.18
CA LEU B 660 23.08 -53.94 9.78
C LEU B 660 23.06 -54.31 11.24
N THR B 661 23.62 -55.48 11.55
CA THR B 661 23.56 -55.97 12.93
C THR B 661 24.27 -55.02 13.87
N ASP B 662 25.45 -54.56 13.49
CA ASP B 662 26.21 -53.63 14.33
C ASP B 662 25.79 -52.18 14.12
N ASP B 663 24.71 -51.93 13.38
CA ASP B 663 24.24 -50.56 13.11
C ASP B 663 25.33 -49.71 12.48
N ASN B 664 26.26 -50.36 11.77
CA ASN B 664 27.37 -49.66 11.13
C ASN B 664 26.89 -49.08 9.82
N PHE B 665 26.69 -47.76 9.80
CA PHE B 665 26.12 -47.10 8.63
C PHE B 665 27.07 -47.17 7.42
N VAL B 666 28.38 -47.19 7.67
CA VAL B 666 29.33 -47.27 6.56
C VAL B 666 29.22 -48.61 5.84
N SER B 667 28.46 -49.55 6.39
CA SER B 667 28.27 -50.82 5.68
C SER B 667 27.51 -50.60 4.38
N ILE B 668 26.62 -49.61 4.34
CA ILE B 668 25.77 -49.45 3.15
C ILE B 668 26.61 -49.15 1.93
N VAL B 669 27.46 -48.12 2.03
CA VAL B 669 28.35 -47.81 0.91
C VAL B 669 29.30 -48.96 0.67
N ASP B 670 29.78 -49.60 1.75
CA ASP B 670 30.63 -50.77 1.58
C ASP B 670 29.90 -51.86 0.81
N ALA B 671 28.61 -52.05 1.09
CA ALA B 671 27.85 -53.05 0.35
C ALA B 671 27.74 -52.64 -1.10
N VAL B 672 27.56 -51.33 -1.35
CA VAL B 672 27.57 -50.85 -2.73
C VAL B 672 28.88 -51.24 -3.37
N GLY B 673 29.99 -51.01 -2.66
CA GLY B 673 31.29 -51.36 -3.20
C GLY B 673 31.39 -52.85 -3.47
N VAL B 674 30.98 -53.68 -2.51
CA VAL B 674 31.05 -55.11 -2.76
C VAL B 674 30.19 -55.46 -3.95
N GLY B 675 28.98 -54.87 -4.00
CA GLY B 675 28.09 -55.20 -5.10
C GLY B 675 28.70 -54.86 -6.44
N ARG B 676 29.41 -53.72 -6.52
CA ARG B 676 30.03 -53.35 -7.79
C ARG B 676 31.05 -54.38 -8.20
N THR B 677 31.91 -54.81 -7.27
CA THR B 677 32.91 -55.79 -7.67
C THR B 677 32.25 -57.14 -7.92
N VAL B 678 31.17 -57.45 -7.19
CA VAL B 678 30.46 -58.70 -7.46
C VAL B 678 30.06 -58.74 -8.92
N PHE B 679 29.42 -57.65 -9.37
CA PHE B 679 28.98 -57.70 -10.76
C PHE B 679 30.17 -57.72 -11.71
N ASP B 680 31.24 -56.98 -11.42
CA ASP B 680 32.39 -57.02 -12.32
C ASP B 680 32.86 -58.47 -12.47
N ASN B 681 32.94 -59.19 -11.34
CA ASN B 681 33.45 -60.56 -11.41
C ASN B 681 32.44 -61.48 -12.08
N ILE B 682 31.14 -61.24 -11.89
CA ILE B 682 30.17 -62.01 -12.65
C ILE B 682 30.36 -61.80 -14.14
N LYS B 683 30.54 -60.54 -14.54
CA LYS B 683 30.84 -60.22 -15.93
C LYS B 683 32.10 -60.92 -16.40
N LYS B 684 33.11 -61.08 -15.51
CA LYS B 684 34.30 -61.81 -15.91
C LYS B 684 33.96 -63.28 -16.16
N SER B 685 33.21 -63.87 -15.25
CA SER B 685 32.97 -65.30 -15.35
C SER B 685 32.21 -65.61 -16.63
N ILE B 686 31.14 -64.86 -16.88
CA ILE B 686 30.34 -65.09 -18.07
C ILE B 686 31.19 -64.90 -19.30
N ALA B 687 32.01 -63.85 -19.31
CA ALA B 687 32.88 -63.59 -20.45
C ALA B 687 33.88 -64.70 -20.64
N TYR B 688 34.32 -65.34 -19.56
CA TYR B 688 35.23 -66.46 -19.68
C TYR B 688 34.52 -67.64 -20.33
N LEU B 689 33.27 -67.86 -19.96
CA LEU B 689 32.54 -69.02 -20.44
C LEU B 689 32.23 -68.88 -21.92
N PHE B 690 31.74 -67.71 -22.32
CA PHE B 690 31.29 -67.59 -23.69
C PHE B 690 32.45 -67.54 -24.67
N ALA B 691 33.59 -66.99 -24.26
CA ALA B 691 34.73 -67.07 -25.15
C ALA B 691 35.07 -68.50 -25.44
N GLY B 692 35.04 -69.35 -24.40
CA GLY B 692 35.31 -70.75 -24.63
C GLY B 692 34.25 -71.38 -25.48
N ASN B 693 32.99 -70.93 -25.32
CA ASN B 693 31.94 -71.46 -26.17
C ASN B 693 32.13 -70.99 -27.60
N LEU B 694 32.47 -69.71 -27.80
CA LEU B 694 32.64 -69.20 -29.15
C LEU B 694 33.76 -69.94 -29.88
N GLY B 695 34.89 -70.16 -29.23
CA GLY B 695 35.96 -70.92 -29.86
C GLY B 695 35.51 -72.32 -30.22
N ALA B 696 34.60 -72.89 -29.43
CA ALA B 696 34.09 -74.23 -29.75
C ALA B 696 33.20 -74.17 -30.97
N ILE B 697 32.29 -73.19 -31.03
CA ILE B 697 31.38 -73.04 -32.18
C ILE B 697 32.18 -72.82 -33.46
N ILE B 698 33.16 -71.90 -33.41
CA ILE B 698 33.97 -71.61 -34.58
C ILE B 698 34.60 -72.90 -35.09
N ALA B 699 35.01 -73.79 -34.18
CA ALA B 699 35.66 -75.00 -34.63
C ALA B 699 34.68 -75.97 -35.26
N ILE B 700 33.45 -76.02 -34.74
CA ILE B 700 32.44 -76.92 -35.30
C ILE B 700 31.99 -76.42 -36.67
N LEU B 701 31.62 -75.13 -36.75
CA LEU B 701 31.17 -74.55 -38.01
C LEU B 701 32.23 -74.69 -39.08
N PHE B 702 33.50 -74.50 -38.73
CA PHE B 702 34.55 -74.70 -39.73
C PHE B 702 34.54 -76.13 -40.21
N ALA B 703 34.46 -77.09 -39.28
CA ALA B 703 34.41 -78.49 -39.67
C ALA B 703 33.20 -78.76 -40.53
N LEU B 704 32.14 -77.98 -40.35
CA LEU B 704 30.94 -78.13 -41.16
C LEU B 704 31.19 -77.67 -42.59
N VAL B 705 31.74 -76.47 -42.79
CA VAL B 705 31.88 -76.03 -44.17
C VAL B 705 32.96 -76.82 -44.90
N LEU B 706 33.91 -77.43 -44.19
CA LEU B 706 34.91 -78.24 -44.87
C LEU B 706 34.55 -79.72 -44.89
N ASP B 707 33.37 -80.08 -44.42
CA ASP B 707 32.95 -81.47 -44.41
C ASP B 707 33.94 -82.34 -43.65
N TRP B 708 34.50 -81.80 -42.58
CA TRP B 708 35.31 -82.60 -41.69
C TRP B 708 34.41 -83.30 -40.68
N ILE B 709 35.01 -84.24 -39.94
CA ILE B 709 34.26 -84.88 -38.88
C ILE B 709 34.00 -83.85 -37.79
N ASN B 710 32.84 -83.98 -37.15
CA ASN B 710 32.52 -83.12 -36.03
C ASN B 710 33.66 -83.19 -35.03
N PRO B 711 34.37 -82.08 -34.78
CA PRO B 711 35.54 -82.15 -33.92
C PRO B 711 35.21 -82.53 -32.48
N PHE B 712 33.96 -82.38 -32.04
CA PHE B 712 33.58 -82.64 -30.66
C PHE B 712 32.42 -83.62 -30.59
N THR B 713 32.29 -84.26 -29.43
CA THR B 713 31.15 -85.07 -29.05
C THR B 713 30.26 -84.29 -28.11
N ALA B 714 28.96 -84.61 -28.12
CA ALA B 714 28.04 -83.97 -27.18
C ALA B 714 28.46 -84.22 -25.75
N LEU B 715 29.02 -85.41 -25.48
CA LEU B 715 29.48 -85.69 -24.12
C LEU B 715 30.70 -84.87 -23.78
N GLN B 716 31.63 -84.68 -24.72
CA GLN B 716 32.79 -83.82 -24.45
C GLN B 716 32.38 -82.40 -24.14
N LEU B 717 31.49 -81.82 -24.95
CA LEU B 717 31.07 -80.45 -24.71
C LEU B 717 30.31 -80.34 -23.39
N LEU B 718 29.52 -81.36 -23.07
CA LEU B 718 28.83 -81.34 -21.78
C LEU B 718 29.84 -81.38 -20.65
N PHE B 719 30.93 -82.14 -20.85
CA PHE B 719 31.94 -82.28 -19.82
C PHE B 719 32.71 -80.99 -19.63
N ILE B 720 33.07 -80.33 -20.72
CA ILE B 720 33.82 -79.08 -20.61
C ILE B 720 32.96 -78.00 -20.00
N ASN B 721 31.71 -77.86 -20.44
CA ASN B 721 30.88 -76.76 -19.99
C ASN B 721 30.44 -76.97 -18.56
N LEU B 722 30.35 -78.23 -18.11
CA LEU B 722 29.89 -78.48 -16.75
C LEU B 722 31.04 -78.74 -15.80
N VAL B 723 31.95 -79.65 -16.15
CA VAL B 723 32.97 -80.04 -15.20
C VAL B 723 34.22 -79.18 -15.36
N ASN B 724 34.73 -79.03 -16.57
CA ASN B 724 36.04 -78.41 -16.72
C ASN B 724 35.98 -76.90 -16.52
N ASP B 725 34.94 -76.24 -17.02
CA ASP B 725 34.94 -74.78 -16.95
C ASP B 725 34.22 -74.19 -15.75
N SER B 726 33.69 -75.00 -14.83
CA SER B 726 33.03 -74.40 -13.66
C SER B 726 34.03 -73.81 -12.65
N LEU B 727 35.07 -74.56 -12.26
CA LEU B 727 36.04 -74.03 -11.29
C LEU B 727 36.76 -72.77 -11.78
N PRO B 728 37.29 -72.72 -12.99
CA PRO B 728 37.89 -71.46 -13.44
C PRO B 728 36.91 -70.28 -13.42
N ALA B 729 35.64 -70.51 -13.75
CA ALA B 729 34.68 -69.43 -13.67
C ALA B 729 34.52 -68.94 -12.23
N ILE B 730 34.44 -69.86 -11.27
CA ILE B 730 34.28 -69.46 -9.87
C ILE B 730 35.50 -68.69 -9.39
N ALA B 731 36.68 -69.17 -9.77
CA ALA B 731 37.93 -68.51 -9.43
C ALA B 731 37.96 -67.08 -9.99
N LEU B 732 37.55 -66.90 -11.24
CA LEU B 732 37.43 -65.52 -11.75
C LEU B 732 36.39 -64.76 -10.96
N GLY B 733 35.42 -65.45 -10.36
CA GLY B 733 34.51 -64.76 -9.48
C GLY B 733 35.19 -64.26 -8.24
N MET B 734 36.32 -64.86 -7.87
CA MET B 734 37.05 -64.38 -6.70
C MET B 734 38.13 -63.36 -7.02
N GLU B 735 37.96 -62.43 -7.95
CA GLU B 735 39.03 -61.51 -8.27
C GLU B 735 38.82 -60.24 -7.46
N LYS B 736 39.93 -59.61 -7.08
CA LYS B 736 39.99 -58.43 -6.23
C LYS B 736 39.32 -57.21 -6.88
N ALA B 737 38.89 -56.27 -6.05
CA ALA B 737 38.24 -55.09 -6.61
C ALA B 737 39.20 -54.32 -7.51
N GLU B 738 38.64 -53.77 -8.57
CA GLU B 738 39.42 -52.94 -9.48
C GLU B 738 39.68 -51.60 -8.82
N PRO B 739 40.73 -50.88 -9.22
CA PRO B 739 41.16 -49.75 -8.39
C PRO B 739 40.10 -48.68 -8.18
N ASP B 740 39.47 -48.22 -9.25
CA ASP B 740 38.52 -47.12 -9.17
C ASP B 740 37.08 -47.60 -9.33
N VAL B 741 36.65 -48.51 -8.46
CA VAL B 741 35.30 -49.04 -8.56
C VAL B 741 34.29 -48.11 -7.88
N MET B 742 34.73 -47.27 -6.97
CA MET B 742 33.87 -46.34 -6.28
C MET B 742 34.01 -44.93 -6.83
N LYS B 743 34.84 -44.74 -7.85
CA LYS B 743 34.90 -43.46 -8.54
C LYS B 743 33.98 -43.42 -9.74
N ARG B 744 33.31 -44.52 -10.06
CA ARG B 744 32.42 -44.61 -11.21
C ARG B 744 30.98 -44.32 -10.81
N LYS B 745 30.17 -44.01 -11.81
CA LYS B 745 28.74 -43.83 -11.65
C LYS B 745 28.05 -45.19 -11.71
N PRO B 746 26.81 -45.28 -11.21
CA PRO B 746 26.08 -46.55 -11.27
C PRO B 746 25.90 -47.06 -12.69
N ARG B 747 26.05 -48.37 -12.87
CA ARG B 747 25.90 -48.93 -14.20
C ARG B 747 24.45 -48.77 -14.64
N ASP B 748 24.26 -48.62 -15.95
CA ASP B 748 22.92 -48.53 -16.50
C ASP B 748 22.23 -49.88 -16.41
N ILE B 749 20.92 -49.87 -16.14
CA ILE B 749 20.20 -51.13 -16.05
C ILE B 749 20.08 -51.74 -17.44
N ASN B 750 19.94 -50.89 -18.46
CA ASN B 750 19.85 -51.33 -19.85
C ASN B 750 21.20 -51.65 -20.46
N GLU B 751 22.29 -51.47 -19.70
CA GLU B 751 23.60 -51.81 -20.23
C GLU B 751 23.63 -53.31 -20.51
N GLY B 752 24.27 -53.69 -21.59
CA GLY B 752 24.34 -55.10 -21.90
C GLY B 752 25.32 -55.83 -20.99
N ILE B 753 25.32 -57.16 -21.09
CA ILE B 753 26.21 -57.97 -20.27
C ILE B 753 27.63 -58.03 -20.81
N PHE B 754 27.83 -57.63 -22.07
CA PHE B 754 29.17 -57.60 -22.65
C PHE B 754 29.62 -56.17 -22.94
N ALA B 755 28.94 -55.20 -22.35
CA ALA B 755 29.20 -53.81 -22.65
C ALA B 755 30.50 -53.34 -22.03
N GLY B 756 31.17 -52.44 -22.74
CA GLY B 756 32.37 -51.80 -22.23
C GLY B 756 33.66 -52.59 -22.38
N GLY B 757 33.93 -53.09 -23.58
CA GLY B 757 35.17 -53.80 -23.80
C GLY B 757 35.15 -55.28 -23.48
N THR B 758 34.13 -55.76 -22.74
CA THR B 758 33.98 -57.19 -22.52
C THR B 758 33.66 -57.94 -23.81
N MET B 759 32.80 -57.37 -24.67
CA MET B 759 32.49 -58.00 -25.96
C MET B 759 33.75 -58.19 -26.79
N ARG B 760 34.63 -57.20 -26.75
CA ARG B 760 35.88 -57.27 -27.49
C ARG B 760 36.76 -58.39 -26.95
N ALA B 761 36.76 -58.57 -25.63
CA ALA B 761 37.58 -59.63 -25.04
C ALA B 761 37.03 -61.00 -25.39
N VAL B 762 35.70 -61.14 -25.34
CA VAL B 762 35.08 -62.41 -25.66
C VAL B 762 35.38 -62.80 -27.10
N ILE B 763 35.16 -61.88 -28.04
CA ILE B 763 35.36 -62.23 -29.45
C ILE B 763 36.83 -62.48 -29.75
N SER B 764 37.75 -61.68 -29.16
CA SER B 764 39.17 -61.88 -29.43
C SER B 764 39.63 -63.25 -28.95
N ARG B 765 39.34 -63.57 -27.69
CA ARG B 765 39.74 -64.86 -27.15
C ARG B 765 39.00 -66.00 -27.83
N GLY B 766 37.72 -65.80 -28.18
CA GLY B 766 36.98 -66.87 -28.82
C GLY B 766 37.57 -67.22 -30.17
N VAL B 767 37.84 -66.21 -30.99
CA VAL B 767 38.42 -66.47 -32.31
C VAL B 767 39.76 -67.18 -32.16
N LEU B 768 40.55 -66.78 -31.14
CA LEU B 768 41.85 -67.41 -30.95
C LEU B 768 41.72 -68.87 -30.52
N ILE B 769 40.81 -69.17 -29.61
CA ILE B 769 40.58 -70.57 -29.24
C ILE B 769 40.11 -71.37 -30.45
N GLY B 770 39.24 -70.77 -31.26
CA GLY B 770 38.74 -71.46 -32.42
C GLY B 770 39.82 -71.77 -33.43
N ILE B 771 40.66 -70.78 -33.72
CA ILE B 771 41.74 -71.00 -34.69
C ILE B 771 42.69 -72.07 -34.17
N ALA B 772 42.94 -72.06 -32.85
CA ALA B 772 43.80 -73.08 -32.25
C ALA B 772 43.19 -74.47 -32.41
N VAL B 773 41.88 -74.59 -32.21
CA VAL B 773 41.25 -75.89 -32.37
C VAL B 773 41.24 -76.30 -33.84
N ILE B 774 41.05 -75.34 -34.74
CA ILE B 774 41.02 -75.68 -36.16
C ILE B 774 42.37 -76.21 -36.61
N ILE B 775 43.46 -75.51 -36.23
CA ILE B 775 44.78 -76.00 -36.62
C ILE B 775 45.05 -77.36 -35.99
N SER B 776 44.68 -77.53 -34.71
CA SER B 776 44.90 -78.81 -34.06
C SER B 776 44.15 -79.93 -34.76
N GLN B 777 42.88 -79.67 -35.12
CA GLN B 777 42.10 -80.69 -35.80
C GLN B 777 42.65 -80.99 -37.17
N TYR B 778 43.15 -79.97 -37.87
CA TYR B 778 43.73 -80.22 -39.18
C TYR B 778 44.93 -81.14 -39.04
N ILE B 779 45.77 -80.88 -38.04
CA ILE B 779 46.96 -81.70 -37.84
C ILE B 779 46.56 -83.11 -37.48
N GLY B 780 45.58 -83.27 -36.59
CA GLY B 780 45.12 -84.60 -36.26
C GLY B 780 44.50 -85.27 -37.46
N MET B 781 43.81 -84.49 -38.29
CA MET B 781 43.17 -85.03 -39.48
C MET B 781 44.19 -85.63 -40.43
N GLN B 782 45.44 -85.17 -40.36
CA GLN B 782 46.46 -85.79 -41.22
C GLN B 782 46.71 -87.24 -40.85
N ILE B 783 46.37 -87.65 -39.65
CA ILE B 783 46.57 -89.03 -39.20
C ILE B 783 45.32 -89.85 -39.48
N SER B 784 44.19 -89.44 -38.91
CA SER B 784 42.90 -90.09 -38.96
C SER B 784 41.83 -89.16 -38.41
N PRO B 785 40.56 -89.42 -38.72
CA PRO B 785 39.51 -88.57 -38.14
C PRO B 785 39.40 -88.66 -36.63
N GLU B 786 39.68 -89.85 -36.06
CA GLU B 786 39.61 -90.00 -34.61
C GLU B 786 40.73 -89.26 -33.90
N MET B 787 41.91 -89.20 -34.53
CA MET B 787 42.98 -88.40 -33.96
C MET B 787 42.62 -86.93 -34.01
N SER B 788 41.88 -86.53 -35.06
CA SER B 788 41.47 -85.14 -35.13
C SER B 788 40.46 -84.81 -34.05
N VAL B 789 39.63 -85.77 -33.68
CA VAL B 789 38.71 -85.48 -32.58
C VAL B 789 39.47 -85.40 -31.26
N ALA B 790 40.43 -86.31 -31.04
CA ALA B 790 41.16 -86.28 -29.78
C ALA B 790 41.98 -85.01 -29.64
N MET B 791 42.60 -84.57 -30.72
CA MET B 791 43.42 -83.37 -30.68
C MET B 791 42.58 -82.11 -30.59
N ALA B 792 41.42 -82.09 -31.28
CA ALA B 792 40.54 -80.93 -31.16
C ALA B 792 39.98 -80.82 -29.75
N PHE B 793 39.61 -81.97 -29.17
CA PHE B 793 39.10 -81.93 -27.80
C PHE B 793 40.20 -81.47 -26.84
N THR B 794 41.41 -82.02 -26.99
CA THR B 794 42.50 -81.62 -26.10
C THR B 794 42.78 -80.13 -26.19
N THR B 795 42.95 -79.62 -27.42
CA THR B 795 43.21 -78.20 -27.59
C THR B 795 42.09 -77.33 -27.06
N LEU B 796 40.82 -77.72 -27.30
CA LEU B 796 39.71 -76.91 -26.83
C LEU B 796 39.71 -76.81 -25.31
N ILE B 797 39.80 -77.95 -24.64
CA ILE B 797 39.67 -77.96 -23.18
C ILE B 797 40.88 -77.32 -22.53
N LEU B 798 42.09 -77.55 -23.06
CA LEU B 798 43.27 -76.95 -22.44
C LEU B 798 43.37 -75.45 -22.72
N ALA B 799 42.94 -75.01 -23.89
CA ALA B 799 42.88 -73.58 -24.14
C ALA B 799 41.86 -72.91 -23.24
N ARG B 800 40.74 -73.58 -22.97
CA ARG B 800 39.78 -73.04 -22.01
C ARG B 800 40.34 -73.05 -20.60
N THR B 801 41.17 -74.04 -20.24
CA THR B 801 41.79 -74.05 -18.93
C THR B 801 42.79 -72.90 -18.79
N LEU B 802 43.72 -72.77 -19.75
CA LEU B 802 44.76 -71.75 -19.72
C LEU B 802 44.22 -70.34 -19.94
N GLN B 803 43.08 -70.20 -20.63
CA GLN B 803 42.45 -68.89 -20.83
C GLN B 803 42.13 -68.22 -19.50
N THR B 804 42.04 -68.98 -18.42
CA THR B 804 41.69 -68.40 -17.14
C THR B 804 42.67 -67.30 -16.75
N PHE B 805 43.95 -67.44 -17.12
CA PHE B 805 44.91 -66.38 -16.87
C PHE B 805 44.59 -65.13 -17.69
N ALA B 806 44.23 -65.31 -18.97
CA ALA B 806 43.92 -64.16 -19.81
C ALA B 806 42.58 -63.51 -19.48
N ALA B 807 41.66 -64.22 -18.84
CA ALA B 807 40.34 -63.71 -18.52
C ALA B 807 40.26 -63.02 -17.16
N ARG B 808 41.36 -62.92 -16.43
CA ARG B 808 41.30 -62.31 -15.11
C ARG B 808 41.08 -60.80 -15.19
N SER B 809 41.49 -60.17 -16.29
CA SER B 809 41.37 -58.74 -16.45
C SER B 809 41.42 -58.38 -17.92
N ASN B 810 40.65 -57.37 -18.30
CA ASN B 810 40.68 -56.91 -19.67
C ASN B 810 41.83 -55.96 -19.92
N VAL B 811 42.43 -55.42 -18.87
CA VAL B 811 43.46 -54.40 -19.05
C VAL B 811 44.78 -54.81 -18.40
N GLN B 812 44.96 -56.09 -18.06
CA GLN B 812 46.15 -56.46 -17.31
C GLN B 812 46.49 -57.92 -17.59
N THR B 813 47.74 -58.17 -17.95
CA THR B 813 48.24 -59.51 -18.17
C THR B 813 48.21 -60.33 -16.87
N ALA B 814 48.35 -61.65 -17.02
CA ALA B 814 48.49 -62.52 -15.86
C ALA B 814 49.72 -62.12 -15.03
N PHE B 815 50.89 -62.00 -15.68
CA PHE B 815 52.06 -61.53 -14.95
C PHE B 815 51.97 -60.06 -14.60
N GLY B 816 51.18 -59.27 -15.35
CA GLY B 816 51.08 -57.86 -15.03
C GLY B 816 50.28 -57.60 -13.76
N ALA B 817 49.17 -58.31 -13.59
CA ALA B 817 48.35 -58.27 -12.39
C ALA B 817 49.02 -58.90 -11.17
N GLY B 818 49.80 -59.94 -11.38
CA GLY B 818 50.33 -60.67 -10.26
C GLY B 818 50.03 -62.13 -10.50
N PHE B 819 50.93 -62.89 -11.14
CA PHE B 819 50.53 -64.20 -11.63
C PHE B 819 49.98 -65.11 -10.52
N PHE B 820 50.38 -64.88 -9.28
CA PHE B 820 49.83 -65.64 -8.16
C PHE B 820 48.89 -64.81 -7.28
N SER B 821 48.55 -63.59 -7.71
CA SER B 821 47.70 -62.72 -6.89
C SER B 821 46.33 -63.35 -6.63
N ASN B 822 45.83 -64.18 -7.53
CA ASN B 822 44.55 -64.87 -7.33
C ASN B 822 44.90 -66.35 -7.17
N LYS B 823 44.75 -66.86 -5.94
CA LYS B 823 45.18 -68.23 -5.65
C LYS B 823 44.14 -69.24 -6.10
N TYR B 824 42.90 -68.79 -6.27
CA TYR B 824 41.85 -69.67 -6.72
C TYR B 824 41.98 -69.97 -8.20
N VAL B 825 42.49 -69.02 -8.99
CA VAL B 825 42.75 -69.27 -10.41
C VAL B 825 43.86 -70.30 -10.55
N ILE B 826 44.93 -70.18 -9.74
CA ILE B 826 46.02 -71.16 -9.82
C ILE B 826 45.52 -72.55 -9.45
N GLY B 827 44.77 -72.65 -8.35
CA GLY B 827 44.26 -73.95 -7.95
C GLY B 827 43.28 -74.51 -8.97
N ALA B 828 42.49 -73.64 -9.59
CA ALA B 828 41.53 -74.10 -10.57
C ALA B 828 42.22 -74.65 -11.81
N VAL B 829 43.23 -73.94 -12.32
CA VAL B 829 43.92 -74.41 -13.52
C VAL B 829 44.64 -75.72 -13.24
N LEU B 830 45.26 -75.86 -12.06
CA LEU B 830 45.91 -77.13 -11.73
C LEU B 830 44.88 -78.27 -11.60
N LEU B 831 43.74 -78.01 -10.96
CA LEU B 831 42.70 -79.03 -10.85
C LEU B 831 42.15 -79.41 -12.23
N CYS B 832 42.04 -78.44 -13.15
CA CYS B 832 41.62 -78.75 -14.52
C CYS B 832 42.65 -79.60 -15.25
N PHE B 833 43.93 -79.40 -14.96
CA PHE B 833 44.92 -80.31 -15.52
C PHE B 833 44.69 -81.73 -14.99
N VAL B 834 44.31 -81.84 -13.71
CA VAL B 834 43.96 -83.16 -13.19
C VAL B 834 42.76 -83.72 -13.93
N LEU B 835 41.77 -82.88 -14.23
CA LEU B 835 40.59 -83.36 -14.96
C LEU B 835 40.94 -83.87 -16.35
N TYR B 836 41.69 -83.07 -17.12
CA TYR B 836 42.09 -83.55 -18.44
C TYR B 836 42.92 -84.82 -18.34
N GLY B 837 43.73 -84.97 -17.29
CA GLY B 837 44.43 -86.22 -17.10
C GLY B 837 43.45 -87.37 -16.90
N ILE B 838 42.38 -87.12 -16.16
CA ILE B 838 41.39 -88.16 -15.98
C ILE B 838 40.80 -88.57 -17.33
N THR B 839 40.64 -87.61 -18.25
CA THR B 839 39.99 -87.96 -19.51
C THR B 839 40.82 -88.93 -20.36
N VAL B 840 42.15 -88.88 -20.26
CA VAL B 840 43.00 -89.75 -21.09
C VAL B 840 43.40 -91.01 -20.36
N LEU B 841 42.87 -91.24 -19.15
CA LEU B 841 43.09 -92.49 -18.42
C LEU B 841 42.54 -93.65 -19.23
N PRO B 842 43.15 -94.83 -19.14
CA PRO B 842 42.72 -95.96 -19.98
C PRO B 842 41.26 -96.35 -19.78
N GLY B 843 40.64 -96.00 -18.67
CA GLY B 843 39.23 -96.29 -18.53
C GLY B 843 38.33 -95.30 -19.25
N ALA B 844 38.73 -94.02 -19.27
CA ALA B 844 37.89 -92.99 -19.83
C ALA B 844 38.26 -92.61 -21.27
N ARG B 845 39.05 -93.42 -21.97
CA ARG B 845 39.41 -93.04 -23.33
C ARG B 845 38.24 -93.21 -24.26
N GLU B 846 37.61 -94.39 -24.28
CA GLU B 846 36.53 -94.58 -25.24
C GLU B 846 35.31 -93.75 -24.89
N ILE B 847 35.16 -93.39 -23.61
CA ILE B 847 34.06 -92.49 -23.23
C ILE B 847 34.23 -91.13 -23.87
N PHE B 848 35.46 -90.59 -23.84
CA PHE B 848 35.72 -89.29 -24.43
C PHE B 848 36.22 -89.38 -25.85
N SER B 849 36.05 -90.55 -26.50
CA SER B 849 36.37 -90.67 -27.91
C SER B 849 37.83 -90.34 -28.20
N ILE B 850 38.71 -90.88 -27.37
CA ILE B 850 40.15 -90.72 -27.51
C ILE B 850 40.71 -92.05 -27.99
N PRO B 851 41.27 -92.12 -29.20
CA PRO B 851 41.73 -93.39 -29.75
C PRO B 851 42.93 -93.94 -29.00
N ALA B 852 43.16 -95.24 -29.18
CA ALA B 852 44.25 -95.87 -28.45
C ALA B 852 45.62 -95.30 -28.84
N SER B 853 45.76 -94.81 -30.06
CA SER B 853 47.05 -94.31 -30.52
C SER B 853 47.38 -92.88 -30.06
N PHE B 854 46.47 -92.21 -29.36
CA PHE B 854 46.73 -90.84 -28.95
C PHE B 854 47.89 -90.82 -27.98
N GLY B 855 49.04 -90.36 -28.45
CA GLY B 855 50.26 -90.41 -27.67
C GLY B 855 50.68 -89.05 -27.13
N LEU B 856 51.85 -89.05 -26.49
CA LEU B 856 52.43 -87.82 -25.99
C LEU B 856 52.79 -86.88 -27.13
N HIS B 857 53.05 -87.41 -28.31
CA HIS B 857 53.39 -86.56 -29.46
C HIS B 857 52.22 -85.68 -29.87
N GLU B 858 51.07 -86.31 -30.13
CA GLU B 858 49.90 -85.55 -30.52
C GLU B 858 49.41 -84.71 -29.36
N TRP B 859 49.56 -85.20 -28.13
CA TRP B 859 49.14 -84.39 -27.01
C TRP B 859 50.01 -83.13 -26.93
N SER B 860 51.30 -83.27 -27.20
CA SER B 860 52.20 -82.12 -27.16
C SER B 860 51.80 -81.10 -28.20
N ILE B 861 51.44 -81.55 -29.40
CA ILE B 861 51.05 -80.61 -30.45
C ILE B 861 49.77 -79.88 -30.05
N ALA B 862 48.77 -80.62 -29.57
CA ALA B 862 47.50 -80.01 -29.19
C ALA B 862 47.66 -79.02 -28.04
N ALA B 863 48.46 -79.38 -27.03
CA ALA B 863 48.65 -78.50 -25.88
C ALA B 863 49.46 -77.28 -26.28
N GLY B 864 50.43 -77.45 -27.18
CA GLY B 864 51.19 -76.31 -27.61
C GLY B 864 50.31 -75.32 -28.34
N LEU B 865 49.39 -75.83 -29.16
CA LEU B 865 48.49 -74.95 -29.88
C LEU B 865 47.61 -74.17 -28.91
N ALA B 866 47.13 -74.83 -27.85
CA ALA B 866 46.33 -74.11 -26.88
C ALA B 866 47.15 -73.02 -26.19
N LEU B 867 48.37 -73.37 -25.76
CA LEU B 867 49.22 -72.44 -25.03
C LEU B 867 49.58 -71.24 -25.89
N ALA B 868 49.87 -71.47 -27.17
CA ALA B 868 50.14 -70.38 -28.09
C ALA B 868 48.93 -69.49 -28.25
N ALA B 869 47.73 -70.07 -28.28
CA ALA B 869 46.53 -69.25 -28.39
C ALA B 869 46.36 -68.35 -27.18
N VAL B 870 46.71 -68.84 -25.99
CA VAL B 870 46.52 -67.97 -24.83
C VAL B 870 47.59 -66.88 -24.81
N VAL B 871 48.80 -67.20 -25.28
CA VAL B 871 49.84 -66.18 -25.41
C VAL B 871 49.43 -65.12 -26.43
N MET B 872 48.78 -65.52 -27.53
CA MET B 872 48.24 -64.54 -28.48
C MET B 872 47.19 -63.66 -27.83
N MET B 873 46.39 -64.22 -26.92
CA MET B 873 45.42 -63.42 -26.16
C MET B 873 46.14 -62.35 -25.33
N GLU B 874 47.20 -62.75 -24.63
CA GLU B 874 47.91 -61.80 -23.78
C GLU B 874 48.66 -60.74 -24.58
N ILE B 875 49.24 -61.12 -25.73
CA ILE B 875 49.92 -60.14 -26.57
C ILE B 875 48.93 -59.12 -27.10
N ILE B 876 47.78 -59.61 -27.58
CA ILE B 876 46.77 -58.72 -28.14
C ILE B 876 46.24 -57.78 -27.05
N LYS B 877 46.13 -58.26 -25.80
CA LYS B 877 45.66 -57.40 -24.70
C LYS B 877 46.67 -56.33 -24.34
N VAL B 878 47.96 -56.70 -24.32
CA VAL B 878 48.98 -55.77 -23.87
C VAL B 878 49.19 -54.66 -24.89
N VAL B 879 49.01 -54.98 -26.18
CA VAL B 879 49.15 -53.95 -27.20
C VAL B 879 48.05 -52.90 -27.08
N GLN B 880 46.81 -53.34 -26.84
CA GLN B 880 45.76 -52.32 -26.77
C GLN B 880 45.89 -51.52 -25.50
N ASN B 881 46.38 -52.11 -24.43
CA ASN B 881 46.35 -51.31 -23.25
C ASN B 881 47.54 -50.40 -23.14
N LYS B 882 48.55 -50.60 -23.98
CA LYS B 882 49.62 -49.62 -23.94
C LYS B 882 49.47 -48.57 -25.04
N PHE B 883 48.87 -48.94 -26.19
CA PHE B 883 48.80 -48.03 -27.33
C PHE B 883 47.43 -47.44 -27.66
N PHE B 884 46.33 -48.15 -27.32
CA PHE B 884 44.94 -47.73 -27.54
C PHE B 884 44.23 -47.61 -26.19
N LYS B 885 44.33 -46.46 -25.50
CA LYS B 885 43.80 -46.44 -24.12
C LYS B 885 42.27 -46.26 -24.00
N ASP B 886 41.66 -45.32 -24.71
CA ASP B 886 40.27 -45.04 -24.36
C ASP B 886 39.24 -45.83 -25.17
N TYR B 887 39.43 -45.99 -26.48
CA TYR B 887 38.50 -46.79 -27.27
C TYR B 887 38.81 -48.28 -27.15
N ASP B 888 40.06 -48.60 -26.81
CA ASP B 888 40.45 -49.91 -26.26
C ASP B 888 40.41 -51.02 -27.31
N ILE B 889 40.89 -50.77 -28.52
CA ILE B 889 40.86 -51.84 -29.52
C ILE B 889 42.27 -52.20 -29.98
N PRO B 890 42.69 -53.45 -29.80
CA PRO B 890 44.06 -53.87 -30.10
C PRO B 890 44.30 -54.35 -31.54
N THR B 891 45.56 -54.68 -31.80
CA THR B 891 46.00 -55.32 -33.04
C THR B 891 47.22 -56.16 -32.70
N THR B 892 47.45 -57.20 -33.51
CA THR B 892 48.45 -58.25 -33.25
C THR B 892 49.81 -57.69 -32.85
N ALA C 2 27.17 -7.29 -28.75
CA ALA C 2 26.07 -7.92 -29.47
C ALA C 2 24.76 -7.14 -29.27
N GLU C 3 24.91 -5.88 -28.84
CA GLU C 3 23.84 -4.90 -28.66
C GLU C 3 22.85 -5.13 -27.52
N ILE C 4 22.91 -6.24 -26.77
CA ILE C 4 21.98 -6.34 -25.64
C ILE C 4 22.51 -5.53 -24.45
N TYR C 5 23.83 -5.52 -24.24
CA TYR C 5 24.40 -4.76 -23.14
C TYR C 5 24.23 -3.25 -23.31
N ARG C 6 23.96 -2.76 -24.52
CA ARG C 6 23.60 -1.36 -24.69
C ARG C 6 22.10 -1.10 -24.55
N LYS C 7 21.28 -2.14 -24.47
CA LYS C 7 19.85 -1.96 -24.28
C LYS C 7 19.52 -1.87 -22.80
N SER C 8 18.36 -1.29 -22.49
CA SER C 8 17.88 -1.29 -21.12
C SER C 8 17.24 -2.63 -20.79
N ALA C 9 16.98 -2.83 -19.49
CA ALA C 9 16.32 -4.07 -19.08
C ALA C 9 14.93 -4.17 -19.67
N ALA C 10 14.18 -3.05 -19.69
CA ALA C 10 12.83 -3.06 -20.24
C ALA C 10 12.82 -3.36 -21.73
N GLU C 11 13.74 -2.77 -22.49
CA GLU C 11 13.82 -3.06 -23.92
C GLU C 11 14.16 -4.52 -24.14
N THR C 12 15.05 -5.06 -23.32
CA THR C 12 15.41 -6.47 -23.44
C THR C 12 14.21 -7.36 -23.10
N PHE C 13 13.41 -6.94 -22.11
CA PHE C 13 12.22 -7.69 -21.74
C PHE C 13 11.21 -7.72 -22.87
N THR C 14 10.94 -6.57 -23.49
CA THR C 14 10.02 -6.56 -24.62
C THR C 14 10.62 -7.25 -25.83
N GLN C 15 11.95 -7.33 -25.91
CA GLN C 15 12.59 -8.03 -27.02
C GLN C 15 12.28 -9.52 -26.98
N LEU C 16 12.45 -10.14 -25.82
CA LEU C 16 12.17 -11.56 -25.66
C LEU C 16 10.69 -11.83 -25.39
N GLU C 17 9.85 -10.80 -25.44
CA GLU C 17 8.44 -10.95 -25.09
C GLU C 17 8.29 -11.59 -23.72
N ALA C 18 8.91 -10.95 -22.73
CA ALA C 18 8.89 -11.44 -21.36
C ALA C 18 8.76 -10.27 -20.39
N THR C 19 8.28 -10.58 -19.19
CA THR C 19 8.22 -9.61 -18.10
C THR C 19 9.15 -10.09 -16.98
N GLU C 20 9.27 -9.27 -15.93
CA GLU C 20 10.15 -9.57 -14.82
C GLU C 20 9.47 -10.41 -13.76
N LYS C 21 8.23 -10.82 -13.99
CA LYS C 21 7.46 -11.62 -13.05
C LYS C 21 7.45 -13.10 -13.41
N GLY C 22 8.24 -13.50 -14.40
CA GLY C 22 8.37 -14.89 -14.78
C GLY C 22 7.58 -15.24 -16.02
N LEU C 23 7.67 -16.52 -16.38
CA LEU C 23 7.01 -17.07 -17.55
C LEU C 23 6.07 -18.21 -17.16
N THR C 24 5.11 -18.49 -18.03
CA THR C 24 4.20 -19.62 -17.84
C THR C 24 4.83 -20.89 -18.42
N THR C 25 4.25 -22.04 -18.05
CA THR C 25 4.74 -23.31 -18.55
C THR C 25 4.47 -23.48 -20.03
N SER C 26 3.31 -22.99 -20.50
CA SER C 26 3.00 -23.10 -21.92
C SER C 26 3.97 -22.31 -22.77
N GLU C 27 4.33 -21.10 -22.34
CA GLU C 27 5.33 -20.31 -23.06
C GLU C 27 6.70 -20.99 -23.02
N VAL C 28 7.03 -21.64 -21.89
CA VAL C 28 8.32 -22.30 -21.78
C VAL C 28 8.39 -23.47 -22.73
N THR C 29 7.29 -24.22 -22.86
CA THR C 29 7.25 -25.34 -23.81
C THR C 29 7.42 -24.84 -25.24
N LYS C 30 6.79 -23.71 -25.54
CA LYS C 30 6.90 -23.14 -26.88
C LYS C 30 8.34 -22.74 -27.18
N ARG C 31 8.97 -22.02 -26.26
CA ARG C 31 10.34 -21.61 -26.52
C ARG C 31 11.34 -22.76 -26.42
N GLN C 32 11.00 -23.83 -25.70
CA GLN C 32 11.85 -25.01 -25.69
C GLN C 32 11.78 -25.75 -27.01
N GLU C 33 10.67 -25.64 -27.75
CA GLU C 33 10.70 -26.20 -29.10
C GLU C 33 11.39 -25.27 -30.07
N LYS C 34 11.29 -23.95 -29.86
CA LYS C 34 11.89 -23.03 -30.83
C LYS C 34 13.42 -22.94 -30.65
N TYR C 35 13.89 -22.72 -29.42
CA TYR C 35 15.31 -22.52 -29.15
C TYR C 35 16.04 -23.80 -28.74
N GLY C 36 15.31 -24.84 -28.38
CA GLY C 36 15.91 -26.06 -27.90
C GLY C 36 16.27 -25.94 -26.44
N PHE C 37 16.87 -27.01 -25.93
CA PHE C 37 17.27 -27.05 -24.55
C PHE C 37 18.63 -26.40 -24.34
N ASN C 38 18.86 -25.97 -23.10
CA ASN C 38 20.05 -25.23 -22.70
C ASN C 38 21.20 -26.22 -22.47
N GLU C 39 21.76 -26.72 -23.57
CA GLU C 39 22.86 -27.68 -23.47
C GLU C 39 23.67 -27.71 -24.76
N LEU C 40 24.86 -28.30 -24.65
CA LEU C 40 25.81 -28.45 -25.75
C LEU C 40 25.83 -29.89 -26.28
N LYS C 41 25.87 -30.02 -27.60
CA LYS C 41 26.03 -31.34 -28.24
C LYS C 41 26.29 -31.18 -29.74
N ASP C 50 35.58 -43.37 -37.90
CA ASP C 50 36.45 -43.27 -36.72
C ASP C 50 36.75 -44.56 -35.93
N PRO C 51 36.21 -45.73 -36.27
CA PRO C 51 36.70 -46.94 -35.62
C PRO C 51 38.08 -47.25 -36.15
N LEU C 52 38.81 -48.09 -35.43
CA LEU C 52 40.16 -48.25 -35.91
C LEU C 52 40.28 -49.24 -37.07
N TRP C 53 39.26 -50.07 -37.32
CA TRP C 53 39.37 -50.87 -38.52
C TRP C 53 39.45 -49.94 -39.72
N LYS C 54 38.79 -48.79 -39.62
CA LYS C 54 38.84 -47.78 -40.66
C LYS C 54 40.17 -47.01 -40.63
N LEU C 55 40.79 -46.86 -39.46
CA LEU C 55 42.05 -46.15 -39.45
C LEU C 55 43.21 -47.04 -39.89
N PHE C 56 43.12 -48.34 -39.57
CA PHE C 56 44.08 -49.30 -40.08
C PHE C 56 43.89 -49.48 -41.57
N LEU C 57 42.67 -49.30 -42.04
CA LEU C 57 42.49 -49.36 -43.47
C LEU C 57 43.09 -48.12 -44.14
N GLU C 58 42.96 -46.94 -43.54
CA GLU C 58 43.55 -45.75 -44.15
C GLU C 58 45.07 -45.73 -44.09
N THR C 59 45.69 -46.55 -43.25
CA THR C 59 47.12 -46.55 -43.30
C THR C 59 47.62 -47.03 -44.66
N PHE C 60 46.77 -47.72 -45.45
CA PHE C 60 47.20 -48.24 -46.74
C PHE C 60 47.26 -47.15 -47.81
N LYS C 61 47.03 -45.90 -47.44
CA LYS C 61 47.24 -44.78 -48.37
C LYS C 61 48.71 -44.40 -48.51
N ASP C 62 49.59 -44.88 -47.64
CA ASP C 62 50.99 -44.51 -47.78
C ASP C 62 51.61 -45.23 -48.97
N PRO C 63 52.39 -44.54 -49.79
CA PRO C 63 52.99 -45.22 -50.95
C PRO C 63 53.92 -46.37 -50.57
N MET C 64 54.67 -46.26 -49.48
CA MET C 64 55.55 -47.36 -49.10
C MET C 64 54.76 -48.60 -48.68
N VAL C 65 53.60 -48.41 -48.04
CA VAL C 65 52.78 -49.55 -47.67
C VAL C 65 52.30 -50.27 -48.92
N ILE C 66 51.92 -49.50 -49.94
CA ILE C 66 51.46 -50.05 -51.20
C ILE C 66 52.57 -50.82 -51.90
N VAL C 67 53.78 -50.25 -51.95
CA VAL C 67 54.89 -50.94 -52.60
C VAL C 67 55.20 -52.25 -51.88
N LEU C 68 55.18 -52.23 -50.54
CA LEU C 68 55.53 -53.44 -49.80
C LEU C 68 54.44 -54.49 -49.93
N VAL C 69 53.16 -54.09 -50.00
CA VAL C 69 52.10 -55.06 -50.21
C VAL C 69 52.28 -55.74 -51.56
N ILE C 70 52.54 -54.96 -52.61
CA ILE C 70 52.72 -55.56 -53.92
C ILE C 70 53.92 -56.51 -53.89
N ALA C 71 54.99 -56.09 -53.20
CA ALA C 71 56.19 -56.91 -53.11
C ALA C 71 55.92 -58.21 -52.37
N ALA C 72 55.17 -58.14 -51.28
CA ALA C 72 54.86 -59.33 -50.50
C ALA C 72 53.99 -60.30 -51.29
N LEU C 73 53.01 -59.78 -52.02
CA LEU C 73 52.13 -60.66 -52.78
C LEU C 73 52.89 -61.33 -53.93
N VAL C 74 53.71 -60.57 -54.65
CA VAL C 74 54.47 -61.17 -55.74
C VAL C 74 55.41 -62.20 -55.16
N GLN C 75 55.93 -61.93 -53.96
CA GLN C 75 56.82 -62.88 -53.31
C GLN C 75 56.08 -64.15 -52.89
N LEU C 76 54.81 -64.03 -52.50
CA LEU C 76 54.00 -65.20 -52.21
C LEU C 76 53.82 -66.05 -53.44
N VAL C 77 53.55 -65.41 -54.58
CA VAL C 77 53.32 -66.16 -55.79
C VAL C 77 54.62 -66.81 -56.30
N LEU C 78 55.76 -66.14 -56.11
CA LEU C 78 57.04 -66.60 -56.64
C LEU C 78 57.63 -67.77 -55.86
N GLY C 79 57.06 -68.11 -54.71
CA GLY C 79 57.55 -69.22 -53.92
C GLY C 79 58.32 -68.82 -52.69
N GLU C 80 58.59 -67.54 -52.51
CA GLU C 80 59.28 -67.08 -51.31
C GLU C 80 58.28 -66.75 -50.21
N VAL C 81 57.91 -67.75 -49.39
CA VAL C 81 56.82 -67.54 -48.43
C VAL C 81 57.30 -66.81 -47.17
N VAL C 82 58.50 -67.15 -46.68
CA VAL C 82 59.01 -66.62 -45.42
C VAL C 82 59.25 -65.13 -45.56
N GLU C 83 59.80 -64.72 -46.70
CA GLU C 83 60.05 -63.30 -47.01
C GLU C 83 58.74 -62.51 -47.11
N SER C 84 57.72 -63.12 -47.68
CA SER C 84 56.41 -62.51 -47.66
C SER C 84 55.83 -62.34 -46.25
N LEU C 85 55.98 -63.35 -45.40
CA LEU C 85 55.48 -63.19 -44.05
C LEU C 85 56.26 -62.14 -43.26
N ILE C 86 57.58 -62.07 -43.47
CA ILE C 86 58.38 -61.06 -42.77
C ILE C 86 57.91 -59.67 -43.17
N ILE C 87 57.61 -59.50 -44.47
CA ILE C 87 57.09 -58.22 -44.93
C ILE C 87 55.73 -57.92 -44.33
N PHE C 88 54.85 -58.92 -44.26
CA PHE C 88 53.55 -58.67 -43.65
C PHE C 88 53.66 -58.31 -42.18
N LEU C 89 54.65 -58.88 -41.48
CA LEU C 89 54.83 -58.51 -40.08
C LEU C 89 55.29 -57.06 -39.95
N VAL C 90 56.21 -56.61 -40.81
CA VAL C 90 56.60 -55.20 -40.68
C VAL C 90 55.46 -54.29 -41.10
N LEU C 91 54.60 -54.77 -42.01
CA LEU C 91 53.42 -53.98 -42.34
C LEU C 91 52.48 -53.87 -41.16
N ILE C 92 52.28 -54.97 -40.43
CA ILE C 92 51.39 -54.92 -39.27
C ILE C 92 51.94 -53.92 -38.26
N VAL C 93 53.26 -53.94 -38.06
CA VAL C 93 53.86 -53.08 -37.04
C VAL C 93 53.77 -51.62 -37.46
N ASN C 94 54.07 -51.34 -38.73
CA ASN C 94 54.05 -49.96 -39.22
C ASN C 94 52.64 -49.40 -39.20
N SER C 95 51.64 -50.25 -39.41
CA SER C 95 50.27 -49.77 -39.34
C SER C 95 49.91 -49.43 -37.89
N ILE C 96 50.36 -50.23 -36.94
CA ILE C 96 50.02 -49.92 -35.56
C ILE C 96 50.67 -48.60 -35.13
N ILE C 97 51.88 -48.33 -35.65
CA ILE C 97 52.57 -47.09 -35.29
C ILE C 97 51.84 -45.88 -35.85
N SER C 98 51.31 -46.02 -37.07
CA SER C 98 50.65 -44.86 -37.68
C SER C 98 49.32 -44.59 -37.00
N VAL C 99 48.61 -45.66 -36.61
CA VAL C 99 47.33 -45.44 -35.96
C VAL C 99 47.53 -44.83 -34.60
N VAL C 100 48.57 -45.25 -33.88
CA VAL C 100 48.65 -44.75 -32.51
C VAL C 100 49.08 -43.30 -32.52
N GLN C 101 49.82 -42.88 -33.54
CA GLN C 101 50.24 -41.49 -33.50
C GLN C 101 49.24 -40.54 -34.12
N THR C 102 48.37 -41.02 -35.00
CA THR C 102 47.35 -40.15 -35.55
C THR C 102 46.11 -40.05 -34.68
N ARG C 103 45.80 -41.07 -33.88
CA ARG C 103 44.59 -41.13 -33.06
C ARG C 103 44.69 -40.27 -31.80
N LYS C 104 43.93 -39.17 -31.75
CA LYS C 104 43.78 -38.28 -30.59
C LYS C 104 42.95 -37.06 -30.95
N ALA C 105 42.61 -36.24 -29.94
CA ALA C 105 41.91 -34.96 -30.05
C ALA C 105 40.39 -35.10 -30.10
N GLU C 106 39.86 -36.33 -30.00
CA GLU C 106 38.42 -36.51 -30.06
C GLU C 106 37.70 -36.10 -28.77
N SER C 107 38.09 -36.67 -27.63
CA SER C 107 37.42 -36.40 -26.34
C SER C 107 37.89 -35.09 -25.69
N SER C 108 37.80 -34.00 -26.46
CA SER C 108 38.06 -32.66 -25.95
C SER C 108 36.82 -31.83 -25.66
N LEU C 109 35.64 -32.26 -26.13
CA LEU C 109 34.42 -31.50 -25.95
C LEU C 109 33.61 -31.91 -24.74
N ASP C 110 33.99 -32.99 -24.06
CA ASP C 110 33.24 -33.48 -22.91
C ASP C 110 33.64 -32.78 -21.61
N ALA C 111 34.78 -32.08 -21.61
CA ALA C 111 35.26 -31.45 -20.40
C ALA C 111 34.40 -30.27 -19.97
N LEU C 112 34.06 -29.38 -20.90
CA LEU C 112 33.25 -28.23 -20.49
C LEU C 112 31.76 -28.55 -20.40
N ARG C 113 31.35 -29.81 -20.59
CA ARG C 113 29.99 -30.18 -20.21
C ARG C 113 29.85 -30.11 -18.70
N GLU C 114 30.97 -30.21 -17.99
CA GLU C 114 31.06 -29.89 -16.58
C GLU C 114 31.27 -28.39 -16.44
N MET C 115 31.33 -27.93 -15.19
CA MET C 115 31.48 -26.54 -14.75
C MET C 115 30.27 -25.72 -15.19
N SER C 116 29.47 -26.26 -16.11
CA SER C 116 28.19 -25.64 -16.41
C SER C 116 27.24 -25.87 -15.24
N ALA C 117 26.39 -24.89 -14.98
CA ALA C 117 25.49 -25.01 -13.85
C ALA C 117 24.48 -26.10 -14.13
N PRO C 118 24.21 -27.00 -13.18
CA PRO C 118 23.22 -28.05 -13.41
C PRO C 118 21.81 -27.63 -13.00
N VAL C 119 21.72 -26.62 -12.12
CA VAL C 119 20.47 -26.22 -11.49
C VAL C 119 20.28 -24.72 -11.63
N ALA C 120 19.04 -24.30 -11.87
CA ALA C 120 18.68 -22.90 -12.00
C ALA C 120 17.51 -22.57 -11.09
N LYS C 121 17.58 -21.43 -10.41
CA LYS C 121 16.52 -20.98 -9.51
C LYS C 121 15.75 -19.90 -10.25
N VAL C 122 14.67 -20.33 -10.92
CA VAL C 122 13.91 -19.49 -11.83
C VAL C 122 12.57 -19.15 -11.18
N ILE C 123 11.97 -18.06 -11.64
CA ILE C 123 10.60 -17.73 -11.28
C ILE C 123 9.70 -18.14 -12.44
N ARG C 124 8.82 -19.10 -12.20
CA ARG C 124 7.90 -19.55 -13.23
C ARG C 124 6.53 -19.73 -12.61
N ASP C 125 5.50 -19.34 -13.37
CA ASP C 125 4.12 -19.46 -12.92
C ASP C 125 3.87 -18.70 -11.63
N GLY C 126 4.71 -17.71 -11.31
CA GLY C 126 4.56 -16.96 -10.09
C GLY C 126 5.25 -17.55 -8.87
N SER C 127 6.01 -18.64 -9.02
CA SER C 127 6.65 -19.31 -7.90
C SER C 127 8.15 -19.45 -8.16
N LYS C 128 8.94 -19.14 -7.12
CA LYS C 128 10.37 -19.39 -7.18
C LYS C 128 10.58 -20.89 -7.08
N GLN C 129 11.40 -21.44 -7.96
CA GLN C 129 11.58 -22.89 -7.97
C GLN C 129 12.92 -23.26 -8.58
N SER C 130 13.39 -24.45 -8.21
CA SER C 130 14.63 -25.00 -8.76
C SER C 130 14.30 -25.94 -9.89
N ILE C 131 14.99 -25.77 -11.02
CA ILE C 131 14.78 -26.58 -12.21
C ILE C 131 16.14 -27.01 -12.72
N HIS C 132 16.12 -27.98 -13.62
CA HIS C 132 17.32 -28.33 -14.35
C HIS C 132 17.71 -27.17 -15.25
N ALA C 133 18.98 -26.79 -15.22
CA ALA C 133 19.40 -25.64 -16.00
C ALA C 133 19.22 -25.89 -17.49
N ARG C 134 19.20 -27.15 -17.92
CA ARG C 134 18.94 -27.46 -19.32
C ARG C 134 17.52 -27.11 -19.74
N GLU C 135 16.63 -26.83 -18.78
CA GLU C 135 15.26 -26.46 -19.10
C GLU C 135 15.09 -24.95 -19.23
N LEU C 136 16.18 -24.18 -19.21
CA LEU C 136 16.09 -22.73 -19.31
C LEU C 136 15.86 -22.27 -20.74
N VAL C 137 15.17 -21.14 -20.86
CA VAL C 137 14.80 -20.58 -22.16
C VAL C 137 14.91 -19.06 -22.10
N PRO C 138 15.18 -18.44 -23.24
CA PRO C 138 15.30 -16.98 -23.26
C PRO C 138 14.05 -16.30 -22.75
N GLY C 139 14.23 -15.40 -21.80
CA GLY C 139 13.13 -14.71 -21.14
C GLY C 139 12.89 -15.17 -19.72
N ASP C 140 13.47 -16.29 -19.31
CA ASP C 140 13.30 -16.77 -17.96
C ASP C 140 13.94 -15.81 -16.96
N VAL C 141 13.33 -15.69 -15.80
CA VAL C 141 13.89 -14.86 -14.73
C VAL C 141 14.63 -15.78 -13.77
N VAL C 142 15.95 -15.61 -13.67
CA VAL C 142 16.80 -16.45 -12.86
C VAL C 142 17.27 -15.64 -11.66
N ILE C 143 17.33 -16.30 -10.50
CA ILE C 143 17.82 -15.72 -9.26
C ILE C 143 19.20 -16.26 -8.98
N LEU C 144 20.11 -15.37 -8.55
CA LEU C 144 21.49 -15.73 -8.21
C LEU C 144 21.80 -15.44 -6.75
N ASP C 145 22.51 -16.36 -6.12
CA ASP C 145 22.99 -16.24 -4.76
C ASP C 145 24.49 -16.51 -4.74
N ALA C 146 25.10 -16.30 -3.58
CA ALA C 146 26.52 -16.53 -3.45
C ALA C 146 26.85 -18.01 -3.63
N GLY C 147 27.92 -18.29 -4.37
CA GLY C 147 28.33 -19.66 -4.61
C GLY C 147 27.57 -20.37 -5.71
N ASP C 148 26.61 -19.70 -6.34
CA ASP C 148 25.84 -20.31 -7.42
C ASP C 148 26.61 -20.19 -8.73
N PHE C 149 26.33 -21.14 -9.63
CA PHE C 149 26.89 -21.11 -10.97
C PHE C 149 25.84 -20.53 -11.92
N VAL C 150 26.23 -19.52 -12.68
CA VAL C 150 25.30 -18.85 -13.59
C VAL C 150 24.86 -19.88 -14.62
N PRO C 151 23.56 -20.14 -14.74
CA PRO C 151 23.11 -21.23 -15.62
C PRO C 151 22.96 -20.86 -17.09
N ALA C 152 22.81 -19.58 -17.42
CA ALA C 152 22.65 -19.16 -18.82
C ALA C 152 23.04 -17.69 -18.94
N ASP C 153 23.23 -17.24 -20.19
CA ASP C 153 23.56 -15.83 -20.44
C ASP C 153 22.32 -14.94 -20.33
N GLY C 154 22.49 -13.76 -19.74
CA GLY C 154 21.36 -12.87 -19.60
C GLY C 154 21.76 -11.51 -19.10
N ARG C 155 20.78 -10.61 -19.09
CA ARG C 155 20.94 -9.21 -18.72
C ARG C 155 20.43 -8.99 -17.30
N LEU C 156 21.28 -8.43 -16.44
CA LEU C 156 20.89 -8.16 -15.06
C LEU C 156 19.88 -7.03 -14.99
N PHE C 157 18.88 -7.21 -14.12
CA PHE C 157 17.96 -6.13 -13.80
C PHE C 157 17.78 -5.95 -12.29
N GLU C 158 18.40 -6.78 -11.47
CA GLU C 158 18.36 -6.57 -10.02
C GLU C 158 19.67 -7.07 -9.44
N SER C 159 20.40 -6.20 -8.78
CA SER C 159 21.71 -6.55 -8.24
C SER C 159 21.87 -5.97 -6.85
N GLY C 160 22.31 -6.80 -5.90
CA GLY C 160 22.62 -6.33 -4.58
C GLY C 160 24.07 -6.61 -4.27
N SER C 161 24.97 -5.72 -4.70
CA SER C 161 26.41 -5.93 -4.55
C SER C 161 26.82 -7.28 -5.10
N LEU C 162 26.37 -7.56 -6.32
CA LEU C 162 26.61 -8.85 -6.95
C LEU C 162 28.04 -8.91 -7.47
N LYS C 163 28.76 -9.97 -7.13
CA LYS C 163 30.12 -10.20 -7.57
C LYS C 163 30.29 -11.64 -8.02
N ILE C 164 30.79 -11.80 -9.25
CA ILE C 164 30.97 -13.07 -9.95
C ILE C 164 32.43 -13.23 -10.37
N ASP C 165 32.89 -14.49 -10.38
CA ASP C 165 34.21 -14.87 -10.90
C ASP C 165 34.03 -15.37 -12.34
N GLU C 166 34.31 -14.51 -13.31
CA GLU C 166 34.17 -14.84 -14.73
C GLU C 166 35.47 -15.37 -15.32
N GLY C 167 36.23 -16.14 -14.54
CA GLY C 167 37.54 -16.60 -14.98
C GLY C 167 37.50 -17.53 -16.18
N MET C 168 36.32 -18.00 -16.57
CA MET C 168 36.23 -18.83 -17.76
C MET C 168 36.35 -18.00 -19.02
N LEU C 169 36.10 -16.69 -18.94
CA LEU C 169 36.22 -15.83 -20.09
C LEU C 169 37.43 -14.90 -20.05
N THR C 170 37.85 -14.41 -18.89
CA THR C 170 38.97 -13.48 -18.84
C THR C 170 40.21 -14.07 -18.22
N GLY C 171 40.10 -15.21 -17.53
CA GLY C 171 41.26 -15.83 -16.93
C GLY C 171 41.63 -15.22 -15.61
N GLU C 172 40.91 -14.22 -15.15
CA GLU C 172 41.17 -13.58 -13.88
C GLU C 172 40.23 -14.17 -12.84
N SER C 173 40.81 -14.75 -11.78
CA SER C 173 40.01 -15.37 -10.73
C SER C 173 39.43 -14.35 -9.76
N GLU C 174 39.73 -13.07 -9.95
CA GLU C 174 39.18 -12.03 -9.10
C GLU C 174 37.71 -11.82 -9.44
N ALA C 175 36.88 -11.64 -8.41
CA ALA C 175 35.46 -11.40 -8.63
C ALA C 175 35.25 -9.98 -9.15
N VAL C 176 34.41 -9.85 -10.19
CA VAL C 176 34.13 -8.53 -10.75
C VAL C 176 32.79 -8.05 -10.23
N GLU C 177 32.70 -6.75 -9.99
CA GLU C 177 31.47 -6.14 -9.49
C GLU C 177 30.48 -5.97 -10.63
N LYS C 178 29.22 -6.28 -10.35
CA LYS C 178 28.17 -6.16 -11.35
C LYS C 178 27.26 -4.99 -11.05
N TYR C 179 26.72 -4.39 -12.10
CA TYR C 179 25.80 -3.28 -11.99
C TYR C 179 24.70 -3.42 -13.03
N ILE C 180 23.48 -3.05 -12.65
CA ILE C 180 22.33 -3.16 -13.55
C ILE C 180 22.24 -2.00 -14.53
N ASP C 181 23.16 -1.05 -14.44
CA ASP C 181 23.10 0.14 -15.29
C ASP C 181 23.36 -0.21 -16.75
N THR C 182 22.72 0.56 -17.64
CA THR C 182 22.91 0.35 -19.07
C THR C 182 24.28 0.90 -19.49
N ILE C 183 24.99 0.12 -20.31
CA ILE C 183 26.31 0.51 -20.80
C ILE C 183 26.13 1.28 -22.10
N PRO C 184 26.56 2.56 -22.16
CA PRO C 184 26.30 3.37 -23.37
C PRO C 184 27.22 3.08 -24.56
N ASP C 185 28.51 2.86 -24.32
CA ASP C 185 29.45 2.62 -25.41
C ASP C 185 29.72 1.13 -25.54
N GLU C 186 30.55 0.78 -26.51
CA GLU C 186 30.95 -0.61 -26.72
C GLU C 186 32.03 -0.98 -25.71
N VAL C 187 31.83 -2.10 -25.03
CA VAL C 187 32.79 -2.57 -24.04
C VAL C 187 33.23 -3.97 -24.43
N GLY C 188 34.34 -4.39 -23.83
CA GLY C 188 34.87 -5.71 -24.05
C GLY C 188 34.01 -6.77 -23.38
N LEU C 189 34.37 -8.03 -23.64
CA LEU C 189 33.62 -9.15 -23.07
C LEU C 189 33.77 -9.22 -21.56
N GLY C 190 34.96 -8.93 -21.04
CA GLY C 190 35.18 -8.96 -19.60
C GLY C 190 34.56 -7.81 -18.84
N ASP C 191 34.31 -6.69 -19.52
CA ASP C 191 33.74 -5.50 -18.89
C ASP C 191 32.24 -5.41 -19.07
N ARG C 192 31.57 -6.51 -19.41
CA ARG C 192 30.11 -6.50 -19.55
C ARG C 192 29.52 -6.54 -18.15
N VAL C 193 29.48 -5.37 -17.52
CA VAL C 193 29.07 -5.27 -16.12
C VAL C 193 27.60 -5.60 -15.94
N ASN C 194 26.75 -5.31 -16.93
CA ASN C 194 25.32 -5.56 -16.81
C ASN C 194 24.93 -6.92 -17.37
N MET C 195 25.88 -7.84 -17.50
CA MET C 195 25.63 -9.14 -18.11
C MET C 195 26.26 -10.24 -17.26
N VAL C 196 25.58 -11.38 -17.17
CA VAL C 196 26.19 -12.57 -16.56
C VAL C 196 26.24 -13.66 -17.61
N PHE C 197 27.24 -14.54 -17.50
CA PHE C 197 27.50 -15.52 -18.53
C PHE C 197 27.52 -16.93 -17.95
N SER C 198 26.97 -17.85 -18.71
CA SER C 198 26.76 -19.22 -18.25
C SER C 198 28.11 -19.86 -17.95
N GLY C 199 28.20 -20.48 -16.78
CA GLY C 199 29.41 -21.12 -16.32
C GLY C 199 30.17 -20.35 -15.25
N SER C 200 29.99 -19.03 -15.19
CA SER C 200 30.73 -18.28 -14.19
C SER C 200 30.15 -18.56 -12.80
N LEU C 201 30.98 -18.31 -11.78
CA LEU C 201 30.65 -18.63 -10.39
C LEU C 201 30.39 -17.33 -9.64
N VAL C 202 29.22 -17.20 -9.07
CA VAL C 202 28.90 -16.03 -8.26
C VAL C 202 29.61 -16.15 -6.93
N VAL C 203 30.19 -15.05 -6.49
CA VAL C 203 31.05 -15.03 -5.31
C VAL C 203 30.35 -14.39 -4.11
N TYR C 204 29.60 -13.31 -4.34
CA TYR C 204 28.94 -12.64 -3.22
C TYR C 204 27.77 -11.81 -3.72
N GLY C 205 26.64 -11.92 -3.03
CA GLY C 205 25.50 -11.06 -3.31
C GLY C 205 24.36 -11.83 -3.95
N ARG C 206 23.25 -11.11 -4.10
CA ARG C 206 22.05 -11.63 -4.73
C ARG C 206 21.81 -10.89 -6.05
N GLY C 207 21.20 -11.59 -7.00
CA GLY C 207 20.96 -11.03 -8.30
C GLY C 207 19.73 -11.62 -8.96
N MET C 208 19.32 -10.98 -10.04
CA MET C 208 18.14 -11.41 -10.80
C MET C 208 18.29 -10.90 -12.22
N PHE C 209 18.28 -11.82 -13.18
CA PHE C 209 18.46 -11.46 -14.59
C PHE C 209 17.55 -12.28 -15.48
N VAL C 210 17.28 -11.74 -16.66
CA VAL C 210 16.44 -12.40 -17.66
C VAL C 210 17.35 -13.09 -18.67
N VAL C 211 17.07 -14.38 -18.93
CA VAL C 211 17.93 -15.15 -19.82
C VAL C 211 17.83 -14.60 -21.23
N THR C 212 18.98 -14.35 -21.83
CA THR C 212 19.11 -13.91 -23.22
C THR C 212 19.79 -14.91 -24.13
N GLY C 213 20.46 -15.92 -23.59
CA GLY C 213 21.12 -16.91 -24.43
C GLY C 213 21.31 -18.25 -23.75
N THR C 214 21.01 -19.31 -24.49
CA THR C 214 21.13 -20.68 -24.04
C THR C 214 21.80 -21.52 -25.13
N ALA C 215 22.04 -22.78 -24.80
CA ALA C 215 22.51 -23.80 -25.75
C ALA C 215 23.82 -23.30 -26.35
N SER C 216 24.01 -23.45 -27.67
CA SER C 216 25.28 -23.09 -28.27
C SER C 216 25.34 -21.62 -28.65
N GLU C 217 24.34 -20.85 -28.25
CA GLU C 217 24.29 -19.40 -28.45
C GLU C 217 24.78 -18.62 -27.23
N THR C 218 25.77 -19.13 -26.52
CA THR C 218 26.29 -18.50 -25.32
C THR C 218 27.79 -18.32 -25.49
N GLU C 219 28.35 -17.45 -24.65
CA GLU C 219 29.80 -17.25 -24.67
C GLU C 219 30.54 -18.54 -24.41
N ILE C 220 29.98 -19.43 -23.59
CA ILE C 220 30.56 -20.74 -23.37
C ILE C 220 30.26 -21.68 -24.54
N GLY C 221 29.07 -21.58 -25.13
CA GLY C 221 28.76 -22.40 -26.28
C GLY C 221 29.65 -22.08 -27.46
N LYS C 222 30.00 -20.80 -27.61
CA LYS C 222 30.93 -20.43 -28.67
C LYS C 222 32.30 -21.03 -28.40
N ILE C 223 32.69 -21.13 -27.12
CA ILE C 223 33.94 -21.79 -26.78
C ILE C 223 33.89 -23.25 -27.23
N ALA C 224 32.77 -23.92 -26.98
CA ALA C 224 32.62 -25.31 -27.41
C ALA C 224 32.70 -25.42 -28.92
N GLY C 225 32.11 -24.44 -29.62
CA GLY C 225 32.14 -24.46 -31.07
C GLY C 225 33.54 -24.22 -31.60
N LEU C 226 34.28 -23.32 -30.96
CA LEU C 226 35.64 -23.05 -31.39
C LEU C 226 36.53 -24.29 -31.21
N LEU C 227 36.39 -25.00 -30.08
CA LEU C 227 37.19 -26.22 -29.94
C LEU C 227 36.77 -27.30 -30.94
N GLU C 228 35.47 -27.38 -31.28
CA GLU C 228 35.11 -28.47 -32.18
C GLU C 228 35.75 -28.32 -33.56
N THR C 229 35.73 -27.09 -34.10
CA THR C 229 36.26 -26.77 -35.41
C THR C 229 37.78 -26.63 -35.44
N ALA C 230 38.44 -26.42 -34.29
CA ALA C 230 39.90 -26.36 -34.30
C ALA C 230 40.40 -27.66 -34.90
N GLU C 231 41.25 -27.55 -35.90
CA GLU C 231 41.64 -28.76 -36.62
C GLU C 231 43.10 -29.06 -36.37
N ALA C 232 43.37 -30.35 -36.26
CA ALA C 232 44.74 -30.78 -36.00
C ALA C 232 45.59 -30.52 -37.22
N LYS C 233 46.84 -30.11 -36.98
CA LYS C 233 47.74 -29.83 -38.09
C LYS C 233 48.70 -30.98 -38.28
N GLN C 234 49.37 -30.98 -39.42
CA GLN C 234 50.37 -32.00 -39.70
C GLN C 234 51.71 -31.59 -39.12
N THR C 235 52.41 -32.56 -38.58
CA THR C 235 53.71 -32.28 -37.99
C THR C 235 54.73 -31.95 -39.07
N PRO C 236 55.69 -31.04 -38.79
CA PRO C 236 56.73 -30.76 -39.78
C PRO C 236 57.48 -31.99 -40.23
N LEU C 237 57.86 -32.88 -39.30
CA LEU C 237 58.47 -34.15 -39.70
C LEU C 237 57.49 -34.99 -40.51
N GLN C 238 56.21 -34.95 -40.18
CA GLN C 238 55.23 -35.70 -40.96
C GLN C 238 55.13 -35.19 -42.39
N ARG C 239 55.17 -33.87 -42.61
CA ARG C 239 55.20 -33.42 -43.99
C ARG C 239 56.48 -33.88 -44.67
N LYS C 240 57.62 -33.76 -43.97
CA LYS C 240 58.88 -34.12 -44.60
C LYS C 240 58.90 -35.59 -45.00
N LEU C 241 58.43 -36.47 -44.11
CA LEU C 241 58.41 -37.89 -44.42
C LEU C 241 57.37 -38.21 -45.49
N GLU C 242 56.23 -37.53 -45.52
CA GLU C 242 55.25 -37.83 -46.55
C GLU C 242 55.80 -37.52 -47.93
N SER C 243 56.38 -36.33 -48.10
CA SER C 243 56.95 -36.03 -49.42
C SER C 243 58.08 -36.98 -49.76
N PHE C 244 58.88 -37.39 -48.76
CA PHE C 244 59.94 -38.34 -49.05
C PHE C 244 59.37 -39.69 -49.48
N SER C 245 58.25 -40.08 -48.88
CA SER C 245 57.62 -41.34 -49.29
C SER C 245 57.08 -41.24 -50.71
N LYS C 246 56.45 -40.11 -51.07
CA LYS C 246 55.97 -39.95 -52.43
C LYS C 246 57.11 -39.99 -53.45
N LYS C 247 58.21 -39.29 -53.13
CA LYS C 247 59.35 -39.30 -54.04
C LYS C 247 59.90 -40.70 -54.20
N LEU C 248 60.04 -41.45 -53.09
CA LEU C 248 60.59 -42.79 -53.20
C LEU C 248 59.63 -43.71 -53.93
N GLY C 249 58.32 -43.53 -53.73
CA GLY C 249 57.36 -44.38 -54.41
C GLY C 249 57.44 -44.20 -55.91
N LEU C 250 57.48 -42.94 -56.37
CA LEU C 250 57.65 -42.70 -57.81
C LEU C 250 58.97 -43.26 -58.30
N GLY C 251 60.03 -43.10 -57.53
CA GLY C 251 61.32 -43.66 -57.93
C GLY C 251 61.26 -45.16 -58.11
N ILE C 252 60.64 -45.86 -57.16
CA ILE C 252 60.56 -47.32 -57.25
C ILE C 252 59.73 -47.72 -58.46
N LEU C 253 58.62 -47.04 -58.68
CA LEU C 253 57.82 -47.35 -59.87
C LEU C 253 58.64 -47.14 -61.14
N ALA C 254 59.46 -46.09 -61.17
CA ALA C 254 60.27 -45.82 -62.34
C ALA C 254 61.32 -46.91 -62.55
N LEU C 255 62.01 -47.31 -61.48
CA LEU C 255 63.03 -48.35 -61.58
C LEU C 255 62.44 -49.69 -61.97
N CYS C 256 61.24 -50.01 -61.47
CA CYS C 256 60.59 -51.27 -61.83
C CYS C 256 60.19 -51.27 -63.30
N VAL C 257 59.72 -50.12 -63.78
CA VAL C 257 59.42 -50.00 -65.21
C VAL C 257 60.70 -50.19 -66.02
N LEU C 258 61.81 -49.56 -65.58
CA LEU C 258 63.10 -49.73 -66.27
C LEU C 258 63.58 -51.17 -66.23
N ILE C 259 63.38 -51.85 -65.10
CA ILE C 259 63.77 -53.25 -65.00
C ILE C 259 63.03 -54.06 -66.05
N PHE C 260 61.71 -53.88 -66.11
CA PHE C 260 60.93 -54.66 -67.08
C PHE C 260 61.25 -54.26 -68.51
N ALA C 261 61.48 -52.98 -68.76
CA ALA C 261 61.77 -52.53 -70.12
C ALA C 261 63.08 -53.13 -70.59
N VAL C 262 64.11 -53.09 -69.73
CA VAL C 262 65.39 -53.67 -70.09
C VAL C 262 65.27 -55.17 -70.30
N GLU C 263 64.54 -55.87 -69.41
CA GLU C 263 64.47 -57.31 -69.53
C GLU C 263 63.68 -57.72 -70.76
N ALA C 264 62.59 -57.03 -71.05
CA ALA C 264 61.77 -57.35 -72.21
C ALA C 264 62.51 -57.00 -73.49
N GLY C 265 63.23 -55.88 -73.49
CA GLY C 265 63.98 -55.51 -74.67
C GLY C 265 65.14 -56.43 -74.93
N ARG C 266 65.76 -56.96 -73.87
CA ARG C 266 66.84 -57.91 -74.09
C ARG C 266 66.27 -59.21 -74.67
N VAL C 267 65.04 -59.57 -74.28
CA VAL C 267 64.39 -60.71 -74.93
C VAL C 267 63.97 -60.35 -76.35
N LEU C 268 63.77 -59.07 -76.63
CA LEU C 268 63.34 -58.66 -77.96
C LEU C 268 64.47 -58.90 -78.97
N LEU C 269 65.70 -58.64 -78.57
CA LEU C 269 66.91 -58.71 -79.39
C LEU C 269 67.71 -60.00 -79.17
N GLY C 270 67.05 -61.14 -79.05
CA GLY C 270 67.73 -62.43 -78.93
C GLY C 270 67.01 -63.42 -79.82
N ASP C 271 67.28 -64.72 -79.72
CA ASP C 271 66.58 -65.70 -80.55
C ASP C 271 66.81 -67.12 -80.06
N ASN C 272 65.73 -67.86 -79.84
CA ASN C 272 65.80 -69.26 -79.41
C ASN C 272 66.48 -69.49 -78.05
N SER C 273 67.76 -69.12 -77.94
CA SER C 273 68.50 -69.42 -76.72
C SER C 273 67.99 -68.66 -75.50
N ALA C 274 67.28 -67.56 -75.69
CA ALA C 274 66.74 -66.81 -74.55
C ALA C 274 65.34 -67.35 -74.28
N ASP C 275 65.12 -67.80 -73.06
CA ASP C 275 63.83 -68.30 -72.61
C ASP C 275 63.06 -67.11 -72.05
N MET C 276 61.90 -66.80 -72.66
CA MET C 276 61.13 -65.63 -72.25
C MET C 276 60.56 -65.74 -70.84
N ALA C 277 60.09 -66.92 -70.44
CA ALA C 277 59.56 -67.07 -69.09
C ALA C 277 60.65 -66.79 -68.06
N THR C 278 61.86 -67.28 -68.33
CA THR C 278 62.96 -67.07 -67.40
C THR C 278 63.23 -65.59 -67.26
N ALA C 279 63.14 -64.84 -68.36
CA ALA C 279 63.42 -63.40 -68.31
C ALA C 279 62.32 -62.66 -67.56
N ILE C 280 61.07 -63.10 -67.72
CA ILE C 280 59.99 -62.46 -66.97
C ILE C 280 60.20 -62.70 -65.47
N LEU C 281 60.62 -63.91 -65.14
CA LEU C 281 60.88 -64.22 -63.74
C LEU C 281 62.02 -63.36 -63.19
N ASN C 282 63.07 -63.14 -63.99
CA ASN C 282 64.16 -62.27 -63.53
C ASN C 282 63.67 -60.85 -63.34
N ALA C 283 62.81 -60.36 -64.24
CA ALA C 283 62.31 -59.00 -64.08
C ALA C 283 61.55 -58.87 -62.77
N PHE C 284 60.73 -59.88 -62.44
CA PHE C 284 59.98 -59.83 -61.20
C PHE C 284 60.90 -59.89 -59.99
N MET C 285 61.91 -60.77 -60.02
CA MET C 285 62.83 -60.88 -58.89
C MET C 285 63.63 -59.59 -58.71
N PHE C 286 64.10 -58.98 -59.81
CA PHE C 286 64.85 -57.74 -59.70
C PHE C 286 63.98 -56.61 -59.19
N ALA C 287 62.72 -56.54 -59.63
CA ALA C 287 61.82 -55.49 -59.17
C ALA C 287 61.49 -55.65 -57.68
N VAL C 288 61.22 -56.88 -57.23
CA VAL C 288 60.96 -57.11 -55.81
C VAL C 288 62.20 -56.75 -54.98
N ALA C 289 63.38 -57.16 -55.46
CA ALA C 289 64.62 -56.83 -54.75
C ALA C 289 64.78 -55.33 -54.63
N VAL C 290 64.52 -54.60 -55.72
CA VAL C 290 64.68 -53.16 -55.68
C VAL C 290 63.64 -52.53 -54.77
N ALA C 291 62.41 -53.07 -54.75
CA ALA C 291 61.41 -52.50 -53.87
C ALA C 291 61.83 -52.65 -52.41
N VAL C 292 62.18 -53.88 -52.01
CA VAL C 292 62.59 -54.10 -50.62
C VAL C 292 63.86 -53.33 -50.28
N ALA C 293 64.83 -53.26 -51.21
CA ALA C 293 66.09 -52.58 -50.89
C ALA C 293 65.91 -51.08 -50.76
N ALA C 294 65.02 -50.49 -51.57
CA ALA C 294 64.86 -49.05 -51.58
C ALA C 294 64.04 -48.53 -50.41
N ILE C 295 63.10 -49.32 -49.90
CA ILE C 295 62.21 -48.87 -48.82
C ILE C 295 62.99 -49.07 -47.52
N PRO C 296 63.21 -48.03 -46.74
CA PRO C 296 63.81 -48.24 -45.43
C PRO C 296 62.78 -48.77 -44.45
N GLU C 297 62.60 -50.10 -44.42
CA GLU C 297 61.50 -50.71 -43.67
C GLU C 297 61.55 -50.40 -42.18
N ALA C 298 62.73 -50.09 -41.62
CA ALA C 298 62.77 -49.83 -40.19
C ALA C 298 62.62 -48.36 -39.85
N LEU C 299 62.23 -47.52 -40.83
CA LEU C 299 62.19 -46.08 -40.61
C LEU C 299 61.13 -45.69 -39.58
N SER C 300 59.90 -46.19 -39.75
CA SER C 300 58.83 -45.80 -38.84
C SER C 300 59.11 -46.26 -37.41
N SER C 301 59.70 -47.44 -37.28
CA SER C 301 59.99 -47.97 -35.96
C SER C 301 61.12 -47.18 -35.29
N ILE C 302 62.15 -46.80 -36.05
CA ILE C 302 63.27 -46.03 -35.52
C ILE C 302 62.87 -44.60 -35.19
N VAL C 303 62.07 -43.96 -36.04
CA VAL C 303 61.61 -42.61 -35.73
C VAL C 303 60.82 -42.62 -34.42
N THR C 304 60.01 -43.66 -34.22
CA THR C 304 59.29 -43.76 -32.96
C THR C 304 60.24 -43.93 -31.78
N ILE C 305 61.31 -44.69 -31.94
CA ILE C 305 62.25 -44.86 -30.83
C ILE C 305 62.93 -43.54 -30.47
N VAL C 306 63.39 -42.79 -31.47
CA VAL C 306 64.03 -41.50 -31.19
C VAL C 306 63.06 -40.49 -30.57
N LEU C 307 61.82 -40.42 -31.10
CA LEU C 307 60.85 -39.52 -30.49
C LEU C 307 60.59 -39.91 -29.05
N ALA C 308 60.58 -41.22 -28.77
CA ALA C 308 60.37 -41.69 -27.41
C ALA C 308 61.52 -41.30 -26.50
N VAL C 309 62.77 -41.38 -26.98
CA VAL C 309 63.87 -40.93 -26.13
C VAL C 309 63.67 -39.47 -25.77
N GLY C 310 63.23 -38.66 -26.74
CA GLY C 310 63.01 -37.24 -26.46
C GLY C 310 61.88 -36.99 -25.47
N THR C 311 60.76 -37.70 -25.63
CA THR C 311 59.66 -37.46 -24.71
C THR C 311 59.97 -37.96 -23.31
N ASN C 312 60.79 -39.00 -23.18
CA ASN C 312 61.18 -39.46 -21.86
C ASN C 312 62.07 -38.44 -21.18
N LYS C 313 63.02 -37.90 -21.94
CA LYS C 313 63.87 -36.85 -21.37
C LYS C 313 63.04 -35.68 -20.91
N MET C 314 61.98 -35.34 -21.65
CA MET C 314 61.11 -34.26 -21.18
C MET C 314 60.28 -34.71 -19.98
N ALA C 315 59.96 -36.00 -19.89
CA ALA C 315 59.19 -36.50 -18.76
C ALA C 315 59.99 -36.44 -17.46
N LYS C 316 61.31 -36.53 -17.53
CA LYS C 316 62.11 -36.40 -16.31
C LYS C 316 61.94 -35.02 -15.67
N GLN C 317 61.71 -33.99 -16.49
CA GLN C 317 61.52 -32.63 -16.01
C GLN C 317 60.05 -32.31 -15.73
N HIS C 318 59.22 -33.34 -15.59
CA HIS C 318 57.81 -33.16 -15.27
C HIS C 318 57.08 -32.40 -16.37
N ALA C 319 57.41 -32.72 -17.62
CA ALA C 319 56.78 -32.16 -18.80
C ALA C 319 56.14 -33.32 -19.56
N ILE C 320 54.82 -33.45 -19.45
CA ILE C 320 54.11 -34.62 -19.96
C ILE C 320 53.63 -34.31 -21.37
N ILE C 321 54.24 -34.95 -22.36
CA ILE C 321 53.85 -34.79 -23.75
C ILE C 321 52.99 -35.99 -24.10
N ARG C 322 51.76 -35.74 -24.54
CA ARG C 322 50.82 -36.81 -24.82
C ARG C 322 51.21 -37.57 -26.10
N LYS C 323 51.27 -36.87 -27.23
CA LYS C 323 51.56 -37.51 -28.51
C LYS C 323 53.06 -37.54 -28.73
N LEU C 324 53.55 -38.66 -29.26
CA LEU C 324 54.99 -38.80 -29.46
C LEU C 324 55.55 -37.81 -30.48
N PRO C 325 54.94 -37.58 -31.65
CA PRO C 325 55.52 -36.63 -32.60
C PRO C 325 55.57 -35.19 -32.12
N ALA C 326 54.80 -34.82 -31.09
CA ALA C 326 54.76 -33.41 -30.68
C ALA C 326 56.09 -32.89 -30.19
N VAL C 327 56.96 -33.75 -29.66
CA VAL C 327 58.24 -33.26 -29.15
C VAL C 327 59.05 -32.66 -30.29
N GLU C 328 59.00 -33.30 -31.46
CA GLU C 328 59.70 -32.74 -32.62
C GLU C 328 59.05 -31.45 -33.09
N THR C 329 57.72 -31.35 -33.01
CA THR C 329 57.06 -30.10 -33.36
C THR C 329 57.51 -28.97 -32.45
N LEU C 330 57.87 -29.29 -31.21
CA LEU C 330 58.39 -28.23 -30.33
C LEU C 330 59.66 -27.63 -30.88
N GLY C 331 60.49 -28.45 -31.54
CA GLY C 331 61.74 -27.98 -32.09
C GLY C 331 61.60 -27.03 -33.26
N SER C 332 60.49 -27.10 -33.98
CA SER C 332 60.24 -26.24 -35.12
C SER C 332 59.46 -24.99 -34.73
N THR C 333 59.30 -24.73 -33.44
CA THR C 333 58.48 -23.61 -33.00
C THR C 333 59.10 -22.31 -33.46
N SER C 334 58.25 -21.41 -33.92
CA SER C 334 58.66 -20.07 -34.33
C SER C 334 57.99 -18.97 -33.54
N VAL C 335 56.76 -19.19 -33.07
CA VAL C 335 56.05 -18.25 -32.24
C VAL C 335 55.56 -18.98 -31.01
N ILE C 336 55.66 -18.35 -29.86
CA ILE C 336 55.15 -18.90 -28.61
C ILE C 336 54.16 -17.89 -28.07
N CYS C 337 52.88 -18.15 -28.30
CA CYS C 337 51.81 -17.33 -27.76
C CYS C 337 51.54 -17.81 -26.36
N THR C 338 51.51 -16.90 -25.41
CA THR C 338 51.37 -17.26 -24.02
C THR C 338 50.30 -16.43 -23.34
N ASP C 339 49.61 -17.06 -22.38
CA ASP C 339 48.66 -16.39 -21.52
C ASP C 339 49.41 -15.80 -20.33
N LYS C 340 48.82 -14.78 -19.71
CA LYS C 340 49.46 -14.15 -18.56
C LYS C 340 49.04 -14.83 -17.27
N THR C 341 47.86 -14.46 -16.77
CA THR C 341 47.37 -14.93 -15.49
C THR C 341 47.30 -16.44 -15.44
N GLY C 342 48.07 -17.02 -14.53
CA GLY C 342 48.12 -18.45 -14.29
C GLY C 342 49.23 -19.13 -15.05
N THR C 343 49.67 -18.54 -16.15
CA THR C 343 50.72 -19.10 -17.00
C THR C 343 52.01 -18.33 -16.82
N LEU C 344 52.06 -17.06 -17.28
CA LEU C 344 53.23 -16.23 -17.00
C LEU C 344 53.33 -15.89 -15.52
N THR C 345 52.18 -15.69 -14.88
CA THR C 345 52.13 -15.41 -13.45
C THR C 345 51.63 -16.65 -12.73
N GLN C 346 51.21 -16.48 -11.47
CA GLN C 346 50.71 -17.59 -10.68
C GLN C 346 49.36 -17.27 -10.08
N ASN C 347 48.69 -16.23 -10.59
CA ASN C 347 47.35 -15.86 -10.14
C ASN C 347 47.33 -15.62 -8.63
N LYS C 348 48.36 -14.93 -8.13
CA LYS C 348 48.52 -14.67 -6.70
C LYS C 348 48.83 -13.19 -6.52
N MET C 349 47.81 -12.41 -6.16
CA MET C 349 48.05 -11.00 -5.91
C MET C 349 48.99 -10.88 -4.72
N THR C 350 50.06 -10.10 -4.88
CA THR C 350 51.08 -10.03 -3.84
C THR C 350 51.66 -8.62 -3.79
N VAL C 351 51.82 -8.09 -2.58
CA VAL C 351 52.45 -6.78 -2.45
C VAL C 351 53.92 -6.89 -2.77
N VAL C 352 54.44 -5.95 -3.56
CA VAL C 352 55.81 -5.97 -4.04
C VAL C 352 56.59 -4.74 -3.60
N ASP C 353 55.93 -3.59 -3.55
CA ASP C 353 56.62 -2.35 -3.21
C ASP C 353 55.91 -1.73 -2.00
N TYR C 354 56.69 -0.94 -1.26
CA TYR C 354 56.28 -0.43 0.04
C TYR C 354 56.79 0.99 0.18
N TYR C 355 55.96 1.87 0.75
CA TYR C 355 56.38 3.25 0.97
C TYR C 355 55.91 3.66 2.36
N LEU C 356 56.87 3.87 3.27
CA LEU C 356 56.61 4.41 4.59
C LEU C 356 57.50 5.63 4.84
N PRO C 357 56.98 6.65 5.54
CA PRO C 357 57.72 7.91 5.68
C PRO C 357 59.01 7.85 6.51
N ASP C 358 59.12 6.97 7.52
CA ASP C 358 60.35 6.90 8.32
C ASP C 358 61.38 5.97 7.67
N GLY C 359 61.76 6.35 6.46
CA GLY C 359 62.77 5.66 5.69
C GLY C 359 62.16 4.66 4.74
N THR C 360 62.14 5.02 3.46
CA THR C 360 61.64 4.14 2.41
C THR C 360 62.86 3.58 1.72
N LYS C 361 63.05 2.27 1.83
CA LYS C 361 64.17 1.62 1.15
C LYS C 361 63.64 0.89 -0.07
N GLU C 362 64.53 0.65 -1.02
CA GLU C 362 64.14 -0.06 -2.24
C GLU C 362 63.63 -1.45 -1.90
N ASN C 363 64.31 -2.16 -1.01
CA ASN C 363 63.87 -3.49 -0.60
C ASN C 363 63.42 -3.45 0.85
N PHE C 364 62.43 -4.28 1.17
CA PHE C 364 61.91 -4.38 2.53
C PHE C 364 62.71 -5.36 3.38
N PRO C 365 63.11 -4.95 4.59
CA PRO C 365 63.92 -5.83 5.47
C PRO C 365 63.11 -7.00 6.02
N GLU C 366 63.87 -7.93 6.61
CA GLU C 366 63.40 -9.19 7.16
C GLU C 366 63.48 -9.18 8.69
N SER C 367 62.49 -9.84 9.35
CA SER C 367 62.48 -9.99 10.81
C SER C 367 62.22 -8.65 11.51
N PRO C 368 61.42 -8.62 12.59
CA PRO C 368 60.94 -7.34 13.13
C PRO C 368 61.98 -6.38 13.71
N GLU C 369 63.10 -6.83 14.25
CA GLU C 369 64.04 -5.86 14.83
C GLU C 369 65.28 -5.60 13.99
N ASN C 370 65.46 -6.29 12.86
CA ASN C 370 66.62 -5.99 12.03
C ASN C 370 66.46 -4.62 11.39
N TRP C 371 65.25 -4.28 10.94
CA TRP C 371 64.93 -2.92 10.54
C TRP C 371 64.66 -2.07 11.79
N SER C 372 64.51 -0.76 11.60
CA SER C 372 64.14 0.09 12.73
C SER C 372 62.70 -0.22 13.13
N GLU C 373 62.51 -0.47 14.43
CA GLU C 373 61.24 -0.98 14.95
C GLU C 373 60.04 -0.13 14.55
N GLY C 374 60.21 1.18 14.43
CA GLY C 374 59.11 2.02 13.97
C GLY C 374 58.61 1.60 12.60
N GLU C 375 59.50 1.09 11.76
CA GLU C 375 59.13 0.66 10.42
C GLU C 375 58.10 -0.46 10.47
N ARG C 376 58.13 -1.30 11.51
CA ARG C 376 57.18 -2.40 11.64
C ARG C 376 55.81 -1.97 12.13
N ARG C 377 55.58 -0.67 12.38
CA ARG C 377 54.28 -0.28 12.92
C ARG C 377 53.15 -0.51 11.93
N LEU C 378 53.39 -0.26 10.65
CA LEU C 378 52.37 -0.54 9.64
C LEU C 378 52.07 -2.03 9.59
N ILE C 379 53.10 -2.86 9.83
CA ILE C 379 52.85 -4.31 9.83
C ILE C 379 51.84 -4.63 10.90
N HIS C 380 51.92 -3.93 12.04
CA HIS C 380 50.96 -4.12 13.12
C HIS C 380 49.55 -3.86 12.62
N ILE C 381 49.42 -2.91 11.70
CA ILE C 381 48.13 -2.53 11.12
C ILE C 381 47.64 -3.60 10.14
N ALA C 382 48.57 -4.22 9.40
CA ALA C 382 48.21 -5.17 8.35
C ALA C 382 47.57 -6.45 8.88
N VAL C 383 47.94 -6.92 10.08
CA VAL C 383 47.49 -8.23 10.52
C VAL C 383 46.11 -8.17 11.17
N LEU C 384 45.85 -7.15 12.00
CA LEU C 384 44.59 -7.12 12.75
C LEU C 384 43.41 -6.56 11.95
N CYS C 385 43.67 -5.89 10.83
CA CYS C 385 42.60 -5.30 10.02
C CYS C 385 42.22 -6.21 8.84
N ASN C 386 42.04 -7.50 9.10
CA ASN C 386 41.64 -8.43 8.06
C ASN C 386 41.16 -9.72 8.71
N ASP C 387 40.42 -10.51 7.94
CA ASP C 387 39.84 -11.77 8.39
C ASP C 387 40.47 -12.99 7.70
N SER C 388 41.66 -12.83 7.12
CA SER C 388 42.29 -13.94 6.41
C SER C 388 42.91 -14.95 7.37
N ASN C 389 42.99 -16.20 6.91
CA ASN C 389 43.51 -17.30 7.72
C ASN C 389 44.15 -18.34 6.81
N ILE C 390 45.05 -19.13 7.40
CA ILE C 390 45.73 -20.23 6.72
C ILE C 390 45.72 -21.45 7.64
N ASN C 391 45.27 -22.60 7.11
CA ASN C 391 45.19 -23.82 7.89
C ASN C 391 46.56 -24.52 7.86
N SER C 392 46.64 -25.73 8.42
CA SER C 392 47.91 -26.45 8.46
C SER C 392 48.31 -26.95 7.08
N GLU C 393 47.34 -27.38 6.25
CA GLU C 393 47.68 -27.86 4.92
C GLU C 393 48.12 -26.71 4.01
N GLY C 394 47.63 -25.50 4.25
CA GLY C 394 47.98 -24.35 3.45
C GLY C 394 46.88 -23.71 2.60
N LYS C 395 45.61 -24.02 2.85
CA LYS C 395 44.53 -23.43 2.09
C LYS C 395 44.34 -21.97 2.50
N GLU C 396 44.21 -21.09 1.51
CA GLU C 396 44.06 -19.66 1.78
C GLU C 396 42.58 -19.35 1.94
N LEU C 397 42.25 -18.61 3.00
CA LEU C 397 40.88 -18.25 3.33
C LEU C 397 40.82 -16.76 3.58
N GLY C 398 40.01 -16.05 2.80
CA GLY C 398 39.87 -14.61 2.91
C GLY C 398 40.00 -13.94 1.56
N ASP C 399 39.88 -12.62 1.58
CA ASP C 399 39.99 -11.83 0.36
C ASP C 399 41.41 -11.95 -0.20
N PRO C 400 41.56 -12.15 -1.51
CA PRO C 400 42.92 -12.32 -2.04
C PRO C 400 43.82 -11.14 -1.73
N THR C 401 43.25 -9.93 -1.72
CA THR C 401 44.02 -8.75 -1.35
C THR C 401 44.45 -8.82 0.11
N GLU C 402 43.56 -9.32 0.98
CA GLU C 402 43.92 -9.39 2.39
C GLU C 402 44.92 -10.51 2.64
N VAL C 403 44.81 -11.62 1.92
CA VAL C 403 45.78 -12.70 2.11
C VAL C 403 47.15 -12.28 1.63
N ALA C 404 47.21 -11.30 0.71
CA ALA C 404 48.52 -10.83 0.28
C ALA C 404 49.29 -10.23 1.45
N LEU C 405 48.58 -9.66 2.41
CA LEU C 405 49.24 -9.00 3.54
C LEU C 405 49.83 -10.00 4.53
N ILE C 406 49.08 -11.04 4.88
CA ILE C 406 49.63 -12.02 5.80
C ILE C 406 50.74 -12.81 5.12
N ALA C 407 50.64 -13.00 3.80
CA ALA C 407 51.75 -13.64 3.10
C ALA C 407 52.97 -12.74 3.07
N PHE C 408 52.77 -11.41 3.01
CA PHE C 408 53.90 -10.48 3.05
C PHE C 408 54.59 -10.50 4.40
N SER C 409 53.82 -10.53 5.49
CA SER C 409 54.43 -10.58 6.81
C SER C 409 55.12 -11.93 7.04
N ASN C 410 54.45 -13.03 6.70
CA ASN C 410 55.03 -14.36 6.87
C ASN C 410 56.25 -14.56 5.98
N LYS C 411 56.33 -13.84 4.86
CA LYS C 411 57.51 -13.94 4.01
C LYS C 411 58.74 -13.41 4.72
N ASN C 412 58.59 -12.36 5.52
CA ASN C 412 59.69 -11.75 6.26
C ASN C 412 59.70 -12.20 7.71
N ASN C 413 59.27 -13.44 7.96
CA ASN C 413 59.31 -14.09 9.27
C ASN C 413 58.42 -13.41 10.30
N GLN C 414 57.47 -12.58 9.87
CA GLN C 414 56.56 -11.94 10.81
C GLN C 414 55.28 -12.76 10.72
N ASP C 415 55.18 -13.75 11.61
CA ASP C 415 54.02 -14.63 11.64
C ASP C 415 52.75 -13.83 11.95
N TYR C 416 51.74 -13.97 11.09
CA TYR C 416 50.50 -13.24 11.33
C TYR C 416 49.82 -13.77 12.58
N ASN C 417 50.03 -15.05 12.90
CA ASN C 417 49.42 -15.62 14.10
C ASN C 417 50.03 -15.03 15.37
N GLU C 418 51.33 -14.72 15.36
CA GLU C 418 51.96 -14.15 16.55
C GLU C 418 51.36 -12.80 16.91
N ILE C 419 50.97 -12.01 15.90
CA ILE C 419 50.28 -10.75 16.20
C ILE C 419 48.81 -11.01 16.48
N ARG C 420 48.24 -12.06 15.89
CA ARG C 420 46.86 -12.43 16.19
C ARG C 420 46.72 -12.98 17.60
N GLU C 421 47.81 -13.49 18.19
CA GLU C 421 47.72 -14.06 19.53
C GLU C 421 47.56 -12.96 20.57
N LYS C 422 48.03 -11.75 20.26
CA LYS C 422 47.96 -10.63 21.19
C LYS C 422 46.59 -9.93 21.17
N PHE C 423 45.90 -9.91 20.02
CA PHE C 423 44.66 -9.14 19.85
C PHE C 423 43.42 -10.01 19.72
N ILE C 424 42.26 -9.38 19.99
CA ILE C 424 40.96 -10.03 20.03
C ILE C 424 39.90 -9.15 19.35
N ARG C 425 38.82 -9.79 18.91
CA ARG C 425 37.72 -9.14 18.17
C ARG C 425 37.05 -8.00 18.93
N GLU C 426 36.96 -6.84 18.29
CA GLU C 426 36.19 -5.69 18.78
C GLU C 426 35.06 -5.39 17.80
N GLY C 427 34.33 -4.31 18.09
CA GLY C 427 33.27 -3.80 17.23
C GLY C 427 33.86 -3.55 15.86
N GLU C 428 33.08 -3.65 14.78
CA GLU C 428 33.68 -3.61 13.45
C GLU C 428 32.95 -2.66 12.53
N ILE C 429 33.70 -2.14 11.56
CA ILE C 429 33.17 -1.35 10.49
C ILE C 429 33.24 -2.32 9.16
N PRO C 430 32.09 -2.60 8.63
CA PRO C 430 32.18 -3.48 7.43
C PRO C 430 32.71 -2.69 6.26
N PHE C 431 33.44 -3.39 5.40
CA PHE C 431 33.85 -2.81 4.13
C PHE C 431 32.70 -2.02 3.52
N ASP C 432 32.95 -0.75 3.23
CA ASP C 432 31.91 0.12 2.68
C ASP C 432 32.07 0.04 1.16
N SER C 433 31.18 -0.72 0.53
CA SER C 433 31.25 -0.94 -0.92
C SER C 433 31.33 0.37 -1.69
N ASP C 434 30.73 1.42 -1.17
CA ASP C 434 30.71 2.76 -1.77
C ASP C 434 32.03 3.53 -1.62
N ARG C 435 33.16 2.83 -1.71
CA ARG C 435 34.51 3.43 -1.75
C ARG C 435 34.85 4.18 -0.47
N LYS C 436 34.93 3.42 0.63
CA LYS C 436 35.33 3.92 1.92
C LYS C 436 36.18 2.84 2.59
N LEU C 437 36.71 3.18 3.76
CA LEU C 437 37.75 2.39 4.41
C LEU C 437 37.23 1.46 5.50
N MET C 438 37.98 0.38 5.71
CA MET C 438 37.66 -0.70 6.65
C MET C 438 38.45 -0.51 7.93
N SER C 439 37.73 -0.46 9.06
CA SER C 439 38.30 -0.14 10.35
C SER C 439 37.94 -1.18 11.39
N THR C 440 38.90 -1.44 12.27
CA THR C 440 38.79 -2.37 13.40
C THR C 440 39.28 -1.63 14.63
N LEU C 441 38.75 -1.95 15.80
CA LEU C 441 39.14 -1.27 17.02
C LEU C 441 40.16 -2.14 17.75
N HIS C 442 41.31 -1.56 18.05
CA HIS C 442 42.51 -2.30 18.46
C HIS C 442 43.21 -1.54 19.57
N THR C 443 43.28 -2.11 20.77
CA THR C 443 43.96 -1.47 21.89
C THR C 443 45.26 -2.21 22.23
N PHE C 444 46.41 -1.59 21.92
CA PHE C 444 47.72 -2.17 22.24
C PHE C 444 48.71 -1.23 22.93
N ASN C 445 49.07 -0.12 22.30
CA ASN C 445 50.10 0.77 22.84
C ASN C 445 49.48 1.77 23.82
N GLU C 446 49.10 1.24 24.99
CA GLU C 446 48.51 1.97 26.11
C GLU C 446 47.24 2.73 25.76
N ASN C 447 46.69 2.55 24.57
CA ASN C 447 45.47 3.27 24.24
C ASN C 447 44.70 2.59 23.12
N LYS C 448 43.38 2.54 23.29
CA LYS C 448 42.53 2.06 22.22
C LYS C 448 42.72 2.93 20.98
N ALA C 449 42.88 2.29 19.83
CA ALA C 449 43.08 2.98 18.57
C ALA C 449 42.24 2.30 17.50
N MET C 450 41.90 3.04 16.45
CA MET C 450 41.13 2.47 15.35
C MET C 450 42.05 2.24 14.16
N LEU C 451 42.22 0.98 13.80
CA LEU C 451 43.06 0.65 12.67
C LEU C 451 42.17 0.73 11.44
N THR C 452 42.72 1.27 10.36
CA THR C 452 41.89 1.56 9.20
C THR C 452 42.75 1.43 7.95
N LYS C 453 42.19 0.79 6.93
CA LYS C 453 42.90 0.63 5.66
C LYS C 453 41.90 0.71 4.52
N GLY C 454 42.39 1.14 3.36
CA GLY C 454 41.50 1.25 2.22
C GLY C 454 42.15 1.99 1.05
N GLY C 455 41.31 2.32 0.07
CA GLY C 455 41.79 2.95 -1.12
C GLY C 455 42.34 4.33 -0.84
N PRO C 456 43.34 4.74 -1.62
CA PRO C 456 44.01 6.03 -1.34
C PRO C 456 43.14 7.24 -1.64
N ASP C 457 42.29 7.16 -2.65
CA ASP C 457 41.53 8.32 -3.14
C ASP C 457 40.60 8.89 -2.07
N VAL C 458 39.84 8.03 -1.39
CA VAL C 458 38.90 8.52 -0.39
C VAL C 458 39.57 8.75 0.95
N MET C 459 40.78 8.22 1.15
CA MET C 459 41.50 8.44 2.40
C MET C 459 42.20 9.79 2.43
N PHE C 460 42.68 10.28 1.28
CA PHE C 460 43.40 11.56 1.30
C PHE C 460 42.48 12.70 1.74
N ALA C 461 41.18 12.57 1.50
CA ALA C 461 40.20 13.59 1.93
C ALA C 461 39.86 13.49 3.41
N ARG C 462 40.20 12.37 4.07
CA ARG C 462 39.82 12.10 5.45
C ARG C 462 40.99 12.08 6.43
N CYS C 463 42.20 12.43 5.99
CA CYS C 463 43.38 12.43 6.85
C CYS C 463 43.65 13.82 7.42
N SER C 464 43.74 13.91 8.75
CA SER C 464 44.08 15.14 9.44
C SER C 464 45.35 15.00 10.29
N TYR C 465 46.02 13.85 10.23
CA TYR C 465 47.29 13.61 10.90
C TYR C 465 48.15 12.70 10.03
N VAL C 466 49.47 12.85 10.16
CA VAL C 466 50.46 12.02 9.48
C VAL C 466 51.46 11.54 10.53
N PHE C 467 52.16 10.45 10.21
CA PHE C 467 53.17 9.86 11.11
C PHE C 467 54.57 10.12 10.53
N LEU C 468 55.13 11.28 10.86
CA LEU C 468 56.52 11.65 10.55
C LEU C 468 57.26 11.97 11.85
N ASP C 469 57.95 10.99 12.43
CA ASP C 469 58.69 11.17 13.68
C ASP C 469 57.78 11.69 14.81
N GLY C 470 56.49 11.49 14.62
CA GLY C 470 55.47 11.91 15.55
C GLY C 470 54.18 12.11 14.78
N GLU C 471 53.17 12.63 15.48
CA GLU C 471 51.91 12.92 14.81
C GLU C 471 51.97 14.38 14.38
N GLU C 472 51.88 14.59 13.08
CA GLU C 472 52.15 15.88 12.47
C GLU C 472 51.04 16.26 11.50
N LYS C 473 50.70 17.54 11.48
CA LYS C 473 49.63 18.06 10.65
C LYS C 473 50.05 17.97 9.17
N PRO C 474 49.10 17.78 8.26
CA PRO C 474 49.48 17.50 6.86
C PRO C 474 49.84 18.77 6.11
N MET C 475 50.98 18.73 5.42
CA MET C 475 51.40 19.82 4.55
C MET C 475 50.93 19.51 3.13
N THR C 476 50.66 20.56 2.35
CA THR C 476 50.15 20.33 1.01
C THR C 476 51.27 20.01 0.04
N GLU C 477 52.48 20.50 0.30
CA GLU C 477 53.65 20.24 -0.53
C GLU C 477 54.65 19.37 0.20
N GLU C 478 54.94 18.21 -0.37
CA GLU C 478 55.94 17.22 0.05
C GLU C 478 55.33 16.22 1.03
N ILE C 479 54.06 16.41 1.41
CA ILE C 479 53.36 15.43 2.23
C ILE C 479 52.12 14.98 1.46
N LEU C 480 51.26 15.94 1.10
CA LEU C 480 50.10 15.60 0.29
C LEU C 480 50.49 15.41 -1.18
N ALA C 481 51.35 16.29 -1.69
CA ALA C 481 51.81 16.20 -3.08
C ALA C 481 52.80 15.05 -3.26
N LYS C 482 53.68 14.81 -2.29
CA LYS C 482 54.62 13.70 -2.38
C LYS C 482 53.89 12.36 -2.33
N LEU C 483 52.84 12.32 -1.50
CA LEU C 483 52.01 11.13 -1.39
C LEU C 483 51.28 10.84 -2.70
N LYS C 484 50.66 11.87 -3.29
CA LYS C 484 49.99 11.62 -4.57
C LYS C 484 50.98 11.36 -5.70
N GLU C 485 52.19 11.91 -5.63
CA GLU C 485 53.18 11.62 -6.68
C GLU C 485 53.54 10.14 -6.68
N THR C 486 53.81 9.58 -5.51
CA THR C 486 54.18 8.16 -5.49
C THR C 486 52.97 7.24 -5.62
N ASN C 487 51.80 7.68 -5.16
CA ASN C 487 50.59 6.87 -5.31
C ASN C 487 50.20 6.76 -6.78
N GLU C 488 50.19 7.90 -7.49
CA GLU C 488 49.93 7.86 -8.92
C GLU C 488 51.07 7.17 -9.66
N GLU C 489 52.28 7.17 -9.09
CA GLU C 489 53.35 6.36 -9.66
C GLU C 489 53.01 4.87 -9.58
N PHE C 490 52.39 4.45 -8.48
CA PHE C 490 51.93 3.06 -8.39
C PHE C 490 50.79 2.78 -9.36
N SER C 491 49.86 3.73 -9.50
CA SER C 491 48.74 3.53 -10.43
C SER C 491 49.19 3.55 -11.89
N ASN C 492 50.22 4.33 -12.21
CA ASN C 492 50.76 4.35 -13.56
C ASN C 492 51.40 3.03 -13.96
N GLN C 493 51.82 2.21 -12.99
CA GLN C 493 52.35 0.90 -13.26
C GLN C 493 51.32 -0.21 -13.02
N ALA C 494 50.05 0.15 -12.88
CA ALA C 494 48.95 -0.80 -12.67
C ALA C 494 49.17 -1.65 -11.42
N LEU C 495 49.25 -0.98 -10.28
CA LEU C 495 49.44 -1.60 -8.99
C LEU C 495 48.24 -1.28 -8.11
N ARG C 496 47.67 -2.30 -7.47
CA ARG C 496 46.57 -2.09 -6.54
C ARG C 496 47.14 -1.54 -5.25
N VAL C 497 46.71 -0.33 -4.87
CA VAL C 497 47.32 0.40 -3.77
C VAL C 497 46.42 0.29 -2.53
N LEU C 498 47.05 0.16 -1.37
CA LEU C 498 46.33 0.19 -0.10
C LEU C 498 47.01 1.15 0.85
N ALA C 499 46.22 2.00 1.51
CA ALA C 499 46.71 2.96 2.49
C ALA C 499 46.28 2.54 3.89
N TYR C 500 47.16 2.78 4.87
CA TYR C 500 46.95 2.34 6.25
C TYR C 500 46.96 3.52 7.21
N GLY C 501 46.33 3.34 8.37
CA GLY C 501 46.31 4.40 9.36
C GLY C 501 45.68 3.98 10.66
N TYR C 502 45.70 4.91 11.62
CA TYR C 502 45.12 4.71 12.95
C TYR C 502 44.57 6.04 13.45
N LYS C 503 44.05 6.02 14.69
CA LYS C 503 43.41 7.16 15.32
C LYS C 503 43.59 7.06 16.84
N ARG C 504 43.61 8.22 17.50
CA ARG C 504 43.80 8.22 18.95
C ARG C 504 42.62 7.54 19.65
N MET C 505 41.41 7.79 19.17
CA MET C 505 40.16 7.13 19.54
C MET C 505 39.76 7.31 21.00
N PRO C 506 38.50 7.04 21.36
CA PRO C 506 38.08 7.11 22.77
C PRO C 506 38.52 5.87 23.55
N ALA C 507 39.34 6.07 24.58
CA ALA C 507 39.82 4.94 25.37
C ALA C 507 38.81 4.42 26.39
N ASP C 508 37.62 5.02 26.53
CA ASP C 508 36.67 4.55 27.54
C ASP C 508 35.54 3.74 26.96
N THR C 509 35.27 3.87 25.66
CA THR C 509 34.18 3.17 25.02
C THR C 509 34.62 1.76 24.60
N THR C 510 33.64 0.85 24.59
CA THR C 510 33.84 -0.53 24.15
C THR C 510 33.14 -0.76 22.81
N GLU C 511 32.56 0.29 22.23
CA GLU C 511 31.83 0.28 20.99
C GLU C 511 32.56 1.15 19.97
N LEU C 512 32.22 0.94 18.71
CA LEU C 512 32.81 1.64 17.58
C LEU C 512 31.91 2.81 17.16
N LYS C 513 32.54 3.85 16.60
CA LYS C 513 31.82 5.03 16.16
C LYS C 513 31.92 5.22 14.65
N LEU C 514 30.97 5.99 14.12
CA LEU C 514 30.91 6.34 12.70
C LEU C 514 31.73 7.59 12.38
N GLU C 515 31.59 8.65 13.20
CA GLU C 515 32.27 9.95 13.15
C GLU C 515 33.78 9.85 13.33
N ASP C 516 34.39 8.69 13.51
CA ASP C 516 35.83 8.57 13.69
C ASP C 516 36.55 8.29 12.39
N GLU C 517 35.82 8.14 11.29
CA GLU C 517 36.43 7.94 9.98
C GLU C 517 36.94 9.25 9.42
N GLN C 518 37.11 10.21 10.30
CA GLN C 518 37.67 11.52 10.06
C GLN C 518 38.93 11.62 10.91
N ASP C 519 39.70 12.69 10.71
CA ASP C 519 41.01 12.87 11.38
C ASP C 519 41.77 11.54 11.46
N ILE C 520 42.26 11.09 10.31
CA ILE C 520 43.03 9.85 10.26
C ILE C 520 44.51 10.18 10.36
N VAL C 521 45.25 9.34 11.06
CA VAL C 521 46.70 9.46 11.16
C VAL C 521 47.26 8.49 10.12
N LEU C 522 47.91 9.01 9.09
CA LEU C 522 48.39 8.15 8.01
C LEU C 522 49.76 7.57 8.33
N VAL C 523 49.94 6.29 8.02
CA VAL C 523 51.21 5.62 8.25
C VAL C 523 51.90 5.41 6.91
N GLY C 524 51.38 4.51 6.09
CA GLY C 524 52.05 4.26 4.84
C GLY C 524 51.17 3.62 3.79
N LEU C 525 51.80 3.35 2.64
CA LEU C 525 51.12 2.78 1.48
C LEU C 525 51.84 1.51 1.03
N THR C 526 51.07 0.64 0.37
CA THR C 526 51.56 -0.61 -0.19
C THR C 526 51.00 -0.80 -1.59
N ALA C 527 51.69 -1.62 -2.39
CA ALA C 527 51.24 -1.87 -3.76
C ALA C 527 51.35 -3.35 -4.07
N MET C 528 50.27 -3.93 -4.59
CA MET C 528 50.22 -5.35 -4.89
C MET C 528 49.90 -5.54 -6.36
N ILE C 529 50.47 -6.61 -6.93
CA ILE C 529 50.25 -6.98 -8.33
C ILE C 529 50.38 -8.50 -8.42
N ASP C 530 50.00 -9.04 -9.57
CA ASP C 530 50.21 -10.44 -9.91
C ASP C 530 51.61 -10.61 -10.49
N PRO C 531 52.56 -11.11 -9.71
CA PRO C 531 53.95 -11.12 -10.19
C PRO C 531 54.20 -12.26 -11.15
N PRO C 532 55.11 -12.09 -12.10
CA PRO C 532 55.49 -13.19 -12.97
C PRO C 532 56.27 -14.24 -12.22
N ARG C 533 56.39 -15.41 -12.84
CA ARG C 533 57.25 -16.44 -12.28
C ARG C 533 58.71 -16.05 -12.47
N GLU C 534 59.56 -16.60 -11.59
CA GLU C 534 60.96 -16.21 -11.57
C GLU C 534 61.69 -16.64 -12.83
N ALA C 535 61.31 -17.78 -13.41
CA ALA C 535 61.98 -18.37 -14.56
C ALA C 535 61.56 -17.75 -15.88
N VAL C 536 60.59 -16.83 -15.88
CA VAL C 536 60.10 -16.27 -17.14
C VAL C 536 61.14 -15.36 -17.78
N TYR C 537 61.82 -14.53 -16.97
CA TYR C 537 62.79 -13.59 -17.53
C TYR C 537 63.88 -14.32 -18.31
N ALA C 538 64.40 -15.41 -17.75
CA ALA C 538 65.42 -16.18 -18.45
C ALA C 538 64.82 -16.93 -19.63
N SER C 539 63.55 -17.34 -19.54
CA SER C 539 62.98 -18.08 -20.66
C SER C 539 62.83 -17.20 -21.90
N ILE C 540 62.38 -15.95 -21.71
CA ILE C 540 62.13 -15.09 -22.86
C ILE C 540 63.43 -14.78 -23.58
N GLU C 541 64.50 -14.51 -22.81
CA GLU C 541 65.80 -14.27 -23.42
C GLU C 541 66.24 -15.50 -24.19
N GLU C 542 65.99 -16.69 -23.66
CA GLU C 542 66.42 -17.88 -24.37
C GLU C 542 65.66 -18.01 -25.68
N SER C 543 64.36 -17.71 -25.67
CA SER C 543 63.62 -17.82 -26.92
C SER C 543 64.09 -16.75 -27.91
N LYS C 544 64.54 -15.59 -27.40
CA LYS C 544 65.11 -14.60 -28.30
C LYS C 544 66.39 -15.15 -28.94
N LYS C 545 67.29 -15.73 -28.12
CA LYS C 545 68.54 -16.24 -28.68
C LYS C 545 68.32 -17.41 -29.60
N ALA C 546 67.21 -18.14 -29.45
CA ALA C 546 66.84 -19.23 -30.34
C ALA C 546 65.97 -18.77 -31.50
N GLY C 547 65.75 -17.48 -31.64
CA GLY C 547 64.97 -16.93 -32.73
C GLY C 547 63.48 -17.19 -32.66
N ILE C 548 62.90 -17.15 -31.46
CA ILE C 548 61.50 -17.44 -31.25
C ILE C 548 60.80 -16.20 -30.73
N ARG C 549 59.72 -15.80 -31.41
CA ARG C 549 58.94 -14.65 -30.99
C ARG C 549 58.00 -15.03 -29.86
N THR C 550 57.91 -14.18 -28.86
CA THR C 550 57.04 -14.39 -27.72
C THR C 550 55.91 -13.37 -27.76
N VAL C 551 54.67 -13.86 -27.81
CA VAL C 551 53.50 -13.00 -27.89
C VAL C 551 52.64 -13.28 -26.68
N MET C 552 52.16 -12.23 -26.02
CA MET C 552 51.34 -12.36 -24.82
C MET C 552 49.91 -11.95 -25.15
N ILE C 553 48.96 -12.89 -24.95
CA ILE C 553 47.54 -12.69 -25.24
C ILE C 553 46.76 -12.93 -23.95
N THR C 554 46.32 -11.86 -23.30
CA THR C 554 45.65 -12.00 -22.00
C THR C 554 44.28 -11.31 -22.00
N GLY C 555 43.43 -11.78 -21.10
CA GLY C 555 42.15 -11.15 -20.87
C GLY C 555 42.15 -10.12 -19.77
N ASP C 556 43.31 -9.77 -19.23
CA ASP C 556 43.46 -8.78 -18.19
C ASP C 556 43.47 -7.37 -18.79
N HIS C 557 43.43 -6.37 -17.92
CA HIS C 557 43.34 -4.99 -18.37
C HIS C 557 44.62 -4.57 -19.09
N LYS C 558 44.47 -3.57 -19.96
CA LYS C 558 45.60 -3.11 -20.76
C LYS C 558 46.73 -2.59 -19.88
N THR C 559 46.38 -1.89 -18.78
CA THR C 559 47.39 -1.34 -17.90
C THR C 559 48.25 -2.45 -17.28
N THR C 560 47.60 -3.49 -16.77
CA THR C 560 48.34 -4.60 -16.16
C THR C 560 49.10 -5.37 -17.22
N ALA C 561 48.47 -5.59 -18.38
CA ALA C 561 49.11 -6.34 -19.45
C ALA C 561 50.29 -5.59 -20.08
N GLN C 562 50.41 -4.29 -19.84
CA GLN C 562 51.58 -3.59 -20.31
C GLN C 562 52.68 -3.59 -19.28
N ALA C 563 52.29 -3.46 -18.00
CA ALA C 563 53.26 -3.55 -16.91
C ALA C 563 54.00 -4.88 -16.99
N ILE C 564 53.27 -5.99 -17.01
CA ILE C 564 53.91 -7.23 -17.41
C ILE C 564 54.19 -7.17 -18.91
N GLY C 565 55.27 -7.77 -19.33
CA GLY C 565 55.69 -7.68 -20.72
C GLY C 565 56.64 -6.53 -20.86
N ARG C 566 56.37 -5.42 -20.19
CA ARG C 566 57.46 -4.45 -20.12
C ARG C 566 58.50 -4.90 -19.12
N ASP C 567 58.09 -5.70 -18.12
CA ASP C 567 59.00 -6.20 -17.11
C ASP C 567 59.70 -7.48 -17.54
N ILE C 568 59.04 -8.34 -18.32
CA ILE C 568 59.65 -9.60 -18.73
C ILE C 568 60.36 -9.48 -20.07
N GLY C 569 60.29 -8.33 -20.72
CA GLY C 569 61.06 -8.07 -21.92
C GLY C 569 60.35 -8.28 -23.24
N LEU C 570 59.05 -7.94 -23.32
CA LEU C 570 58.31 -8.04 -24.56
C LEU C 570 57.93 -6.70 -25.18
N MET C 571 57.75 -5.66 -24.36
CA MET C 571 57.38 -4.35 -24.85
C MET C 571 58.44 -3.37 -24.38
N ASP C 572 58.95 -2.55 -25.30
CA ASP C 572 59.82 -1.46 -24.89
C ASP C 572 59.02 -0.25 -24.42
N ALA C 573 59.71 0.70 -23.80
CA ALA C 573 59.11 1.95 -23.34
C ALA C 573 58.18 2.55 -24.40
N ASP C 574 57.07 3.12 -23.93
CA ASP C 574 56.10 3.80 -24.80
C ASP C 574 55.52 2.85 -25.83
N ASP C 575 55.39 1.58 -25.48
CA ASP C 575 54.71 0.61 -26.33
C ASP C 575 53.27 0.44 -25.89
N ILE C 576 52.38 0.29 -26.88
CA ILE C 576 50.96 0.07 -26.64
C ILE C 576 50.62 -1.38 -26.95
N ALA C 577 49.68 -1.95 -26.21
CA ALA C 577 49.21 -3.31 -26.44
C ALA C 577 47.85 -3.25 -27.12
N LEU C 578 47.61 -4.15 -28.07
CA LEU C 578 46.31 -4.20 -28.73
C LEU C 578 45.26 -4.83 -27.82
N THR C 579 44.02 -4.36 -27.97
CA THR C 579 42.93 -4.88 -27.14
C THR C 579 41.98 -5.70 -27.99
N GLY C 580 41.26 -6.60 -27.31
CA GLY C 580 40.31 -7.44 -28.00
C GLY C 580 39.20 -6.65 -28.66
N GLN C 581 38.76 -5.58 -28.01
CA GLN C 581 37.74 -4.73 -28.62
C GLN C 581 38.28 -4.12 -29.91
N GLU C 582 39.49 -3.57 -29.86
CA GLU C 582 40.11 -3.01 -31.05
C GLU C 582 40.45 -4.09 -32.07
N LEU C 583 40.68 -5.32 -31.63
CA LEU C 583 40.96 -6.39 -32.57
C LEU C 583 39.72 -6.86 -33.32
N ASP C 584 38.57 -6.95 -32.64
CA ASP C 584 37.36 -7.40 -33.31
C ASP C 584 36.93 -6.44 -34.41
N ALA C 585 37.30 -5.17 -34.30
CA ALA C 585 36.95 -4.21 -35.32
C ALA C 585 37.90 -4.23 -36.51
N MET C 586 39.06 -4.89 -36.40
CA MET C 586 39.91 -4.88 -37.59
C MET C 586 39.67 -6.13 -38.45
N PRO C 587 39.55 -5.95 -39.76
CA PRO C 587 39.39 -7.09 -40.68
C PRO C 587 40.62 -7.96 -40.77
N GLU C 588 40.51 -9.04 -41.56
CA GLU C 588 41.58 -10.04 -41.62
C GLU C 588 42.83 -9.51 -42.28
N GLU C 589 42.69 -8.72 -43.36
CA GLU C 589 43.86 -8.26 -44.07
C GLU C 589 44.66 -7.24 -43.25
N GLU C 590 43.96 -6.38 -42.51
CA GLU C 590 44.70 -5.42 -41.70
C GLU C 590 45.48 -6.12 -40.60
N LEU C 591 44.91 -7.17 -40.01
CA LEU C 591 45.68 -7.91 -39.03
C LEU C 591 46.81 -8.66 -39.68
N ASP C 592 46.60 -9.15 -40.91
CA ASP C 592 47.69 -9.87 -41.55
C ASP C 592 48.88 -8.94 -41.70
N LYS C 593 48.63 -7.64 -41.91
CA LYS C 593 49.75 -6.72 -42.05
C LYS C 593 50.30 -6.28 -40.68
N LYS C 594 49.43 -5.94 -39.75
CA LYS C 594 49.88 -5.46 -38.43
C LYS C 594 50.28 -6.56 -37.47
N LEU C 595 50.35 -7.84 -37.87
CA LEU C 595 50.56 -8.88 -36.87
C LEU C 595 51.96 -8.89 -36.27
N GLU C 596 52.99 -8.56 -37.03
CA GLU C 596 54.35 -8.81 -36.56
C GLU C 596 54.89 -7.73 -35.64
N HIS C 597 54.08 -6.79 -35.21
CA HIS C 597 54.55 -5.68 -34.38
C HIS C 597 53.79 -5.60 -33.08
N ILE C 598 52.83 -6.47 -32.88
CA ILE C 598 52.09 -6.57 -31.63
C ILE C 598 52.80 -7.58 -30.74
N ALA C 599 53.22 -7.13 -29.57
CA ALA C 599 53.86 -8.03 -28.62
C ALA C 599 52.89 -8.50 -27.54
N VAL C 600 51.86 -7.72 -27.25
CA VAL C 600 50.94 -7.99 -26.15
C VAL C 600 49.52 -7.66 -26.58
N TYR C 601 48.63 -8.61 -26.39
CA TYR C 601 47.20 -8.42 -26.53
C TYR C 601 46.58 -8.44 -25.14
N ALA C 602 45.66 -7.52 -24.89
CA ALA C 602 45.04 -7.36 -23.59
C ALA C 602 43.53 -7.36 -23.72
N ARG C 603 42.86 -7.88 -22.69
CA ARG C 603 41.41 -7.84 -22.58
C ARG C 603 40.76 -8.46 -23.82
N VAL C 604 41.11 -9.71 -24.07
CA VAL C 604 40.67 -10.43 -25.25
C VAL C 604 39.67 -11.50 -24.86
N SER C 605 38.86 -11.89 -25.84
CA SER C 605 37.88 -12.95 -25.74
C SER C 605 38.50 -14.28 -26.15
N PRO C 606 37.88 -15.40 -25.79
CA PRO C 606 38.44 -16.69 -26.23
C PRO C 606 38.53 -16.82 -27.74
N GLU C 607 37.64 -16.18 -28.51
CA GLU C 607 37.79 -16.25 -29.96
C GLU C 607 38.96 -15.40 -30.45
N ASN C 608 39.36 -14.39 -29.69
CA ASN C 608 40.49 -13.56 -30.11
C ASN C 608 41.81 -14.32 -30.03
N LYS C 609 41.95 -15.19 -29.03
CA LYS C 609 43.19 -15.95 -28.87
C LYS C 609 43.37 -16.93 -30.02
N ILE C 610 42.32 -17.69 -30.34
CA ILE C 610 42.45 -18.62 -31.45
C ILE C 610 42.62 -17.85 -32.75
N ARG C 611 42.08 -16.63 -32.83
CA ARG C 611 42.26 -15.85 -34.05
C ARG C 611 43.72 -15.45 -34.20
N ILE C 612 44.37 -15.04 -33.10
CA ILE C 612 45.79 -14.67 -33.17
C ILE C 612 46.65 -15.87 -33.55
N VAL C 613 46.39 -17.02 -32.92
CA VAL C 613 47.20 -18.20 -33.19
C VAL C 613 47.04 -18.63 -34.64
N LYS C 614 45.79 -18.58 -35.14
CA LYS C 614 45.54 -18.88 -36.54
C LYS C 614 46.25 -17.89 -37.45
N ALA C 615 46.32 -16.62 -37.03
CA ALA C 615 46.96 -15.60 -37.86
C ALA C 615 48.45 -15.87 -38.00
N TRP C 616 49.09 -16.30 -36.91
CA TRP C 616 50.50 -16.65 -37.00
C TRP C 616 50.68 -17.91 -37.85
N GLN C 617 49.73 -18.83 -37.82
CA GLN C 617 49.86 -20.02 -38.65
C GLN C 617 49.74 -19.67 -40.13
N LYS C 618 48.93 -18.68 -40.48
CA LYS C 618 48.78 -18.31 -41.89
C LYS C 618 50.08 -17.74 -42.43
N LYS C 619 50.89 -17.11 -41.56
CA LYS C 619 52.23 -16.65 -41.88
C LYS C 619 53.23 -17.79 -42.08
N GLY C 620 52.81 -19.04 -41.88
CA GLY C 620 53.70 -20.17 -42.07
C GLY C 620 54.54 -20.53 -40.88
N LYS C 621 54.27 -19.96 -39.72
CA LYS C 621 55.07 -20.19 -38.52
C LYS C 621 54.47 -21.33 -37.70
N ILE C 622 55.32 -22.21 -37.20
CA ILE C 622 54.88 -23.24 -36.28
C ILE C 622 54.73 -22.53 -34.95
N THR C 623 53.48 -22.37 -34.51
CA THR C 623 53.19 -21.56 -33.32
C THR C 623 52.70 -22.46 -32.19
N ALA C 624 53.18 -22.17 -31.00
CA ALA C 624 52.79 -22.85 -29.78
C ALA C 624 52.00 -21.88 -28.92
N MET C 625 51.04 -22.42 -28.18
CA MET C 625 50.22 -21.60 -27.30
C MET C 625 50.26 -22.18 -25.90
N THR C 626 50.56 -21.34 -24.91
CA THR C 626 50.58 -21.74 -23.51
C THR C 626 49.42 -21.12 -22.77
N GLY C 627 48.79 -21.90 -21.90
CA GLY C 627 47.61 -21.40 -21.21
C GLY C 627 47.28 -22.23 -19.99
N ASP C 628 46.30 -21.73 -19.23
CA ASP C 628 45.93 -22.34 -17.98
C ASP C 628 44.44 -22.24 -17.69
N GLY C 629 43.63 -21.69 -18.59
CA GLY C 629 42.22 -21.48 -18.31
C GLY C 629 41.38 -21.78 -19.54
N VAL C 630 40.05 -21.66 -19.36
CA VAL C 630 39.12 -22.02 -20.41
C VAL C 630 39.21 -21.05 -21.60
N ASN C 631 39.65 -19.81 -21.37
CA ASN C 631 39.80 -18.87 -22.48
C ASN C 631 40.90 -19.31 -23.43
N ASP C 632 41.88 -20.06 -22.93
CA ASP C 632 42.98 -20.57 -23.73
C ASP C 632 42.66 -21.88 -24.44
N ALA C 633 41.57 -22.55 -24.07
CA ALA C 633 41.29 -23.88 -24.60
C ALA C 633 41.14 -23.88 -26.11
N PRO C 634 40.37 -22.98 -26.73
CA PRO C 634 40.32 -23.01 -28.20
C PRO C 634 41.68 -22.81 -28.82
N ALA C 635 42.45 -21.86 -28.28
CA ALA C 635 43.76 -21.55 -28.83
C ALA C 635 44.78 -22.64 -28.50
N LEU C 636 44.60 -23.34 -27.37
CA LEU C 636 45.48 -24.44 -27.04
C LEU C 636 45.29 -25.59 -28.00
N LYS C 637 44.04 -25.83 -28.43
CA LYS C 637 43.79 -26.93 -29.36
C LYS C 637 44.15 -26.55 -30.79
N GLN C 638 43.99 -25.27 -31.15
CA GLN C 638 44.25 -24.79 -32.50
C GLN C 638 45.75 -24.70 -32.81
N ALA C 639 46.57 -24.42 -31.80
CA ALA C 639 48.00 -24.24 -32.02
C ALA C 639 48.65 -25.51 -32.54
N ASP C 640 49.83 -25.33 -33.14
CA ASP C 640 50.61 -26.49 -33.57
C ASP C 640 51.01 -27.34 -32.38
N ILE C 641 51.27 -26.70 -31.24
CA ILE C 641 51.52 -27.40 -29.99
C ILE C 641 51.04 -26.57 -28.79
N GLY C 642 50.11 -27.15 -28.03
CA GLY C 642 49.53 -26.50 -26.87
C GLY C 642 50.21 -26.98 -25.59
N VAL C 643 50.53 -26.02 -24.73
CA VAL C 643 51.22 -26.25 -23.46
C VAL C 643 50.31 -25.73 -22.36
N ALA C 644 49.89 -26.61 -21.46
CA ALA C 644 49.00 -26.24 -20.38
C ALA C 644 49.74 -26.28 -19.06
N MET C 645 49.37 -25.36 -18.17
CA MET C 645 49.99 -25.34 -16.86
C MET C 645 49.42 -26.45 -16.00
N GLY C 646 50.25 -27.02 -15.15
CA GLY C 646 49.80 -28.10 -14.29
C GLY C 646 48.76 -27.64 -13.28
N SER C 647 48.81 -26.38 -12.87
CA SER C 647 47.83 -25.80 -11.97
C SER C 647 46.64 -25.22 -12.71
N GLY C 648 46.55 -25.44 -14.02
CA GLY C 648 45.47 -24.89 -14.80
C GLY C 648 44.22 -25.74 -14.74
N THR C 649 43.23 -25.32 -15.53
CA THR C 649 41.95 -26.00 -15.59
C THR C 649 42.07 -27.33 -16.35
N ASP C 650 41.10 -28.21 -16.11
CA ASP C 650 41.12 -29.51 -16.79
C ASP C 650 40.81 -29.36 -18.27
N VAL C 651 40.03 -28.34 -18.62
CA VAL C 651 39.70 -28.10 -20.02
C VAL C 651 40.96 -27.74 -20.80
N ALA C 652 41.79 -26.88 -20.20
CA ALA C 652 43.01 -26.45 -20.87
C ALA C 652 44.00 -27.60 -21.00
N LYS C 653 44.02 -28.52 -20.03
CA LYS C 653 44.88 -29.68 -20.16
C LYS C 653 44.36 -30.64 -21.22
N ASP C 654 43.04 -30.78 -21.35
CA ASP C 654 42.52 -31.67 -22.39
C ASP C 654 42.81 -31.13 -23.78
N SER C 655 42.94 -29.82 -23.90
CA SER C 655 43.21 -29.26 -25.22
C SER C 655 44.71 -29.20 -25.52
N ALA C 656 45.56 -29.40 -24.53
CA ALA C 656 46.99 -29.22 -24.76
C ALA C 656 47.67 -30.54 -25.11
N ALA C 657 48.87 -30.40 -25.64
CA ALA C 657 49.69 -31.53 -26.06
C ALA C 657 50.81 -31.81 -25.09
N MET C 658 51.23 -30.79 -24.35
CA MET C 658 52.20 -30.95 -23.28
C MET C 658 51.69 -30.25 -22.04
N ILE C 659 51.98 -30.85 -20.88
CA ILE C 659 51.51 -30.38 -19.59
C ILE C 659 52.71 -30.16 -18.69
N LEU C 660 52.82 -28.94 -18.14
CA LEU C 660 53.89 -28.63 -17.20
C LEU C 660 53.40 -28.93 -15.79
N THR C 661 53.73 -30.12 -15.28
CA THR C 661 53.22 -30.56 -13.99
C THR C 661 53.71 -29.66 -12.85
N ASP C 662 55.01 -29.38 -12.82
CA ASP C 662 55.58 -28.56 -11.76
C ASP C 662 55.47 -27.07 -12.05
N ASP C 663 54.72 -26.69 -13.09
CA ASP C 663 54.55 -25.28 -13.49
C ASP C 663 55.88 -24.61 -13.77
N ASN C 664 56.90 -25.38 -14.13
CA ASN C 664 58.21 -24.81 -14.44
C ASN C 664 58.13 -24.25 -15.85
N PHE C 665 58.04 -22.92 -15.96
CA PHE C 665 57.87 -22.30 -17.26
C PHE C 665 59.11 -22.52 -18.13
N VAL C 666 60.29 -22.61 -17.51
CA VAL C 666 61.53 -22.80 -18.27
C VAL C 666 61.56 -24.14 -18.96
N SER C 667 60.59 -25.01 -18.66
CA SER C 667 60.53 -26.29 -19.38
C SER C 667 60.19 -26.07 -20.86
N ILE C 668 59.41 -25.03 -21.18
CA ILE C 668 58.99 -24.87 -22.56
C ILE C 668 60.20 -24.69 -23.45
N VAL C 669 61.04 -23.70 -23.13
CA VAL C 669 62.24 -23.49 -23.93
C VAL C 669 63.16 -24.70 -23.83
N ASP C 670 63.26 -25.32 -22.64
CA ASP C 670 64.05 -26.53 -22.54
C ASP C 670 63.49 -27.60 -23.48
N ALA C 671 62.17 -27.71 -23.53
CA ALA C 671 61.56 -28.68 -24.41
C ALA C 671 61.84 -28.36 -25.87
N VAL C 672 61.86 -27.06 -26.21
CA VAL C 672 62.18 -26.67 -27.58
C VAL C 672 63.53 -27.23 -27.95
N GLY C 673 64.50 -27.12 -27.03
CA GLY C 673 65.83 -27.64 -27.31
C GLY C 673 65.83 -29.13 -27.58
N VAL C 674 65.08 -29.91 -26.79
CA VAL C 674 65.06 -31.33 -27.04
C VAL C 674 64.57 -31.59 -28.44
N GLY C 675 63.50 -30.91 -28.85
CA GLY C 675 62.98 -31.16 -30.17
C GLY C 675 64.00 -30.86 -31.25
N ARG C 676 64.79 -29.81 -31.05
CA ARG C 676 65.77 -29.46 -32.07
C ARG C 676 66.81 -30.56 -32.21
N THR C 677 67.25 -31.15 -31.11
CA THR C 677 68.19 -32.26 -31.25
C THR C 677 67.48 -33.52 -31.73
N VAL C 678 66.22 -33.72 -31.30
CA VAL C 678 65.49 -34.90 -31.75
C VAL C 678 65.45 -34.93 -33.27
N PHE C 679 65.05 -33.81 -33.88
CA PHE C 679 64.98 -33.83 -35.33
C PHE C 679 66.36 -34.00 -35.95
N ASP C 680 67.41 -33.38 -35.38
CA ASP C 680 68.74 -33.57 -35.94
C ASP C 680 69.08 -35.05 -36.01
N ASN C 681 68.82 -35.77 -34.92
CA ASN C 681 69.23 -37.17 -34.93
C ASN C 681 68.36 -37.98 -35.87
N ILE C 682 67.07 -37.63 -35.97
CA ILE C 682 66.23 -38.35 -36.92
C ILE C 682 66.76 -38.15 -38.32
N LYS C 683 67.15 -36.92 -38.66
CA LYS C 683 67.74 -36.67 -39.97
C LYS C 683 68.97 -37.55 -40.17
N LYS C 684 69.82 -37.66 -39.13
CA LYS C 684 71.00 -38.50 -39.23
C LYS C 684 70.60 -39.93 -39.52
N SER C 685 69.64 -40.44 -38.75
CA SER C 685 69.33 -41.85 -38.91
C SER C 685 68.78 -42.11 -40.30
N ILE C 686 67.87 -41.25 -40.76
CA ILE C 686 67.28 -41.48 -42.08
C ILE C 686 68.35 -41.36 -43.15
N ALA C 687 69.25 -40.37 -43.01
CA ALA C 687 70.33 -40.24 -43.97
C ALA C 687 71.24 -41.46 -43.92
N TYR C 688 71.39 -42.07 -42.76
CA TYR C 688 72.17 -43.30 -42.68
C TYR C 688 71.45 -44.45 -43.36
N LEU C 689 70.12 -44.54 -43.17
CA LEU C 689 69.39 -45.68 -43.73
C LEU C 689 69.30 -45.60 -45.25
N PHE C 690 68.98 -44.43 -45.78
CA PHE C 690 68.78 -44.36 -47.23
C PHE C 690 70.10 -44.45 -47.97
N ALA C 691 71.19 -43.98 -47.37
CA ALA C 691 72.49 -44.19 -47.99
C ALA C 691 72.78 -45.68 -48.19
N GLY C 692 72.33 -46.53 -47.28
CA GLY C 692 72.53 -47.94 -47.51
C GLY C 692 71.61 -48.47 -48.59
N ASN C 693 70.37 -47.99 -48.57
CA ASN C 693 69.40 -48.47 -49.56
C ASN C 693 69.85 -48.09 -50.96
N LEU C 694 70.28 -46.84 -51.12
CA LEU C 694 70.80 -46.37 -52.38
C LEU C 694 72.02 -47.19 -52.79
N GLY C 695 72.90 -47.47 -51.82
CA GLY C 695 74.05 -48.31 -52.11
C GLY C 695 73.65 -49.68 -52.62
N ALA C 696 72.55 -50.24 -52.12
CA ALA C 696 72.05 -51.51 -52.67
C ALA C 696 71.40 -51.32 -54.04
N ILE C 697 70.59 -50.27 -54.21
CA ILE C 697 69.91 -50.08 -55.49
C ILE C 697 70.92 -49.99 -56.62
N ILE C 698 71.96 -49.18 -56.43
CA ILE C 698 72.97 -48.98 -57.46
C ILE C 698 73.60 -50.32 -57.84
N ALA C 699 73.79 -51.21 -56.86
CA ALA C 699 74.40 -52.49 -57.17
C ALA C 699 73.44 -53.37 -57.92
N ILE C 700 72.15 -53.26 -57.65
CA ILE C 700 71.18 -54.12 -58.33
C ILE C 700 71.05 -53.70 -59.80
N LEU C 701 70.85 -52.40 -60.02
CA LEU C 701 70.71 -51.88 -61.38
C LEU C 701 71.95 -52.19 -62.20
N PHE C 702 73.14 -52.07 -61.59
CA PHE C 702 74.35 -52.40 -62.33
C PHE C 702 74.33 -53.86 -62.76
N ALA C 703 73.96 -54.77 -61.86
CA ALA C 703 73.91 -56.17 -62.28
C ALA C 703 72.87 -56.38 -63.35
N LEU C 704 71.84 -55.53 -63.37
CA LEU C 704 70.82 -55.64 -64.39
C LEU C 704 71.37 -55.27 -65.74
N VAL C 705 72.01 -54.09 -65.83
CA VAL C 705 72.46 -53.63 -67.15
C VAL C 705 73.60 -54.49 -67.65
N LEU C 706 74.32 -55.17 -66.78
CA LEU C 706 75.34 -56.11 -67.25
C LEU C 706 74.83 -57.54 -67.31
N ASP C 707 73.54 -57.76 -67.06
CA ASP C 707 72.97 -59.10 -67.10
C ASP C 707 73.67 -60.05 -66.13
N TRP C 708 74.04 -59.53 -64.96
CA TRP C 708 74.59 -60.40 -63.93
C TRP C 708 73.48 -61.00 -63.07
N ILE C 709 73.86 -61.94 -62.23
CA ILE C 709 72.91 -62.44 -61.24
C ILE C 709 72.62 -61.34 -60.24
N ASN C 710 71.36 -61.26 -59.83
CA ASN C 710 70.92 -60.30 -58.85
C ASN C 710 71.85 -60.43 -57.65
N PRO C 711 72.61 -59.39 -57.30
CA PRO C 711 73.63 -59.55 -56.25
C PRO C 711 73.08 -59.92 -54.90
N PHE C 712 71.79 -59.69 -54.65
CA PHE C 712 71.20 -59.88 -53.33
C PHE C 712 69.96 -60.76 -53.42
N THR C 713 69.60 -61.37 -52.28
CA THR C 713 68.33 -62.03 -52.09
C THR C 713 67.39 -61.17 -51.25
N ALA C 714 66.07 -61.30 -51.49
CA ALA C 714 65.11 -60.55 -50.70
C ALA C 714 65.24 -60.87 -49.22
N LEU C 715 65.64 -62.10 -48.89
CA LEU C 715 65.89 -62.40 -47.49
C LEU C 715 67.12 -61.65 -46.98
N GLN C 716 68.18 -61.58 -47.79
CA GLN C 716 69.37 -60.82 -47.39
C GLN C 716 69.03 -59.35 -47.17
N LEU C 717 68.30 -58.75 -48.12
CA LEU C 717 67.94 -57.35 -47.98
C LEU C 717 67.03 -57.12 -46.79
N LEU C 718 66.12 -58.06 -46.53
CA LEU C 718 65.27 -57.90 -45.36
C LEU C 718 66.10 -57.94 -44.09
N PHE C 719 67.13 -58.80 -44.07
CA PHE C 719 67.99 -58.91 -42.89
C PHE C 719 68.85 -57.67 -42.71
N ILE C 720 69.36 -57.11 -43.81
CA ILE C 720 70.17 -55.89 -43.72
C ILE C 720 69.33 -54.69 -43.31
N ASN C 721 68.16 -54.51 -43.91
CA ASN C 721 67.34 -53.33 -43.60
C ASN C 721 66.57 -53.44 -42.28
N LEU C 722 66.26 -54.65 -41.81
CA LEU C 722 65.46 -54.79 -40.60
C LEU C 722 66.29 -55.08 -39.37
N VAL C 723 67.21 -56.03 -39.47
CA VAL C 723 67.99 -56.51 -38.34
C VAL C 723 69.33 -55.80 -38.22
N ASN C 724 70.07 -55.74 -39.31
CA ASN C 724 71.44 -55.26 -39.24
C ASN C 724 71.54 -53.75 -39.16
N ASP C 725 70.74 -53.02 -39.93
CA ASP C 725 70.86 -51.57 -39.99
C ASP C 725 69.98 -50.86 -38.97
N SER C 726 69.15 -51.60 -38.24
CA SER C 726 68.32 -50.96 -37.23
C SER C 726 69.14 -50.53 -36.03
N LEU C 727 70.11 -51.36 -35.62
CA LEU C 727 70.97 -51.01 -34.49
C LEU C 727 71.81 -49.76 -34.72
N PRO C 728 72.55 -49.62 -35.84
CA PRO C 728 73.30 -48.37 -36.05
C PRO C 728 72.42 -47.13 -36.12
N ALA C 729 71.23 -47.23 -36.71
CA ALA C 729 70.33 -46.08 -36.80
C ALA C 729 69.89 -45.60 -35.43
N ILE C 730 69.56 -46.54 -34.53
CA ILE C 730 69.21 -46.17 -33.15
C ILE C 730 70.41 -45.54 -32.47
N ALA C 731 71.61 -46.10 -32.71
CA ALA C 731 72.80 -45.50 -32.13
C ALA C 731 72.95 -44.05 -32.58
N LEU C 732 72.78 -43.80 -33.90
CA LEU C 732 72.85 -42.43 -34.41
C LEU C 732 71.73 -41.59 -33.82
N GLY C 733 70.63 -42.23 -33.43
CA GLY C 733 69.60 -41.51 -32.73
C GLY C 733 69.97 -41.08 -31.33
N MET C 734 70.94 -41.76 -30.70
CA MET C 734 71.43 -41.36 -29.36
C MET C 734 72.68 -40.48 -29.44
N GLU C 735 72.74 -39.54 -30.37
CA GLU C 735 73.93 -38.75 -30.62
C GLU C 735 73.90 -37.47 -29.79
N LYS C 736 75.09 -37.01 -29.40
CA LYS C 736 75.22 -35.84 -28.56
C LYS C 736 74.61 -34.63 -29.23
N ALA C 737 74.09 -33.72 -28.42
CA ALA C 737 73.52 -32.50 -28.96
C ALA C 737 74.61 -31.66 -29.61
N GLU C 738 74.27 -30.99 -30.68
CA GLU C 738 75.24 -30.15 -31.34
C GLU C 738 75.42 -28.85 -30.55
N PRO C 739 76.60 -28.23 -30.64
CA PRO C 739 76.87 -27.05 -29.79
C PRO C 739 75.93 -25.88 -30.07
N ASP C 740 75.69 -25.54 -31.34
CA ASP C 740 74.89 -24.37 -31.69
C ASP C 740 73.46 -24.79 -32.01
N VAL C 741 72.85 -25.47 -31.05
CA VAL C 741 71.47 -25.93 -31.23
C VAL C 741 70.47 -24.88 -30.78
N MET C 742 70.74 -24.16 -29.69
CA MET C 742 69.83 -23.15 -29.20
C MET C 742 70.25 -21.75 -29.62
N LYS C 743 71.34 -21.65 -30.36
CA LYS C 743 71.80 -20.41 -30.96
C LYS C 743 71.31 -20.21 -32.39
N ARG C 744 70.75 -21.24 -33.01
CA ARG C 744 70.30 -21.12 -34.39
C ARG C 744 68.81 -20.82 -34.45
N LYS C 745 68.40 -20.32 -35.62
CA LYS C 745 67.02 -19.96 -35.83
C LYS C 745 66.19 -21.19 -36.19
N PRO C 746 64.86 -21.11 -36.03
CA PRO C 746 63.99 -22.25 -36.34
C PRO C 746 64.12 -22.69 -37.79
N ARG C 747 64.05 -24.00 -38.00
CA ARG C 747 64.22 -24.54 -39.34
C ARG C 747 63.09 -24.12 -40.26
N ASP C 748 63.40 -24.12 -41.56
CA ASP C 748 62.39 -23.85 -42.57
C ASP C 748 61.38 -24.99 -42.60
N ILE C 749 60.11 -24.61 -42.72
CA ILE C 749 59.00 -25.56 -42.66
C ILE C 749 58.88 -26.35 -43.95
N ASN C 750 59.21 -25.71 -45.08
CA ASN C 750 59.18 -26.29 -46.41
C ASN C 750 60.43 -27.12 -46.70
N GLU C 751 61.37 -27.15 -45.77
CA GLU C 751 62.64 -27.82 -45.94
C GLU C 751 62.47 -29.33 -46.05
N GLY C 752 63.33 -29.97 -46.87
CA GLY C 752 63.30 -31.41 -47.06
C GLY C 752 63.93 -32.19 -45.94
N ILE C 753 63.83 -33.52 -46.01
CA ILE C 753 64.41 -34.36 -44.97
C ILE C 753 65.92 -34.53 -45.19
N PHE C 754 66.41 -34.23 -46.38
CA PHE C 754 67.85 -34.30 -46.65
C PHE C 754 68.42 -32.92 -46.94
N ALA C 755 67.67 -31.88 -46.64
CA ALA C 755 68.07 -30.54 -47.04
C ALA C 755 69.22 -30.03 -46.20
N GLY C 756 70.07 -29.22 -46.82
CA GLY C 756 71.16 -28.57 -46.12
C GLY C 756 72.42 -29.40 -46.02
N GLY C 757 72.89 -29.96 -47.13
CA GLY C 757 74.13 -30.70 -47.10
C GLY C 757 74.01 -32.15 -46.72
N THR C 758 72.88 -32.54 -46.13
CA THR C 758 72.64 -33.95 -45.87
C THR C 758 72.49 -34.73 -47.17
N MET C 759 71.88 -34.12 -48.19
CA MET C 759 71.73 -34.76 -49.49
C MET C 759 73.08 -35.13 -50.08
N ARG C 760 74.07 -34.24 -49.91
CA ARG C 760 75.41 -34.48 -50.43
C ARG C 760 76.04 -35.70 -49.76
N ALA C 761 75.86 -35.82 -48.45
CA ALA C 761 76.42 -36.95 -47.72
C ALA C 761 75.72 -38.24 -48.08
N VAL C 762 74.38 -38.20 -48.21
CA VAL C 762 73.63 -39.40 -48.58
C VAL C 762 74.08 -39.93 -49.94
N ILE C 763 74.18 -39.04 -50.93
CA ILE C 763 74.55 -39.48 -52.27
C ILE C 763 76.00 -39.95 -52.31
N SER C 764 76.90 -39.26 -51.60
CA SER C 764 78.30 -39.65 -51.59
C SER C 764 78.49 -41.04 -50.98
N ARG C 765 77.94 -41.25 -49.78
CA ARG C 765 78.10 -42.54 -49.12
C ARG C 765 77.36 -43.62 -49.89
N GLY C 766 76.20 -43.30 -50.46
CA GLY C 766 75.48 -44.31 -51.21
C GLY C 766 76.23 -44.77 -52.43
N VAL C 767 76.72 -43.81 -53.23
CA VAL C 767 77.47 -44.17 -54.42
C VAL C 767 78.72 -44.94 -54.05
N LEU C 768 79.39 -44.56 -52.96
CA LEU C 768 80.59 -45.28 -52.55
C LEU C 768 80.26 -46.72 -52.15
N ILE C 769 79.16 -46.92 -51.40
CA ILE C 769 78.75 -48.28 -51.05
C ILE C 769 78.43 -49.08 -52.30
N GLY C 770 77.73 -48.45 -53.25
CA GLY C 770 77.37 -49.16 -54.46
C GLY C 770 78.57 -49.57 -55.28
N ILE C 771 79.55 -48.66 -55.42
CA ILE C 771 80.75 -49.01 -56.17
C ILE C 771 81.49 -50.14 -55.49
N ALA C 772 81.54 -50.12 -54.14
CA ALA C 772 82.24 -51.19 -53.43
C ALA C 772 81.55 -52.53 -53.64
N VAL C 773 80.21 -52.54 -53.62
CA VAL C 773 79.49 -53.80 -53.82
C VAL C 773 79.66 -54.27 -55.25
N ILE C 774 79.70 -53.35 -56.21
CA ILE C 774 79.85 -53.74 -57.61
C ILE C 774 81.21 -54.39 -57.83
N ILE C 775 82.28 -53.77 -57.33
CA ILE C 775 83.61 -54.34 -57.49
C ILE C 775 83.69 -55.69 -56.80
N SER C 776 83.12 -55.78 -55.60
CA SER C 776 83.12 -57.06 -54.89
C SER C 776 82.40 -58.14 -55.68
N GLN C 777 81.24 -57.78 -56.25
CA GLN C 777 80.47 -58.74 -57.03
C GLN C 777 81.21 -59.14 -58.30
N TYR C 778 81.92 -58.20 -58.93
CA TYR C 778 82.66 -58.53 -60.14
C TYR C 778 83.79 -59.50 -59.83
N ILE C 779 84.50 -59.26 -58.72
CA ILE C 779 85.59 -60.16 -58.35
C ILE C 779 85.03 -61.53 -58.03
N GLY C 780 83.93 -61.58 -57.28
CA GLY C 780 83.30 -62.87 -57.03
C GLY C 780 82.76 -63.50 -58.29
N MET C 781 82.30 -62.68 -59.23
CA MET C 781 81.81 -63.17 -60.50
C MET C 781 82.94 -63.90 -61.23
N GLN C 782 84.19 -63.56 -60.91
CA GLN C 782 85.29 -64.31 -61.50
C GLN C 782 85.36 -65.75 -60.99
N ILE C 783 84.70 -66.06 -59.87
CA ILE C 783 84.67 -67.41 -59.30
C ILE C 783 83.42 -68.15 -59.76
N SER C 784 82.25 -67.60 -59.45
CA SER C 784 80.96 -68.15 -59.80
C SER C 784 79.90 -67.10 -59.47
N PRO C 785 78.71 -67.19 -60.05
CA PRO C 785 77.64 -66.27 -59.65
C PRO C 785 77.25 -66.39 -58.19
N GLU C 786 77.25 -67.61 -57.63
CA GLU C 786 76.89 -67.79 -56.23
C GLU C 786 77.93 -67.16 -55.31
N MET C 787 79.21 -67.24 -55.69
CA MET C 787 80.25 -66.57 -54.92
C MET C 787 80.09 -65.07 -55.02
N SER C 788 79.64 -64.56 -56.18
CA SER C 788 79.44 -63.13 -56.32
C SER C 788 78.30 -62.65 -55.44
N VAL C 789 77.27 -63.49 -55.25
CA VAL C 789 76.21 -63.08 -54.33
C VAL C 789 76.75 -63.03 -52.91
N ALA C 790 77.59 -63.99 -52.54
CA ALA C 790 78.11 -63.97 -51.17
C ALA C 790 79.00 -62.75 -50.94
N MET C 791 79.84 -62.42 -51.92
CA MET C 791 80.76 -61.31 -51.75
C MET C 791 80.05 -59.96 -51.82
N ALA C 792 79.04 -59.83 -52.69
CA ALA C 792 78.30 -58.58 -52.74
C ALA C 792 77.50 -58.37 -51.47
N PHE C 793 76.89 -59.44 -50.95
CA PHE C 793 76.13 -59.35 -49.71
C PHE C 793 77.03 -58.98 -48.54
N THR C 794 78.18 -59.65 -48.43
CA THR C 794 79.13 -59.35 -47.37
C THR C 794 79.61 -57.89 -47.44
N THR C 795 80.00 -57.45 -48.65
CA THR C 795 80.44 -56.07 -48.81
C THR C 795 79.35 -55.08 -48.46
N LEU C 796 78.10 -55.35 -48.87
CA LEU C 796 77.02 -54.42 -48.57
C LEU C 796 76.79 -54.30 -47.07
N ILE C 797 76.65 -55.43 -46.39
CA ILE C 797 76.31 -55.36 -44.97
C ILE C 797 77.46 -54.80 -44.14
N LEU C 798 78.71 -55.12 -44.50
CA LEU C 798 79.83 -54.58 -43.74
C LEU C 798 80.04 -53.11 -44.05
N ALA C 799 79.81 -52.68 -45.31
CA ALA C 799 79.90 -51.27 -45.62
C ALA C 799 78.84 -50.47 -44.91
N ARG C 800 77.62 -51.01 -44.83
CA ARG C 800 76.59 -50.29 -44.10
C ARG C 800 76.91 -50.23 -42.61
N THR C 801 77.54 -51.28 -42.06
CA THR C 801 77.94 -51.25 -40.67
C THR C 801 79.03 -50.21 -40.41
N LEU C 802 80.10 -50.23 -41.22
CA LEU C 802 81.23 -49.31 -41.02
C LEU C 802 80.85 -47.87 -41.32
N GLN C 803 79.85 -47.66 -42.18
CA GLN C 803 79.36 -46.33 -42.52
C GLN C 803 78.86 -45.54 -41.31
N THR C 804 78.51 -46.21 -40.21
CA THR C 804 77.93 -45.49 -39.07
C THR C 804 78.89 -44.40 -38.57
N PHE C 805 80.20 -44.71 -38.59
CA PHE C 805 81.22 -43.76 -38.19
C PHE C 805 81.24 -42.55 -39.12
N ALA C 806 81.11 -42.79 -40.43
CA ALA C 806 81.11 -41.68 -41.36
C ALA C 806 79.82 -40.90 -41.33
N ALA C 807 78.71 -41.52 -40.91
CA ALA C 807 77.38 -40.90 -40.93
C ALA C 807 77.08 -40.15 -39.66
N ARG C 808 78.00 -40.10 -38.72
CA ARG C 808 77.72 -39.36 -37.50
C ARG C 808 77.66 -37.85 -37.72
N SER C 809 78.29 -37.34 -38.78
CA SER C 809 78.31 -35.92 -39.06
C SER C 809 78.59 -35.72 -40.52
N ASN C 810 78.07 -34.63 -41.07
CA ASN C 810 78.31 -34.32 -42.46
C ASN C 810 79.62 -33.59 -42.69
N VAL C 811 80.20 -33.03 -41.64
CA VAL C 811 81.40 -32.22 -41.77
C VAL C 811 82.56 -32.74 -40.92
N GLN C 812 82.30 -33.43 -39.81
CA GLN C 812 83.33 -33.94 -38.91
C GLN C 812 83.57 -35.41 -39.14
N THR C 813 84.81 -35.76 -39.43
CA THR C 813 85.22 -37.14 -39.59
C THR C 813 84.98 -37.90 -38.28
N ALA C 814 84.97 -39.23 -38.35
CA ALA C 814 84.87 -40.03 -37.14
C ALA C 814 86.01 -39.69 -36.20
N PHE C 815 87.23 -39.79 -36.70
CA PHE C 815 88.39 -39.29 -35.97
C PHE C 815 88.27 -37.78 -36.02
N GLY C 816 87.92 -37.17 -34.90
CA GLY C 816 87.75 -35.72 -34.88
C GLY C 816 86.42 -35.43 -34.22
N ALA C 817 85.43 -36.24 -34.57
CA ALA C 817 84.19 -36.29 -33.83
C ALA C 817 84.41 -36.92 -32.47
N GLY C 818 85.36 -37.84 -32.38
CA GLY C 818 85.52 -38.66 -31.20
C GLY C 818 85.17 -40.08 -31.61
N PHE C 819 86.15 -40.89 -32.01
CA PHE C 819 85.82 -42.16 -32.64
C PHE C 819 85.03 -43.06 -31.70
N PHE C 820 85.32 -43.03 -30.41
CA PHE C 820 84.54 -43.75 -29.42
C PHE C 820 83.64 -42.82 -28.60
N SER C 821 83.50 -41.56 -29.04
CA SER C 821 82.69 -40.59 -28.31
C SER C 821 81.23 -41.02 -28.20
N ASN C 822 80.76 -41.82 -29.14
CA ASN C 822 79.39 -42.32 -29.14
C ASN C 822 79.46 -43.81 -28.85
N LYS C 823 79.05 -44.21 -27.65
CA LYS C 823 79.23 -45.60 -27.26
C LYS C 823 78.21 -46.51 -27.90
N TYR C 824 77.07 -45.97 -28.31
CA TYR C 824 76.07 -46.80 -28.93
C TYR C 824 76.49 -47.22 -30.33
N VAL C 825 77.23 -46.36 -31.02
CA VAL C 825 77.70 -46.76 -32.34
C VAL C 825 78.66 -47.95 -32.19
N ILE C 826 79.55 -47.90 -31.17
CA ILE C 826 80.52 -48.98 -30.97
C ILE C 826 79.82 -50.29 -30.63
N GLY C 827 78.87 -50.24 -29.68
CA GLY C 827 78.16 -51.46 -29.35
C GLY C 827 77.36 -51.98 -30.53
N ALA C 828 76.78 -51.07 -31.31
CA ALA C 828 76.00 -51.45 -32.46
C ALA C 828 76.85 -52.09 -33.54
N VAL C 829 78.01 -51.50 -33.83
CA VAL C 829 78.90 -52.07 -34.84
C VAL C 829 79.40 -53.43 -34.40
N LEU C 830 79.70 -53.56 -33.10
CA LEU C 830 80.14 -54.84 -32.58
C LEU C 830 79.04 -55.91 -32.73
N LEU C 831 77.77 -55.52 -32.42
CA LEU C 831 76.67 -56.46 -32.63
C LEU C 831 76.46 -56.75 -34.11
N CYS C 832 76.71 -55.77 -34.97
CA CYS C 832 76.55 -56.05 -36.40
C CYS C 832 77.61 -57.03 -36.90
N PHE C 833 78.81 -56.97 -36.33
CA PHE C 833 79.80 -57.98 -36.68
C PHE C 833 79.36 -59.36 -36.20
N VAL C 834 78.78 -59.45 -35.00
CA VAL C 834 78.22 -60.73 -34.56
C VAL C 834 77.08 -61.19 -35.48
N LEU C 835 76.25 -60.26 -35.95
CA LEU C 835 75.15 -60.59 -36.85
C LEU C 835 75.68 -61.19 -38.16
N TYR C 836 76.67 -60.52 -38.76
CA TYR C 836 77.28 -61.09 -39.96
C TYR C 836 77.91 -62.44 -39.65
N GLY C 837 78.49 -62.60 -38.45
CA GLY C 837 79.04 -63.90 -38.10
C GLY C 837 77.96 -64.97 -38.07
N ILE C 838 76.78 -64.59 -37.60
CA ILE C 838 75.66 -65.53 -37.60
C ILE C 838 75.34 -65.97 -39.03
N THR C 839 75.41 -65.05 -39.99
CA THR C 839 75.02 -65.41 -41.36
C THR C 839 75.98 -66.41 -42.00
N VAL C 840 77.26 -66.44 -41.60
CA VAL C 840 78.19 -67.37 -42.21
C VAL C 840 78.40 -68.62 -41.38
N LEU C 841 77.65 -68.78 -40.29
CA LEU C 841 77.69 -70.05 -39.56
C LEU C 841 77.26 -71.15 -40.52
N PRO C 842 77.90 -72.32 -40.47
CA PRO C 842 77.68 -73.32 -41.52
C PRO C 842 76.23 -73.75 -41.64
N GLY C 843 75.44 -73.54 -40.61
CA GLY C 843 74.03 -73.83 -40.71
C GLY C 843 73.22 -72.76 -41.42
N ALA C 844 73.61 -71.50 -41.23
CA ALA C 844 72.85 -70.39 -41.76
C ALA C 844 73.35 -69.95 -43.12
N ARG C 845 74.16 -70.79 -43.76
CA ARG C 845 74.73 -70.45 -45.06
C ARG C 845 73.67 -70.57 -46.17
N GLU C 846 72.95 -71.69 -46.21
CA GLU C 846 71.94 -71.86 -47.26
C GLU C 846 70.81 -70.87 -47.14
N ILE C 847 70.50 -70.44 -45.92
CA ILE C 847 69.43 -69.46 -45.74
C ILE C 847 69.82 -68.12 -46.35
N PHE C 848 71.04 -67.67 -46.09
CA PHE C 848 71.49 -66.39 -46.63
C PHE C 848 72.25 -66.52 -47.94
N SER C 849 72.15 -67.67 -48.62
CA SER C 849 72.72 -67.85 -49.96
C SER C 849 74.23 -67.61 -49.99
N ILE C 850 74.93 -68.17 -49.02
CA ILE C 850 76.38 -68.09 -48.97
C ILE C 850 76.93 -69.48 -49.23
N PRO C 851 77.70 -69.69 -50.31
CA PRO C 851 78.12 -71.04 -50.66
C PRO C 851 79.10 -71.59 -49.64
N ALA C 852 79.19 -72.93 -49.60
CA ALA C 852 80.05 -73.57 -48.62
C ALA C 852 81.52 -73.26 -48.88
N SER C 853 81.88 -72.96 -50.12
CA SER C 853 83.27 -72.65 -50.48
C SER C 853 83.68 -71.23 -50.10
N PHE C 854 82.79 -70.43 -49.51
CA PHE C 854 83.10 -69.07 -49.11
C PHE C 854 84.11 -69.13 -47.97
N GLY C 855 85.36 -68.77 -48.26
CA GLY C 855 86.43 -68.86 -47.31
C GLY C 855 86.88 -67.51 -46.81
N LEU C 856 88.00 -67.51 -46.08
CA LEU C 856 88.62 -66.25 -45.67
C LEU C 856 89.16 -65.46 -46.85
N HIS C 857 89.53 -66.10 -47.95
CA HIS C 857 90.06 -65.32 -49.06
C HIS C 857 89.03 -64.38 -49.64
N GLU C 858 87.88 -64.93 -50.02
CA GLU C 858 86.83 -64.12 -50.59
C GLU C 858 86.27 -63.18 -49.55
N TRP C 859 86.17 -63.66 -48.30
CA TRP C 859 85.67 -62.79 -47.26
C TRP C 859 86.60 -61.61 -47.05
N SER C 860 87.90 -61.86 -47.15
CA SER C 860 88.88 -60.81 -46.96
C SER C 860 88.75 -59.75 -48.05
N ILE C 861 88.55 -60.19 -49.29
CA ILE C 861 88.42 -59.20 -50.35
C ILE C 861 87.16 -58.34 -50.13
N ALA C 862 86.04 -58.99 -49.83
CA ALA C 862 84.77 -58.28 -49.65
C ALA C 862 84.81 -57.32 -48.46
N ALA C 863 85.39 -57.76 -47.33
CA ALA C 863 85.45 -56.89 -46.17
C ALA C 863 86.43 -55.75 -46.42
N GLY C 864 87.52 -56.02 -47.14
CA GLY C 864 88.46 -54.95 -47.45
C GLY C 864 87.81 -53.90 -48.32
N LEU C 865 86.95 -54.32 -49.25
CA LEU C 865 86.25 -53.33 -50.07
C LEU C 865 85.29 -52.50 -49.25
N ALA C 866 84.62 -53.11 -48.25
CA ALA C 866 83.79 -52.29 -47.37
C ALA C 866 84.62 -51.25 -46.62
N LEU C 867 85.78 -51.68 -46.12
CA LEU C 867 86.66 -50.78 -45.38
C LEU C 867 87.17 -49.66 -46.28
N ALA C 868 87.48 -49.99 -47.54
CA ALA C 868 87.88 -48.97 -48.49
C ALA C 868 86.74 -47.98 -48.76
N ALA C 869 85.51 -48.47 -48.81
CA ALA C 869 84.40 -47.56 -49.06
C ALA C 869 84.21 -46.57 -47.92
N VAL C 870 84.42 -47.00 -46.68
CA VAL C 870 84.24 -46.02 -45.60
C VAL C 870 85.44 -45.09 -45.48
N VAL C 871 86.66 -45.58 -45.76
CA VAL C 871 87.79 -44.67 -45.81
C VAL C 871 87.57 -43.60 -46.86
N MET C 872 87.04 -44.00 -48.03
CA MET C 872 86.69 -43.04 -49.07
C MET C 872 85.60 -42.08 -48.63
N MET C 873 84.65 -42.54 -47.82
CA MET C 873 83.66 -41.60 -47.30
C MET C 873 84.33 -40.49 -46.51
N GLU C 874 85.29 -40.86 -45.66
CA GLU C 874 85.98 -39.81 -44.88
C GLU C 874 86.88 -38.95 -45.77
N ILE C 875 87.51 -39.56 -46.77
CA ILE C 875 88.38 -38.81 -47.69
C ILE C 875 87.58 -37.77 -48.45
N ILE C 876 86.42 -38.16 -48.95
CA ILE C 876 85.56 -37.25 -49.68
C ILE C 876 85.02 -36.17 -48.77
N LYS C 877 84.73 -36.50 -47.51
CA LYS C 877 84.25 -35.46 -46.62
C LYS C 877 85.33 -34.42 -46.35
N VAL C 878 86.57 -34.87 -46.22
CA VAL C 878 87.65 -33.92 -45.96
C VAL C 878 87.93 -33.09 -47.21
N VAL C 879 87.77 -33.67 -48.41
CA VAL C 879 87.98 -32.90 -49.64
C VAL C 879 86.86 -31.89 -49.86
N GLN C 880 85.60 -32.27 -49.57
CA GLN C 880 84.51 -31.35 -49.83
C GLN C 880 84.51 -30.19 -48.84
N ASN C 881 85.12 -30.36 -47.67
CA ASN C 881 85.20 -29.26 -46.73
C ASN C 881 86.36 -28.32 -47.07
N LYS C 882 87.24 -28.68 -47.99
CA LYS C 882 88.35 -27.80 -48.36
C LYS C 882 88.10 -27.02 -49.64
N PHE C 883 87.46 -27.65 -50.60
CA PHE C 883 87.27 -27.01 -51.90
C PHE C 883 85.84 -26.60 -52.16
N PHE C 884 84.88 -27.27 -51.56
CA PHE C 884 83.48 -27.08 -51.89
C PHE C 884 82.65 -26.40 -50.81
N LYS C 885 81.35 -26.38 -51.07
CA LYS C 885 80.37 -25.64 -50.26
C LYS C 885 80.36 -26.06 -48.82
N ASP C 886 80.08 -25.07 -47.96
CA ASP C 886 80.06 -25.30 -46.53
C ASP C 886 78.79 -26.02 -46.09
N TYR C 887 77.64 -25.70 -46.70
CA TYR C 887 76.45 -26.48 -46.42
C TYR C 887 75.76 -27.01 -47.67
N ASP C 888 75.13 -26.13 -48.47
CA ASP C 888 74.09 -26.60 -49.42
C ASP C 888 74.69 -27.26 -50.64
N ILE C 889 75.13 -26.44 -51.58
CA ILE C 889 75.35 -26.81 -52.96
C ILE C 889 76.84 -26.93 -53.28
N PRO C 890 77.43 -28.14 -53.16
CA PRO C 890 78.71 -28.42 -53.82
C PRO C 890 78.59 -29.64 -54.72
N THR C 891 79.63 -30.47 -54.66
CA THR C 891 79.73 -31.75 -55.36
C THR C 891 81.08 -32.39 -55.00
N THR C 892 81.14 -33.72 -54.93
CA THR C 892 82.38 -34.49 -54.66
C THR C 892 83.41 -33.84 -53.73
N ALA D 2 74.70 20.11 -37.81
CA ALA D 2 74.35 19.77 -36.44
C ALA D 2 74.33 21.01 -35.52
N GLU D 3 73.12 21.42 -35.15
CA GLU D 3 72.81 22.50 -34.20
C GLU D 3 73.22 23.89 -34.69
N ILE D 4 73.64 24.04 -35.95
CA ILE D 4 73.95 25.39 -36.42
C ILE D 4 72.66 26.16 -36.70
N TYR D 5 71.65 25.48 -37.24
CA TYR D 5 70.38 26.16 -37.47
C TYR D 5 69.68 26.51 -36.16
N ARG D 6 70.05 25.86 -35.05
CA ARG D 6 69.53 26.23 -33.73
C ARG D 6 70.34 27.31 -33.03
N LYS D 7 71.50 27.69 -33.54
CA LYS D 7 72.28 28.77 -32.92
C LYS D 7 71.88 30.13 -33.46
N SER D 8 72.18 31.16 -32.69
CA SER D 8 72.01 32.51 -33.21
C SER D 8 73.19 32.84 -34.11
N ALA D 9 73.05 33.93 -34.87
CA ALA D 9 74.11 34.33 -35.78
C ALA D 9 75.39 34.67 -35.03
N ALA D 10 75.27 35.34 -33.88
CA ALA D 10 76.44 35.70 -33.10
C ALA D 10 77.20 34.46 -32.62
N GLU D 11 76.46 33.44 -32.18
CA GLU D 11 77.11 32.21 -31.74
C GLU D 11 77.82 31.53 -32.90
N THR D 12 77.21 31.55 -34.08
CA THR D 12 77.86 30.96 -35.26
C THR D 12 79.11 31.74 -35.64
N PHE D 13 79.06 33.06 -35.49
CA PHE D 13 80.23 33.91 -35.79
C PHE D 13 81.38 33.61 -34.85
N THR D 14 81.11 33.55 -33.55
CA THR D 14 82.20 33.22 -32.63
C THR D 14 82.65 31.77 -32.80
N GLN D 15 81.78 30.91 -33.33
CA GLN D 15 82.16 29.53 -33.60
C GLN D 15 83.26 29.46 -34.65
N LEU D 16 83.07 30.17 -35.76
CA LEU D 16 84.00 30.17 -36.87
C LEU D 16 85.14 31.17 -36.69
N GLU D 17 85.23 31.83 -35.53
CA GLU D 17 86.25 32.85 -35.30
C GLU D 17 86.20 33.91 -36.39
N ALA D 18 85.01 34.48 -36.59
CA ALA D 18 84.78 35.46 -37.63
C ALA D 18 83.83 36.55 -37.15
N THR D 19 83.90 37.70 -37.80
CA THR D 19 82.98 38.79 -37.56
C THR D 19 82.13 39.00 -38.81
N GLU D 20 81.17 39.93 -38.72
CA GLU D 20 80.25 40.19 -39.81
C GLU D 20 80.80 41.18 -40.83
N LYS D 21 82.04 41.63 -40.65
CA LYS D 21 82.69 42.55 -41.56
C LYS D 21 83.66 41.86 -42.51
N GLY D 22 83.71 40.53 -42.48
CA GLY D 22 84.53 39.78 -43.41
C GLY D 22 85.82 39.30 -42.78
N LEU D 23 86.61 38.63 -43.62
CA LEU D 23 87.87 38.03 -43.19
C LEU D 23 89.04 38.64 -43.96
N THR D 24 90.22 38.51 -43.36
CA THR D 24 91.44 38.97 -44.01
C THR D 24 91.96 37.89 -44.96
N THR D 25 92.86 38.31 -45.85
CA THR D 25 93.44 37.37 -46.80
C THR D 25 94.38 36.39 -46.12
N SER D 26 95.11 36.83 -45.09
CA SER D 26 95.97 35.90 -44.38
C SER D 26 95.15 34.82 -43.67
N GLU D 27 94.04 35.22 -43.04
CA GLU D 27 93.16 34.22 -42.41
C GLU D 27 92.51 33.33 -43.46
N VAL D 28 92.17 33.89 -44.63
CA VAL D 28 91.56 33.09 -45.68
C VAL D 28 92.56 32.06 -46.18
N THR D 29 93.84 32.47 -46.30
CA THR D 29 94.92 31.56 -46.72
C THR D 29 95.14 30.46 -45.70
N LYS D 30 95.01 30.78 -44.42
CA LYS D 30 95.14 29.76 -43.36
C LYS D 30 94.02 28.72 -43.47
N ARG D 31 92.79 29.19 -43.56
CA ARG D 31 91.67 28.26 -43.61
C ARG D 31 91.59 27.52 -44.94
N GLN D 32 92.19 28.06 -46.01
CA GLN D 32 92.25 27.33 -47.27
C GLN D 32 93.18 26.13 -47.20
N GLU D 33 94.18 26.15 -46.31
CA GLU D 33 94.94 24.93 -46.09
C GLU D 33 94.26 24.01 -45.09
N LYS D 34 93.53 24.57 -44.12
CA LYS D 34 92.92 23.64 -43.17
C LYS D 34 91.70 22.95 -43.78
N TYR D 35 90.80 23.71 -44.41
CA TYR D 35 89.56 23.15 -44.92
C TYR D 35 89.65 22.75 -46.39
N GLY D 36 90.65 23.22 -47.12
CA GLY D 36 90.74 22.99 -48.55
C GLY D 36 89.89 23.95 -49.35
N PHE D 37 89.92 23.75 -50.67
CA PHE D 37 89.14 24.60 -51.56
C PHE D 37 87.71 24.11 -51.68
N ASN D 38 86.81 25.03 -52.00
CA ASN D 38 85.37 24.78 -52.05
C ASN D 38 84.98 24.13 -53.37
N GLU D 39 85.24 22.83 -53.45
CA GLU D 39 84.90 22.06 -54.65
C GLU D 39 84.79 20.58 -54.30
N LEU D 40 84.20 19.83 -55.23
CA LEU D 40 84.00 18.38 -55.10
C LEU D 40 85.00 17.64 -55.97
N LYS D 41 85.65 16.63 -55.41
CA LYS D 41 86.49 15.74 -56.20
C LYS D 41 87.02 14.59 -55.34
N ASP D 50 89.45 2.67 -64.09
CA ASP D 50 88.77 1.48 -64.61
C ASP D 50 89.29 1.11 -66.00
N PRO D 51 90.54 0.65 -66.09
CA PRO D 51 91.14 0.42 -67.40
C PRO D 51 90.32 -0.57 -68.19
N LEU D 52 90.61 -0.67 -69.48
CA LEU D 52 89.78 -1.54 -70.28
C LEU D 52 90.42 -2.88 -70.59
N TRP D 53 91.73 -2.93 -70.83
CA TRP D 53 92.37 -4.22 -71.04
C TRP D 53 92.16 -5.11 -69.81
N LYS D 54 92.06 -4.50 -68.63
CA LYS D 54 91.82 -5.25 -67.42
C LYS D 54 90.39 -5.78 -67.35
N LEU D 55 89.47 -5.20 -68.12
CA LEU D 55 88.10 -5.72 -68.09
C LEU D 55 87.99 -6.96 -68.95
N PHE D 56 88.71 -6.97 -70.07
CA PHE D 56 88.77 -8.18 -70.88
C PHE D 56 89.53 -9.27 -70.15
N LEU D 57 90.47 -8.88 -69.31
CA LEU D 57 91.18 -9.91 -68.56
C LEU D 57 90.28 -10.48 -67.46
N GLU D 58 89.46 -9.64 -66.80
CA GLU D 58 88.58 -10.20 -65.79
C GLU D 58 87.48 -11.06 -66.40
N THR D 59 87.26 -10.97 -67.71
CA THR D 59 86.26 -11.83 -68.34
C THR D 59 86.57 -13.32 -68.19
N PHE D 60 87.83 -13.68 -67.92
CA PHE D 60 88.28 -15.06 -67.80
C PHE D 60 88.02 -15.69 -66.43
N LYS D 61 87.40 -14.97 -65.50
CA LYS D 61 87.04 -15.53 -64.21
C LYS D 61 85.81 -16.43 -64.32
N ASP D 62 85.09 -16.36 -65.42
CA ASP D 62 83.91 -17.20 -65.61
C ASP D 62 84.35 -18.63 -65.90
N PRO D 63 83.72 -19.62 -65.27
CA PRO D 63 84.13 -21.02 -65.49
C PRO D 63 84.03 -21.48 -66.93
N MET D 64 83.01 -21.01 -67.65
CA MET D 64 82.80 -21.46 -69.01
C MET D 64 83.93 -21.03 -69.92
N VAL D 65 84.47 -19.84 -69.67
CA VAL D 65 85.57 -19.36 -70.49
C VAL D 65 86.77 -20.29 -70.28
N ILE D 66 87.01 -20.69 -69.03
CA ILE D 66 88.13 -21.56 -68.70
C ILE D 66 87.98 -22.93 -69.36
N VAL D 67 86.78 -23.52 -69.29
CA VAL D 67 86.58 -24.83 -69.91
C VAL D 67 86.88 -24.76 -71.39
N LEU D 68 86.43 -23.67 -72.06
CA LEU D 68 86.60 -23.55 -73.50
C LEU D 68 88.03 -23.20 -73.89
N VAL D 69 88.74 -22.42 -73.07
CA VAL D 69 90.13 -22.11 -73.34
C VAL D 69 90.97 -23.39 -73.26
N ILE D 70 90.74 -24.21 -72.23
CA ILE D 70 91.43 -25.50 -72.14
C ILE D 70 91.08 -26.37 -73.34
N ALA D 71 89.81 -26.37 -73.74
CA ALA D 71 89.43 -27.20 -74.88
C ALA D 71 90.11 -26.71 -76.17
N ALA D 72 90.20 -25.40 -76.35
CA ALA D 72 90.82 -24.86 -77.56
C ALA D 72 92.31 -25.17 -77.58
N LEU D 73 92.98 -25.03 -76.43
CA LEU D 73 94.41 -25.33 -76.38
C LEU D 73 94.66 -26.82 -76.59
N VAL D 74 93.82 -27.69 -76.01
CA VAL D 74 94.01 -29.12 -76.19
C VAL D 74 93.83 -29.49 -77.64
N GLN D 75 92.86 -28.88 -78.32
CA GLN D 75 92.68 -29.20 -79.73
C GLN D 75 93.79 -28.62 -80.58
N LEU D 76 94.38 -27.51 -80.13
CA LEU D 76 95.55 -27.00 -80.82
C LEU D 76 96.65 -28.03 -80.82
N VAL D 77 96.89 -28.65 -79.65
CA VAL D 77 97.93 -29.66 -79.57
C VAL D 77 97.54 -30.93 -80.32
N LEU D 78 96.23 -31.27 -80.35
CA LEU D 78 95.80 -32.50 -81.01
C LEU D 78 95.71 -32.41 -82.52
N GLY D 79 95.87 -31.23 -83.12
CA GLY D 79 95.86 -31.13 -84.56
C GLY D 79 94.59 -30.58 -85.15
N GLU D 80 93.57 -30.38 -84.33
CA GLU D 80 92.32 -29.79 -84.80
C GLU D 80 92.45 -28.27 -84.69
N VAL D 81 93.03 -27.66 -85.73
CA VAL D 81 93.39 -26.26 -85.62
C VAL D 81 92.20 -25.35 -85.91
N VAL D 82 91.38 -25.74 -86.88
CA VAL D 82 90.26 -24.89 -87.25
C VAL D 82 89.27 -24.75 -86.09
N GLU D 83 88.93 -25.86 -85.44
CA GLU D 83 88.01 -25.79 -84.30
C GLU D 83 88.62 -25.07 -83.11
N SER D 84 89.93 -25.16 -82.92
CA SER D 84 90.53 -24.32 -81.91
C SER D 84 90.32 -22.85 -82.25
N LEU D 85 90.44 -22.48 -83.53
CA LEU D 85 90.21 -21.08 -83.90
C LEU D 85 88.75 -20.69 -83.75
N ILE D 86 87.83 -21.60 -84.06
CA ILE D 86 86.40 -21.32 -83.94
C ILE D 86 86.04 -21.06 -82.48
N ILE D 87 86.66 -21.83 -81.59
CA ILE D 87 86.42 -21.62 -80.16
C ILE D 87 87.01 -20.29 -79.72
N PHE D 88 88.21 -19.94 -80.21
CA PHE D 88 88.79 -18.63 -79.87
C PHE D 88 87.96 -17.48 -80.43
N LEU D 89 87.32 -17.69 -81.57
CA LEU D 89 86.44 -16.66 -82.10
C LEU D 89 85.21 -16.49 -81.19
N VAL D 90 84.62 -17.59 -80.73
CA VAL D 90 83.46 -17.39 -79.87
C VAL D 90 83.90 -16.82 -78.55
N LEU D 91 85.14 -17.11 -78.15
CA LEU D 91 85.63 -16.56 -76.90
C LEU D 91 85.79 -15.05 -77.01
N ILE D 92 86.35 -14.59 -78.14
CA ILE D 92 86.53 -13.16 -78.36
C ILE D 92 85.17 -12.46 -78.38
N VAL D 93 84.17 -13.07 -79.06
CA VAL D 93 82.85 -12.44 -79.19
C VAL D 93 82.15 -12.38 -77.83
N ASN D 94 82.15 -13.51 -77.10
CA ASN D 94 81.53 -13.56 -75.79
C ASN D 94 82.24 -12.65 -74.80
N SER D 95 83.55 -12.44 -75.00
CA SER D 95 84.27 -11.53 -74.13
C SER D 95 83.82 -10.11 -74.36
N ILE D 96 83.59 -9.74 -75.62
CA ILE D 96 83.11 -8.38 -75.87
C ILE D 96 81.72 -8.20 -75.28
N ILE D 97 80.89 -9.24 -75.36
CA ILE D 97 79.55 -9.10 -74.83
C ILE D 97 79.58 -8.90 -73.32
N SER D 98 80.52 -9.58 -72.66
CA SER D 98 80.57 -9.45 -71.22
C SER D 98 81.19 -8.14 -70.79
N VAL D 99 82.14 -7.60 -71.57
CA VAL D 99 82.68 -6.31 -71.13
C VAL D 99 81.64 -5.25 -71.34
N VAL D 100 80.79 -5.38 -72.37
CA VAL D 100 79.82 -4.32 -72.63
C VAL D 100 78.72 -4.32 -71.57
N GLN D 101 78.15 -5.48 -71.26
CA GLN D 101 77.06 -5.45 -70.30
C GLN D 101 77.49 -5.57 -68.84
N THR D 102 78.73 -5.97 -68.56
CA THR D 102 79.18 -6.09 -67.18
C THR D 102 79.56 -4.74 -66.60
N ARG D 103 80.42 -3.99 -67.28
CA ARG D 103 80.89 -2.75 -66.69
C ARG D 103 79.76 -1.73 -66.65
N LYS D 104 79.67 -1.02 -65.51
CA LYS D 104 78.60 -0.05 -65.27
C LYS D 104 79.05 1.05 -64.30
N ALA D 105 80.33 1.06 -63.94
CA ALA D 105 80.92 2.09 -63.07
C ALA D 105 81.05 3.44 -63.77
N GLU D 106 79.91 4.02 -64.13
CA GLU D 106 79.90 5.34 -64.72
C GLU D 106 80.11 6.40 -63.63
N SER D 107 80.67 7.53 -64.07
CA SER D 107 80.88 8.69 -63.21
C SER D 107 79.73 9.66 -63.37
N SER D 108 78.85 9.70 -62.37
CA SER D 108 77.73 10.63 -62.29
C SER D 108 78.06 11.93 -61.54
N LEU D 109 79.35 12.22 -61.35
CA LEU D 109 79.79 13.40 -60.61
C LEU D 109 80.04 14.64 -61.46
N ASP D 110 79.98 14.56 -62.78
CA ASP D 110 80.26 15.75 -63.57
C ASP D 110 79.05 16.66 -63.65
N ALA D 111 77.87 16.11 -63.39
CA ALA D 111 76.66 16.89 -63.43
C ALA D 111 76.49 17.71 -62.17
N LEU D 112 77.21 17.36 -61.10
CA LEU D 112 77.12 18.08 -59.83
C LEU D 112 78.00 19.32 -59.83
N ARG D 113 79.28 19.17 -60.23
CA ARG D 113 80.14 20.35 -60.27
C ARG D 113 79.67 21.37 -61.30
N GLU D 114 78.68 21.00 -62.12
CA GLU D 114 78.04 21.95 -63.02
C GLU D 114 77.03 22.77 -62.24
N MET D 115 76.29 22.12 -61.33
CA MET D 115 75.37 22.84 -60.45
C MET D 115 76.09 23.76 -59.46
N SER D 116 77.38 23.61 -59.27
CA SER D 116 78.08 24.48 -58.33
C SER D 116 78.12 25.89 -58.88
N ALA D 117 77.93 26.85 -57.99
CA ALA D 117 77.96 28.24 -58.39
C ALA D 117 79.39 28.62 -58.78
N PRO D 118 79.58 29.36 -59.87
CA PRO D 118 80.96 29.70 -60.25
C PRO D 118 81.51 30.94 -59.57
N VAL D 119 80.67 31.85 -59.08
CA VAL D 119 81.13 33.13 -58.56
C VAL D 119 80.50 33.39 -57.20
N ALA D 120 81.27 34.01 -56.32
CA ALA D 120 80.80 34.39 -55.00
C ALA D 120 81.09 35.86 -54.77
N LYS D 121 80.13 36.56 -54.18
CA LYS D 121 80.29 37.99 -53.89
C LYS D 121 80.55 38.09 -52.39
N VAL D 122 81.82 38.15 -52.03
CA VAL D 122 82.27 38.06 -50.66
C VAL D 122 82.76 39.44 -50.22
N ILE D 123 82.78 39.65 -48.92
CA ILE D 123 83.46 40.80 -48.32
C ILE D 123 84.78 40.31 -47.76
N ARG D 124 85.88 40.82 -48.30
CA ARG D 124 87.19 40.45 -47.81
C ARG D 124 88.08 41.68 -47.75
N ASP D 125 88.91 41.74 -46.72
CA ASP D 125 89.84 42.84 -46.50
C ASP D 125 89.13 44.19 -46.42
N GLY D 126 87.84 44.18 -46.11
CA GLY D 126 87.06 45.39 -46.04
C GLY D 126 86.43 45.84 -47.35
N SER D 127 86.57 45.06 -48.43
CA SER D 127 86.06 45.43 -49.74
C SER D 127 85.13 44.33 -50.25
N LYS D 128 83.98 44.74 -50.77
CA LYS D 128 83.09 43.80 -51.45
C LYS D 128 83.70 43.47 -52.81
N GLN D 129 83.76 42.18 -53.12
CA GLN D 129 84.43 41.76 -54.34
C GLN D 129 83.87 40.43 -54.80
N SER D 130 84.03 40.16 -56.08
CA SER D 130 83.67 38.87 -56.65
C SER D 130 84.89 38.00 -56.70
N ILE D 131 84.75 36.77 -56.19
CA ILE D 131 85.83 35.81 -56.15
C ILE D 131 85.31 34.51 -56.77
N HIS D 132 86.23 33.63 -57.10
CA HIS D 132 85.86 32.30 -57.50
C HIS D 132 85.23 31.58 -56.32
N ALA D 133 84.12 30.90 -56.56
CA ALA D 133 83.45 30.23 -55.46
C ALA D 133 84.32 29.14 -54.86
N ARG D 134 85.28 28.60 -55.63
CA ARG D 134 86.17 27.59 -55.09
C ARG D 134 87.09 28.15 -54.01
N GLU D 135 87.22 29.48 -53.92
CA GLU D 135 88.09 30.09 -52.93
C GLU D 135 87.37 30.41 -51.64
N LEU D 136 86.14 29.94 -51.48
CA LEU D 136 85.39 30.22 -50.25
C LEU D 136 85.82 29.33 -49.11
N VAL D 137 85.76 29.88 -47.90
CA VAL D 137 86.21 29.21 -46.69
C VAL D 137 85.28 29.61 -45.53
N PRO D 138 85.20 28.70 -44.55
CA PRO D 138 84.29 28.98 -43.42
C PRO D 138 84.64 30.27 -42.72
N GLY D 139 83.63 31.13 -42.57
CA GLY D 139 83.80 32.47 -42.04
C GLY D 139 83.67 33.56 -43.08
N ASP D 140 83.68 33.22 -44.36
CA ASP D 140 83.55 34.24 -45.40
C ASP D 140 82.13 34.80 -45.36
N VAL D 141 82.01 36.10 -45.60
CA VAL D 141 80.73 36.76 -45.64
C VAL D 141 80.35 36.95 -47.09
N VAL D 142 79.28 36.30 -47.52
CA VAL D 142 78.84 36.32 -48.92
C VAL D 142 77.57 37.15 -49.03
N ILE D 143 77.46 37.88 -50.13
CA ILE D 143 76.28 38.68 -50.44
C ILE D 143 75.48 37.95 -51.49
N LEU D 144 74.16 37.89 -51.30
CA LEU D 144 73.26 37.26 -52.26
C LEU D 144 72.23 38.26 -52.77
N ASP D 145 71.98 38.20 -54.08
CA ASP D 145 70.93 38.94 -54.78
C ASP D 145 70.17 37.95 -55.66
N ALA D 146 69.11 38.43 -56.27
CA ALA D 146 68.32 37.57 -57.14
C ALA D 146 69.16 37.16 -58.32
N GLY D 147 69.00 35.91 -58.73
CA GLY D 147 69.80 35.36 -59.82
C GLY D 147 71.16 34.87 -59.39
N ASP D 148 71.49 34.98 -58.09
CA ASP D 148 72.76 34.43 -57.65
C ASP D 148 72.59 32.95 -57.39
N PHE D 149 73.67 32.20 -57.57
CA PHE D 149 73.69 30.80 -57.19
C PHE D 149 74.42 30.75 -55.86
N VAL D 150 73.80 30.13 -54.85
CA VAL D 150 74.39 30.12 -53.50
C VAL D 150 75.73 29.39 -53.54
N PRO D 151 76.82 30.04 -53.17
CA PRO D 151 78.13 29.44 -53.46
C PRO D 151 78.60 28.43 -52.41
N ALA D 152 78.10 28.48 -51.18
CA ALA D 152 78.51 27.57 -50.11
C ALA D 152 77.42 27.51 -49.04
N ASP D 153 77.48 26.49 -48.16
CA ASP D 153 76.49 26.42 -47.09
C ASP D 153 76.82 27.38 -45.95
N GLY D 154 75.78 28.00 -45.39
CA GLY D 154 76.03 28.96 -44.33
C GLY D 154 74.75 29.44 -43.68
N ARG D 155 74.93 30.20 -42.61
CA ARG D 155 73.86 30.73 -41.79
C ARG D 155 73.61 32.19 -42.15
N LEU D 156 72.37 32.53 -42.48
CA LEU D 156 72.02 33.90 -42.84
C LEU D 156 72.02 34.80 -41.61
N PHE D 157 72.56 36.01 -41.78
CA PHE D 157 72.47 37.04 -40.74
C PHE D 157 71.95 38.36 -41.27
N GLU D 158 71.64 38.47 -42.56
CA GLU D 158 71.02 39.69 -43.08
C GLU D 158 70.08 39.28 -44.19
N SER D 159 68.78 39.58 -44.05
CA SER D 159 67.81 39.17 -45.06
C SER D 159 66.83 40.29 -45.36
N GLY D 160 66.64 40.56 -46.66
CA GLY D 160 65.66 41.49 -47.18
C GLY D 160 64.74 40.78 -48.15
N SER D 161 63.68 40.16 -47.60
CA SER D 161 62.70 39.41 -48.37
C SER D 161 63.38 38.39 -49.29
N LEU D 162 64.31 37.65 -48.71
CA LEU D 162 65.11 36.70 -49.46
C LEU D 162 64.32 35.43 -49.72
N LYS D 163 64.30 34.97 -50.96
CA LYS D 163 63.63 33.77 -51.42
C LYS D 163 64.55 32.99 -52.34
N ILE D 164 64.73 31.70 -52.03
CA ILE D 164 65.62 30.78 -52.72
C ILE D 164 64.84 29.57 -53.24
N ASP D 165 65.30 29.03 -54.37
CA ASP D 165 64.77 27.80 -54.96
C ASP D 165 65.66 26.64 -54.52
N GLU D 166 65.21 25.89 -53.51
CA GLU D 166 65.94 24.74 -52.97
C GLU D 166 65.51 23.43 -53.62
N GLY D 167 65.23 23.42 -54.92
CA GLY D 167 64.79 22.19 -55.56
C GLY D 167 65.83 21.08 -55.62
N MET D 168 67.09 21.41 -55.36
CA MET D 168 68.14 20.39 -55.34
C MET D 168 68.10 19.57 -54.07
N LEU D 169 67.49 20.10 -53.01
CA LEU D 169 67.39 19.39 -51.74
C LEU D 169 65.99 18.88 -51.47
N THR D 170 64.96 19.61 -51.89
CA THR D 170 63.59 19.22 -51.65
C THR D 170 62.83 18.80 -52.89
N GLY D 171 63.34 19.14 -54.09
CA GLY D 171 62.68 18.77 -55.32
C GLY D 171 61.52 19.66 -55.72
N GLU D 172 61.17 20.65 -54.90
CA GLU D 172 60.08 21.56 -55.20
C GLU D 172 60.66 22.83 -55.82
N SER D 173 60.21 23.15 -57.02
CA SER D 173 60.70 24.32 -57.73
C SER D 173 60.12 25.62 -57.19
N GLU D 174 59.24 25.55 -56.21
CA GLU D 174 58.68 26.76 -55.63
C GLU D 174 59.69 27.39 -54.70
N ALA D 175 59.82 28.72 -54.81
CA ALA D 175 60.78 29.45 -53.99
C ALA D 175 60.30 29.51 -52.55
N VAL D 176 61.19 29.23 -51.60
CA VAL D 176 60.84 29.30 -50.20
C VAL D 176 61.41 30.59 -49.61
N GLU D 177 60.65 31.20 -48.70
CA GLU D 177 61.05 32.43 -48.04
C GLU D 177 62.03 32.13 -46.92
N LYS D 178 63.05 32.97 -46.80
CA LYS D 178 64.07 32.83 -45.77
C LYS D 178 63.94 33.93 -44.73
N TYR D 179 64.35 33.58 -43.50
CA TYR D 179 64.33 34.51 -42.38
C TYR D 179 65.57 34.27 -41.54
N ILE D 180 66.13 35.38 -41.00
CA ILE D 180 67.34 35.28 -40.20
C ILE D 180 67.06 34.87 -38.77
N ASP D 181 65.80 34.62 -38.42
CA ASP D 181 65.45 34.27 -37.06
C ASP D 181 66.02 32.91 -36.66
N THR D 182 66.32 32.78 -35.37
CA THR D 182 66.90 31.55 -34.82
C THR D 182 65.83 30.45 -34.73
N ILE D 183 66.20 29.22 -35.06
CA ILE D 183 65.29 28.08 -35.07
C ILE D 183 65.30 27.43 -33.69
N PRO D 184 64.16 27.30 -32.99
CA PRO D 184 64.19 26.78 -31.61
C PRO D 184 64.28 25.26 -31.52
N ASP D 185 63.42 24.49 -32.18
CA ASP D 185 63.50 23.03 -32.07
C ASP D 185 64.00 22.44 -33.37
N GLU D 186 64.25 21.12 -33.36
CA GLU D 186 64.74 20.42 -34.55
C GLU D 186 63.73 20.46 -35.68
N VAL D 187 64.19 20.89 -36.84
CA VAL D 187 63.38 20.94 -38.04
C VAL D 187 64.13 20.19 -39.14
N GLY D 188 63.38 19.79 -40.17
CA GLY D 188 63.95 19.10 -41.30
C GLY D 188 64.81 19.99 -42.17
N LEU D 189 65.48 19.35 -43.12
CA LEU D 189 66.44 20.06 -43.97
C LEU D 189 65.75 21.08 -44.87
N GLY D 190 64.55 20.77 -45.36
CA GLY D 190 63.86 21.71 -46.23
C GLY D 190 63.34 22.94 -45.53
N ASP D 191 63.10 22.85 -44.22
CA ASP D 191 62.53 23.94 -43.46
C ASP D 191 63.57 24.75 -42.70
N ARG D 192 64.84 24.67 -43.10
CA ARG D 192 65.92 25.44 -42.47
C ARG D 192 65.82 26.88 -42.96
N VAL D 193 64.93 27.64 -42.32
CA VAL D 193 64.63 28.98 -42.79
C VAL D 193 65.84 29.91 -42.64
N ASN D 194 66.69 29.66 -41.64
CA ASN D 194 67.86 30.51 -41.40
C ASN D 194 69.11 30.00 -42.10
N MET D 195 68.97 29.15 -43.11
CA MET D 195 70.12 28.53 -43.77
C MET D 195 69.96 28.56 -45.28
N VAL D 196 71.07 28.79 -45.98
CA VAL D 196 71.11 28.66 -47.43
C VAL D 196 72.10 27.56 -47.76
N PHE D 197 71.89 26.91 -48.91
CA PHE D 197 72.66 25.74 -49.26
C PHE D 197 73.28 25.90 -50.63
N SER D 198 74.51 25.40 -50.78
CA SER D 198 75.27 25.57 -52.00
C SER D 198 74.57 24.87 -53.17
N GLY D 199 74.44 25.60 -54.27
CA GLY D 199 73.83 25.10 -55.47
C GLY D 199 72.42 25.60 -55.72
N SER D 200 71.74 26.03 -54.66
CA SER D 200 70.38 26.54 -54.81
C SER D 200 70.40 27.90 -55.49
N LEU D 201 69.27 28.28 -56.06
CA LEU D 201 69.15 29.51 -56.82
C LEU D 201 68.31 30.52 -56.04
N VAL D 202 68.88 31.70 -55.84
CA VAL D 202 68.15 32.77 -55.21
C VAL D 202 67.14 33.32 -56.20
N VAL D 203 65.92 33.55 -55.73
CA VAL D 203 64.81 33.93 -56.58
C VAL D 203 64.43 35.39 -56.39
N TYR D 204 64.50 35.88 -55.16
CA TYR D 204 64.03 37.24 -54.88
C TYR D 204 64.66 37.76 -53.61
N GLY D 205 65.11 38.99 -53.61
CA GLY D 205 65.53 39.61 -52.37
C GLY D 205 67.03 39.71 -52.26
N ARG D 206 67.46 40.35 -51.18
CA ARG D 206 68.88 40.49 -50.89
C ARG D 206 69.23 39.76 -49.59
N GLY D 207 70.46 39.26 -49.50
CA GLY D 207 70.88 38.53 -48.32
C GLY D 207 72.36 38.63 -48.08
N MET D 208 72.76 38.18 -46.89
CA MET D 208 74.17 38.19 -46.48
C MET D 208 74.35 37.13 -45.41
N PHE D 209 75.25 36.17 -45.66
CA PHE D 209 75.46 35.06 -44.74
C PHE D 209 76.93 34.70 -44.60
N VAL D 210 77.24 34.03 -43.48
CA VAL D 210 78.60 33.57 -43.18
C VAL D 210 78.71 32.10 -43.55
N VAL D 211 79.73 31.77 -44.35
CA VAL D 211 79.91 30.41 -44.84
C VAL D 211 80.24 29.50 -43.67
N THR D 212 79.51 28.39 -43.58
CA THR D 212 79.76 27.37 -42.57
C THR D 212 80.21 26.04 -43.12
N GLY D 213 80.07 25.81 -44.43
CA GLY D 213 80.49 24.55 -45.03
C GLY D 213 80.85 24.73 -46.50
N THR D 214 81.97 24.12 -46.89
CA THR D 214 82.53 24.15 -48.23
C THR D 214 82.94 22.72 -48.60
N ALA D 215 83.38 22.54 -49.85
CA ALA D 215 83.93 21.29 -50.35
C ALA D 215 82.93 20.16 -50.15
N SER D 216 83.41 19.00 -49.73
CA SER D 216 82.52 17.85 -49.64
C SER D 216 81.81 17.76 -48.30
N GLU D 217 81.95 18.78 -47.46
CA GLU D 217 81.23 18.87 -46.19
C GLU D 217 80.03 19.80 -46.32
N THR D 218 79.29 19.64 -47.41
CA THR D 218 78.11 20.44 -47.70
C THR D 218 76.96 19.51 -48.04
N GLU D 219 75.74 20.05 -47.96
CA GLU D 219 74.56 19.28 -48.32
C GLU D 219 74.67 18.74 -49.75
N ILE D 220 75.25 19.53 -50.66
CA ILE D 220 75.49 19.07 -52.01
C ILE D 220 76.67 18.12 -52.06
N GLY D 221 77.67 18.34 -51.21
CA GLY D 221 78.78 17.40 -51.13
C GLY D 221 78.37 16.06 -50.58
N LYS D 222 77.41 16.04 -49.66
CA LYS D 222 76.90 14.78 -49.16
C LYS D 222 76.15 14.03 -50.26
N ILE D 223 75.45 14.77 -51.13
CA ILE D 223 74.81 14.13 -52.28
C ILE D 223 75.86 13.51 -53.18
N ALA D 224 76.98 14.22 -53.39
CA ALA D 224 78.07 13.69 -54.21
C ALA D 224 78.65 12.43 -53.58
N GLY D 225 78.76 12.39 -52.26
CA GLY D 225 79.28 11.21 -51.60
C GLY D 225 78.31 10.03 -51.69
N LEU D 226 77.01 10.30 -51.55
CA LEU D 226 76.01 9.26 -51.69
C LEU D 226 76.04 8.69 -53.10
N LEU D 227 76.23 9.56 -54.08
CA LEU D 227 76.33 9.11 -55.46
C LEU D 227 77.58 8.28 -55.70
N GLU D 228 78.70 8.62 -55.04
CA GLU D 228 79.92 7.86 -55.26
C GLU D 228 79.81 6.44 -54.71
N THR D 229 79.28 6.31 -53.50
CA THR D 229 79.13 5.07 -52.78
C THR D 229 77.95 4.23 -53.25
N ALA D 230 77.02 4.81 -54.00
CA ALA D 230 75.94 3.98 -54.52
C ALA D 230 76.57 2.89 -55.34
N GLU D 231 76.24 1.65 -55.04
CA GLU D 231 76.94 0.57 -55.73
C GLU D 231 75.98 -0.26 -56.56
N ALA D 232 76.50 -0.69 -57.70
CA ALA D 232 75.71 -1.50 -58.62
C ALA D 232 75.48 -2.88 -58.05
N LYS D 233 74.29 -3.40 -58.34
CA LYS D 233 73.91 -4.73 -57.92
C LYS D 233 74.04 -5.66 -59.13
N GLN D 234 73.96 -6.95 -58.90
CA GLN D 234 73.97 -7.92 -60.00
C GLN D 234 72.56 -8.13 -60.52
N THR D 235 72.42 -8.29 -61.83
CA THR D 235 71.11 -8.53 -62.40
C THR D 235 70.59 -9.91 -61.99
N PRO D 236 69.30 -10.06 -61.72
CA PRO D 236 68.77 -11.38 -61.37
C PRO D 236 69.09 -12.43 -62.42
N LEU D 237 68.95 -12.11 -63.71
CA LEU D 237 69.37 -13.06 -64.73
C LEU D 237 70.87 -13.31 -64.63
N GLN D 238 71.64 -12.28 -64.29
CA GLN D 238 73.08 -12.46 -64.11
C GLN D 238 73.37 -13.39 -62.94
N ARG D 239 72.63 -13.25 -61.84
CA ARG D 239 72.82 -14.18 -60.73
C ARG D 239 72.53 -15.60 -61.20
N LYS D 240 71.42 -15.79 -61.91
CA LYS D 240 71.00 -17.12 -62.35
C LYS D 240 72.03 -17.74 -63.29
N LEU D 241 72.55 -16.95 -64.23
CA LEU D 241 73.55 -17.45 -65.16
C LEU D 241 74.86 -17.74 -64.46
N GLU D 242 75.22 -16.94 -63.45
CA GLU D 242 76.45 -17.20 -62.71
C GLU D 242 76.39 -18.57 -62.06
N SER D 243 75.29 -18.84 -61.34
CA SER D 243 75.14 -20.13 -60.68
C SER D 243 75.09 -21.27 -61.70
N PHE D 244 74.44 -21.02 -62.83
CA PHE D 244 74.38 -22.07 -63.83
C PHE D 244 75.77 -22.37 -64.37
N SER D 245 76.60 -21.34 -64.52
CA SER D 245 77.94 -21.56 -65.02
C SER D 245 78.76 -22.39 -64.04
N LYS D 246 78.66 -22.07 -62.74
CA LYS D 246 79.44 -22.84 -61.76
C LYS D 246 79.00 -24.31 -61.74
N LYS D 247 77.68 -24.56 -61.75
CA LYS D 247 77.23 -25.94 -61.78
C LYS D 247 77.70 -26.66 -63.04
N LEU D 248 77.63 -25.98 -64.18
CA LEU D 248 78.03 -26.63 -65.42
C LEU D 248 79.54 -26.90 -65.42
N GLY D 249 80.30 -25.99 -64.82
CA GLY D 249 81.73 -26.19 -64.76
C GLY D 249 82.10 -27.39 -63.93
N LEU D 250 81.52 -27.49 -62.72
CA LEU D 250 81.79 -28.67 -61.90
C LEU D 250 81.36 -29.94 -62.59
N GLY D 251 80.22 -29.92 -63.26
CA GLY D 251 79.78 -31.10 -63.99
C GLY D 251 80.79 -31.51 -65.03
N ILE D 252 81.30 -30.54 -65.80
CA ILE D 252 82.26 -30.85 -66.86
C ILE D 252 83.57 -31.37 -66.29
N LEU D 253 84.04 -30.76 -65.20
CA LEU D 253 85.24 -31.27 -64.54
C LEU D 253 85.03 -32.70 -64.05
N ALA D 254 83.85 -32.99 -63.51
CA ALA D 254 83.54 -34.33 -63.01
C ALA D 254 83.43 -35.34 -64.15
N LEU D 255 82.77 -34.96 -65.25
CA LEU D 255 82.67 -35.85 -66.40
C LEU D 255 84.05 -36.09 -67.03
N CYS D 256 84.92 -35.09 -67.05
CA CYS D 256 86.26 -35.31 -67.58
C CYS D 256 87.07 -36.23 -66.66
N VAL D 257 86.93 -36.07 -65.34
CA VAL D 257 87.61 -37.00 -64.44
C VAL D 257 87.08 -38.41 -64.65
N LEU D 258 85.75 -38.57 -64.78
CA LEU D 258 85.18 -39.90 -65.01
C LEU D 258 85.64 -40.48 -66.33
N ILE D 259 85.71 -39.67 -67.39
CA ILE D 259 86.19 -40.16 -68.67
C ILE D 259 87.60 -40.70 -68.53
N PHE D 260 88.48 -39.93 -67.89
CA PHE D 260 89.86 -40.39 -67.74
C PHE D 260 89.95 -41.60 -66.84
N ALA D 261 89.12 -41.67 -65.79
CA ALA D 261 89.16 -42.82 -64.90
C ALA D 261 88.75 -44.08 -65.65
N VAL D 262 87.68 -43.98 -66.46
CA VAL D 262 87.24 -45.14 -67.22
C VAL D 262 88.29 -45.55 -68.24
N GLU D 263 88.87 -44.60 -68.97
CA GLU D 263 89.81 -44.99 -70.01
C GLU D 263 91.10 -45.56 -69.41
N ALA D 264 91.60 -44.95 -68.35
CA ALA D 264 92.82 -45.45 -67.73
C ALA D 264 92.57 -46.77 -67.02
N GLY D 265 91.41 -46.91 -66.36
CA GLY D 265 91.09 -48.18 -65.73
C GLY D 265 90.88 -49.28 -66.74
N ARG D 266 90.41 -48.93 -67.93
CA ARG D 266 90.26 -49.91 -68.97
C ARG D 266 91.62 -50.37 -69.47
N VAL D 267 92.60 -49.47 -69.47
CA VAL D 267 93.96 -49.87 -69.81
C VAL D 267 94.59 -50.68 -68.66
N LEU D 268 94.13 -50.47 -67.43
CA LEU D 268 94.72 -51.15 -66.28
C LEU D 268 94.34 -52.62 -66.24
N LEU D 269 93.09 -52.94 -66.56
CA LEU D 269 92.55 -54.30 -66.51
C LEU D 269 92.39 -54.93 -67.90
N GLY D 270 93.33 -54.69 -68.82
CA GLY D 270 93.27 -55.30 -70.13
C GLY D 270 94.62 -55.78 -70.64
N ASP D 271 94.69 -56.18 -71.91
CA ASP D 271 95.92 -56.65 -72.55
C ASP D 271 96.66 -55.50 -73.22
N ASN D 272 97.93 -55.36 -72.89
CA ASN D 272 98.76 -54.25 -73.38
C ASN D 272 99.42 -54.66 -74.70
N SER D 273 99.07 -53.97 -75.78
CA SER D 273 99.61 -54.17 -77.11
C SER D 273 100.04 -52.83 -77.71
N ALA D 274 100.73 -51.99 -76.92
CA ALA D 274 101.17 -50.66 -77.32
C ALA D 274 99.99 -49.74 -77.63
N ASP D 275 98.82 -50.06 -77.05
CA ASP D 275 97.62 -49.25 -77.19
C ASP D 275 97.34 -48.30 -76.02
N MET D 276 98.31 -48.06 -75.13
CA MET D 276 98.06 -47.09 -74.06
C MET D 276 97.99 -45.66 -74.58
N ALA D 277 98.88 -45.30 -75.51
CA ALA D 277 98.85 -43.96 -76.07
C ALA D 277 97.53 -43.70 -76.79
N THR D 278 97.03 -44.71 -77.49
CA THR D 278 95.75 -44.56 -78.18
C THR D 278 94.64 -44.25 -77.18
N ALA D 279 94.68 -44.89 -76.01
CA ALA D 279 93.66 -44.66 -74.99
C ALA D 279 93.77 -43.27 -74.37
N ILE D 280 95.00 -42.77 -74.20
CA ILE D 280 95.15 -41.41 -73.66
C ILE D 280 94.60 -40.41 -74.68
N LEU D 281 94.82 -40.70 -75.94
CA LEU D 281 94.27 -39.87 -77.00
C LEU D 281 92.74 -39.91 -76.98
N ASN D 282 92.17 -41.10 -76.73
CA ASN D 282 90.71 -41.22 -76.66
C ASN D 282 90.15 -40.45 -75.47
N ALA D 283 90.84 -40.49 -74.33
CA ALA D 283 90.36 -39.75 -73.17
C ALA D 283 90.32 -38.27 -73.47
N PHE D 284 91.37 -37.77 -74.13
CA PHE D 284 91.42 -36.36 -74.49
C PHE D 284 90.33 -35.99 -75.50
N MET D 285 90.13 -36.83 -76.52
CA MET D 285 89.09 -36.53 -77.51
C MET D 285 87.68 -36.57 -76.91
N PHE D 286 87.40 -37.55 -76.05
CA PHE D 286 86.09 -37.62 -75.41
C PHE D 286 85.88 -36.45 -74.45
N ALA D 287 86.92 -36.06 -73.72
CA ALA D 287 86.77 -34.93 -72.80
C ALA D 287 86.57 -33.62 -73.55
N VAL D 288 87.30 -33.40 -74.64
CA VAL D 288 87.08 -32.21 -75.44
C VAL D 288 85.69 -32.23 -76.05
N ALA D 289 85.25 -33.39 -76.54
CA ALA D 289 83.91 -33.49 -77.11
C ALA D 289 82.86 -33.15 -76.07
N VAL D 290 83.01 -33.69 -74.86
CA VAL D 290 82.03 -33.43 -73.81
C VAL D 290 82.07 -31.98 -73.37
N ALA D 291 83.25 -31.38 -73.32
CA ALA D 291 83.34 -29.97 -72.96
C ALA D 291 82.60 -29.10 -73.98
N VAL D 292 82.92 -29.30 -75.26
CA VAL D 292 82.27 -28.52 -76.31
C VAL D 292 80.77 -28.81 -76.37
N ALA D 293 80.35 -30.05 -76.13
CA ALA D 293 78.94 -30.40 -76.22
C ALA D 293 78.13 -29.83 -75.06
N ALA D 294 78.70 -29.77 -73.86
CA ALA D 294 77.93 -29.34 -72.69
C ALA D 294 77.75 -27.82 -72.60
N ILE D 295 78.67 -27.05 -73.17
CA ILE D 295 78.65 -25.60 -73.03
C ILE D 295 77.70 -25.05 -74.10
N PRO D 296 76.65 -24.35 -73.74
CA PRO D 296 75.81 -23.73 -74.76
C PRO D 296 76.51 -22.50 -75.31
N GLU D 297 77.40 -22.72 -76.30
CA GLU D 297 78.31 -21.69 -76.77
C GLU D 297 77.61 -20.45 -77.29
N ALA D 298 76.38 -20.56 -77.76
CA ALA D 298 75.72 -19.39 -78.30
C ALA D 298 74.89 -18.65 -77.26
N LEU D 299 75.01 -19.02 -75.99
CA LEU D 299 74.10 -18.52 -74.96
C LEU D 299 74.22 -17.01 -74.77
N SER D 300 75.43 -16.49 -74.62
CA SER D 300 75.59 -15.07 -74.35
C SER D 300 75.09 -14.20 -75.51
N SER D 301 75.31 -14.63 -76.76
CA SER D 301 74.82 -13.88 -77.89
C SER D 301 73.29 -13.97 -78.02
N ILE D 302 72.73 -15.14 -77.72
CA ILE D 302 71.27 -15.31 -77.79
C ILE D 302 70.57 -14.49 -76.72
N VAL D 303 71.11 -14.50 -75.49
CA VAL D 303 70.53 -13.69 -74.43
C VAL D 303 70.60 -12.22 -74.76
N THR D 304 71.72 -11.77 -75.36
CA THR D 304 71.79 -10.36 -75.75
C THR D 304 70.79 -10.03 -76.84
N ILE D 305 70.55 -10.94 -77.78
CA ILE D 305 69.58 -10.67 -78.84
C ILE D 305 68.18 -10.50 -78.25
N VAL D 306 67.78 -11.41 -77.35
CA VAL D 306 66.46 -11.29 -76.73
C VAL D 306 66.33 -10.01 -75.89
N LEU D 307 67.36 -9.68 -75.12
CA LEU D 307 67.33 -8.43 -74.35
C LEU D 307 67.20 -7.24 -75.29
N ALA D 308 67.89 -7.29 -76.42
CA ALA D 308 67.83 -6.18 -77.36
C ALA D 308 66.43 -6.02 -77.93
N VAL D 309 65.77 -7.13 -78.23
CA VAL D 309 64.40 -7.04 -78.72
C VAL D 309 63.51 -6.36 -77.70
N GLY D 310 63.70 -6.70 -76.42
CA GLY D 310 62.90 -6.06 -75.38
C GLY D 310 63.17 -4.56 -75.26
N THR D 311 64.45 -4.18 -75.29
CA THR D 311 64.78 -2.76 -75.15
C THR D 311 64.29 -1.95 -76.35
N ASN D 312 64.22 -2.57 -77.54
CA ASN D 312 63.66 -1.87 -78.69
C ASN D 312 62.16 -1.70 -78.55
N LYS D 313 61.47 -2.74 -78.11
CA LYS D 313 60.04 -2.56 -77.89
C LYS D 313 59.79 -1.42 -76.93
N MET D 314 60.62 -1.29 -75.90
CA MET D 314 60.41 -0.17 -74.98
C MET D 314 60.82 1.15 -75.62
N ALA D 315 61.81 1.14 -76.51
CA ALA D 315 62.25 2.39 -77.12
C ALA D 315 61.17 2.99 -78.01
N LYS D 316 60.33 2.14 -78.60
CA LYS D 316 59.23 2.69 -79.40
C LYS D 316 58.28 3.52 -78.56
N GLN D 317 58.15 3.22 -77.27
CA GLN D 317 57.30 3.99 -76.36
C GLN D 317 58.06 5.14 -75.69
N HIS D 318 59.22 5.50 -76.25
CA HIS D 318 60.03 6.61 -75.75
C HIS D 318 60.49 6.38 -74.32
N ALA D 319 60.90 5.14 -74.05
CA ALA D 319 61.49 4.75 -72.78
C ALA D 319 62.89 4.23 -73.12
N ILE D 320 63.90 5.04 -72.84
CA ILE D 320 65.25 4.75 -73.29
C ILE D 320 65.97 4.01 -72.18
N ILE D 321 66.25 2.73 -72.40
CA ILE D 321 67.00 1.91 -71.46
C ILE D 321 68.43 1.87 -71.97
N ARG D 322 69.38 2.35 -71.16
CA ARG D 322 70.75 2.40 -71.62
C ARG D 322 71.38 1.01 -71.60
N LYS D 323 71.35 0.32 -70.46
CA LYS D 323 71.96 -1.00 -70.37
C LYS D 323 70.93 -2.07 -70.74
N LEU D 324 71.39 -3.07 -71.50
CA LEU D 324 70.49 -4.12 -71.99
C LEU D 324 69.92 -5.02 -70.89
N PRO D 325 70.71 -5.51 -69.94
CA PRO D 325 70.12 -6.39 -68.92
C PRO D 325 69.10 -5.69 -68.05
N ALA D 326 69.06 -4.36 -68.08
CA ALA D 326 68.15 -3.63 -67.22
C ALA D 326 66.70 -3.94 -67.55
N VAL D 327 66.39 -4.26 -68.80
CA VAL D 327 65.00 -4.53 -69.16
C VAL D 327 64.52 -5.77 -68.42
N GLU D 328 65.37 -6.79 -68.31
CA GLU D 328 64.97 -7.98 -67.58
C GLU D 328 64.80 -7.67 -66.10
N THR D 329 65.64 -6.79 -65.56
CA THR D 329 65.48 -6.43 -64.15
C THR D 329 64.15 -5.74 -63.90
N LEU D 330 63.63 -5.00 -64.89
CA LEU D 330 62.33 -4.38 -64.69
C LEU D 330 61.27 -5.43 -64.42
N GLY D 331 61.40 -6.60 -65.06
CA GLY D 331 60.44 -7.67 -64.89
C GLY D 331 60.47 -8.28 -63.51
N SER D 332 61.62 -8.16 -62.83
CA SER D 332 61.76 -8.69 -61.49
C SER D 332 61.47 -7.65 -60.43
N THR D 333 60.89 -6.52 -60.82
CA THR D 333 60.62 -5.48 -59.85
C THR D 333 59.58 -5.94 -58.83
N SER D 334 59.81 -5.60 -57.58
CA SER D 334 58.85 -5.89 -56.54
C SER D 334 58.36 -4.64 -55.82
N VAL D 335 59.20 -3.61 -55.73
CA VAL D 335 58.84 -2.33 -55.13
C VAL D 335 59.23 -1.24 -56.11
N ILE D 336 58.39 -0.22 -56.23
CA ILE D 336 58.66 0.94 -57.07
C ILE D 336 58.63 2.16 -56.19
N CYS D 337 59.82 2.72 -55.92
CA CYS D 337 59.92 3.98 -55.18
C CYS D 337 59.74 5.15 -56.14
N THR D 338 58.90 6.10 -55.76
CA THR D 338 58.57 7.21 -56.65
C THR D 338 58.68 8.53 -55.91
N ASP D 339 59.14 9.54 -56.61
CA ASP D 339 59.10 10.90 -56.14
C ASP D 339 57.76 11.49 -56.56
N LYS D 340 57.33 12.54 -55.86
CA LYS D 340 56.07 13.16 -56.22
C LYS D 340 56.31 14.22 -57.29
N THR D 341 56.73 15.40 -56.87
CA THR D 341 56.87 16.55 -57.75
C THR D 341 57.79 16.29 -58.94
N GLY D 342 57.23 16.33 -60.15
CA GLY D 342 57.93 16.11 -61.37
C GLY D 342 57.83 14.68 -61.87
N THR D 343 57.60 13.74 -60.96
CA THR D 343 57.50 12.33 -61.32
C THR D 343 56.04 11.90 -61.25
N LEU D 344 55.47 11.86 -60.04
CA LEU D 344 54.04 11.57 -59.93
C LEU D 344 53.19 12.72 -60.45
N THR D 345 53.65 13.95 -60.27
CA THR D 345 52.97 15.13 -60.75
C THR D 345 53.75 15.70 -61.93
N GLN D 346 53.46 16.96 -62.28
CA GLN D 346 54.18 17.63 -63.37
C GLN D 346 54.68 19.00 -62.95
N ASN D 347 54.71 19.28 -61.64
CA ASN D 347 55.22 20.53 -61.09
C ASN D 347 54.50 21.72 -61.70
N LYS D 348 53.17 21.61 -61.84
CA LYS D 348 52.32 22.63 -62.46
C LYS D 348 51.14 22.85 -61.54
N MET D 349 51.18 23.95 -60.79
CA MET D 349 50.10 24.29 -59.89
C MET D 349 48.79 24.46 -60.66
N THR D 350 47.73 23.86 -60.15
CA THR D 350 46.45 23.91 -60.84
C THR D 350 45.32 23.98 -59.82
N VAL D 351 44.35 24.87 -60.06
CA VAL D 351 43.19 24.96 -59.20
C VAL D 351 42.29 23.76 -59.44
N VAL D 352 41.77 23.19 -58.35
CA VAL D 352 40.98 21.97 -58.41
C VAL D 352 39.57 22.14 -57.86
N ASP D 353 39.40 22.93 -56.80
CA ASP D 353 38.09 23.00 -56.17
C ASP D 353 37.59 24.43 -56.06
N TYR D 354 36.26 24.56 -55.97
CA TYR D 354 35.59 25.84 -55.88
C TYR D 354 34.37 25.75 -54.97
N TYR D 355 34.09 26.85 -54.28
CA TYR D 355 32.94 26.95 -53.38
C TYR D 355 32.23 28.28 -53.61
N LEU D 356 30.96 28.20 -54.02
CA LEU D 356 30.07 29.36 -54.16
C LEU D 356 28.82 29.21 -53.31
N PRO D 357 28.43 30.22 -52.54
CA PRO D 357 27.19 30.09 -51.75
C PRO D 357 25.95 30.08 -52.63
N ASP D 358 25.98 30.77 -53.77
CA ASP D 358 24.86 30.85 -54.69
C ASP D 358 24.90 29.72 -55.73
N GLY D 359 24.91 28.50 -55.20
CA GLY D 359 24.86 27.28 -55.99
C GLY D 359 26.19 26.59 -56.28
N THR D 360 26.42 25.46 -55.60
CA THR D 360 27.60 24.65 -55.80
C THR D 360 27.27 23.42 -56.64
N LYS D 361 28.00 23.23 -57.73
CA LYS D 361 27.98 21.97 -58.45
C LYS D 361 29.27 21.23 -58.11
N GLU D 362 29.24 19.91 -58.30
CA GLU D 362 30.45 19.13 -58.03
C GLU D 362 31.59 19.60 -58.93
N ASN D 363 31.32 19.79 -60.22
CA ASN D 363 32.32 20.25 -61.17
C ASN D 363 31.96 21.63 -61.71
N PHE D 364 32.98 22.38 -62.07
CA PHE D 364 32.78 23.69 -62.68
C PHE D 364 32.47 23.55 -64.17
N PRO D 365 31.40 24.18 -64.65
CA PRO D 365 31.05 24.07 -66.07
C PRO D 365 32.05 24.82 -66.96
N GLU D 366 31.92 24.61 -68.27
CA GLU D 366 32.87 25.11 -69.26
C GLU D 366 32.35 26.30 -70.08
N SER D 367 31.21 26.15 -70.75
CA SER D 367 30.67 27.21 -71.63
C SER D 367 30.45 28.52 -70.87
N PRO D 368 30.91 29.65 -71.41
CA PRO D 368 30.76 30.94 -70.69
C PRO D 368 29.32 31.38 -70.48
N GLU D 369 28.38 30.96 -71.34
CA GLU D 369 26.99 31.37 -71.23
C GLU D 369 26.08 30.33 -70.59
N ASN D 370 26.54 29.10 -70.41
CA ASN D 370 25.75 28.08 -69.74
C ASN D 370 25.81 28.19 -68.22
N TRP D 371 26.72 29.01 -67.68
CA TRP D 371 26.90 29.14 -66.24
C TRP D 371 25.79 29.98 -65.62
N SER D 372 25.69 29.89 -64.30
CA SER D 372 24.87 30.82 -63.56
C SER D 372 25.68 32.10 -63.34
N GLU D 373 24.97 33.21 -63.10
CA GLU D 373 25.63 34.51 -63.00
C GLU D 373 26.75 34.52 -61.95
N GLY D 374 26.55 33.83 -60.83
CA GLY D 374 27.61 33.78 -59.82
C GLY D 374 28.85 33.07 -60.29
N GLU D 375 28.68 31.98 -61.04
CA GLU D 375 29.85 31.25 -61.54
C GLU D 375 30.61 32.09 -62.54
N ARG D 376 29.93 32.91 -63.33
CA ARG D 376 30.61 33.75 -64.30
C ARG D 376 31.27 34.97 -63.67
N ARG D 377 30.73 35.50 -62.56
CA ARG D 377 31.38 36.62 -61.89
C ARG D 377 32.63 36.19 -61.13
N LEU D 378 32.61 34.96 -60.59
CA LEU D 378 33.79 34.44 -59.89
C LEU D 378 35.01 34.44 -60.80
N ILE D 379 34.81 34.13 -62.09
CA ILE D 379 35.93 34.06 -63.02
C ILE D 379 36.56 35.43 -63.22
N HIS D 380 35.76 36.48 -63.42
CA HIS D 380 36.36 37.79 -63.65
C HIS D 380 37.12 38.29 -62.43
N ILE D 381 36.58 38.04 -61.23
CA ILE D 381 37.29 38.54 -60.06
C ILE D 381 38.58 37.77 -59.86
N ALA D 382 38.57 36.46 -60.10
CA ALA D 382 39.79 35.69 -59.92
C ALA D 382 40.83 36.00 -60.99
N VAL D 383 40.41 36.31 -62.21
CA VAL D 383 41.33 36.41 -63.33
C VAL D 383 41.98 37.79 -63.42
N LEU D 384 41.23 38.87 -63.25
CA LEU D 384 41.87 40.16 -63.54
C LEU D 384 42.75 40.71 -62.41
N CYS D 385 42.73 40.12 -61.23
CA CYS D 385 43.54 40.62 -60.12
C CYS D 385 44.88 39.90 -60.02
N ASN D 386 45.60 39.80 -61.14
CA ASN D 386 46.91 39.15 -61.16
C ASN D 386 47.66 39.51 -62.44
N ASP D 387 48.97 39.25 -62.41
CA ASP D 387 49.90 39.63 -63.47
C ASP D 387 50.49 38.44 -64.23
N SER D 388 49.87 37.26 -64.18
CA SER D 388 50.42 36.11 -64.88
C SER D 388 50.14 36.20 -66.38
N ASN D 389 50.99 35.54 -67.17
CA ASN D 389 50.91 35.64 -68.63
C ASN D 389 51.40 34.34 -69.26
N ILE D 390 50.91 34.06 -70.48
CA ILE D 390 51.30 32.88 -71.25
C ILE D 390 51.56 33.28 -72.70
N ASN D 391 52.67 32.80 -73.26
CA ASN D 391 53.02 33.13 -74.64
C ASN D 391 52.27 32.19 -75.59
N SER D 392 52.55 32.30 -76.89
CA SER D 392 51.84 31.49 -77.87
C SER D 392 52.26 30.02 -77.81
N GLU D 393 53.56 29.75 -77.63
CA GLU D 393 54.00 28.35 -77.56
C GLU D 393 53.62 27.71 -76.22
N GLY D 394 53.50 28.51 -75.16
CA GLY D 394 53.14 27.96 -73.86
C GLY D 394 54.16 28.03 -72.75
N LYS D 395 55.19 28.86 -72.88
CA LYS D 395 56.17 29.03 -71.81
C LYS D 395 55.56 29.89 -70.70
N GLU D 396 55.71 29.45 -69.45
CA GLU D 396 55.05 30.09 -68.32
C GLU D 396 55.91 31.20 -67.72
N LEU D 397 55.28 32.35 -67.49
CA LEU D 397 55.91 33.52 -66.89
C LEU D 397 55.00 34.07 -65.81
N GLY D 398 55.47 34.08 -64.56
CA GLY D 398 54.69 34.56 -63.44
C GLY D 398 54.68 33.59 -62.28
N ASP D 399 54.00 34.00 -61.21
CA ASP D 399 53.91 33.18 -60.01
C ASP D 399 53.11 31.90 -60.29
N PRO D 400 53.59 30.74 -59.82
CA PRO D 400 52.85 29.50 -60.06
C PRO D 400 51.44 29.49 -59.48
N THR D 401 51.19 30.24 -58.40
CA THR D 401 49.84 30.35 -57.87
C THR D 401 48.93 31.11 -58.82
N GLU D 402 49.45 32.16 -59.46
CA GLU D 402 48.62 32.99 -60.33
C GLU D 402 48.32 32.30 -61.65
N VAL D 403 49.26 31.50 -62.17
CA VAL D 403 49.08 30.82 -63.44
C VAL D 403 48.01 29.75 -63.39
N ALA D 404 47.69 29.21 -62.20
CA ALA D 404 46.66 28.18 -62.13
C ALA D 404 45.29 28.71 -62.55
N LEU D 405 45.03 29.99 -62.28
CA LEU D 405 43.73 30.58 -62.61
C LEU D 405 43.61 30.82 -64.11
N ILE D 406 44.67 31.34 -64.74
CA ILE D 406 44.59 31.58 -66.17
C ILE D 406 44.57 30.26 -66.94
N ALA D 407 45.24 29.23 -66.42
CA ALA D 407 45.14 27.92 -67.05
C ALA D 407 43.74 27.33 -66.91
N PHE D 408 43.08 27.58 -65.78
CA PHE D 408 41.71 27.09 -65.60
C PHE D 408 40.75 27.81 -66.55
N SER D 409 40.94 29.13 -66.70
CA SER D 409 40.07 29.89 -67.60
C SER D 409 40.27 29.46 -69.04
N ASN D 410 41.54 29.29 -69.47
CA ASN D 410 41.77 28.79 -70.82
C ASN D 410 41.26 27.36 -70.97
N LYS D 411 41.22 26.60 -69.87
CA LYS D 411 40.62 25.26 -69.89
C LYS D 411 39.13 25.32 -70.20
N ASN D 412 38.45 26.36 -69.74
CA ASN D 412 37.02 26.50 -69.99
C ASN D 412 36.72 27.41 -71.18
N ASN D 413 37.58 27.41 -72.20
CA ASN D 413 37.37 28.14 -73.46
C ASN D 413 37.26 29.64 -73.27
N GLN D 414 37.68 30.17 -72.13
CA GLN D 414 37.62 31.61 -71.88
C GLN D 414 39.06 32.13 -71.96
N ASP D 415 39.43 32.65 -73.13
CA ASP D 415 40.78 33.16 -73.35
C ASP D 415 41.12 34.30 -72.40
N TYR D 416 42.25 34.15 -71.70
CA TYR D 416 42.68 35.13 -70.71
C TYR D 416 43.13 36.45 -71.34
N ASN D 417 43.76 36.39 -72.52
CA ASN D 417 44.26 37.61 -73.14
C ASN D 417 43.12 38.50 -73.65
N GLU D 418 42.03 37.90 -74.12
CA GLU D 418 40.93 38.69 -74.65
C GLU D 418 40.27 39.55 -73.57
N ILE D 419 40.19 39.04 -72.34
CA ILE D 419 39.65 39.84 -71.24
C ILE D 419 40.70 40.79 -70.68
N ARG D 420 41.99 40.47 -70.82
CA ARG D 420 43.03 41.35 -70.28
C ARG D 420 43.06 42.71 -70.98
N GLU D 421 42.62 42.79 -72.24
CA GLU D 421 42.73 44.04 -73.00
C GLU D 421 41.69 45.09 -72.58
N LYS D 422 40.50 44.68 -72.14
CA LYS D 422 39.47 45.67 -71.81
C LYS D 422 39.69 46.34 -70.46
N PHE D 423 40.17 45.60 -69.46
CA PHE D 423 40.28 46.14 -68.10
C PHE D 423 41.77 46.24 -67.76
N ILE D 424 42.26 47.48 -67.66
CA ILE D 424 43.68 47.77 -67.49
C ILE D 424 44.04 48.24 -66.08
N ARG D 425 45.31 48.02 -65.74
CA ARG D 425 45.96 48.40 -64.49
C ARG D 425 47.46 48.45 -64.79
N GLU D 426 47.86 49.45 -65.58
CA GLU D 426 49.25 49.60 -66.00
C GLU D 426 50.07 50.29 -64.90
N GLY D 427 51.36 50.47 -65.18
CA GLY D 427 52.26 51.10 -64.22
C GLY D 427 52.68 50.11 -63.16
N GLU D 428 52.37 50.40 -61.90
CA GLU D 428 52.76 49.52 -60.80
C GLU D 428 51.56 49.36 -59.87
N ILE D 429 51.40 48.14 -59.34
CA ILE D 429 50.41 47.84 -58.35
C ILE D 429 51.03 47.12 -57.14
N PRO D 430 50.96 47.68 -55.94
CA PRO D 430 51.67 47.06 -54.81
C PRO D 430 51.01 45.78 -54.31
N PHE D 431 51.86 44.79 -53.99
CA PHE D 431 51.43 43.54 -53.36
C PHE D 431 52.67 43.00 -52.64
N ASP D 432 52.54 42.72 -51.36
CA ASP D 432 53.67 42.28 -50.56
C ASP D 432 53.34 40.99 -49.80
N SER D 433 54.35 40.45 -49.11
CA SER D 433 54.19 39.21 -48.37
C SER D 433 53.48 39.44 -47.05
N ASP D 434 53.62 40.64 -46.50
CA ASP D 434 52.91 41.05 -45.30
C ASP D 434 51.44 41.27 -45.69
N ARG D 435 50.57 40.32 -45.33
CA ARG D 435 49.16 40.38 -45.67
C ARG D 435 49.06 40.26 -47.18
N LYS D 436 48.85 39.04 -47.68
CA LYS D 436 49.08 38.74 -49.09
C LYS D 436 47.93 39.11 -50.01
N LEU D 437 47.21 40.18 -49.71
CA LEU D 437 46.05 40.50 -50.52
C LEU D 437 46.43 41.46 -51.62
N MET D 438 45.91 41.17 -52.80
CA MET D 438 46.08 41.98 -53.99
C MET D 438 44.75 42.64 -54.31
N SER D 439 44.78 43.94 -54.48
CA SER D 439 43.57 44.65 -54.85
C SER D 439 43.88 45.50 -56.07
N THR D 440 42.96 45.47 -57.02
CA THR D 440 43.07 46.21 -58.26
C THR D 440 41.78 46.98 -58.47
N LEU D 441 41.90 48.15 -59.06
CA LEU D 441 40.74 48.98 -59.35
C LEU D 441 40.47 48.87 -60.84
N HIS D 442 39.28 48.42 -61.22
CA HIS D 442 38.99 48.25 -62.63
C HIS D 442 37.59 48.73 -62.94
N THR D 443 37.42 49.21 -64.15
CA THR D 443 36.13 49.68 -64.65
C THR D 443 35.61 48.58 -65.57
N PHE D 444 34.64 47.80 -65.08
CA PHE D 444 34.00 46.78 -65.91
C PHE D 444 32.68 47.28 -66.47
N ASN D 445 31.83 47.82 -65.62
CA ASN D 445 30.57 48.38 -66.03
C ASN D 445 30.74 49.89 -66.12
N GLU D 446 29.64 50.62 -66.24
CA GLU D 446 29.85 52.07 -66.22
C GLU D 446 30.20 52.62 -64.82
N ASN D 447 30.26 51.80 -63.78
CA ASN D 447 30.76 52.18 -62.46
C ASN D 447 31.98 51.34 -62.10
N LYS D 448 33.01 52.01 -61.58
CA LYS D 448 34.21 51.34 -61.08
C LYS D 448 33.95 50.35 -59.95
N ALA D 449 34.70 49.25 -59.95
CA ALA D 449 34.64 48.26 -58.88
C ALA D 449 36.06 47.93 -58.44
N MET D 450 36.21 47.56 -57.16
CA MET D 450 37.53 47.18 -56.63
C MET D 450 37.58 45.69 -56.37
N LEU D 451 38.42 44.99 -57.09
CA LEU D 451 38.58 43.55 -56.93
C LEU D 451 39.72 43.28 -55.95
N THR D 452 39.56 42.22 -55.15
CA THR D 452 40.49 41.94 -54.07
C THR D 452 40.54 40.43 -53.87
N LYS D 453 41.76 39.89 -53.69
CA LYS D 453 41.91 38.47 -53.47
C LYS D 453 43.07 38.21 -52.52
N GLY D 454 43.02 37.09 -51.82
CA GLY D 454 44.10 36.79 -50.90
C GLY D 454 43.78 35.61 -50.01
N GLY D 455 44.64 35.43 -49.01
CA GLY D 455 44.51 34.32 -48.11
C GLY D 455 43.24 34.42 -47.28
N PRO D 456 42.69 33.28 -46.89
CA PRO D 456 41.38 33.29 -46.21
C PRO D 456 41.43 33.87 -44.80
N ASP D 457 42.51 33.64 -44.06
CA ASP D 457 42.58 34.02 -42.65
C ASP D 457 42.47 35.53 -42.46
N VAL D 458 43.23 36.29 -43.24
CA VAL D 458 43.22 37.74 -43.12
C VAL D 458 42.07 38.37 -43.90
N MET D 459 41.45 37.62 -44.82
CA MET D 459 40.33 38.13 -45.61
C MET D 459 39.01 38.07 -44.84
N PHE D 460 38.82 37.04 -44.00
CA PHE D 460 37.55 36.91 -43.29
C PHE D 460 37.30 38.04 -42.29
N ALA D 461 38.37 38.68 -41.78
CA ALA D 461 38.20 39.77 -40.83
C ALA D 461 37.76 41.08 -41.48
N ARG D 462 37.91 41.22 -42.80
CA ARG D 462 37.54 42.45 -43.50
C ARG D 462 36.39 42.26 -44.50
N CYS D 463 35.76 41.09 -44.54
CA CYS D 463 34.62 40.86 -45.44
C CYS D 463 33.32 41.07 -44.68
N SER D 464 32.50 42.02 -45.15
CA SER D 464 31.19 42.30 -44.58
C SER D 464 30.06 42.20 -45.60
N TYR D 465 30.34 41.69 -46.81
CA TYR D 465 29.33 41.44 -47.83
C TYR D 465 29.62 40.13 -48.55
N VAL D 466 28.55 39.46 -48.99
CA VAL D 466 28.60 38.24 -49.78
C VAL D 466 27.64 38.38 -50.96
N PHE D 467 27.85 37.58 -52.01
CA PHE D 467 27.00 37.57 -53.20
C PHE D 467 26.21 36.26 -53.28
N LEU D 468 25.05 36.22 -52.59
CA LEU D 468 24.10 35.12 -52.71
C LEU D 468 22.72 35.76 -52.89
N ASP D 469 22.09 35.51 -54.05
CA ASP D 469 20.77 36.08 -54.40
C ASP D 469 20.79 37.61 -54.40
N GLY D 470 21.97 38.20 -54.39
CA GLY D 470 22.15 39.63 -54.42
C GLY D 470 23.46 39.99 -53.73
N GLU D 471 23.69 41.29 -53.60
CA GLU D 471 24.86 41.78 -52.88
C GLU D 471 24.36 42.10 -51.48
N GLU D 472 24.48 41.12 -50.59
CA GLU D 472 23.90 41.18 -49.26
C GLU D 472 24.94 40.81 -48.21
N LYS D 473 24.88 41.51 -47.07
CA LYS D 473 25.85 41.28 -46.01
C LYS D 473 25.61 39.93 -45.33
N PRO D 474 26.69 39.26 -44.92
CA PRO D 474 26.61 37.90 -44.37
C PRO D 474 26.30 37.81 -42.88
N MET D 475 25.52 36.79 -42.53
CA MET D 475 25.27 36.46 -41.14
C MET D 475 26.39 35.51 -40.70
N THR D 476 27.06 35.86 -39.60
CA THR D 476 28.20 35.06 -39.13
C THR D 476 27.91 33.57 -39.07
N GLU D 477 26.68 33.17 -38.70
CA GLU D 477 26.31 31.76 -38.66
C GLU D 477 25.69 31.28 -39.96
N GLU D 478 26.35 30.30 -40.59
CA GLU D 478 25.94 29.57 -41.79
C GLU D 478 26.51 30.22 -43.05
N ILE D 479 27.23 31.34 -42.94
CA ILE D 479 27.89 31.92 -44.10
C ILE D 479 29.40 32.04 -43.86
N LEU D 480 29.81 32.78 -42.84
CA LEU D 480 31.24 32.83 -42.54
C LEU D 480 31.68 31.53 -41.89
N ALA D 481 30.81 30.95 -41.03
CA ALA D 481 31.10 29.65 -40.46
C ALA D 481 31.03 28.57 -41.52
N LYS D 482 30.14 28.73 -42.50
CA LYS D 482 30.11 27.81 -43.65
C LYS D 482 31.36 27.98 -44.51
N LEU D 483 31.88 29.21 -44.61
CA LEU D 483 33.15 29.43 -45.31
C LEU D 483 34.28 28.70 -44.63
N LYS D 484 34.38 28.79 -43.30
CA LYS D 484 35.41 28.03 -42.60
C LYS D 484 35.12 26.53 -42.59
N GLU D 485 33.85 26.12 -42.68
CA GLU D 485 33.54 24.70 -42.78
C GLU D 485 34.08 24.13 -44.08
N THR D 486 33.83 24.82 -45.19
CA THR D 486 34.31 24.34 -46.48
C THR D 486 35.79 24.62 -46.66
N ASN D 487 36.30 25.69 -46.05
CA ASN D 487 37.73 26.00 -46.13
C ASN D 487 38.55 25.00 -45.34
N GLU D 488 38.16 24.69 -44.11
CA GLU D 488 38.88 23.70 -43.33
C GLU D 488 38.70 22.32 -43.92
N GLU D 489 37.56 22.04 -44.56
CA GLU D 489 37.40 20.80 -45.29
C GLU D 489 38.35 20.73 -46.49
N PHE D 490 38.53 21.85 -47.19
CA PHE D 490 39.50 21.90 -48.29
C PHE D 490 40.94 21.83 -47.79
N SER D 491 41.23 22.51 -46.68
CA SER D 491 42.57 22.52 -46.10
C SER D 491 42.95 21.16 -45.54
N ASN D 492 41.98 20.40 -45.02
CA ASN D 492 42.25 19.05 -44.58
C ASN D 492 42.67 18.16 -45.74
N GLN D 493 42.35 18.57 -46.96
CA GLN D 493 42.76 17.85 -48.15
C GLN D 493 44.03 18.44 -48.77
N ALA D 494 44.73 19.30 -48.01
CA ALA D 494 46.00 19.90 -48.44
C ALA D 494 45.84 20.68 -49.74
N LEU D 495 44.98 21.68 -49.69
CA LEU D 495 44.71 22.53 -50.84
C LEU D 495 45.08 23.95 -50.48
N ARG D 496 45.84 24.60 -51.34
CA ARG D 496 46.18 26.00 -51.14
C ARG D 496 44.95 26.81 -51.52
N VAL D 497 44.42 27.56 -50.55
CA VAL D 497 43.13 28.20 -50.67
C VAL D 497 43.31 29.67 -50.99
N LEU D 498 42.44 30.19 -51.86
CA LEU D 498 42.36 31.61 -52.15
C LEU D 498 40.92 32.06 -52.02
N ALA D 499 40.72 33.20 -51.36
CA ALA D 499 39.42 33.79 -51.15
C ALA D 499 39.29 35.02 -52.03
N TYR D 500 38.09 35.25 -52.59
CA TYR D 500 37.90 36.35 -53.52
C TYR D 500 36.84 37.32 -53.02
N GLY D 501 36.90 38.53 -53.56
CA GLY D 501 35.91 39.52 -53.20
C GLY D 501 36.05 40.77 -54.04
N TYR D 502 35.09 41.67 -53.83
CA TYR D 502 35.06 42.95 -54.51
C TYR D 502 34.43 43.98 -53.58
N LYS D 503 34.33 45.21 -54.08
CA LYS D 503 33.76 46.30 -53.32
C LYS D 503 33.16 47.33 -54.27
N ARG D 504 31.94 47.75 -53.95
CA ARG D 504 31.17 48.74 -54.69
C ARG D 504 31.78 50.11 -54.48
N MET D 505 32.68 50.52 -55.35
CA MET D 505 33.33 51.82 -55.22
C MET D 505 32.55 52.93 -55.92
N PRO D 506 32.81 54.19 -55.55
CA PRO D 506 32.21 55.32 -56.26
C PRO D 506 32.87 55.61 -57.61
N ALA D 507 32.05 55.67 -58.67
CA ALA D 507 32.55 55.87 -60.03
C ALA D 507 33.21 57.24 -60.28
N ASP D 508 33.39 58.13 -59.31
CA ASP D 508 34.05 59.39 -59.61
C ASP D 508 35.51 59.39 -59.19
N THR D 509 35.92 58.40 -58.42
CA THR D 509 37.28 58.29 -57.91
C THR D 509 38.21 57.73 -58.99
N THR D 510 39.44 58.23 -59.01
CA THR D 510 40.46 57.75 -59.94
C THR D 510 41.62 57.10 -59.19
N GLU D 511 41.52 56.98 -57.87
CA GLU D 511 42.59 56.46 -57.03
C GLU D 511 42.03 55.49 -56.00
N LEU D 512 42.88 54.59 -55.55
CA LEU D 512 42.49 53.48 -54.69
C LEU D 512 42.84 53.69 -53.21
N LYS D 513 42.06 53.04 -52.36
CA LYS D 513 42.21 53.04 -50.91
C LYS D 513 43.49 52.32 -50.48
N LEU D 514 43.88 52.53 -49.22
CA LEU D 514 45.07 51.92 -48.61
C LEU D 514 44.80 51.36 -47.22
N GLU D 515 45.55 50.29 -46.90
CA GLU D 515 45.48 49.53 -45.63
C GLU D 515 44.04 49.25 -45.21
N ASP D 516 43.27 48.63 -46.10
CA ASP D 516 41.82 48.50 -45.87
C ASP D 516 41.48 47.67 -44.64
N GLU D 517 40.35 48.03 -44.03
CA GLU D 517 39.74 47.34 -42.91
C GLU D 517 38.22 47.46 -43.01
N GLN D 518 37.72 47.65 -44.22
CA GLN D 518 36.30 47.75 -44.51
C GLN D 518 35.84 46.60 -45.39
N ASP D 519 34.53 46.54 -45.56
CA ASP D 519 33.86 45.44 -46.22
C ASP D 519 34.38 45.13 -47.62
N ILE D 520 34.78 43.89 -47.82
CA ILE D 520 34.97 43.32 -49.14
C ILE D 520 33.72 42.49 -49.43
N VAL D 521 33.27 42.46 -50.67
CA VAL D 521 32.10 41.66 -51.02
C VAL D 521 32.63 40.31 -51.52
N LEU D 522 32.38 39.25 -50.75
CA LEU D 522 32.93 37.95 -51.09
C LEU D 522 32.02 37.21 -52.05
N VAL D 523 32.65 36.53 -53.01
CA VAL D 523 31.95 35.76 -54.02
C VAL D 523 32.18 34.29 -53.69
N GLY D 524 33.43 33.86 -53.79
CA GLY D 524 33.71 32.45 -53.59
C GLY D 524 35.14 32.15 -53.21
N LEU D 525 35.37 30.84 -53.09
CA LEU D 525 36.63 30.26 -52.66
C LEU D 525 37.19 29.33 -53.73
N THR D 526 38.52 29.19 -53.73
CA THR D 526 39.23 28.28 -54.63
C THR D 526 40.33 27.51 -53.91
N ALA D 527 40.66 26.36 -54.50
CA ALA D 527 41.67 25.46 -53.95
C ALA D 527 42.52 24.95 -55.10
N MET D 528 43.84 25.10 -54.96
CA MET D 528 44.83 24.71 -55.96
C MET D 528 45.83 23.75 -55.34
N ILE D 529 46.33 22.81 -56.15
CA ILE D 529 47.29 21.81 -55.71
C ILE D 529 48.17 21.43 -56.90
N ASP D 530 49.24 20.68 -56.64
CA ASP D 530 50.04 20.04 -57.68
C ASP D 530 49.39 18.73 -58.08
N PRO D 531 48.67 18.68 -59.19
CA PRO D 531 47.86 17.49 -59.48
C PRO D 531 48.72 16.37 -60.03
N PRO D 532 48.33 15.12 -59.79
CA PRO D 532 49.05 14.00 -60.38
C PRO D 532 48.78 13.91 -61.87
N ARG D 533 49.63 13.14 -62.55
CA ARG D 533 49.41 12.86 -63.95
C ARG D 533 48.23 11.92 -64.11
N GLU D 534 47.62 11.96 -65.29
CA GLU D 534 46.42 11.17 -65.54
C GLU D 534 46.71 9.68 -65.53
N ALA D 535 47.90 9.29 -66.00
CA ALA D 535 48.25 7.88 -66.14
C ALA D 535 48.71 7.25 -64.83
N VAL D 536 48.80 8.01 -63.74
CA VAL D 536 49.29 7.45 -62.48
C VAL D 536 48.26 6.50 -61.89
N TYR D 537 46.98 6.88 -61.91
CA TYR D 537 45.93 6.09 -61.28
C TYR D 537 45.91 4.68 -61.85
N ALA D 538 45.95 4.57 -63.17
CA ALA D 538 45.95 3.26 -63.79
C ALA D 538 47.28 2.55 -63.58
N SER D 539 48.38 3.29 -63.58
CA SER D 539 49.68 2.63 -63.46
C SER D 539 49.81 1.95 -62.12
N ILE D 540 49.39 2.63 -61.05
CA ILE D 540 49.49 2.03 -59.73
C ILE D 540 48.55 0.86 -59.62
N GLU D 541 47.36 0.97 -60.24
CA GLU D 541 46.45 -0.16 -60.23
C GLU D 541 47.10 -1.35 -60.89
N GLU D 542 47.79 -1.11 -62.01
CA GLU D 542 48.44 -2.21 -62.71
C GLU D 542 49.56 -2.81 -61.86
N SER D 543 50.30 -1.97 -61.14
CA SER D 543 51.37 -2.53 -60.32
C SER D 543 50.79 -3.33 -59.16
N LYS D 544 49.60 -2.95 -58.67
CA LYS D 544 48.96 -3.77 -57.65
C LYS D 544 48.59 -5.14 -58.23
N LYS D 545 48.07 -5.17 -59.46
CA LYS D 545 47.69 -6.44 -60.07
C LYS D 545 48.87 -7.35 -60.36
N ALA D 546 50.06 -6.79 -60.53
CA ALA D 546 51.28 -7.55 -60.74
C ALA D 546 52.03 -7.85 -59.45
N GLY D 547 51.45 -7.52 -58.30
CA GLY D 547 52.09 -7.79 -57.03
C GLY D 547 53.26 -6.87 -56.74
N ILE D 548 53.16 -5.60 -57.11
CA ILE D 548 54.24 -4.65 -56.93
C ILE D 548 53.80 -3.57 -55.95
N ARG D 549 54.61 -3.37 -54.91
CA ARG D 549 54.34 -2.33 -53.93
C ARG D 549 54.89 -1.00 -54.43
N THR D 550 54.08 0.04 -54.33
CA THR D 550 54.48 1.38 -54.73
C THR D 550 54.65 2.22 -53.47
N VAL D 551 55.82 2.80 -53.31
CA VAL D 551 56.15 3.62 -52.14
C VAL D 551 56.49 5.01 -52.64
N MET D 552 55.96 6.03 -51.99
CA MET D 552 56.19 7.41 -52.38
C MET D 552 57.14 8.07 -51.38
N ILE D 553 58.25 8.59 -51.88
CA ILE D 553 59.28 9.24 -51.07
C ILE D 553 59.44 10.66 -51.62
N THR D 554 58.88 11.66 -50.93
CA THR D 554 58.96 13.02 -51.44
C THR D 554 59.56 13.96 -50.40
N GLY D 555 60.16 15.04 -50.89
CA GLY D 555 60.68 16.07 -50.01
C GLY D 555 59.70 17.17 -49.73
N ASP D 556 58.45 17.01 -50.18
CA ASP D 556 57.39 17.97 -49.95
C ASP D 556 56.76 17.76 -48.57
N HIS D 557 55.88 18.68 -48.19
CA HIS D 557 55.27 18.67 -46.87
C HIS D 557 54.38 17.46 -46.66
N LYS D 558 54.18 17.13 -45.39
CA LYS D 558 53.40 15.95 -45.04
C LYS D 558 51.96 16.06 -45.52
N THR D 559 51.37 17.26 -45.44
CA THR D 559 49.97 17.42 -45.84
C THR D 559 49.75 17.10 -47.31
N THR D 560 50.57 17.67 -48.19
CA THR D 560 50.40 17.40 -49.62
C THR D 560 50.76 15.96 -49.95
N ALA D 561 51.82 15.46 -49.33
CA ALA D 561 52.26 14.10 -49.56
C ALA D 561 51.27 13.07 -49.04
N GLN D 562 50.35 13.47 -48.17
CA GLN D 562 49.30 12.57 -47.74
C GLN D 562 48.04 12.73 -48.57
N ALA D 563 47.76 13.94 -49.07
CA ALA D 563 46.63 14.12 -49.98
C ALA D 563 46.83 13.31 -51.25
N ILE D 564 47.95 13.52 -51.94
CA ILE D 564 48.32 12.60 -53.01
C ILE D 564 48.75 11.29 -52.39
N GLY D 565 48.52 10.19 -53.11
CA GLY D 565 48.80 8.88 -52.57
C GLY D 565 47.56 8.29 -51.95
N ARG D 566 46.78 9.13 -51.29
CA ARG D 566 45.45 8.72 -50.93
C ARG D 566 44.55 8.74 -52.15
N ASP D 567 44.88 9.62 -53.10
CA ASP D 567 44.09 9.75 -54.32
C ASP D 567 44.53 8.75 -55.37
N ILE D 568 45.83 8.42 -55.40
CA ILE D 568 46.34 7.50 -56.41
C ILE D 568 46.33 6.06 -55.93
N GLY D 569 45.96 5.82 -54.67
CA GLY D 569 45.76 4.49 -54.15
C GLY D 569 46.93 3.92 -53.37
N LEU D 570 47.65 4.75 -52.62
CA LEU D 570 48.77 4.31 -51.79
C LEU D 570 48.50 4.37 -50.31
N MET D 571 47.58 5.24 -49.89
CA MET D 571 47.30 5.44 -48.48
C MET D 571 45.89 4.92 -48.23
N ASP D 572 45.80 3.59 -48.07
CA ASP D 572 44.55 3.01 -47.64
C ASP D 572 44.45 3.14 -46.12
N ALA D 573 43.27 2.85 -45.59
CA ALA D 573 43.02 2.91 -44.16
C ALA D 573 43.33 4.30 -43.58
N ASP D 574 43.65 5.29 -44.43
CA ASP D 574 43.95 6.65 -43.99
C ASP D 574 45.14 6.65 -43.03
N ASP D 575 46.14 5.83 -43.37
CA ASP D 575 47.39 5.77 -42.64
C ASP D 575 48.25 6.99 -42.92
N ILE D 576 49.03 7.40 -41.91
CA ILE D 576 49.87 8.60 -41.97
C ILE D 576 51.14 8.36 -42.79
N ALA D 577 51.89 9.44 -43.03
CA ALA D 577 53.18 9.38 -43.72
C ALA D 577 54.30 9.63 -42.73
N LEU D 578 55.42 8.92 -42.92
CA LEU D 578 56.64 9.14 -42.15
C LEU D 578 57.40 10.37 -42.68
N THR D 579 58.13 11.06 -41.80
CA THR D 579 58.89 12.25 -42.19
C THR D 579 60.40 11.96 -42.14
N GLY D 580 61.17 12.78 -42.87
CA GLY D 580 62.61 12.64 -42.85
C GLY D 580 63.19 12.87 -41.48
N GLN D 581 62.62 13.81 -40.74
CA GLN D 581 63.05 14.05 -39.37
C GLN D 581 62.76 12.83 -38.50
N GLU D 582 61.53 12.30 -38.59
CA GLU D 582 61.19 11.10 -37.82
C GLU D 582 61.95 9.89 -38.31
N LEU D 583 62.36 9.88 -39.58
CA LEU D 583 63.14 8.76 -40.10
C LEU D 583 64.58 8.80 -39.59
N ASP D 584 65.18 9.98 -39.55
CA ASP D 584 66.55 10.09 -39.09
C ASP D 584 66.67 9.68 -37.62
N ALA D 585 65.59 9.80 -36.88
CA ALA D 585 65.53 9.40 -35.48
C ALA D 585 65.35 7.90 -35.30
N MET D 586 65.06 7.15 -36.36
CA MET D 586 64.86 5.72 -36.23
C MET D 586 66.16 4.96 -36.41
N PRO D 587 66.48 4.02 -35.54
CA PRO D 587 67.61 3.12 -35.81
C PRO D 587 67.27 2.16 -36.93
N GLU D 588 68.29 1.45 -37.41
CA GLU D 588 68.09 0.63 -38.60
C GLU D 588 67.23 -0.60 -38.31
N GLU D 589 67.33 -1.19 -37.12
CA GLU D 589 66.52 -2.37 -36.82
C GLU D 589 65.04 -2.01 -36.74
N GLU D 590 64.74 -0.82 -36.20
CA GLU D 590 63.36 -0.38 -36.10
C GLU D 590 62.78 -0.16 -37.49
N LEU D 591 63.57 0.40 -38.40
CA LEU D 591 63.08 0.58 -39.76
C LEU D 591 62.96 -0.76 -40.46
N ASP D 592 63.88 -1.68 -40.17
CA ASP D 592 63.83 -2.98 -40.82
C ASP D 592 62.51 -3.68 -40.48
N LYS D 593 62.03 -3.50 -39.25
CA LYS D 593 60.75 -4.13 -38.96
C LYS D 593 59.56 -3.27 -39.37
N LYS D 594 59.73 -1.95 -39.51
CA LYS D 594 58.61 -1.09 -39.85
C LYS D 594 58.53 -0.79 -41.34
N LEU D 595 59.37 -1.46 -42.13
CA LEU D 595 59.52 -1.09 -43.53
C LEU D 595 58.32 -1.51 -44.38
N GLU D 596 57.70 -2.63 -44.08
CA GLU D 596 56.70 -3.11 -45.04
C GLU D 596 55.34 -2.47 -44.87
N HIS D 597 55.19 -1.44 -44.04
CA HIS D 597 53.87 -0.85 -43.81
C HIS D 597 53.85 0.64 -44.09
N ILE D 598 54.94 1.20 -44.50
CA ILE D 598 54.99 2.61 -44.88
C ILE D 598 54.59 2.71 -46.34
N ALA D 599 53.83 3.74 -46.68
CA ALA D 599 53.43 3.92 -48.06
C ALA D 599 53.86 5.26 -48.61
N VAL D 600 54.05 6.24 -47.75
CA VAL D 600 54.40 7.60 -48.15
C VAL D 600 55.39 8.16 -47.13
N TYR D 601 56.50 8.69 -47.64
CA TYR D 601 57.44 9.48 -46.87
C TYR D 601 57.32 10.93 -47.30
N ALA D 602 57.36 11.85 -46.34
CA ALA D 602 57.21 13.26 -46.62
C ALA D 602 58.38 14.02 -46.01
N ARG D 603 58.76 15.10 -46.69
CA ARG D 603 59.76 16.02 -46.18
C ARG D 603 61.06 15.28 -45.82
N VAL D 604 61.61 14.58 -46.81
CA VAL D 604 62.81 13.79 -46.61
C VAL D 604 63.98 14.45 -47.33
N SER D 605 65.20 14.13 -46.84
CA SER D 605 66.47 14.59 -47.38
C SER D 605 66.98 13.61 -48.43
N PRO D 606 67.92 14.01 -49.27
CA PRO D 606 68.44 13.08 -50.29
C PRO D 606 69.06 11.82 -49.69
N GLU D 607 69.63 11.88 -48.49
CA GLU D 607 70.14 10.67 -47.86
C GLU D 607 69.01 9.78 -47.36
N ASN D 608 67.83 10.34 -47.10
CA ASN D 608 66.71 9.53 -46.65
C ASN D 608 66.19 8.64 -47.77
N LYS D 609 66.20 9.15 -49.01
CA LYS D 609 65.69 8.37 -50.13
C LYS D 609 66.59 7.16 -50.41
N ILE D 610 67.89 7.38 -50.49
CA ILE D 610 68.76 6.24 -50.73
C ILE D 610 68.72 5.30 -49.54
N ARG D 611 68.44 5.81 -48.33
CA ARG D 611 68.32 4.91 -47.19
C ARG D 611 67.10 4.01 -47.33
N ILE D 612 65.98 4.57 -47.80
CA ILE D 612 64.78 3.75 -47.97
C ILE D 612 65.03 2.68 -49.02
N VAL D 613 65.68 3.06 -50.13
CA VAL D 613 65.91 2.09 -51.20
C VAL D 613 66.84 0.97 -50.72
N LYS D 614 67.87 1.33 -49.94
CA LYS D 614 68.73 0.32 -49.34
C LYS D 614 67.96 -0.58 -48.39
N ALA D 615 66.98 -0.02 -47.68
CA ALA D 615 66.22 -0.83 -46.74
C ALA D 615 65.39 -1.86 -47.47
N TRP D 616 64.76 -1.47 -48.56
CA TRP D 616 63.95 -2.42 -49.32
C TRP D 616 64.81 -3.47 -49.99
N GLN D 617 66.01 -3.09 -50.43
CA GLN D 617 66.89 -4.07 -51.04
C GLN D 617 67.37 -5.07 -50.01
N LYS D 618 67.53 -4.65 -48.75
CA LYS D 618 67.95 -5.58 -47.71
C LYS D 618 66.91 -6.66 -47.49
N LYS D 619 65.63 -6.34 -47.72
CA LYS D 619 64.56 -7.33 -47.65
C LYS D 619 64.62 -8.35 -48.78
N GLY D 620 65.53 -8.20 -49.72
CA GLY D 620 65.62 -9.12 -50.82
C GLY D 620 64.74 -8.77 -52.00
N LYS D 621 64.17 -7.57 -52.03
CA LYS D 621 63.31 -7.14 -53.12
C LYS D 621 64.11 -6.35 -54.16
N ILE D 622 63.81 -6.60 -55.44
CA ILE D 622 64.41 -5.84 -56.51
C ILE D 622 63.71 -4.49 -56.55
N THR D 623 64.45 -3.42 -56.32
CA THR D 623 63.86 -2.10 -56.16
C THR D 623 64.14 -1.20 -57.36
N ALA D 624 63.10 -0.50 -57.78
CA ALA D 624 63.15 0.52 -58.81
C ALA D 624 62.90 1.87 -58.13
N MET D 625 63.57 2.89 -58.64
CA MET D 625 63.35 4.23 -58.13
C MET D 625 63.02 5.12 -59.31
N THR D 626 61.90 5.84 -59.23
CA THR D 626 61.52 6.78 -60.25
C THR D 626 61.66 8.19 -59.70
N GLY D 627 62.27 9.08 -60.47
CA GLY D 627 62.56 10.40 -59.94
C GLY D 627 62.92 11.38 -61.03
N ASP D 628 63.08 12.64 -60.64
CA ASP D 628 63.34 13.71 -61.61
C ASP D 628 64.30 14.80 -61.12
N GLY D 629 64.89 14.70 -59.94
CA GLY D 629 65.65 15.81 -59.42
C GLY D 629 66.94 15.38 -58.74
N VAL D 630 67.70 16.38 -58.29
CA VAL D 630 69.02 16.06 -57.77
C VAL D 630 68.91 15.31 -56.46
N ASN D 631 67.82 15.54 -55.70
CA ASN D 631 67.65 14.79 -54.45
C ASN D 631 67.33 13.32 -54.71
N ASP D 632 66.78 13.02 -55.88
CA ASP D 632 66.49 11.63 -56.24
C ASP D 632 67.71 10.88 -56.78
N ALA D 633 68.78 11.61 -57.13
CA ALA D 633 69.91 10.98 -57.80
C ALA D 633 70.55 9.85 -57.01
N PRO D 634 70.90 10.02 -55.71
CA PRO D 634 71.46 8.88 -54.99
C PRO D 634 70.53 7.68 -54.97
N ALA D 635 69.23 7.90 -54.80
CA ALA D 635 68.29 6.79 -54.81
C ALA D 635 68.11 6.23 -56.21
N LEU D 636 68.26 7.09 -57.24
CA LEU D 636 68.16 6.62 -58.62
C LEU D 636 69.33 5.73 -58.99
N LYS D 637 70.52 6.02 -58.46
CA LYS D 637 71.68 5.21 -58.78
C LYS D 637 71.72 3.95 -57.93
N GLN D 638 71.28 4.04 -56.67
CA GLN D 638 71.35 2.92 -55.75
C GLN D 638 70.33 1.85 -56.06
N ALA D 639 69.18 2.23 -56.62
CA ALA D 639 68.13 1.27 -56.88
C ALA D 639 68.58 0.22 -57.89
N ASP D 640 67.91 -0.94 -57.86
CA ASP D 640 68.21 -1.98 -58.85
C ASP D 640 67.88 -1.51 -60.25
N ILE D 641 66.87 -0.66 -60.39
CA ILE D 641 66.61 -0.06 -61.69
C ILE D 641 66.06 1.36 -61.54
N GLY D 642 66.82 2.32 -62.05
CA GLY D 642 66.49 3.74 -61.91
C GLY D 642 65.79 4.27 -63.14
N VAL D 643 64.70 4.98 -62.90
CA VAL D 643 63.82 5.54 -63.93
C VAL D 643 63.77 7.05 -63.70
N ALA D 644 64.23 7.81 -64.70
CA ALA D 644 64.26 9.26 -64.58
C ALA D 644 63.24 9.85 -65.55
N MET D 645 62.61 10.94 -65.13
CA MET D 645 61.66 11.59 -66.00
C MET D 645 62.41 12.35 -67.07
N GLY D 646 61.86 12.37 -68.28
CA GLY D 646 62.51 13.07 -69.37
C GLY D 646 62.60 14.56 -69.15
N SER D 647 61.66 15.12 -68.40
CA SER D 647 61.69 16.53 -68.05
C SER D 647 62.50 16.80 -66.79
N GLY D 648 63.18 15.79 -66.25
CA GLY D 648 63.94 15.96 -65.04
C GLY D 648 65.31 16.58 -65.26
N THR D 649 66.05 16.67 -64.16
CA THR D 649 67.38 17.25 -64.18
C THR D 649 68.38 16.32 -64.86
N ASP D 650 69.51 16.90 -65.27
CA ASP D 650 70.53 16.12 -65.95
C ASP D 650 71.23 15.17 -64.99
N VAL D 651 71.29 15.53 -63.70
CA VAL D 651 71.89 14.64 -62.71
C VAL D 651 71.07 13.37 -62.58
N ALA D 652 69.75 13.49 -62.53
CA ALA D 652 68.88 12.33 -62.42
C ALA D 652 68.92 11.48 -63.69
N LYS D 653 69.07 12.10 -64.85
CA LYS D 653 69.16 11.31 -66.06
C LYS D 653 70.49 10.57 -66.14
N ASP D 654 71.58 11.20 -65.67
CA ASP D 654 72.87 10.52 -65.66
C ASP D 654 72.93 9.41 -64.62
N SER D 655 72.14 9.52 -63.55
CA SER D 655 72.14 8.50 -62.50
C SER D 655 71.12 7.39 -62.73
N ALA D 656 70.21 7.57 -63.67
CA ALA D 656 69.17 6.58 -63.93
C ALA D 656 69.58 5.63 -65.03
N ALA D 657 68.84 4.53 -65.14
CA ALA D 657 69.10 3.49 -66.12
C ALA D 657 68.11 3.48 -67.26
N MET D 658 66.90 4.00 -67.04
CA MET D 658 65.89 4.19 -68.06
C MET D 658 65.35 5.60 -67.93
N ILE D 659 65.04 6.21 -69.07
CA ILE D 659 64.56 7.58 -69.12
C ILE D 659 63.21 7.61 -69.85
N LEU D 660 62.20 8.20 -69.20
CA LEU D 660 60.89 8.36 -69.81
C LEU D 660 60.89 9.69 -70.55
N THR D 661 61.13 9.64 -71.87
CA THR D 661 61.28 10.86 -72.66
C THR D 661 59.99 11.67 -72.70
N ASP D 662 58.87 11.02 -72.98
CA ASP D 662 57.59 11.71 -73.05
C ASP D 662 56.92 11.85 -71.70
N ASP D 663 57.64 11.56 -70.62
CA ASP D 663 57.12 11.66 -69.26
C ASP D 663 55.86 10.82 -69.07
N ASN D 664 55.76 9.74 -69.86
CA ASN D 664 54.64 8.81 -69.78
C ASN D 664 54.88 7.87 -68.62
N PHE D 665 54.16 8.07 -67.52
CA PHE D 665 54.42 7.25 -66.34
C PHE D 665 54.03 5.79 -66.58
N VAL D 666 53.02 5.55 -67.43
CA VAL D 666 52.58 4.19 -67.70
C VAL D 666 53.64 3.39 -68.42
N SER D 667 54.71 4.01 -68.90
CA SER D 667 55.75 3.20 -69.51
C SER D 667 56.41 2.30 -68.48
N ILE D 668 56.52 2.78 -67.22
CA ILE D 668 57.24 2.00 -66.22
C ILE D 668 56.58 0.64 -66.03
N VAL D 669 55.30 0.63 -65.70
CA VAL D 669 54.61 -0.64 -65.53
C VAL D 669 54.59 -1.40 -66.84
N ASP D 670 54.41 -0.71 -67.97
CA ASP D 670 54.49 -1.40 -69.25
C ASP D 670 55.86 -2.03 -69.44
N ALA D 671 56.92 -1.32 -69.04
CA ALA D 671 58.25 -1.89 -69.17
C ALA D 671 58.40 -3.12 -68.30
N VAL D 672 57.77 -3.10 -67.12
CA VAL D 672 57.81 -4.27 -66.25
C VAL D 672 57.30 -5.48 -67.00
N GLY D 673 56.18 -5.33 -67.71
CA GLY D 673 55.61 -6.44 -68.45
C GLY D 673 56.57 -6.99 -69.49
N VAL D 674 57.23 -6.09 -70.23
CA VAL D 674 58.18 -6.57 -71.23
C VAL D 674 59.28 -7.37 -70.56
N GLY D 675 59.76 -6.86 -69.43
CA GLY D 675 60.81 -7.59 -68.74
C GLY D 675 60.37 -8.99 -68.37
N ARG D 676 59.10 -9.13 -67.96
CA ARG D 676 58.61 -10.44 -67.58
C ARG D 676 58.60 -11.37 -68.77
N THR D 677 58.21 -10.88 -69.93
CA THR D 677 58.25 -11.79 -71.07
C THR D 677 59.67 -12.03 -71.53
N VAL D 678 60.54 -11.03 -71.38
CA VAL D 678 61.93 -11.22 -71.78
C VAL D 678 62.51 -12.39 -71.03
N PHE D 679 62.34 -12.39 -69.70
CA PHE D 679 62.88 -13.49 -68.93
C PHE D 679 62.22 -14.81 -69.32
N ASP D 680 60.90 -14.81 -69.54
CA ASP D 680 60.26 -16.06 -69.91
C ASP D 680 60.91 -16.63 -71.16
N ASN D 681 61.15 -15.77 -72.17
CA ASN D 681 61.70 -16.31 -73.39
C ASN D 681 63.14 -16.74 -73.21
N ILE D 682 63.91 -16.02 -72.38
CA ILE D 682 65.27 -16.45 -72.12
C ILE D 682 65.25 -17.81 -71.45
N LYS D 683 64.32 -18.02 -70.50
CA LYS D 683 64.17 -19.34 -69.90
C LYS D 683 63.90 -20.38 -70.99
N LYS D 684 62.97 -20.05 -71.90
CA LYS D 684 62.65 -20.96 -72.98
C LYS D 684 63.88 -21.25 -73.81
N SER D 685 64.67 -20.21 -74.10
CA SER D 685 65.80 -20.42 -74.97
C SER D 685 66.87 -21.26 -74.29
N ILE D 686 67.18 -20.94 -73.04
CA ILE D 686 68.26 -21.68 -72.38
C ILE D 686 67.85 -23.13 -72.16
N ALA D 687 66.60 -23.34 -71.75
CA ALA D 687 66.09 -24.70 -71.62
C ALA D 687 66.10 -25.42 -72.97
N TYR D 688 65.93 -24.69 -74.07
CA TYR D 688 66.05 -25.38 -75.35
C TYR D 688 67.49 -25.74 -75.62
N LEU D 689 68.42 -24.83 -75.30
CA LEU D 689 69.82 -25.04 -75.65
C LEU D 689 70.43 -26.17 -74.85
N PHE D 690 70.24 -26.15 -73.53
CA PHE D 690 70.89 -27.13 -72.68
C PHE D 690 70.25 -28.51 -72.82
N ALA D 691 68.97 -28.57 -73.12
CA ALA D 691 68.36 -29.85 -73.42
C ALA D 691 69.03 -30.52 -74.60
N GLY D 692 69.49 -29.74 -75.57
CA GLY D 692 70.21 -30.36 -76.67
C GLY D 692 71.58 -30.80 -76.21
N ASN D 693 72.22 -29.99 -75.36
CA ASN D 693 73.54 -30.35 -74.89
C ASN D 693 73.47 -31.64 -74.10
N LEU D 694 72.45 -31.75 -73.26
CA LEU D 694 72.28 -32.95 -72.43
C LEU D 694 72.14 -34.17 -73.31
N GLY D 695 71.39 -34.04 -74.40
CA GLY D 695 71.24 -35.17 -75.29
C GLY D 695 72.56 -35.62 -75.85
N ALA D 696 73.47 -34.68 -76.12
CA ALA D 696 74.78 -35.04 -76.63
C ALA D 696 75.66 -35.68 -75.55
N ILE D 697 75.65 -35.13 -74.34
CA ILE D 697 76.49 -35.68 -73.29
C ILE D 697 76.14 -37.13 -73.04
N ILE D 698 74.84 -37.41 -72.90
CA ILE D 698 74.34 -38.76 -72.66
C ILE D 698 74.77 -39.68 -73.78
N ALA D 699 74.76 -39.18 -75.01
CA ALA D 699 75.13 -40.04 -76.12
C ALA D 699 76.61 -40.33 -76.12
N ILE D 700 77.42 -39.35 -75.68
CA ILE D 700 78.86 -39.54 -75.66
C ILE D 700 79.25 -40.51 -74.56
N LEU D 701 78.73 -40.27 -73.34
CA LEU D 701 79.05 -41.11 -72.20
C LEU D 701 78.66 -42.56 -72.45
N PHE D 702 77.54 -42.79 -73.11
CA PHE D 702 77.15 -44.16 -73.40
C PHE D 702 78.22 -44.83 -74.25
N ALA D 703 78.66 -44.15 -75.31
CA ALA D 703 79.70 -44.72 -76.16
C ALA D 703 80.98 -44.93 -75.39
N LEU D 704 81.20 -44.16 -74.32
CA LEU D 704 82.39 -44.38 -73.51
C LEU D 704 82.28 -45.68 -72.74
N VAL D 705 81.20 -45.86 -71.99
CA VAL D 705 81.09 -47.08 -71.17
C VAL D 705 80.95 -48.31 -72.06
N LEU D 706 80.55 -48.16 -73.31
CA LEU D 706 80.52 -49.31 -74.19
C LEU D 706 81.75 -49.43 -75.06
N ASP D 707 82.72 -48.54 -74.90
CA ASP D 707 83.92 -48.57 -75.72
C ASP D 707 83.59 -48.45 -77.21
N TRP D 708 82.61 -47.61 -77.54
CA TRP D 708 82.32 -47.29 -78.94
C TRP D 708 83.13 -46.09 -79.41
N ILE D 709 83.10 -45.84 -80.70
CA ILE D 709 83.72 -44.63 -81.21
C ILE D 709 82.90 -43.42 -80.73
N ASN D 710 83.61 -42.33 -80.43
CA ASN D 710 82.96 -41.09 -80.07
C ASN D 710 81.95 -40.74 -81.14
N PRO D 711 80.66 -40.67 -80.83
CA PRO D 711 79.66 -40.47 -81.89
C PRO D 711 79.79 -39.14 -82.58
N PHE D 712 80.44 -38.16 -81.96
CA PHE D 712 80.48 -36.82 -82.51
C PHE D 712 81.91 -36.33 -82.69
N THR D 713 82.03 -35.37 -83.60
CA THR D 713 83.26 -34.61 -83.86
C THR D 713 83.16 -33.28 -83.13
N ALA D 714 84.30 -32.76 -82.70
CA ALA D 714 84.27 -31.42 -82.12
C ALA D 714 83.75 -30.43 -83.15
N LEU D 715 84.03 -30.66 -84.43
CA LEU D 715 83.51 -29.81 -85.47
C LEU D 715 81.99 -29.97 -85.62
N GLN D 716 81.49 -31.20 -85.55
CA GLN D 716 80.05 -31.39 -85.61
C GLN D 716 79.38 -30.68 -84.43
N LEU D 717 79.93 -30.83 -83.24
CA LEU D 717 79.33 -30.21 -82.08
C LEU D 717 79.37 -28.70 -82.17
N LEU D 718 80.44 -28.16 -82.73
CA LEU D 718 80.54 -26.71 -82.89
C LEU D 718 79.50 -26.19 -83.87
N PHE D 719 79.26 -26.94 -84.96
CA PHE D 719 78.28 -26.54 -85.95
C PHE D 719 76.85 -26.62 -85.40
N ILE D 720 76.58 -27.63 -84.56
CA ILE D 720 75.25 -27.74 -83.96
C ILE D 720 75.04 -26.63 -82.92
N ASN D 721 76.01 -26.43 -82.04
CA ASN D 721 75.78 -25.49 -80.95
C ASN D 721 75.80 -24.04 -81.41
N LEU D 722 76.53 -23.72 -82.47
CA LEU D 722 76.73 -22.34 -82.88
C LEU D 722 75.83 -21.94 -84.04
N VAL D 723 75.73 -22.78 -85.05
CA VAL D 723 74.99 -22.48 -86.27
C VAL D 723 73.57 -23.04 -86.22
N ASN D 724 73.43 -24.32 -85.90
CA ASN D 724 72.13 -24.96 -86.06
C ASN D 724 71.18 -24.66 -84.91
N ASP D 725 71.64 -24.62 -83.66
CA ASP D 725 70.68 -24.39 -82.57
C ASP D 725 70.50 -22.92 -82.25
N SER D 726 71.26 -22.03 -82.89
CA SER D 726 71.09 -20.62 -82.61
C SER D 726 69.79 -20.09 -83.22
N LEU D 727 69.47 -20.52 -84.45
CA LEU D 727 68.24 -20.06 -85.10
C LEU D 727 66.99 -20.46 -84.34
N PRO D 728 66.79 -21.73 -83.95
CA PRO D 728 65.61 -22.03 -83.13
C PRO D 728 65.61 -21.29 -81.80
N ALA D 729 66.77 -21.11 -81.16
CA ALA D 729 66.80 -20.41 -79.88
C ALA D 729 66.33 -18.96 -80.04
N ILE D 730 66.76 -18.30 -81.11
CA ILE D 730 66.29 -16.94 -81.39
C ILE D 730 64.80 -16.93 -81.64
N ALA D 731 64.29 -17.93 -82.36
CA ALA D 731 62.85 -18.01 -82.55
C ALA D 731 62.11 -18.16 -81.22
N LEU D 732 62.57 -19.07 -80.36
CA LEU D 732 61.93 -19.25 -79.06
C LEU D 732 62.04 -17.98 -78.22
N GLY D 733 63.07 -17.18 -78.48
CA GLY D 733 63.13 -15.87 -77.88
C GLY D 733 62.10 -14.93 -78.45
N MET D 734 61.61 -15.20 -79.65
CA MET D 734 60.53 -14.35 -80.18
C MET D 734 59.15 -14.91 -79.92
N GLU D 735 58.91 -15.47 -78.73
CA GLU D 735 57.64 -16.11 -78.44
C GLU D 735 56.68 -15.07 -77.89
N LYS D 736 55.40 -15.26 -78.20
CA LYS D 736 54.38 -14.30 -77.76
C LYS D 736 54.32 -14.27 -76.25
N ALA D 737 53.87 -13.14 -75.72
CA ALA D 737 53.70 -13.04 -74.29
C ALA D 737 52.63 -14.02 -73.83
N GLU D 738 52.83 -14.61 -72.66
CA GLU D 738 51.85 -15.53 -72.13
C GLU D 738 50.64 -14.75 -71.60
N PRO D 739 49.45 -15.36 -71.61
CA PRO D 739 48.24 -14.58 -71.29
C PRO D 739 48.22 -14.00 -69.89
N ASP D 740 48.53 -14.79 -68.86
CA ASP D 740 48.41 -14.32 -67.48
C ASP D 740 49.77 -13.86 -66.97
N VAL D 741 50.39 -12.94 -67.71
CA VAL D 741 51.74 -12.48 -67.38
C VAL D 741 51.72 -11.36 -66.35
N MET D 742 50.87 -10.34 -66.49
CA MET D 742 50.89 -9.27 -65.51
C MET D 742 50.00 -9.57 -64.33
N LYS D 743 49.40 -10.74 -64.30
CA LYS D 743 48.64 -11.23 -63.16
C LYS D 743 49.50 -12.02 -62.19
N ARG D 744 50.76 -12.27 -62.53
CA ARG D 744 51.62 -13.06 -61.68
C ARG D 744 52.36 -12.16 -60.70
N LYS D 745 52.81 -12.76 -59.62
CA LYS D 745 53.62 -12.05 -58.65
C LYS D 745 55.06 -11.99 -59.15
N PRO D 746 55.89 -11.09 -58.60
CA PRO D 746 57.30 -11.07 -59.01
C PRO D 746 57.97 -12.40 -58.72
N ARG D 747 58.85 -12.82 -59.63
CA ARG D 747 59.51 -14.10 -59.47
C ARG D 747 60.41 -14.10 -58.23
N ASP D 748 60.67 -15.29 -57.72
CA ASP D 748 61.58 -15.44 -56.60
C ASP D 748 62.99 -15.07 -57.06
N ILE D 749 63.70 -14.34 -56.20
CA ILE D 749 65.03 -13.84 -56.55
C ILE D 749 66.06 -14.97 -56.50
N ASN D 750 65.90 -15.88 -55.55
CA ASN D 750 66.81 -17.01 -55.38
C ASN D 750 66.54 -18.14 -56.37
N GLU D 751 65.54 -17.97 -57.22
CA GLU D 751 65.10 -18.99 -58.15
C GLU D 751 66.19 -19.34 -59.15
N GLY D 752 66.28 -20.62 -59.52
CA GLY D 752 67.24 -21.09 -60.48
C GLY D 752 66.84 -20.73 -61.90
N ILE D 753 67.69 -21.11 -62.86
CA ILE D 753 67.36 -20.80 -64.25
C ILE D 753 66.39 -21.82 -64.82
N PHE D 754 66.29 -23.00 -64.21
CA PHE D 754 65.36 -24.03 -64.66
C PHE D 754 64.27 -24.28 -63.64
N ALA D 755 64.11 -23.37 -62.69
CA ALA D 755 63.18 -23.59 -61.60
C ALA D 755 61.74 -23.47 -62.08
N GLY D 756 60.87 -24.23 -61.44
CA GLY D 756 59.47 -24.15 -61.75
C GLY D 756 59.07 -25.01 -62.92
N GLY D 757 59.46 -26.27 -62.92
CA GLY D 757 59.00 -27.19 -63.93
C GLY D 757 59.78 -27.18 -65.21
N THR D 758 60.55 -26.13 -65.45
CA THR D 758 61.39 -26.10 -66.63
C THR D 758 62.43 -27.21 -66.57
N MET D 759 62.91 -27.51 -65.36
CA MET D 759 63.92 -28.54 -65.14
C MET D 759 63.47 -29.90 -65.63
N ARG D 760 62.18 -30.23 -65.39
CA ARG D 760 61.66 -31.51 -65.85
C ARG D 760 61.61 -31.55 -67.36
N ALA D 761 61.27 -30.43 -67.99
CA ALA D 761 61.23 -30.39 -69.44
C ALA D 761 62.62 -30.53 -70.04
N VAL D 762 63.60 -29.88 -69.43
CA VAL D 762 64.97 -29.98 -69.90
C VAL D 762 65.44 -31.43 -69.83
N ILE D 763 65.22 -32.08 -68.68
CA ILE D 763 65.71 -33.44 -68.51
C ILE D 763 64.95 -34.42 -69.42
N SER D 764 63.63 -34.25 -69.57
CA SER D 764 62.87 -35.16 -70.42
C SER D 764 63.31 -35.06 -71.87
N ARG D 765 63.39 -33.83 -72.39
CA ARG D 765 63.77 -33.68 -73.79
C ARG D 765 65.20 -34.13 -74.01
N GLY D 766 66.09 -33.84 -73.06
CA GLY D 766 67.46 -34.26 -73.21
C GLY D 766 67.60 -35.76 -73.23
N VAL D 767 66.96 -36.45 -72.27
CA VAL D 767 67.05 -37.90 -72.21
C VAL D 767 66.51 -38.52 -73.48
N LEU D 768 65.41 -37.98 -74.01
CA LEU D 768 64.86 -38.55 -75.23
C LEU D 768 65.80 -38.36 -76.41
N ILE D 769 66.43 -37.18 -76.53
CA ILE D 769 67.40 -36.96 -77.60
C ILE D 769 68.58 -37.92 -77.46
N GLY D 770 69.05 -38.12 -76.24
CA GLY D 770 70.16 -39.05 -76.01
C GLY D 770 69.80 -40.48 -76.36
N ILE D 771 68.60 -40.92 -75.98
CA ILE D 771 68.19 -42.29 -76.29
C ILE D 771 68.11 -42.48 -77.80
N ALA D 772 67.59 -41.47 -78.50
CA ALA D 772 67.49 -41.56 -79.96
C ALA D 772 68.86 -41.59 -80.62
N VAL D 773 69.82 -40.80 -80.11
CA VAL D 773 71.15 -40.83 -80.70
C VAL D 773 71.84 -42.16 -80.42
N ILE D 774 71.62 -42.72 -79.23
CA ILE D 774 72.26 -43.99 -78.90
C ILE D 774 71.73 -45.10 -79.81
N ILE D 775 70.41 -45.18 -79.97
CA ILE D 775 69.82 -46.21 -80.82
C ILE D 775 70.29 -46.03 -82.26
N SER D 776 70.33 -44.78 -82.72
CA SER D 776 70.79 -44.49 -84.07
C SER D 776 72.23 -44.91 -84.27
N GLN D 777 73.09 -44.63 -83.28
CA GLN D 777 74.49 -45.00 -83.38
C GLN D 777 74.64 -46.51 -83.36
N TYR D 778 73.82 -47.21 -82.57
CA TYR D 778 73.91 -48.67 -82.52
C TYR D 778 73.55 -49.27 -83.88
N ILE D 779 72.48 -48.75 -84.49
CA ILE D 779 72.10 -49.28 -85.79
C ILE D 779 73.20 -49.01 -86.80
N GLY D 780 73.77 -47.80 -86.78
CA GLY D 780 74.87 -47.52 -87.69
C GLY D 780 76.10 -48.33 -87.38
N MET D 781 76.33 -48.58 -86.09
CA MET D 781 77.47 -49.38 -85.65
C MET D 781 77.40 -50.77 -86.25
N GLN D 782 76.19 -51.23 -86.57
CA GLN D 782 76.05 -52.51 -87.24
C GLN D 782 76.64 -52.50 -88.64
N ILE D 783 76.87 -51.31 -89.22
CA ILE D 783 77.45 -51.18 -90.56
C ILE D 783 78.95 -50.97 -90.45
N SER D 784 79.33 -49.89 -89.77
CA SER D 784 80.71 -49.47 -89.53
C SER D 784 80.70 -48.36 -88.50
N PRO D 785 81.80 -48.15 -87.78
CA PRO D 785 81.83 -47.03 -86.83
C PRO D 785 81.69 -45.67 -87.52
N GLU D 786 82.21 -45.53 -88.74
CA GLU D 786 82.06 -44.26 -89.45
C GLU D 786 80.59 -44.00 -89.78
N MET D 787 79.84 -45.07 -90.09
CA MET D 787 78.42 -44.89 -90.31
C MET D 787 77.72 -44.56 -89.00
N SER D 788 78.21 -45.08 -87.87
CA SER D 788 77.59 -44.72 -86.62
C SER D 788 77.82 -43.25 -86.30
N VAL D 789 78.96 -42.70 -86.70
CA VAL D 789 79.16 -41.28 -86.46
C VAL D 789 78.21 -40.47 -87.33
N ALA D 790 78.03 -40.89 -88.58
CA ALA D 790 77.13 -40.13 -89.45
C ALA D 790 75.69 -40.20 -88.94
N MET D 791 75.25 -41.39 -88.50
CA MET D 791 73.88 -41.55 -88.04
C MET D 791 73.65 -40.89 -86.69
N ALA D 792 74.63 -40.93 -85.79
CA ALA D 792 74.45 -40.27 -84.52
C ALA D 792 74.37 -38.77 -84.71
N PHE D 793 75.24 -38.21 -85.57
CA PHE D 793 75.21 -36.77 -85.82
C PHE D 793 73.90 -36.36 -86.51
N THR D 794 73.47 -37.11 -87.53
CA THR D 794 72.23 -36.81 -88.20
C THR D 794 71.06 -36.82 -87.22
N THR D 795 70.98 -37.87 -86.40
CA THR D 795 69.91 -37.97 -85.40
C THR D 795 69.98 -36.80 -84.43
N LEU D 796 71.18 -36.44 -83.97
CA LEU D 796 71.30 -35.38 -82.98
C LEU D 796 70.86 -34.05 -83.55
N ILE D 797 71.36 -33.69 -84.73
CA ILE D 797 71.07 -32.38 -85.26
C ILE D 797 69.60 -32.29 -85.68
N LEU D 798 69.02 -33.37 -86.20
CA LEU D 798 67.61 -33.27 -86.57
C LEU D 798 66.71 -33.31 -85.34
N ALA D 799 67.06 -34.06 -84.28
CA ALA D 799 66.26 -34.03 -83.07
C ALA D 799 66.32 -32.68 -82.40
N ARG D 800 67.49 -32.05 -82.40
CA ARG D 800 67.60 -30.71 -81.85
C ARG D 800 66.80 -29.72 -82.68
N THR D 801 66.73 -29.94 -83.99
CA THR D 801 65.90 -29.10 -84.84
C THR D 801 64.41 -29.30 -84.59
N LEU D 802 63.94 -30.55 -84.62
CA LEU D 802 62.52 -30.82 -84.42
C LEU D 802 62.08 -30.52 -83.00
N GLN D 803 63.01 -30.58 -82.03
CA GLN D 803 62.70 -30.28 -80.65
C GLN D 803 62.16 -28.87 -80.48
N THR D 804 62.42 -27.97 -81.44
CA THR D 804 61.97 -26.60 -81.28
C THR D 804 60.46 -26.52 -81.07
N PHE D 805 59.72 -27.42 -81.73
CA PHE D 805 58.27 -27.46 -81.54
C PHE D 805 57.90 -27.89 -80.12
N ALA D 806 58.60 -28.88 -79.57
CA ALA D 806 58.30 -29.35 -78.23
C ALA D 806 58.78 -28.39 -77.14
N ALA D 807 59.76 -27.54 -77.44
CA ALA D 807 60.35 -26.66 -76.44
C ALA D 807 59.65 -25.32 -76.30
N ARG D 808 58.55 -25.11 -77.04
CA ARG D 808 57.82 -23.85 -76.97
C ARG D 808 57.04 -23.67 -75.68
N SER D 809 56.64 -24.75 -75.00
CA SER D 809 55.91 -24.63 -73.76
C SER D 809 56.10 -25.89 -72.93
N ASN D 810 56.11 -25.72 -71.61
CA ASN D 810 56.29 -26.86 -70.72
C ASN D 810 55.00 -27.61 -70.48
N VAL D 811 53.87 -27.00 -70.79
CA VAL D 811 52.56 -27.59 -70.50
C VAL D 811 51.70 -27.74 -71.73
N GLN D 812 52.10 -27.18 -72.88
CA GLN D 812 51.29 -27.13 -74.09
C GLN D 812 51.98 -27.83 -75.25
N THR D 813 51.27 -28.78 -75.87
CA THR D 813 51.82 -29.42 -77.06
C THR D 813 51.98 -28.40 -78.18
N ALA D 814 52.79 -28.76 -79.19
CA ALA D 814 52.90 -27.93 -80.39
C ALA D 814 51.54 -27.80 -81.04
N PHE D 815 50.89 -28.94 -81.26
CA PHE D 815 49.51 -29.02 -81.72
C PHE D 815 48.63 -28.61 -80.57
N GLY D 816 48.54 -27.31 -80.28
CA GLY D 816 47.70 -26.86 -79.20
C GLY D 816 47.99 -25.42 -78.91
N ALA D 817 49.27 -25.13 -78.90
CA ALA D 817 49.83 -23.79 -78.91
C ALA D 817 49.66 -23.12 -80.26
N GLY D 818 49.41 -23.88 -81.33
CA GLY D 818 49.38 -23.33 -82.66
C GLY D 818 50.64 -23.76 -83.39
N PHE D 819 50.58 -24.87 -84.14
CA PHE D 819 51.81 -25.46 -84.68
C PHE D 819 52.57 -24.47 -85.55
N PHE D 820 51.86 -23.56 -86.22
CA PHE D 820 52.50 -22.48 -86.93
C PHE D 820 52.28 -21.14 -86.25
N SER D 821 51.80 -21.16 -85.00
CA SER D 821 51.53 -19.91 -84.29
C SER D 821 52.76 -19.03 -84.20
N ASN D 822 53.95 -19.63 -84.22
CA ASN D 822 55.21 -18.88 -84.13
C ASN D 822 55.92 -19.00 -85.46
N LYS D 823 56.03 -17.88 -86.19
CA LYS D 823 56.53 -17.95 -87.56
C LYS D 823 58.04 -18.06 -87.58
N TYR D 824 58.70 -17.59 -86.53
CA TYR D 824 60.15 -17.66 -86.49
C TYR D 824 60.60 -19.09 -86.26
N VAL D 825 59.79 -19.88 -85.55
CA VAL D 825 60.16 -21.28 -85.35
C VAL D 825 60.15 -22.02 -86.68
N ILE D 826 59.14 -21.76 -87.52
CA ILE D 826 59.06 -22.44 -88.81
C ILE D 826 60.21 -22.03 -89.71
N GLY D 827 60.52 -20.73 -89.75
CA GLY D 827 61.66 -20.30 -90.56
C GLY D 827 62.96 -20.87 -90.03
N ALA D 828 63.08 -20.98 -88.71
CA ALA D 828 64.27 -21.55 -88.12
C ALA D 828 64.43 -23.00 -88.52
N VAL D 829 63.35 -23.77 -88.43
CA VAL D 829 63.41 -25.18 -88.80
C VAL D 829 63.71 -25.35 -90.28
N LEU D 830 63.14 -24.50 -91.15
CA LEU D 830 63.45 -24.62 -92.57
C LEU D 830 64.92 -24.34 -92.83
N LEU D 831 65.46 -23.32 -92.17
CA LEU D 831 66.88 -23.05 -92.34
C LEU D 831 67.72 -24.18 -91.80
N CYS D 832 67.29 -24.79 -90.68
CA CYS D 832 68.07 -25.89 -90.12
C CYS D 832 68.02 -27.13 -91.01
N PHE D 833 66.91 -27.36 -91.69
CA PHE D 833 66.90 -28.44 -92.65
C PHE D 833 67.87 -28.16 -93.80
N VAL D 834 67.90 -26.89 -94.27
CA VAL D 834 68.85 -26.54 -95.31
C VAL D 834 70.29 -26.67 -94.80
N LEU D 835 70.54 -26.32 -93.55
CA LEU D 835 71.87 -26.47 -92.95
C LEU D 835 72.29 -27.93 -92.93
N TYR D 836 71.40 -28.81 -92.47
CA TYR D 836 71.72 -30.23 -92.48
C TYR D 836 71.99 -30.71 -93.90
N GLY D 837 71.24 -30.17 -94.87
CA GLY D 837 71.49 -30.55 -96.24
C GLY D 837 72.88 -30.14 -96.68
N ILE D 838 73.34 -28.98 -96.21
CA ILE D 838 74.70 -28.55 -96.52
C ILE D 838 75.67 -29.57 -95.98
N THR D 839 75.34 -30.18 -94.84
CA THR D 839 76.27 -31.11 -94.22
C THR D 839 76.52 -32.37 -95.05
N VAL D 840 75.55 -32.81 -95.85
CA VAL D 840 75.74 -34.03 -96.64
C VAL D 840 76.07 -33.76 -98.10
N LEU D 841 76.23 -32.49 -98.52
CA LEU D 841 76.65 -32.23 -99.89
C LEU D 841 78.00 -32.91 -100.11
N PRO D 842 78.24 -33.49 -101.29
CA PRO D 842 79.44 -34.34 -101.44
C PRO D 842 80.73 -33.61 -101.14
N GLY D 843 80.74 -32.28 -101.19
CA GLY D 843 81.91 -31.52 -100.81
C GLY D 843 82.07 -31.33 -99.32
N ALA D 844 80.98 -31.21 -98.58
CA ALA D 844 81.04 -30.96 -97.15
C ALA D 844 80.89 -32.22 -96.31
N ARG D 845 81.00 -33.39 -96.94
CA ARG D 845 80.86 -34.66 -96.24
C ARG D 845 82.10 -34.98 -95.41
N GLU D 846 83.28 -34.87 -96.02
CA GLU D 846 84.49 -35.20 -95.27
C GLU D 846 84.75 -34.21 -94.14
N ILE D 847 84.27 -32.98 -94.26
CA ILE D 847 84.44 -32.02 -93.18
C ILE D 847 83.61 -32.43 -91.96
N PHE D 848 82.35 -32.82 -92.16
CA PHE D 848 81.50 -33.24 -91.07
C PHE D 848 81.51 -34.75 -90.87
N SER D 849 82.46 -35.45 -91.47
CA SER D 849 82.71 -36.87 -91.21
C SER D 849 81.48 -37.73 -91.57
N ILE D 850 80.93 -37.50 -92.75
CA ILE D 850 79.84 -38.31 -93.24
C ILE D 850 80.36 -39.12 -94.42
N PRO D 851 80.39 -40.46 -94.33
CA PRO D 851 80.95 -41.25 -95.43
C PRO D 851 80.10 -41.20 -96.69
N ALA D 852 80.75 -41.51 -97.82
CA ALA D 852 80.07 -41.49 -99.13
C ALA D 852 78.99 -42.55 -99.24
N SER D 853 79.09 -43.61 -98.44
CA SER D 853 78.13 -44.71 -98.45
C SER D 853 76.86 -44.35 -97.69
N PHE D 854 76.84 -43.18 -97.04
CA PHE D 854 75.69 -42.72 -96.29
C PHE D 854 74.56 -42.37 -97.25
N GLY D 855 73.55 -43.23 -97.31
CA GLY D 855 72.48 -43.11 -98.26
C GLY D 855 71.17 -42.69 -97.64
N LEU D 856 70.11 -42.76 -98.44
CA LEU D 856 68.78 -42.49 -97.91
C LEU D 856 68.33 -43.51 -96.88
N HIS D 857 68.79 -44.75 -96.95
CA HIS D 857 68.33 -45.75 -95.98
C HIS D 857 68.79 -45.39 -94.57
N GLU D 858 70.09 -45.12 -94.42
CA GLU D 858 70.66 -44.76 -93.14
C GLU D 858 70.13 -43.41 -92.67
N TRP D 859 69.98 -42.48 -93.62
CA TRP D 859 69.41 -41.19 -93.28
C TRP D 859 67.98 -41.32 -92.79
N SER D 860 67.21 -42.23 -93.40
CA SER D 860 65.84 -42.47 -92.97
C SER D 860 65.81 -43.02 -91.56
N ILE D 861 66.70 -43.95 -91.22
CA ILE D 861 66.64 -44.47 -89.86
C ILE D 861 66.99 -43.38 -88.86
N ALA D 862 68.06 -42.62 -89.14
CA ALA D 862 68.47 -41.56 -88.19
C ALA D 862 67.40 -40.48 -88.05
N ALA D 863 66.80 -40.06 -89.17
CA ALA D 863 65.76 -39.03 -89.12
C ALA D 863 64.48 -39.55 -88.48
N GLY D 864 64.13 -40.81 -88.75
CA GLY D 864 62.94 -41.37 -88.15
C GLY D 864 63.07 -41.43 -86.64
N LEU D 865 64.29 -41.72 -86.16
CA LEU D 865 64.53 -41.73 -84.72
C LEU D 865 64.42 -40.33 -84.12
N ALA D 866 64.94 -39.32 -84.82
CA ALA D 866 64.78 -37.95 -84.32
C ALA D 866 63.30 -37.56 -84.24
N LEU D 867 62.54 -37.90 -85.27
CA LEU D 867 61.11 -37.61 -85.26
C LEU D 867 60.40 -38.37 -84.13
N ALA D 868 60.79 -39.63 -83.92
CA ALA D 868 60.22 -40.42 -82.84
C ALA D 868 60.52 -39.81 -81.48
N ALA D 869 61.72 -39.25 -81.31
CA ALA D 869 62.05 -38.62 -80.05
C ALA D 869 61.20 -37.38 -79.80
N VAL D 870 60.84 -36.64 -80.85
CA VAL D 870 60.00 -35.45 -80.57
C VAL D 870 58.54 -35.85 -80.33
N VAL D 871 58.05 -36.87 -81.04
CA VAL D 871 56.71 -37.38 -80.73
C VAL D 871 56.67 -37.87 -79.29
N MET D 872 57.75 -38.51 -78.84
CA MET D 872 57.83 -38.94 -77.45
C MET D 872 57.89 -37.75 -76.49
N MET D 873 58.55 -36.67 -76.89
CA MET D 873 58.54 -35.48 -76.04
C MET D 873 57.12 -34.97 -75.84
N GLU D 874 56.31 -34.97 -76.91
CA GLU D 874 54.92 -34.52 -76.78
C GLU D 874 54.07 -35.52 -76.00
N ILE D 875 54.30 -36.82 -76.20
CA ILE D 875 53.58 -37.84 -75.45
C ILE D 875 53.89 -37.73 -73.97
N ILE D 876 55.17 -37.56 -73.63
CA ILE D 876 55.56 -37.39 -72.24
C ILE D 876 55.02 -36.09 -71.67
N LYS D 877 54.91 -35.04 -72.48
CA LYS D 877 54.32 -33.81 -71.96
C LYS D 877 52.85 -34.01 -71.63
N VAL D 878 52.14 -34.73 -72.48
CA VAL D 878 50.70 -34.94 -72.27
C VAL D 878 50.46 -35.90 -71.10
N VAL D 879 51.35 -36.86 -70.90
CA VAL D 879 51.22 -37.71 -69.72
C VAL D 879 51.57 -36.94 -68.45
N GLN D 880 52.53 -36.01 -68.53
CA GLN D 880 52.98 -35.34 -67.32
C GLN D 880 51.96 -34.35 -66.75
N ASN D 881 51.14 -33.68 -67.58
CA ASN D 881 50.15 -32.78 -67.00
C ASN D 881 48.83 -33.48 -66.67
N LYS D 882 48.68 -34.76 -67.01
CA LYS D 882 47.52 -35.52 -66.57
C LYS D 882 47.74 -36.12 -65.20
N PHE D 883 48.94 -36.61 -64.93
CA PHE D 883 49.32 -37.18 -63.64
C PHE D 883 50.26 -36.21 -62.99
N PHE D 884 51.49 -36.61 -62.67
CA PHE D 884 52.60 -35.87 -62.12
C PHE D 884 52.51 -34.33 -61.97
N LYS D 885 51.54 -33.77 -61.23
CA LYS D 885 51.67 -32.41 -60.71
C LYS D 885 51.72 -31.26 -61.71
N ASP D 886 51.31 -30.07 -61.27
CA ASP D 886 51.02 -29.01 -62.23
C ASP D 886 52.18 -28.03 -62.41
N TYR D 887 53.16 -27.97 -61.48
CA TYR D 887 54.25 -27.03 -61.73
C TYR D 887 55.68 -27.45 -61.33
N ASP D 888 55.90 -28.59 -60.67
CA ASP D 888 57.35 -28.81 -60.41
C ASP D 888 57.91 -30.24 -60.37
N ILE D 889 58.07 -30.86 -59.20
CA ILE D 889 58.92 -32.05 -59.06
C ILE D 889 58.17 -33.38 -59.18
N PRO D 890 57.95 -33.95 -60.40
CA PRO D 890 57.71 -35.40 -60.46
C PRO D 890 58.38 -36.14 -61.62
N THR D 891 59.23 -37.14 -61.30
CA THR D 891 60.05 -37.85 -62.30
C THR D 891 59.22 -38.96 -62.93
N THR D 892 58.72 -38.67 -64.15
CA THR D 892 57.99 -39.61 -65.01
C THR D 892 58.67 -40.98 -65.12
N ALA E 2 57.40 52.65 22.99
CA ALA E 2 58.55 52.68 23.89
C ALA E 2 59.28 51.35 23.93
N GLU E 3 60.05 51.07 22.87
CA GLU E 3 60.89 49.89 22.74
C GLU E 3 60.09 48.58 22.67
N ILE E 4 58.76 48.67 22.65
CA ILE E 4 57.96 47.46 22.52
C ILE E 4 57.89 47.01 21.06
N TYR E 5 57.82 47.96 20.13
CA TYR E 5 57.79 47.63 18.72
C TYR E 5 59.13 47.05 18.25
N ARG E 6 60.20 47.24 19.01
CA ARG E 6 61.51 46.66 18.68
C ARG E 6 61.70 45.25 19.22
N LYS E 7 60.77 44.76 20.04
CA LYS E 7 60.83 43.39 20.53
C LYS E 7 60.12 42.44 19.58
N SER E 8 60.45 41.16 19.69
CA SER E 8 59.73 40.13 18.98
C SER E 8 58.43 39.81 19.72
N ALA E 9 57.56 39.05 19.07
CA ALA E 9 56.30 38.67 19.70
C ALA E 9 56.53 37.85 20.96
N ALA E 10 57.49 36.92 20.92
CA ALA E 10 57.77 36.07 22.07
C ALA E 10 58.25 36.88 23.27
N GLU E 11 59.13 37.86 23.03
CA GLU E 11 59.63 38.68 24.13
C GLU E 11 58.53 39.49 24.76
N THR E 12 57.62 40.05 23.94
CA THR E 12 56.51 40.82 24.48
C THR E 12 55.53 39.93 25.25
N PHE E 13 55.33 38.69 24.76
CA PHE E 13 54.45 37.76 25.47
C PHE E 13 55.02 37.38 26.83
N THR E 14 56.31 37.02 26.87
CA THR E 14 56.93 36.65 28.13
C THR E 14 57.11 37.85 29.06
N GLN E 15 57.17 39.06 28.51
CA GLN E 15 57.31 40.25 29.35
C GLN E 15 56.06 40.48 30.19
N LEU E 16 54.89 40.38 29.56
CA LEU E 16 53.61 40.54 30.23
C LEU E 16 53.11 39.25 30.87
N GLU E 17 53.94 38.20 30.87
CA GLU E 17 53.62 36.89 31.43
C GLU E 17 52.32 36.32 30.87
N ALA E 18 52.25 36.25 29.54
CA ALA E 18 51.07 35.71 28.88
C ALA E 18 51.53 34.89 27.68
N THR E 19 50.69 33.94 27.29
CA THR E 19 50.91 33.09 26.13
C THR E 19 49.88 33.38 25.06
N GLU E 20 49.96 32.65 23.96
CA GLU E 20 49.06 32.86 22.82
C GLU E 20 47.75 32.11 22.97
N LYS E 21 47.52 31.46 24.11
CA LYS E 21 46.27 30.76 24.37
C LYS E 21 45.34 31.53 25.30
N GLY E 22 45.73 32.73 25.73
CA GLY E 22 44.89 33.56 26.58
C GLY E 22 45.28 33.43 28.05
N LEU E 23 44.51 34.13 28.88
CA LEU E 23 44.68 34.11 30.32
C LEU E 23 43.39 33.64 30.99
N THR E 24 43.52 33.21 32.24
CA THR E 24 42.35 32.75 32.98
C THR E 24 41.61 33.92 33.63
N THR E 25 40.38 33.63 34.08
CA THR E 25 39.54 34.64 34.71
C THR E 25 40.06 35.03 36.10
N SER E 26 40.61 34.08 36.85
CA SER E 26 41.16 34.43 38.16
C SER E 26 42.36 35.36 38.01
N GLU E 27 43.24 35.06 37.05
CA GLU E 27 44.39 35.92 36.80
C GLU E 27 43.94 37.28 36.25
N VAL E 28 42.91 37.30 35.41
CA VAL E 28 42.43 38.57 34.85
C VAL E 28 41.81 39.43 35.94
N THR E 29 41.05 38.81 36.85
CA THR E 29 40.45 39.56 37.95
C THR E 29 41.53 40.10 38.88
N LYS E 30 42.61 39.34 39.09
CA LYS E 30 43.70 39.85 39.92
C LYS E 30 44.35 41.06 39.26
N ARG E 31 44.59 40.99 37.94
CA ARG E 31 45.22 42.09 37.23
C ARG E 31 44.31 43.31 37.09
N GLN E 32 42.99 43.11 37.23
CA GLN E 32 42.06 44.24 37.15
C GLN E 32 42.20 45.22 38.29
N GLU E 33 42.70 44.81 39.46
CA GLU E 33 42.93 45.76 40.55
C GLU E 33 44.25 46.51 40.37
N LYS E 34 45.24 45.87 39.76
CA LYS E 34 46.53 46.54 39.58
C LYS E 34 46.45 47.55 38.44
N TYR E 35 45.88 47.15 37.31
CA TYR E 35 45.83 48.04 36.15
C TYR E 35 44.54 48.85 36.06
N GLY E 36 43.49 48.44 36.78
CA GLY E 36 42.20 49.09 36.67
C GLY E 36 41.42 48.61 35.46
N PHE E 37 40.26 49.21 35.29
CA PHE E 37 39.39 48.88 34.17
C PHE E 37 39.79 49.70 32.95
N ASN E 38 39.45 49.19 31.77
CA ASN E 38 39.85 49.81 30.50
C ASN E 38 38.91 50.97 30.19
N GLU E 39 39.18 52.09 30.86
CA GLU E 39 38.38 53.30 30.75
C GLU E 39 39.25 54.48 31.15
N LEU E 40 38.77 55.69 30.89
CA LEU E 40 39.55 56.88 31.16
C LEU E 40 39.23 57.51 32.52
N LYS E 41 37.95 57.73 32.80
CA LYS E 41 37.50 58.20 34.12
C LYS E 41 38.22 59.48 34.55
N ASP E 50 27.60 73.32 40.49
CA ASP E 50 28.61 73.61 41.51
C ASP E 50 29.48 74.82 41.14
N PRO E 51 30.20 74.80 39.97
CA PRO E 51 31.10 75.91 39.67
C PRO E 51 30.40 77.09 39.00
N LEU E 52 29.17 77.39 39.43
CA LEU E 52 28.40 78.49 38.86
C LEU E 52 28.28 79.68 39.79
N TRP E 53 28.06 79.45 41.08
CA TRP E 53 27.95 80.57 42.01
C TRP E 53 29.30 81.03 42.51
N LYS E 54 30.36 80.27 42.21
CA LYS E 54 31.70 80.68 42.59
C LYS E 54 32.29 81.70 41.62
N LEU E 55 31.91 81.63 40.33
CA LEU E 55 32.42 82.62 39.39
C LEU E 55 31.76 83.96 39.63
N PHE E 56 30.56 83.93 40.21
CA PHE E 56 29.93 85.18 40.62
C PHE E 56 30.73 85.84 41.73
N LEU E 57 31.42 85.04 42.55
CA LEU E 57 32.28 85.65 43.57
C LEU E 57 33.60 86.11 42.96
N GLU E 58 34.17 85.35 42.01
CA GLU E 58 35.43 85.78 41.41
C GLU E 58 35.28 87.03 40.57
N THR E 59 34.05 87.42 40.20
CA THR E 59 33.91 88.65 39.45
C THR E 59 34.27 89.88 40.29
N PHE E 60 34.25 89.75 41.61
CA PHE E 60 34.54 90.85 42.53
C PHE E 60 36.03 91.08 42.77
N LYS E 61 36.90 90.29 42.15
CA LYS E 61 38.33 90.52 42.24
C LYS E 61 38.79 91.69 41.37
N ASP E 62 37.93 92.16 40.48
CA ASP E 62 38.29 93.27 39.61
C ASP E 62 38.33 94.55 40.44
N PRO E 63 39.36 95.40 40.27
CA PRO E 63 39.44 96.64 41.08
C PRO E 63 38.27 97.59 40.87
N MET E 64 37.81 97.72 39.62
CA MET E 64 36.73 98.65 39.30
C MET E 64 35.44 98.26 40.01
N VAL E 65 35.20 96.95 40.15
CA VAL E 65 34.00 96.49 40.83
C VAL E 65 34.06 96.86 42.31
N ILE E 66 35.24 96.74 42.92
CA ILE E 66 35.37 97.09 44.33
C ILE E 66 35.11 98.57 44.54
N VAL E 67 35.69 99.42 43.67
CA VAL E 67 35.46 100.86 43.81
C VAL E 67 33.98 101.18 43.66
N LEU E 68 33.30 100.53 42.70
CA LEU E 68 31.89 100.86 42.47
C LEU E 68 31.01 100.39 43.63
N VAL E 69 31.33 99.24 44.22
CA VAL E 69 30.58 98.75 45.38
C VAL E 69 30.73 99.72 46.55
N ILE E 70 31.97 100.17 46.81
CA ILE E 70 32.17 101.11 47.90
C ILE E 70 31.44 102.41 47.64
N ALA E 71 31.47 102.91 46.41
CA ALA E 71 30.78 104.16 46.08
C ALA E 71 29.27 104.02 46.30
N ALA E 72 28.71 102.87 45.91
CA ALA E 72 27.27 102.65 46.07
C ALA E 72 26.88 102.56 47.54
N LEU E 73 27.69 101.87 48.36
CA LEU E 73 27.35 101.78 49.79
C LEU E 73 27.46 103.15 50.46
N VAL E 74 28.48 103.92 50.09
CA VAL E 74 28.63 105.26 50.65
C VAL E 74 27.43 106.12 50.28
N GLN E 75 26.95 105.99 49.04
CA GLN E 75 25.77 106.77 48.64
C GLN E 75 24.51 106.27 49.31
N LEU E 76 24.44 104.97 49.65
CA LEU E 76 23.30 104.47 50.40
C LEU E 76 23.22 105.16 51.75
N VAL E 77 24.36 105.31 52.43
CA VAL E 77 24.31 106.04 53.71
C VAL E 77 24.08 107.53 53.48
N LEU E 78 24.59 108.09 52.37
CA LEU E 78 24.49 109.52 52.11
C LEU E 78 23.09 109.96 51.68
N GLY E 79 22.18 109.03 51.39
CA GLY E 79 20.82 109.36 51.02
C GLY E 79 20.50 109.25 49.55
N GLU E 80 21.49 109.02 48.70
CA GLU E 80 21.26 108.85 47.26
C GLU E 80 21.01 107.38 46.97
N VAL E 81 19.76 106.97 47.17
CA VAL E 81 19.39 105.56 47.10
C VAL E 81 19.14 105.08 45.67
N VAL E 82 18.48 105.88 44.83
CA VAL E 82 18.09 105.41 43.51
C VAL E 82 19.31 105.07 42.65
N GLU E 83 20.29 105.97 42.58
CA GLU E 83 21.51 105.63 41.87
C GLU E 83 22.32 104.56 42.59
N SER E 84 22.12 104.41 43.89
CA SER E 84 22.74 103.27 44.54
C SER E 84 22.24 101.99 43.91
N LEU E 85 20.93 101.93 43.65
CA LEU E 85 20.41 100.78 42.90
C LEU E 85 20.86 100.83 41.44
N ILE E 86 21.07 102.03 40.89
CA ILE E 86 21.54 102.12 39.50
C ILE E 86 22.93 101.48 39.38
N ILE E 87 23.81 101.75 40.34
CA ILE E 87 25.14 101.14 40.33
C ILE E 87 25.03 99.64 40.56
N PHE E 88 24.14 99.22 41.47
CA PHE E 88 24.02 97.78 41.68
C PHE E 88 23.50 97.08 40.44
N LEU E 89 22.63 97.74 39.67
CA LEU E 89 22.12 97.13 38.44
C LEU E 89 23.21 97.01 37.39
N VAL E 90 24.04 98.05 37.24
CA VAL E 90 25.17 97.98 36.30
C VAL E 90 26.22 96.99 36.79
N LEU E 91 26.34 96.85 38.11
CA LEU E 91 27.27 95.89 38.70
C LEU E 91 26.81 94.48 38.40
N ILE E 92 25.52 94.21 38.57
CA ILE E 92 24.95 92.89 38.29
C ILE E 92 25.14 92.58 36.82
N VAL E 93 24.97 93.58 35.96
CA VAL E 93 25.10 93.28 34.55
C VAL E 93 26.55 92.95 34.24
N ASN E 94 27.52 93.78 34.70
CA ASN E 94 28.92 93.49 34.41
C ASN E 94 29.40 92.21 35.11
N SER E 95 28.78 91.89 36.25
CA SER E 95 29.14 90.69 36.99
C SER E 95 28.77 89.41 36.26
N ILE E 96 27.56 89.34 35.68
CA ILE E 96 27.19 88.19 34.84
C ILE E 96 27.77 88.27 33.43
N ILE E 97 28.15 89.47 32.95
CA ILE E 97 28.78 89.58 31.64
C ILE E 97 30.14 88.90 31.62
N SER E 98 30.89 88.98 32.72
CA SER E 98 32.21 88.33 32.69
C SER E 98 32.12 86.82 32.90
N VAL E 99 31.15 86.35 33.67
CA VAL E 99 31.04 84.94 33.93
C VAL E 99 30.66 84.12 32.70
N VAL E 100 29.90 84.68 31.77
CA VAL E 100 29.40 83.94 30.62
C VAL E 100 30.51 83.57 29.64
N GLN E 101 31.61 84.30 29.66
CA GLN E 101 32.72 84.05 28.77
C GLN E 101 33.72 83.04 29.32
N THR E 102 33.81 82.91 30.64
CA THR E 102 34.62 81.91 31.32
C THR E 102 33.88 80.60 31.57
N ARG E 103 32.55 80.64 31.63
CA ARG E 103 31.77 79.44 31.94
C ARG E 103 31.77 78.45 30.79
N LYS E 104 31.89 78.93 29.57
CA LYS E 104 31.91 78.00 28.45
C LYS E 104 33.30 77.48 28.17
N ALA E 105 34.32 77.96 28.91
CA ALA E 105 35.67 77.42 28.75
C ALA E 105 35.78 76.00 29.31
N GLU E 106 34.79 75.55 30.10
CA GLU E 106 34.75 74.17 30.59
C GLU E 106 34.25 73.21 29.52
N SER E 107 33.55 73.74 28.51
CA SER E 107 32.95 72.90 27.48
C SER E 107 33.98 72.38 26.48
N SER E 108 35.13 73.03 26.39
CA SER E 108 36.20 72.52 25.55
C SER E 108 37.10 71.54 26.28
N LEU E 109 36.98 71.45 27.60
CA LEU E 109 37.73 70.48 28.38
C LEU E 109 36.94 69.20 28.59
N ASP E 110 35.84 69.04 27.86
CA ASP E 110 35.00 67.87 28.06
C ASP E 110 35.63 66.70 27.32
N ALA E 111 35.77 65.58 28.01
CA ALA E 111 36.42 64.39 27.45
C ALA E 111 35.37 63.37 27.01
N LEU E 112 34.50 63.80 26.09
CA LEU E 112 33.45 62.94 25.52
C LEU E 112 34.06 62.05 24.44
N ARG E 113 34.54 60.88 24.85
CA ARG E 113 35.21 59.91 23.98
C ARG E 113 34.32 58.70 23.69
N GLU E 114 33.39 58.85 22.74
CA GLU E 114 32.63 57.68 22.29
C GLU E 114 33.28 56.95 21.12
N MET E 115 34.57 57.15 20.88
CA MET E 115 35.25 56.47 19.79
C MET E 115 35.96 55.19 20.23
N SER E 116 36.05 54.97 21.53
CA SER E 116 36.58 53.73 22.07
C SER E 116 35.62 52.58 21.77
N ALA E 117 36.18 51.38 21.62
CA ALA E 117 35.38 50.22 21.27
C ALA E 117 34.44 49.85 22.40
N PRO E 118 33.17 49.55 22.11
CA PRO E 118 32.23 49.18 23.18
C PRO E 118 32.23 47.68 23.48
N VAL E 119 32.70 46.87 22.52
CA VAL E 119 32.72 45.41 22.65
C VAL E 119 34.09 44.92 22.23
N ALA E 120 34.58 43.87 22.90
CA ALA E 120 35.86 43.26 22.61
C ALA E 120 35.68 41.76 22.42
N LYS E 121 36.36 41.22 21.42
CA LYS E 121 36.29 39.79 21.08
C LYS E 121 37.58 39.13 21.56
N VAL E 122 37.55 38.62 22.79
CA VAL E 122 38.75 38.15 23.46
C VAL E 122 38.70 36.63 23.62
N ILE E 123 39.89 36.03 23.78
CA ILE E 123 40.01 34.63 24.16
C ILE E 123 40.33 34.58 25.65
N ARG E 124 39.43 34.00 26.44
CA ARG E 124 39.65 33.87 27.86
C ARG E 124 39.21 32.48 28.31
N ASP E 125 39.95 31.92 29.26
CA ASP E 125 39.70 30.58 29.80
C ASP E 125 39.72 29.53 28.71
N GLY E 126 40.38 29.81 27.59
CA GLY E 126 40.45 28.88 26.48
C GLY E 126 39.30 28.97 25.50
N SER E 127 38.36 29.89 25.70
CA SER E 127 37.20 30.03 24.85
C SER E 127 37.08 31.46 24.35
N LYS E 128 36.80 31.61 23.06
CA LYS E 128 36.52 32.92 22.50
C LYS E 128 35.16 33.42 22.96
N GLN E 129 35.11 34.66 23.44
CA GLN E 129 33.88 35.25 23.94
C GLN E 129 33.97 36.76 23.77
N SER E 130 32.80 37.40 23.69
CA SER E 130 32.72 38.85 23.60
C SER E 130 32.42 39.41 24.98
N ILE E 131 33.21 40.40 25.40
CA ILE E 131 33.08 41.04 26.69
C ILE E 131 33.10 42.56 26.46
N HIS E 132 32.73 43.30 27.50
CA HIS E 132 32.89 44.75 27.41
C HIS E 132 34.37 45.11 27.37
N ALA E 133 34.72 46.00 26.45
CA ALA E 133 36.12 46.37 26.28
C ALA E 133 36.67 47.06 27.52
N ARG E 134 35.81 47.66 28.35
CA ARG E 134 36.26 48.27 29.59
C ARG E 134 36.81 47.25 30.58
N GLU E 135 36.49 45.96 30.41
CA GLU E 135 36.99 44.91 31.28
C GLU E 135 38.29 44.29 30.77
N LEU E 136 38.91 44.89 29.75
CA LEU E 136 40.13 44.33 29.20
C LEU E 136 41.33 44.66 30.07
N VAL E 137 42.34 43.79 29.98
CA VAL E 137 43.57 43.92 30.75
C VAL E 137 44.74 43.55 29.91
N PRO E 138 45.92 44.07 30.19
CA PRO E 138 47.12 43.68 29.48
C PRO E 138 47.37 42.18 29.61
N GLY E 139 47.60 41.51 28.48
CA GLY E 139 47.74 40.08 28.43
C GLY E 139 46.59 39.36 27.76
N ASP E 140 45.48 40.05 27.51
CA ASP E 140 44.34 39.45 26.81
C ASP E 140 44.70 39.21 25.34
N VAL E 141 44.19 38.10 24.79
CA VAL E 141 44.37 37.77 23.39
C VAL E 141 43.07 38.11 22.66
N VAL E 142 43.12 39.09 21.75
CA VAL E 142 41.89 39.56 21.11
C VAL E 142 41.87 39.17 19.63
N ILE E 143 40.67 38.88 19.12
CA ILE E 143 40.48 38.52 17.72
C ILE E 143 40.00 39.74 16.97
N LEU E 144 40.59 40.01 15.81
CA LEU E 144 40.23 41.16 14.99
C LEU E 144 39.69 40.68 13.64
N ASP E 145 38.56 41.25 13.22
CA ASP E 145 37.95 40.99 11.92
C ASP E 145 37.61 42.31 11.26
N ALA E 146 37.10 42.25 10.04
CA ALA E 146 36.74 43.46 9.30
C ALA E 146 35.62 44.22 10.00
N GLY E 147 35.77 45.54 10.07
CA GLY E 147 34.77 46.39 10.69
C GLY E 147 34.85 46.48 12.20
N ASP E 148 35.79 45.81 12.84
CA ASP E 148 35.92 45.85 14.29
C ASP E 148 36.68 47.08 14.75
N PHE E 149 36.37 47.54 15.95
CA PHE E 149 37.06 48.67 16.57
C PHE E 149 38.10 48.13 17.57
N VAL E 150 39.34 48.57 17.41
CA VAL E 150 40.45 48.12 18.23
C VAL E 150 40.23 48.56 19.68
N PRO E 151 40.17 47.62 20.64
CA PRO E 151 39.80 48.01 22.01
C PRO E 151 40.97 48.48 22.84
N ALA E 152 42.20 48.09 22.51
CA ALA E 152 43.36 48.50 23.30
C ALA E 152 44.62 48.36 22.45
N ASP E 153 45.70 48.99 22.92
CA ASP E 153 46.99 48.89 22.25
C ASP E 153 47.72 47.60 22.61
N GLY E 154 48.34 47.00 21.60
CA GLY E 154 49.05 45.74 21.74
C GLY E 154 49.84 45.43 20.50
N ARG E 155 50.66 44.38 20.60
CA ARG E 155 51.60 43.96 19.56
C ARG E 155 51.01 42.79 18.77
N LEU E 156 50.97 42.92 17.45
CA LEU E 156 50.43 41.86 16.62
C LEU E 156 51.37 40.67 16.55
N PHE E 157 50.80 39.47 16.62
CA PHE E 157 51.55 38.25 16.38
C PHE E 157 50.85 37.34 15.38
N GLU E 158 49.66 37.73 14.90
CA GLU E 158 49.01 36.95 13.84
C GLU E 158 48.23 37.93 12.96
N SER E 159 48.61 38.00 11.68
CA SER E 159 48.00 38.94 10.74
C SER E 159 47.77 38.27 9.40
N GLY E 160 46.57 38.46 8.85
CA GLY E 160 46.25 38.00 7.52
C GLY E 160 45.84 39.14 6.61
N SER E 161 46.82 39.82 6.01
CA SER E 161 46.58 41.00 5.18
C SER E 161 45.77 42.04 5.96
N LEU E 162 46.25 42.34 7.16
CA LEU E 162 45.54 43.26 8.05
C LEU E 162 45.74 44.68 7.56
N LYS E 163 44.65 45.44 7.47
CA LYS E 163 44.68 46.84 7.10
C LYS E 163 43.76 47.60 8.05
N ILE E 164 44.32 48.62 8.71
CA ILE E 164 43.60 49.38 9.72
C ILE E 164 43.60 50.86 9.35
N ASP E 165 42.55 51.55 9.80
CA ASP E 165 42.37 53.00 9.62
C ASP E 165 42.91 53.71 10.86
N GLU E 166 44.10 54.29 10.75
CA GLU E 166 44.74 55.04 11.84
C GLU E 166 44.44 56.53 11.77
N GLY E 167 43.24 56.93 11.35
CA GLY E 167 42.91 58.34 11.24
C GLY E 167 42.83 59.09 12.55
N MET E 168 42.78 58.37 13.68
CA MET E 168 42.71 59.06 14.96
C MET E 168 44.06 59.56 15.46
N LEU E 169 45.16 58.97 15.00
CA LEU E 169 46.49 59.40 15.41
C LEU E 169 47.25 60.12 14.33
N THR E 170 47.04 59.75 13.06
CA THR E 170 47.75 60.37 11.95
C THR E 170 46.87 61.23 11.08
N GLY E 171 45.55 61.10 11.18
CA GLY E 171 44.65 61.89 10.38
C GLY E 171 44.46 61.40 8.96
N GLU E 172 45.11 60.32 8.57
CA GLU E 172 45.02 59.81 7.21
C GLU E 172 43.96 58.71 7.17
N SER E 173 42.94 58.91 6.33
CA SER E 173 41.87 57.95 6.19
C SER E 173 42.26 56.76 5.32
N GLU E 174 43.46 56.76 4.76
CA GLU E 174 43.90 55.64 3.96
C GLU E 174 44.25 54.48 4.88
N ALA E 175 43.81 53.29 4.51
CA ALA E 175 44.10 52.12 5.32
C ALA E 175 45.56 51.73 5.16
N VAL E 176 46.24 51.46 6.26
CA VAL E 176 47.63 51.06 6.22
C VAL E 176 47.73 49.56 6.44
N GLU E 177 48.66 48.93 5.72
CA GLU E 177 48.91 47.49 5.85
C GLU E 177 49.73 47.22 7.09
N LYS E 178 49.33 46.19 7.83
CA LYS E 178 49.96 45.77 9.06
C LYS E 178 50.70 44.46 8.84
N TYR E 179 51.79 44.29 9.58
CA TYR E 179 52.59 43.08 9.49
C TYR E 179 53.07 42.72 10.88
N ILE E 180 53.15 41.41 11.15
CA ILE E 180 53.60 40.93 12.45
C ILE E 180 55.12 40.94 12.58
N ASP E 181 55.81 41.43 11.56
CA ASP E 181 57.27 41.44 11.58
C ASP E 181 57.79 42.41 12.64
N THR E 182 58.94 42.05 13.21
CA THR E 182 59.58 42.89 14.22
C THR E 182 60.24 44.09 13.55
N ILE E 183 60.09 45.27 14.15
CA ILE E 183 60.66 46.50 13.61
C ILE E 183 62.08 46.64 14.13
N PRO E 184 63.09 46.63 13.25
CA PRO E 184 64.48 46.65 13.74
C PRO E 184 64.97 48.01 14.22
N ASP E 185 64.65 49.07 13.48
CA ASP E 185 65.14 50.41 13.77
C ASP E 185 64.04 51.24 14.43
N GLU E 186 64.40 52.47 14.82
CA GLU E 186 63.44 53.41 15.36
C GLU E 186 62.66 54.08 14.23
N VAL E 187 61.33 53.98 14.28
CA VAL E 187 60.45 54.53 13.27
C VAL E 187 59.44 55.42 13.99
N GLY E 188 58.72 56.22 13.22
CA GLY E 188 57.74 57.11 13.80
C GLY E 188 56.56 56.37 14.39
N LEU E 189 55.71 57.14 15.09
CA LEU E 189 54.56 56.55 15.76
C LEU E 189 53.54 56.02 14.76
N GLY E 190 53.41 56.69 13.61
CA GLY E 190 52.49 56.24 12.58
C GLY E 190 52.94 54.99 11.84
N ASP E 191 54.24 54.68 11.86
CA ASP E 191 54.79 53.56 11.10
C ASP E 191 54.98 52.30 11.93
N ARG E 192 54.30 52.19 13.07
CA ARG E 192 54.38 50.99 13.91
C ARG E 192 53.53 49.89 13.26
N VAL E 193 54.13 49.22 12.27
CA VAL E 193 53.38 48.24 11.49
C VAL E 193 52.95 47.06 12.36
N ASN E 194 53.74 46.73 13.39
CA ASN E 194 53.43 45.60 14.27
C ASN E 194 52.63 46.02 15.49
N MET E 195 52.00 47.20 15.46
CA MET E 195 51.30 47.71 16.62
C MET E 195 49.93 48.23 16.22
N VAL E 196 48.95 48.00 17.09
CA VAL E 196 47.60 48.52 16.90
C VAL E 196 47.30 49.50 18.02
N PHE E 197 46.36 50.41 17.76
CA PHE E 197 46.06 51.49 18.69
C PHE E 197 44.58 51.50 19.04
N SER E 198 44.29 51.80 20.30
CA SER E 198 42.92 51.80 20.79
C SER E 198 42.11 52.89 20.12
N GLY E 199 40.92 52.53 19.63
CA GLY E 199 40.04 53.46 18.97
C GLY E 199 39.99 53.35 17.47
N SER E 200 41.04 52.81 16.83
CA SER E 200 41.07 52.70 15.39
C SER E 200 40.09 51.63 14.91
N LEU E 201 39.72 51.73 13.64
CA LEU E 201 38.73 50.85 13.03
C LEU E 201 39.43 49.91 12.06
N VAL E 202 39.24 48.61 12.27
CA VAL E 202 39.83 47.62 11.38
C VAL E 202 39.07 47.62 10.06
N VAL E 203 39.82 47.57 8.96
CA VAL E 203 39.25 47.69 7.63
C VAL E 203 39.27 46.35 6.88
N TYR E 204 40.34 45.57 7.03
CA TYR E 204 40.46 44.35 6.24
C TYR E 204 41.39 43.36 6.91
N GLY E 205 40.99 42.10 6.96
CA GLY E 205 41.88 41.05 7.40
C GLY E 205 41.50 40.47 8.75
N ARG E 206 42.25 39.44 9.13
CA ARG E 206 42.12 38.78 10.41
C ARG E 206 43.35 39.08 11.24
N GLY E 207 43.17 39.18 12.55
CA GLY E 207 44.29 39.49 13.41
C GLY E 207 44.17 38.90 14.79
N MET E 208 45.32 38.90 15.48
CA MET E 208 45.42 38.37 16.83
C MET E 208 46.61 39.03 17.49
N PHE E 209 46.36 39.74 18.59
CA PHE E 209 47.39 40.44 19.34
C PHE E 209 47.13 40.33 20.83
N VAL E 210 48.20 40.52 21.59
CA VAL E 210 48.21 40.51 23.04
C VAL E 210 48.17 41.95 23.53
N VAL E 211 47.25 42.23 24.46
CA VAL E 211 47.11 43.58 24.97
C VAL E 211 48.35 43.96 25.76
N THR E 212 48.90 45.14 25.46
CA THR E 212 50.00 45.70 26.24
C THR E 212 49.59 46.92 27.03
N GLY E 213 48.44 47.51 26.71
CA GLY E 213 48.03 48.67 27.48
C GLY E 213 46.52 48.86 27.50
N THR E 214 45.96 49.23 28.64
CA THR E 214 44.52 49.46 28.73
C THR E 214 44.27 50.78 29.42
N ALA E 215 43.01 51.20 29.36
CA ALA E 215 42.52 52.39 30.04
C ALA E 215 43.37 53.57 29.57
N SER E 216 43.75 54.47 30.48
CA SER E 216 44.55 55.64 30.14
C SER E 216 46.04 55.35 30.39
N GLU E 217 46.58 54.41 29.63
CA GLU E 217 48.02 54.18 29.77
C GLU E 217 48.75 55.03 28.76
N THR E 218 48.84 54.58 27.51
CA THR E 218 49.50 55.38 26.48
C THR E 218 48.61 55.50 25.26
N GLU E 219 48.92 56.50 24.44
CA GLU E 219 48.30 56.79 23.15
C GLU E 219 46.83 57.19 23.25
N ILE E 220 45.93 56.26 23.58
CA ILE E 220 44.52 56.65 23.68
C ILE E 220 44.28 57.47 24.95
N GLY E 221 44.94 57.08 26.03
CA GLY E 221 44.88 57.84 27.26
C GLY E 221 45.74 59.11 27.23
N LYS E 222 46.89 59.06 26.56
CA LYS E 222 47.80 60.20 26.62
C LYS E 222 47.21 61.45 26.00
N ILE E 223 46.47 61.32 24.91
CA ILE E 223 45.81 62.51 24.34
C ILE E 223 44.75 63.05 25.30
N ALA E 224 44.03 62.17 26.00
CA ALA E 224 43.08 62.68 26.99
C ALA E 224 43.80 63.46 28.08
N GLY E 225 44.99 63.01 28.48
CA GLY E 225 45.76 63.74 29.47
C GLY E 225 46.29 65.05 28.93
N LEU E 226 46.72 65.04 27.66
CA LEU E 226 47.23 66.23 26.98
C LEU E 226 46.15 67.30 26.89
N LEU E 227 44.92 66.88 26.56
CA LEU E 227 43.79 67.81 26.48
C LEU E 227 43.42 68.37 27.85
N GLU E 228 43.41 67.52 28.89
CA GLU E 228 43.05 68.03 30.21
C GLU E 228 44.08 68.99 30.76
N THR E 229 45.36 68.77 30.48
CA THR E 229 46.37 69.73 30.93
C THR E 229 46.47 70.94 30.02
N ALA E 230 45.53 71.11 29.07
CA ALA E 230 45.62 72.28 28.19
C ALA E 230 45.57 73.56 29.01
N GLU E 231 46.50 74.47 28.77
CA GLU E 231 46.56 75.70 29.55
C GLU E 231 45.99 76.78 28.67
N ALA E 232 44.73 77.11 28.90
CA ALA E 232 44.08 78.16 28.14
C ALA E 232 44.70 79.48 28.54
N LYS E 233 44.85 80.40 27.58
CA LYS E 233 45.48 81.69 27.84
C LYS E 233 44.43 82.79 28.01
N GLN E 234 44.91 83.93 28.49
CA GLN E 234 44.07 85.10 28.69
C GLN E 234 44.13 85.93 27.41
N THR E 235 43.00 86.51 27.03
CA THR E 235 42.89 87.21 25.76
C THR E 235 43.70 88.51 25.81
N PRO E 236 44.38 88.93 24.71
CA PRO E 236 45.13 90.20 24.81
C PRO E 236 44.28 91.36 25.27
N LEU E 237 43.05 91.45 24.77
CA LEU E 237 42.13 92.48 25.23
C LEU E 237 41.84 92.33 26.72
N GLN E 238 41.72 91.09 27.20
CA GLN E 238 41.52 90.89 28.63
C GLN E 238 42.74 91.34 29.43
N ARG E 239 43.95 91.08 28.93
CA ARG E 239 45.14 91.57 29.63
C ARG E 239 45.18 93.09 29.62
N LYS E 240 44.90 93.72 28.49
CA LYS E 240 44.96 95.18 28.39
C LYS E 240 43.92 95.82 29.32
N LEU E 241 42.72 95.25 29.38
CA LEU E 241 41.70 95.81 30.27
C LEU E 241 42.04 95.55 31.72
N GLU E 242 42.62 94.40 32.05
CA GLU E 242 43.00 94.14 33.43
C GLU E 242 44.08 95.12 33.89
N SER E 243 45.14 95.28 33.11
CA SER E 243 46.20 96.21 33.49
C SER E 243 45.70 97.64 33.53
N PHE E 244 44.80 98.01 32.60
CA PHE E 244 44.23 99.35 32.62
C PHE E 244 43.36 99.55 33.86
N SER E 245 42.65 98.51 34.27
CA SER E 245 41.81 98.59 35.46
C SER E 245 42.66 98.74 36.72
N LYS E 246 43.78 98.01 36.80
CA LYS E 246 44.67 98.16 37.95
C LYS E 246 45.23 99.57 38.03
N LYS E 247 45.69 100.10 36.88
CA LYS E 247 46.22 101.47 36.87
C LYS E 247 45.14 102.48 37.23
N LEU E 248 43.91 102.26 36.74
CA LEU E 248 42.81 103.17 37.05
C LEU E 248 42.46 103.12 38.52
N GLY E 249 42.55 101.94 39.14
CA GLY E 249 42.29 101.84 40.56
C GLY E 249 43.32 102.63 41.36
N LEU E 250 44.59 102.53 40.99
CA LEU E 250 45.59 103.34 41.68
C LEU E 250 45.32 104.82 41.49
N GLY E 251 44.94 105.25 40.29
CA GLY E 251 44.62 106.65 40.08
C GLY E 251 43.47 107.14 40.92
N ILE E 252 42.38 106.37 40.98
CA ILE E 252 41.21 106.77 41.75
C ILE E 252 41.52 106.78 43.24
N LEU E 253 42.24 105.75 43.74
CA LEU E 253 42.61 105.73 45.16
C LEU E 253 43.50 106.90 45.52
N ALA E 254 44.45 107.25 44.64
CA ALA E 254 45.32 108.38 44.91
C ALA E 254 44.53 109.68 44.93
N LEU E 255 43.59 109.83 43.98
CA LEU E 255 42.78 111.05 43.97
C LEU E 255 41.89 111.13 45.20
N CYS E 256 41.34 110.01 45.66
CA CYS E 256 40.51 110.05 46.87
C CYS E 256 41.32 110.40 48.12
N VAL E 257 42.53 109.84 48.23
CA VAL E 257 43.39 110.24 49.34
C VAL E 257 43.71 111.72 49.27
N LEU E 258 43.97 112.22 48.06
CA LEU E 258 44.23 113.66 47.89
C LEU E 258 42.99 114.50 48.25
N ILE E 259 41.80 114.02 47.88
CA ILE E 259 40.57 114.74 48.19
C ILE E 259 40.42 114.89 49.69
N PHE E 260 40.54 113.78 50.41
CA PHE E 260 40.39 113.83 51.86
C PHE E 260 41.52 114.64 52.49
N ALA E 261 42.74 114.54 51.96
CA ALA E 261 43.86 115.26 52.54
C ALA E 261 43.68 116.76 52.41
N VAL E 262 43.29 117.23 51.23
CA VAL E 262 43.10 118.66 51.05
C VAL E 262 41.91 119.14 51.89
N GLU E 263 40.83 118.36 51.94
CA GLU E 263 39.66 118.80 52.69
C GLU E 263 39.94 118.86 54.20
N ALA E 264 40.65 117.86 54.73
CA ALA E 264 40.96 117.85 56.15
C ALA E 264 41.96 118.94 56.49
N GLY E 265 42.96 119.16 55.64
CA GLY E 265 43.90 120.23 55.86
C GLY E 265 43.25 121.60 55.76
N ARG E 266 42.24 121.73 54.91
CA ARG E 266 41.54 123.00 54.78
C ARG E 266 40.70 123.31 56.02
N VAL E 267 40.06 122.28 56.60
CA VAL E 267 39.32 122.57 57.82
C VAL E 267 40.25 122.73 59.02
N LEU E 268 41.42 122.11 59.00
CA LEU E 268 42.34 122.21 60.12
C LEU E 268 43.09 123.55 60.13
N LEU E 269 43.61 123.96 58.98
CA LEU E 269 44.41 125.18 58.83
C LEU E 269 43.65 126.29 58.14
N GLY E 270 42.35 126.42 58.43
CA GLY E 270 41.53 127.46 57.83
C GLY E 270 40.59 128.13 58.81
N ASP E 271 39.60 128.86 58.30
CA ASP E 271 38.63 129.53 59.17
C ASP E 271 37.89 128.49 59.99
N ASN E 272 37.97 128.61 61.32
CA ASN E 272 37.30 127.64 62.17
C ASN E 272 35.78 127.74 62.13
N SER E 273 35.21 128.81 61.57
CA SER E 273 33.75 128.91 61.49
C SER E 273 33.15 127.87 60.53
N ALA E 274 33.97 127.25 59.68
CA ALA E 274 33.45 126.19 58.81
C ALA E 274 33.07 124.98 59.65
N ASP E 275 31.93 124.38 59.32
CA ASP E 275 31.50 123.18 60.03
C ASP E 275 32.39 122.02 59.62
N MET E 276 33.02 121.39 60.60
CA MET E 276 33.95 120.30 60.32
C MET E 276 33.28 119.10 59.67
N ALA E 277 32.06 118.78 60.09
CA ALA E 277 31.33 117.69 59.46
C ALA E 277 31.02 118.01 58.00
N THR E 278 30.66 119.25 57.71
CA THR E 278 30.35 119.64 56.33
C THR E 278 31.58 119.55 55.43
N ALA E 279 32.75 119.93 55.97
CA ALA E 279 33.97 119.88 55.16
C ALA E 279 34.38 118.45 54.90
N ILE E 280 34.21 117.55 55.87
CA ILE E 280 34.54 116.16 55.61
C ILE E 280 33.49 115.50 54.69
N LEU E 281 32.23 115.92 54.82
CA LEU E 281 31.19 115.41 53.93
C LEU E 281 31.49 115.77 52.48
N ASN E 282 32.08 116.96 52.26
CA ASN E 282 32.50 117.33 50.91
C ASN E 282 33.54 116.35 50.39
N ALA E 283 34.44 115.89 51.25
CA ALA E 283 35.43 114.90 50.82
C ALA E 283 34.75 113.60 50.42
N PHE E 284 33.74 113.18 51.17
CA PHE E 284 33.06 111.93 50.84
C PHE E 284 32.32 112.04 49.50
N MET E 285 31.59 113.15 49.29
CA MET E 285 30.87 113.34 48.03
C MET E 285 31.83 113.52 46.86
N PHE E 286 32.94 114.24 47.07
CA PHE E 286 33.92 114.41 45.99
C PHE E 286 34.57 113.09 45.63
N ALA E 287 34.83 112.24 46.62
CA ALA E 287 35.43 110.95 46.32
C ALA E 287 34.47 110.08 45.52
N VAL E 288 33.19 110.07 45.91
CA VAL E 288 32.20 109.31 45.15
C VAL E 288 32.05 109.90 43.74
N ALA E 289 32.05 111.23 43.65
CA ALA E 289 31.92 111.89 42.34
C ALA E 289 33.09 111.52 41.42
N VAL E 290 34.31 111.61 41.92
CA VAL E 290 35.47 111.28 41.08
C VAL E 290 35.47 109.80 40.74
N ALA E 291 35.02 108.94 41.67
CA ALA E 291 34.95 107.51 41.38
C ALA E 291 33.96 107.24 40.25
N VAL E 292 32.74 107.75 40.37
CA VAL E 292 31.73 107.53 39.34
C VAL E 292 32.15 108.17 38.03
N ALA E 293 32.78 109.34 38.09
CA ALA E 293 33.19 110.03 36.87
C ALA E 293 34.32 109.29 36.17
N ALA E 294 35.24 108.69 36.93
CA ALA E 294 36.41 108.07 36.32
C ALA E 294 36.13 106.69 35.74
N ILE E 295 35.17 105.96 36.29
CA ILE E 295 34.87 104.60 35.85
C ILE E 295 33.90 104.69 34.67
N PRO E 296 34.26 104.18 33.49
CA PRO E 296 33.27 104.06 32.41
C PRO E 296 32.37 102.85 32.60
N GLU E 297 31.27 103.03 33.35
CA GLU E 297 30.45 101.91 33.77
C GLU E 297 29.90 101.09 32.61
N ALA E 298 29.80 101.67 31.42
CA ALA E 298 29.28 100.97 30.26
C ALA E 298 30.37 100.33 29.42
N LEU E 299 31.61 100.25 29.93
CA LEU E 299 32.72 99.78 29.10
C LEU E 299 32.57 98.31 28.72
N SER E 300 32.31 97.44 29.70
CA SER E 300 32.19 96.03 29.40
C SER E 300 30.99 95.75 28.49
N SER E 301 29.91 96.51 28.66
CA SER E 301 28.73 96.31 27.82
C SER E 301 28.99 96.76 26.39
N ILE E 302 29.70 97.87 26.23
CA ILE E 302 30.03 98.38 24.90
C ILE E 302 31.00 97.44 24.19
N VAL E 303 32.01 96.95 24.91
CA VAL E 303 32.95 96.01 24.31
C VAL E 303 32.25 94.72 23.89
N THR E 304 31.29 94.24 24.70
CA THR E 304 30.55 93.05 24.29
C THR E 304 29.77 93.30 23.01
N ILE E 305 29.20 94.50 22.86
CA ILE E 305 28.45 94.78 21.64
C ILE E 305 29.37 94.81 20.40
N VAL E 306 30.54 95.45 20.52
CA VAL E 306 31.46 95.48 19.36
C VAL E 306 31.96 94.08 19.02
N LEU E 307 32.24 93.26 20.03
CA LEU E 307 32.64 91.87 19.77
C LEU E 307 31.52 91.12 19.04
N ALA E 308 30.27 91.44 19.39
CA ALA E 308 29.14 90.84 18.69
C ALA E 308 29.15 91.24 17.22
N VAL E 309 29.54 92.49 16.94
CA VAL E 309 29.62 92.94 15.54
C VAL E 309 30.63 92.10 14.78
N GLY E 310 31.76 91.79 15.42
CA GLY E 310 32.77 90.98 14.75
C GLY E 310 32.28 89.57 14.45
N THR E 311 31.63 88.93 15.43
CA THR E 311 31.14 87.58 15.20
C THR E 311 30.02 87.57 14.15
N ASN E 312 29.23 88.65 14.08
CA ASN E 312 28.16 88.72 13.08
C ASN E 312 28.72 88.86 11.67
N LYS E 313 29.71 89.75 11.49
CA LYS E 313 30.35 89.86 10.18
C LYS E 313 30.99 88.55 9.77
N MET E 314 31.53 87.81 10.72
CA MET E 314 32.05 86.49 10.35
C MET E 314 30.95 85.48 10.05
N ALA E 315 29.77 85.66 10.68
CA ALA E 315 28.65 84.76 10.38
C ALA E 315 28.19 84.95 8.94
N LYS E 316 28.41 86.13 8.37
CA LYS E 316 28.09 86.30 6.95
C LYS E 316 28.95 85.40 6.06
N GLN E 317 30.20 85.15 6.45
CA GLN E 317 31.10 84.28 5.71
C GLN E 317 31.11 82.83 6.20
N HIS E 318 30.08 82.41 6.94
CA HIS E 318 29.96 81.03 7.43
C HIS E 318 31.12 80.63 8.34
N ALA E 319 31.51 81.55 9.22
CA ALA E 319 32.56 81.30 10.20
C ALA E 319 31.96 81.49 11.59
N ILE E 320 31.70 80.39 12.30
CA ILE E 320 31.00 80.44 13.57
C ILE E 320 32.03 80.52 14.69
N ILE E 321 32.08 81.67 15.37
CA ILE E 321 32.97 81.89 16.50
C ILE E 321 32.18 81.69 17.78
N ARG E 322 32.67 80.80 18.66
CA ARG E 322 31.94 80.50 19.89
C ARG E 322 32.06 81.65 20.89
N LYS E 323 33.29 81.98 21.27
CA LYS E 323 33.53 83.01 22.29
C LYS E 323 33.60 84.37 21.63
N LEU E 324 32.98 85.35 22.28
CA LEU E 324 32.97 86.70 21.69
C LEU E 324 34.38 87.29 21.64
N PRO E 325 35.15 87.33 22.74
CA PRO E 325 36.49 87.94 22.67
C PRO E 325 37.42 87.24 21.71
N ALA E 326 37.06 86.04 21.29
CA ALA E 326 37.92 85.29 20.40
C ALA E 326 38.09 86.01 19.07
N VAL E 327 37.10 86.80 18.64
CA VAL E 327 37.25 87.47 17.35
C VAL E 327 38.41 88.44 17.42
N GLU E 328 38.57 89.13 18.55
CA GLU E 328 39.69 90.05 18.68
C GLU E 328 41.01 89.30 18.69
N THR E 329 41.01 88.10 19.29
CA THR E 329 42.22 87.29 19.30
C THR E 329 42.63 86.90 17.87
N LEU E 330 41.65 86.71 16.99
CA LEU E 330 41.98 86.39 15.61
C LEU E 330 42.76 87.52 14.96
N GLY E 331 42.45 88.77 15.35
CA GLY E 331 43.13 89.90 14.74
C GLY E 331 44.58 90.06 15.17
N SER E 332 44.92 89.56 16.35
CA SER E 332 46.27 89.66 16.88
C SER E 332 47.13 88.46 16.57
N THR E 333 46.67 87.59 15.66
CA THR E 333 47.44 86.38 15.36
C THR E 333 48.73 86.70 14.62
N SER E 334 49.80 86.02 15.03
CA SER E 334 51.12 86.10 14.42
C SER E 334 51.63 84.75 13.94
N VAL E 335 51.18 83.66 14.55
CA VAL E 335 51.55 82.32 14.12
C VAL E 335 50.26 81.53 13.89
N ILE E 336 50.22 80.79 12.80
CA ILE E 336 49.07 79.97 12.43
C ILE E 336 49.53 78.55 12.10
N CYS E 337 49.27 77.60 12.99
CA CYS E 337 49.56 76.20 12.74
C CYS E 337 48.39 75.54 12.01
N THR E 338 48.69 74.78 10.95
CA THR E 338 47.68 74.14 10.14
C THR E 338 48.03 72.68 9.93
N ASP E 339 47.01 71.83 9.93
CA ASP E 339 47.11 70.42 9.59
C ASP E 339 47.00 70.28 8.08
N LYS E 340 47.52 69.18 7.57
CA LYS E 340 47.41 68.94 6.13
C LYS E 340 46.11 68.25 5.77
N THR E 341 46.06 66.93 5.89
CA THR E 341 44.92 66.14 5.43
C THR E 341 43.64 66.55 6.14
N GLY E 342 42.68 67.06 5.36
CA GLY E 342 41.39 67.49 5.83
C GLY E 342 41.28 68.99 6.08
N THR E 343 42.39 69.67 6.31
CA THR E 343 42.40 71.11 6.59
C THR E 343 42.96 71.89 5.42
N LEU E 344 44.26 71.77 5.15
CA LEU E 344 44.83 72.37 3.95
C LEU E 344 44.33 71.68 2.69
N THR E 345 44.06 70.39 2.76
CA THR E 345 43.49 69.61 1.67
C THR E 345 42.03 69.29 1.97
N GLN E 346 41.46 68.32 1.24
CA GLN E 346 40.08 67.93 1.46
C GLN E 346 39.91 66.42 1.62
N ASN E 347 40.99 65.68 1.85
CA ASN E 347 40.95 64.23 2.07
C ASN E 347 40.24 63.50 0.92
N LYS E 348 40.51 63.93 -0.31
CA LYS E 348 39.87 63.36 -1.51
C LYS E 348 40.96 63.13 -2.55
N MET E 349 41.38 61.86 -2.73
CA MET E 349 42.42 61.53 -3.69
C MET E 349 42.00 61.93 -5.11
N THR E 350 42.89 62.64 -5.81
CA THR E 350 42.56 63.10 -7.16
C THR E 350 43.81 63.08 -8.03
N VAL E 351 43.67 62.54 -9.24
CA VAL E 351 44.77 62.53 -10.20
C VAL E 351 44.99 63.93 -10.74
N VAL E 352 46.26 64.34 -10.87
CA VAL E 352 46.61 65.70 -11.27
C VAL E 352 47.44 65.74 -12.55
N ASP E 353 48.36 64.78 -12.73
CA ASP E 353 49.26 64.80 -13.87
C ASP E 353 49.21 63.49 -14.62
N TYR E 354 49.61 63.55 -15.88
CA TYR E 354 49.60 62.39 -16.77
C TYR E 354 50.83 62.45 -17.66
N TYR E 355 51.32 61.28 -18.06
CA TYR E 355 52.49 61.17 -18.92
C TYR E 355 52.18 60.22 -20.06
N LEU E 356 52.18 60.75 -21.28
CA LEU E 356 52.07 59.98 -22.51
C LEU E 356 53.28 60.23 -23.38
N PRO E 357 53.88 59.18 -23.96
CA PRO E 357 55.04 59.42 -24.84
C PRO E 357 54.67 60.13 -26.12
N ASP E 358 53.44 59.94 -26.58
CA ASP E 358 52.96 60.52 -27.84
C ASP E 358 52.35 61.91 -27.65
N GLY E 359 53.11 62.81 -27.04
CA GLY E 359 52.69 64.18 -26.84
C GLY E 359 52.05 64.43 -25.49
N THR E 360 52.80 65.08 -24.60
CA THR E 360 52.32 65.43 -23.27
C THR E 360 52.02 66.93 -23.22
N LYS E 361 50.81 67.28 -22.76
CA LYS E 361 50.43 68.66 -22.59
C LYS E 361 50.54 69.07 -21.12
N GLU E 362 50.64 70.38 -20.89
CA GLU E 362 50.75 70.88 -19.54
C GLU E 362 49.51 70.54 -18.73
N ASN E 363 48.33 70.86 -19.26
CA ASN E 363 47.06 70.56 -18.63
C ASN E 363 46.25 69.64 -19.54
N PHE E 364 45.35 68.92 -18.94
CA PHE E 364 44.45 68.05 -19.70
C PHE E 364 43.38 68.90 -20.38
N PRO E 365 43.16 68.70 -21.69
CA PRO E 365 42.19 69.54 -22.42
C PRO E 365 40.74 69.30 -21.98
N GLU E 366 39.81 70.08 -22.51
CA GLU E 366 38.42 70.08 -22.05
C GLU E 366 37.44 69.38 -23.01
N SER E 367 37.93 68.77 -24.09
CA SER E 367 37.04 68.05 -25.00
C SER E 367 37.52 66.62 -25.20
N PRO E 368 36.67 65.62 -24.99
CA PRO E 368 37.14 64.23 -25.13
C PRO E 368 37.52 63.81 -26.55
N GLU E 369 36.97 64.45 -27.58
CA GLU E 369 37.25 64.05 -28.95
C GLU E 369 38.29 64.92 -29.66
N ASN E 370 38.67 66.07 -29.09
CA ASN E 370 39.76 66.88 -29.62
C ASN E 370 41.12 66.37 -29.23
N TRP E 371 41.18 65.38 -28.34
CA TRP E 371 42.44 64.82 -27.86
C TRP E 371 43.11 63.98 -28.95
N SER E 372 44.38 63.65 -28.73
CA SER E 372 45.12 62.74 -29.60
C SER E 372 44.75 61.30 -29.27
N GLU E 373 44.99 60.41 -30.24
CA GLU E 373 44.61 59.00 -30.10
C GLU E 373 45.19 58.37 -28.84
N GLY E 374 46.43 58.73 -28.49
CA GLY E 374 46.99 58.22 -27.25
C GLY E 374 46.24 58.74 -26.04
N GLU E 375 45.83 60.01 -26.09
CA GLU E 375 45.10 60.60 -24.97
C GLU E 375 43.71 60.00 -24.84
N ARG E 376 43.05 59.63 -25.95
CA ARG E 376 41.73 59.02 -25.86
C ARG E 376 41.79 57.55 -25.45
N ARG E 377 42.83 56.83 -25.89
CA ARG E 377 42.96 55.44 -25.47
C ARG E 377 43.30 55.35 -24.00
N LEU E 378 44.07 56.33 -23.49
CA LEU E 378 44.35 56.36 -22.06
C LEU E 378 43.07 56.49 -21.28
N ILE E 379 42.10 57.28 -21.78
CA ILE E 379 40.82 57.40 -21.08
C ILE E 379 40.07 56.08 -21.10
N HIS E 380 40.09 55.38 -22.25
CA HIS E 380 39.38 54.09 -22.27
C HIS E 380 39.95 53.14 -21.22
N ILE E 381 41.27 53.15 -21.04
CA ILE E 381 41.84 52.25 -20.04
C ILE E 381 41.63 52.77 -18.61
N ALA E 382 41.75 54.09 -18.41
CA ALA E 382 41.67 54.67 -17.07
C ALA E 382 40.26 54.59 -16.49
N VAL E 383 39.23 54.66 -17.32
CA VAL E 383 37.87 54.69 -16.78
C VAL E 383 37.41 53.27 -16.49
N LEU E 384 37.75 52.33 -17.37
CA LEU E 384 37.26 50.96 -17.30
C LEU E 384 38.03 50.07 -16.34
N CYS E 385 39.24 50.43 -15.94
CA CYS E 385 40.07 49.57 -15.11
C CYS E 385 39.94 49.91 -13.62
N ASN E 386 38.71 50.00 -13.14
CA ASN E 386 38.45 50.29 -11.74
C ASN E 386 37.03 49.90 -11.39
N ASP E 387 36.77 49.77 -10.09
CA ASP E 387 35.48 49.35 -9.56
C ASP E 387 34.78 50.47 -8.80
N SER E 388 35.24 51.70 -8.95
CA SER E 388 34.66 52.84 -8.25
C SER E 388 33.39 53.34 -8.93
N ASN E 389 32.53 53.98 -8.13
CA ASN E 389 31.28 54.50 -8.65
C ASN E 389 30.87 55.74 -7.85
N ILE E 390 30.10 56.61 -8.49
CA ILE E 390 29.51 57.80 -7.88
C ILE E 390 28.06 57.91 -8.30
N ASN E 391 27.17 58.06 -7.32
CA ASN E 391 25.73 58.15 -7.56
C ASN E 391 25.36 59.59 -7.92
N SER E 392 24.05 59.86 -8.04
CA SER E 392 23.60 61.19 -8.42
C SER E 392 23.84 62.21 -7.31
N GLU E 393 23.67 61.80 -6.05
CA GLU E 393 23.91 62.73 -4.95
C GLU E 393 25.40 63.03 -4.79
N GLY E 394 26.26 62.08 -5.14
CA GLY E 394 27.69 62.26 -5.02
C GLY E 394 28.37 61.42 -3.98
N LYS E 395 27.69 60.43 -3.40
CA LYS E 395 28.29 59.56 -2.41
C LYS E 395 29.22 58.57 -3.11
N GLU E 396 30.46 58.48 -2.62
CA GLU E 396 31.47 57.62 -3.23
C GLU E 396 31.49 56.24 -2.58
N LEU E 397 31.52 55.20 -3.41
CA LEU E 397 31.63 53.83 -2.95
C LEU E 397 32.72 53.18 -3.78
N GLY E 398 33.78 52.73 -3.13
CA GLY E 398 34.92 52.16 -3.80
C GLY E 398 36.21 52.76 -3.29
N ASP E 399 37.32 52.29 -3.87
CA ASP E 399 38.64 52.76 -3.47
C ASP E 399 38.80 54.23 -3.81
N PRO E 400 39.29 55.06 -2.88
CA PRO E 400 39.52 56.48 -3.20
C PRO E 400 40.53 56.68 -4.32
N THR E 401 41.44 55.74 -4.53
CA THR E 401 42.37 55.79 -5.66
C THR E 401 41.62 55.67 -6.99
N GLU E 402 40.63 54.79 -7.04
CA GLU E 402 39.90 54.56 -8.29
C GLU E 402 38.94 55.68 -8.62
N VAL E 403 38.33 56.32 -7.61
CA VAL E 403 37.40 57.41 -7.85
C VAL E 403 38.10 58.62 -8.46
N ALA E 404 39.42 58.75 -8.26
CA ALA E 404 40.13 59.89 -8.81
C ALA E 404 40.08 59.91 -10.33
N LEU E 405 40.07 58.73 -10.94
CA LEU E 405 40.07 58.64 -12.40
C LEU E 405 38.70 59.01 -12.97
N ILE E 406 37.63 58.52 -12.36
CA ILE E 406 36.30 58.84 -12.86
C ILE E 406 35.96 60.30 -12.59
N ALA E 407 36.47 60.86 -11.49
CA ALA E 407 36.27 62.29 -11.25
C ALA E 407 37.06 63.13 -12.25
N PHE E 408 38.23 62.65 -12.68
CA PHE E 408 39.01 63.35 -13.68
C PHE E 408 38.28 63.36 -15.02
N SER E 409 37.72 62.22 -15.41
CA SER E 409 36.98 62.14 -16.66
C SER E 409 35.71 62.99 -16.59
N ASN E 410 34.99 62.94 -15.47
CA ASN E 410 33.80 63.77 -15.33
C ASN E 410 34.16 65.26 -15.34
N LYS E 411 35.36 65.61 -14.88
CA LYS E 411 35.77 67.01 -14.96
C LYS E 411 35.98 67.40 -16.42
N ASN E 412 36.36 66.44 -17.28
CA ASN E 412 36.53 66.76 -18.71
C ASN E 412 35.28 66.45 -19.53
N ASN E 413 34.08 66.60 -18.96
CA ASN E 413 32.80 66.46 -19.64
C ASN E 413 32.59 65.05 -20.20
N GLN E 414 33.42 64.09 -19.81
CA GLN E 414 33.28 62.70 -20.24
C GLN E 414 32.80 61.88 -19.06
N ASP E 415 31.49 61.67 -18.99
CA ASP E 415 30.89 60.89 -17.91
C ASP E 415 31.41 59.46 -17.94
N TYR E 416 31.95 58.99 -16.82
CA TYR E 416 32.47 57.63 -16.73
C TYR E 416 31.35 56.59 -16.82
N ASN E 417 30.13 56.95 -16.40
CA ASN E 417 29.01 56.02 -16.46
C ASN E 417 28.66 55.65 -17.89
N GLU E 418 28.83 56.58 -18.83
CA GLU E 418 28.52 56.27 -20.23
C GLU E 418 29.41 55.16 -20.76
N ILE E 419 30.66 55.09 -20.29
CA ILE E 419 31.58 54.03 -20.67
C ILE E 419 31.31 52.75 -19.89
N ARG E 420 30.81 52.86 -18.66
CA ARG E 420 30.56 51.65 -17.86
C ARG E 420 29.39 50.82 -18.39
N GLU E 421 28.42 51.41 -19.08
CA GLU E 421 27.22 50.67 -19.49
C GLU E 421 27.43 49.75 -20.68
N LYS E 422 28.36 50.05 -21.58
CA LYS E 422 28.43 49.20 -22.78
C LYS E 422 29.13 47.87 -22.53
N PHE E 423 30.25 47.87 -21.81
CA PHE E 423 31.02 46.64 -21.55
C PHE E 423 31.15 46.38 -20.06
N ILE E 424 30.74 45.19 -19.63
CA ILE E 424 30.79 44.82 -18.21
C ILE E 424 32.11 44.11 -17.95
N ARG E 425 32.54 44.13 -16.70
CA ARG E 425 33.87 43.65 -16.35
C ARG E 425 33.89 42.14 -16.08
N GLU E 426 34.76 41.45 -16.82
CA GLU E 426 34.98 40.02 -16.73
C GLU E 426 36.42 39.76 -16.27
N GLY E 427 36.69 38.50 -15.94
CA GLY E 427 38.02 38.09 -15.52
C GLY E 427 38.63 38.78 -14.32
N GLU E 428 37.92 38.82 -13.19
CA GLU E 428 38.43 39.47 -11.97
C GLU E 428 38.09 38.55 -10.81
N ILE E 429 39.12 38.10 -10.10
CA ILE E 429 38.90 37.33 -8.87
C ILE E 429 39.67 37.93 -7.70
N PRO E 430 38.98 38.46 -6.68
CA PRO E 430 39.63 39.05 -5.49
C PRO E 430 40.06 37.99 -4.47
N PHE E 431 41.10 37.23 -4.80
CA PHE E 431 41.60 36.20 -3.90
C PHE E 431 42.48 36.81 -2.81
N ASP E 432 42.19 36.47 -1.55
CA ASP E 432 42.92 37.01 -0.41
C ASP E 432 44.43 36.82 -0.58
N SER E 433 45.18 37.88 -0.30
CA SER E 433 46.64 37.96 -0.41
C SER E 433 47.03 39.43 -0.25
N ASP E 434 48.32 39.66 0.02
CA ASP E 434 48.85 41.02 0.16
C ASP E 434 49.06 41.73 -1.18
N ARG E 435 49.06 41.00 -2.29
CA ARG E 435 49.24 41.60 -3.61
C ARG E 435 48.06 41.22 -4.50
N LYS E 436 47.10 42.14 -4.61
CA LYS E 436 45.88 41.89 -5.37
C LYS E 436 46.07 42.33 -6.82
N LEU E 437 45.91 41.40 -7.76
CA LEU E 437 46.18 41.72 -9.15
C LEU E 437 45.16 42.74 -9.64
N MET E 438 45.61 43.70 -10.44
CA MET E 438 44.67 44.66 -11.00
C MET E 438 44.53 44.47 -12.50
N SER E 439 44.00 43.33 -12.91
CA SER E 439 43.83 43.01 -14.32
C SER E 439 42.38 42.58 -14.54
N THR E 440 41.79 43.08 -15.62
CA THR E 440 40.39 42.89 -15.97
C THR E 440 40.29 42.42 -17.42
N LEU E 441 39.26 41.65 -17.73
CA LEU E 441 39.06 41.14 -19.08
C LEU E 441 37.83 41.80 -19.71
N HIS E 442 38.02 42.40 -20.90
CA HIS E 442 36.94 43.09 -21.60
C HIS E 442 37.03 42.80 -23.09
N THR E 443 35.88 42.74 -23.74
CA THR E 443 35.81 42.53 -25.18
C THR E 443 35.41 43.85 -25.83
N PHE E 444 36.32 44.48 -26.57
CA PHE E 444 35.94 45.73 -27.23
C PHE E 444 35.46 45.53 -28.66
N ASN E 445 36.23 44.83 -29.48
CA ASN E 445 35.81 44.60 -30.86
C ASN E 445 36.23 43.21 -31.31
N GLU E 446 35.25 42.31 -31.38
CA GLU E 446 35.35 40.96 -31.94
C GLU E 446 36.49 40.10 -31.37
N ASN E 447 37.04 40.49 -30.22
CA ASN E 447 38.10 39.71 -29.57
C ASN E 447 38.27 40.13 -28.12
N LYS E 448 38.16 39.17 -27.21
CA LYS E 448 38.50 39.38 -25.80
C LYS E 448 39.91 39.95 -25.66
N ALA E 449 40.05 40.93 -24.76
CA ALA E 449 41.32 41.58 -24.44
C ALA E 449 41.45 41.68 -22.93
N MET E 450 42.69 41.75 -22.44
CA MET E 450 42.94 41.89 -21.00
C MET E 450 43.54 43.27 -20.72
N LEU E 451 42.76 44.10 -20.04
CA LEU E 451 43.20 45.43 -19.65
C LEU E 451 43.78 45.35 -18.24
N THR E 452 44.79 46.17 -17.98
CA THR E 452 45.51 46.04 -16.73
C THR E 452 46.11 47.39 -16.33
N LYS E 453 46.13 47.63 -15.02
CA LYS E 453 46.73 48.82 -14.46
C LYS E 453 47.46 48.43 -13.19
N GLY E 454 48.47 49.20 -12.82
CA GLY E 454 49.12 48.89 -11.57
C GLY E 454 50.42 49.63 -11.37
N GLY E 455 51.08 49.24 -10.27
CA GLY E 455 52.33 49.81 -9.83
C GLY E 455 53.45 49.49 -10.79
N PRO E 456 54.49 50.33 -10.80
CA PRO E 456 55.56 50.14 -11.79
C PRO E 456 56.34 48.85 -11.61
N ASP E 457 56.48 48.38 -10.36
CA ASP E 457 57.32 47.21 -10.08
C ASP E 457 56.80 45.95 -10.76
N VAL E 458 55.50 45.67 -10.62
CA VAL E 458 54.93 44.47 -11.25
C VAL E 458 54.49 44.71 -12.69
N MET E 459 54.35 45.97 -13.12
CA MET E 459 53.92 46.23 -14.49
C MET E 459 55.07 46.20 -15.49
N PHE E 460 56.27 46.66 -15.09
CA PHE E 460 57.36 46.75 -16.07
C PHE E 460 57.81 45.37 -16.56
N ALA E 461 57.67 44.34 -15.73
CA ALA E 461 58.07 42.99 -16.09
C ALA E 461 57.09 42.29 -17.02
N ARG E 462 55.89 42.83 -17.19
CA ARG E 462 54.83 42.17 -17.94
C ARG E 462 54.44 42.88 -19.23
N CYS E 463 55.09 43.99 -19.57
CA CYS E 463 54.82 44.73 -20.80
C CYS E 463 55.87 44.39 -21.84
N SER E 464 55.43 43.98 -23.04
CA SER E 464 56.37 43.64 -24.10
C SER E 464 56.29 44.52 -25.34
N TYR E 465 55.36 45.47 -25.41
CA TYR E 465 55.37 46.49 -26.46
C TYR E 465 54.68 47.75 -25.93
N VAL E 466 54.97 48.86 -26.60
CA VAL E 466 54.43 50.17 -26.27
C VAL E 466 53.66 50.68 -27.50
N PHE E 467 52.84 51.72 -27.29
CA PHE E 467 51.95 52.24 -28.32
C PHE E 467 52.59 53.45 -29.00
N LEU E 468 53.36 53.20 -30.04
CA LEU E 468 53.94 54.23 -30.90
C LEU E 468 53.46 54.01 -32.35
N ASP E 469 52.29 54.56 -32.68
CA ASP E 469 51.69 54.52 -34.02
C ASP E 469 51.53 53.10 -34.58
N GLY E 470 51.59 52.09 -33.74
CA GLY E 470 51.34 50.73 -34.17
C GLY E 470 52.04 49.74 -33.24
N GLU E 471 52.55 48.66 -33.83
CA GLU E 471 53.28 47.66 -33.06
C GLU E 471 54.75 47.96 -33.27
N GLU E 472 55.37 48.53 -32.25
CA GLU E 472 56.75 48.96 -32.27
C GLU E 472 57.36 48.36 -31.02
N LYS E 473 58.48 47.70 -31.18
CA LYS E 473 59.01 47.06 -30.00
C LYS E 473 59.63 48.09 -29.07
N PRO E 474 59.51 47.91 -27.75
CA PRO E 474 60.06 48.90 -26.83
C PRO E 474 61.54 48.64 -26.62
N MET E 475 62.34 49.69 -26.69
CA MET E 475 63.76 49.58 -26.44
C MET E 475 64.01 49.82 -24.95
N THR E 476 64.62 48.83 -24.29
CA THR E 476 64.92 48.97 -22.87
C THR E 476 65.56 50.31 -22.57
N GLU E 477 66.33 50.85 -23.50
CA GLU E 477 66.95 52.16 -23.38
C GLU E 477 66.00 53.26 -23.84
N GLU E 478 65.63 54.16 -22.93
CA GLU E 478 64.84 55.37 -23.17
C GLU E 478 63.34 55.11 -23.16
N ILE E 479 62.91 53.86 -22.95
CA ILE E 479 61.50 53.54 -22.79
C ILE E 479 61.25 52.92 -21.41
N LEU E 480 61.97 51.85 -21.10
CA LEU E 480 61.82 51.29 -19.75
C LEU E 480 62.49 52.21 -18.74
N ALA E 481 63.67 52.72 -19.10
CA ALA E 481 64.36 53.68 -18.26
C ALA E 481 63.60 54.99 -18.21
N LYS E 482 62.96 55.38 -19.33
CA LYS E 482 62.10 56.57 -19.30
C LYS E 482 60.86 56.34 -18.44
N LEU E 483 60.37 55.10 -18.41
CA LEU E 483 59.28 54.78 -17.50
C LEU E 483 59.70 55.02 -16.07
N LYS E 484 60.89 54.54 -15.69
CA LYS E 484 61.37 54.86 -14.36
C LYS E 484 61.75 56.33 -14.22
N GLU E 485 62.08 57.01 -15.31
CA GLU E 485 62.39 58.44 -15.23
C GLU E 485 61.16 59.22 -14.76
N THR E 486 60.01 58.92 -15.33
CA THR E 486 58.78 59.61 -14.91
C THR E 486 58.27 59.06 -13.59
N ASN E 487 58.56 57.79 -13.29
CA ASN E 487 58.16 57.20 -12.01
C ASN E 487 58.94 57.83 -10.86
N GLU E 488 60.26 57.92 -11.00
CA GLU E 488 61.08 58.55 -9.97
C GLU E 488 60.85 60.05 -9.90
N GLU E 489 60.48 60.68 -11.02
CA GLU E 489 60.08 62.08 -10.96
C GLU E 489 58.78 62.25 -10.17
N PHE E 490 57.84 61.30 -10.32
CA PHE E 490 56.63 61.33 -9.51
C PHE E 490 56.93 61.04 -8.04
N SER E 491 57.86 60.11 -7.78
CA SER E 491 58.24 59.81 -6.41
C SER E 491 58.93 61.00 -5.77
N ASN E 492 59.68 61.79 -6.56
CA ASN E 492 60.24 63.02 -6.04
C ASN E 492 59.15 64.03 -5.73
N GLN E 493 57.98 63.90 -6.36
CA GLN E 493 56.83 64.74 -6.08
C GLN E 493 55.80 64.03 -5.20
N ALA E 494 56.14 62.87 -4.65
CA ALA E 494 55.27 62.09 -3.77
C ALA E 494 53.94 61.77 -4.45
N LEU E 495 54.02 61.09 -5.59
CA LEU E 495 52.86 60.73 -6.39
C LEU E 495 52.79 59.21 -6.55
N ARG E 496 51.62 58.64 -6.27
CA ARG E 496 51.40 57.22 -6.52
C ARG E 496 51.22 57.00 -8.01
N VAL E 497 52.07 56.17 -8.60
CA VAL E 497 52.13 56.02 -10.04
C VAL E 497 51.38 54.75 -10.45
N LEU E 498 50.62 54.86 -11.53
CA LEU E 498 49.96 53.72 -12.14
C LEU E 498 50.20 53.76 -13.64
N ALA E 499 50.51 52.58 -14.18
CA ALA E 499 50.69 52.38 -15.61
C ALA E 499 49.49 51.61 -16.14
N TYR E 500 49.07 51.94 -17.37
CA TYR E 500 47.85 51.37 -17.95
C TYR E 500 48.15 50.63 -19.26
N GLY E 501 47.28 49.68 -19.59
CA GLY E 501 47.47 48.91 -20.81
C GLY E 501 46.32 47.94 -21.04
N TYR E 502 46.45 47.19 -22.15
CA TYR E 502 45.50 46.17 -22.56
C TYR E 502 46.29 45.02 -23.20
N LYS E 503 45.61 43.94 -23.55
CA LYS E 503 46.34 42.79 -24.09
C LYS E 503 45.45 41.88 -24.93
N ARG E 504 45.95 41.43 -26.07
CA ARG E 504 45.23 40.52 -26.95
C ARG E 504 45.20 39.11 -26.37
N MET E 505 44.08 38.73 -25.73
CA MET E 505 43.86 37.38 -25.22
C MET E 505 42.99 36.55 -26.17
N PRO E 506 42.99 35.22 -26.04
CA PRO E 506 42.10 34.38 -26.86
C PRO E 506 40.65 34.39 -26.36
N ALA E 507 39.72 34.65 -27.29
CA ALA E 507 38.29 34.77 -27.00
C ALA E 507 37.60 33.51 -26.49
N ASP E 508 38.33 32.44 -26.16
CA ASP E 508 37.68 31.21 -25.71
C ASP E 508 37.66 31.04 -24.21
N THR E 509 38.40 31.86 -23.47
CA THR E 509 38.50 31.71 -22.02
C THR E 509 37.26 32.27 -21.34
N THR E 510 36.82 31.59 -20.28
CA THR E 510 35.74 32.09 -19.48
C THR E 510 36.16 32.41 -18.06
N GLU E 511 37.40 32.09 -17.69
CA GLU E 511 37.94 32.39 -16.38
C GLU E 511 39.42 32.69 -16.53
N LEU E 512 39.97 33.41 -15.56
CA LEU E 512 41.40 33.72 -15.58
C LEU E 512 42.17 32.85 -14.59
N LYS E 513 43.45 32.65 -14.92
CA LYS E 513 44.44 31.93 -14.13
C LYS E 513 45.56 32.89 -13.78
N LEU E 514 46.43 32.49 -12.85
CA LEU E 514 47.51 33.38 -12.42
C LEU E 514 48.62 33.50 -13.47
N GLU E 515 48.51 32.76 -14.56
CA GLU E 515 49.53 32.75 -15.61
C GLU E 515 49.13 33.61 -16.81
N ASP E 516 48.03 34.36 -16.72
CA ASP E 516 47.54 35.16 -17.84
C ASP E 516 47.97 36.62 -17.76
N GLU E 517 49.09 36.92 -17.13
CA GLU E 517 49.52 38.30 -16.96
C GLU E 517 50.77 38.66 -17.76
N GLN E 518 51.02 37.98 -18.86
CA GLN E 518 52.17 38.27 -19.70
C GLN E 518 51.70 38.81 -21.05
N ASP E 519 52.68 39.22 -21.86
CA ASP E 519 52.47 39.86 -23.16
C ASP E 519 51.40 40.95 -23.08
N ILE E 520 51.68 41.96 -22.24
CA ILE E 520 50.81 43.12 -22.04
C ILE E 520 51.32 44.30 -22.86
N VAL E 521 50.38 45.15 -23.31
CA VAL E 521 50.69 46.37 -24.05
C VAL E 521 50.74 47.52 -23.05
N LEU E 522 51.52 48.57 -23.34
CA LEU E 522 51.64 49.71 -22.45
C LEU E 522 51.21 50.98 -23.17
N VAL E 523 50.44 51.82 -22.48
CA VAL E 523 49.96 53.07 -23.06
C VAL E 523 50.61 54.27 -22.39
N GLY E 524 50.27 54.51 -21.12
CA GLY E 524 50.77 55.69 -20.43
C GLY E 524 50.74 55.56 -18.92
N LEU E 525 51.13 56.66 -18.27
CA LEU E 525 51.25 56.75 -16.82
C LEU E 525 50.39 57.88 -16.26
N THR E 526 50.04 57.74 -14.97
CA THR E 526 49.26 58.75 -14.27
C THR E 526 49.84 59.02 -12.89
N ALA E 527 49.42 60.14 -12.30
CA ALA E 527 49.87 60.55 -10.98
C ALA E 527 48.67 61.07 -10.19
N MET E 528 48.48 60.54 -8.98
CA MET E 528 47.34 60.88 -8.14
C MET E 528 47.83 61.42 -6.82
N ILE E 529 47.10 62.38 -6.26
CA ILE E 529 47.44 62.97 -4.98
C ILE E 529 46.17 63.45 -4.29
N ASP E 530 46.30 63.78 -3.02
CA ASP E 530 45.28 64.50 -2.27
C ASP E 530 45.49 65.99 -2.49
N PRO E 531 44.72 66.64 -3.36
CA PRO E 531 45.04 68.02 -3.72
C PRO E 531 44.59 68.98 -2.64
N PRO E 532 45.30 70.08 -2.46
CA PRO E 532 44.87 71.11 -1.51
C PRO E 532 43.66 71.86 -2.03
N ARG E 533 43.02 72.61 -1.14
CA ARG E 533 41.88 73.41 -1.55
C ARG E 533 42.35 74.59 -2.40
N GLU E 534 41.46 75.07 -3.28
CA GLU E 534 41.84 76.10 -4.23
C GLU E 534 42.12 77.44 -3.56
N ALA E 535 41.41 77.77 -2.48
CA ALA E 535 41.57 79.07 -1.84
C ALA E 535 42.77 79.14 -0.91
N VAL E 536 43.50 78.03 -0.72
CA VAL E 536 44.60 78.01 0.23
C VAL E 536 45.77 78.87 -0.29
N TYR E 537 46.05 78.78 -1.58
CA TYR E 537 47.20 79.47 -2.16
C TYR E 537 47.13 80.97 -1.90
N ALA E 538 45.97 81.57 -2.13
CA ALA E 538 45.82 83.00 -1.90
C ALA E 538 45.83 83.34 -0.42
N SER E 539 45.35 82.45 0.44
CA SER E 539 45.29 82.78 1.86
C SER E 539 46.67 82.90 2.48
N ILE E 540 47.61 82.02 2.10
CA ILE E 540 48.92 82.05 2.73
C ILE E 540 49.67 83.32 2.33
N GLU E 541 49.54 83.73 1.06
CA GLU E 541 50.14 84.98 0.66
C GLU E 541 49.51 86.14 1.43
N GLU E 542 48.22 86.04 1.74
CA GLU E 542 47.57 87.09 2.52
C GLU E 542 48.20 87.19 3.90
N SER E 543 48.56 86.03 4.49
CA SER E 543 49.21 86.05 5.78
C SER E 543 50.61 86.62 5.65
N LYS E 544 51.23 86.47 4.47
CA LYS E 544 52.50 87.14 4.19
C LYS E 544 52.31 88.65 4.20
N LYS E 545 51.20 89.14 3.62
CA LYS E 545 50.98 90.57 3.57
C LYS E 545 50.82 91.17 4.96
N ALA E 546 50.32 90.40 5.91
CA ALA E 546 50.16 90.84 7.29
C ALA E 546 51.32 90.45 8.19
N GLY E 547 52.38 89.84 7.65
CA GLY E 547 53.50 89.44 8.48
C GLY E 547 53.20 88.27 9.40
N ILE E 548 52.45 87.29 8.91
CA ILE E 548 52.04 86.13 9.71
C ILE E 548 52.68 84.88 9.12
N ARG E 549 53.35 84.11 9.95
CA ARG E 549 53.94 82.85 9.52
C ARG E 549 52.90 81.74 9.56
N THR E 550 52.87 80.94 8.50
CA THR E 550 51.99 79.78 8.39
C THR E 550 52.87 78.53 8.50
N VAL E 551 52.53 77.66 9.43
CA VAL E 551 53.30 76.46 9.69
C VAL E 551 52.41 75.26 9.45
N MET E 552 52.94 74.24 8.81
CA MET E 552 52.21 73.02 8.48
C MET E 552 52.66 71.91 9.42
N ILE E 553 51.73 71.35 10.19
CA ILE E 553 52.03 70.26 11.11
C ILE E 553 51.09 69.10 10.76
N THR E 554 51.62 68.08 10.08
CA THR E 554 50.82 66.96 9.61
C THR E 554 51.42 65.64 10.06
N GLY E 555 50.57 64.62 10.10
CA GLY E 555 50.97 63.26 10.38
C GLY E 555 51.26 62.43 9.16
N ASP E 556 51.31 63.04 7.98
CA ASP E 556 51.60 62.35 6.74
C ASP E 556 53.11 62.20 6.55
N HIS E 557 53.49 61.46 5.50
CA HIS E 557 54.89 61.15 5.24
C HIS E 557 55.66 62.43 4.91
N LYS E 558 56.98 62.36 5.14
CA LYS E 558 57.83 63.52 4.91
C LYS E 558 57.82 63.93 3.43
N THR E 559 57.82 62.95 2.53
CA THR E 559 57.82 63.25 1.10
C THR E 559 56.54 63.99 0.69
N THR E 560 55.39 63.49 1.14
CA THR E 560 54.12 64.14 0.80
C THR E 560 54.00 65.50 1.46
N ALA E 561 54.40 65.61 2.73
CA ALA E 561 54.35 66.87 3.45
C ALA E 561 55.34 67.89 2.92
N GLN E 562 56.34 67.44 2.15
CA GLN E 562 57.30 68.34 1.51
C GLN E 562 56.89 68.73 0.09
N ALA E 563 56.20 67.84 -0.63
CA ALA E 563 55.75 68.19 -1.97
C ALA E 563 54.80 69.37 -1.96
N ILE E 564 53.68 69.25 -1.25
CA ILE E 564 52.85 70.42 -0.99
C ILE E 564 53.52 71.30 0.07
N GLY E 565 53.31 72.60 -0.04
CA GLY E 565 54.02 73.53 0.82
C GLY E 565 55.23 74.18 0.17
N ARG E 566 55.97 73.43 -0.63
CA ARG E 566 56.98 74.08 -1.47
C ARG E 566 56.30 74.76 -2.66
N ASP E 567 55.14 74.27 -3.07
CA ASP E 567 54.39 74.86 -4.17
C ASP E 567 53.52 76.03 -3.72
N ILE E 568 53.01 75.99 -2.48
CA ILE E 568 52.13 77.04 -1.99
C ILE E 568 52.90 78.17 -1.30
N GLY E 569 54.21 78.04 -1.18
CA GLY E 569 55.03 79.12 -0.67
C GLY E 569 55.44 79.04 0.78
N LEU E 570 55.71 77.83 1.28
CA LEU E 570 56.20 77.64 2.64
C LEU E 570 57.64 77.16 2.70
N MET E 571 58.07 76.38 1.71
CA MET E 571 59.39 75.79 1.65
C MET E 571 60.10 76.19 0.37
N ASP E 572 61.37 76.54 0.49
CA ASP E 572 62.11 76.71 -0.74
C ASP E 572 62.62 75.36 -1.25
N ALA E 573 63.08 75.37 -2.50
CA ALA E 573 63.67 74.21 -3.16
C ALA E 573 64.64 73.46 -2.25
N ASP E 574 64.43 72.15 -2.10
CA ASP E 574 65.33 71.27 -1.36
C ASP E 574 65.43 71.62 0.12
N ASP E 575 64.31 72.03 0.71
CA ASP E 575 64.22 72.22 2.15
C ASP E 575 63.73 70.93 2.81
N ILE E 576 64.26 70.63 4.00
CA ILE E 576 63.91 69.42 4.73
C ILE E 576 62.89 69.76 5.81
N ALA E 577 61.99 68.82 6.07
CA ALA E 577 60.97 68.95 7.09
C ALA E 577 61.32 68.05 8.27
N LEU E 578 61.01 68.53 9.47
CA LEU E 578 61.27 67.75 10.66
C LEU E 578 60.27 66.61 10.78
N THR E 579 60.71 65.53 11.41
CA THR E 579 59.88 64.35 11.61
C THR E 579 59.55 64.20 13.09
N GLY E 580 58.46 63.47 13.35
CA GLY E 580 58.10 63.21 14.73
C GLY E 580 59.18 62.48 15.48
N GLN E 581 59.89 61.58 14.81
CA GLN E 581 61.02 60.89 15.43
C GLN E 581 62.13 61.88 15.77
N GLU E 582 62.52 62.71 14.80
CA GLU E 582 63.56 63.71 15.05
C GLU E 582 63.09 64.77 16.03
N LEU E 583 61.78 65.04 16.08
CA LEU E 583 61.27 66.04 17.01
C LEU E 583 61.21 65.49 18.45
N ASP E 584 60.81 64.23 18.61
CA ASP E 584 60.76 63.62 19.93
C ASP E 584 62.14 63.47 20.56
N ALA E 585 63.18 63.41 19.73
CA ALA E 585 64.54 63.32 20.24
C ALA E 585 65.11 64.67 20.65
N MET E 586 64.46 65.78 20.27
CA MET E 586 64.96 67.11 20.63
C MET E 586 64.38 67.56 21.96
N PRO E 587 65.21 68.03 22.90
CA PRO E 587 64.66 68.63 24.12
C PRO E 587 64.01 69.97 23.83
N GLU E 588 63.31 70.49 24.84
CA GLU E 588 62.59 71.75 24.68
C GLU E 588 63.53 72.93 24.53
N GLU E 589 64.66 72.92 25.24
CA GLU E 589 65.62 74.02 25.14
C GLU E 589 66.25 74.06 23.76
N GLU E 590 66.50 72.89 23.16
CA GLU E 590 67.02 72.84 21.79
C GLU E 590 65.97 73.30 20.78
N LEU E 591 64.70 72.99 21.03
CA LEU E 591 63.63 73.39 20.11
C LEU E 591 63.37 74.88 20.15
N ASP E 592 63.49 75.53 21.31
CA ASP E 592 63.19 76.96 21.40
C ASP E 592 64.06 77.79 20.46
N LYS E 593 65.32 77.40 20.30
CA LYS E 593 66.23 78.08 19.40
C LYS E 593 66.16 77.55 17.96
N LYS E 594 65.59 76.36 17.75
CA LYS E 594 65.44 75.79 16.42
C LYS E 594 64.03 75.92 15.85
N LEU E 595 63.14 76.65 16.54
CA LEU E 595 61.73 76.68 16.14
C LEU E 595 61.48 77.55 14.91
N GLU E 596 62.22 78.63 14.77
CA GLU E 596 61.93 79.73 13.87
C GLU E 596 62.47 79.59 12.43
N HIS E 597 63.02 78.44 12.05
CA HIS E 597 63.56 78.27 10.70
C HIS E 597 62.97 77.11 9.95
N ILE E 598 62.31 76.20 10.65
CA ILE E 598 61.60 75.14 9.97
C ILE E 598 60.19 75.67 9.80
N ALA E 599 59.69 75.63 8.57
CA ALA E 599 58.34 76.06 8.22
C ALA E 599 57.34 74.91 8.23
N VAL E 600 57.81 73.66 8.21
CA VAL E 600 56.95 72.48 8.06
C VAL E 600 57.38 71.39 9.01
N TYR E 601 56.39 70.77 9.68
CA TYR E 601 56.53 69.52 10.41
C TYR E 601 55.85 68.39 9.66
N ALA E 602 56.51 67.23 9.60
CA ALA E 602 56.01 66.08 8.88
C ALA E 602 56.03 64.86 9.79
N ARG E 603 55.05 63.97 9.63
CA ARG E 603 54.99 62.70 10.36
C ARG E 603 55.11 62.94 11.87
N VAL E 604 54.17 63.72 12.41
CA VAL E 604 54.18 64.12 13.81
C VAL E 604 53.08 63.40 14.58
N SER E 605 53.30 63.28 15.89
CA SER E 605 52.39 62.69 16.87
C SER E 605 51.47 63.75 17.47
N PRO E 606 50.37 63.34 18.12
CA PRO E 606 49.50 64.34 18.76
C PRO E 606 50.21 65.20 19.80
N GLU E 607 51.26 64.69 20.46
CA GLU E 607 51.99 65.55 21.38
C GLU E 607 52.85 66.55 20.63
N ASN E 608 53.20 66.27 19.37
CA ASN E 608 54.06 67.17 18.63
C ASN E 608 53.35 68.48 18.29
N LYS E 609 52.06 68.40 17.96
CA LYS E 609 51.33 69.62 17.61
C LYS E 609 51.17 70.52 18.82
N ILE E 610 50.75 69.97 19.95
CA ILE E 610 50.60 70.78 21.15
C ILE E 610 51.95 71.29 21.63
N ARG E 611 53.02 70.52 21.40
CA ARG E 611 54.35 70.96 21.78
C ARG E 611 54.81 72.14 20.92
N ILE E 612 54.53 72.08 19.62
CA ILE E 612 54.91 73.20 18.76
C ILE E 612 54.10 74.44 19.10
N VAL E 613 52.80 74.28 19.36
CA VAL E 613 51.99 75.44 19.68
C VAL E 613 52.47 76.05 21.00
N LYS E 614 52.82 75.21 21.98
CA LYS E 614 53.39 75.71 23.22
C LYS E 614 54.72 76.41 22.98
N ALA E 615 55.53 75.90 22.06
CA ALA E 615 56.83 76.52 21.79
C ALA E 615 56.65 77.90 21.15
N TRP E 616 55.71 78.01 20.21
CA TRP E 616 55.46 79.31 19.59
C TRP E 616 54.81 80.29 20.56
N GLN E 617 53.96 79.80 21.45
CA GLN E 617 53.40 80.69 22.47
C GLN E 617 54.46 81.13 23.46
N LYS E 618 55.48 80.30 23.71
CA LYS E 618 56.56 80.68 24.61
C LYS E 618 57.35 81.86 24.05
N LYS E 619 57.40 82.01 22.73
CA LYS E 619 57.98 83.19 22.11
C LYS E 619 57.12 84.43 22.30
N GLY E 620 55.95 84.31 22.91
CA GLY E 620 55.08 85.44 23.12
C GLY E 620 54.15 85.75 21.97
N LYS E 621 54.01 84.86 21.00
CA LYS E 621 53.19 85.07 19.82
C LYS E 621 51.80 84.48 20.04
N ILE E 622 50.78 85.19 19.56
CA ILE E 622 49.41 84.69 19.59
C ILE E 622 49.24 83.68 18.46
N THR E 623 48.97 82.42 18.82
CA THR E 623 48.95 81.35 17.84
C THR E 623 47.53 80.84 17.59
N ALA E 624 47.27 80.55 16.32
CA ALA E 624 46.05 79.91 15.86
C ALA E 624 46.41 78.52 15.35
N MET E 625 45.55 77.56 15.63
CA MET E 625 45.75 76.18 15.20
C MET E 625 44.51 75.77 14.42
N THR E 626 44.69 75.34 13.17
CA THR E 626 43.58 74.87 12.33
C THR E 626 43.73 73.37 12.10
N GLY E 627 42.64 72.64 12.21
CA GLY E 627 42.71 71.19 12.15
C GLY E 627 41.35 70.55 11.96
N ASP E 628 41.35 69.22 11.78
CA ASP E 628 40.11 68.48 11.51
C ASP E 628 40.01 67.11 12.15
N GLY E 629 40.99 66.67 12.95
CA GLY E 629 40.96 65.32 13.47
C GLY E 629 41.43 65.27 14.91
N VAL E 630 41.40 64.04 15.44
CA VAL E 630 41.65 63.84 16.86
C VAL E 630 43.07 64.21 17.23
N ASN E 631 44.02 64.08 16.29
CA ASN E 631 45.39 64.47 16.60
C ASN E 631 45.53 65.99 16.71
N ASP E 632 44.62 66.75 16.08
CA ASP E 632 44.71 68.20 16.16
C ASP E 632 44.14 68.77 17.44
N ALA E 633 43.38 67.98 18.19
CA ALA E 633 42.69 68.48 19.38
C ALA E 633 43.62 69.07 20.43
N PRO E 634 44.74 68.43 20.81
CA PRO E 634 45.62 69.08 21.80
C PRO E 634 46.10 70.44 21.35
N ALA E 635 46.47 70.57 20.08
CA ALA E 635 46.90 71.86 19.56
C ALA E 635 45.73 72.79 19.34
N LEU E 636 44.54 72.25 19.08
CA LEU E 636 43.36 73.10 18.92
C LEU E 636 42.95 73.73 20.25
N LYS E 637 43.06 72.97 21.35
CA LYS E 637 42.69 73.47 22.65
C LYS E 637 43.78 74.30 23.30
N GLN E 638 45.06 73.95 23.07
CA GLN E 638 46.13 74.70 23.70
C GLN E 638 46.35 76.05 23.02
N ALA E 639 46.06 76.14 21.73
CA ALA E 639 46.33 77.36 20.99
C ALA E 639 45.50 78.52 21.51
N ASP E 640 45.97 79.73 21.20
CA ASP E 640 45.21 80.92 21.56
C ASP E 640 43.89 80.95 20.79
N ILE E 641 43.87 80.43 19.57
CA ILE E 641 42.59 80.32 18.88
C ILE E 641 42.57 79.08 18.00
N GLY E 642 41.61 78.18 18.31
CA GLY E 642 41.47 76.93 17.61
C GLY E 642 40.38 77.05 16.55
N VAL E 643 40.72 76.57 15.36
CA VAL E 643 39.87 76.62 14.18
C VAL E 643 39.68 75.19 13.69
N ALA E 644 38.43 74.75 13.62
CA ALA E 644 38.10 73.41 13.18
C ALA E 644 37.45 73.47 11.80
N MET E 645 37.72 72.43 11.01
CA MET E 645 37.14 72.31 9.69
C MET E 645 35.71 71.79 9.78
N GLY E 646 34.87 72.29 8.87
CA GLY E 646 33.49 71.83 8.84
C GLY E 646 33.35 70.38 8.45
N SER E 647 34.28 69.88 7.63
CA SER E 647 34.32 68.48 7.25
C SER E 647 35.12 67.62 8.22
N GLY E 648 35.55 68.19 9.35
CA GLY E 648 36.32 67.45 10.31
C GLY E 648 35.47 66.64 11.27
N THR E 649 36.16 66.00 12.21
CA THR E 649 35.53 65.17 13.21
C THR E 649 34.85 66.03 14.28
N ASP E 650 33.90 65.43 15.00
CA ASP E 650 33.17 66.17 16.02
C ASP E 650 34.04 66.49 17.23
N VAL E 651 35.03 65.65 17.54
CA VAL E 651 35.91 65.90 18.67
C VAL E 651 36.78 67.14 18.42
N ALA E 652 37.28 67.29 17.20
CA ALA E 652 38.09 68.46 16.88
C ALA E 652 37.25 69.73 16.92
N LYS E 653 35.96 69.63 16.58
CA LYS E 653 35.07 70.78 16.68
C LYS E 653 34.78 71.12 18.14
N ASP E 654 34.64 70.11 19.00
CA ASP E 654 34.39 70.38 20.41
C ASP E 654 35.61 70.97 21.10
N SER E 655 36.81 70.73 20.58
CA SER E 655 38.00 71.29 21.19
C SER E 655 38.38 72.66 20.63
N ALA E 656 37.79 73.09 19.52
CA ALA E 656 38.14 74.35 18.88
C ALA E 656 37.20 75.47 19.32
N ALA E 657 37.59 76.70 19.00
CA ALA E 657 36.80 77.88 19.34
C ALA E 657 36.06 78.49 18.16
N MET E 658 36.53 78.28 16.94
CA MET E 658 35.83 78.73 15.74
C MET E 658 35.74 77.58 14.74
N ILE E 659 34.64 77.55 14.01
CA ILE E 659 34.35 76.48 13.06
C ILE E 659 34.10 77.10 11.68
N LEU E 660 34.82 76.60 10.68
CA LEU E 660 34.60 77.02 9.29
C LEU E 660 33.57 76.10 8.66
N THR E 661 32.31 76.54 8.62
CA THR E 661 31.22 75.68 8.17
C THR E 661 31.36 75.34 6.69
N ASP E 662 31.63 76.33 5.84
CA ASP E 662 31.72 76.13 4.41
C ASP E 662 33.11 75.70 3.95
N ASP E 663 34.02 75.40 4.89
CA ASP E 663 35.38 74.98 4.58
C ASP E 663 36.11 76.02 3.74
N ASN E 664 35.69 77.28 3.85
CA ASN E 664 36.30 78.39 3.12
C ASN E 664 37.58 78.79 3.86
N PHE E 665 38.73 78.41 3.30
CA PHE E 665 39.99 78.69 3.99
C PHE E 665 40.26 80.18 4.05
N VAL E 666 39.82 80.94 3.04
CA VAL E 666 40.05 82.37 3.03
C VAL E 666 39.28 83.07 4.13
N SER E 667 38.38 82.35 4.81
CA SER E 667 37.67 82.93 5.94
C SER E 667 38.60 83.20 7.12
N ILE E 668 39.71 82.46 7.24
CA ILE E 668 40.60 82.68 8.38
C ILE E 668 41.25 84.07 8.30
N VAL E 669 41.91 84.36 7.19
CA VAL E 669 42.56 85.66 7.03
C VAL E 669 41.51 86.77 7.03
N ASP E 670 40.34 86.52 6.43
CA ASP E 670 39.28 87.50 6.48
C ASP E 670 38.93 87.83 7.92
N ALA E 671 38.88 86.80 8.77
CA ALA E 671 38.58 87.04 10.18
C ALA E 671 39.69 87.86 10.81
N VAL E 672 40.94 87.57 10.46
CA VAL E 672 42.05 88.37 10.97
C VAL E 672 41.86 89.82 10.59
N GLY E 673 41.47 90.07 9.34
CA GLY E 673 41.27 91.45 8.91
C GLY E 673 40.20 92.13 9.72
N VAL E 674 39.10 91.43 9.98
CA VAL E 674 38.05 92.01 10.81
C VAL E 674 38.54 92.21 12.23
N GLY E 675 39.27 91.21 12.76
CA GLY E 675 39.68 91.31 14.15
C GLY E 675 40.51 92.53 14.43
N ARG E 676 41.41 92.88 13.52
CA ARG E 676 42.24 94.07 13.73
C ARG E 676 41.36 95.30 13.80
N THR E 677 40.38 95.41 12.91
CA THR E 677 39.52 96.57 12.94
C THR E 677 38.68 96.56 14.20
N VAL E 678 38.30 95.37 14.67
CA VAL E 678 37.54 95.31 15.90
C VAL E 678 38.32 95.97 17.02
N PHE E 679 39.60 95.59 17.17
CA PHE E 679 40.37 96.20 18.24
C PHE E 679 40.54 97.68 17.98
N ASP E 680 40.77 98.05 16.71
CA ASP E 680 40.91 99.45 16.38
C ASP E 680 39.66 100.22 16.78
N ASN E 681 38.48 99.65 16.51
CA ASN E 681 37.28 100.38 16.87
C ASN E 681 37.11 100.41 18.38
N ILE E 682 37.47 99.32 19.06
CA ILE E 682 37.47 99.36 20.52
C ILE E 682 38.48 100.38 21.00
N LYS E 683 39.65 100.41 20.35
CA LYS E 683 40.65 101.41 20.68
C LYS E 683 40.09 102.81 20.53
N LYS E 684 39.23 103.02 19.54
CA LYS E 684 38.62 104.33 19.38
C LYS E 684 37.61 104.59 20.49
N SER E 685 36.74 103.60 20.76
CA SER E 685 35.61 103.85 21.65
C SER E 685 36.07 104.13 23.08
N ILE E 686 36.98 103.31 23.59
CA ILE E 686 37.46 103.53 24.94
C ILE E 686 38.16 104.88 25.04
N ALA E 687 38.89 105.26 23.99
CA ALA E 687 39.53 106.58 24.01
C ALA E 687 38.50 107.69 24.10
N TYR E 688 37.31 107.48 23.53
CA TYR E 688 36.25 108.48 23.65
C TYR E 688 35.67 108.52 25.06
N LEU E 689 35.48 107.36 25.70
CA LEU E 689 34.81 107.36 26.99
C LEU E 689 35.67 108.02 28.05
N PHE E 690 36.94 107.65 28.10
CA PHE E 690 37.80 108.09 29.20
C PHE E 690 38.18 109.56 29.03
N ALA E 691 38.27 110.04 27.80
CA ALA E 691 38.51 111.46 27.59
C ALA E 691 37.40 112.30 28.21
N GLY E 692 36.16 111.81 28.19
CA GLY E 692 35.12 112.52 28.90
C GLY E 692 35.27 112.34 30.40
N ASN E 693 35.66 111.14 30.82
CA ASN E 693 35.86 110.87 32.23
C ASN E 693 37.00 111.73 32.76
N LEU E 694 38.10 111.80 32.01
CA LEU E 694 39.20 112.65 32.40
C LEU E 694 38.74 114.10 32.48
N GLY E 695 37.91 114.53 31.51
CA GLY E 695 37.43 115.89 31.52
C GLY E 695 36.63 116.21 32.76
N ALA E 696 35.91 115.22 33.29
CA ALA E 696 35.15 115.44 34.51
C ALA E 696 36.09 115.57 35.70
N ILE E 697 37.10 114.71 35.76
CA ILE E 697 38.00 114.71 36.92
C ILE E 697 38.67 116.07 37.06
N ILE E 698 39.20 116.60 35.94
CA ILE E 698 39.87 117.89 35.99
C ILE E 698 38.92 118.95 36.49
N ALA E 699 37.64 118.85 36.14
CA ALA E 699 36.68 119.84 36.59
C ALA E 699 36.38 119.66 38.07
N ILE E 700 36.34 118.42 38.54
CA ILE E 700 36.04 118.19 39.95
C ILE E 700 37.22 118.63 40.82
N LEU E 701 38.41 118.17 40.47
CA LEU E 701 39.59 118.51 41.26
C LEU E 701 39.80 120.01 41.29
N PHE E 702 39.58 120.68 40.16
CA PHE E 702 39.72 122.13 40.14
C PHE E 702 38.72 122.77 41.08
N ALA E 703 37.48 122.25 41.10
CA ALA E 703 36.48 122.77 42.03
C ALA E 703 36.87 122.48 43.47
N LEU E 704 37.59 121.39 43.71
CA LEU E 704 37.99 121.09 45.08
C LEU E 704 39.07 122.04 45.55
N VAL E 705 40.15 122.18 44.78
CA VAL E 705 41.29 122.99 45.20
C VAL E 705 40.93 124.46 45.33
N LEU E 706 39.84 124.90 44.70
CA LEU E 706 39.30 126.25 44.85
C LEU E 706 38.05 126.29 45.72
N ASP E 707 37.68 125.17 46.33
CA ASP E 707 36.51 125.09 47.22
C ASP E 707 35.23 125.51 46.51
N TRP E 708 35.06 125.07 45.28
CA TRP E 708 33.82 125.35 44.59
C TRP E 708 32.79 124.29 44.97
N ILE E 709 31.55 124.53 44.58
CA ILE E 709 30.54 123.50 44.79
C ILE E 709 30.84 122.38 43.80
N ASN E 710 30.57 121.16 44.22
CA ASN E 710 30.80 119.99 43.37
C ASN E 710 30.11 120.22 42.04
N PRO E 711 30.84 120.31 40.92
CA PRO E 711 30.19 120.64 39.64
C PRO E 711 29.20 119.60 39.17
N PHE E 712 29.29 118.35 39.65
CA PHE E 712 28.44 117.29 39.15
C PHE E 712 27.66 116.62 40.27
N THR E 713 26.51 116.06 39.90
CA THR E 713 25.68 115.25 40.78
C THR E 713 25.90 113.79 40.44
N ALA E 714 25.69 112.92 41.43
CA ALA E 714 25.83 111.49 41.19
C ALA E 714 24.89 111.02 40.09
N LEU E 715 23.67 111.58 40.06
CA LEU E 715 22.73 111.19 39.01
C LEU E 715 23.22 111.68 37.65
N GLN E 716 23.81 112.87 37.61
CA GLN E 716 24.37 113.37 36.36
C GLN E 716 25.46 112.45 35.85
N LEU E 717 26.37 112.02 36.74
CA LEU E 717 27.48 111.18 36.31
C LEU E 717 26.98 109.82 35.82
N LEU E 718 25.98 109.25 36.51
CA LEU E 718 25.41 107.98 36.03
C LEU E 718 24.73 108.17 34.68
N PHE E 719 24.02 109.28 34.49
CA PHE E 719 23.29 109.52 33.25
C PHE E 719 24.24 109.79 32.08
N ILE E 720 25.34 110.50 32.33
CA ILE E 720 26.29 110.76 31.24
C ILE E 720 27.04 109.50 30.85
N ASN E 721 27.53 108.73 31.83
CA ASN E 721 28.33 107.56 31.46
C ASN E 721 27.49 106.39 30.97
N LEU E 722 26.24 106.28 31.40
CA LEU E 722 25.42 105.12 31.07
C LEU E 722 24.51 105.39 29.88
N VAL E 723 23.83 106.52 29.87
CA VAL E 723 22.85 106.86 28.84
C VAL E 723 23.46 107.72 27.74
N ASN E 724 24.17 108.80 28.13
CA ASN E 724 24.58 109.79 27.15
C ASN E 724 25.78 109.35 26.31
N ASP E 725 26.78 108.73 26.93
CA ASP E 725 27.99 108.36 26.21
C ASP E 725 27.97 106.95 25.65
N SER E 726 26.91 106.17 25.92
CA SER E 726 26.85 104.82 25.38
C SER E 726 26.58 104.81 23.89
N LEU E 727 25.62 105.62 23.44
CA LEU E 727 25.28 105.65 22.01
C LEU E 727 26.43 106.13 21.13
N PRO E 728 27.11 107.26 21.41
CA PRO E 728 28.27 107.62 20.59
C PRO E 728 29.38 106.59 20.59
N ALA E 729 29.63 105.93 21.73
CA ALA E 729 30.67 104.91 21.76
C ALA E 729 30.33 103.73 20.86
N ILE E 730 29.07 103.29 20.86
CA ILE E 730 28.66 102.21 19.97
C ILE E 730 28.82 102.65 18.52
N ALA E 731 28.44 103.90 18.23
CA ALA E 731 28.61 104.42 16.88
C ALA E 731 30.08 104.41 16.46
N LEU E 732 30.97 104.82 17.37
CA LEU E 732 32.40 104.76 17.08
C LEU E 732 32.87 103.32 16.91
N GLY E 733 32.18 102.36 17.53
CA GLY E 733 32.47 100.97 17.29
C GLY E 733 32.08 100.52 15.89
N MET E 734 31.12 101.22 15.26
CA MET E 734 30.78 100.96 13.85
C MET E 734 31.54 101.88 12.90
N GLU E 735 32.85 102.00 13.11
CA GLU E 735 33.68 102.95 12.39
C GLU E 735 34.26 102.33 11.13
N LYS E 736 34.52 103.20 10.14
CA LYS E 736 34.98 102.79 8.83
C LYS E 736 36.26 101.98 8.92
N ALA E 737 36.45 101.08 7.95
CA ALA E 737 37.67 100.28 7.93
C ALA E 737 38.84 101.20 7.65
N GLU E 738 39.94 100.98 8.35
CA GLU E 738 41.09 101.86 8.15
C GLU E 738 41.75 101.54 6.81
N PRO E 739 42.42 102.52 6.19
CA PRO E 739 42.89 102.31 4.81
C PRO E 739 43.88 101.17 4.66
N ASP E 740 44.93 101.16 5.47
CA ASP E 740 46.01 100.17 5.34
C ASP E 740 46.21 99.43 6.66
N VAL E 741 45.22 98.63 7.05
CA VAL E 741 45.35 97.82 8.25
C VAL E 741 46.12 96.52 7.96
N MET E 742 45.96 95.97 6.76
CA MET E 742 46.65 94.74 6.38
C MET E 742 48.08 94.97 5.92
N LYS E 743 48.55 96.22 5.92
CA LYS E 743 49.93 96.51 5.55
C LYS E 743 50.88 96.58 6.75
N ARG E 744 50.36 96.67 7.97
CA ARG E 744 51.22 96.72 9.14
C ARG E 744 51.37 95.33 9.75
N LYS E 745 52.40 95.20 10.57
CA LYS E 745 52.70 93.96 11.26
C LYS E 745 51.80 93.79 12.46
N PRO E 746 51.69 92.57 13.01
CA PRO E 746 50.83 92.36 14.19
C PRO E 746 51.23 93.26 15.34
N ARG E 747 50.23 93.74 16.06
CA ARG E 747 50.45 94.66 17.17
C ARG E 747 51.23 93.99 18.28
N ASP E 748 51.94 94.80 19.07
CA ASP E 748 52.68 94.29 20.20
C ASP E 748 51.71 93.78 21.26
N ILE E 749 52.07 92.67 21.90
CA ILE E 749 51.19 92.06 22.90
C ILE E 749 51.21 92.86 24.20
N ASN E 750 52.38 93.35 24.61
CA ASN E 750 52.48 94.14 25.83
C ASN E 750 52.12 95.60 25.62
N GLU E 751 51.83 96.02 24.39
CA GLU E 751 51.48 97.40 24.10
C GLU E 751 50.16 97.77 24.74
N GLY E 752 50.07 99.01 25.22
CA GLY E 752 48.86 99.47 25.87
C GLY E 752 47.74 99.79 24.91
N ILE E 753 46.57 100.08 25.50
CA ILE E 753 45.42 100.37 24.65
C ILE E 753 45.44 101.82 24.16
N PHE E 754 46.24 102.68 24.78
CA PHE E 754 46.35 104.07 24.32
C PHE E 754 47.73 104.37 23.77
N ALA E 755 48.56 103.35 23.56
CA ALA E 755 49.93 103.57 23.12
C ALA E 755 49.95 103.94 21.64
N GLY E 756 50.93 104.74 21.26
CA GLY E 756 51.10 105.13 19.87
C GLY E 756 50.25 106.32 19.48
N GLY E 757 50.31 107.39 20.28
CA GLY E 757 49.62 108.62 20.00
C GLY E 757 48.17 108.68 20.46
N THR E 758 47.55 107.54 20.74
CA THR E 758 46.19 107.54 21.26
C THR E 758 46.13 108.11 22.67
N MET E 759 47.12 107.82 23.52
CA MET E 759 47.16 108.40 24.86
C MET E 759 47.25 109.92 24.80
N ARG E 760 48.03 110.44 23.85
CA ARG E 760 48.15 111.88 23.69
C ARG E 760 46.81 112.49 23.29
N ALA E 761 46.06 111.79 22.43
CA ALA E 761 44.75 112.27 22.02
C ALA E 761 43.76 112.24 23.17
N VAL E 762 43.81 111.19 23.99
CA VAL E 762 42.92 111.11 25.15
C VAL E 762 43.18 112.29 26.08
N ILE E 763 44.45 112.55 26.39
CA ILE E 763 44.74 113.65 27.31
C ILE E 763 44.40 114.99 26.68
N SER E 764 44.60 115.15 25.36
CA SER E 764 44.26 116.42 24.72
C SER E 764 42.77 116.69 24.81
N ARG E 765 41.95 115.72 24.43
CA ARG E 765 40.51 115.92 24.45
C ARG E 765 40.00 116.10 25.87
N GLY E 766 40.55 115.34 26.82
CA GLY E 766 40.12 115.45 28.20
C GLY E 766 40.44 116.81 28.78
N VAL E 767 41.67 117.29 28.58
CA VAL E 767 42.06 118.59 29.13
C VAL E 767 41.22 119.70 28.53
N LEU E 768 40.95 119.64 27.22
CA LEU E 768 40.14 120.70 26.62
C LEU E 768 38.70 120.68 27.16
N ILE E 769 38.12 119.49 27.30
CA ILE E 769 36.78 119.38 27.89
C ILE E 769 36.79 119.91 29.31
N GLY E 770 37.85 119.58 30.08
CA GLY E 770 37.94 120.06 31.45
C GLY E 770 38.02 121.56 31.54
N ILE E 771 38.81 122.18 30.65
CA ILE E 771 38.92 123.64 30.65
C ILE E 771 37.56 124.25 30.34
N ALA E 772 36.82 123.65 29.41
CA ALA E 772 35.50 124.17 29.07
C ALA E 772 34.55 124.08 30.26
N VAL E 773 34.60 122.97 31.01
CA VAL E 773 33.71 122.83 32.16
C VAL E 773 34.11 123.80 33.27
N ILE E 774 35.42 124.03 33.45
CA ILE E 774 35.87 124.95 34.49
C ILE E 774 35.40 126.36 34.20
N ILE E 775 35.59 126.82 32.96
CA ILE E 775 35.15 128.17 32.60
C ILE E 775 33.63 128.29 32.71
N SER E 776 32.88 127.26 32.29
CA SER E 776 31.43 127.31 32.41
C SER E 776 31.00 127.39 33.88
N GLN E 777 31.63 126.60 34.74
CA GLN E 777 31.30 126.64 36.17
C GLN E 777 31.66 128.00 36.76
N TYR E 778 32.77 128.58 36.32
CA TYR E 778 33.18 129.88 36.82
C TYR E 778 32.17 130.96 36.44
N ILE E 779 31.67 130.92 35.20
CA ILE E 779 30.67 131.89 34.81
C ILE E 779 29.36 131.66 35.58
N GLY E 780 28.97 130.39 35.74
CA GLY E 780 27.76 130.09 36.48
C GLY E 780 27.83 130.49 37.94
N MET E 781 29.03 130.47 38.52
CA MET E 781 29.22 130.84 39.92
C MET E 781 28.83 132.29 40.19
N GLN E 782 28.87 133.15 39.18
CA GLN E 782 28.48 134.54 39.36
C GLN E 782 27.00 134.70 39.67
N ILE E 783 26.18 133.70 39.34
CA ILE E 783 24.75 133.80 39.58
C ILE E 783 24.42 133.15 40.93
N SER E 784 24.72 131.87 41.06
CA SER E 784 24.43 131.12 42.28
C SER E 784 25.18 129.79 42.20
N PRO E 785 25.42 129.15 43.35
CA PRO E 785 26.08 127.83 43.33
C PRO E 785 25.30 126.77 42.57
N GLU E 786 23.97 126.81 42.60
CA GLU E 786 23.17 125.85 41.83
C GLU E 786 23.34 126.05 40.33
N MET E 787 23.47 127.31 39.91
CA MET E 787 23.64 127.61 38.48
C MET E 787 24.99 127.15 37.96
N SER E 788 26.04 127.18 38.80
CA SER E 788 27.32 126.70 38.33
C SER E 788 27.29 125.21 38.08
N VAL E 789 26.51 124.48 38.87
CA VAL E 789 26.34 123.05 38.61
C VAL E 789 25.56 122.83 37.32
N ALA E 790 24.53 123.64 37.08
CA ALA E 790 23.75 123.46 35.86
C ALA E 790 24.58 123.76 34.62
N MET E 791 25.39 124.83 34.64
CA MET E 791 26.19 125.17 33.47
C MET E 791 27.35 124.19 33.27
N ALA E 792 27.97 123.73 34.36
CA ALA E 792 29.05 122.76 34.22
C ALA E 792 28.54 121.44 33.68
N PHE E 793 27.39 120.98 34.18
CA PHE E 793 26.81 119.74 33.67
C PHE E 793 26.43 119.88 32.20
N THR E 794 25.82 121.00 31.83
CA THR E 794 25.46 121.21 30.43
C THR E 794 26.69 121.19 29.52
N THR E 795 27.73 121.94 29.91
CA THR E 795 28.94 121.95 29.10
C THR E 795 29.55 120.57 29.00
N LEU E 796 29.56 119.81 30.10
CA LEU E 796 30.14 118.48 30.07
C LEU E 796 29.36 117.55 29.15
N ILE E 797 28.03 117.51 29.29
CA ILE E 797 27.27 116.55 28.51
C ILE E 797 27.32 116.92 27.04
N LEU E 798 27.33 118.22 26.72
CA LEU E 798 27.43 118.63 25.32
C LEU E 798 28.84 118.48 24.78
N ALA E 799 29.86 118.71 25.60
CA ALA E 799 31.24 118.48 25.16
C ALA E 799 31.49 117.00 24.91
N ARG E 800 30.94 116.12 25.74
CA ARG E 800 31.04 114.70 25.48
C ARG E 800 30.26 114.28 24.24
N THR E 801 29.10 114.89 24.00
CA THR E 801 28.36 114.55 22.80
C THR E 801 29.11 115.01 21.55
N LEU E 802 29.53 116.28 21.53
CA LEU E 802 30.22 116.83 20.38
C LEU E 802 31.63 116.27 20.19
N GLN E 803 32.25 115.75 21.26
CA GLN E 803 33.59 115.19 21.13
C GLN E 803 33.65 114.04 20.14
N THR E 804 32.52 113.37 19.90
CA THR E 804 32.52 112.17 19.05
C THR E 804 33.07 112.46 17.67
N PHE E 805 32.84 113.66 17.13
CA PHE E 805 33.43 114.02 15.85
C PHE E 805 34.95 114.12 15.95
N ALA E 806 35.46 114.74 17.02
CA ALA E 806 36.90 114.84 17.17
C ALA E 806 37.52 113.53 17.65
N ALA E 807 36.75 112.71 18.34
CA ALA E 807 37.25 111.44 18.89
C ALA E 807 37.06 110.26 17.95
N ARG E 808 36.50 110.48 16.76
CA ARG E 808 36.31 109.38 15.82
C ARG E 808 37.63 108.92 15.21
N SER E 809 38.60 109.82 15.09
CA SER E 809 39.90 109.45 14.56
C SER E 809 40.94 110.47 15.03
N ASN E 810 42.15 109.96 15.27
CA ASN E 810 43.27 110.77 15.69
C ASN E 810 44.04 111.42 14.53
N VAL E 811 43.81 110.99 13.29
CA VAL E 811 44.62 111.45 12.16
C VAL E 811 43.79 112.07 11.06
N GLN E 812 42.53 112.41 11.30
CA GLN E 812 41.61 112.86 10.24
C GLN E 812 40.67 113.90 10.78
N THR E 813 40.85 115.13 10.34
CA THR E 813 40.00 116.23 10.72
C THR E 813 38.57 115.97 10.26
N ALA E 814 37.61 116.40 11.08
CA ALA E 814 36.22 116.29 10.67
C ALA E 814 36.01 117.02 9.35
N PHE E 815 36.35 118.31 9.31
CA PHE E 815 36.31 119.07 8.06
C PHE E 815 37.45 118.73 7.12
N GLY E 816 38.39 117.88 7.53
CA GLY E 816 39.49 117.53 6.66
C GLY E 816 39.27 116.17 6.02
N ALA E 817 38.77 115.21 6.78
CA ALA E 817 38.37 113.92 6.22
C ALA E 817 36.99 113.96 5.58
N GLY E 818 36.03 114.65 6.18
CA GLY E 818 34.71 114.68 5.59
C GLY E 818 33.58 114.24 6.51
N PHE E 819 32.64 115.15 6.78
CA PHE E 819 31.51 114.83 7.65
C PHE E 819 30.60 113.75 7.07
N PHE E 820 30.74 113.39 5.81
CA PHE E 820 29.86 112.40 5.20
C PHE E 820 30.31 110.96 5.42
N SER E 821 31.32 110.70 6.25
CA SER E 821 31.81 109.33 6.30
C SER E 821 31.22 108.52 7.44
N ASN E 822 30.75 109.16 8.50
CA ASN E 822 30.18 108.44 9.64
C ASN E 822 28.68 108.68 9.72
N LYS E 823 27.90 107.63 9.45
CA LYS E 823 26.45 107.71 9.43
C LYS E 823 25.83 107.40 10.79
N TYR E 824 26.55 106.67 11.65
CA TYR E 824 26.06 106.29 12.98
C TYR E 824 26.25 107.40 14.02
N VAL E 825 27.32 108.17 13.87
CA VAL E 825 27.65 109.23 14.83
C VAL E 825 26.58 110.31 14.84
N ILE E 826 26.08 110.67 13.66
CA ILE E 826 25.09 111.73 13.55
C ILE E 826 23.82 111.38 14.32
N GLY E 827 23.33 110.14 14.14
CA GLY E 827 22.15 109.73 14.89
C GLY E 827 22.40 109.69 16.38
N ALA E 828 23.61 109.28 16.78
CA ALA E 828 23.90 109.28 18.21
C ALA E 828 23.86 110.69 18.78
N VAL E 829 24.48 111.64 18.09
CA VAL E 829 24.53 113.03 18.58
C VAL E 829 23.12 113.63 18.65
N LEU E 830 22.29 113.37 17.65
CA LEU E 830 20.93 113.91 17.68
C LEU E 830 20.13 113.33 18.85
N LEU E 831 20.29 112.02 19.10
CA LEU E 831 19.60 111.42 20.23
C LEU E 831 20.11 111.98 21.55
N CYS E 832 21.41 112.28 21.62
CA CYS E 832 21.95 112.87 22.84
C CYS E 832 21.41 114.28 23.05
N PHE E 833 21.15 115.01 21.97
CA PHE E 833 20.51 116.32 22.11
C PHE E 833 19.08 116.17 22.65
N VAL E 834 18.35 115.15 22.19
CA VAL E 834 17.02 114.90 22.77
C VAL E 834 17.14 114.57 24.26
N LEU E 835 18.17 113.81 24.62
CA LEU E 835 18.39 113.48 26.03
C LEU E 835 18.60 114.75 26.86
N TYR E 836 19.48 115.63 26.37
CA TYR E 836 19.69 116.90 27.06
C TYR E 836 18.41 117.71 27.14
N GLY E 837 17.57 117.63 26.09
CA GLY E 837 16.27 118.26 26.16
C GLY E 837 15.43 117.69 27.28
N ILE E 838 15.56 116.39 27.54
CA ILE E 838 14.85 115.81 28.68
C ILE E 838 15.38 116.41 29.97
N THR E 839 16.67 116.78 30.01
CA THR E 839 17.21 117.32 31.25
C THR E 839 16.57 118.65 31.62
N VAL E 840 16.12 119.44 30.64
CA VAL E 840 15.53 120.75 30.91
C VAL E 840 14.00 120.72 30.93
N LEU E 841 13.39 119.54 30.77
CA LEU E 841 11.94 119.43 30.88
C LEU E 841 11.49 119.76 32.30
N PRO E 842 10.31 120.36 32.46
CA PRO E 842 9.89 120.80 33.80
C PRO E 842 9.77 119.68 34.82
N GLY E 843 9.59 118.44 34.37
CA GLY E 843 9.54 117.33 35.31
C GLY E 843 10.90 116.83 35.73
N ALA E 844 11.87 116.83 34.82
CA ALA E 844 13.20 116.30 35.08
C ALA E 844 14.25 117.38 35.35
N ARG E 845 13.83 118.62 35.64
CA ARG E 845 14.82 119.66 35.91
C ARG E 845 15.45 119.48 37.29
N GLU E 846 14.63 119.36 38.34
CA GLU E 846 15.17 119.17 39.68
C GLU E 846 15.80 117.80 39.82
N ILE E 847 15.40 116.85 38.97
CA ILE E 847 16.00 115.51 38.99
C ILE E 847 17.46 115.58 38.57
N PHE E 848 17.77 116.34 37.52
CA PHE E 848 19.14 116.52 37.07
C PHE E 848 19.78 117.77 37.65
N SER E 849 19.17 118.35 38.70
CA SER E 849 19.71 119.49 39.45
C SER E 849 19.91 120.71 38.56
N ILE E 850 18.90 121.02 37.76
CA ILE E 850 18.89 122.19 36.88
C ILE E 850 17.87 123.18 37.44
N PRO E 851 18.28 124.37 37.86
CA PRO E 851 17.32 125.31 38.46
C PRO E 851 16.32 125.84 37.44
N ALA E 852 15.20 126.34 37.96
CA ALA E 852 14.15 126.91 37.11
C ALA E 852 14.61 128.20 36.44
N SER E 853 15.58 128.89 37.03
CA SER E 853 16.08 130.15 36.48
C SER E 853 17.08 129.94 35.35
N PHE E 854 17.43 128.70 35.04
CA PHE E 854 18.36 128.40 33.96
C PHE E 854 17.69 128.71 32.62
N GLY E 855 18.14 129.77 31.96
CA GLY E 855 17.51 130.26 30.76
C GLY E 855 18.28 129.91 29.49
N LEU E 856 17.82 130.48 28.38
CA LEU E 856 18.48 130.27 27.09
C LEU E 856 19.86 130.91 27.03
N HIS E 857 20.08 132.00 27.77
CA HIS E 857 21.40 132.65 27.77
C HIS E 857 22.46 131.78 28.46
N GLU E 858 22.14 131.26 29.65
CA GLU E 858 23.11 130.42 30.36
C GLU E 858 23.38 129.13 29.58
N TRP E 859 22.36 128.60 28.92
CA TRP E 859 22.56 127.45 28.05
C TRP E 859 23.47 127.81 26.88
N SER E 860 23.31 129.02 26.35
CA SER E 860 24.16 129.44 25.25
C SER E 860 25.61 129.50 25.68
N ILE E 861 25.86 129.97 26.89
CA ILE E 861 27.24 130.06 27.37
C ILE E 861 27.84 128.67 27.56
N ALA E 862 27.10 127.77 28.21
CA ALA E 862 27.63 126.42 28.45
C ALA E 862 27.84 125.67 27.13
N ALA E 863 26.90 125.79 26.20
CA ALA E 863 26.99 125.11 24.92
C ALA E 863 28.08 125.73 24.06
N GLY E 864 28.26 127.05 24.15
CA GLY E 864 29.31 127.70 23.39
C GLY E 864 30.67 127.24 23.85
N LEU E 865 30.85 127.03 25.16
CA LEU E 865 32.13 126.50 25.63
C LEU E 865 32.33 125.06 25.18
N ALA E 866 31.27 124.25 25.17
CA ALA E 866 31.44 122.88 24.66
C ALA E 866 31.85 122.88 23.18
N LEU E 867 31.17 123.70 22.37
CA LEU E 867 31.50 123.77 20.95
C LEU E 867 32.91 124.30 20.72
N ALA E 868 33.31 125.32 21.48
CA ALA E 868 34.66 125.84 21.37
C ALA E 868 35.69 124.81 21.82
N ALA E 869 35.35 123.98 22.82
CA ALA E 869 36.26 122.94 23.25
C ALA E 869 36.48 121.91 22.15
N VAL E 870 35.44 121.61 21.38
CA VAL E 870 35.65 120.63 20.29
C VAL E 870 36.41 121.26 19.13
N VAL E 871 36.18 122.53 18.85
CA VAL E 871 36.99 123.20 17.83
C VAL E 871 38.45 123.22 18.25
N MET E 872 38.72 123.46 19.53
CA MET E 872 40.09 123.44 20.04
C MET E 872 40.70 122.05 19.99
N MET E 873 39.91 121.00 20.23
CA MET E 873 40.43 119.65 20.10
C MET E 873 40.87 119.38 18.66
N GLU E 874 40.07 119.81 17.68
CA GLU E 874 40.48 119.62 16.29
C GLU E 874 41.68 120.48 15.93
N ILE E 875 41.77 121.69 16.50
CA ILE E 875 42.91 122.57 16.24
C ILE E 875 44.19 121.93 16.76
N ILE E 876 44.12 121.37 17.97
CA ILE E 876 45.29 120.70 18.55
C ILE E 876 45.67 119.49 17.71
N LYS E 877 44.67 118.78 17.17
CA LYS E 877 45.01 117.63 16.32
C LYS E 877 45.70 118.06 15.04
N VAL E 878 45.27 119.18 14.44
CA VAL E 878 45.89 119.60 13.18
C VAL E 878 47.31 120.09 13.42
N VAL E 879 47.54 120.78 14.53
CA VAL E 879 48.90 121.24 14.80
C VAL E 879 49.79 120.07 15.21
N GLN E 880 49.21 119.09 15.91
CA GLN E 880 50.00 117.95 16.39
C GLN E 880 50.39 117.02 15.25
N ASN E 881 49.54 116.91 14.23
CA ASN E 881 49.89 116.03 13.12
C ASN E 881 50.64 116.74 12.00
N LYS E 882 50.65 118.08 11.96
CA LYS E 882 51.42 118.76 10.93
C LYS E 882 52.67 119.50 11.39
N PHE E 883 52.73 120.00 12.63
CA PHE E 883 53.80 120.92 13.03
C PHE E 883 54.91 120.27 13.86
N PHE E 884 54.60 119.39 14.80
CA PHE E 884 55.58 118.62 15.55
C PHE E 884 55.32 117.15 15.26
N LYS E 885 56.37 116.41 14.92
CA LYS E 885 56.22 115.01 14.48
C LYS E 885 55.43 114.96 13.18
N ALA F 2 13.89 16.41 30.21
CA ALA F 2 13.11 15.46 30.98
C ALA F 2 13.69 14.05 30.94
N GLU F 3 14.44 13.75 29.87
CA GLU F 3 15.08 12.46 29.63
C GLU F 3 14.06 11.35 29.38
N ILE F 4 12.78 11.71 29.20
CA ILE F 4 11.76 10.71 28.88
C ILE F 4 11.85 10.29 27.42
N TYR F 5 12.15 11.26 26.56
CA TYR F 5 12.32 11.04 25.12
C TYR F 5 13.53 10.20 24.78
N ARG F 6 14.46 10.06 25.73
CA ARG F 6 15.68 9.28 25.55
C ARG F 6 15.47 7.79 25.79
N LYS F 7 14.33 7.40 26.35
CA LYS F 7 13.98 6.00 26.57
C LYS F 7 13.16 5.47 25.39
N SER F 8 13.12 4.14 25.29
CA SER F 8 12.23 3.49 24.34
C SER F 8 10.82 3.45 24.90
N ALA F 9 9.86 3.06 24.05
CA ALA F 9 8.48 2.95 24.51
C ALA F 9 8.36 1.94 25.64
N ALA F 10 9.08 0.82 25.54
CA ALA F 10 9.04 -0.20 26.58
C ALA F 10 9.60 0.32 27.90
N GLU F 11 10.70 1.09 27.84
CA GLU F 11 11.28 1.63 29.07
C GLU F 11 10.33 2.59 29.75
N THR F 12 9.65 3.44 28.97
CA THR F 12 8.66 4.34 29.54
C THR F 12 7.45 3.58 30.07
N PHE F 13 7.08 2.49 29.41
CA PHE F 13 5.97 1.66 29.90
C PHE F 13 6.31 1.07 31.25
N THR F 14 7.54 0.55 31.42
CA THR F 14 7.95 0.04 32.72
C THR F 14 8.08 1.17 33.73
N GLN F 15 8.34 2.39 33.26
CA GLN F 15 8.40 3.53 34.16
C GLN F 15 7.03 3.81 34.77
N LEU F 16 6.00 3.85 33.93
CA LEU F 16 4.64 4.08 34.43
C LEU F 16 3.94 2.82 34.90
N GLU F 17 4.61 1.66 34.85
CA GLU F 17 4.05 0.39 35.31
C GLU F 17 2.72 0.08 34.63
N ALA F 18 2.71 0.16 33.30
CA ALA F 18 1.51 -0.09 32.51
C ALA F 18 1.91 -0.73 31.18
N THR F 19 0.95 -1.40 30.56
CA THR F 19 1.17 -2.00 29.25
C THR F 19 0.33 -1.25 28.21
N GLU F 20 0.47 -1.66 26.96
CA GLU F 20 -0.19 -1.02 25.83
C GLU F 20 -1.57 -1.59 25.52
N LYS F 21 -2.10 -2.50 26.33
CA LYS F 21 -3.44 -3.02 26.05
C LYS F 21 -4.50 -2.29 26.86
N GLY F 22 -4.11 -1.26 27.58
CA GLY F 22 -5.02 -0.45 28.39
C GLY F 22 -4.89 -0.76 29.86
N LEU F 23 -5.73 -0.05 30.64
CA LEU F 23 -5.75 -0.15 32.08
C LEU F 23 -7.11 -0.62 32.58
N THR F 24 -7.11 -1.21 33.78
CA THR F 24 -8.35 -1.61 34.41
C THR F 24 -8.94 -0.44 35.21
N THR F 25 -10.21 -0.58 35.59
CA THR F 25 -10.85 0.49 36.36
C THR F 25 -10.29 0.56 37.77
N SER F 26 -9.99 -0.58 38.38
CA SER F 26 -9.43 -0.58 39.73
C SER F 26 -8.04 0.06 39.74
N GLU F 27 -7.22 -0.25 38.75
CA GLU F 27 -5.88 0.35 38.69
C GLU F 27 -5.97 1.85 38.40
N VAL F 28 -6.92 2.27 37.56
CA VAL F 28 -7.06 3.68 37.24
C VAL F 28 -7.54 4.46 38.46
N THR F 29 -8.51 3.90 39.19
CA THR F 29 -8.99 4.54 40.41
C THR F 29 -7.88 4.59 41.46
N LYS F 30 -7.04 3.55 41.52
CA LYS F 30 -5.94 3.54 42.47
C LYS F 30 -4.92 4.63 42.14
N ARG F 31 -4.60 4.79 40.85
CA ARG F 31 -3.64 5.82 40.44
C ARG F 31 -4.22 7.23 40.54
N GLN F 32 -5.55 7.37 40.53
CA GLN F 32 -6.15 8.70 40.67
C GLN F 32 -5.95 9.30 42.05
N GLU F 33 -5.67 8.49 43.06
CA GLU F 33 -5.42 9.03 44.39
C GLU F 33 -4.05 9.68 44.50
N LYS F 34 -3.09 9.28 43.66
CA LYS F 34 -1.73 9.86 43.73
C LYS F 34 -1.61 11.20 43.02
N TYR F 35 -1.95 11.26 41.73
CA TYR F 35 -1.73 12.48 40.95
C TYR F 35 -2.93 13.40 40.90
N GLY F 36 -4.11 12.93 41.25
CA GLY F 36 -5.25 13.80 41.14
C GLY F 36 -5.75 13.81 39.70
N PHE F 37 -6.72 14.68 39.47
CA PHE F 37 -7.28 14.82 38.13
C PHE F 37 -6.42 15.75 37.30
N ASN F 38 -6.47 15.56 35.97
CA ASN F 38 -5.65 16.33 35.04
C ASN F 38 -6.32 17.66 34.70
N GLU F 39 -6.25 18.59 35.66
CA GLU F 39 -6.81 19.92 35.47
C GLU F 39 -6.15 20.87 36.45
N LEU F 40 -6.29 22.17 36.21
CA LEU F 40 -5.69 23.15 37.09
C LEU F 40 -6.76 23.76 38.00
N LYS F 41 -6.40 24.84 38.67
CA LYS F 41 -7.30 25.60 39.55
C LYS F 41 -6.61 26.83 40.13
N ASP F 50 -4.02 39.88 46.19
CA ASP F 50 -5.34 39.61 46.81
C ASP F 50 -6.41 40.54 46.23
N PRO F 51 -7.67 40.41 46.66
CA PRO F 51 -8.69 41.35 46.10
C PRO F 51 -9.53 42.18 47.07
N LEU F 52 -9.15 42.30 48.35
CA LEU F 52 -10.03 42.98 49.29
C LEU F 52 -9.59 44.38 49.73
N TRP F 53 -10.42 44.94 50.61
CA TRP F 53 -10.33 46.28 51.18
C TRP F 53 -9.51 46.36 52.47
N LYS F 54 -8.91 45.24 52.89
CA LYS F 54 -8.08 45.27 54.10
C LYS F 54 -6.67 45.79 53.84
N LEU F 55 -6.30 45.93 52.58
CA LEU F 55 -5.05 46.56 52.17
C LEU F 55 -5.19 48.07 52.17
N PHE F 56 -6.44 48.57 52.09
CA PHE F 56 -6.78 49.99 52.12
C PHE F 56 -6.14 50.71 53.30
N LEU F 57 -5.93 50.01 54.43
CA LEU F 57 -5.31 50.67 55.57
C LEU F 57 -3.82 50.92 55.32
N GLU F 58 -3.19 50.05 54.54
CA GLU F 58 -1.80 50.24 54.17
C GLU F 58 -1.62 51.47 53.28
N THR F 59 -2.70 52.03 52.71
CA THR F 59 -2.54 53.27 51.97
C THR F 59 -2.14 54.41 52.89
N PHE F 60 -2.36 54.24 54.20
CA PHE F 60 -2.02 55.24 55.18
C PHE F 60 -0.55 55.21 55.59
N LYS F 61 0.24 54.29 55.02
CA LYS F 61 1.68 54.29 55.29
C LYS F 61 2.42 55.40 54.54
N ASP F 62 1.75 56.09 53.63
CA ASP F 62 2.38 57.16 52.86
C ASP F 62 2.67 58.36 53.76
N PRO F 63 3.86 58.96 53.63
CA PRO F 63 4.21 60.11 54.50
C PRO F 63 3.28 61.31 54.34
N MET F 64 2.87 61.58 53.10
CA MET F 64 2.00 62.72 52.85
C MET F 64 0.69 62.54 53.59
N VAL F 65 0.22 61.30 53.65
CA VAL F 65 -1.00 60.99 54.37
C VAL F 65 -0.82 61.25 55.86
N ILE F 66 0.37 60.94 56.41
CA ILE F 66 0.61 61.17 57.83
C ILE F 66 0.51 62.67 58.13
N VAL F 67 1.15 63.50 57.30
CA VAL F 67 1.08 64.94 57.54
C VAL F 67 -0.37 65.43 57.43
N LEU F 68 -1.11 64.91 56.44
CA LEU F 68 -2.47 65.41 56.22
C LEU F 68 -3.42 64.96 57.34
N VAL F 69 -3.21 63.74 57.85
CA VAL F 69 -4.02 63.25 58.97
C VAL F 69 -3.77 64.08 60.21
N ILE F 70 -2.50 64.38 60.51
CA ILE F 70 -2.22 65.22 61.68
C ILE F 70 -2.84 66.60 61.51
N ALA F 71 -2.76 67.17 60.30
CA ALA F 71 -3.33 68.50 60.09
C ALA F 71 -4.84 68.49 60.31
N ALA F 72 -5.53 67.46 59.82
CA ALA F 72 -6.98 67.40 59.97
C ALA F 72 -7.37 67.20 61.44
N LEU F 73 -6.65 66.33 62.15
CA LEU F 73 -6.99 66.12 63.56
C LEU F 73 -6.73 67.37 64.38
N VAL F 74 -5.62 68.07 64.11
CA VAL F 74 -5.34 69.28 64.87
C VAL F 74 -6.42 70.32 64.62
N GLN F 75 -6.87 70.43 63.37
CA GLN F 75 -7.91 71.40 63.05
C GLN F 75 -9.26 71.04 63.63
N LEU F 76 -9.53 69.74 63.85
CA LEU F 76 -10.78 69.37 64.50
C LEU F 76 -10.91 69.98 65.88
N VAL F 77 -9.84 69.89 66.68
CA VAL F 77 -9.88 70.52 68.01
C VAL F 77 -9.82 72.03 67.88
N LEU F 78 -9.15 72.55 66.83
CA LEU F 78 -9.00 74.00 66.67
C LEU F 78 -10.28 74.70 66.26
N GLY F 79 -11.31 73.96 65.86
CA GLY F 79 -12.58 74.56 65.50
C GLY F 79 -12.79 74.69 64.01
N GLU F 80 -11.75 74.46 63.20
CA GLU F 80 -11.86 74.51 61.75
C GLU F 80 -12.29 73.13 61.28
N VAL F 81 -13.60 72.89 61.29
CA VAL F 81 -14.14 71.56 61.06
C VAL F 81 -14.28 71.25 59.57
N VAL F 82 -14.71 72.24 58.78
CA VAL F 82 -15.00 71.97 57.38
C VAL F 82 -13.72 71.62 56.63
N GLU F 83 -12.62 72.33 56.92
CA GLU F 83 -11.35 72.01 56.29
C GLU F 83 -10.76 70.68 56.78
N SER F 84 -11.03 70.29 58.03
CA SER F 84 -10.62 68.94 58.45
C SER F 84 -11.39 67.89 57.68
N LEU F 85 -12.69 68.14 57.46
CA LEU F 85 -13.47 67.22 56.63
C LEU F 85 -12.97 67.24 55.20
N ILE F 86 -12.49 68.39 54.71
CA ILE F 86 -11.93 68.49 53.37
C ILE F 86 -10.69 67.61 53.24
N ILE F 87 -9.83 67.64 54.25
CA ILE F 87 -8.64 66.81 54.23
C ILE F 87 -9.02 65.34 54.26
N PHE F 88 -9.99 64.98 55.10
CA PHE F 88 -10.46 63.60 55.15
C PHE F 88 -11.12 63.16 53.85
N LEU F 89 -11.81 64.07 53.17
CA LEU F 89 -12.45 63.76 51.90
C LEU F 89 -11.40 63.47 50.83
N VAL F 90 -10.35 64.30 50.76
CA VAL F 90 -9.32 64.04 49.76
C VAL F 90 -8.53 62.79 50.14
N LEU F 91 -8.43 62.49 51.44
CA LEU F 91 -7.72 61.29 51.85
C LEU F 91 -8.47 60.04 51.42
N ILE F 92 -9.79 60.00 51.63
CA ILE F 92 -10.58 58.85 51.18
C ILE F 92 -10.51 58.71 49.66
N VAL F 93 -10.55 59.83 48.93
CA VAL F 93 -10.56 59.73 47.48
C VAL F 93 -9.20 59.26 46.95
N ASN F 94 -8.12 59.90 47.39
CA ASN F 94 -6.79 59.52 46.93
C ASN F 94 -6.36 58.15 47.43
N SER F 95 -6.93 57.67 48.54
CA SER F 95 -6.64 56.31 48.96
C SER F 95 -7.34 55.28 48.06
N ILE F 96 -8.61 55.52 47.70
CA ILE F 96 -9.27 54.54 46.83
C ILE F 96 -8.70 54.57 45.42
N ILE F 97 -8.09 55.69 44.99
CA ILE F 97 -7.45 55.71 43.68
C ILE F 97 -6.33 54.67 43.60
N SER F 98 -5.67 54.36 44.71
CA SER F 98 -4.62 53.34 44.67
C SER F 98 -5.16 51.91 44.69
N VAL F 99 -6.28 51.67 45.40
CA VAL F 99 -6.83 50.31 45.47
C VAL F 99 -7.48 49.90 44.15
N VAL F 100 -8.02 50.87 43.40
CA VAL F 100 -8.65 50.48 42.15
C VAL F 100 -7.62 50.05 41.12
N GLN F 101 -6.34 50.35 41.36
CA GLN F 101 -5.26 49.93 40.49
C GLN F 101 -4.80 48.51 40.81
N THR F 102 -5.06 48.05 42.04
CA THR F 102 -4.82 46.67 42.45
C THR F 102 -5.99 45.74 42.13
N ARG F 103 -7.20 46.30 41.95
CA ARG F 103 -8.36 45.45 41.76
C ARG F 103 -8.28 44.70 40.41
N LYS F 104 -7.90 45.42 39.34
CA LYS F 104 -7.69 44.79 38.04
C LYS F 104 -6.59 43.71 38.09
N ALA F 105 -5.58 43.90 38.95
CA ALA F 105 -4.55 42.88 39.11
C ALA F 105 -5.13 41.52 39.47
N GLU F 106 -6.41 41.47 39.87
CA GLU F 106 -7.04 40.19 40.17
C GLU F 106 -7.24 39.40 38.90
N SER F 107 -7.83 40.03 37.88
CA SER F 107 -7.96 39.36 36.61
C SER F 107 -6.62 39.30 35.90
N SER F 108 -5.59 40.00 36.40
CA SER F 108 -4.28 39.77 35.82
C SER F 108 -3.54 38.63 36.52
N LEU F 109 -3.99 38.24 37.72
CA LEU F 109 -3.44 37.10 38.44
C LEU F 109 -4.29 35.84 38.25
N ASP F 110 -5.17 35.84 37.24
CA ASP F 110 -6.06 34.71 36.96
C ASP F 110 -5.41 33.71 36.01
N ALA F 111 -4.97 34.18 34.85
CA ALA F 111 -4.35 33.33 33.83
C ALA F 111 -5.32 32.23 33.40
N LEU F 112 -6.36 32.66 32.71
CA LEU F 112 -7.43 31.78 32.24
C LEU F 112 -7.03 31.08 30.94
N ARG F 113 -6.36 29.93 31.05
CA ARG F 113 -5.99 29.09 29.91
C ARG F 113 -6.89 27.86 29.91
N GLU F 114 -8.06 27.95 29.26
CA GLU F 114 -8.89 26.76 29.09
C GLU F 114 -8.58 25.98 27.81
N MET F 115 -7.35 26.03 27.33
CA MET F 115 -6.94 25.32 26.12
C MET F 115 -6.92 23.80 26.24
N SER F 116 -7.02 23.25 27.45
CA SER F 116 -6.98 21.80 27.62
C SER F 116 -8.20 21.11 27.00
N ALA F 117 -7.97 19.89 26.54
CA ALA F 117 -9.04 19.11 25.92
C ALA F 117 -10.07 18.72 26.97
N PRO F 118 -11.36 18.82 26.64
CA PRO F 118 -12.42 18.40 27.57
C PRO F 118 -12.75 16.92 27.45
N VAL F 119 -12.18 16.26 26.45
CA VAL F 119 -12.49 14.87 26.10
C VAL F 119 -11.21 14.07 25.99
N ALA F 120 -11.30 12.79 26.35
CA ALA F 120 -10.22 11.83 26.20
C ALA F 120 -10.75 10.59 25.49
N LYS F 121 -9.97 10.10 24.53
CA LYS F 121 -10.28 8.87 23.79
C LYS F 121 -9.29 7.82 24.26
N VAL F 122 -9.63 7.11 25.33
CA VAL F 122 -8.70 6.26 26.06
C VAL F 122 -9.05 4.79 25.85
N ILE F 123 -8.07 3.93 26.09
CA ILE F 123 -8.29 2.49 26.16
C ILE F 123 -8.30 2.08 27.63
N ARG F 124 -9.43 1.59 28.11
CA ARG F 124 -9.55 1.16 29.50
C ARG F 124 -10.35 -0.13 29.56
N ASP F 125 -9.97 -1.02 30.47
CA ASP F 125 -10.61 -2.33 30.64
C ASP F 125 -10.56 -3.15 29.36
N GLY F 126 -9.63 -2.85 28.46
CA GLY F 126 -9.52 -3.55 27.20
C GLY F 126 -10.40 -3.01 26.10
N SER F 127 -11.18 -1.97 26.36
CA SER F 127 -12.11 -1.40 25.39
C SER F 127 -11.84 0.09 25.25
N LYS F 128 -11.85 0.55 24.00
CA LYS F 128 -11.72 1.97 23.73
C LYS F 128 -13.02 2.69 24.14
N GLN F 129 -12.87 3.80 24.86
CA GLN F 129 -14.01 4.56 25.33
C GLN F 129 -13.62 6.02 25.47
N SER F 130 -14.61 6.90 25.35
CA SER F 130 -14.41 8.33 25.52
C SER F 130 -14.86 8.73 26.92
N ILE F 131 -13.99 9.46 27.62
CA ILE F 131 -14.23 9.92 28.97
C ILE F 131 -13.90 11.41 29.01
N HIS F 132 -14.25 12.06 30.11
CA HIS F 132 -13.80 13.43 30.30
C HIS F 132 -12.29 13.44 30.45
N ALA F 133 -11.62 14.35 29.73
CA ALA F 133 -10.16 14.37 29.74
C ALA F 133 -9.59 14.69 31.12
N ARG F 134 -10.37 15.32 31.99
CA ARG F 134 -9.89 15.58 33.35
C ARG F 134 -9.69 14.31 34.16
N GLU F 135 -10.24 13.18 33.72
CA GLU F 135 -10.12 11.91 34.42
C GLU F 135 -8.92 11.09 33.97
N LEU F 136 -7.99 11.67 33.21
CA LEU F 136 -6.82 10.92 32.75
C LEU F 136 -5.77 10.78 33.84
N VAL F 137 -4.99 9.72 33.75
CA VAL F 137 -3.95 9.40 34.72
C VAL F 137 -2.76 8.85 34.03
N PRO F 138 -1.55 9.03 34.56
CA PRO F 138 -0.35 8.47 33.96
C PRO F 138 -0.45 6.95 33.86
N GLY F 139 -0.22 6.44 32.65
CA GLY F 139 -0.40 5.04 32.34
C GLY F 139 -1.57 4.77 31.42
N ASP F 140 -2.47 5.73 31.23
CA ASP F 140 -3.59 5.54 30.31
C ASP F 140 -3.08 5.47 28.87
N VAL F 141 -3.71 4.62 28.07
CA VAL F 141 -3.40 4.51 26.65
C VAL F 141 -4.48 5.26 25.91
N VAL F 142 -4.12 6.39 25.31
CA VAL F 142 -5.08 7.25 24.64
C VAL F 142 -4.82 7.24 23.14
N ILE F 143 -5.91 7.38 22.38
CA ILE F 143 -5.93 7.36 20.92
C ILE F 143 -5.98 8.79 20.43
N LEU F 144 -5.21 9.09 19.38
CA LEU F 144 -5.20 10.39 18.75
C LEU F 144 -5.61 10.27 17.29
N ASP F 145 -6.49 11.18 16.86
CA ASP F 145 -6.91 11.28 15.47
C ASP F 145 -6.75 12.72 15.04
N ALA F 146 -6.97 12.98 13.76
CA ALA F 146 -6.85 14.33 13.22
C ALA F 146 -7.90 15.24 13.83
N GLY F 147 -7.48 16.47 14.16
CA GLY F 147 -8.37 17.45 14.75
C GLY F 147 -8.61 17.28 16.24
N ASP F 148 -8.01 16.27 16.86
CA ASP F 148 -8.15 16.03 18.29
C ASP F 148 -7.18 16.89 19.07
N PHE F 149 -7.55 17.22 20.30
CA PHE F 149 -6.68 17.96 21.21
C PHE F 149 -6.02 16.99 22.17
N VAL F 150 -4.69 17.04 22.25
CA VAL F 150 -3.93 16.13 23.10
C VAL F 150 -4.29 16.41 24.54
N PRO F 151 -4.84 15.43 25.29
CA PRO F 151 -5.35 15.73 26.63
C PRO F 151 -4.28 15.74 27.71
N ALA F 152 -3.15 15.07 27.50
CA ALA F 152 -2.10 15.03 28.50
C ALA F 152 -0.78 14.69 27.83
N ASP F 153 0.31 14.94 28.55
CA ASP F 153 1.64 14.63 28.04
C ASP F 153 1.94 13.14 28.19
N GLY F 154 2.58 12.58 27.16
CA GLY F 154 2.90 11.16 27.16
C GLY F 154 3.84 10.81 26.04
N ARG F 155 4.29 9.56 26.07
CA ARG F 155 5.29 9.04 25.13
C ARG F 155 4.59 8.23 24.04
N LEU F 156 4.85 8.60 22.79
CA LEU F 156 4.22 7.90 21.67
C LEU F 156 4.80 6.51 21.49
N PHE F 157 3.92 5.54 21.23
CA PHE F 157 4.33 4.20 20.88
C PHE F 157 3.64 3.69 19.62
N GLU F 158 2.72 4.45 19.04
CA GLU F 158 2.17 4.05 17.75
C GLU F 158 1.85 5.32 16.96
N SER F 159 2.51 5.50 15.82
CA SER F 159 2.39 6.71 15.04
C SER F 159 2.31 6.38 13.56
N GLY F 160 1.34 6.98 12.87
CA GLY F 160 1.26 6.81 11.43
C GLY F 160 1.36 8.12 10.68
N SER F 161 2.59 8.56 10.41
CA SER F 161 2.85 9.84 9.76
C SER F 161 2.13 10.96 10.51
N LEU F 162 2.33 10.97 11.82
CA LEU F 162 1.65 11.92 12.69
C LEU F 162 2.30 13.30 12.59
N LYS F 163 1.47 14.33 12.40
CA LYS F 163 1.93 15.70 12.40
C LYS F 163 1.01 16.53 13.28
N ILE F 164 1.62 17.20 14.27
CA ILE F 164 0.90 17.95 15.30
C ILE F 164 1.40 19.39 15.33
N ASP F 165 0.49 20.31 15.66
CA ASP F 165 0.77 21.74 15.80
C ASP F 165 1.11 22.06 17.25
N GLU F 166 2.40 22.20 17.57
CA GLU F 166 2.88 22.51 18.91
C GLU F 166 3.14 24.01 19.10
N GLY F 167 2.29 24.87 18.53
CA GLY F 167 2.53 26.30 18.64
C GLY F 167 2.40 26.87 20.04
N MET F 168 1.84 26.11 20.98
CA MET F 168 1.69 26.63 22.34
C MET F 168 2.98 26.61 23.13
N LEU F 169 3.95 25.78 22.74
CA LEU F 169 5.23 25.69 23.43
C LEU F 169 6.36 26.36 22.67
N THR F 170 6.32 26.35 21.32
CA THR F 170 7.36 26.93 20.50
C THR F 170 6.92 28.17 19.73
N GLY F 171 5.61 28.41 19.62
CA GLY F 171 5.14 29.54 18.85
C GLY F 171 5.02 29.30 17.36
N GLU F 172 5.39 28.11 16.88
CA GLU F 172 5.30 27.80 15.46
C GLU F 172 4.02 27.02 15.18
N SER F 173 3.16 27.59 14.33
CA SER F 173 1.91 26.95 13.96
C SER F 173 2.12 25.85 12.92
N GLU F 174 3.34 25.66 12.46
CA GLU F 174 3.63 24.61 11.49
C GLU F 174 3.60 23.25 12.17
N ALA F 175 3.03 22.27 11.47
CA ALA F 175 2.97 20.92 12.00
C ALA F 175 4.35 20.31 12.03
N VAL F 176 4.69 19.69 13.14
CA VAL F 176 5.97 19.01 13.30
C VAL F 176 5.72 17.53 13.09
N GLU F 177 6.69 16.87 12.46
CA GLU F 177 6.66 15.45 12.15
C GLU F 177 6.98 14.65 13.41
N LYS F 178 6.20 13.61 13.66
CA LYS F 178 6.37 12.75 14.82
C LYS F 178 6.90 11.38 14.40
N TYR F 179 7.72 10.79 15.27
CA TYR F 179 8.28 9.47 15.06
C TYR F 179 8.32 8.74 16.39
N ILE F 180 8.04 7.43 16.37
CA ILE F 180 8.09 6.64 17.59
C ILE F 180 9.50 6.22 17.95
N ASP F 181 10.48 6.60 17.15
CA ASP F 181 11.86 6.19 17.38
C ASP F 181 12.41 6.84 18.64
N THR F 182 13.30 6.12 19.31
CA THR F 182 13.94 6.64 20.51
C THR F 182 14.97 7.69 20.09
N ILE F 183 14.99 8.81 20.79
CA ILE F 183 15.93 9.87 20.46
C ILE F 183 17.22 9.57 21.22
N PRO F 184 18.32 9.37 20.53
CA PRO F 184 19.57 8.97 21.19
C PRO F 184 20.24 10.10 21.95
N ASP F 185 20.23 11.30 21.39
CA ASP F 185 20.93 12.43 21.99
C ASP F 185 19.95 13.29 22.78
N GLU F 186 20.50 14.24 23.51
CA GLU F 186 19.69 15.23 24.23
C GLU F 186 19.36 16.37 23.28
N VAL F 187 18.07 16.66 23.13
CA VAL F 187 17.59 17.69 22.22
C VAL F 187 16.68 18.63 23.01
N GLY F 188 16.37 19.78 22.41
CA GLY F 188 15.53 20.77 23.05
C GLY F 188 14.08 20.33 23.19
N LEU F 189 13.32 21.17 23.91
CA LEU F 189 11.91 20.87 24.20
C LEU F 189 11.05 20.89 22.95
N GLY F 190 11.36 21.76 21.98
CA GLY F 190 10.59 21.81 20.76
C GLY F 190 10.80 20.63 19.83
N ASP F 191 11.95 19.96 19.93
CA ASP F 191 12.30 18.86 19.05
C ASP F 191 12.04 17.48 19.66
N ARG F 192 11.18 17.41 20.69
CA ARG F 192 10.84 16.14 21.32
C ARG F 192 9.88 15.40 20.39
N VAL F 193 10.46 14.76 19.37
CA VAL F 193 9.67 14.14 18.31
C VAL F 193 8.84 12.96 18.83
N ASN F 194 9.33 12.23 19.82
CA ASN F 194 8.61 11.07 20.32
C ASN F 194 7.72 11.39 21.51
N MET F 195 7.38 12.67 21.72
CA MET F 195 6.58 13.09 22.86
C MET F 195 5.49 14.05 22.41
N VAL F 196 4.31 13.92 23.02
CA VAL F 196 3.20 14.81 22.77
C VAL F 196 2.91 15.62 24.03
N PHE F 197 2.30 16.78 23.85
CA PHE F 197 2.08 17.71 24.95
C PHE F 197 0.62 18.11 25.04
N SER F 198 0.15 18.27 26.27
CA SER F 198 -1.25 18.60 26.53
C SER F 198 -1.55 19.99 25.97
N GLY F 199 -2.66 20.10 25.25
CA GLY F 199 -3.10 21.36 24.67
C GLY F 199 -2.88 21.49 23.17
N SER F 200 -1.96 20.72 22.60
CA SER F 200 -1.69 20.80 21.17
C SER F 200 -2.83 20.18 20.36
N LEU F 201 -2.89 20.57 19.09
CA LEU F 201 -3.95 20.13 18.18
C LEU F 201 -3.36 19.20 17.12
N VAL F 202 -3.91 17.99 17.02
CA VAL F 202 -3.45 17.04 16.01
C VAL F 202 -3.95 17.49 14.64
N VAL F 203 -3.06 17.40 13.65
CA VAL F 203 -3.36 17.85 12.31
C VAL F 203 -3.55 16.68 11.36
N TYR F 204 -2.68 15.67 11.41
CA TYR F 204 -2.87 14.61 10.41
C TYR F 204 -2.21 13.33 10.88
N GLY F 205 -2.95 12.23 10.77
CA GLY F 205 -2.48 10.91 11.10
C GLY F 205 -3.16 10.35 12.34
N ARG F 206 -2.84 9.10 12.62
CA ARG F 206 -3.34 8.42 13.81
C ARG F 206 -2.19 8.18 14.76
N GLY F 207 -2.51 8.19 16.06
CA GLY F 207 -1.49 7.99 17.07
C GLY F 207 -2.04 7.30 18.30
N MET F 208 -1.11 6.85 19.14
CA MET F 208 -1.48 6.14 20.36
C MET F 208 -0.33 6.29 21.33
N PHE F 209 -0.60 6.88 22.50
CA PHE F 209 0.45 7.13 23.47
C PHE F 209 -0.03 6.85 24.89
N VAL F 210 0.96 6.60 25.75
CA VAL F 210 0.75 6.34 27.18
C VAL F 210 1.03 7.62 27.95
N VAL F 211 0.10 8.00 28.83
CA VAL F 211 0.24 9.23 29.59
C VAL F 211 1.41 9.11 30.55
N THR F 212 2.29 10.12 30.54
CA THR F 212 3.39 10.21 31.50
C THR F 212 3.26 11.41 32.43
N GLY F 213 2.36 12.35 32.14
CA GLY F 213 2.21 13.48 33.05
C GLY F 213 0.83 14.11 33.01
N THR F 214 0.29 14.43 34.19
CA THR F 214 -1.01 15.07 34.31
C THR F 214 -0.91 16.20 35.33
N ALA F 215 -1.99 16.95 35.46
CA ALA F 215 -2.16 18.01 36.48
C ALA F 215 -1.09 19.09 36.28
N SER F 216 -0.43 19.55 37.33
CA SER F 216 0.49 20.69 37.28
C SER F 216 1.93 20.34 36.89
N GLU F 217 2.32 19.07 36.89
CA GLU F 217 3.68 18.70 36.43
C GLU F 217 3.69 18.30 34.97
N THR F 218 3.10 19.15 34.13
CA THR F 218 2.96 18.99 32.68
C THR F 218 3.58 20.23 32.01
N GLU F 219 3.84 20.14 30.72
CA GLU F 219 4.35 21.35 30.06
C GLU F 219 3.38 22.50 30.19
N ILE F 220 2.09 22.22 30.12
CA ILE F 220 1.11 23.28 30.32
C ILE F 220 1.10 23.70 31.79
N GLY F 221 1.23 22.75 32.70
CA GLY F 221 1.31 23.08 34.11
C GLY F 221 2.56 23.89 34.41
N LYS F 222 3.65 23.61 33.68
CA LYS F 222 4.87 24.39 33.86
C LYS F 222 4.66 25.84 33.48
N ILE F 223 4.00 26.09 32.36
CA ILE F 223 3.76 27.50 32.02
C ILE F 223 2.85 28.16 33.06
N ALA F 224 1.85 27.41 33.54
CA ALA F 224 0.92 27.99 34.49
C ALA F 224 1.60 28.39 35.80
N GLY F 225 2.55 27.58 36.27
CA GLY F 225 3.29 27.97 37.48
C GLY F 225 4.18 29.16 37.21
N LEU F 226 4.77 29.20 36.01
CA LEU F 226 5.64 30.33 35.66
C LEU F 226 4.87 31.64 35.74
N LEU F 227 3.58 31.61 35.38
CA LEU F 227 2.75 32.80 35.35
C LEU F 227 2.73 33.50 36.70
N GLU F 228 2.42 32.73 37.75
CA GLU F 228 2.34 33.26 39.10
C GLU F 228 3.72 33.64 39.61
N THR F 229 4.75 32.87 39.21
CA THR F 229 6.09 33.27 39.63
C THR F 229 6.35 34.73 39.23
N ALA F 230 5.77 35.16 38.10
CA ALA F 230 5.91 36.55 37.67
C ALA F 230 5.23 37.49 38.66
N GLU F 231 5.96 38.53 39.07
CA GLU F 231 5.48 39.44 40.10
C GLU F 231 5.40 40.86 39.56
N ALA F 232 4.49 41.65 40.15
CA ALA F 232 4.34 43.05 39.80
C ALA F 232 5.58 43.86 40.24
N LYS F 233 5.97 44.84 39.40
CA LYS F 233 7.10 45.75 39.66
C LYS F 233 6.59 47.16 39.98
N GLN F 234 7.48 48.00 40.48
CA GLN F 234 7.17 49.39 40.81
C GLN F 234 7.52 50.29 39.63
N THR F 235 6.68 51.28 39.37
CA THR F 235 6.82 52.15 38.21
C THR F 235 8.01 53.10 38.41
N PRO F 236 8.77 53.46 37.35
CA PRO F 236 9.83 54.44 37.59
C PRO F 236 9.29 55.68 38.27
N LEU F 237 8.13 56.14 37.79
CA LEU F 237 7.44 57.28 38.38
C LEU F 237 6.94 56.98 39.80
N GLN F 238 6.41 55.77 40.04
CA GLN F 238 5.92 55.47 41.39
C GLN F 238 7.06 55.41 42.40
N ARG F 239 8.20 54.82 42.01
CA ARG F 239 9.37 54.81 42.90
C ARG F 239 9.81 56.23 43.18
N LYS F 240 9.84 57.07 42.15
CA LYS F 240 10.23 58.47 42.33
C LYS F 240 9.28 59.17 43.28
N LEU F 241 7.98 58.88 43.16
CA LEU F 241 7.01 59.53 44.03
C LEU F 241 7.19 59.10 45.47
N GLU F 242 7.53 57.82 45.69
CA GLU F 242 7.75 57.34 47.05
C GLU F 242 8.95 58.06 47.69
N SER F 243 10.07 58.10 46.97
CA SER F 243 11.27 58.73 47.53
C SER F 243 11.05 60.23 47.76
N PHE F 244 10.36 60.88 46.83
CA PHE F 244 10.08 62.31 47.00
C PHE F 244 9.12 62.55 48.16
N SER F 245 8.18 61.65 48.39
CA SER F 245 7.26 61.79 49.52
C SER F 245 7.99 61.66 50.85
N LYS F 246 8.95 60.74 50.93
CA LYS F 246 9.74 60.62 52.14
C LYS F 246 10.51 61.93 52.40
N LYS F 247 11.12 62.48 51.35
CA LYS F 247 11.86 63.73 51.52
C LYS F 247 10.94 64.88 51.93
N LEU F 248 9.72 64.92 51.37
CA LEU F 248 8.77 65.99 51.70
C LEU F 248 8.34 65.90 53.15
N GLY F 249 8.13 64.68 53.65
CA GLY F 249 7.74 64.53 55.05
C GLY F 249 8.83 65.03 55.98
N LEU F 250 10.09 64.68 55.69
CA LEU F 250 11.18 65.19 56.53
C LEU F 250 11.24 66.72 56.50
N GLY F 251 11.08 67.32 55.32
CA GLY F 251 11.13 68.77 55.24
C GLY F 251 10.05 69.44 56.08
N ILE F 252 8.82 68.92 56.00
CA ILE F 252 7.73 69.51 56.78
C ILE F 252 8.00 69.36 58.27
N LEU F 253 8.54 68.21 58.68
CA LEU F 253 8.86 68.03 60.10
C LEU F 253 9.88 69.06 60.57
N ALA F 254 10.88 69.34 59.74
CA ALA F 254 11.91 70.31 60.15
C ALA F 254 11.32 71.72 60.25
N LEU F 255 10.50 72.11 59.28
CA LEU F 255 9.91 73.44 59.35
C LEU F 255 8.95 73.57 60.53
N CYS F 256 8.18 72.53 60.84
CA CYS F 256 7.25 72.63 61.95
C CYS F 256 7.97 72.71 63.29
N VAL F 257 9.07 71.97 63.44
CA VAL F 257 9.87 72.10 64.65
C VAL F 257 10.43 73.51 64.77
N LEU F 258 10.92 74.07 63.66
CA LEU F 258 11.41 75.45 63.71
C LEU F 258 10.30 76.45 64.02
N ILE F 259 9.08 76.20 63.52
CA ILE F 259 7.96 77.10 63.80
C ILE F 259 7.70 77.14 65.30
N PHE F 260 7.59 75.96 65.91
CA PHE F 260 7.33 75.95 67.35
C PHE F 260 8.52 76.53 68.11
N ALA F 261 9.74 76.29 67.62
CA ALA F 261 10.93 76.78 68.30
C ALA F 261 10.98 78.29 68.31
N VAL F 262 10.76 78.93 67.17
CA VAL F 262 10.82 80.40 67.14
C VAL F 262 9.67 80.98 67.94
N GLU F 263 8.46 80.41 67.85
CA GLU F 263 7.34 81.01 68.59
C GLU F 263 7.56 80.90 70.09
N ALA F 264 8.04 79.74 70.55
CA ALA F 264 8.30 79.57 71.98
C ALA F 264 9.50 80.38 72.43
N GLY F 265 10.54 80.47 71.59
CA GLY F 265 11.70 81.26 71.95
C GLY F 265 11.41 82.74 72.01
N ARG F 266 10.51 83.23 71.17
CA ARG F 266 10.13 84.64 71.25
C ARG F 266 9.26 84.92 72.47
N VAL F 267 8.38 83.99 72.85
CA VAL F 267 7.62 84.24 74.07
C VAL F 267 8.49 84.05 75.32
N LEU F 268 9.50 83.19 75.23
CA LEU F 268 10.40 82.97 76.36
C LEU F 268 11.47 84.04 76.47
N LEU F 269 12.13 84.35 75.36
CA LEU F 269 13.24 85.29 75.41
C LEU F 269 12.86 86.65 74.85
N GLY F 270 11.59 87.01 74.97
CA GLY F 270 11.13 88.31 74.55
C GLY F 270 10.07 88.80 75.53
N ASP F 271 9.37 89.83 75.10
CA ASP F 271 8.46 90.53 75.98
C ASP F 271 7.26 89.66 76.32
N ASN F 272 7.05 89.47 77.63
CA ASN F 272 5.96 88.63 78.13
C ASN F 272 4.59 89.10 77.69
N SER F 273 4.49 90.15 76.87
CA SER F 273 3.19 90.61 76.43
C SER F 273 2.54 89.52 75.61
N ALA F 274 3.37 88.76 74.89
CA ALA F 274 2.89 87.59 74.16
C ALA F 274 2.21 86.65 75.14
N ASP F 275 0.94 86.36 74.89
CA ASP F 275 0.19 85.44 75.72
C ASP F 275 0.57 84.01 75.36
N MET F 276 0.93 83.21 76.37
CA MET F 276 1.32 81.83 76.09
C MET F 276 0.20 81.06 75.41
N ALA F 277 -1.05 81.33 75.78
CA ALA F 277 -2.17 80.70 75.09
C ALA F 277 -2.19 81.13 73.63
N THR F 278 -2.01 82.43 73.40
CA THR F 278 -1.97 82.95 72.03
C THR F 278 -0.74 82.48 71.28
N ALA F 279 0.42 82.39 71.95
CA ALA F 279 1.64 81.98 71.26
C ALA F 279 1.60 80.51 70.86
N ILE F 280 1.10 79.63 71.74
CA ILE F 280 1.02 78.23 71.35
C ILE F 280 -0.08 78.02 70.31
N LEU F 281 -1.18 78.77 70.39
CA LEU F 281 -2.21 78.69 69.36
C LEU F 281 -1.66 79.13 68.01
N ASN F 282 -0.83 80.19 68.01
CA ASN F 282 -0.19 80.65 66.79
C ASN F 282 0.77 79.61 66.24
N ALA F 283 1.47 78.90 67.12
CA ALA F 283 2.37 77.83 66.67
C ALA F 283 1.59 76.74 65.95
N PHE F 284 0.42 76.38 66.49
CA PHE F 284 -0.41 75.37 65.84
C PHE F 284 -0.91 75.86 64.49
N MET F 285 -1.33 77.14 64.43
CA MET F 285 -1.84 77.69 63.18
C MET F 285 -0.77 77.69 62.10
N PHE F 286 0.44 78.11 62.44
CA PHE F 286 1.52 78.16 61.45
C PHE F 286 1.98 76.78 61.02
N ALA F 287 2.04 75.82 61.96
CA ALA F 287 2.45 74.48 61.56
C ALA F 287 1.45 73.86 60.60
N VAL F 288 0.16 74.01 60.89
CA VAL F 288 -0.86 73.49 59.99
C VAL F 288 -0.81 74.23 58.65
N ALA F 289 -0.62 75.55 58.69
CA ALA F 289 -0.56 76.33 57.46
C ALA F 289 0.57 75.86 56.55
N VAL F 290 1.77 75.69 57.11
CA VAL F 290 2.89 75.23 56.26
C VAL F 290 2.65 73.81 55.79
N ALA F 291 2.00 72.98 56.61
CA ALA F 291 1.72 71.61 56.19
C ALA F 291 0.82 71.59 54.97
N VAL F 292 -0.33 72.27 55.04
CA VAL F 292 -1.25 72.30 53.91
C VAL F 292 -0.62 72.99 52.72
N ALA F 293 0.18 74.03 52.95
CA ALA F 293 0.79 74.75 51.84
C ALA F 293 1.79 73.89 51.08
N ALA F 294 2.51 73.00 51.77
CA ALA F 294 3.52 72.20 51.08
C ALA F 294 2.94 70.99 50.34
N ILE F 295 1.82 70.43 50.80
CA ILE F 295 1.28 69.21 50.24
C ILE F 295 0.37 69.56 49.06
N PRO F 296 0.65 69.05 47.84
CA PRO F 296 -0.31 69.18 46.73
C PRO F 296 -1.41 68.12 46.78
N GLU F 297 -2.49 68.41 47.50
CA GLU F 297 -3.51 67.39 47.79
C GLU F 297 -4.12 66.78 46.55
N ALA F 298 -4.08 67.46 45.41
CA ALA F 298 -4.65 66.96 44.17
C ALA F 298 -3.62 66.28 43.27
N LEU F 299 -2.43 65.97 43.80
CA LEU F 299 -1.35 65.50 42.93
C LEU F 299 -1.67 64.16 42.29
N SER F 300 -2.08 63.17 43.09
CA SER F 300 -2.33 61.85 42.53
C SER F 300 -3.48 61.88 41.53
N SER F 301 -4.49 62.74 41.76
CA SER F 301 -5.60 62.84 40.83
C SER F 301 -5.16 63.49 39.51
N ILE F 302 -4.32 64.53 39.60
CA ILE F 302 -3.84 65.21 38.41
C ILE F 302 -2.97 64.28 37.59
N VAL F 303 -2.07 63.55 38.26
CA VAL F 303 -1.21 62.60 37.57
C VAL F 303 -2.03 61.49 36.92
N THR F 304 -3.12 61.06 37.58
CA THR F 304 -3.99 60.05 36.99
C THR F 304 -4.61 60.55 35.70
N ILE F 305 -4.99 61.83 35.67
CA ILE F 305 -5.60 62.37 34.46
C ILE F 305 -4.58 62.47 33.34
N VAL F 306 -3.33 62.88 33.65
CA VAL F 306 -2.31 62.94 32.60
C VAL F 306 -2.03 61.54 32.03
N LEU F 307 -2.02 60.54 32.90
CA LEU F 307 -1.86 59.16 32.42
C LEU F 307 -3.01 58.77 31.51
N ALA F 308 -4.21 59.26 31.81
CA ALA F 308 -5.35 59.01 30.93
C ALA F 308 -5.11 59.62 29.55
N VAL F 309 -4.47 60.80 29.51
CA VAL F 309 -4.11 61.40 28.23
C VAL F 309 -3.16 60.49 27.44
N GLY F 310 -2.23 59.87 28.15
CA GLY F 310 -1.29 58.98 27.47
C GLY F 310 -1.98 57.76 26.87
N THR F 311 -2.88 57.15 27.64
CA THR F 311 -3.59 55.98 27.10
C THR F 311 -4.53 56.38 25.96
N ASN F 312 -5.06 57.61 25.98
CA ASN F 312 -5.94 58.04 24.89
C ASN F 312 -5.15 58.24 23.60
N LYS F 313 -4.00 58.91 23.67
CA LYS F 313 -3.19 59.07 22.48
C LYS F 313 -2.74 57.73 21.93
N MET F 314 -2.51 56.74 22.80
CA MET F 314 -2.20 55.42 22.26
C MET F 314 -3.44 54.73 21.68
N ALA F 315 -4.63 55.03 22.21
CA ALA F 315 -5.83 54.41 21.67
C ALA F 315 -6.16 54.91 20.27
N LYS F 316 -5.80 56.15 19.93
CA LYS F 316 -6.04 56.60 18.57
C LYS F 316 -5.23 55.81 17.56
N GLN F 317 -4.06 55.30 17.94
CA GLN F 317 -3.23 54.47 17.09
C GLN F 317 -3.54 52.98 17.24
N HIS F 318 -4.72 52.64 17.78
CA HIS F 318 -5.15 51.25 17.97
C HIS F 318 -4.20 50.51 18.91
N ALA F 319 -3.75 51.19 19.96
CA ALA F 319 -2.92 50.61 21.00
C ALA F 319 -3.63 50.80 22.34
N ILE F 320 -4.24 49.74 22.85
CA ILE F 320 -5.07 49.81 24.05
C ILE F 320 -4.20 49.49 25.26
N ILE F 321 -4.00 50.46 26.14
CA ILE F 321 -3.23 50.30 27.36
C ILE F 321 -4.18 50.06 28.53
N ARG F 322 -3.97 48.94 29.24
CA ARG F 322 -4.85 48.59 30.35
C ARG F 322 -4.57 49.47 31.57
N LYS F 323 -3.35 49.41 32.09
CA LYS F 323 -2.98 50.15 33.29
C LYS F 323 -2.51 51.55 32.92
N LEU F 324 -2.94 52.55 33.69
CA LEU F 324 -2.54 53.92 33.38
C LEU F 324 -1.05 54.15 33.62
N PRO F 325 -0.47 53.79 34.76
CA PRO F 325 0.96 54.05 34.95
C PRO F 325 1.82 53.33 33.95
N ALA F 326 1.27 52.34 33.25
CA ALA F 326 2.06 51.57 32.32
C ALA F 326 2.55 52.46 31.19
N VAL F 327 1.80 53.49 30.82
CA VAL F 327 2.25 54.32 29.71
C VAL F 327 3.52 55.05 30.12
N GLU F 328 3.59 55.50 31.38
CA GLU F 328 4.79 56.18 31.82
C GLU F 328 5.95 55.19 31.90
N THR F 329 5.66 53.94 32.27
CA THR F 329 6.72 52.94 32.31
C THR F 329 7.30 52.73 30.92
N LEU F 330 6.47 52.89 29.88
CA LEU F 330 6.99 52.75 28.52
C LEU F 330 8.06 53.79 28.22
N GLY F 331 7.95 54.98 28.81
CA GLY F 331 8.93 56.01 28.51
C GLY F 331 10.30 55.70 29.06
N SER F 332 10.38 54.94 30.15
CA SER F 332 11.63 54.61 30.78
C SER F 332 12.22 53.28 30.31
N THR F 333 11.67 52.70 29.23
CA THR F 333 12.15 51.41 28.77
C THR F 333 13.54 51.52 28.15
N SER F 334 14.37 50.52 28.44
CA SER F 334 15.71 50.41 27.90
C SER F 334 15.93 49.12 27.13
N VAL F 335 15.17 48.07 27.41
CA VAL F 335 15.27 46.81 26.70
C VAL F 335 13.89 46.42 26.19
N ILE F 336 13.83 45.91 24.97
CA ILE F 336 12.60 45.44 24.38
C ILE F 336 12.84 44.01 23.91
N CYS F 337 12.35 43.03 24.68
CA CYS F 337 12.43 41.63 24.28
C CYS F 337 11.23 41.31 23.42
N THR F 338 11.48 40.71 22.25
CA THR F 338 10.45 40.48 21.27
C THR F 338 10.49 39.03 20.79
N ASP F 339 9.30 38.50 20.47
CA ASP F 339 9.18 37.19 19.85
C ASP F 339 9.30 37.36 18.34
N LYS F 340 9.67 36.29 17.66
CA LYS F 340 9.77 36.34 16.20
C LYS F 340 8.45 36.03 15.54
N THR F 341 8.16 34.73 15.38
CA THR F 341 6.99 34.32 14.63
C THR F 341 5.74 34.92 15.24
N GLY F 342 5.08 35.76 14.45
CA GLY F 342 3.87 36.43 14.84
C GLY F 342 4.06 37.85 15.36
N THR F 343 5.25 38.19 15.84
CA THR F 343 5.51 39.52 16.39
C THR F 343 6.44 40.34 15.50
N LEU F 344 7.72 39.98 15.40
CA LEU F 344 8.58 40.64 14.42
C LEU F 344 8.13 40.31 13.01
N THR F 345 7.62 39.11 12.80
CA THR F 345 7.06 38.66 11.55
C THR F 345 5.54 38.63 11.68
N GLN F 346 4.87 37.95 10.73
CA GLN F 346 3.42 37.87 10.76
C GLN F 346 2.91 36.44 10.58
N ASN F 347 3.77 35.43 10.73
CA ASN F 347 3.37 34.03 10.60
C ASN F 347 2.66 33.78 9.28
N LYS F 348 3.17 34.42 8.22
CA LYS F 348 2.56 34.36 6.90
C LYS F 348 3.67 34.08 5.90
N MET F 349 3.74 32.84 5.41
CA MET F 349 4.78 32.46 4.46
C MET F 349 4.70 33.31 3.21
N THR F 350 5.84 33.86 2.79
CA THR F 350 5.90 34.79 1.67
C THR F 350 7.19 34.57 0.88
N VAL F 351 7.06 34.52 -0.46
CA VAL F 351 8.21 34.36 -1.33
C VAL F 351 9.02 35.66 -1.38
N VAL F 352 10.35 35.54 -1.37
CA VAL F 352 11.23 36.69 -1.38
C VAL F 352 12.15 36.71 -2.60
N ASP F 353 12.70 35.55 -2.99
CA ASP F 353 13.61 35.49 -4.12
C ASP F 353 13.25 34.35 -5.09
N TYR F 354 13.72 34.51 -6.32
CA TYR F 354 13.50 33.53 -7.38
C TYR F 354 14.75 33.51 -8.25
N TYR F 355 14.96 32.38 -8.92
CA TYR F 355 16.11 32.21 -9.81
C TYR F 355 15.63 31.67 -11.14
N LEU F 356 15.89 32.42 -12.21
CA LEU F 356 15.66 31.98 -13.58
C LEU F 356 16.98 31.87 -14.32
N PRO F 357 17.22 30.76 -15.02
CA PRO F 357 18.51 30.59 -15.70
C PRO F 357 18.71 31.52 -16.88
N ASP F 358 17.66 31.88 -17.59
CA ASP F 358 17.76 32.71 -18.78
C ASP F 358 17.71 34.20 -18.42
N GLY F 359 18.64 34.60 -17.56
CA GLY F 359 18.69 36.00 -17.15
C GLY F 359 17.97 36.22 -15.84
N THR F 360 18.73 36.54 -14.79
CA THR F 360 18.19 36.78 -13.46
C THR F 360 18.03 38.28 -13.24
N LYS F 361 16.86 38.69 -12.75
CA LYS F 361 16.57 40.08 -12.45
C LYS F 361 16.74 40.32 -10.95
N GLU F 362 17.04 41.57 -10.59
CA GLU F 362 17.20 41.88 -9.17
C GLU F 362 15.88 41.75 -8.42
N ASN F 363 14.82 42.40 -8.89
CA ASN F 363 13.49 42.31 -8.30
C ASN F 363 12.50 41.81 -9.35
N PHE F 364 11.43 41.18 -8.87
CA PHE F 364 10.41 40.66 -9.76
C PHE F 364 9.52 41.79 -10.27
N PRO F 365 9.30 41.88 -11.58
CA PRO F 365 8.47 42.97 -12.12
C PRO F 365 7.01 42.79 -11.72
N GLU F 366 6.24 43.87 -11.86
CA GLU F 366 4.83 43.85 -11.47
C GLU F 366 3.87 43.93 -12.65
N SER F 367 4.37 44.01 -13.89
CA SER F 367 3.47 44.01 -15.02
C SER F 367 3.44 42.62 -15.63
N PRO F 368 2.26 42.00 -15.79
CA PRO F 368 2.22 40.66 -16.41
C PRO F 368 2.66 40.67 -17.87
N GLU F 369 2.64 41.83 -18.53
CA GLU F 369 3.04 41.93 -19.93
C GLU F 369 4.49 42.38 -20.09
N ASN F 370 5.12 42.85 -19.03
CA ASN F 370 6.55 43.17 -19.01
C ASN F 370 7.43 41.96 -18.78
N TRP F 371 6.86 40.81 -18.45
CA TRP F 371 7.65 39.63 -18.11
C TRP F 371 8.28 38.99 -19.34
N SER F 372 9.33 38.20 -19.08
CA SER F 372 10.00 37.33 -20.01
C SER F 372 9.32 35.97 -20.08
N GLU F 373 9.59 35.23 -21.16
CA GLU F 373 8.98 33.90 -21.33
C GLU F 373 9.25 33.00 -20.13
N GLY F 374 10.46 33.07 -19.56
CA GLY F 374 10.73 32.32 -18.36
C GLY F 374 9.91 32.80 -17.18
N GLU F 375 9.72 34.12 -17.08
CA GLU F 375 8.95 34.69 -15.99
C GLU F 375 7.48 34.31 -16.10
N ARG F 376 6.96 34.26 -17.32
CA ARG F 376 5.55 33.95 -17.54
C ARG F 376 5.27 32.46 -17.35
N ARG F 377 6.22 31.60 -17.75
CA ARG F 377 6.03 30.18 -17.53
C ARG F 377 6.19 29.82 -16.06
N LEU F 378 7.12 30.49 -15.37
CA LEU F 378 7.30 30.24 -13.94
C LEU F 378 6.06 30.67 -13.17
N ILE F 379 5.45 31.81 -13.53
CA ILE F 379 4.25 32.22 -12.82
C ILE F 379 3.09 31.25 -13.07
N HIS F 380 2.95 30.78 -14.32
CA HIS F 380 1.88 29.83 -14.60
C HIS F 380 2.05 28.55 -13.78
N ILE F 381 3.30 28.08 -13.63
CA ILE F 381 3.51 26.87 -12.86
C ILE F 381 3.26 27.12 -11.39
N ALA F 382 3.64 28.31 -10.90
CA ALA F 382 3.46 28.60 -9.48
C ALA F 382 1.99 28.72 -9.12
N VAL F 383 1.17 29.20 -10.05
CA VAL F 383 -0.25 29.42 -9.74
C VAL F 383 -1.07 28.16 -9.95
N LEU F 384 -0.82 27.42 -11.03
CA LEU F 384 -1.68 26.30 -11.38
C LEU F 384 -1.34 25.02 -10.63
N CYS F 385 -0.17 24.94 -10.02
CA CYS F 385 0.28 23.73 -9.32
C CYS F 385 0.00 23.80 -7.82
N ASN F 386 -1.22 24.18 -7.46
CA ASN F 386 -1.62 24.23 -6.06
C ASN F 386 -3.14 24.30 -6.00
N ASP F 387 -3.67 24.01 -4.81
CA ASP F 387 -5.11 24.01 -4.58
C ASP F 387 -5.54 25.16 -3.69
N SER F 388 -4.68 26.15 -3.50
CA SER F 388 -4.99 27.31 -2.69
C SER F 388 -5.84 28.30 -3.49
N ASN F 389 -6.64 29.08 -2.77
CA ASN F 389 -7.55 30.03 -3.38
C ASN F 389 -7.75 31.20 -2.43
N ILE F 390 -8.20 32.32 -2.99
CA ILE F 390 -8.57 33.50 -2.22
C ILE F 390 -9.93 33.98 -2.68
N ASN F 391 -10.86 34.11 -1.73
CA ASN F 391 -12.22 34.51 -2.02
C ASN F 391 -12.32 36.03 -2.07
N SER F 392 -13.54 36.55 -2.17
CA SER F 392 -13.72 37.99 -2.27
C SER F 392 -13.37 38.70 -0.96
N GLU F 393 -13.68 38.07 0.18
CA GLU F 393 -13.35 38.68 1.46
C GLU F 393 -11.85 38.71 1.71
N GLY F 394 -11.11 37.73 1.18
CA GLY F 394 -9.68 37.64 1.35
C GLY F 394 -9.22 36.50 2.22
N LYS F 395 -10.10 35.58 2.59
CA LYS F 395 -9.72 34.43 3.40
C LYS F 395 -8.97 33.42 2.55
N GLU F 396 -7.84 32.97 3.07
CA GLU F 396 -6.97 32.02 2.38
C GLU F 396 -7.31 30.60 2.84
N LEU F 397 -7.45 29.69 1.88
CA LEU F 397 -7.75 28.29 2.16
C LEU F 397 -6.79 27.42 1.37
N GLY F 398 -6.05 26.58 2.09
CA GLY F 398 -5.04 25.71 1.52
C GLY F 398 -3.76 25.78 2.31
N ASP F 399 -2.78 25.03 1.84
CA ASP F 399 -1.49 24.99 2.51
C ASP F 399 -0.84 26.37 2.43
N PRO F 400 -0.28 26.89 3.53
CA PRO F 400 0.32 28.24 3.48
C PRO F 400 1.44 28.38 2.47
N THR F 401 2.16 27.28 2.20
CA THR F 401 3.20 27.31 1.17
C THR F 401 2.59 27.59 -0.18
N GLU F 402 1.43 26.98 -0.46
CA GLU F 402 0.77 27.16 -1.73
C GLU F 402 0.07 28.52 -1.82
N VAL F 403 -0.47 29.00 -0.71
CA VAL F 403 -1.13 30.30 -0.71
C VAL F 403 -0.12 31.42 -0.96
N ALA F 404 1.15 31.20 -0.60
CA ALA F 404 2.15 32.21 -0.85
C ALA F 404 2.33 32.45 -2.34
N LEU F 405 2.10 31.43 -3.17
CA LEU F 405 2.31 31.55 -4.60
C LEU F 405 1.23 32.41 -5.26
N ILE F 406 -0.03 32.16 -4.91
CA ILE F 406 -1.09 32.98 -5.49
C ILE F 406 -1.04 34.39 -4.93
N ALA F 407 -0.58 34.55 -3.68
CA ALA F 407 -0.39 35.91 -3.18
C ALA F 407 0.74 36.63 -3.92
N PHE F 408 1.76 35.89 -4.33
CA PHE F 408 2.84 36.48 -5.11
C PHE F 408 2.33 36.93 -6.47
N SER F 409 1.45 36.14 -7.09
CA SER F 409 0.90 36.56 -8.37
C SER F 409 -0.02 37.75 -8.21
N ASN F 410 -0.88 37.75 -7.20
CA ASN F 410 -1.81 38.86 -7.00
C ASN F 410 -1.08 40.17 -6.70
N LYS F 411 0.09 40.10 -6.06
CA LYS F 411 0.85 41.33 -5.86
C LYS F 411 1.35 41.92 -7.17
N ASN F 412 1.63 41.06 -8.15
CA ASN F 412 2.21 41.47 -9.42
C ASN F 412 1.18 41.61 -10.54
N ASN F 413 -0.04 42.05 -10.20
CA ASN F 413 -1.10 42.42 -11.13
C ASN F 413 -1.61 41.24 -11.95
N GLN F 414 -1.25 40.01 -11.60
CA GLN F 414 -1.73 38.83 -12.31
C GLN F 414 -2.68 38.07 -11.40
N ASP F 415 -3.98 38.29 -11.58
CA ASP F 415 -4.99 37.60 -10.79
C ASP F 415 -4.87 36.10 -11.03
N TYR F 416 -4.74 35.33 -9.95
CA TYR F 416 -4.61 33.88 -10.09
C TYR F 416 -5.88 33.28 -10.66
N ASN F 417 -7.02 33.95 -10.43
CA ASN F 417 -8.27 33.46 -10.98
C ASN F 417 -8.28 33.53 -12.49
N GLU F 418 -7.61 34.52 -13.08
CA GLU F 418 -7.56 34.62 -14.54
C GLU F 418 -6.86 33.42 -15.15
N ILE F 419 -5.82 32.92 -14.49
CA ILE F 419 -5.11 31.75 -15.00
C ILE F 419 -5.86 30.47 -14.67
N ARG F 420 -6.57 30.40 -13.54
CA ARG F 420 -7.35 29.19 -13.27
C ARG F 420 -8.55 29.11 -14.20
N GLU F 421 -9.12 30.26 -14.58
CA GLU F 421 -10.30 30.32 -15.43
C GLU F 421 -9.93 30.11 -16.89
N LYS F 422 -8.74 30.55 -17.29
CA LYS F 422 -8.32 30.39 -18.67
C LYS F 422 -7.90 28.96 -18.96
N PHE F 423 -7.21 28.34 -18.02
CA PHE F 423 -6.70 26.99 -18.15
C PHE F 423 -7.40 26.10 -17.13
N ILE F 424 -8.16 25.13 -17.61
CA ILE F 424 -8.92 24.26 -16.72
C ILE F 424 -8.15 22.97 -16.51
N ARG F 425 -8.34 22.34 -15.35
CA ARG F 425 -7.57 21.15 -15.00
C ARG F 425 -8.21 19.88 -15.54
N GLU F 426 -7.41 19.08 -16.25
CA GLU F 426 -7.86 17.84 -16.87
C GLU F 426 -7.26 16.60 -16.23
N GLY F 427 -6.70 16.70 -15.03
CA GLY F 427 -6.06 15.55 -14.40
C GLY F 427 -5.03 15.90 -13.35
N GLU F 428 -4.89 15.03 -12.35
CA GLU F 428 -4.07 15.32 -11.17
C GLU F 428 -3.28 14.10 -10.70
N ILE F 429 -2.18 14.37 -10.01
CA ILE F 429 -1.41 13.36 -9.28
C ILE F 429 -1.34 13.78 -7.83
N PRO F 430 -1.82 12.98 -6.88
CA PRO F 430 -1.85 13.39 -5.48
C PRO F 430 -0.46 13.45 -4.87
N PHE F 431 -0.32 14.32 -3.87
CA PHE F 431 0.94 14.44 -3.15
C PHE F 431 1.13 13.24 -2.23
N ASP F 432 2.26 12.56 -2.41
CA ASP F 432 2.61 11.34 -1.68
C ASP F 432 3.46 11.70 -0.48
N SER F 433 3.30 10.92 0.59
CA SER F 433 4.04 11.17 1.83
C SER F 433 5.55 11.03 1.63
N ASP F 434 5.98 10.25 0.64
CA ASP F 434 7.40 10.06 0.36
C ASP F 434 8.00 11.27 -0.35
N ARG F 435 7.79 12.46 0.21
CA ARG F 435 8.30 13.74 -0.30
C ARG F 435 8.17 13.79 -1.83
N LYS F 436 6.92 13.70 -2.27
CA LYS F 436 6.58 13.57 -3.67
C LYS F 436 6.36 14.94 -4.31
N LEU F 437 6.20 14.92 -5.63
CA LEU F 437 5.95 16.11 -6.42
C LEU F 437 4.48 16.10 -6.81
N MET F 438 3.91 17.29 -6.97
CA MET F 438 2.52 17.44 -7.36
C MET F 438 2.44 17.84 -8.83
N SER F 439 1.73 17.05 -9.63
CA SER F 439 1.64 17.31 -11.06
C SER F 439 0.18 17.29 -11.51
N THR F 440 -0.20 18.31 -12.29
CA THR F 440 -1.53 18.41 -12.89
C THR F 440 -1.38 18.87 -14.33
N LEU F 441 -2.23 18.33 -15.21
CA LEU F 441 -2.16 18.63 -16.64
C LEU F 441 -3.37 19.41 -17.13
N HIS F 442 -3.09 20.48 -17.86
CA HIS F 442 -4.11 21.29 -18.52
C HIS F 442 -3.56 21.70 -19.88
N THR F 443 -4.43 22.25 -20.73
CA THR F 443 -4.03 22.68 -22.07
C THR F 443 -3.78 24.18 -22.06
N PHE F 444 -2.52 24.56 -22.29
CA PHE F 444 -2.10 25.95 -22.33
C PHE F 444 -2.37 26.42 -23.75
N ASN F 445 -1.48 26.01 -24.64
CA ASN F 445 -1.60 26.28 -26.05
C ASN F 445 -2.00 24.97 -26.71
N GLU F 446 -1.50 24.71 -27.92
CA GLU F 446 -1.81 23.45 -28.58
C GLU F 446 -1.12 22.27 -27.90
N ASN F 447 0.13 22.49 -27.46
CA ASN F 447 0.97 21.43 -26.90
C ASN F 447 0.36 20.64 -25.74
N LYS F 448 -0.28 21.33 -24.80
CA LYS F 448 -0.91 20.66 -23.64
C LYS F 448 0.18 20.00 -22.82
N ALA F 449 0.84 20.78 -21.97
CA ALA F 449 1.95 20.38 -21.12
C ALA F 449 1.51 19.98 -19.72
N MET F 450 2.36 19.21 -19.05
CA MET F 450 2.13 18.74 -17.69
C MET F 450 3.08 19.46 -16.72
N LEU F 451 2.50 20.08 -15.68
CA LEU F 451 3.23 20.85 -14.69
C LEU F 451 3.66 19.99 -13.51
N THR F 452 4.79 20.37 -12.91
CA THR F 452 5.38 19.60 -11.82
C THR F 452 6.12 20.59 -10.93
N LYS F 453 6.02 20.39 -9.62
CA LYS F 453 6.75 21.22 -8.67
C LYS F 453 7.18 20.37 -7.48
N GLY F 454 8.23 20.79 -6.80
CA GLY F 454 8.66 20.07 -5.63
C GLY F 454 10.01 20.56 -5.15
N GLY F 455 10.53 19.87 -4.14
CA GLY F 455 11.78 20.27 -3.54
C GLY F 455 12.92 20.10 -4.52
N PRO F 456 13.99 20.89 -4.37
CA PRO F 456 15.08 20.79 -5.35
C PRO F 456 15.78 19.45 -5.32
N ASP F 457 15.84 18.79 -4.16
CA ASP F 457 16.54 17.52 -4.06
C ASP F 457 15.87 16.47 -4.94
N VAL F 458 14.55 16.36 -4.86
CA VAL F 458 13.83 15.38 -5.69
C VAL F 458 13.47 15.91 -7.07
N MET F 459 13.48 17.23 -7.28
CA MET F 459 13.14 17.73 -8.61
C MET F 459 14.35 17.71 -9.54
N PHE F 460 15.55 18.01 -9.03
CA PHE F 460 16.72 18.01 -9.89
C PHE F 460 17.07 16.60 -10.36
N ALA F 461 16.73 15.59 -9.57
CA ALA F 461 17.00 14.21 -9.93
C ALA F 461 16.04 13.70 -11.00
N ARG F 462 14.93 14.40 -11.22
CA ARG F 462 13.93 14.00 -12.19
C ARG F 462 13.82 14.99 -13.34
N CYS F 463 14.64 16.05 -13.32
CA CYS F 463 14.68 17.03 -14.39
C CYS F 463 15.85 16.71 -15.32
N SER F 464 15.56 16.54 -16.60
CA SER F 464 16.58 16.24 -17.60
C SER F 464 16.65 17.30 -18.69
N TYR F 465 15.93 18.40 -18.56
CA TYR F 465 15.99 19.47 -19.55
C TYR F 465 15.81 20.80 -18.83
N VAL F 466 16.33 21.87 -19.43
CA VAL F 466 16.18 23.21 -18.88
C VAL F 466 15.63 24.11 -19.99
N PHE F 467 15.01 25.22 -19.58
CA PHE F 467 14.41 26.19 -20.48
C PHE F 467 15.29 27.44 -20.51
N LEU F 468 16.19 27.49 -21.49
CA LEU F 468 17.03 28.65 -21.76
C LEU F 468 16.66 29.34 -23.05
N ASP F 469 16.56 28.59 -24.15
CA ASP F 469 16.11 29.09 -25.45
C ASP F 469 15.46 27.88 -26.13
N GLY F 470 14.20 27.65 -25.83
CA GLY F 470 13.53 26.50 -26.42
C GLY F 470 13.79 25.30 -25.55
N GLU F 471 14.18 24.22 -26.21
CA GLU F 471 14.54 22.96 -25.57
C GLU F 471 16.05 22.94 -25.39
N GLU F 472 16.53 22.75 -24.16
CA GLU F 472 17.96 22.80 -23.87
C GLU F 472 18.41 21.62 -23.03
N LYS F 473 19.53 20.94 -23.46
CA LYS F 473 20.06 19.86 -22.62
C LYS F 473 20.87 20.44 -21.46
N PRO F 474 20.77 19.87 -20.27
CA PRO F 474 21.50 20.42 -19.12
C PRO F 474 22.92 19.87 -19.08
N MET F 475 23.90 20.75 -18.92
CA MET F 475 25.27 20.29 -18.76
C MET F 475 25.61 20.18 -17.28
N THR F 476 26.33 19.12 -16.91
CA THR F 476 26.73 18.92 -15.53
C THR F 476 27.44 20.14 -14.94
N GLU F 477 28.16 20.88 -15.76
CA GLU F 477 28.86 22.08 -15.31
C GLU F 477 28.23 23.31 -15.94
N GLU F 478 28.11 24.38 -15.16
CA GLU F 478 27.58 25.66 -15.59
C GLU F 478 26.06 25.64 -15.64
N ILE F 479 25.45 24.45 -15.48
CA ILE F 479 24.00 24.32 -15.36
C ILE F 479 23.60 23.56 -14.10
N LEU F 480 24.11 22.34 -13.95
CA LEU F 480 23.82 21.56 -12.75
C LEU F 480 24.61 22.10 -11.56
N ALA F 481 25.85 22.52 -11.80
CA ALA F 481 26.64 23.10 -10.72
C ALA F 481 26.06 24.45 -10.30
N LYS F 482 25.54 25.22 -11.25
CA LYS F 482 24.87 26.47 -10.89
C LYS F 482 23.58 26.22 -10.12
N LEU F 483 22.87 25.13 -10.43
CA LEU F 483 21.68 24.78 -9.66
C LEU F 483 22.05 24.49 -8.21
N LYS F 484 23.09 23.68 -7.99
CA LYS F 484 23.49 23.40 -6.62
C LYS F 484 24.07 24.61 -5.92
N GLU F 485 24.73 25.49 -6.68
CA GLU F 485 25.30 26.70 -6.10
C GLU F 485 24.20 27.60 -5.56
N THR F 486 23.19 27.90 -6.39
CA THR F 486 22.16 28.84 -5.97
C THR F 486 21.20 28.21 -4.98
N ASN F 487 20.98 26.90 -5.05
CA ASN F 487 20.09 26.28 -4.08
C ASN F 487 20.72 26.28 -2.69
N GLU F 488 22.00 25.90 -2.58
CA GLU F 488 22.63 25.94 -1.27
C GLU F 488 22.81 27.37 -0.76
N GLU F 489 22.95 28.36 -1.65
CA GLU F 489 22.97 29.73 -1.13
C GLU F 489 21.61 30.11 -0.53
N PHE F 490 20.52 29.70 -1.18
CA PHE F 490 19.20 29.95 -0.61
C PHE F 490 19.03 29.22 0.71
N SER F 491 19.55 28.00 0.82
CA SER F 491 19.47 27.27 2.09
C SER F 491 20.29 27.96 3.17
N ASN F 492 21.40 28.59 2.78
CA ASN F 492 22.20 29.36 3.74
C ASN F 492 21.45 30.58 4.25
N GLN F 493 20.46 31.08 3.52
CA GLN F 493 19.66 32.18 4.04
C GLN F 493 18.37 31.72 4.72
N ALA F 494 18.25 30.42 5.04
CA ALA F 494 17.09 29.85 5.72
C ALA F 494 15.80 30.11 4.95
N LEU F 495 15.79 29.64 3.70
CA LEU F 495 14.67 29.81 2.79
C LEU F 495 14.15 28.45 2.34
N ARG F 496 12.84 28.27 2.39
CA ARG F 496 12.25 27.06 1.84
C ARG F 496 12.25 27.18 0.32
N VAL F 497 12.93 26.26 -0.35
CA VAL F 497 13.14 26.33 -1.79
C VAL F 497 12.19 25.38 -2.48
N LEU F 498 11.60 25.82 -3.59
CA LEU F 498 10.79 24.98 -4.45
C LEU F 498 11.24 25.16 -5.89
N ALA F 499 11.36 24.05 -6.61
CA ALA F 499 11.71 24.05 -8.01
C ALA F 499 10.47 23.72 -8.84
N TYR F 500 10.35 24.38 -9.99
CA TYR F 500 9.19 24.24 -10.84
C TYR F 500 9.61 23.75 -12.22
N GLY F 501 8.65 23.14 -12.91
CA GLY F 501 8.94 22.64 -14.23
C GLY F 501 7.67 22.16 -14.91
N TYR F 502 7.86 21.74 -16.15
CA TYR F 502 6.79 21.24 -16.99
C TYR F 502 7.37 20.20 -17.91
N LYS F 503 6.52 19.62 -18.74
CA LYS F 503 6.97 18.69 -19.76
C LYS F 503 5.99 18.75 -20.91
N ARG F 504 6.55 18.91 -22.11
CA ARG F 504 5.77 19.01 -23.32
C ARG F 504 5.17 17.66 -23.69
N MET F 505 4.01 17.70 -24.34
CA MET F 505 3.41 16.49 -24.86
C MET F 505 2.87 16.78 -26.24
N PRO F 506 2.62 15.76 -27.06
CA PRO F 506 2.07 16.03 -28.40
C PRO F 506 0.57 16.31 -28.44
N ALA F 507 0.04 17.03 -27.45
CA ALA F 507 -1.38 17.36 -27.40
C ALA F 507 -2.26 16.11 -27.53
N ASP F 508 -1.88 15.05 -26.84
CA ASP F 508 -2.63 13.80 -26.95
C ASP F 508 -2.81 13.03 -25.66
N THR F 509 -2.04 13.30 -24.60
CA THR F 509 -2.22 12.56 -23.36
C THR F 509 -3.37 13.19 -22.58
N THR F 510 -4.25 12.34 -22.04
CA THR F 510 -5.38 12.84 -21.26
C THR F 510 -5.40 12.35 -19.82
N GLU F 511 -4.45 11.53 -19.39
CA GLU F 511 -4.44 11.01 -18.03
C GLU F 511 -3.02 11.00 -17.51
N LEU F 512 -2.89 11.10 -16.19
CA LEU F 512 -1.58 11.16 -15.56
C LEU F 512 -1.26 9.83 -14.88
N LYS F 513 -0.04 9.34 -15.05
CA LYS F 513 0.42 8.15 -14.34
C LYS F 513 1.71 8.51 -13.61
N LEU F 514 2.06 7.66 -12.63
CA LEU F 514 3.27 7.86 -11.84
C LEU F 514 4.52 7.31 -12.51
N GLU F 515 4.39 6.50 -13.56
CA GLU F 515 5.55 5.88 -14.18
C GLU F 515 6.39 6.87 -14.99
N ASP F 516 5.84 8.03 -15.33
CA ASP F 516 6.47 8.99 -16.23
C ASP F 516 6.91 10.30 -15.55
N GLU F 517 7.56 10.21 -14.38
CA GLU F 517 7.94 11.38 -13.60
C GLU F 517 9.42 11.75 -13.77
N GLN F 518 10.02 11.37 -14.90
CA GLN F 518 11.39 11.73 -15.27
C GLN F 518 11.40 12.59 -16.52
N ASP F 519 12.62 13.00 -16.90
CA ASP F 519 12.88 13.92 -18.01
C ASP F 519 11.88 15.07 -18.03
N ILE F 520 11.99 15.92 -17.01
CA ILE F 520 11.21 17.14 -16.86
C ILE F 520 12.05 18.32 -17.33
N VAL F 521 11.39 19.31 -17.91
CA VAL F 521 12.05 20.54 -18.34
C VAL F 521 11.95 21.54 -17.21
N LEU F 522 13.10 21.99 -16.70
CA LEU F 522 13.12 22.88 -15.55
C LEU F 522 12.95 24.32 -15.98
N VAL F 523 12.18 25.07 -15.18
CA VAL F 523 11.92 26.47 -15.47
C VAL F 523 12.72 27.33 -14.51
N GLY F 524 12.36 27.30 -13.23
CA GLY F 524 13.06 28.14 -12.27
C GLY F 524 12.90 27.64 -10.85
N LEU F 525 13.48 28.41 -9.93
CA LEU F 525 13.42 28.12 -8.50
C LEU F 525 12.84 29.31 -7.77
N THR F 526 12.26 29.03 -6.59
CA THR F 526 11.68 30.05 -5.73
C THR F 526 12.09 29.75 -4.30
N ALA F 527 12.03 30.79 -3.47
CA ALA F 527 12.37 30.68 -2.06
C ALA F 527 11.37 31.50 -1.26
N MET F 528 10.75 30.87 -0.26
CA MET F 528 9.76 31.55 0.59
C MET F 528 10.19 31.41 2.05
N ILE F 529 9.88 32.44 2.84
CA ILE F 529 10.21 32.51 4.26
C ILE F 529 9.10 33.27 4.97
N ASP F 530 9.15 33.24 6.31
CA ASP F 530 8.29 34.07 7.15
C ASP F 530 8.91 35.46 7.32
N PRO F 531 8.47 36.45 6.56
CA PRO F 531 9.17 37.74 6.55
C PRO F 531 8.74 38.60 7.72
N PRO F 532 9.63 39.47 8.21
CA PRO F 532 9.23 40.42 9.24
C PRO F 532 8.32 41.49 8.65
N ARG F 533 7.67 42.24 9.53
CA ARG F 533 6.81 43.32 9.08
C ARG F 533 7.66 44.45 8.50
N GLU F 534 7.04 45.25 7.62
CA GLU F 534 7.79 46.27 6.90
C GLU F 534 8.28 47.38 7.82
N ALA F 535 7.52 47.69 8.87
CA ALA F 535 7.88 48.78 9.75
C ALA F 535 8.93 48.39 10.79
N VAL F 536 9.32 47.10 10.83
CA VAL F 536 10.25 46.65 11.85
C VAL F 536 11.64 47.25 11.62
N TYR F 537 12.08 47.34 10.36
CA TYR F 537 13.40 47.87 10.07
C TYR F 537 13.54 49.30 10.60
N ALA F 538 12.57 50.14 10.27
CA ALA F 538 12.61 51.53 10.71
C ALA F 538 12.37 51.65 12.21
N SER F 539 11.55 50.76 12.79
CA SER F 539 11.29 50.81 14.22
C SER F 539 12.55 50.47 15.02
N ILE F 540 13.31 49.49 14.54
CA ILE F 540 14.53 49.10 15.24
C ILE F 540 15.58 50.20 15.12
N GLU F 541 15.67 50.83 13.93
CA GLU F 541 16.60 51.96 13.83
C GLU F 541 16.16 53.12 14.72
N GLU F 542 14.85 53.35 14.86
CA GLU F 542 14.35 54.41 15.73
C GLU F 542 14.70 54.12 17.18
N SER F 543 14.64 52.85 17.59
CA SER F 543 15.02 52.51 18.95
C SER F 543 16.53 52.61 19.14
N LYS F 544 17.31 52.36 18.07
CA LYS F 544 18.75 52.55 18.17
C LYS F 544 19.11 54.01 18.43
N LYS F 545 18.44 54.93 17.74
CA LYS F 545 18.71 56.34 18.01
C LYS F 545 18.35 56.74 19.43
N ALA F 546 17.43 56.02 20.07
CA ALA F 546 17.02 56.29 21.44
C ALA F 546 17.81 55.53 22.49
N GLY F 547 18.85 54.78 22.11
CA GLY F 547 19.61 54.07 23.11
C GLY F 547 18.88 52.90 23.74
N ILE F 548 18.15 52.14 22.94
CA ILE F 548 17.36 51.00 23.42
C ILE F 548 17.93 49.74 22.81
N ARG F 549 18.24 48.76 23.65
CA ARG F 549 18.72 47.48 23.17
C ARG F 549 17.52 46.61 22.80
N THR F 550 17.57 45.99 21.62
CA THR F 550 16.50 45.11 21.16
C THR F 550 17.02 43.69 21.11
N VAL F 551 16.33 42.79 21.82
CA VAL F 551 16.70 41.39 21.95
C VAL F 551 15.57 40.54 21.39
N MET F 552 15.91 39.52 20.62
CA MET F 552 14.93 38.63 20.01
C MET F 552 14.94 37.28 20.73
N ILE F 553 13.78 36.87 21.24
CA ILE F 553 13.63 35.61 21.95
C ILE F 553 12.56 34.81 21.20
N THR F 554 12.99 33.82 20.40
CA THR F 554 12.09 33.04 19.57
C THR F 554 12.27 31.56 19.83
N GLY F 555 11.20 30.81 19.58
CA GLY F 555 11.19 29.37 19.65
C GLY F 555 11.42 28.69 18.33
N ASP F 556 11.75 29.44 17.28
CA ASP F 556 11.97 28.84 15.97
C ASP F 556 13.39 28.29 15.88
N HIS F 557 13.67 27.61 14.78
CA HIS F 557 14.96 26.97 14.59
C HIS F 557 16.08 28.00 14.48
N LYS F 558 17.30 27.56 14.77
CA LYS F 558 18.44 28.47 14.79
C LYS F 558 18.66 29.12 13.43
N THR F 559 18.52 28.36 12.34
CA THR F 559 18.76 28.91 11.01
C THR F 559 17.76 30.02 10.67
N THR F 560 16.47 29.80 10.95
CA THR F 560 15.49 30.84 10.69
C THR F 560 15.68 32.03 11.62
N ALA F 561 15.94 31.76 12.89
CA ALA F 561 16.17 32.81 13.88
C ALA F 561 17.46 33.58 13.64
N GLN F 562 18.36 33.06 12.81
CA GLN F 562 19.56 33.75 12.41
C GLN F 562 19.34 34.52 11.11
N ALA F 563 18.50 33.99 10.22
CA ALA F 563 18.13 34.73 9.03
C ALA F 563 17.42 36.03 9.40
N ILE F 564 16.34 35.93 10.18
CA ILE F 564 15.78 37.13 10.80
C ILE F 564 16.70 37.59 11.92
N GLY F 565 16.79 38.91 12.10
CA GLY F 565 17.75 39.48 13.02
C GLY F 565 19.03 39.92 12.33
N ARG F 566 19.45 39.15 11.34
CA ARG F 566 20.54 39.58 10.47
C ARG F 566 20.08 40.60 9.44
N ASP F 567 18.81 40.52 9.03
CA ASP F 567 18.26 41.45 8.05
C ASP F 567 17.73 42.73 8.70
N ILE F 568 17.24 42.64 9.94
CA ILE F 568 16.65 43.80 10.61
C ILE F 568 17.67 44.60 11.40
N GLY F 569 18.92 44.14 11.49
CA GLY F 569 19.98 44.91 12.11
C GLY F 569 20.31 44.59 13.55
N LEU F 570 20.23 43.30 13.91
CA LEU F 570 20.60 42.85 15.25
C LEU F 570 21.87 42.02 15.29
N MET F 571 22.18 41.30 14.20
CA MET F 571 23.34 40.42 14.10
C MET F 571 24.21 40.79 12.90
N ASP F 572 25.51 40.82 13.12
CA ASP F 572 26.43 40.92 12.00
C ASP F 572 26.74 39.52 11.45
N ALA F 573 27.42 39.52 10.30
CA ALA F 573 27.92 38.30 9.66
C ALA F 573 28.60 37.36 10.66
N ASP F 574 28.18 36.09 10.65
CA ASP F 574 28.80 35.03 11.44
C ASP F 574 28.68 35.24 12.95
N ASP F 575 27.57 35.80 13.40
CA ASP F 575 27.25 35.86 14.82
C ASP F 575 26.37 34.66 15.19
N ILE F 576 26.60 34.11 16.36
CA ILE F 576 25.91 32.90 16.81
C ILE F 576 24.79 33.27 17.76
N ALA F 577 23.73 32.48 17.73
CA ALA F 577 22.57 32.64 18.60
C ALA F 577 22.62 31.56 19.69
N LEU F 578 22.19 31.94 20.89
CA LEU F 578 22.11 30.97 21.97
C LEU F 578 20.91 30.06 21.76
N THR F 579 21.04 28.82 22.19
CA THR F 579 19.99 27.82 22.03
C THR F 579 19.40 27.46 23.38
N GLY F 580 18.19 26.89 23.34
CA GLY F 580 17.57 26.43 24.57
C GLY F 580 18.41 25.39 25.28
N GLN F 581 19.11 24.54 24.53
CA GLN F 581 20.02 23.57 25.12
C GLN F 581 21.16 24.29 25.84
N GLU F 582 21.84 25.19 25.13
CA GLU F 582 22.96 25.92 25.71
C GLU F 582 22.50 26.90 26.79
N LEU F 583 21.28 27.40 26.69
CA LEU F 583 20.78 28.31 27.71
C LEU F 583 20.41 27.55 28.98
N ASP F 584 19.77 26.40 28.83
CA ASP F 584 19.43 25.58 29.99
C ASP F 584 20.68 25.03 30.67
N ALA F 585 21.78 24.89 29.93
CA ALA F 585 23.01 24.40 30.55
C ALA F 585 23.80 25.49 31.28
N MET F 586 23.48 26.79 31.07
CA MET F 586 24.21 27.87 31.73
C MET F 586 23.58 28.23 33.07
N PRO F 587 24.36 28.32 34.15
CA PRO F 587 23.82 28.82 35.42
C PRO F 587 23.59 30.33 35.36
N GLU F 588 22.94 30.84 36.40
CA GLU F 588 22.59 32.26 36.43
C GLU F 588 23.82 33.15 36.57
N GLU F 589 24.86 32.69 37.28
CA GLU F 589 26.05 33.50 37.44
C GLU F 589 26.79 33.68 36.11
N GLU F 590 26.82 32.64 35.28
CA GLU F 590 27.43 32.77 33.96
C GLU F 590 26.58 33.65 33.05
N LEU F 591 25.25 33.51 33.16
CA LEU F 591 24.37 34.29 32.30
C LEU F 591 24.41 35.77 32.67
N ASP F 592 24.61 36.11 33.94
CA ASP F 592 24.70 37.52 34.31
C ASP F 592 25.87 38.21 33.63
N LYS F 593 26.99 37.51 33.46
CA LYS F 593 28.14 38.08 32.77
C LYS F 593 28.08 37.91 31.26
N LYS F 594 27.24 37.00 30.76
CA LYS F 594 27.09 36.83 29.32
C LYS F 594 25.83 37.47 28.74
N LEU F 595 25.04 38.18 29.56
CA LEU F 595 23.74 38.69 29.11
C LEU F 595 23.88 39.88 28.18
N GLU F 596 24.90 40.71 28.36
CA GLU F 596 25.01 41.99 27.67
C GLU F 596 25.59 41.87 26.25
N HIS F 597 25.75 40.65 25.71
CA HIS F 597 26.34 40.46 24.39
C HIS F 597 25.53 39.56 23.45
N ILE F 598 24.36 39.07 23.87
CA ILE F 598 23.50 38.27 23.03
C ILE F 598 22.62 39.21 22.22
N ALA F 599 21.94 38.68 21.21
CA ALA F 599 20.99 39.50 20.46
C ALA F 599 19.76 38.69 20.14
N VAL F 600 19.92 37.37 20.04
CA VAL F 600 18.85 36.46 19.65
C VAL F 600 18.95 35.17 20.43
N TYR F 601 17.82 34.70 20.96
CA TYR F 601 17.71 33.37 21.53
C TYR F 601 16.88 32.53 20.59
N ALA F 602 17.30 31.29 20.36
CA ALA F 602 16.62 30.43 19.38
C ALA F 602 16.24 29.12 20.04
N ARG F 603 15.10 28.59 19.62
CA ARG F 603 14.60 27.29 20.09
C ARG F 603 14.55 27.27 21.62
N VAL F 604 13.79 28.21 22.18
CA VAL F 604 13.73 28.39 23.62
C VAL F 604 12.38 27.90 24.13
N SER F 605 12.37 27.54 25.41
CA SER F 605 11.19 27.08 26.12
C SER F 605 10.48 28.27 26.75
N PRO F 606 9.23 28.08 27.17
CA PRO F 606 8.53 29.18 27.87
C PRO F 606 9.23 29.65 29.13
N GLU F 607 9.98 28.77 29.82
CA GLU F 607 10.75 29.21 30.97
C GLU F 607 11.98 30.01 30.57
N ASN F 608 12.49 29.81 29.35
CA ASN F 608 13.68 30.55 28.93
C ASN F 608 13.37 32.02 28.71
N LYS F 609 12.19 32.33 28.17
CA LYS F 609 11.83 33.72 27.94
C LYS F 609 11.68 34.48 29.25
N ILE F 610 10.94 33.90 30.20
CA ILE F 610 10.76 34.55 31.50
C ILE F 610 12.09 34.62 32.25
N ARG F 611 12.99 33.66 32.01
CA ARG F 611 14.30 33.73 32.64
C ARG F 611 15.13 34.88 32.08
N ILE F 612 15.07 35.08 30.76
CA ILE F 612 15.83 36.19 30.15
C ILE F 612 15.27 37.52 30.63
N VAL F 613 13.94 37.64 30.70
CA VAL F 613 13.34 38.88 31.16
C VAL F 613 13.70 39.14 32.62
N LYS F 614 13.67 38.09 33.46
CA LYS F 614 14.09 38.24 34.86
C LYS F 614 15.55 38.65 34.95
N ALA F 615 16.39 38.13 34.04
CA ALA F 615 17.80 38.46 34.05
C ALA F 615 18.02 39.92 33.66
N TRP F 616 17.29 40.41 32.66
CA TRP F 616 17.41 41.81 32.28
C TRP F 616 16.86 42.73 33.36
N GLN F 617 15.81 42.30 34.06
CA GLN F 617 15.30 43.06 35.19
C GLN F 617 16.28 43.05 36.35
N LYS F 618 17.06 41.96 36.50
CA LYS F 618 18.07 41.90 37.54
C LYS F 618 19.20 42.90 37.28
N LYS F 619 19.46 43.22 36.01
CA LYS F 619 20.40 44.29 35.66
C LYS F 619 19.87 45.68 35.98
N GLY F 620 18.63 45.81 36.43
CA GLY F 620 18.06 47.10 36.75
C GLY F 620 17.45 47.83 35.58
N LYS F 621 17.24 47.15 34.45
CA LYS F 621 16.70 47.75 33.25
C LYS F 621 15.18 47.55 33.17
N ILE F 622 14.48 48.60 32.74
CA ILE F 622 13.04 48.53 32.49
C ILE F 622 12.84 47.81 31.16
N THR F 623 12.21 46.64 31.20
CA THR F 623 12.09 45.78 30.02
C THR F 623 10.66 45.74 29.50
N ALA F 624 10.56 45.77 28.17
CA ALA F 624 9.30 45.56 27.47
C ALA F 624 9.40 44.22 26.76
N MET F 625 8.30 43.49 26.76
CA MET F 625 8.23 42.19 26.11
C MET F 625 7.07 42.22 25.13
N THR F 626 7.35 41.94 23.87
CA THR F 626 6.32 41.91 22.83
C THR F 626 6.13 40.48 22.37
N GLY F 627 4.88 40.06 22.21
CA GLY F 627 4.61 38.66 21.90
C GLY F 627 3.21 38.42 21.39
N ASP F 628 2.98 37.15 20.97
CA ASP F 628 1.70 36.77 20.37
C ASP F 628 1.23 35.36 20.69
N GLY F 629 1.91 34.59 21.54
CA GLY F 629 1.52 33.20 21.78
C GLY F 629 1.64 32.82 23.25
N VAL F 630 1.24 31.58 23.55
CA VAL F 630 1.17 31.12 24.93
C VAL F 630 2.56 31.04 25.55
N ASN F 631 3.58 30.82 24.72
CA ASN F 631 4.94 30.73 25.25
C ASN F 631 5.43 32.07 25.78
N ASP F 632 4.89 33.18 25.27
CA ASP F 632 5.31 34.50 25.74
C ASP F 632 4.59 34.95 27.00
N ALA F 633 3.53 34.24 27.43
CA ALA F 633 2.76 34.71 28.58
C ALA F 633 3.61 34.87 29.84
N PRO F 634 4.47 33.91 30.22
CA PRO F 634 5.34 34.17 31.39
C PRO F 634 6.22 35.38 31.20
N ALA F 635 6.77 35.55 29.99
CA ALA F 635 7.62 36.69 29.69
C ALA F 635 6.83 37.97 29.54
N LEU F 636 5.58 37.89 29.08
CA LEU F 636 4.76 39.08 28.99
C LEU F 636 4.35 39.60 30.36
N LYS F 637 4.03 38.68 31.28
CA LYS F 637 3.60 39.10 32.61
C LYS F 637 4.76 39.48 33.50
N GLN F 638 5.92 38.84 33.33
CA GLN F 638 7.07 39.19 34.17
C GLN F 638 7.66 40.54 33.78
N ALA F 639 7.59 40.89 32.50
CA ALA F 639 8.21 42.10 31.99
C ALA F 639 7.59 43.35 32.60
N ASP F 640 8.34 44.45 32.54
CA ASP F 640 7.83 45.73 33.03
C ASP F 640 6.67 46.22 32.19
N ILE F 641 6.69 45.95 30.89
CA ILE F 641 5.54 46.31 30.04
C ILE F 641 5.39 45.27 28.93
N GLY F 642 4.25 44.59 28.92
CA GLY F 642 3.95 43.57 27.94
C GLY F 642 3.07 44.11 26.82
N VAL F 643 3.44 43.77 25.59
CA VAL F 643 2.75 44.22 24.38
C VAL F 643 2.31 42.97 23.64
N ALA F 644 1.00 42.83 23.43
CA ALA F 644 0.45 41.68 22.76
C ALA F 644 -0.11 42.04 21.39
N MET F 645 0.02 41.10 20.45
CA MET F 645 -0.54 41.31 19.13
C MET F 645 -2.05 41.08 19.15
N GLY F 646 -2.79 41.88 18.39
CA GLY F 646 -4.23 41.74 18.34
C GLY F 646 -4.69 40.46 17.68
N SER F 647 -3.91 39.96 16.72
CA SER F 647 -4.20 38.70 16.06
C SER F 647 -3.56 37.51 16.79
N GLY F 648 -3.01 37.74 17.97
CA GLY F 648 -2.40 36.68 18.74
C GLY F 648 -3.44 35.90 19.54
N THR F 649 -2.94 34.98 20.35
CA THR F 649 -3.80 34.16 21.16
C THR F 649 -4.36 34.96 22.34
N ASP F 650 -5.45 34.45 22.92
CA ASP F 650 -6.10 35.16 24.01
C ASP F 650 -5.27 35.13 25.29
N VAL F 651 -4.46 34.08 25.49
CA VAL F 651 -3.62 34.01 26.68
C VAL F 651 -2.56 35.11 26.65
N ALA F 652 -1.96 35.34 25.48
CA ALA F 652 -0.96 36.39 25.36
C ALA F 652 -1.59 37.77 25.52
N LYS F 653 -2.84 37.94 25.07
CA LYS F 653 -3.50 39.23 25.26
C LYS F 653 -3.83 39.48 26.72
N ASP F 654 -4.25 38.44 27.45
CA ASP F 654 -4.51 38.60 28.86
C ASP F 654 -3.25 38.81 29.68
N SER F 655 -2.08 38.39 29.16
CA SER F 655 -0.85 38.58 29.92
C SER F 655 -0.18 39.92 29.69
N ALA F 656 -0.55 40.67 28.67
CA ALA F 656 0.10 41.93 28.34
C ALA F 656 -0.62 43.11 28.96
N ALA F 657 0.05 44.25 28.96
CA ALA F 657 -0.52 45.50 29.47
C ALA F 657 -0.94 46.47 28.39
N MET F 658 -0.35 46.34 27.19
CA MET F 658 -0.76 47.12 26.03
C MET F 658 -0.96 46.15 24.87
N ILE F 659 -1.97 46.43 24.04
CA ILE F 659 -2.34 45.56 22.93
C ILE F 659 -2.34 46.37 21.65
N LEU F 660 -1.61 45.91 20.64
CA LEU F 660 -1.60 46.56 19.33
C LEU F 660 -2.71 45.96 18.48
N THR F 661 -3.86 46.64 18.43
CA THR F 661 -5.02 46.11 17.73
C THR F 661 -4.75 45.93 16.24
N ASP F 662 -4.13 46.92 15.61
CA ASP F 662 -3.85 46.89 14.18
C ASP F 662 -2.54 46.18 13.84
N ASP F 663 -1.89 45.55 14.81
CA ASP F 663 -0.61 44.85 14.59
C ASP F 663 0.45 45.77 13.98
N ASN F 664 0.34 47.08 14.24
CA ASN F 664 1.31 48.05 13.75
C ASN F 664 2.52 48.02 14.66
N PHE F 665 3.62 47.44 14.18
CA PHE F 665 4.79 47.28 15.03
C PHE F 665 5.43 48.62 15.38
N VAL F 666 5.37 49.59 14.47
CA VAL F 666 5.95 50.89 14.74
C VAL F 666 5.25 51.62 15.87
N SER F 667 4.11 51.10 16.32
CA SER F 667 3.42 51.71 17.45
C SER F 667 4.25 51.59 18.72
N ILE F 668 5.09 50.56 18.84
CA ILE F 668 5.83 50.36 20.08
C ILE F 668 6.75 51.56 20.34
N VAL F 669 7.57 51.91 19.36
CA VAL F 669 8.41 53.11 19.52
C VAL F 669 7.53 54.33 19.71
N ASP F 670 6.40 54.39 18.99
CA ASP F 670 5.50 55.52 19.17
C ASP F 670 5.02 55.56 20.61
N ALA F 671 4.76 54.40 21.21
CA ALA F 671 4.32 54.37 22.60
C ALA F 671 5.43 54.89 23.51
N VAL F 672 6.68 54.52 23.22
CA VAL F 672 7.79 55.07 23.99
C VAL F 672 7.79 56.58 23.86
N GLY F 673 7.59 57.08 22.64
CA GLY F 673 7.55 58.52 22.44
C GLY F 673 6.46 59.18 23.26
N VAL F 674 5.29 58.53 23.31
CA VAL F 674 4.21 59.06 24.14
C VAL F 674 4.61 58.96 25.61
N GLY F 675 5.13 57.80 26.02
CA GLY F 675 5.43 57.62 27.43
C GLY F 675 6.46 58.62 27.92
N ARG F 676 7.50 58.86 27.12
CA ARG F 676 8.50 59.84 27.52
C ARG F 676 7.87 61.22 27.61
N THR F 677 7.01 61.56 26.65
CA THR F 677 6.40 62.88 26.71
C THR F 677 5.48 62.97 27.90
N VAL F 678 4.82 61.86 28.26
CA VAL F 678 3.97 61.88 29.44
C VAL F 678 4.80 62.29 30.64
N PHE F 679 5.96 61.66 30.83
CA PHE F 679 6.76 62.00 31.99
C PHE F 679 7.24 63.43 31.91
N ASP F 680 7.60 63.88 30.70
CA ASP F 680 8.05 65.26 30.55
C ASP F 680 6.98 66.21 31.05
N ASN F 681 5.72 65.96 30.67
CA ASN F 681 4.67 66.89 31.08
C ASN F 681 4.39 66.76 32.56
N ILE F 682 4.52 65.54 33.11
CA ILE F 682 4.39 65.38 34.56
C ILE F 682 5.47 66.18 35.25
N LYS F 683 6.70 66.10 34.71
CA LYS F 683 7.79 66.89 35.25
C LYS F 683 7.48 68.37 35.22
N LYS F 684 6.74 68.82 34.19
CA LYS F 684 6.35 70.22 34.12
C LYS F 684 5.29 70.55 35.17
N SER F 685 4.29 69.68 35.35
CA SER F 685 3.18 70.01 36.24
C SER F 685 3.60 70.03 37.70
N ILE F 686 4.34 69.00 38.14
CA ILE F 686 4.75 68.95 39.53
C ILE F 686 5.65 70.13 39.86
N ALA F 687 6.55 70.50 38.94
CA ALA F 687 7.38 71.67 39.15
C ALA F 687 6.53 72.92 39.28
N TYR F 688 5.39 72.98 38.58
CA TYR F 688 4.47 74.09 38.75
C TYR F 688 3.77 74.03 40.10
N LEU F 689 3.40 72.83 40.57
CA LEU F 689 2.65 72.77 41.82
C LEU F 689 3.49 73.22 43.01
N PHE F 690 4.74 72.77 43.08
CA PHE F 690 5.57 73.11 44.24
C PHE F 690 6.14 74.52 44.17
N ALA F 691 6.37 75.05 42.97
CA ALA F 691 6.81 76.44 42.87
C ALA F 691 5.77 77.37 43.49
N GLY F 692 4.49 77.02 43.36
CA GLY F 692 3.46 77.75 44.07
C GLY F 692 3.43 77.40 45.55
N ASN F 693 3.70 76.14 45.89
CA ASN F 693 3.74 75.73 47.29
C ASN F 693 4.92 76.38 48.01
N LEU F 694 6.10 76.36 47.38
CA LEU F 694 7.27 76.97 47.99
C LEU F 694 7.05 78.46 48.22
N GLY F 695 6.45 79.12 47.23
CA GLY F 695 6.17 80.55 47.37
C GLY F 695 5.27 80.84 48.56
N ALA F 696 4.39 79.91 48.91
CA ALA F 696 3.57 80.13 50.10
C ALA F 696 4.40 79.97 51.36
N ILE F 697 5.24 78.93 51.42
CA ILE F 697 6.04 78.68 52.61
C ILE F 697 6.97 79.86 52.89
N ILE F 698 7.65 80.35 51.85
CA ILE F 698 8.53 81.50 52.02
C ILE F 698 7.74 82.68 52.57
N ALA F 699 6.48 82.82 52.15
CA ALA F 699 5.67 83.92 52.65
C ALA F 699 5.28 83.70 54.11
N ILE F 700 5.04 82.44 54.50
CA ILE F 700 4.67 82.17 55.89
C ILE F 700 5.90 82.31 56.78
N LEU F 701 7.03 81.70 56.39
CA LEU F 701 8.22 81.76 57.23
C LEU F 701 8.67 83.20 57.46
N PHE F 702 8.62 84.02 56.41
CA PHE F 702 8.97 85.42 56.60
C PHE F 702 7.99 86.07 57.56
N ALA F 703 6.70 85.80 57.38
CA ALA F 703 5.71 86.35 58.29
C ALA F 703 5.94 85.87 59.72
N LEU F 704 6.54 84.70 59.89
CA LEU F 704 6.80 84.21 61.24
C LEU F 704 7.94 84.99 61.89
N VAL F 705 9.04 85.20 61.17
CA VAL F 705 10.20 85.86 61.78
C VAL F 705 9.93 87.32 62.09
N LEU F 706 8.99 87.96 61.38
CA LEU F 706 8.68 89.36 61.64
C LEU F 706 7.41 89.55 62.49
N ASP F 707 6.87 88.47 63.05
CA ASP F 707 5.72 88.54 63.95
C ASP F 707 4.53 89.21 63.28
N TRP F 708 4.33 88.89 62.02
CA TRP F 708 3.17 89.38 61.29
C TRP F 708 1.99 88.45 61.50
N ILE F 709 0.86 88.83 60.92
CA ILE F 709 -0.33 88.01 60.86
C ILE F 709 -0.10 86.90 59.86
N ASN F 710 -0.68 85.73 60.11
CA ASN F 710 -0.64 84.61 59.18
C ASN F 710 -1.17 85.08 57.84
N PRO F 711 -0.36 85.14 56.78
CA PRO F 711 -0.86 85.68 55.52
C PRO F 711 -1.95 84.84 54.89
N PHE F 712 -2.04 83.56 55.22
CA PHE F 712 -2.98 82.66 54.60
C PHE F 712 -3.81 81.94 55.65
N THR F 713 -5.00 81.54 55.27
CA THR F 713 -5.86 80.68 56.08
C THR F 713 -5.77 79.26 55.54
N ALA F 714 -5.98 78.29 56.43
CA ALA F 714 -5.96 76.89 56.01
C ALA F 714 -7.00 76.64 54.92
N LEU F 715 -8.16 77.30 55.00
CA LEU F 715 -9.16 77.15 53.96
C LEU F 715 -8.69 77.78 52.65
N GLN F 716 -8.00 78.92 52.72
CA GLN F 716 -7.47 79.53 51.50
C GLN F 716 -6.46 78.62 50.84
N LEU F 717 -5.51 78.09 51.62
CA LEU F 717 -4.48 77.23 51.04
C LEU F 717 -5.09 75.96 50.46
N LEU F 718 -6.10 75.41 51.15
CA LEU F 718 -6.78 74.23 50.61
C LEU F 718 -7.51 74.56 49.31
N PHE F 719 -8.09 75.77 49.23
CA PHE F 719 -8.81 76.15 48.03
C PHE F 719 -7.87 76.36 46.85
N ILE F 720 -6.68 76.91 47.10
CA ILE F 720 -5.72 77.07 46.02
C ILE F 720 -5.16 75.72 45.58
N ASN F 721 -4.85 74.85 46.52
CA ASN F 721 -4.23 73.58 46.12
C ASN F 721 -5.24 72.61 45.52
N LEU F 722 -6.52 72.70 45.89
CA LEU F 722 -7.53 71.75 45.44
C LEU F 722 -8.38 72.26 44.28
N VAL F 723 -8.86 73.49 44.35
CA VAL F 723 -9.79 74.01 43.36
C VAL F 723 -9.06 74.81 42.28
N ASN F 724 -8.17 75.70 42.68
CA ASN F 724 -7.58 76.66 41.74
C ASN F 724 -6.47 76.06 40.87
N ASP F 725 -5.61 75.20 41.42
CA ASP F 725 -4.43 74.77 40.67
C ASP F 725 -4.60 73.47 39.88
N SER F 726 -5.75 72.80 40.00
CA SER F 726 -5.94 71.53 39.30
C SER F 726 -6.02 71.72 37.81
N LEU F 727 -6.83 72.68 37.36
CA LEU F 727 -6.95 72.95 35.93
C LEU F 727 -5.63 73.41 35.31
N PRO F 728 -4.90 74.38 35.89
CA PRO F 728 -3.60 74.73 35.29
C PRO F 728 -2.60 73.58 35.26
N ALA F 729 -2.58 72.72 36.27
CA ALA F 729 -1.66 71.58 36.19
C ALA F 729 -2.05 70.63 35.06
N ILE F 730 -3.35 70.37 34.92
CA ILE F 730 -3.80 69.50 33.83
C ILE F 730 -3.46 70.13 32.49
N ALA F 731 -3.62 71.45 32.38
CA ALA F 731 -3.28 72.15 31.14
C ALA F 731 -1.80 72.00 30.83
N LEU F 732 -0.95 72.11 31.84
CA LEU F 732 0.47 71.89 31.62
C LEU F 732 0.76 70.47 31.16
N GLY F 733 -0.11 69.52 31.47
CA GLY F 733 0.06 68.20 30.90
C GLY F 733 -0.11 68.14 29.39
N MET F 734 -0.79 69.12 28.80
CA MET F 734 -1.02 69.19 27.36
C MET F 734 0.02 70.05 26.64
N GLU F 735 1.30 69.85 26.96
CA GLU F 735 2.40 70.65 26.44
C GLU F 735 3.04 70.01 25.21
N LYS F 736 3.63 70.87 24.37
CA LYS F 736 4.21 70.47 23.10
C LYS F 736 5.25 69.37 23.28
N ALA F 737 5.37 68.51 22.26
CA ALA F 737 6.37 67.45 22.30
C ALA F 737 7.75 68.08 22.20
N GLU F 738 8.59 67.80 23.19
CA GLU F 738 9.98 68.26 23.23
C GLU F 738 10.63 68.12 21.85
N PRO F 739 11.60 68.98 21.50
CA PRO F 739 12.13 68.93 20.13
C PRO F 739 12.80 67.60 19.78
N ASP F 740 13.67 67.12 20.66
CA ASP F 740 14.45 65.90 20.42
C ASP F 740 14.25 64.92 21.58
N VAL F 741 12.99 64.54 21.80
CA VAL F 741 12.67 63.61 22.89
C VAL F 741 13.00 62.18 22.53
N MET F 742 13.17 61.89 21.25
CA MET F 742 13.47 60.54 20.79
C MET F 742 14.94 60.39 20.43
N LYS F 743 15.74 61.44 20.57
CA LYS F 743 17.19 61.35 20.42
C LYS F 743 17.91 61.11 21.73
N ARG F 744 17.23 61.18 22.87
CA ARG F 744 17.86 60.96 24.16
C ARG F 744 17.71 59.52 24.63
N LYS F 745 18.58 59.15 25.57
CA LYS F 745 18.60 57.83 26.17
C LYS F 745 17.60 57.72 27.32
N PRO F 746 17.20 56.50 27.68
CA PRO F 746 16.25 56.32 28.78
C PRO F 746 16.72 56.94 30.10
N ARG F 747 15.77 57.52 30.82
CA ARG F 747 16.04 58.17 32.09
C ARG F 747 16.47 57.17 33.14
N ASP F 748 17.24 57.64 34.12
CA ASP F 748 17.65 56.79 35.23
C ASP F 748 16.45 56.49 36.11
N ILE F 749 16.37 55.24 36.60
CA ILE F 749 15.23 54.85 37.43
C ILE F 749 15.35 55.46 38.81
N ASN F 750 16.58 55.57 39.33
CA ASN F 750 16.81 56.17 40.65
C ASN F 750 16.84 57.69 40.60
N GLU F 751 16.73 58.27 39.42
CA GLU F 751 16.71 59.73 39.28
C GLU F 751 15.44 60.30 39.91
N GLY F 752 15.59 61.46 40.55
CA GLY F 752 14.44 62.10 41.17
C GLY F 752 13.57 62.79 40.14
N ILE F 753 12.42 63.28 40.60
CA ILE F 753 11.51 63.97 39.70
C ILE F 753 11.90 65.41 39.44
N PHE F 754 12.83 65.97 40.23
CA PHE F 754 13.30 67.34 40.04
C PHE F 754 14.75 67.42 39.59
N ALA F 755 15.36 66.30 39.21
CA ALA F 755 16.75 66.32 38.82
C ALA F 755 16.89 66.90 37.41
N GLY F 756 18.02 67.56 37.17
CA GLY F 756 18.31 68.06 35.84
C GLY F 756 17.75 69.42 35.45
N GLY F 757 17.98 70.44 36.28
CA GLY F 757 17.60 71.81 35.98
C GLY F 757 16.18 72.17 36.34
N THR F 758 15.30 71.18 36.57
CA THR F 758 13.94 71.48 37.01
C THR F 758 13.93 72.03 38.43
N MET F 759 14.80 71.51 39.29
CA MET F 759 14.89 71.99 40.67
C MET F 759 15.23 73.48 40.72
N ARG F 760 16.08 73.93 39.78
CA ARG F 760 16.43 75.36 39.72
C ARG F 760 15.19 76.19 39.40
N ALA F 761 14.32 75.69 38.52
CA ALA F 761 13.11 76.42 38.19
C ALA F 761 12.15 76.45 39.36
N VAL F 762 12.04 75.34 40.10
CA VAL F 762 11.16 75.32 41.26
C VAL F 762 11.61 76.36 42.28
N ILE F 763 12.90 76.37 42.61
CA ILE F 763 13.38 77.31 43.62
C ILE F 763 13.28 78.75 43.12
N SER F 764 13.56 78.98 41.83
CA SER F 764 13.50 80.33 41.28
C SER F 764 12.08 80.87 41.32
N ARG F 765 11.12 80.10 40.80
CA ARG F 765 9.74 80.57 40.78
C ARG F 765 9.19 80.72 42.18
N GLY F 766 9.57 79.82 43.09
CA GLY F 766 9.11 79.92 44.46
C GLY F 766 9.60 81.18 45.15
N VAL F 767 10.89 81.48 45.02
CA VAL F 767 11.42 82.68 45.66
C VAL F 767 10.79 83.95 45.08
N LEU F 768 10.61 84.00 43.76
CA LEU F 768 10.01 85.22 43.20
C LEU F 768 8.57 85.39 43.67
N ILE F 769 7.79 84.31 43.69
CA ILE F 769 6.43 84.37 44.20
C ILE F 769 6.44 84.78 45.68
N GLY F 770 7.40 84.25 46.45
CA GLY F 770 7.46 84.57 47.85
C GLY F 770 7.75 86.04 48.09
N ILE F 771 8.68 86.62 47.34
CA ILE F 771 9.00 88.03 47.50
C ILE F 771 7.78 88.88 47.12
N ALA F 772 7.04 88.47 46.09
CA ALA F 772 5.85 89.22 45.71
C ALA F 772 4.81 89.19 46.82
N VAL F 773 4.63 88.03 47.47
CA VAL F 773 3.66 87.93 48.55
C VAL F 773 4.13 88.73 49.76
N ILE F 774 5.44 88.74 50.02
CA ILE F 774 5.98 89.48 51.16
C ILE F 774 5.74 90.97 50.99
N ILE F 775 6.05 91.50 49.81
CA ILE F 775 5.83 92.93 49.55
C ILE F 775 4.34 93.27 49.61
N SER F 776 3.48 92.41 49.04
CA SER F 776 2.04 92.66 49.07
C SER F 776 1.50 92.67 50.50
N GLN F 777 1.94 91.71 51.31
CA GLN F 777 1.54 91.65 52.72
C GLN F 777 2.05 92.85 53.49
N TYR F 778 3.26 93.32 53.15
CA TYR F 778 3.81 94.50 53.82
C TYR F 778 2.96 95.72 53.54
N ILE F 779 2.51 95.89 52.29
CA ILE F 779 1.66 97.03 51.97
C ILE F 779 0.31 96.90 52.66
N GLY F 780 -0.24 95.67 52.70
CA GLY F 780 -1.52 95.49 53.37
C GLY F 780 -1.49 95.78 54.86
N MET F 781 -0.36 95.54 55.50
CA MET F 781 -0.25 95.83 56.93
C MET F 781 -0.44 97.31 57.23
N GLN F 782 -0.16 98.20 56.26
CA GLN F 782 -0.35 99.63 56.47
C GLN F 782 -1.81 100.04 56.59
N ILE F 783 -2.74 99.21 56.12
CA ILE F 783 -4.16 99.54 56.25
C ILE F 783 -4.72 98.87 57.50
N SER F 784 -4.60 97.55 57.57
CA SER F 784 -5.08 96.76 58.69
C SER F 784 -4.50 95.35 58.57
N PRO F 785 -4.42 94.60 59.68
CA PRO F 785 -3.92 93.22 59.59
C PRO F 785 -4.77 92.31 58.71
N GLU F 786 -6.09 92.49 58.70
CA GLU F 786 -6.95 91.69 57.84
C GLU F 786 -6.69 91.99 56.37
N MET F 787 -6.37 93.25 56.05
CA MET F 787 -6.08 93.65 54.68
C MET F 787 -4.81 93.00 54.17
N SER F 788 -3.83 92.78 55.05
CA SER F 788 -2.62 92.10 54.60
C SER F 788 -2.90 90.66 54.24
N VAL F 789 -3.85 90.02 54.93
CA VAL F 789 -4.22 88.66 54.57
C VAL F 789 -4.92 88.67 53.22
N ALA F 790 -5.78 89.66 52.98
CA ALA F 790 -6.47 89.70 51.70
C ALA F 790 -5.48 89.95 50.55
N MET F 791 -4.53 90.87 50.75
CA MET F 791 -3.58 91.17 49.68
C MET F 791 -2.59 90.04 49.45
N ALA F 792 -2.15 89.37 50.52
CA ALA F 792 -1.25 88.24 50.34
C ALA F 792 -1.95 87.07 49.65
N PHE F 793 -3.20 86.79 50.03
CA PHE F 793 -3.93 85.72 49.38
C PHE F 793 -4.15 86.02 47.92
N THR F 794 -4.53 87.26 47.60
CA THR F 794 -4.72 87.65 46.20
C THR F 794 -3.41 87.49 45.42
N THR F 795 -2.30 88.00 45.97
CA THR F 795 -1.02 87.89 45.29
C THR F 795 -0.63 86.43 45.10
N LEU F 796 -0.86 85.58 46.10
CA LEU F 796 -0.50 84.18 45.98
C LEU F 796 -1.34 83.49 44.90
N ILE F 797 -2.66 83.66 44.95
CA ILE F 797 -3.49 82.92 44.00
C ILE F 797 -3.28 83.44 42.59
N LEU F 798 -3.03 84.75 42.42
CA LEU F 798 -2.76 85.25 41.08
C LEU F 798 -1.36 84.92 40.60
N ALA F 799 -0.37 84.89 41.50
CA ALA F 799 0.95 84.45 41.07
C ALA F 799 0.94 82.98 40.68
N ARG F 800 0.20 82.15 41.43
CA ARG F 800 0.07 80.73 41.09
C ARG F 800 -0.74 80.51 39.82
N THR F 801 -1.80 81.31 39.60
CA THR F 801 -2.58 81.21 38.36
C THR F 801 -1.76 81.71 37.18
N LEU F 802 -1.12 82.86 37.34
CA LEU F 802 -0.31 83.47 36.29
C LEU F 802 0.93 82.65 36.01
N GLN F 803 1.36 81.82 36.98
CA GLN F 803 2.52 80.97 36.81
C GLN F 803 2.40 80.01 35.64
N THR F 804 1.17 79.61 35.27
CA THR F 804 1.03 78.59 34.23
C THR F 804 1.75 79.00 32.95
N PHE F 805 1.72 80.29 32.63
CA PHE F 805 2.42 80.79 31.46
C PHE F 805 3.93 80.61 31.60
N ALA F 806 4.48 80.89 32.79
CA ALA F 806 5.91 80.73 32.99
C ALA F 806 6.33 79.27 33.20
N ALA F 807 5.41 78.45 33.68
CA ALA F 807 5.64 77.05 34.00
C ALA F 807 5.32 76.13 32.84
N ARG F 808 4.98 76.67 31.67
CA ARG F 808 4.76 75.80 30.52
C ARG F 808 6.06 75.12 30.10
N SER F 809 7.20 75.79 30.30
CA SER F 809 8.48 75.20 29.91
C SER F 809 9.60 75.92 30.64
N ASN F 810 10.69 75.19 30.88
CA ASN F 810 11.87 75.79 31.49
C ASN F 810 12.68 76.57 30.46
N VAL F 811 12.40 76.34 29.18
CA VAL F 811 13.08 76.97 28.05
C VAL F 811 12.02 77.59 27.16
N GLN F 812 12.38 78.70 26.52
CA GLN F 812 11.51 79.39 25.57
C GLN F 812 10.22 79.89 26.22
N THR F 813 10.26 80.23 27.50
CA THR F 813 9.07 80.73 28.19
C THR F 813 8.55 82.05 27.64
N ALA F 814 9.31 83.12 27.83
CA ALA F 814 8.88 84.45 27.39
C ALA F 814 8.53 84.48 25.90
N PHE F 815 9.43 84.01 25.05
CA PHE F 815 9.15 84.03 23.63
C PHE F 815 8.03 83.06 23.28
N GLY F 816 7.26 83.44 22.25
CA GLY F 816 6.14 82.64 21.82
C GLY F 816 4.85 83.15 22.42
N ALA F 817 4.92 83.63 23.67
CA ALA F 817 3.80 84.22 24.38
C ALA F 817 2.78 83.13 24.66
N GLY F 818 1.51 83.42 24.49
CA GLY F 818 0.51 82.40 24.74
C GLY F 818 0.43 81.46 23.57
N PHE F 819 0.50 82.04 22.37
CA PHE F 819 0.28 81.31 21.13
C PHE F 819 1.55 80.64 20.62
N PHE F 820 2.22 79.92 21.50
CA PHE F 820 3.41 79.15 21.14
C PHE F 820 3.02 77.68 21.07
N SER F 821 2.28 77.33 20.01
CA SER F 821 1.77 75.96 19.81
C SER F 821 0.99 75.49 21.03
N ASN F 822 0.11 76.35 21.55
CA ASN F 822 -0.64 76.04 22.75
C ASN F 822 -2.02 76.66 22.69
N LYS F 823 -3.00 75.93 23.24
CA LYS F 823 -4.39 76.33 23.24
C LYS F 823 -5.10 75.98 24.54
N TYR F 824 -4.56 75.08 25.37
CA TYR F 824 -5.17 74.70 26.64
C TYR F 824 -4.84 75.61 27.82
N VAL F 825 -3.67 76.25 27.84
CA VAL F 825 -3.28 77.08 29.00
C VAL F 825 -4.17 78.30 29.18
N ILE F 826 -4.53 78.99 28.09
CA ILE F 826 -5.28 80.23 28.23
C ILE F 826 -6.64 79.99 28.89
N GLY F 827 -7.33 78.91 28.50
CA GLY F 827 -8.64 78.65 29.07
C GLY F 827 -8.59 78.39 30.56
N ALA F 828 -7.54 77.67 31.01
CA ALA F 828 -7.40 77.43 32.45
C ALA F 828 -7.16 78.72 33.19
N VAL F 829 -6.30 79.60 32.65
CA VAL F 829 -6.02 80.87 33.31
C VAL F 829 -7.30 81.71 33.42
N LEU F 830 -8.09 81.75 32.36
CA LEU F 830 -9.32 82.54 32.40
C LEU F 830 -10.33 81.96 33.38
N LEU F 831 -10.43 80.63 33.44
CA LEU F 831 -11.33 80.00 34.39
C LEU F 831 -10.90 80.27 35.84
N CYS F 832 -9.59 80.30 36.08
CA CYS F 832 -9.10 80.64 37.42
C CYS F 832 -9.38 82.10 37.77
N PHE F 833 -9.35 82.99 36.77
CA PHE F 833 -9.76 84.36 37.03
C PHE F 833 -11.22 84.42 37.44
N VAL F 834 -12.06 83.60 36.80
CA VAL F 834 -13.47 83.51 37.21
C VAL F 834 -13.57 82.96 38.64
N LEU F 835 -12.72 82.00 38.98
CA LEU F 835 -12.73 81.44 40.34
C LEU F 835 -12.39 82.51 41.37
N TYR F 836 -11.32 83.25 41.12
CA TYR F 836 -10.97 84.34 42.04
C TYR F 836 -12.06 85.41 42.08
N GLY F 837 -12.75 85.65 40.97
CA GLY F 837 -13.88 86.56 41.02
C GLY F 837 -14.95 86.06 41.96
N ILE F 838 -15.16 84.75 42.02
CA ILE F 838 -16.07 84.20 43.02
C ILE F 838 -15.53 84.48 44.42
N THR F 839 -14.19 84.49 44.58
CA THR F 839 -13.63 84.68 45.91
C THR F 839 -13.94 86.06 46.50
N VAL F 840 -14.06 87.10 45.66
CA VAL F 840 -14.31 88.46 46.17
C VAL F 840 -15.79 88.85 46.15
N LEU F 841 -16.68 87.94 45.77
CA LEU F 841 -18.12 88.20 45.80
C LEU F 841 -18.59 88.44 47.25
N PRO F 842 -19.60 89.30 47.43
CA PRO F 842 -20.03 89.64 48.81
C PRO F 842 -20.51 88.44 49.60
N GLY F 843 -20.93 87.36 48.94
CA GLY F 843 -21.31 86.16 49.67
C GLY F 843 -20.13 85.33 50.11
N ALA F 844 -19.08 85.27 49.29
CA ALA F 844 -17.89 84.48 49.58
C ALA F 844 -16.72 85.30 50.09
N ARG F 845 -16.95 86.55 50.52
CA ARG F 845 -15.82 87.35 51.03
C ARG F 845 -15.37 86.89 52.41
N GLU F 846 -16.30 86.82 53.36
CA GLU F 846 -15.93 86.43 54.71
C GLU F 846 -15.51 84.98 54.77
N ILE F 847 -15.93 84.17 53.80
CA ILE F 847 -15.48 82.78 53.72
C ILE F 847 -13.98 82.73 53.44
N PHE F 848 -13.51 83.56 52.50
CA PHE F 848 -12.10 83.60 52.16
C PHE F 848 -11.33 84.69 52.90
N SER F 849 -11.89 85.19 54.01
CA SER F 849 -11.19 86.12 54.90
C SER F 849 -10.76 87.39 54.16
N ILE F 850 -11.69 87.93 53.38
CA ILE F 850 -11.48 89.18 52.65
C ILE F 850 -12.32 90.25 53.34
N PRO F 851 -11.71 91.28 53.91
CA PRO F 851 -12.48 92.28 54.65
C PRO F 851 -13.36 93.10 53.73
N ALA F 852 -14.35 93.76 54.33
CA ALA F 852 -15.28 94.58 53.56
C ALA F 852 -14.59 95.78 52.93
N SER F 853 -13.48 96.24 53.50
CA SER F 853 -12.75 97.39 53.00
C SER F 853 -11.84 97.07 51.82
N PHE F 854 -11.75 95.81 51.41
CA PHE F 854 -10.87 95.42 50.32
C PHE F 854 -11.36 96.04 49.01
N GLY F 855 -10.63 97.04 48.51
CA GLY F 855 -11.03 97.78 47.34
C GLY F 855 -10.25 97.42 46.09
N LEU F 856 -10.58 98.15 45.01
CA LEU F 856 -9.92 97.96 43.72
C LEU F 856 -8.45 98.38 43.76
N HIS F 857 -8.10 99.35 44.61
CA HIS F 857 -6.73 99.82 44.69
C HIS F 857 -5.81 98.73 45.27
N GLU F 858 -6.24 98.12 46.37
CA GLU F 858 -5.45 97.06 46.99
C GLU F 858 -5.35 95.85 46.07
N TRP F 859 -6.42 95.53 45.34
CA TRP F 859 -6.32 94.46 44.36
C TRP F 859 -5.37 94.83 43.23
N SER F 860 -5.37 96.11 42.84
CA SER F 860 -4.47 96.53 41.78
C SER F 860 -3.03 96.31 42.19
N ILE F 861 -2.70 96.63 43.45
CA ILE F 861 -1.34 96.43 43.93
C ILE F 861 -1.00 94.95 44.01
N ALA F 862 -1.90 94.13 44.56
CA ALA F 862 -1.60 92.70 44.69
C ALA F 862 -1.42 92.03 43.33
N ALA F 863 -2.26 92.38 42.35
CA ALA F 863 -2.14 91.79 41.02
C ALA F 863 -0.91 92.32 40.31
N GLY F 864 -0.59 93.60 40.50
CA GLY F 864 0.59 94.15 39.87
C GLY F 864 1.87 93.53 40.40
N LEU F 865 1.93 93.25 41.71
CA LEU F 865 3.12 92.61 42.27
C LEU F 865 3.25 91.16 41.81
N ALA F 866 2.14 90.42 41.75
CA ALA F 866 2.22 89.05 41.25
C ALA F 866 2.70 89.04 39.81
N LEU F 867 2.14 89.94 38.99
CA LEU F 867 2.53 90.00 37.59
C LEU F 867 3.99 90.41 37.45
N ALA F 868 4.46 91.33 38.30
CA ALA F 868 5.86 91.73 38.26
C ALA F 868 6.78 90.55 38.58
N ALA F 869 6.36 89.69 39.52
CA ALA F 869 7.17 88.53 39.85
C ALA F 869 7.27 87.57 38.65
N VAL F 870 6.19 87.42 37.89
CA VAL F 870 6.26 86.55 36.70
C VAL F 870 7.03 87.22 35.55
N VAL F 871 6.98 88.55 35.44
CA VAL F 871 7.85 89.21 34.47
C VAL F 871 9.31 88.94 34.83
N MET F 872 9.62 88.97 36.14
CA MET F 872 10.95 88.59 36.59
C MET F 872 11.26 87.14 36.27
N MET F 873 10.25 86.27 36.34
CA MET F 873 10.45 84.88 35.91
C MET F 873 10.78 84.77 34.43
N GLU F 874 10.09 85.53 33.58
CA GLU F 874 10.39 85.44 32.14
C GLU F 874 11.80 85.96 31.89
N ILE F 875 12.19 87.01 32.60
CA ILE F 875 13.54 87.54 32.48
C ILE F 875 14.56 86.53 32.97
N ILE F 876 14.29 85.88 34.10
CA ILE F 876 15.21 84.90 34.66
C ILE F 876 15.37 83.70 33.74
N LYS F 877 14.27 83.26 33.13
CA LYS F 877 14.36 82.12 32.21
C LYS F 877 15.13 82.50 30.95
N VAL F 878 14.90 83.70 30.43
CA VAL F 878 15.57 84.08 29.19
C VAL F 878 17.05 84.37 29.43
N VAL F 879 17.39 84.98 30.57
CA VAL F 879 18.79 85.28 30.83
C VAL F 879 19.56 83.99 31.14
N GLN F 880 18.91 83.05 31.85
CA GLN F 880 19.57 81.80 32.18
C GLN F 880 19.70 80.90 30.96
N ASN F 881 18.74 80.97 30.03
CA ASN F 881 18.77 80.12 28.86
C ASN F 881 19.52 80.71 27.68
N LYS F 882 19.84 82.01 27.69
CA LYS F 882 20.64 82.57 26.60
C LYS F 882 22.09 82.81 26.99
N PHE F 883 22.39 83.07 28.26
CA PHE F 883 23.77 83.37 28.63
C PHE F 883 24.51 82.25 29.35
N PHE F 884 23.80 81.31 29.98
CA PHE F 884 24.42 80.19 30.70
C PHE F 884 24.12 78.88 29.99
N LYS F 885 24.96 78.52 29.01
CA LYS F 885 24.81 77.29 28.22
C LYS F 885 23.52 77.28 27.41
N ALA G 2 -38.02 16.52 -13.65
CA ALA G 2 -39.20 15.68 -13.44
C ALA G 2 -38.79 14.24 -13.21
N GLU G 3 -38.98 13.74 -11.99
CA GLU G 3 -38.64 12.38 -11.62
C GLU G 3 -37.13 12.16 -11.75
N ILE G 4 -36.40 12.91 -10.93
CA ILE G 4 -34.94 12.81 -10.94
C ILE G 4 -34.50 11.51 -10.28
N TYR G 5 -35.19 11.10 -9.22
CA TYR G 5 -34.86 9.83 -8.59
C TYR G 5 -35.20 8.64 -9.47
N ARG G 6 -36.13 8.82 -10.43
CA ARG G 6 -36.47 7.78 -11.39
C ARG G 6 -35.60 7.81 -12.64
N LYS G 7 -34.81 8.87 -12.84
CA LYS G 7 -33.89 8.97 -13.95
C LYS G 7 -32.53 8.40 -13.58
N SER G 8 -31.75 8.07 -14.61
CA SER G 8 -30.37 7.68 -14.42
C SER G 8 -29.49 8.92 -14.24
N ALA G 9 -28.25 8.70 -13.84
CA ALA G 9 -27.32 9.81 -13.66
C ALA G 9 -27.04 10.53 -14.98
N ALA G 10 -26.88 9.77 -16.07
CA ALA G 10 -26.56 10.37 -17.35
C ALA G 10 -27.67 11.28 -17.87
N GLU G 11 -28.92 10.84 -17.72
CA GLU G 11 -30.04 11.67 -18.19
C GLU G 11 -30.12 12.96 -17.37
N THR G 12 -29.87 12.88 -16.07
CA THR G 12 -29.87 14.09 -15.24
C THR G 12 -28.73 15.01 -15.65
N PHE G 13 -27.59 14.42 -16.04
CA PHE G 13 -26.47 15.22 -16.52
C PHE G 13 -26.84 16.01 -17.77
N THR G 14 -27.52 15.35 -18.71
CA THR G 14 -27.92 16.07 -19.91
C THR G 14 -29.03 17.08 -19.61
N GLN G 15 -29.83 16.84 -18.57
CA GLN G 15 -30.86 17.82 -18.21
C GLN G 15 -30.22 19.11 -17.74
N LEU G 16 -29.21 19.03 -16.88
CA LEU G 16 -28.54 20.25 -16.44
C LEU G 16 -27.43 20.72 -17.39
N GLU G 17 -27.23 20.05 -18.54
CA GLU G 17 -26.18 20.42 -19.49
C GLU G 17 -24.81 20.53 -18.82
N ALA G 18 -24.43 19.47 -18.11
CA ALA G 18 -23.18 19.48 -17.35
C ALA G 18 -22.51 18.11 -17.46
N THR G 19 -21.21 18.11 -17.21
CA THR G 19 -20.39 16.90 -17.24
C THR G 19 -19.91 16.55 -15.83
N GLU G 20 -19.18 15.44 -15.74
CA GLU G 20 -18.64 14.94 -14.49
C GLU G 20 -17.28 15.52 -14.12
N LYS G 21 -16.75 16.43 -14.94
CA LYS G 21 -15.47 17.06 -14.68
C LYS G 21 -15.62 18.43 -14.07
N GLY G 22 -16.84 18.82 -13.71
CA GLY G 22 -17.07 20.10 -13.10
C GLY G 22 -17.57 21.08 -14.14
N LEU G 23 -17.72 22.33 -13.70
CA LEU G 23 -18.12 23.39 -14.59
C LEU G 23 -17.00 24.42 -14.64
N THR G 24 -16.93 25.16 -15.73
CA THR G 24 -15.97 26.24 -15.83
C THR G 24 -16.54 27.52 -15.24
N THR G 25 -15.68 28.51 -15.02
CA THR G 25 -16.14 29.76 -14.43
C THR G 25 -17.02 30.56 -15.39
N SER G 26 -16.73 30.52 -16.69
CA SER G 26 -17.59 31.25 -17.63
C SER G 26 -19.00 30.67 -17.65
N GLU G 27 -19.09 29.34 -17.70
CA GLU G 27 -20.39 28.68 -17.66
C GLU G 27 -21.05 28.91 -16.31
N VAL G 28 -20.25 28.90 -15.23
CA VAL G 28 -20.80 29.10 -13.90
C VAL G 28 -21.32 30.52 -13.74
N THR G 29 -20.61 31.52 -14.27
CA THR G 29 -21.08 32.90 -14.15
C THR G 29 -22.39 33.11 -14.90
N LYS G 30 -22.48 32.59 -16.12
CA LYS G 30 -23.74 32.76 -16.86
C LYS G 30 -24.87 31.96 -16.22
N ARG G 31 -24.60 30.71 -15.83
CA ARG G 31 -25.65 29.87 -15.27
C ARG G 31 -26.05 30.33 -13.86
N GLN G 32 -25.12 30.96 -13.15
CA GLN G 32 -25.41 31.55 -11.83
C GLN G 32 -26.25 32.80 -11.97
N GLU G 33 -26.15 33.48 -13.11
CA GLU G 33 -27.06 34.59 -13.32
C GLU G 33 -28.43 34.08 -13.75
N LYS G 34 -28.48 32.92 -14.43
CA LYS G 34 -29.78 32.40 -14.88
C LYS G 34 -30.60 31.80 -13.73
N TYR G 35 -29.99 30.95 -12.90
CA TYR G 35 -30.75 30.36 -11.79
C TYR G 35 -30.72 31.17 -10.52
N GLY G 36 -29.80 32.12 -10.40
CA GLY G 36 -29.65 32.89 -9.18
C GLY G 36 -28.81 32.19 -8.13
N PHE G 37 -28.69 32.85 -6.99
CA PHE G 37 -27.89 32.35 -5.88
C PHE G 37 -28.72 31.42 -4.98
N ASN G 38 -28.01 30.54 -4.27
CA ASN G 38 -28.62 29.57 -3.36
C ASN G 38 -28.88 30.26 -2.02
N GLU G 39 -29.92 31.09 -2.00
CA GLU G 39 -30.26 31.87 -0.81
C GLU G 39 -31.73 32.27 -0.92
N LEU G 40 -32.26 32.81 0.17
CA LEU G 40 -33.65 33.21 0.22
C LEU G 40 -33.77 34.73 -0.02
N LYS G 41 -34.92 35.30 0.31
CA LYS G 41 -35.17 36.75 0.15
C LYS G 41 -34.93 37.17 -1.29
N PRO G 51 -42.25 47.77 10.42
CA PRO G 51 -41.86 49.18 10.53
C PRO G 51 -42.94 50.00 11.21
N LEU G 52 -43.00 51.28 10.85
CA LEU G 52 -43.99 52.21 11.37
C LEU G 52 -44.97 52.58 10.27
N TRP G 53 -46.27 52.45 10.57
CA TRP G 53 -47.35 52.86 9.67
C TRP G 53 -48.65 52.87 10.47
N LYS G 54 -49.64 53.57 9.92
CA LYS G 54 -50.90 53.84 10.63
C LYS G 54 -51.80 52.61 10.66
N LEU G 55 -51.61 51.78 11.69
CA LEU G 55 -52.44 50.61 11.96
C LEU G 55 -53.61 50.88 12.91
N PHE G 56 -53.52 51.92 13.74
CA PHE G 56 -54.59 52.19 14.72
C PHE G 56 -55.92 52.59 14.10
N LEU G 57 -55.94 53.12 12.87
CA LEU G 57 -57.22 53.50 12.27
C LEU G 57 -58.11 52.29 12.07
N GLU G 58 -57.51 51.13 11.83
CA GLU G 58 -58.29 49.92 11.64
C GLU G 58 -59.02 49.51 12.90
N THR G 59 -58.62 50.03 14.06
CA THR G 59 -59.36 49.78 15.29
C THR G 59 -60.66 50.57 15.36
N PHE G 60 -60.83 51.61 14.54
CA PHE G 60 -62.04 52.42 14.64
C PHE G 60 -63.24 51.80 13.94
N LYS G 61 -63.07 50.66 13.27
CA LYS G 61 -64.21 49.98 12.67
C LYS G 61 -65.05 49.23 13.70
N ASP G 62 -64.56 49.10 14.93
CA ASP G 62 -65.30 48.43 15.98
C ASP G 62 -66.50 49.27 16.43
N PRO G 63 -67.67 48.64 16.62
CA PRO G 63 -68.85 49.39 17.07
C PRO G 63 -68.66 50.07 18.41
N MET G 64 -67.94 49.44 19.35
CA MET G 64 -67.75 50.04 20.67
C MET G 64 -66.97 51.34 20.56
N VAL G 65 -65.99 51.38 19.66
CA VAL G 65 -65.22 52.61 19.47
C VAL G 65 -66.11 53.69 18.87
N ILE G 66 -67.00 53.33 17.95
CA ILE G 66 -67.86 54.33 17.33
C ILE G 66 -68.77 54.97 18.38
N VAL G 67 -69.43 54.14 19.20
CA VAL G 67 -70.34 54.71 20.20
C VAL G 67 -69.57 55.55 21.20
N LEU G 68 -68.38 55.10 21.63
CA LEU G 68 -67.67 55.87 22.65
C LEU G 68 -67.11 57.17 22.09
N VAL G 69 -66.66 57.17 20.83
CA VAL G 69 -66.19 58.41 20.22
C VAL G 69 -67.33 59.40 20.08
N ILE G 70 -68.50 58.94 19.62
CA ILE G 70 -69.65 59.84 19.50
C ILE G 70 -70.05 60.39 20.86
N ALA G 71 -70.04 59.54 21.90
CA ALA G 71 -70.38 60.01 23.24
C ALA G 71 -69.40 61.07 23.70
N ALA G 72 -68.11 60.88 23.41
CA ALA G 72 -67.10 61.83 23.84
C ALA G 72 -67.25 63.16 23.11
N LEU G 73 -67.52 63.11 21.80
CA LEU G 73 -67.69 64.34 21.05
C LEU G 73 -68.93 65.10 21.51
N VAL G 74 -70.00 64.37 21.83
CA VAL G 74 -71.20 65.02 22.36
C VAL G 74 -70.90 65.67 23.71
N GLN G 75 -70.09 65.00 24.55
CA GLN G 75 -69.74 65.57 25.85
C GLN G 75 -68.82 66.78 25.72
N LEU G 76 -68.09 66.89 24.61
CA LEU G 76 -67.30 68.10 24.37
C LEU G 76 -68.20 69.34 24.31
N VAL G 77 -69.31 69.25 23.57
CA VAL G 77 -70.23 70.37 23.49
C VAL G 77 -70.97 70.55 24.80
N LEU G 78 -71.26 69.46 25.51
CA LEU G 78 -72.04 69.53 26.73
C LEU G 78 -71.27 70.14 27.90
N GLY G 79 -69.96 70.30 27.77
CA GLY G 79 -69.16 70.90 28.81
C GLY G 79 -68.43 69.90 29.69
N GLU G 80 -68.74 68.62 29.55
CA GLU G 80 -68.13 67.55 30.34
C GLU G 80 -66.85 67.12 29.65
N VAL G 81 -65.76 67.82 29.96
CA VAL G 81 -64.50 67.64 29.24
C VAL G 81 -63.66 66.52 29.84
N VAL G 82 -63.59 66.46 31.17
CA VAL G 82 -62.69 65.51 31.82
C VAL G 82 -63.16 64.09 31.58
N GLU G 83 -64.48 63.86 31.66
CA GLU G 83 -65.00 62.52 31.38
C GLU G 83 -64.85 62.15 29.91
N SER G 84 -64.94 63.13 29.01
CA SER G 84 -64.63 62.86 27.62
C SER G 84 -63.17 62.50 27.45
N LEU G 85 -62.29 63.18 28.19
CA LEU G 85 -60.86 62.82 28.15
C LEU G 85 -60.64 61.43 28.73
N ILE G 86 -61.47 61.02 29.69
CA ILE G 86 -61.41 59.67 30.25
C ILE G 86 -61.76 58.65 29.17
N ILE G 87 -62.77 58.96 28.37
CA ILE G 87 -63.12 58.09 27.25
C ILE G 87 -61.96 58.03 26.27
N PHE G 88 -61.36 59.19 25.99
CA PHE G 88 -60.20 59.22 25.09
C PHE G 88 -58.99 58.49 25.68
N LEU G 89 -58.83 58.54 26.99
CA LEU G 89 -57.73 57.83 27.63
C LEU G 89 -57.90 56.33 27.49
N VAL G 90 -59.11 55.83 27.75
CA VAL G 90 -59.29 54.39 27.65
C VAL G 90 -59.23 53.95 26.19
N LEU G 91 -59.66 54.81 25.26
CA LEU G 91 -59.60 54.45 23.85
C LEU G 91 -58.15 54.39 23.35
N ILE G 92 -57.34 55.40 23.70
CA ILE G 92 -55.94 55.41 23.29
C ILE G 92 -55.18 54.23 23.88
N VAL G 93 -55.47 53.87 25.14
CA VAL G 93 -54.73 52.77 25.74
C VAL G 93 -55.16 51.42 25.16
N ASN G 94 -56.47 51.18 25.09
CA ASN G 94 -56.93 49.89 24.60
C ASN G 94 -56.60 49.71 23.13
N SER G 95 -56.43 50.82 22.38
CA SER G 95 -56.06 50.71 20.97
C SER G 95 -54.66 50.12 20.79
N ILE G 96 -53.70 50.58 21.59
CA ILE G 96 -52.37 50.01 21.49
C ILE G 96 -52.36 48.59 22.05
N ILE G 97 -53.24 48.29 23.02
CA ILE G 97 -53.34 46.90 23.46
C ILE G 97 -53.80 46.03 22.31
N SER G 98 -54.62 46.58 21.40
CA SER G 98 -55.01 45.77 20.25
C SER G 98 -53.91 45.68 19.20
N VAL G 99 -53.11 46.74 19.05
CA VAL G 99 -52.07 46.73 18.02
C VAL G 99 -50.93 45.77 18.35
N VAL G 100 -50.67 45.55 19.64
CA VAL G 100 -49.54 44.68 19.97
C VAL G 100 -49.81 43.22 19.58
N GLN G 101 -51.08 42.85 19.40
CA GLN G 101 -51.38 41.46 19.05
C GLN G 101 -51.18 41.16 17.58
N THR G 102 -51.28 42.16 16.70
CA THR G 102 -50.89 41.97 15.31
C THR G 102 -49.41 42.22 15.10
N ARG G 103 -48.78 43.07 15.91
CA ARG G 103 -47.35 43.27 15.75
C ARG G 103 -46.57 42.05 16.23
N LYS G 104 -46.92 41.51 17.39
CA LYS G 104 -46.28 40.32 17.92
C LYS G 104 -46.42 39.17 16.94
N ALA G 105 -47.57 39.09 16.24
CA ALA G 105 -47.75 38.07 15.21
C ALA G 105 -47.04 38.39 13.91
N GLU G 106 -46.72 39.65 13.63
CA GLU G 106 -45.92 39.92 12.44
C GLU G 106 -44.45 39.61 12.68
N SER G 107 -44.01 39.60 13.95
CA SER G 107 -42.63 39.21 14.21
C SER G 107 -42.43 37.69 14.18
N SER G 108 -43.51 36.92 14.02
CA SER G 108 -43.42 35.49 13.84
C SER G 108 -43.27 35.14 12.37
N LEU G 109 -43.40 36.13 11.49
CA LEU G 109 -43.24 36.02 10.05
C LEU G 109 -41.77 36.25 9.65
N ASP G 110 -40.85 35.93 10.54
CA ASP G 110 -39.42 36.13 10.35
C ASP G 110 -38.79 34.99 9.54
N ALA G 111 -38.92 33.75 10.02
CA ALA G 111 -38.37 32.57 9.32
C ALA G 111 -36.86 32.68 9.17
N LEU G 112 -36.18 32.98 10.27
CA LEU G 112 -34.72 33.16 10.27
C LEU G 112 -34.00 31.81 10.27
N ARG G 113 -33.64 31.33 9.09
CA ARG G 113 -32.90 30.09 8.89
C ARG G 113 -31.46 30.39 8.47
N GLU G 114 -30.57 30.59 9.43
CA GLU G 114 -29.14 30.69 9.17
C GLU G 114 -28.45 29.33 9.22
N MET G 115 -29.23 28.25 9.28
CA MET G 115 -28.73 26.88 9.31
C MET G 115 -28.14 26.41 7.98
N SER G 116 -28.29 27.18 6.91
CA SER G 116 -27.71 26.79 5.63
C SER G 116 -26.19 26.73 5.71
N ALA G 117 -25.59 25.86 4.90
CA ALA G 117 -24.14 25.68 4.94
C ALA G 117 -23.44 26.95 4.48
N PRO G 118 -22.41 27.39 5.18
CA PRO G 118 -21.70 28.61 4.76
C PRO G 118 -20.61 28.32 3.74
N VAL G 119 -20.20 27.06 3.63
CA VAL G 119 -19.15 26.65 2.71
C VAL G 119 -19.61 25.40 1.99
N ALA G 120 -19.28 25.31 0.69
CA ALA G 120 -19.55 24.17 -0.16
C ALA G 120 -18.25 23.75 -0.85
N LYS G 121 -18.03 22.44 -0.91
CA LYS G 121 -16.80 21.87 -1.46
C LYS G 121 -17.10 21.30 -2.85
N VAL G 122 -16.92 22.13 -3.87
CA VAL G 122 -17.35 21.86 -5.23
C VAL G 122 -16.13 21.63 -6.12
N ILE G 123 -16.35 20.96 -7.25
CA ILE G 123 -15.33 20.81 -8.28
C ILE G 123 -15.60 21.82 -9.38
N ARG G 124 -14.67 22.75 -9.57
CA ARG G 124 -14.78 23.77 -10.60
C ARG G 124 -13.45 23.91 -11.29
N ASP G 125 -13.50 24.16 -12.61
CA ASP G 125 -12.31 24.28 -13.44
C ASP G 125 -11.44 23.04 -13.39
N GLY G 126 -12.03 21.90 -13.01
CA GLY G 126 -11.30 20.66 -12.90
C GLY G 126 -10.61 20.44 -11.57
N SER G 127 -10.76 21.38 -10.62
CA SER G 127 -10.08 21.31 -9.34
C SER G 127 -11.11 21.40 -8.21
N LYS G 128 -10.90 20.59 -7.18
CA LYS G 128 -11.72 20.68 -5.99
C LYS G 128 -11.40 21.98 -5.26
N GLN G 129 -12.42 22.71 -4.86
CA GLN G 129 -12.25 23.99 -4.21
C GLN G 129 -13.44 24.24 -3.29
N SER G 130 -13.20 24.98 -2.22
CA SER G 130 -14.25 25.38 -1.30
C SER G 130 -14.66 26.82 -1.57
N ILE G 131 -15.97 27.03 -1.72
CA ILE G 131 -16.54 28.34 -1.99
C ILE G 131 -17.68 28.54 -1.01
N HIS G 132 -18.20 29.77 -0.96
CA HIS G 132 -19.42 30.01 -0.20
C HIS G 132 -20.57 29.28 -0.87
N ALA G 133 -21.38 28.59 -0.07
CA ALA G 133 -22.46 27.77 -0.62
C ALA G 133 -23.49 28.58 -1.38
N ARG G 134 -23.59 29.89 -1.12
CA ARG G 134 -24.53 30.72 -1.87
C ARG G 134 -24.16 30.80 -3.35
N GLU G 135 -22.92 30.46 -3.72
CA GLU G 135 -22.46 30.49 -5.10
C GLU G 135 -22.65 29.16 -5.82
N LEU G 136 -23.41 28.23 -5.24
CA LEU G 136 -23.68 26.97 -5.90
C LEU G 136 -24.76 27.13 -6.96
N VAL G 137 -24.72 26.26 -7.97
CA VAL G 137 -25.68 26.31 -9.06
C VAL G 137 -26.06 24.92 -9.48
N PRO G 138 -27.26 24.71 -9.97
CA PRO G 138 -27.68 23.40 -10.45
C PRO G 138 -26.75 22.95 -11.58
N GLY G 139 -26.22 21.74 -11.45
CA GLY G 139 -25.26 21.20 -12.39
C GLY G 139 -23.86 21.13 -11.85
N ASP G 140 -23.58 21.81 -10.74
CA ASP G 140 -22.27 21.70 -10.12
C ASP G 140 -22.11 20.32 -9.51
N VAL G 141 -20.88 19.82 -9.52
CA VAL G 141 -20.55 18.55 -8.89
C VAL G 141 -19.93 18.88 -7.54
N VAL G 142 -20.62 18.52 -6.46
CA VAL G 142 -20.17 18.87 -5.12
C VAL G 142 -19.74 17.60 -4.38
N ILE G 143 -18.72 17.77 -3.51
CA ILE G 143 -18.12 16.71 -2.70
C ILE G 143 -18.67 16.80 -1.30
N LEU G 144 -19.03 15.65 -0.72
CA LEU G 144 -19.48 15.58 0.66
C LEU G 144 -18.53 14.67 1.44
N ASP G 145 -18.16 15.10 2.64
CA ASP G 145 -17.33 14.34 3.57
C ASP G 145 -18.03 14.28 4.91
N ALA G 146 -17.41 13.57 5.86
CA ALA G 146 -18.02 13.42 7.18
C ALA G 146 -18.11 14.78 7.87
N GLY G 147 -19.24 15.01 8.53
CA GLY G 147 -19.48 16.24 9.24
C GLY G 147 -19.92 17.39 8.36
N ASP G 148 -20.03 17.18 7.05
CA ASP G 148 -20.44 18.24 6.14
C ASP G 148 -21.96 18.31 6.08
N PHE G 149 -22.47 19.51 5.84
CA PHE G 149 -23.90 19.76 5.69
C PHE G 149 -24.20 19.85 4.20
N VAL G 150 -25.19 19.09 3.74
CA VAL G 150 -25.53 19.05 2.33
C VAL G 150 -25.98 20.44 1.91
N PRO G 151 -25.32 21.06 0.93
CA PRO G 151 -25.62 22.46 0.61
C PRO G 151 -26.80 22.64 -0.32
N ALA G 152 -27.11 21.62 -1.12
CA ALA G 152 -28.19 21.72 -2.09
C ALA G 152 -28.69 20.33 -2.44
N ASP G 153 -29.86 20.29 -3.06
CA ASP G 153 -30.46 19.04 -3.50
C ASP G 153 -29.79 18.55 -4.77
N GLY G 154 -29.61 17.23 -4.89
CA GLY G 154 -28.98 16.71 -6.08
C GLY G 154 -29.04 15.20 -6.16
N ARG G 155 -28.59 14.70 -7.31
CA ARG G 155 -28.61 13.28 -7.62
C ARG G 155 -27.22 12.71 -7.40
N LEU G 156 -27.15 11.65 -6.59
CA LEU G 156 -25.89 10.97 -6.31
C LEU G 156 -25.43 10.13 -7.49
N PHE G 157 -24.13 10.22 -7.80
CA PHE G 157 -23.51 9.35 -8.78
C PHE G 157 -22.22 8.73 -8.28
N GLU G 158 -21.79 9.04 -7.05
CA GLU G 158 -20.63 8.40 -6.44
C GLU G 158 -20.88 8.33 -4.93
N SER G 159 -21.03 7.12 -4.41
CA SER G 159 -21.33 6.92 -2.99
C SER G 159 -20.58 5.70 -2.51
N GLY G 160 -19.91 5.83 -1.36
CA GLY G 160 -19.25 4.70 -0.74
C GLY G 160 -19.81 4.43 0.64
N SER G 161 -20.92 3.68 0.68
CA SER G 161 -21.63 3.39 1.92
C SER G 161 -21.94 4.68 2.67
N LEU G 162 -22.50 5.64 1.93
CA LEU G 162 -22.78 6.96 2.48
C LEU G 162 -24.03 6.88 3.36
N LYS G 163 -23.96 7.48 4.54
CA LYS G 163 -25.09 7.51 5.45
C LYS G 163 -25.31 8.93 5.94
N ILE G 164 -26.55 9.43 5.74
CA ILE G 164 -26.93 10.80 6.05
C ILE G 164 -28.12 10.82 7.00
N ASP G 165 -28.19 11.84 7.86
CA ASP G 165 -29.30 12.06 8.79
C ASP G 165 -30.27 13.07 8.17
N GLU G 166 -31.37 12.57 7.60
CA GLU G 166 -32.40 13.42 6.98
C GLU G 166 -33.55 13.71 7.95
N GLY G 167 -33.25 13.92 9.24
CA GLY G 167 -34.26 14.14 10.24
C GLY G 167 -35.04 15.44 10.09
N MET G 168 -34.59 16.36 9.23
CA MET G 168 -35.33 17.60 9.04
C MET G 168 -36.51 17.45 8.09
N LEU G 169 -36.53 16.42 7.24
CA LEU G 169 -37.62 16.21 6.30
C LEU G 169 -38.56 15.10 6.70
N THR G 170 -38.05 14.06 7.37
CA THR G 170 -38.87 12.94 7.80
C THR G 170 -39.04 12.84 9.32
N GLY G 171 -38.21 13.55 10.09
CA GLY G 171 -38.29 13.48 11.53
C GLY G 171 -37.55 12.33 12.18
N GLU G 172 -36.94 11.46 11.39
CA GLU G 172 -36.19 10.32 11.91
C GLU G 172 -34.71 10.68 11.96
N SER G 173 -34.14 10.63 13.15
CA SER G 173 -32.73 10.96 13.35
C SER G 173 -31.79 9.82 12.98
N GLU G 174 -32.31 8.65 12.60
CA GLU G 174 -31.46 7.57 12.18
C GLU G 174 -30.92 7.85 10.78
N ALA G 175 -29.64 7.59 10.58
CA ALA G 175 -29.03 7.82 9.28
C ALA G 175 -29.50 6.77 8.29
N VAL G 176 -29.84 7.22 7.09
CA VAL G 176 -30.26 6.33 6.00
C VAL G 176 -29.08 6.14 5.06
N GLU G 177 -28.97 4.92 4.55
CA GLU G 177 -27.92 4.55 3.60
C GLU G 177 -28.28 5.06 2.22
N LYS G 178 -27.29 5.59 1.51
CA LYS G 178 -27.45 6.14 0.18
C LYS G 178 -26.86 5.18 -0.84
N TYR G 179 -27.50 5.12 -2.01
CA TYR G 179 -27.03 4.27 -3.10
C TYR G 179 -27.29 5.02 -4.40
N ILE G 180 -26.37 4.86 -5.37
CA ILE G 180 -26.51 5.56 -6.65
C ILE G 180 -27.43 4.87 -7.62
N ASP G 181 -28.03 3.73 -7.25
CA ASP G 181 -28.89 3.02 -8.18
C ASP G 181 -30.16 3.81 -8.45
N THR G 182 -30.65 3.70 -9.68
CA THR G 182 -31.88 4.38 -10.07
C THR G 182 -33.10 3.64 -9.52
N ILE G 183 -34.04 4.37 -8.96
CA ILE G 183 -35.27 3.80 -8.42
C ILE G 183 -36.30 3.77 -9.53
N PRO G 184 -36.82 2.60 -9.90
CA PRO G 184 -37.75 2.53 -11.03
C PRO G 184 -39.14 3.05 -10.71
N ASP G 185 -39.63 2.79 -9.51
CA ASP G 185 -40.99 3.15 -9.14
C ASP G 185 -41.00 4.48 -8.38
N GLU G 186 -42.20 4.98 -8.14
CA GLU G 186 -42.40 6.19 -7.36
C GLU G 186 -42.43 5.86 -5.88
N VAL G 187 -41.54 6.49 -5.11
CA VAL G 187 -41.44 6.29 -3.67
C VAL G 187 -41.54 7.63 -2.99
N GLY G 188 -41.73 7.60 -1.67
CA GLY G 188 -41.85 8.82 -0.90
C GLY G 188 -40.54 9.58 -0.82
N LEU G 189 -40.63 10.78 -0.21
CA LEU G 189 -39.47 11.66 -0.11
C LEU G 189 -38.40 11.07 0.81
N GLY G 190 -38.81 10.38 1.87
CA GLY G 190 -37.84 9.81 2.79
C GLY G 190 -37.09 8.63 2.22
N ASP G 191 -37.66 7.98 1.22
CA ASP G 191 -37.06 6.79 0.62
C ASP G 191 -36.31 7.13 -0.67
N ARG G 192 -36.01 8.41 -0.90
CA ARG G 192 -35.24 8.82 -2.08
C ARG G 192 -33.77 8.52 -1.81
N VAL G 193 -33.42 7.24 -1.98
CA VAL G 193 -32.08 6.77 -1.64
C VAL G 193 -31.01 7.36 -2.55
N ASN G 194 -31.34 7.62 -3.80
CA ASN G 194 -30.37 8.15 -4.74
C ASN G 194 -30.35 9.67 -4.78
N MET G 195 -30.95 10.32 -3.80
CA MET G 195 -31.06 11.76 -3.80
C MET G 195 -30.71 12.31 -2.43
N VAL G 196 -30.01 13.44 -2.41
CA VAL G 196 -29.68 14.14 -1.17
C VAL G 196 -30.38 15.49 -1.19
N PHE G 197 -30.66 16.02 0.00
CA PHE G 197 -31.43 17.24 0.12
C PHE G 197 -30.70 18.23 1.01
N SER G 198 -30.84 19.51 0.67
CA SER G 198 -30.13 20.57 1.38
C SER G 198 -30.59 20.65 2.84
N GLY G 199 -29.63 20.75 3.75
CA GLY G 199 -29.90 20.85 5.16
C GLY G 199 -29.61 19.60 5.96
N SER G 200 -29.59 18.43 5.32
CA SER G 200 -29.31 17.20 6.05
C SER G 200 -27.83 17.14 6.43
N LEU G 201 -27.54 16.29 7.42
CA LEU G 201 -26.20 16.17 7.98
C LEU G 201 -25.59 14.83 7.58
N VAL G 202 -24.40 14.89 6.99
CA VAL G 202 -23.66 13.67 6.62
C VAL G 202 -23.09 13.03 7.88
N VAL G 203 -23.23 11.71 7.97
CA VAL G 203 -22.79 10.96 9.14
C VAL G 203 -21.55 10.11 8.83
N TYR G 204 -21.53 9.45 7.68
CA TYR G 204 -20.36 8.59 7.41
C TYR G 204 -20.21 8.32 5.93
N GLY G 205 -18.99 8.46 5.44
CA GLY G 205 -18.66 8.15 4.06
C GLY G 205 -18.33 9.39 3.24
N ARG G 206 -17.91 9.13 2.01
CA ARG G 206 -17.62 10.18 1.04
C ARG G 206 -18.65 10.11 -0.08
N GLY G 207 -18.97 11.26 -0.65
CA GLY G 207 -19.97 11.30 -1.70
C GLY G 207 -19.70 12.38 -2.71
N MET G 208 -20.41 12.30 -3.82
CA MET G 208 -20.26 13.23 -4.93
C MET G 208 -21.58 13.29 -5.67
N PHE G 209 -22.19 14.47 -5.75
CA PHE G 209 -23.49 14.53 -6.42
C PHE G 209 -23.60 15.79 -7.26
N VAL G 210 -24.51 15.72 -8.24
CA VAL G 210 -24.78 16.84 -9.13
C VAL G 210 -26.01 17.58 -8.64
N VAL G 211 -25.88 18.89 -8.44
CA VAL G 211 -26.97 19.71 -7.92
C VAL G 211 -28.08 19.83 -8.96
N THR G 212 -29.31 19.58 -8.53
CA THR G 212 -30.48 19.71 -9.37
C THR G 212 -31.42 20.84 -8.97
N GLY G 213 -31.26 21.40 -7.77
CA GLY G 213 -32.10 22.49 -7.33
C GLY G 213 -31.40 23.37 -6.29
N THR G 214 -31.55 24.68 -6.42
CA THR G 214 -30.98 25.64 -5.48
C THR G 214 -32.05 26.68 -5.15
N ALA G 215 -31.71 27.56 -4.21
CA ALA G 215 -32.57 28.70 -3.85
C ALA G 215 -33.91 28.13 -3.39
N SER G 216 -35.04 28.65 -3.88
CA SER G 216 -36.35 28.19 -3.44
C SER G 216 -36.83 26.97 -4.19
N GLU G 217 -35.98 26.35 -5.00
CA GLU G 217 -36.30 25.14 -5.74
C GLU G 217 -35.82 23.90 -5.01
N THR G 218 -35.76 23.96 -3.68
CA THR G 218 -35.27 22.89 -2.84
C THR G 218 -36.37 22.52 -1.84
N GLU G 219 -36.23 21.33 -1.24
CA GLU G 219 -37.21 20.89 -0.26
C GLU G 219 -37.30 21.86 0.92
N ILE G 220 -36.17 22.40 1.35
CA ILE G 220 -36.16 23.34 2.45
C ILE G 220 -36.69 24.70 1.99
N GLY G 221 -36.43 25.09 0.74
CA GLY G 221 -37.02 26.32 0.24
C GLY G 221 -38.53 26.21 0.12
N LYS G 222 -39.02 25.02 -0.23
CA LYS G 222 -40.46 24.79 -0.25
C LYS G 222 -41.03 24.91 1.16
N ILE G 223 -40.28 24.44 2.16
CA ILE G 223 -40.71 24.60 3.53
C ILE G 223 -40.80 26.08 3.90
N ALA G 224 -39.84 26.88 3.43
CA ALA G 224 -39.88 28.31 3.72
C ALA G 224 -41.15 28.96 3.14
N GLY G 225 -41.50 28.58 1.92
CA GLY G 225 -42.71 29.15 1.34
C GLY G 225 -43.96 28.68 2.05
N LEU G 226 -44.01 27.41 2.44
CA LEU G 226 -45.18 26.91 3.16
C LEU G 226 -45.35 27.65 4.48
N LEU G 227 -44.24 27.86 5.20
CA LEU G 227 -44.31 28.59 6.46
C LEU G 227 -44.80 30.00 6.24
N GLU G 228 -44.44 30.59 5.11
CA GLU G 228 -44.92 31.93 4.80
C GLU G 228 -46.43 31.95 4.56
N THR G 229 -46.95 30.88 3.93
CA THR G 229 -48.34 30.89 3.49
C THR G 229 -49.33 30.77 4.66
N ALA G 230 -48.88 30.29 5.83
CA ALA G 230 -49.74 30.23 7.01
C ALA G 230 -50.19 31.63 7.43
N GLU G 231 -51.49 31.76 7.72
CA GLU G 231 -52.14 33.05 7.96
C GLU G 231 -52.64 33.16 9.39
N ALA G 232 -52.66 34.40 9.88
CA ALA G 232 -53.11 34.72 11.25
C ALA G 232 -54.62 34.49 11.37
N LYS G 233 -55.01 33.37 12.00
CA LYS G 233 -56.41 33.04 12.20
C LYS G 233 -57.07 33.88 13.31
N GLN G 234 -58.41 33.89 13.31
CA GLN G 234 -59.18 34.61 14.33
C GLN G 234 -59.54 33.71 15.51
N THR G 235 -59.42 34.24 16.71
CA THR G 235 -59.67 33.48 17.93
C THR G 235 -61.17 33.27 18.16
N PRO G 236 -61.62 32.09 18.70
CA PRO G 236 -63.09 31.96 18.94
C PRO G 236 -63.66 33.06 19.79
N LEU G 237 -62.95 33.46 20.84
CA LEU G 237 -63.40 34.55 21.69
C LEU G 237 -63.49 35.86 20.90
N GLN G 238 -62.56 36.10 19.96
CA GLN G 238 -62.64 37.31 19.13
C GLN G 238 -63.87 37.30 18.23
N ARG G 239 -64.23 36.14 17.67
CA ARG G 239 -65.45 36.09 16.86
C ARG G 239 -66.70 36.31 17.71
N LYS G 240 -66.76 35.66 18.88
CA LYS G 240 -67.91 35.80 19.76
C LYS G 240 -68.07 37.24 20.21
N LEU G 241 -66.94 37.90 20.51
CA LEU G 241 -66.98 39.30 20.92
C LEU G 241 -67.34 40.23 19.77
N GLU G 242 -66.92 39.92 18.54
CA GLU G 242 -67.33 40.76 17.41
C GLU G 242 -68.84 40.69 17.21
N SER G 243 -69.39 39.48 17.16
CA SER G 243 -70.83 39.36 16.94
C SER G 243 -71.61 40.01 18.09
N PHE G 244 -71.12 39.83 19.32
CA PHE G 244 -71.78 40.46 20.46
C PHE G 244 -71.64 41.97 20.42
N SER G 245 -70.52 42.48 19.91
CA SER G 245 -70.31 43.92 19.79
C SER G 245 -71.28 44.54 18.80
N LYS G 246 -71.52 43.85 17.68
CA LYS G 246 -72.52 44.36 16.75
C LYS G 246 -73.89 44.40 17.41
N LYS G 247 -74.24 43.36 18.16
CA LYS G 247 -75.53 43.36 18.83
C LYS G 247 -75.66 44.52 19.82
N LEU G 248 -74.58 44.80 20.55
CA LEU G 248 -74.63 45.88 21.53
C LEU G 248 -74.74 47.24 20.85
N GLY G 249 -74.04 47.42 19.73
CA GLY G 249 -74.12 48.69 19.02
C GLY G 249 -75.51 48.97 18.48
N LEU G 250 -76.14 47.95 17.88
CA LEU G 250 -77.51 48.14 17.39
C LEU G 250 -78.46 48.47 18.54
N GLY G 251 -78.31 47.77 19.67
CA GLY G 251 -79.19 48.06 20.80
C GLY G 251 -79.03 49.49 21.31
N ILE G 252 -77.79 49.95 21.44
CA ILE G 252 -77.55 51.31 21.94
C ILE G 252 -78.09 52.36 20.97
N LEU G 253 -77.89 52.15 19.66
CA LEU G 253 -78.44 53.10 18.70
C LEU G 253 -79.96 53.15 18.78
N ALA G 254 -80.61 51.98 18.95
CA ALA G 254 -82.06 51.95 19.08
C ALA G 254 -82.52 52.66 20.35
N LEU G 255 -81.79 52.48 21.45
CA LEU G 255 -82.14 53.18 22.68
C LEU G 255 -82.00 54.69 22.53
N CYS G 256 -80.99 55.15 21.79
CA CYS G 256 -80.85 56.59 21.57
C CYS G 256 -82.01 57.13 20.72
N VAL G 257 -82.42 56.37 19.71
CA VAL G 257 -83.58 56.76 18.90
C VAL G 257 -84.83 56.80 19.76
N LEU G 258 -85.01 55.81 20.63
CA LEU G 258 -86.15 55.79 21.54
C LEU G 258 -86.12 56.96 22.52
N ILE G 259 -84.93 57.35 22.98
CA ILE G 259 -84.80 58.50 23.87
C ILE G 259 -85.29 59.75 23.17
N PHE G 260 -84.83 59.98 21.94
CA PHE G 260 -85.27 61.18 21.24
C PHE G 260 -86.77 61.12 20.95
N ALA G 261 -87.29 59.93 20.66
CA ALA G 261 -88.72 59.80 20.39
C ALA G 261 -89.54 60.17 21.63
N VAL G 262 -89.17 59.65 22.80
CA VAL G 262 -89.91 59.96 24.02
C VAL G 262 -89.75 61.43 24.39
N GLU G 263 -88.55 61.98 24.27
CA GLU G 263 -88.36 63.38 24.66
C GLU G 263 -89.14 64.32 23.75
N ALA G 264 -89.14 64.04 22.44
CA ALA G 264 -89.88 64.89 21.51
C ALA G 264 -91.37 64.70 21.67
N GLY G 265 -91.84 63.47 21.90
CA GLY G 265 -93.26 63.26 22.10
C GLY G 265 -93.77 63.88 23.38
N ARG G 266 -92.94 63.90 24.44
CA ARG G 266 -93.36 64.55 25.67
C ARG G 266 -93.39 66.06 25.53
N VAL G 267 -92.45 66.63 24.77
CA VAL G 267 -92.52 68.08 24.60
C VAL G 267 -93.66 68.46 23.65
N LEU G 268 -94.03 67.57 22.73
CA LEU G 268 -95.09 67.87 21.77
C LEU G 268 -96.49 67.67 22.34
N LEU G 269 -96.77 66.50 22.92
CA LEU G 269 -98.12 66.10 23.30
C LEU G 269 -98.37 66.11 24.80
N GLY G 270 -97.77 67.04 25.53
CA GLY G 270 -98.00 67.07 26.95
C GLY G 270 -98.19 68.46 27.52
N ASP G 271 -98.08 68.58 28.83
CA ASP G 271 -98.22 69.88 29.50
C ASP G 271 -96.88 70.60 29.56
N ASN G 272 -96.22 70.69 28.41
CA ASN G 272 -94.90 71.32 28.31
C ASN G 272 -94.92 72.81 28.70
N SER G 273 -94.09 73.17 29.66
CA SER G 273 -93.82 74.57 29.98
C SER G 273 -92.33 74.84 30.11
N ALA G 274 -91.51 73.80 30.27
CA ALA G 274 -90.07 73.91 30.26
C ALA G 274 -89.58 74.34 28.87
N ASP G 275 -88.43 75.01 28.85
CA ASP G 275 -87.80 75.34 27.58
C ASP G 275 -87.51 74.07 26.79
N MET G 276 -87.66 74.16 25.46
CA MET G 276 -87.29 73.06 24.59
C MET G 276 -85.81 72.74 24.71
N ALA G 277 -84.99 73.76 24.93
CA ALA G 277 -83.56 73.53 25.10
C ALA G 277 -83.32 72.62 26.30
N THR G 278 -84.09 72.82 27.37
CA THR G 278 -83.96 71.97 28.57
C THR G 278 -84.33 70.53 28.26
N ALA G 279 -85.41 70.31 27.49
CA ALA G 279 -85.83 68.95 27.19
C ALA G 279 -84.86 68.26 26.22
N ILE G 280 -84.35 69.02 25.25
CA ILE G 280 -83.39 68.46 24.29
C ILE G 280 -82.06 68.19 24.99
N LEU G 281 -81.71 69.03 25.97
CA LEU G 281 -80.52 68.78 26.77
C LEU G 281 -80.67 67.48 27.54
N ASN G 282 -81.86 67.23 28.08
CA ASN G 282 -82.09 65.95 28.74
C ASN G 282 -81.96 64.80 27.75
N ALA G 283 -82.41 65.01 26.50
CA ALA G 283 -82.27 63.96 25.50
C ALA G 283 -80.81 63.61 25.25
N PHE G 284 -79.95 64.62 25.14
CA PHE G 284 -78.52 64.37 24.92
C PHE G 284 -77.88 63.72 26.15
N MET G 285 -78.21 64.23 27.33
CA MET G 285 -77.62 63.71 28.56
C MET G 285 -78.02 62.26 28.78
N PHE G 286 -79.28 61.93 28.55
CA PHE G 286 -79.75 60.57 28.73
C PHE G 286 -79.12 59.62 27.72
N ALA G 287 -78.94 60.08 26.48
CA ALA G 287 -78.31 59.23 25.48
C ALA G 287 -76.86 58.93 25.84
N VAL G 288 -76.11 59.94 26.28
CA VAL G 288 -74.71 59.70 26.66
C VAL G 288 -74.63 58.79 27.88
N ALA G 289 -75.50 58.99 28.87
CA ALA G 289 -75.50 58.15 30.05
C ALA G 289 -75.77 56.69 29.70
N VAL G 290 -76.77 56.44 28.84
CA VAL G 290 -77.06 55.06 28.46
C VAL G 290 -75.89 54.47 27.68
N ALA G 291 -75.23 55.30 26.87
CA ALA G 291 -74.10 54.83 26.07
C ALA G 291 -72.97 54.34 26.95
N VAL G 292 -72.50 55.19 27.87
CA VAL G 292 -71.38 54.78 28.72
C VAL G 292 -71.80 53.63 29.63
N ALA G 293 -73.03 53.65 30.13
CA ALA G 293 -73.45 52.60 31.06
C ALA G 293 -73.49 51.24 30.37
N ALA G 294 -73.86 51.18 29.09
CA ALA G 294 -73.96 49.89 28.45
C ALA G 294 -72.59 49.35 28.03
N ILE G 295 -71.64 50.23 27.71
CA ILE G 295 -70.34 49.81 27.20
C ILE G 295 -69.40 49.47 28.34
N PRO G 296 -68.87 48.24 28.40
CA PRO G 296 -67.80 47.93 29.36
C PRO G 296 -66.45 48.43 28.88
N GLU G 297 -66.12 49.69 29.18
CA GLU G 297 -64.91 50.30 28.64
C GLU G 297 -63.64 49.57 29.07
N ALA G 298 -63.70 48.84 30.18
CA ALA G 298 -62.56 48.12 30.70
C ALA G 298 -62.51 46.66 30.25
N LEU G 299 -63.33 46.27 29.27
CA LEU G 299 -63.44 44.85 28.93
C LEU G 299 -62.13 44.28 28.38
N SER G 300 -61.51 44.95 27.42
CA SER G 300 -60.30 44.40 26.81
C SER G 300 -59.16 44.29 27.83
N SER G 301 -59.05 45.24 28.74
CA SER G 301 -58.00 45.16 29.76
C SER G 301 -58.26 44.02 30.71
N ILE G 302 -59.52 43.80 31.08
CA ILE G 302 -59.87 42.72 31.98
C ILE G 302 -59.61 41.38 31.32
N VAL G 303 -59.98 41.24 30.04
CA VAL G 303 -59.71 39.98 29.33
C VAL G 303 -58.21 39.74 29.25
N THR G 304 -57.41 40.80 29.09
CA THR G 304 -55.96 40.63 29.08
C THR G 304 -55.46 40.06 30.41
N ILE G 305 -56.00 40.54 31.53
CA ILE G 305 -55.56 40.01 32.82
C ILE G 305 -56.04 38.57 33.01
N VAL G 306 -57.27 38.27 32.61
CA VAL G 306 -57.79 36.91 32.76
C VAL G 306 -56.95 35.93 31.95
N LEU G 307 -56.56 36.31 30.73
CA LEU G 307 -55.67 35.47 29.94
C LEU G 307 -54.29 35.35 30.60
N ALA G 308 -53.83 36.41 31.27
CA ALA G 308 -52.55 36.35 31.95
C ALA G 308 -52.53 35.27 33.01
N VAL G 309 -53.64 35.09 33.72
CA VAL G 309 -53.71 34.01 34.70
C VAL G 309 -53.53 32.66 34.03
N GLY G 310 -54.10 32.49 32.83
CA GLY G 310 -53.93 31.22 32.13
C GLY G 310 -52.49 30.97 31.72
N THR G 311 -51.81 32.00 31.20
CA THR G 311 -50.41 31.78 30.81
C THR G 311 -49.52 31.57 32.02
N ASN G 312 -49.84 32.19 33.16
CA ASN G 312 -49.04 31.97 34.37
C ASN G 312 -49.25 30.56 34.92
N LYS G 313 -50.51 30.12 35.00
CA LYS G 313 -50.82 28.77 35.45
C LYS G 313 -50.19 27.73 34.54
N MET G 314 -50.08 28.03 33.24
CA MET G 314 -49.38 27.12 32.34
C MET G 314 -47.87 27.20 32.50
N ALA G 315 -47.34 28.37 32.84
CA ALA G 315 -45.89 28.51 33.02
C ALA G 315 -45.42 27.75 34.25
N LYS G 316 -46.27 27.60 35.26
CA LYS G 316 -45.87 26.77 36.39
C LYS G 316 -45.63 25.32 35.98
N GLN G 317 -46.33 24.85 34.93
CA GLN G 317 -46.10 23.52 34.38
C GLN G 317 -45.05 23.51 33.28
N HIS G 318 -44.19 24.53 33.22
CA HIS G 318 -43.09 24.59 32.27
C HIS G 318 -43.61 24.59 30.83
N ALA G 319 -44.70 25.31 30.60
CA ALA G 319 -45.28 25.47 29.27
C ALA G 319 -45.34 26.96 28.96
N ILE G 320 -44.45 27.41 28.08
CA ILE G 320 -44.31 28.84 27.79
C ILE G 320 -45.17 29.18 26.57
N ILE G 321 -46.21 29.98 26.81
CA ILE G 321 -47.14 30.42 25.75
C ILE G 321 -46.79 31.84 25.33
N ARG G 322 -46.62 32.04 24.02
CA ARG G 322 -46.28 33.37 23.51
C ARG G 322 -47.49 34.31 23.54
N LYS G 323 -48.55 33.94 22.82
CA LYS G 323 -49.73 34.79 22.65
C LYS G 323 -50.75 34.56 23.75
N LEU G 324 -51.35 35.66 24.21
CA LEU G 324 -52.33 35.56 25.29
C LEU G 324 -53.58 34.79 24.88
N PRO G 325 -54.22 35.06 23.73
CA PRO G 325 -55.43 34.30 23.38
C PRO G 325 -55.19 32.84 23.11
N ALA G 326 -53.94 32.40 22.94
CA ALA G 326 -53.69 31.02 22.54
C ALA G 326 -54.19 30.03 23.58
N VAL G 327 -54.14 30.40 24.87
CA VAL G 327 -54.61 29.48 25.89
C VAL G 327 -56.11 29.30 25.75
N GLU G 328 -56.84 30.38 25.45
CA GLU G 328 -58.27 30.24 25.24
C GLU G 328 -58.52 29.45 23.96
N THR G 329 -57.64 29.62 22.96
CA THR G 329 -57.79 28.85 21.74
C THR G 329 -57.67 27.37 22.01
N LEU G 330 -56.79 27.01 22.96
CA LEU G 330 -56.62 25.60 23.30
C LEU G 330 -57.90 24.99 23.83
N GLY G 331 -58.74 25.80 24.50
CA GLY G 331 -59.96 25.25 25.05
C GLY G 331 -60.96 24.83 23.99
N SER G 332 -60.93 25.47 22.82
CA SER G 332 -61.90 25.12 21.77
C SER G 332 -61.37 24.10 20.78
N THR G 333 -60.21 23.50 21.05
CA THR G 333 -59.63 22.54 20.12
C THR G 333 -60.50 21.29 20.05
N SER G 334 -60.66 20.77 18.84
CA SER G 334 -61.41 19.54 18.60
C SER G 334 -60.60 18.44 17.97
N VAL G 335 -59.55 18.78 17.24
CA VAL G 335 -58.66 17.78 16.66
C VAL G 335 -57.24 18.11 17.09
N ILE G 336 -56.49 17.08 17.48
CA ILE G 336 -55.12 17.23 17.94
C ILE G 336 -54.25 16.39 17.01
N CYS G 337 -53.55 17.07 16.10
CA CYS G 337 -52.58 16.44 15.22
C CYS G 337 -51.23 16.40 15.93
N THR G 338 -50.57 15.24 15.91
CA THR G 338 -49.31 15.07 16.60
C THR G 338 -48.30 14.36 15.71
N ASP G 339 -47.04 14.67 15.92
CA ASP G 339 -45.96 13.90 15.33
C ASP G 339 -45.57 12.75 16.27
N LYS G 340 -44.95 11.72 15.69
CA LYS G 340 -44.51 10.59 16.48
C LYS G 340 -43.11 10.75 17.04
N THR G 341 -42.10 10.42 16.24
CA THR G 341 -40.72 10.38 16.69
C THR G 341 -40.31 11.73 17.26
N GLY G 342 -39.95 11.74 18.55
CA GLY G 342 -39.52 12.93 19.25
C GLY G 342 -40.61 13.65 20.01
N THR G 343 -41.87 13.45 19.60
CA THR G 343 -43.02 14.09 20.23
C THR G 343 -43.83 13.07 21.04
N LEU G 344 -44.49 12.12 20.38
CA LEU G 344 -45.12 11.03 21.11
C LEU G 344 -44.07 10.14 21.76
N THR G 345 -42.90 10.00 21.13
CA THR G 345 -41.77 9.28 21.67
C THR G 345 -40.71 10.30 22.11
N GLN G 346 -39.50 9.83 22.35
CA GLN G 346 -38.42 10.73 22.76
C GLN G 346 -37.16 10.51 21.93
N ASN G 347 -37.27 9.82 20.79
CA ASN G 347 -36.15 9.56 19.90
C ASN G 347 -35.03 8.84 20.67
N LYS G 348 -35.43 7.88 21.50
CA LYS G 348 -34.53 7.16 22.40
C LYS G 348 -34.81 5.68 22.22
N MET G 349 -33.92 4.99 21.50
CA MET G 349 -34.09 3.55 21.25
C MET G 349 -34.13 2.77 22.55
N THR G 350 -35.13 1.89 22.70
CA THR G 350 -35.27 1.16 23.95
C THR G 350 -35.78 -0.25 23.65
N VAL G 351 -35.19 -1.24 24.31
CA VAL G 351 -35.65 -2.61 24.17
C VAL G 351 -36.98 -2.79 24.89
N VAL G 352 -37.91 -3.49 24.25
CA VAL G 352 -39.25 -3.68 24.78
C VAL G 352 -39.57 -5.16 25.00
N ASP G 353 -39.11 -6.04 24.12
CA ASP G 353 -39.40 -7.47 24.22
C ASP G 353 -38.11 -8.28 24.13
N TYR G 354 -38.19 -9.50 24.68
CA TYR G 354 -37.08 -10.43 24.67
C TYR G 354 -37.64 -11.85 24.59
N TYR G 355 -36.83 -12.77 24.07
CA TYR G 355 -37.20 -14.18 23.97
C TYR G 355 -36.09 -15.04 24.55
N LEU G 356 -36.41 -15.79 25.59
CA LEU G 356 -35.48 -16.79 26.11
C LEU G 356 -36.10 -18.18 25.95
N PRO G 357 -35.37 -19.15 25.42
CA PRO G 357 -35.95 -20.49 25.27
C PRO G 357 -36.19 -21.18 26.60
N ASP G 358 -35.37 -20.92 27.61
CA ASP G 358 -35.55 -21.53 28.93
C ASP G 358 -36.44 -20.66 29.82
N GLY G 359 -37.63 -20.36 29.33
CA GLY G 359 -38.60 -19.60 30.10
C GLY G 359 -38.63 -18.11 29.85
N THR G 360 -39.66 -17.64 29.16
CA THR G 360 -39.87 -16.23 28.87
C THR G 360 -40.92 -15.67 29.84
N LYS G 361 -40.60 -14.54 30.46
CA LYS G 361 -41.50 -13.87 31.40
C LYS G 361 -42.21 -12.70 30.71
N GLU G 362 -43.34 -12.30 31.31
CA GLU G 362 -44.12 -11.18 30.77
C GLU G 362 -43.28 -9.91 30.73
N ASN G 363 -42.66 -9.57 31.86
CA ASN G 363 -41.74 -8.46 31.98
C ASN G 363 -40.39 -9.01 32.43
N PHE G 364 -39.34 -8.31 32.10
CA PHE G 364 -38.02 -8.75 32.53
C PHE G 364 -37.83 -8.44 34.01
N PRO G 365 -37.31 -9.37 34.80
CA PRO G 365 -37.21 -9.14 36.24
C PRO G 365 -36.26 -8.00 36.56
N GLU G 366 -36.42 -7.46 37.78
CA GLU G 366 -35.63 -6.30 38.20
C GLU G 366 -34.61 -6.61 39.28
N SER G 367 -34.60 -7.81 39.81
CA SER G 367 -33.57 -8.10 40.78
C SER G 367 -32.43 -8.84 40.13
N PRO G 368 -31.18 -8.36 40.26
CA PRO G 368 -30.06 -9.09 39.63
C PRO G 368 -29.85 -10.47 40.23
N GLU G 369 -30.35 -10.71 41.44
CA GLU G 369 -30.19 -12.01 42.09
C GLU G 369 -31.40 -12.92 41.89
N ASN G 370 -32.52 -12.36 41.42
CA ASN G 370 -33.69 -13.15 41.06
C ASN G 370 -33.60 -13.73 39.65
N TRP G 371 -32.56 -13.36 38.87
CA TRP G 371 -32.48 -13.86 37.51
C TRP G 371 -32.11 -15.33 37.46
N SER G 372 -32.46 -15.94 36.32
CA SER G 372 -32.06 -17.28 35.93
C SER G 372 -30.71 -17.24 35.21
N GLU G 373 -30.04 -18.39 35.16
CA GLU G 373 -28.75 -18.46 34.48
C GLU G 373 -28.87 -18.02 33.03
N GLY G 374 -29.99 -18.37 32.38
CA GLY G 374 -30.22 -17.87 31.03
C GLY G 374 -30.44 -16.38 30.98
N GLU G 375 -31.15 -15.84 31.97
CA GLU G 375 -31.40 -14.40 31.98
C GLU G 375 -30.09 -13.64 32.21
N ARG G 376 -29.22 -14.17 33.06
CA ARG G 376 -27.96 -13.49 33.34
C ARG G 376 -26.96 -13.65 32.19
N ARG G 377 -26.99 -14.78 31.47
CA ARG G 377 -26.09 -14.89 30.33
C ARG G 377 -26.56 -14.01 29.19
N LEU G 378 -27.87 -13.89 29.00
CA LEU G 378 -28.38 -12.98 27.96
C LEU G 378 -28.01 -11.54 28.30
N ILE G 379 -28.13 -11.16 29.57
CA ILE G 379 -27.78 -9.80 29.96
C ILE G 379 -26.29 -9.56 29.80
N HIS G 380 -25.44 -10.53 30.19
CA HIS G 380 -24.00 -10.34 30.06
C HIS G 380 -23.58 -10.23 28.59
N ILE G 381 -24.18 -11.03 27.71
CA ILE G 381 -23.80 -10.91 26.30
C ILE G 381 -24.27 -9.59 25.74
N ALA G 382 -25.45 -9.12 26.17
CA ALA G 382 -25.92 -7.84 25.68
C ALA G 382 -25.06 -6.68 26.17
N VAL G 383 -24.50 -6.79 27.38
CA VAL G 383 -23.76 -5.67 27.95
C VAL G 383 -22.30 -5.65 27.50
N LEU G 384 -21.60 -6.80 27.49
CA LEU G 384 -20.17 -6.74 27.20
C LEU G 384 -19.85 -6.69 25.71
N CYS G 385 -20.81 -7.00 24.85
CA CYS G 385 -20.58 -7.04 23.40
C CYS G 385 -21.01 -5.76 22.71
N ASN G 386 -20.58 -4.61 23.21
CA ASN G 386 -20.88 -3.33 22.57
C ASN G 386 -19.94 -2.26 23.11
N ASP G 387 -19.83 -1.16 22.37
CA ASP G 387 -18.92 -0.07 22.73
C ASP G 387 -19.66 1.19 23.17
N SER G 388 -20.95 1.09 23.45
CA SER G 388 -21.70 2.24 23.94
C SER G 388 -21.50 2.40 25.45
N ASN G 389 -21.64 3.64 25.92
CA ASN G 389 -21.43 3.94 27.32
C ASN G 389 -22.27 5.13 27.76
N ILE G 390 -22.52 5.19 29.06
CA ILE G 390 -23.18 6.31 29.72
C ILE G 390 -22.36 6.67 30.95
N ASN G 391 -21.93 7.93 31.03
CA ASN G 391 -21.08 8.39 32.11
C ASN G 391 -21.93 8.83 33.30
N SER G 392 -21.28 9.39 34.31
CA SER G 392 -21.98 9.84 35.51
C SER G 392 -22.85 11.05 35.20
N GLU G 393 -22.43 11.91 34.29
CA GLU G 393 -23.22 13.09 33.92
C GLU G 393 -24.49 12.71 33.18
N GLY G 394 -24.47 11.63 32.41
CA GLY G 394 -25.63 11.19 31.66
C GLY G 394 -25.53 11.38 30.16
N LYS G 395 -24.34 11.70 29.64
CA LYS G 395 -24.16 11.88 28.21
C LYS G 395 -24.11 10.53 27.51
N GLU G 396 -24.88 10.39 26.44
CA GLU G 396 -24.95 9.15 25.67
C GLU G 396 -23.99 9.22 24.50
N LEU G 397 -23.17 8.18 24.34
CA LEU G 397 -22.23 8.10 23.22
C LEU G 397 -22.26 6.71 22.62
N GLY G 398 -22.58 6.63 21.33
CA GLY G 398 -22.62 5.37 20.62
C GLY G 398 -23.90 5.21 19.84
N ASP G 399 -23.98 4.07 19.16
CA ASP G 399 -25.17 3.75 18.38
C ASP G 399 -26.36 3.60 19.32
N PRO G 400 -27.51 4.18 18.99
CA PRO G 400 -28.66 4.08 19.91
C PRO G 400 -29.13 2.66 20.17
N THR G 401 -28.92 1.75 19.20
CA THR G 401 -29.25 0.35 19.41
C THR G 401 -28.40 -0.26 20.53
N GLU G 402 -27.12 0.11 20.58
CA GLU G 402 -26.24 -0.43 21.62
C GLU G 402 -26.47 0.23 22.97
N VAL G 403 -26.81 1.53 22.99
CA VAL G 403 -27.09 2.21 24.24
C VAL G 403 -28.38 1.69 24.86
N ALA G 404 -29.28 1.16 24.04
CA ALA G 404 -30.52 0.61 24.59
C ALA G 404 -30.26 -0.57 25.52
N LEU G 405 -29.19 -1.33 25.27
CA LEU G 405 -28.91 -2.51 26.08
C LEU G 405 -28.41 -2.11 27.47
N ILE G 406 -27.50 -1.14 27.54
CA ILE G 406 -27.01 -0.71 28.84
C ILE G 406 -28.10 0.04 29.58
N ALA G 407 -28.99 0.72 28.87
CA ALA G 407 -30.14 1.31 29.54
C ALA G 407 -31.10 0.24 30.06
N PHE G 408 -31.20 -0.88 29.36
CA PHE G 408 -32.03 -1.99 29.82
C PHE G 408 -31.47 -2.59 31.10
N SER G 409 -30.14 -2.72 31.17
CA SER G 409 -29.53 -3.24 32.40
C SER G 409 -29.71 -2.25 33.54
N ASN G 410 -29.53 -0.95 33.27
CA ASN G 410 -29.71 0.06 34.30
C ASN G 410 -31.16 0.10 34.79
N LYS G 411 -32.13 -0.25 33.94
CA LYS G 411 -33.52 -0.31 34.39
C LYS G 411 -33.76 -1.42 35.40
N ASN G 412 -33.03 -2.53 35.28
CA ASN G 412 -33.22 -3.70 36.13
C ASN G 412 -32.21 -3.75 37.28
N ASN G 413 -31.80 -2.59 37.79
CA ASN G 413 -30.97 -2.43 38.98
C ASN G 413 -29.59 -3.04 38.82
N GLN G 414 -29.19 -3.37 37.61
CA GLN G 414 -27.87 -3.93 37.30
C GLN G 414 -27.03 -2.89 36.57
N ASP G 415 -26.17 -2.20 37.30
CA ASP G 415 -25.29 -1.21 36.68
C ASP G 415 -24.40 -1.89 35.65
N TYR G 416 -24.41 -1.37 34.43
CA TYR G 416 -23.59 -1.97 33.37
C TYR G 416 -22.10 -1.80 33.65
N ASN G 417 -21.73 -0.76 34.41
CA ASN G 417 -20.33 -0.52 34.70
C ASN G 417 -19.75 -1.63 35.57
N GLU G 418 -20.54 -2.19 36.49
CA GLU G 418 -20.05 -3.28 37.33
C GLU G 418 -19.72 -4.51 36.50
N ILE G 419 -20.52 -4.76 35.45
CA ILE G 419 -20.25 -5.91 34.59
C ILE G 419 -19.12 -5.61 33.63
N ARG G 420 -18.95 -4.35 33.23
CA ARG G 420 -17.80 -4.04 32.38
C ARG G 420 -16.50 -4.09 33.18
N GLU G 421 -16.58 -3.78 34.48
CA GLU G 421 -15.41 -3.77 35.34
C GLU G 421 -15.00 -5.17 35.78
N LYS G 422 -15.96 -6.08 35.96
CA LYS G 422 -15.59 -7.42 36.42
C LYS G 422 -14.96 -8.23 35.31
N PHE G 423 -15.52 -8.17 34.10
CA PHE G 423 -15.01 -8.92 32.96
C PHE G 423 -14.50 -7.90 31.94
N ILE G 424 -13.20 -7.92 31.70
CA ILE G 424 -12.55 -6.96 30.82
C ILE G 424 -12.39 -7.59 29.44
N ARG G 425 -12.32 -6.73 28.41
CA ARG G 425 -12.28 -7.19 27.03
C ARG G 425 -10.85 -7.49 26.60
N GLU G 426 -10.66 -8.67 26.01
CA GLU G 426 -9.36 -9.14 25.57
C GLU G 426 -9.20 -9.11 24.06
N GLY G 427 -10.27 -9.32 23.30
CA GLY G 427 -10.20 -9.27 21.85
C GLY G 427 -11.53 -8.80 21.31
N GLU G 428 -11.48 -8.11 20.18
CA GLU G 428 -12.70 -7.58 19.60
C GLU G 428 -12.63 -7.69 18.08
N ILE G 429 -13.80 -7.82 17.46
CA ILE G 429 -13.93 -7.72 16.00
C ILE G 429 -14.93 -6.65 15.70
N PRO G 430 -14.56 -5.61 14.91
CA PRO G 430 -15.47 -4.49 14.68
C PRO G 430 -16.67 -4.93 13.87
N PHE G 431 -17.69 -4.07 13.84
CA PHE G 431 -18.86 -4.40 13.04
C PHE G 431 -18.51 -4.18 11.59
N ASP G 432 -18.65 -5.26 10.82
CA ASP G 432 -18.26 -5.31 9.42
C ASP G 432 -19.45 -4.99 8.54
N SER G 433 -19.19 -4.29 7.44
CA SER G 433 -20.27 -3.94 6.54
C SER G 433 -20.73 -5.16 5.75
N ASP G 434 -19.88 -6.19 5.70
CA ASP G 434 -20.21 -7.47 5.10
C ASP G 434 -21.09 -8.32 6.01
N ARG G 435 -21.70 -7.71 7.02
CA ARG G 435 -22.65 -8.25 7.99
C ARG G 435 -22.08 -9.18 9.04
N LYS G 436 -20.77 -9.41 9.12
CA LYS G 436 -20.29 -10.33 10.15
C LYS G 436 -20.18 -9.52 11.44
N LEU G 437 -21.02 -9.91 12.39
CA LEU G 437 -21.36 -9.13 13.58
C LEU G 437 -20.23 -9.02 14.59
N MET G 438 -20.31 -7.96 15.40
CA MET G 438 -19.39 -7.69 16.50
C MET G 438 -19.33 -8.84 17.51
N SER G 439 -18.12 -9.33 17.76
CA SER G 439 -17.86 -10.38 18.73
C SER G 439 -16.68 -9.95 19.60
N THR G 440 -16.74 -10.32 20.88
CA THR G 440 -15.75 -9.94 21.88
C THR G 440 -15.24 -11.16 22.62
N LEU G 441 -14.02 -11.06 23.12
CA LEU G 441 -13.33 -12.11 23.87
C LEU G 441 -13.26 -11.71 25.34
N HIS G 442 -13.72 -12.58 26.22
CA HIS G 442 -13.79 -12.31 27.65
C HIS G 442 -13.38 -13.55 28.42
N THR G 443 -12.85 -13.36 29.63
CA THR G 443 -12.47 -14.47 30.49
C THR G 443 -13.55 -14.67 31.56
N PHE G 444 -14.22 -15.82 31.49
CA PHE G 444 -15.27 -16.23 32.42
C PHE G 444 -14.62 -17.03 33.53
N ASN G 445 -14.22 -16.34 34.60
CA ASN G 445 -13.53 -16.93 35.75
C ASN G 445 -12.15 -17.33 35.29
N GLU G 446 -11.98 -18.63 35.05
CA GLU G 446 -10.74 -19.20 34.53
C GLU G 446 -10.84 -19.51 33.03
N ASN G 447 -12.04 -19.80 32.53
CA ASN G 447 -12.32 -20.15 31.15
C ASN G 447 -12.21 -18.94 30.21
N LYS G 448 -12.41 -19.21 28.92
CA LYS G 448 -12.49 -18.21 27.87
C LYS G 448 -13.88 -18.25 27.24
N ALA G 449 -14.36 -17.08 26.86
CA ALA G 449 -15.66 -16.94 26.23
C ALA G 449 -15.56 -16.03 25.02
N MET G 450 -16.37 -16.34 24.02
CA MET G 450 -16.53 -15.56 22.80
C MET G 450 -17.96 -15.06 22.76
N LEU G 451 -18.18 -13.80 23.14
CA LEU G 451 -19.53 -13.26 23.14
C LEU G 451 -19.85 -12.72 21.76
N THR G 452 -21.12 -12.87 21.37
CA THR G 452 -21.49 -12.64 20.00
C THR G 452 -22.93 -12.16 19.96
N LYS G 453 -23.20 -11.12 19.16
CA LYS G 453 -24.57 -10.64 19.00
C LYS G 453 -24.76 -10.09 17.60
N GLY G 454 -26.00 -10.10 17.13
CA GLY G 454 -26.29 -9.56 15.82
C GLY G 454 -27.70 -9.92 15.39
N GLY G 455 -28.02 -9.57 14.14
CA GLY G 455 -29.35 -9.80 13.62
C GLY G 455 -29.68 -11.28 13.50
N PRO G 456 -30.96 -11.62 13.63
CA PRO G 456 -31.34 -13.04 13.63
C PRO G 456 -31.08 -13.72 12.31
N ASP G 457 -31.19 -13.00 11.20
CA ASP G 457 -31.00 -13.62 9.88
C ASP G 457 -29.58 -14.16 9.73
N VAL G 458 -28.59 -13.35 10.09
CA VAL G 458 -27.19 -13.78 9.97
C VAL G 458 -26.70 -14.55 11.19
N MET G 459 -27.36 -14.45 12.34
CA MET G 459 -26.91 -15.16 13.52
C MET G 459 -27.38 -16.61 13.54
N PHE G 460 -28.58 -16.88 13.02
CA PHE G 460 -29.08 -18.25 13.02
C PHE G 460 -28.25 -19.15 12.12
N ALA G 461 -27.58 -18.58 11.12
CA ALA G 461 -26.78 -19.37 10.19
C ALA G 461 -25.47 -19.85 10.80
N ARG G 462 -25.01 -19.23 11.89
CA ARG G 462 -23.73 -19.58 12.49
C ARG G 462 -23.87 -20.16 13.89
N CYS G 463 -25.09 -20.35 14.38
CA CYS G 463 -25.34 -20.92 15.71
C CYS G 463 -25.64 -22.41 15.57
N SER G 464 -24.89 -23.23 16.29
CA SER G 464 -25.07 -24.68 16.28
C SER G 464 -25.43 -25.24 17.65
N TYR G 465 -25.69 -24.40 18.64
CA TYR G 465 -26.14 -24.89 19.94
C TYR G 465 -27.12 -23.88 20.53
N VAL G 466 -28.00 -24.37 21.41
CA VAL G 466 -28.93 -23.51 22.10
C VAL G 466 -28.82 -23.77 23.60
N PHE G 467 -29.24 -22.77 24.39
CA PHE G 467 -29.15 -22.78 25.85
C PHE G 467 -30.53 -23.04 26.44
N LEU G 468 -30.78 -24.30 26.80
CA LEU G 468 -31.95 -24.76 27.52
C LEU G 468 -31.48 -25.12 28.94
N ASP G 469 -31.98 -26.21 29.49
CA ASP G 469 -31.50 -26.67 30.79
C ASP G 469 -29.97 -26.78 30.71
N GLY G 470 -29.50 -27.30 29.57
CA GLY G 470 -28.10 -27.34 29.23
C GLY G 470 -27.94 -26.83 27.81
N GLU G 471 -26.82 -27.14 27.15
CA GLU G 471 -26.60 -26.75 25.76
C GLU G 471 -26.88 -27.94 24.85
N GLU G 472 -27.71 -27.71 23.83
CA GLU G 472 -28.18 -28.81 22.99
C GLU G 472 -28.03 -28.47 21.51
N LYS G 473 -28.19 -29.50 20.68
CA LYS G 473 -28.09 -29.36 19.23
C LYS G 473 -29.34 -28.66 18.70
N PRO G 474 -29.21 -27.83 17.65
CA PRO G 474 -30.38 -27.07 17.18
C PRO G 474 -31.22 -27.92 16.23
N MET G 475 -32.45 -28.20 16.64
CA MET G 475 -33.40 -28.94 15.82
C MET G 475 -34.21 -27.91 15.04
N THR G 476 -33.85 -27.72 13.76
CA THR G 476 -34.48 -26.70 12.93
C THR G 476 -36.00 -26.68 13.02
N GLU G 477 -36.64 -27.85 13.13
CA GLU G 477 -38.10 -27.92 13.21
C GLU G 477 -38.57 -28.01 14.66
N GLU G 478 -39.34 -27.02 15.09
CA GLU G 478 -40.02 -26.93 16.39
C GLU G 478 -39.08 -26.64 17.56
N ILE G 479 -37.77 -26.55 17.35
CA ILE G 479 -36.84 -26.17 18.41
C ILE G 479 -36.06 -24.94 17.97
N LEU G 480 -35.79 -24.83 16.66
CA LEU G 480 -35.16 -23.67 16.05
C LEU G 480 -36.14 -22.82 15.25
N ALA G 481 -37.17 -23.43 14.68
CA ALA G 481 -38.17 -22.68 13.90
C ALA G 481 -38.92 -21.69 14.77
N LYS G 482 -39.08 -21.98 16.06
CA LYS G 482 -39.72 -21.02 16.95
C LYS G 482 -38.93 -19.72 17.04
N LEU G 483 -37.60 -19.78 16.87
CA LEU G 483 -36.81 -18.56 16.87
C LEU G 483 -37.19 -17.65 15.70
N LYS G 484 -37.29 -18.19 14.50
CA LYS G 484 -37.75 -17.37 13.38
C LYS G 484 -39.22 -17.03 13.51
N GLU G 485 -40.00 -17.87 14.19
CA GLU G 485 -41.40 -17.57 14.43
C GLU G 485 -41.53 -16.31 15.28
N THR G 486 -40.74 -16.22 16.34
CA THR G 486 -40.78 -15.06 17.21
C THR G 486 -40.07 -13.86 16.59
N ASN G 487 -39.07 -14.12 15.74
CA ASN G 487 -38.40 -13.02 15.05
C ASN G 487 -39.33 -12.33 14.06
N GLU G 488 -40.00 -13.12 13.22
CA GLU G 488 -40.95 -12.51 12.28
C GLU G 488 -42.19 -11.99 12.99
N GLU G 489 -42.55 -12.56 14.14
CA GLU G 489 -43.62 -11.97 14.94
C GLU G 489 -43.22 -10.59 15.46
N PHE G 490 -41.95 -10.44 15.86
CA PHE G 490 -41.45 -9.12 16.25
C PHE G 490 -41.40 -8.19 15.05
N SER G 491 -41.01 -8.70 13.88
CA SER G 491 -40.92 -7.87 12.68
C SER G 491 -42.30 -7.39 12.24
N ASN G 492 -43.34 -8.19 12.45
CA ASN G 492 -44.69 -7.76 12.12
C ASN G 492 -45.15 -6.58 12.98
N GLN G 493 -44.55 -6.40 14.16
CA GLN G 493 -44.81 -5.26 15.01
C GLN G 493 -43.75 -4.17 14.87
N ALA G 494 -42.93 -4.24 13.83
CA ALA G 494 -41.90 -3.24 13.54
C ALA G 494 -40.94 -3.08 14.71
N LEU G 495 -40.28 -4.19 15.06
CA LEU G 495 -39.34 -4.26 16.15
C LEU G 495 -37.98 -4.69 15.62
N ARG G 496 -36.93 -3.97 16.01
CA ARG G 496 -35.57 -4.37 15.66
C ARG G 496 -35.13 -5.53 16.54
N VAL G 497 -34.81 -6.66 15.93
CA VAL G 497 -34.51 -7.89 16.65
C VAL G 497 -33.01 -8.14 16.64
N LEU G 498 -32.49 -8.59 17.78
CA LEU G 498 -31.10 -9.02 17.91
C LEU G 498 -31.02 -10.36 18.63
N ALA G 499 -30.22 -11.27 18.09
CA ALA G 499 -29.97 -12.58 18.67
C ALA G 499 -28.57 -12.61 19.27
N TYR G 500 -28.43 -13.35 20.38
CA TYR G 500 -27.20 -13.40 21.16
C TYR G 500 -26.68 -14.82 21.26
N GLY G 501 -25.38 -14.95 21.50
CA GLY G 501 -24.77 -16.26 21.63
C GLY G 501 -23.32 -16.18 22.05
N TYR G 502 -22.74 -17.36 22.30
CA TYR G 502 -21.34 -17.45 22.71
C TYR G 502 -20.77 -18.80 22.29
N LYS G 503 -19.48 -19.01 22.59
CA LYS G 503 -18.84 -20.29 22.41
C LYS G 503 -17.64 -20.34 23.36
N ARG G 504 -17.43 -21.50 23.98
CA ARG G 504 -16.42 -21.64 25.03
C ARG G 504 -14.99 -21.41 24.52
N MET G 505 -14.55 -22.20 23.55
CA MET G 505 -13.23 -22.06 22.92
C MET G 505 -12.09 -22.47 23.86
N PRO G 506 -10.89 -22.75 23.32
CA PRO G 506 -9.76 -23.10 24.18
C PRO G 506 -9.12 -21.91 24.86
N ALA G 507 -8.77 -22.09 26.15
CA ALA G 507 -8.15 -21.06 26.97
C ALA G 507 -6.76 -20.64 26.50
N ASP G 508 -6.30 -21.14 25.35
CA ASP G 508 -4.98 -20.80 24.87
C ASP G 508 -5.02 -19.76 23.75
N THR G 509 -6.19 -19.52 23.17
CA THR G 509 -6.33 -18.54 22.12
C THR G 509 -6.43 -17.16 22.76
N THR G 510 -5.73 -16.19 22.18
CA THR G 510 -5.76 -14.82 22.68
C THR G 510 -6.31 -13.84 21.67
N GLU G 511 -6.71 -14.30 20.49
CA GLU G 511 -7.18 -13.43 19.43
C GLU G 511 -8.39 -14.04 18.75
N LEU G 512 -9.23 -13.18 18.18
CA LEU G 512 -10.40 -13.65 17.47
C LEU G 512 -10.15 -13.58 15.97
N LYS G 513 -10.62 -14.59 15.24
CA LYS G 513 -10.52 -14.63 13.79
C LYS G 513 -11.91 -14.77 13.19
N LEU G 514 -12.02 -14.48 11.90
CA LEU G 514 -13.31 -14.60 11.23
C LEU G 514 -13.60 -16.04 10.85
N GLU G 515 -12.56 -16.80 10.52
CA GLU G 515 -12.66 -18.21 10.16
C GLU G 515 -13.17 -19.10 11.29
N ASP G 516 -13.17 -18.63 12.54
CA ASP G 516 -13.66 -19.40 13.68
C ASP G 516 -15.00 -18.87 14.19
N GLU G 517 -15.86 -18.44 13.27
CA GLU G 517 -17.16 -17.84 13.60
C GLU G 517 -18.32 -18.78 13.30
N GLN G 518 -18.10 -20.08 13.36
CA GLN G 518 -19.16 -21.07 13.16
C GLN G 518 -19.42 -21.80 14.47
N ASP G 519 -20.47 -22.62 14.45
CA ASP G 519 -20.94 -23.39 15.61
C ASP G 519 -20.89 -22.56 16.90
N ILE G 520 -21.80 -21.57 16.95
CA ILE G 520 -21.98 -20.69 18.11
C ILE G 520 -23.15 -21.20 18.94
N VAL G 521 -23.08 -20.98 20.25
CA VAL G 521 -24.15 -21.38 21.17
C VAL G 521 -25.09 -20.19 21.35
N LEU G 522 -26.35 -20.38 20.98
CA LEU G 522 -27.33 -19.30 21.04
C LEU G 522 -27.95 -19.17 22.42
N VAL G 523 -28.19 -17.93 22.85
CA VAL G 523 -28.78 -17.69 24.16
C VAL G 523 -30.23 -17.22 24.02
N GLY G 524 -30.42 -16.00 23.52
CA GLY G 524 -31.78 -15.47 23.43
C GLY G 524 -31.89 -14.33 22.43
N LEU G 525 -33.09 -13.76 22.38
CA LEU G 525 -33.42 -12.68 21.47
C LEU G 525 -33.88 -11.45 22.23
N THR G 526 -33.75 -10.29 21.58
CA THR G 526 -34.22 -9.01 22.07
C THR G 526 -34.89 -8.28 20.93
N ALA G 527 -35.77 -7.35 21.31
CA ALA G 527 -36.50 -6.53 20.34
C ALA G 527 -36.58 -5.12 20.90
N MET G 528 -36.18 -4.14 20.10
CA MET G 528 -36.18 -2.74 20.52
C MET G 528 -36.96 -1.88 19.53
N ILE G 529 -37.57 -0.82 20.06
CA ILE G 529 -38.34 0.13 19.26
C ILE G 529 -38.21 1.50 19.91
N ASP G 530 -38.74 2.52 19.22
CA ASP G 530 -38.91 3.86 19.77
C ASP G 530 -40.21 3.95 20.55
N PRO G 531 -40.16 3.88 21.87
CA PRO G 531 -41.39 3.76 22.67
C PRO G 531 -42.07 5.10 22.88
N PRO G 532 -43.39 5.11 23.06
CA PRO G 532 -44.07 6.35 23.42
C PRO G 532 -43.74 6.77 24.85
N ARG G 533 -44.02 8.02 25.15
CA ARG G 533 -43.85 8.55 26.50
C ARG G 533 -44.93 7.97 27.42
N GLU G 534 -44.66 8.04 28.73
CA GLU G 534 -45.53 7.39 29.70
C GLU G 534 -46.92 8.00 29.72
N ALA G 535 -47.02 9.32 29.51
CA ALA G 535 -48.29 10.03 29.61
C ALA G 535 -49.12 9.98 28.34
N VAL G 536 -48.62 9.40 27.25
CA VAL G 536 -49.37 9.44 25.99
C VAL G 536 -50.63 8.57 26.09
N TYR G 537 -50.51 7.39 26.70
CA TYR G 537 -51.65 6.49 26.81
C TYR G 537 -52.80 7.19 27.53
N ALA G 538 -52.50 7.81 28.67
CA ALA G 538 -53.53 8.51 29.43
C ALA G 538 -53.97 9.80 28.78
N SER G 539 -53.07 10.50 28.08
CA SER G 539 -53.42 11.78 27.46
C SER G 539 -54.45 11.58 26.37
N ILE G 540 -54.31 10.52 25.58
CA ILE G 540 -55.27 10.29 24.49
C ILE G 540 -56.64 9.91 25.04
N GLU G 541 -56.67 9.12 26.12
CA GLU G 541 -57.93 8.78 26.77
C GLU G 541 -58.60 10.02 27.35
N GLU G 542 -57.80 10.92 27.92
CA GLU G 542 -58.34 12.15 28.50
C GLU G 542 -58.97 13.01 27.42
N SER G 543 -58.34 13.07 26.24
CA SER G 543 -58.93 13.85 25.14
C SER G 543 -60.16 13.16 24.55
N LYS G 544 -60.19 11.82 24.56
CA LYS G 544 -61.37 11.12 24.06
C LYS G 544 -62.60 11.40 24.92
N LYS G 545 -62.46 11.40 26.25
CA LYS G 545 -63.65 11.72 27.04
C LYS G 545 -64.14 13.14 26.80
N ALA G 546 -63.28 14.03 26.33
CA ALA G 546 -63.63 15.42 26.05
C ALA G 546 -64.14 15.64 24.63
N GLY G 547 -64.35 14.57 23.86
CA GLY G 547 -64.83 14.74 22.50
C GLY G 547 -63.78 15.32 21.58
N ILE G 548 -62.51 14.93 21.76
CA ILE G 548 -61.41 15.42 20.95
C ILE G 548 -60.85 14.24 20.18
N ARG G 549 -60.77 14.38 18.86
CA ARG G 549 -60.18 13.34 18.02
C ARG G 549 -58.67 13.57 17.99
N THR G 550 -57.91 12.51 18.17
CA THR G 550 -56.45 12.58 18.15
C THR G 550 -55.99 11.84 16.90
N VAL G 551 -55.23 12.52 16.05
CA VAL G 551 -54.71 11.94 14.82
C VAL G 551 -53.19 12.08 14.83
N MET G 552 -52.49 11.02 14.40
CA MET G 552 -51.04 10.96 14.38
C MET G 552 -50.53 11.12 12.95
N ILE G 553 -49.68 12.11 12.74
CA ILE G 553 -49.12 12.40 11.43
C ILE G 553 -47.60 12.36 11.58
N THR G 554 -46.98 11.28 11.08
CA THR G 554 -45.54 11.07 11.24
C THR G 554 -44.88 10.83 9.89
N GLY G 555 -43.58 11.10 9.84
CA GLY G 555 -42.76 10.84 8.69
C GLY G 555 -42.05 9.51 8.70
N ASP G 556 -42.39 8.63 9.65
CA ASP G 556 -41.80 7.31 9.78
C ASP G 556 -42.50 6.32 8.84
N HIS G 557 -41.94 5.11 8.74
CA HIS G 557 -42.46 4.08 7.84
C HIS G 557 -43.85 3.62 8.27
N LYS G 558 -44.60 3.07 7.30
CA LYS G 558 -45.98 2.66 7.58
C LYS G 558 -46.03 1.58 8.65
N THR G 559 -45.09 0.63 8.62
CA THR G 559 -45.07 -0.45 9.60
C THR G 559 -44.83 0.09 11.02
N THR G 560 -43.86 0.99 11.16
CA THR G 560 -43.59 1.56 12.48
C THR G 560 -44.74 2.44 12.93
N ALA G 561 -45.27 3.24 12.01
CA ALA G 561 -46.38 4.14 12.29
C ALA G 561 -47.68 3.40 12.55
N GLN G 562 -47.76 2.11 12.21
CA GLN G 562 -48.90 1.30 12.60
C GLN G 562 -48.66 0.59 13.92
N ALA G 563 -47.40 0.25 14.22
CA ALA G 563 -47.09 -0.29 15.54
C ALA G 563 -47.46 0.72 16.62
N ILE G 564 -46.91 1.93 16.53
CA ILE G 564 -47.41 3.02 17.36
C ILE G 564 -48.76 3.50 16.84
N GLY G 565 -49.64 3.91 17.76
CA GLY G 565 -51.01 4.22 17.42
C GLY G 565 -51.94 3.06 17.70
N ARG G 566 -51.46 1.85 17.41
CA ARG G 566 -52.16 0.66 17.89
C ARG G 566 -51.89 0.39 19.36
N ASP G 567 -50.74 0.85 19.87
CA ASP G 567 -50.41 0.72 21.29
C ASP G 567 -50.97 1.86 22.13
N ILE G 568 -51.04 3.07 21.57
CA ILE G 568 -51.53 4.22 22.33
C ILE G 568 -53.03 4.44 22.17
N GLY G 569 -53.71 3.65 21.34
CA GLY G 569 -55.15 3.70 21.24
C GLY G 569 -55.73 4.50 20.09
N LEU G 570 -55.07 4.47 18.93
CA LEU G 570 -55.59 5.12 17.74
C LEU G 570 -56.00 4.15 16.65
N MET G 571 -55.37 2.97 16.58
CA MET G 571 -55.61 1.97 15.55
C MET G 571 -56.01 0.63 16.18
N ASP G 572 -57.05 0.01 15.65
CA ASP G 572 -57.34 -1.35 16.05
C ASP G 572 -56.58 -2.37 15.18
N ALA G 573 -56.62 -3.62 15.63
CA ALA G 573 -56.11 -4.77 14.88
C ALA G 573 -56.52 -4.72 13.42
N ASP G 574 -55.54 -4.87 12.52
CA ASP G 574 -55.77 -4.95 11.08
C ASP G 574 -56.38 -3.67 10.50
N ASP G 575 -56.01 -2.52 11.06
CA ASP G 575 -56.30 -1.24 10.45
C ASP G 575 -55.08 -0.80 9.64
N ILE G 576 -55.32 -0.19 8.51
CA ILE G 576 -54.26 0.26 7.62
C ILE G 576 -54.07 1.75 7.84
N ALA G 577 -52.83 2.20 7.70
CA ALA G 577 -52.51 3.62 7.80
C ALA G 577 -52.24 4.15 6.40
N LEU G 578 -52.73 5.34 6.11
CA LEU G 578 -52.48 5.96 4.82
C LEU G 578 -51.08 6.58 4.81
N THR G 579 -50.47 6.59 3.63
CA THR G 579 -49.10 7.03 3.48
C THR G 579 -49.01 8.35 2.74
N GLY G 580 -47.87 9.01 2.91
CA GLY G 580 -47.61 10.24 2.18
C GLY G 580 -47.62 10.04 0.68
N GLN G 581 -47.12 8.90 0.21
CA GLN G 581 -47.17 8.61 -1.23
C GLN G 581 -48.61 8.55 -1.72
N GLU G 582 -49.44 7.77 -1.04
CA GLU G 582 -50.84 7.64 -1.45
C GLU G 582 -51.60 8.95 -1.23
N LEU G 583 -51.16 9.77 -0.27
CA LEU G 583 -51.83 11.04 -0.01
C LEU G 583 -51.48 12.08 -1.06
N ASP G 584 -50.23 12.09 -1.54
CA ASP G 584 -49.81 13.04 -2.55
C ASP G 584 -50.52 12.84 -3.88
N ALA G 585 -51.01 11.63 -4.16
CA ALA G 585 -51.76 11.39 -5.38
C ALA G 585 -53.23 11.81 -5.26
N MET G 586 -53.72 12.06 -4.03
CA MET G 586 -55.12 12.44 -3.84
C MET G 586 -55.27 13.96 -3.89
N PRO G 587 -56.19 14.49 -4.69
CA PRO G 587 -56.51 15.92 -4.63
C PRO G 587 -57.31 16.27 -3.40
N GLU G 588 -57.59 17.56 -3.18
CA GLU G 588 -58.31 17.98 -1.98
C GLU G 588 -59.74 17.45 -1.99
N GLU G 589 -60.34 17.33 -3.18
CA GLU G 589 -61.70 16.82 -3.27
C GLU G 589 -61.78 15.37 -2.86
N GLU G 590 -60.77 14.56 -3.20
CA GLU G 590 -60.76 13.16 -2.77
C GLU G 590 -60.58 13.05 -1.26
N LEU G 591 -59.73 13.90 -0.69
CA LEU G 591 -59.46 13.83 0.75
C LEU G 591 -60.63 14.29 1.60
N ASP G 592 -61.41 15.26 1.12
CA ASP G 592 -62.46 15.78 2.00
C ASP G 592 -63.46 14.71 2.42
N LYS G 593 -63.76 13.73 1.57
CA LYS G 593 -64.71 12.69 1.95
C LYS G 593 -64.09 11.53 2.72
N LYS G 594 -62.78 11.32 2.63
CA LYS G 594 -62.10 10.28 3.39
C LYS G 594 -61.28 10.82 4.57
N LEU G 595 -61.39 12.12 4.87
CA LEU G 595 -60.48 12.74 5.84
C LEU G 595 -60.78 12.31 7.27
N GLU G 596 -62.04 12.09 7.60
CA GLU G 596 -62.45 11.78 8.97
C GLU G 596 -62.32 10.30 9.28
N HIS G 597 -61.66 9.54 8.40
CA HIS G 597 -61.53 8.09 8.49
C HIS G 597 -60.09 7.59 8.47
N ILE G 598 -59.10 8.48 8.46
CA ILE G 598 -57.72 8.04 8.32
C ILE G 598 -57.13 7.63 9.66
N ALA G 599 -57.29 8.49 10.68
CA ALA G 599 -56.84 8.25 12.05
C ALA G 599 -55.32 8.19 12.23
N VAL G 600 -54.58 7.74 11.21
CA VAL G 600 -53.12 7.64 11.27
C VAL G 600 -52.55 7.96 9.90
N TYR G 601 -51.59 8.89 9.84
CA TYR G 601 -50.84 9.20 8.63
C TYR G 601 -49.41 8.72 8.81
N ALA G 602 -48.86 8.11 7.76
CA ALA G 602 -47.53 7.51 7.81
C ALA G 602 -46.67 7.99 6.65
N ARG G 603 -45.37 8.15 6.91
CA ARG G 603 -44.36 8.43 5.89
C ARG G 603 -44.77 9.60 5.01
N VAL G 604 -44.99 10.74 5.65
CA VAL G 604 -45.49 11.92 4.97
C VAL G 604 -44.35 12.93 4.84
N SER G 605 -44.51 13.83 3.88
CA SER G 605 -43.59 14.93 3.64
C SER G 605 -44.00 16.16 4.43
N PRO G 606 -43.10 17.13 4.60
CA PRO G 606 -43.47 18.35 5.34
C PRO G 606 -44.67 19.09 4.76
N GLU G 607 -44.90 19.03 3.45
CA GLU G 607 -46.08 19.66 2.88
C GLU G 607 -47.35 18.88 3.19
N ASN G 608 -47.22 17.59 3.50
CA ASN G 608 -48.41 16.77 3.75
C ASN G 608 -49.11 17.14 5.04
N LYS G 609 -48.33 17.46 6.08
CA LYS G 609 -48.93 17.82 7.35
C LYS G 609 -49.69 19.14 7.28
N ILE G 610 -49.10 20.16 6.66
CA ILE G 610 -49.79 21.44 6.55
C ILE G 610 -51.03 21.28 5.68
N ARG G 611 -50.99 20.34 4.73
CA ARG G 611 -52.22 20.09 3.99
C ARG G 611 -53.27 19.44 4.87
N ILE G 612 -52.87 18.53 5.76
CA ILE G 612 -53.84 17.88 6.65
C ILE G 612 -54.45 18.89 7.60
N VAL G 613 -53.64 19.80 8.14
CA VAL G 613 -54.17 20.80 9.05
C VAL G 613 -55.13 21.73 8.32
N LYS G 614 -54.79 22.11 7.08
CA LYS G 614 -55.71 22.90 6.26
C LYS G 614 -56.99 22.13 5.98
N ALA G 615 -56.88 20.82 5.76
CA ALA G 615 -58.05 20.00 5.48
C ALA G 615 -58.99 19.92 6.69
N TRP G 616 -58.41 19.76 7.88
CA TRP G 616 -59.19 19.75 9.11
C TRP G 616 -59.77 21.14 9.42
N GLN G 617 -59.06 22.20 9.06
CA GLN G 617 -59.61 23.54 9.21
C GLN G 617 -60.76 23.80 8.25
N LYS G 618 -60.73 23.17 7.07
CA LYS G 618 -61.85 23.32 6.14
C LYS G 618 -63.13 22.71 6.72
N LYS G 619 -63.01 21.67 7.56
CA LYS G 619 -64.16 21.11 8.26
C LYS G 619 -64.72 22.02 9.34
N GLY G 620 -64.07 23.13 9.64
CA GLY G 620 -64.54 24.01 10.68
C GLY G 620 -64.08 23.63 12.07
N LYS G 621 -63.10 22.72 12.18
CA LYS G 621 -62.64 22.22 13.47
C LYS G 621 -61.45 23.05 13.93
N ILE G 622 -61.43 23.37 15.22
CA ILE G 622 -60.27 24.02 15.82
C ILE G 622 -59.21 22.94 16.06
N THR G 623 -58.11 23.01 15.33
CA THR G 623 -57.11 21.96 15.32
C THR G 623 -55.84 22.43 16.03
N ALA G 624 -55.25 21.54 16.80
CA ALA G 624 -53.98 21.76 17.47
C ALA G 624 -52.92 20.86 16.85
N MET G 625 -51.69 21.37 16.76
CA MET G 625 -50.60 20.56 16.21
C MET G 625 -49.45 20.52 17.21
N THR G 626 -48.99 19.32 17.54
CA THR G 626 -47.86 19.11 18.44
C THR G 626 -46.70 18.51 17.65
N GLY G 627 -45.48 19.03 17.87
CA GLY G 627 -44.39 18.55 17.05
C GLY G 627 -43.02 18.92 17.57
N ASP G 628 -41.99 18.37 16.88
CA ASP G 628 -40.60 18.50 17.33
C ASP G 628 -39.56 18.67 16.23
N GLY G 629 -39.91 18.80 14.95
CA GLY G 629 -38.91 18.86 13.91
C GLY G 629 -39.26 19.86 12.82
N VAL G 630 -38.33 20.01 11.86
CA VAL G 630 -38.52 21.02 10.82
C VAL G 630 -39.71 20.67 9.95
N ASN G 631 -40.01 19.38 9.82
CA ASN G 631 -41.17 18.92 9.08
C ASN G 631 -42.47 19.29 9.78
N ASP G 632 -42.44 19.48 11.11
CA ASP G 632 -43.65 19.88 11.82
C ASP G 632 -43.90 21.38 11.79
N ALA G 633 -42.89 22.18 11.39
CA ALA G 633 -43.01 23.65 11.44
C ALA G 633 -44.17 24.20 10.61
N PRO G 634 -44.36 23.79 9.34
CA PRO G 634 -45.56 24.26 8.63
C PRO G 634 -46.85 23.92 9.36
N ALA G 635 -46.94 22.72 9.96
CA ALA G 635 -48.17 22.35 10.69
C ALA G 635 -48.27 23.10 12.00
N LEU G 636 -47.13 23.45 12.60
CA LEU G 636 -47.15 24.20 13.85
C LEU G 636 -47.63 25.64 13.62
N LYS G 637 -47.20 26.26 12.51
CA LYS G 637 -47.60 27.65 12.28
C LYS G 637 -48.99 27.78 11.68
N GLN G 638 -49.41 26.82 10.85
CA GLN G 638 -50.72 26.91 10.24
C GLN G 638 -51.85 26.61 11.23
N ALA G 639 -51.59 25.75 12.21
CA ALA G 639 -52.62 25.32 13.14
C ALA G 639 -53.15 26.50 13.95
N ASP G 640 -54.33 26.31 14.52
CA ASP G 640 -54.89 27.31 15.42
C ASP G 640 -54.03 27.47 16.65
N ILE G 641 -53.40 26.38 17.09
CA ILE G 641 -52.45 26.41 18.20
C ILE G 641 -51.33 25.40 17.98
N GLY G 642 -50.10 25.90 17.91
CA GLY G 642 -48.93 25.08 17.73
C GLY G 642 -48.21 24.85 19.03
N VAL G 643 -47.85 23.60 19.28
CA VAL G 643 -47.17 23.15 20.49
C VAL G 643 -45.86 22.51 20.05
N ALA G 644 -44.75 23.05 20.51
CA ALA G 644 -43.43 22.56 20.17
C ALA G 644 -42.78 21.90 21.38
N MET G 645 -41.98 20.87 21.10
CA MET G 645 -41.27 20.16 22.14
C MET G 645 -40.03 20.95 22.59
N GLY G 646 -39.73 20.87 23.89
CA GLY G 646 -38.57 21.56 24.42
C GLY G 646 -37.24 21.02 23.93
N SER G 647 -37.18 19.72 23.64
CA SER G 647 -35.99 19.09 23.09
C SER G 647 -35.95 19.14 21.56
N GLY G 648 -36.89 19.85 20.94
CA GLY G 648 -36.95 19.95 19.50
C GLY G 648 -36.03 21.02 18.94
N THR G 649 -36.16 21.20 17.62
CA THR G 649 -35.38 22.20 16.90
C THR G 649 -35.90 23.60 17.20
N ASP G 650 -35.05 24.60 16.97
CA ASP G 650 -35.44 25.98 17.22
C ASP G 650 -36.46 26.48 16.22
N VAL G 651 -36.44 25.94 14.99
CA VAL G 651 -37.41 26.35 13.97
C VAL G 651 -38.82 25.93 14.40
N ALA G 652 -38.94 24.73 14.96
CA ALA G 652 -40.25 24.26 15.40
C ALA G 652 -40.76 25.06 16.59
N LYS G 653 -39.85 25.49 17.47
CA LYS G 653 -40.27 26.33 18.58
C LYS G 653 -40.67 27.72 18.11
N ASP G 654 -39.97 28.25 17.10
CA ASP G 654 -40.30 29.56 16.55
C ASP G 654 -41.59 29.55 15.76
N SER G 655 -42.01 28.39 15.24
CA SER G 655 -43.25 28.33 14.48
C SER G 655 -44.46 28.07 15.37
N ALA G 656 -44.24 27.63 16.62
CA ALA G 656 -45.31 27.29 17.54
C ALA G 656 -45.63 28.45 18.46
N ALA G 657 -46.76 28.32 19.16
CA ALA G 657 -47.21 29.33 20.10
C ALA G 657 -46.98 28.93 21.54
N MET G 658 -46.89 27.63 21.84
CA MET G 658 -46.57 27.16 23.17
C MET G 658 -45.45 26.13 23.08
N ILE G 659 -44.57 26.15 24.08
CA ILE G 659 -43.40 25.27 24.14
C ILE G 659 -43.46 24.50 25.45
N LEU G 660 -43.36 23.17 25.36
CA LEU G 660 -43.33 22.33 26.56
C LEU G 660 -41.88 22.18 27.01
N THR G 661 -41.47 22.99 27.99
CA THR G 661 -40.08 23.00 28.43
C THR G 661 -39.68 21.67 29.04
N ASP G 662 -40.53 21.08 29.89
CA ASP G 662 -40.24 19.80 30.52
C ASP G 662 -40.65 18.62 29.64
N ASP G 663 -41.05 18.88 28.39
CA ASP G 663 -41.46 17.85 27.44
C ASP G 663 -42.62 17.01 27.95
N ASN G 664 -43.43 17.57 28.84
CA ASN G 664 -44.56 16.85 29.42
C ASN G 664 -45.74 16.86 28.45
N PHE G 665 -46.01 15.71 27.83
CA PHE G 665 -47.05 15.65 26.82
C PHE G 665 -48.45 15.87 27.42
N VAL G 666 -48.67 15.45 28.66
CA VAL G 666 -50.00 15.63 29.23
C VAL G 666 -50.33 17.09 29.42
N SER G 667 -49.33 17.97 29.36
CA SER G 667 -49.59 19.39 29.50
C SER G 667 -50.53 19.87 28.42
N ILE G 668 -50.47 19.24 27.25
CA ILE G 668 -51.33 19.67 26.15
C ILE G 668 -52.79 19.49 26.54
N VAL G 669 -53.16 18.29 26.98
CA VAL G 669 -54.54 18.09 27.40
C VAL G 669 -54.83 18.97 28.61
N ASP G 670 -53.85 19.13 29.49
CA ASP G 670 -54.05 20.00 30.64
C ASP G 670 -54.36 21.42 30.18
N ALA G 671 -53.69 21.87 29.11
CA ALA G 671 -53.95 23.21 28.62
C ALA G 671 -55.37 23.34 28.12
N VAL G 672 -55.89 22.27 27.50
CA VAL G 672 -57.28 22.28 27.07
C VAL G 672 -58.18 22.53 28.27
N GLY G 673 -57.92 21.81 29.37
CA GLY G 673 -58.72 22.03 30.56
C GLY G 673 -58.57 23.46 31.06
N VAL G 674 -57.34 23.96 31.08
CA VAL G 674 -57.12 25.33 31.50
C VAL G 674 -57.85 26.26 30.55
N GLY G 675 -57.73 26.02 29.24
CA GLY G 675 -58.41 26.88 28.30
C GLY G 675 -59.91 26.86 28.53
N ARG G 676 -60.45 25.67 28.80
CA ARG G 676 -61.88 25.56 29.04
C ARG G 676 -62.29 26.34 30.27
N THR G 677 -61.46 26.31 31.32
CA THR G 677 -61.82 27.10 32.49
C THR G 677 -61.59 28.58 32.23
N VAL G 678 -60.55 28.93 31.45
CA VAL G 678 -60.30 30.34 31.17
C VAL G 678 -61.53 30.95 30.51
N PHE G 679 -62.03 30.29 29.47
CA PHE G 679 -63.20 30.81 28.79
C PHE G 679 -64.40 30.82 29.73
N ASP G 680 -64.54 29.78 30.56
CA ASP G 680 -65.66 29.76 31.49
C ASP G 680 -65.64 31.00 32.35
N ASN G 681 -64.46 31.37 32.87
CA ASN G 681 -64.41 32.50 33.77
C ASN G 681 -64.64 33.80 33.03
N ILE G 682 -64.18 33.90 31.78
CA ILE G 682 -64.49 35.08 31.00
C ILE G 682 -65.99 35.18 30.80
N LYS G 683 -66.63 34.05 30.49
CA LYS G 683 -68.08 34.02 30.36
C LYS G 683 -68.73 34.48 31.66
N LYS G 684 -68.15 34.13 32.80
CA LYS G 684 -68.68 34.63 34.06
C LYS G 684 -68.43 36.12 34.21
N SER G 685 -67.21 36.57 33.90
CA SER G 685 -66.83 37.94 34.20
C SER G 685 -67.65 38.94 33.39
N ILE G 686 -67.76 38.72 32.08
CA ILE G 686 -68.54 39.60 31.24
C ILE G 686 -70.00 39.55 31.67
N ALA G 687 -70.48 38.36 32.05
CA ALA G 687 -71.85 38.24 32.55
C ALA G 687 -72.06 39.08 33.80
N TYR G 688 -71.01 39.22 34.61
CA TYR G 688 -71.11 40.10 35.77
C TYR G 688 -71.18 41.56 35.36
N LEU G 689 -70.44 41.93 34.32
CA LEU G 689 -70.43 43.34 33.93
C LEU G 689 -71.79 43.76 33.38
N PHE G 690 -72.31 42.99 32.43
CA PHE G 690 -73.50 43.40 31.71
C PHE G 690 -74.75 43.28 32.56
N ALA G 691 -74.78 42.33 33.50
CA ALA G 691 -75.89 42.29 34.44
C ALA G 691 -75.96 43.59 35.23
N GLY G 692 -74.81 44.19 35.52
CA GLY G 692 -74.83 45.50 36.13
C GLY G 692 -75.21 46.58 35.13
N ASN G 693 -74.70 46.47 33.90
CA ASN G 693 -75.01 47.48 32.88
C ASN G 693 -76.49 47.47 32.54
N LEU G 694 -77.08 46.28 32.39
CA LEU G 694 -78.51 46.20 32.18
C LEU G 694 -79.25 46.85 33.33
N GLY G 695 -78.78 46.61 34.56
CA GLY G 695 -79.39 47.24 35.72
C GLY G 695 -79.32 48.75 35.67
N ALA G 696 -78.27 49.29 35.05
CA ALA G 696 -78.21 50.74 34.90
C ALA G 696 -79.20 51.22 33.84
N ILE G 697 -79.25 50.53 32.70
CA ILE G 697 -80.13 50.96 31.62
C ILE G 697 -81.58 50.99 32.09
N ILE G 698 -82.00 49.93 32.76
CA ILE G 698 -83.37 49.83 33.25
C ILE G 698 -83.68 51.00 34.17
N ALA G 699 -82.70 51.43 34.97
CA ALA G 699 -82.94 52.55 35.88
C ALA G 699 -83.02 53.88 35.13
N ILE G 700 -82.20 54.04 34.09
CA ILE G 700 -82.21 55.30 33.36
C ILE G 700 -83.48 55.42 32.51
N LEU G 701 -83.81 54.36 31.77
CA LEU G 701 -85.00 54.39 30.92
C LEU G 701 -86.26 54.65 31.74
N PHE G 702 -86.34 54.04 32.93
CA PHE G 702 -87.47 54.29 33.82
C PHE G 702 -87.52 55.75 34.22
N ALA G 703 -86.35 56.36 34.46
CA ALA G 703 -86.32 57.80 34.73
C ALA G 703 -86.76 58.60 33.52
N LEU G 704 -86.56 58.08 32.30
CA LEU G 704 -86.94 58.84 31.10
C LEU G 704 -88.45 58.88 30.92
N VAL G 705 -89.10 57.72 30.88
CA VAL G 705 -90.55 57.70 30.67
C VAL G 705 -91.27 58.35 31.84
N LEU G 706 -90.62 58.47 33.00
CA LEU G 706 -91.23 59.20 34.08
C LEU G 706 -90.66 60.58 34.28
N ASP G 707 -89.67 60.97 33.50
CA ASP G 707 -89.03 62.28 33.61
C ASP G 707 -88.55 62.57 35.03
N TRP G 708 -87.96 61.57 35.67
CA TRP G 708 -87.26 61.96 36.87
C TRP G 708 -85.91 62.50 36.39
N ILE G 709 -85.18 63.16 37.29
CA ILE G 709 -83.88 63.67 36.86
C ILE G 709 -82.98 62.47 36.67
N ASN G 710 -82.05 62.59 35.72
CA ASN G 710 -81.14 61.52 35.39
C ASN G 710 -80.50 60.93 36.64
N PRO G 711 -80.80 59.66 36.94
CA PRO G 711 -80.30 59.08 38.20
C PRO G 711 -78.79 58.99 38.26
N PHE G 712 -78.11 58.95 37.10
CA PHE G 712 -76.67 58.81 37.06
C PHE G 712 -76.06 59.90 36.19
N THR G 713 -74.83 60.26 36.49
CA THR G 713 -74.02 61.14 35.66
C THR G 713 -72.98 60.30 34.92
N ALA G 714 -72.55 60.80 33.76
CA ALA G 714 -71.58 60.07 32.94
C ALA G 714 -70.28 59.79 33.68
N LEU G 715 -69.82 60.73 34.52
CA LEU G 715 -68.55 60.54 35.21
C LEU G 715 -68.62 59.41 36.24
N GLN G 716 -69.72 59.35 36.99
CA GLN G 716 -69.92 58.28 37.95
C GLN G 716 -69.94 56.93 37.26
N LEU G 717 -70.69 56.82 36.15
CA LEU G 717 -70.76 55.57 35.41
C LEU G 717 -69.41 55.18 34.83
N LEU G 718 -68.64 56.16 34.35
CA LEU G 718 -67.32 55.84 33.83
C LEU G 718 -66.44 55.24 34.92
N PHE G 719 -66.47 55.82 36.10
CA PHE G 719 -65.62 55.23 37.11
C PHE G 719 -66.13 53.90 37.64
N ILE G 720 -67.45 53.74 37.67
CA ILE G 720 -68.01 52.47 38.11
C ILE G 720 -67.54 51.35 37.18
N ASN G 721 -67.57 51.62 35.87
CA ASN G 721 -67.17 50.64 34.88
C ASN G 721 -65.66 50.48 34.77
N LEU G 722 -64.88 51.50 35.13
CA LEU G 722 -63.43 51.45 35.01
C LEU G 722 -62.75 51.07 36.33
N VAL G 723 -63.16 51.72 37.42
CA VAL G 723 -62.50 51.54 38.70
C VAL G 723 -63.21 50.51 39.55
N ASN G 724 -64.52 50.66 39.71
CA ASN G 724 -65.24 49.83 40.67
C ASN G 724 -65.50 48.42 40.13
N ASP G 725 -65.84 48.30 38.85
CA ASP G 725 -66.23 47.00 38.31
C ASP G 725 -65.07 46.22 37.69
N SER G 726 -63.85 46.76 37.68
CA SER G 726 -62.71 46.03 37.14
C SER G 726 -62.24 44.90 38.05
N LEU G 727 -62.09 45.19 39.34
CA LEU G 727 -61.60 44.16 40.28
C LEU G 727 -62.52 42.96 40.46
N PRO G 728 -63.84 43.12 40.69
CA PRO G 728 -64.68 41.92 40.82
C PRO G 728 -64.67 41.00 39.61
N ALA G 729 -64.57 41.53 38.39
CA ALA G 729 -64.52 40.66 37.23
C ALA G 729 -63.25 39.83 37.20
N ILE G 730 -62.11 40.45 37.52
CA ILE G 730 -60.84 39.72 37.59
C ILE G 730 -60.91 38.66 38.68
N ALA G 731 -61.51 39.03 39.82
CA ALA G 731 -61.70 38.06 40.90
C ALA G 731 -62.52 36.88 40.45
N LEU G 732 -63.60 37.13 39.69
CA LEU G 732 -64.36 36.03 39.09
C LEU G 732 -63.52 35.27 38.09
N GLY G 733 -62.50 35.92 37.51
CA GLY G 733 -61.56 35.18 36.69
C GLY G 733 -60.74 34.20 37.48
N MET G 734 -60.64 34.39 38.79
CA MET G 734 -59.88 33.41 39.60
C MET G 734 -60.77 32.32 40.21
N GLU G 735 -61.70 31.73 39.46
CA GLU G 735 -62.65 30.75 39.98
C GLU G 735 -62.20 29.30 39.72
N LYS G 736 -62.66 28.39 40.57
CA LYS G 736 -62.29 26.97 40.47
C LYS G 736 -62.70 26.41 39.11
N ALA G 737 -61.97 25.37 38.67
CA ALA G 737 -62.16 24.77 37.35
C ALA G 737 -63.51 24.06 37.16
N GLU G 738 -64.39 23.99 38.17
CA GLU G 738 -65.70 23.35 38.09
C GLU G 738 -65.53 21.84 37.94
N PRO G 739 -66.51 21.02 38.38
CA PRO G 739 -66.27 19.57 38.46
C PRO G 739 -66.02 18.84 37.14
N ASP G 740 -66.97 18.88 36.22
CA ASP G 740 -66.88 18.11 34.97
C ASP G 740 -66.53 19.01 33.79
N VAL G 741 -65.33 19.58 33.85
CA VAL G 741 -64.89 20.47 32.79
C VAL G 741 -64.36 19.71 31.58
N MET G 742 -63.64 18.61 31.80
CA MET G 742 -63.10 17.81 30.71
C MET G 742 -64.05 16.73 30.23
N LYS G 743 -65.24 16.65 30.81
CA LYS G 743 -66.27 15.73 30.34
C LYS G 743 -67.16 16.35 29.29
N ARG G 744 -67.03 17.64 29.01
CA ARG G 744 -67.84 18.32 28.02
C ARG G 744 -67.15 18.33 26.66
N LYS G 745 -67.93 18.54 25.61
CA LYS G 745 -67.43 18.63 24.25
C LYS G 745 -66.89 20.04 23.97
N PRO G 746 -66.05 20.20 22.95
CA PRO G 746 -65.54 21.53 22.62
C PRO G 746 -66.68 22.49 22.26
N ARG G 747 -66.58 23.73 22.73
CA ARG G 747 -67.60 24.71 22.43
C ARG G 747 -67.57 25.07 20.94
N ASP G 748 -68.75 25.41 20.42
CA ASP G 748 -68.87 25.84 19.04
C ASP G 748 -68.25 27.22 18.84
N ILE G 749 -67.65 27.42 17.66
CA ILE G 749 -67.06 28.71 17.37
C ILE G 749 -68.14 29.76 17.14
N ASN G 750 -69.26 29.36 16.52
CA ASN G 750 -70.39 30.26 16.29
C ASN G 750 -71.27 30.44 17.53
N GLU G 751 -70.97 29.75 18.63
CA GLU G 751 -71.77 29.90 19.83
C GLU G 751 -71.62 31.32 20.38
N GLY G 752 -72.72 31.87 20.90
CA GLY G 752 -72.67 33.20 21.45
C GLY G 752 -71.99 33.23 22.80
N ILE G 753 -71.74 34.45 23.28
CA ILE G 753 -71.07 34.60 24.57
C ILE G 753 -72.03 34.44 25.74
N PHE G 754 -73.34 34.50 25.49
CA PHE G 754 -74.34 34.34 26.53
C PHE G 754 -75.18 33.08 26.36
N ALA G 755 -74.75 32.16 25.51
CA ALA G 755 -75.52 30.94 25.29
C ALA G 755 -75.33 29.99 26.46
N GLY G 756 -76.35 29.17 26.71
CA GLY G 756 -76.27 28.15 27.73
C GLY G 756 -76.59 28.64 29.13
N GLY G 757 -77.69 29.37 29.26
CA GLY G 757 -78.13 29.84 30.56
C GLY G 757 -77.49 31.12 31.05
N THR G 758 -76.36 31.53 30.45
CA THR G 758 -75.73 32.78 30.87
C THR G 758 -76.63 33.98 30.54
N MET G 759 -77.27 33.95 29.38
CA MET G 759 -78.18 35.03 29.00
C MET G 759 -79.33 35.12 30.00
N ARG G 760 -79.82 33.96 30.44
CA ARG G 760 -80.94 33.89 31.39
C ARG G 760 -80.54 34.51 32.73
N ALA G 761 -79.33 34.21 33.18
CA ALA G 761 -78.83 34.76 34.44
C ALA G 761 -78.56 36.25 34.33
N VAL G 762 -78.00 36.70 33.21
CA VAL G 762 -77.74 38.13 33.02
C VAL G 762 -79.03 38.91 33.06
N ILE G 763 -80.06 38.47 32.32
CA ILE G 763 -81.30 39.22 32.30
C ILE G 763 -81.96 39.21 33.69
N SER G 764 -81.86 38.08 34.39
CA SER G 764 -82.45 38.00 35.73
C SER G 764 -81.76 38.96 36.70
N ARG G 765 -80.43 38.90 36.76
CA ARG G 765 -79.69 39.76 37.69
C ARG G 765 -79.83 41.22 37.29
N GLY G 766 -79.88 41.51 36.00
CA GLY G 766 -80.05 42.88 35.56
C GLY G 766 -81.39 43.46 35.99
N VAL G 767 -82.47 42.69 35.82
CA VAL G 767 -83.78 43.17 36.25
C VAL G 767 -83.79 43.43 37.76
N LEU G 768 -83.16 42.55 38.54
CA LEU G 768 -83.15 42.77 39.99
C LEU G 768 -82.38 44.04 40.36
N ILE G 769 -81.22 44.25 39.72
CA ILE G 769 -80.45 45.47 39.99
C ILE G 769 -81.25 46.70 39.59
N GLY G 770 -81.93 46.63 38.45
CA GLY G 770 -82.72 47.77 38.01
C GLY G 770 -83.85 48.11 38.95
N ILE G 771 -84.56 47.09 39.43
CA ILE G 771 -85.65 47.35 40.37
C ILE G 771 -85.13 47.95 41.66
N ALA G 772 -83.96 47.49 42.12
CA ALA G 772 -83.40 48.06 43.34
C ALA G 772 -83.09 49.54 43.14
N VAL G 773 -82.54 49.90 41.98
CA VAL G 773 -82.21 51.30 41.73
C VAL G 773 -83.49 52.13 41.54
N ILE G 774 -84.52 51.55 40.91
CA ILE G 774 -85.75 52.31 40.71
C ILE G 774 -86.41 52.62 42.04
N ILE G 775 -86.51 51.63 42.92
CA ILE G 775 -87.10 51.89 44.24
C ILE G 775 -86.24 52.90 45.01
N SER G 776 -84.92 52.79 44.88
CA SER G 776 -84.04 53.76 45.55
C SER G 776 -84.28 55.17 45.02
N GLN G 777 -84.41 55.31 43.70
CA GLN G 777 -84.63 56.63 43.10
C GLN G 777 -85.99 57.17 43.48
N TYR G 778 -87.01 56.30 43.56
CA TYR G 778 -88.34 56.71 43.99
C TYR G 778 -88.33 57.18 45.44
N ILE G 779 -87.60 56.49 46.32
CA ILE G 779 -87.50 56.90 47.71
C ILE G 779 -86.75 58.23 47.81
N GLY G 780 -85.68 58.39 47.04
CA GLY G 780 -84.96 59.66 47.06
C GLY G 780 -85.80 60.81 46.53
N MET G 781 -86.71 60.52 45.59
CA MET G 781 -87.58 61.55 45.04
C MET G 781 -88.51 62.15 46.08
N GLN G 782 -88.83 61.42 47.15
CA GLN G 782 -89.66 61.98 48.21
C GLN G 782 -88.97 63.12 48.95
N ILE G 783 -87.64 63.20 48.88
CA ILE G 783 -86.91 64.27 49.54
C ILE G 783 -86.61 65.38 48.54
N SER G 784 -85.85 65.05 47.51
CA SER G 784 -85.46 66.00 46.47
C SER G 784 -84.84 65.21 45.32
N PRO G 785 -84.84 65.77 44.10
CA PRO G 785 -84.19 65.08 42.97
C PRO G 785 -82.70 64.81 43.17
N GLU G 786 -81.99 65.70 43.88
CA GLU G 786 -80.58 65.47 44.16
C GLU G 786 -80.41 64.24 45.05
N MET G 787 -81.36 64.05 45.96
CA MET G 787 -81.32 62.86 46.81
C MET G 787 -81.62 61.62 45.97
N SER G 788 -82.42 61.76 44.91
CA SER G 788 -82.64 60.63 44.03
C SER G 788 -81.38 60.25 43.30
N VAL G 789 -80.56 61.26 42.93
CA VAL G 789 -79.31 60.95 42.25
C VAL G 789 -78.35 60.25 43.19
N ALA G 790 -78.22 60.75 44.42
CA ALA G 790 -77.27 60.15 45.35
C ALA G 790 -77.67 58.74 45.74
N MET G 791 -78.95 58.52 46.04
CA MET G 791 -79.38 57.20 46.47
C MET G 791 -79.38 56.19 45.32
N ALA G 792 -79.74 56.62 44.09
CA ALA G 792 -79.68 55.70 42.98
C ALA G 792 -78.25 55.30 42.67
N PHE G 793 -77.32 56.27 42.69
CA PHE G 793 -75.92 55.94 42.44
C PHE G 793 -75.36 55.00 43.50
N THR G 794 -75.66 55.29 44.78
CA THR G 794 -75.19 54.41 45.85
C THR G 794 -75.73 53.00 45.70
N THR G 795 -77.04 52.87 45.46
CA THR G 795 -77.62 51.54 45.32
C THR G 795 -77.00 50.81 44.14
N LEU G 796 -76.76 51.51 43.02
CA LEU G 796 -76.19 50.85 41.86
C LEU G 796 -74.79 50.34 42.16
N ILE G 797 -73.93 51.18 42.71
CA ILE G 797 -72.54 50.76 42.91
C ILE G 797 -72.44 49.68 43.99
N LEU G 798 -73.32 49.74 45.00
CA LEU G 798 -73.29 48.72 46.05
C LEU G 798 -73.87 47.40 45.57
N ALA G 799 -74.92 47.45 44.74
CA ALA G 799 -75.43 46.22 44.13
C ALA G 799 -74.41 45.62 43.17
N ARG G 800 -73.64 46.46 42.48
CA ARG G 800 -72.60 45.95 41.60
C ARG G 800 -71.52 45.24 42.40
N THR G 801 -71.18 45.76 43.58
CA THR G 801 -70.19 45.06 44.41
C THR G 801 -70.77 43.76 44.97
N LEU G 802 -71.94 43.82 45.59
CA LEU G 802 -72.51 42.64 46.23
C LEU G 802 -72.93 41.55 45.24
N GLN G 803 -73.19 41.90 43.99
CA GLN G 803 -73.59 40.90 42.98
C GLN G 803 -72.51 39.85 42.74
N THR G 804 -71.24 40.13 43.06
CA THR G 804 -70.16 39.18 42.76
C THR G 804 -70.39 37.82 43.42
N PHE G 805 -70.99 37.82 44.61
CA PHE G 805 -71.28 36.57 45.30
C PHE G 805 -72.25 35.70 44.51
N ALA G 806 -73.29 36.34 43.94
CA ALA G 806 -74.24 35.60 43.11
C ALA G 806 -73.69 35.30 41.72
N ALA G 807 -72.70 36.07 41.28
CA ALA G 807 -72.12 35.89 39.95
C ALA G 807 -70.98 34.90 39.95
N ARG G 808 -70.68 34.28 41.11
CA ARG G 808 -69.59 33.32 41.13
C ARG G 808 -69.92 32.06 40.33
N SER G 809 -71.20 31.69 40.25
CA SER G 809 -71.58 30.51 39.49
C SER G 809 -73.06 30.59 39.13
N ASN G 810 -73.41 30.00 37.99
CA ASN G 810 -74.80 29.94 37.59
C ASN G 810 -75.57 28.79 38.24
N VAL G 811 -74.87 27.81 38.81
CA VAL G 811 -75.54 26.63 39.36
C VAL G 811 -75.13 26.44 40.82
N GLN G 812 -74.59 27.49 41.45
CA GLN G 812 -74.02 27.36 42.80
C GLN G 812 -74.13 28.69 43.54
N THR G 813 -74.98 28.72 44.55
CA THR G 813 -75.08 29.90 45.40
C THR G 813 -73.77 30.12 46.14
N ALA G 814 -73.61 31.31 46.73
CA ALA G 814 -72.43 31.58 47.54
C ALA G 814 -72.34 30.60 48.71
N PHE G 815 -73.40 30.48 49.49
CA PHE G 815 -73.46 29.45 50.53
C PHE G 815 -73.66 28.09 49.88
N GLY G 816 -72.80 27.14 50.24
CA GLY G 816 -72.84 25.78 49.72
C GLY G 816 -71.74 25.51 48.71
N ALA G 817 -71.54 26.45 47.77
CA ALA G 817 -70.41 26.41 46.84
C ALA G 817 -69.08 26.69 47.52
N GLY G 818 -69.09 27.54 48.53
CA GLY G 818 -67.87 27.92 49.21
C GLY G 818 -67.79 29.41 49.44
N PHE G 819 -68.49 29.92 50.45
CA PHE G 819 -68.51 31.37 50.62
C PHE G 819 -67.12 31.91 50.93
N PHE G 820 -66.26 31.06 51.49
CA PHE G 820 -64.85 31.39 51.75
C PHE G 820 -63.91 30.66 50.80
N SER G 821 -64.43 30.10 49.71
CA SER G 821 -63.61 29.31 48.81
C SER G 821 -62.82 30.17 47.83
N ASN G 822 -63.24 31.41 47.62
CA ASN G 822 -62.57 32.32 46.71
C ASN G 822 -61.87 33.41 47.50
N LYS G 823 -60.54 33.45 47.40
CA LYS G 823 -59.73 34.39 48.15
C LYS G 823 -59.69 35.75 47.47
N TYR G 824 -59.96 35.80 46.18
CA TYR G 824 -59.98 37.04 45.41
C TYR G 824 -61.32 37.77 45.46
N VAL G 825 -62.44 37.04 45.48
CA VAL G 825 -63.75 37.70 45.51
C VAL G 825 -63.95 38.43 46.83
N ILE G 826 -63.56 37.81 47.94
CA ILE G 826 -63.70 38.47 49.24
C ILE G 826 -62.87 39.75 49.27
N GLY G 827 -61.62 39.66 48.79
CA GLY G 827 -60.79 40.84 48.74
C GLY G 827 -61.32 41.89 47.79
N ALA G 828 -61.90 41.45 46.67
CA ALA G 828 -62.44 42.40 45.69
C ALA G 828 -63.63 43.17 46.26
N VAL G 829 -64.56 42.46 46.91
CA VAL G 829 -65.73 43.11 47.48
C VAL G 829 -65.31 44.09 48.57
N LEU G 830 -64.35 43.71 49.42
CA LEU G 830 -63.91 44.63 50.46
C LEU G 830 -63.22 45.87 49.87
N LEU G 831 -62.40 45.67 48.82
CA LEU G 831 -61.74 46.80 48.19
C LEU G 831 -62.74 47.73 47.51
N CYS G 832 -63.79 47.18 46.91
CA CYS G 832 -64.82 48.02 46.30
C CYS G 832 -65.62 48.77 47.36
N PHE G 833 -65.79 48.18 48.54
CA PHE G 833 -66.41 48.95 49.62
C PHE G 833 -65.55 50.16 49.96
N VAL G 834 -64.24 49.98 49.97
CA VAL G 834 -63.34 51.11 50.18
C VAL G 834 -63.50 52.14 49.06
N LEU G 835 -63.71 51.67 47.82
CA LEU G 835 -63.88 52.58 46.70
C LEU G 835 -65.10 53.47 46.89
N TYR G 836 -66.25 52.87 47.18
CA TYR G 836 -67.44 53.70 47.44
C TYR G 836 -67.22 54.59 48.65
N GLY G 837 -66.49 54.12 49.66
CA GLY G 837 -66.20 54.95 50.82
C GLY G 837 -65.45 56.22 50.46
N ILE G 838 -64.58 56.14 49.46
CA ILE G 838 -63.86 57.34 49.03
C ILE G 838 -64.83 58.38 48.47
N THR G 839 -65.96 57.95 47.90
CA THR G 839 -66.88 58.88 47.25
C THR G 839 -67.50 59.88 48.22
N VAL G 840 -67.66 59.51 49.50
CA VAL G 840 -68.35 60.39 50.45
C VAL G 840 -67.41 61.30 51.22
N LEU G 841 -66.11 61.26 50.93
CA LEU G 841 -65.17 62.20 51.53
C LEU G 841 -65.47 63.63 51.10
N PRO G 842 -65.19 64.61 51.97
CA PRO G 842 -65.50 66.01 51.64
C PRO G 842 -64.81 66.52 50.39
N GLY G 843 -63.73 65.87 49.94
CA GLY G 843 -63.10 66.29 48.69
C GLY G 843 -63.82 65.78 47.46
N ALA G 844 -64.39 64.59 47.53
CA ALA G 844 -65.08 63.95 46.42
C ALA G 844 -66.60 64.11 46.49
N ARG G 845 -67.10 65.08 47.27
CA ARG G 845 -68.54 65.21 47.41
C ARG G 845 -69.17 65.72 46.12
N GLU G 846 -68.72 66.87 45.63
CA GLU G 846 -69.25 67.43 44.40
C GLU G 846 -68.79 66.65 43.18
N ILE G 847 -67.69 65.91 43.29
CA ILE G 847 -67.22 65.11 42.17
C ILE G 847 -68.22 64.02 41.82
N PHE G 848 -68.75 63.33 42.83
CA PHE G 848 -69.72 62.27 42.62
C PHE G 848 -71.17 62.73 42.77
N SER G 849 -71.43 64.04 42.75
CA SER G 849 -72.79 64.58 42.73
C SER G 849 -73.60 64.07 43.92
N ILE G 850 -72.99 64.10 45.10
CA ILE G 850 -73.62 63.66 46.33
C ILE G 850 -73.90 64.89 47.19
N PRO G 851 -75.17 65.20 47.48
CA PRO G 851 -75.48 66.40 48.26
C PRO G 851 -74.97 66.27 49.69
N ALA G 852 -74.85 67.42 50.34
CA ALA G 852 -74.36 67.43 51.72
C ALA G 852 -75.34 66.79 52.68
N SER G 853 -76.64 66.77 52.36
CA SER G 853 -77.60 66.23 53.31
C SER G 853 -77.68 64.70 53.31
N PHE G 854 -76.99 64.03 52.39
CA PHE G 854 -77.00 62.56 52.36
C PHE G 854 -76.18 62.04 53.53
N GLY G 855 -76.86 61.48 54.54
CA GLY G 855 -76.20 61.01 55.73
C GLY G 855 -76.07 59.49 55.72
N LEU G 856 -75.46 58.99 56.80
CA LEU G 856 -75.25 57.55 56.93
C LEU G 856 -76.55 56.79 57.19
N HIS G 857 -77.47 57.40 57.93
CA HIS G 857 -78.73 56.73 58.26
C HIS G 857 -79.57 56.48 57.00
N GLU G 858 -79.80 57.51 56.22
CA GLU G 858 -80.52 57.32 54.96
C GLU G 858 -79.70 56.55 53.93
N TRP G 859 -78.38 56.60 54.04
CA TRP G 859 -77.56 55.73 53.20
C TRP G 859 -77.88 54.27 53.46
N SER G 860 -78.31 53.97 54.69
CA SER G 860 -78.73 52.60 54.98
C SER G 860 -79.87 52.17 54.07
N ILE G 861 -80.73 53.10 53.67
CA ILE G 861 -81.85 52.75 52.77
C ILE G 861 -81.31 52.29 51.42
N ALA G 862 -80.40 53.08 50.84
CA ALA G 862 -79.85 52.75 49.53
C ALA G 862 -79.07 51.44 49.57
N ALA G 863 -78.32 51.23 50.65
CA ALA G 863 -77.55 49.99 50.77
C ALA G 863 -78.44 48.78 51.03
N GLY G 864 -79.48 48.96 51.84
CA GLY G 864 -80.37 47.86 52.15
C GLY G 864 -81.09 47.35 50.91
N LEU G 865 -81.44 48.25 50.00
CA LEU G 865 -82.07 47.80 48.77
C LEU G 865 -81.12 46.93 47.95
N ALA G 866 -79.84 47.28 47.93
CA ALA G 866 -78.86 46.45 47.23
C ALA G 866 -78.74 45.06 47.85
N LEU G 867 -78.69 45.00 49.19
CA LEU G 867 -78.57 43.70 49.84
C LEU G 867 -79.79 42.83 49.57
N ALA G 868 -80.99 43.44 49.59
CA ALA G 868 -82.19 42.68 49.27
C ALA G 868 -82.19 42.20 47.82
N ALA G 869 -81.64 43.01 46.90
CA ALA G 869 -81.60 42.59 45.50
C ALA G 869 -80.70 41.38 45.33
N VAL G 870 -79.60 41.32 46.09
CA VAL G 870 -78.73 40.15 45.95
C VAL G 870 -79.34 38.93 46.62
N VAL G 871 -80.09 39.12 47.72
CA VAL G 871 -80.81 37.99 48.31
C VAL G 871 -81.81 37.41 47.30
N MET G 872 -82.49 38.27 46.54
CA MET G 872 -83.39 37.78 45.50
C MET G 872 -82.65 37.03 44.40
N MET G 873 -81.45 37.50 44.05
CA MET G 873 -80.66 36.75 43.06
C MET G 873 -80.33 35.35 43.57
N GLU G 874 -79.94 35.25 44.84
CA GLU G 874 -79.57 33.96 45.40
C GLU G 874 -80.78 33.03 45.50
N ILE G 875 -81.94 33.56 45.90
CA ILE G 875 -83.13 32.74 46.01
C ILE G 875 -83.60 32.25 44.64
N ILE G 876 -83.61 33.12 43.64
CA ILE G 876 -84.08 32.68 42.32
C ILE G 876 -83.16 31.60 41.76
N LYS G 877 -81.85 31.76 41.96
CA LYS G 877 -80.94 30.72 41.45
C LYS G 877 -81.08 29.41 42.22
N VAL G 878 -81.26 29.49 43.55
CA VAL G 878 -81.34 28.25 44.33
C VAL G 878 -82.65 27.51 44.06
N VAL G 879 -83.74 28.23 43.82
CA VAL G 879 -84.99 27.56 43.48
C VAL G 879 -84.89 26.98 42.07
N GLN G 880 -84.19 27.66 41.17
CA GLN G 880 -84.06 27.13 39.82
C GLN G 880 -83.18 25.88 39.76
N ASN G 881 -82.19 25.76 40.66
CA ASN G 881 -81.28 24.64 40.47
C ASN G 881 -81.69 23.33 41.15
N LYS G 882 -82.71 23.30 42.01
CA LYS G 882 -83.13 22.02 42.56
C LYS G 882 -84.37 21.46 41.88
N PHE G 883 -85.24 22.30 41.33
CA PHE G 883 -86.48 21.85 40.74
C PHE G 883 -86.46 21.81 39.22
N PHE G 884 -85.63 22.62 38.57
CA PHE G 884 -85.49 22.64 37.11
C PHE G 884 -84.07 22.17 36.77
N LYS G 885 -83.89 20.85 36.74
CA LYS G 885 -82.60 20.20 36.52
C LYS G 885 -81.58 20.59 37.60
N ALA H 2 -90.27 -5.32 6.23
CA ALA H 2 -90.87 -6.62 6.50
C ALA H 2 -90.97 -7.47 5.25
N GLU H 3 -91.02 -8.79 5.44
CA GLU H 3 -91.15 -9.79 4.40
C GLU H 3 -89.93 -9.83 3.47
N ILE H 4 -88.88 -9.09 3.80
CA ILE H 4 -87.63 -9.16 3.03
C ILE H 4 -86.83 -10.39 3.44
N TYR H 5 -86.88 -10.74 4.73
CA TYR H 5 -86.19 -11.91 5.25
C TYR H 5 -86.76 -13.22 4.73
N ARG H 6 -87.99 -13.22 4.22
CA ARG H 6 -88.54 -14.43 3.63
C ARG H 6 -88.18 -14.59 2.16
N LYS H 7 -87.61 -13.57 1.55
CA LYS H 7 -87.17 -13.67 0.17
C LYS H 7 -85.73 -14.19 0.12
N SER H 8 -85.37 -14.72 -1.04
CA SER H 8 -84.01 -15.19 -1.27
C SER H 8 -83.06 -14.02 -1.53
N ALA H 9 -81.77 -14.34 -1.54
CA ALA H 9 -80.76 -13.31 -1.76
C ALA H 9 -80.90 -12.65 -3.13
N ALA H 10 -81.17 -13.45 -4.18
CA ALA H 10 -81.29 -12.87 -5.52
C ALA H 10 -82.49 -11.94 -5.62
N GLU H 11 -83.65 -12.37 -5.07
CA GLU H 11 -84.83 -11.51 -5.10
C GLU H 11 -84.62 -10.26 -4.26
N THR H 12 -83.95 -10.41 -3.11
CA THR H 12 -83.67 -9.25 -2.27
C THR H 12 -82.73 -8.28 -2.95
N PHE H 13 -81.77 -8.81 -3.73
CA PHE H 13 -80.86 -7.95 -4.49
C PHE H 13 -81.62 -7.17 -5.56
N THR H 14 -82.50 -7.84 -6.29
CA THR H 14 -83.27 -7.15 -7.33
C THR H 14 -84.30 -6.19 -6.74
N GLN H 15 -84.76 -6.40 -5.51
CA GLN H 15 -85.72 -5.48 -4.91
C GLN H 15 -85.14 -4.09 -4.75
N LEU H 16 -83.93 -4.00 -4.21
CA LEU H 16 -83.31 -2.69 -3.98
C LEU H 16 -82.65 -2.13 -5.22
N GLU H 17 -82.78 -2.81 -6.37
CA GLU H 17 -82.10 -2.40 -7.60
C GLU H 17 -80.62 -2.22 -7.33
N ALA H 18 -80.02 -3.26 -6.75
CA ALA H 18 -78.62 -3.25 -6.37
C ALA H 18 -78.02 -4.62 -6.67
N THR H 19 -76.71 -4.64 -6.83
CA THR H 19 -75.95 -5.85 -7.09
C THR H 19 -75.05 -6.18 -5.90
N GLU H 20 -74.34 -7.28 -6.03
CA GLU H 20 -73.43 -7.75 -4.99
C GLU H 20 -72.03 -7.16 -5.13
N LYS H 21 -71.83 -6.26 -6.09
CA LYS H 21 -70.55 -5.59 -6.30
C LYS H 21 -70.52 -4.15 -5.80
N GLY H 22 -71.55 -3.72 -5.09
CA GLY H 22 -71.59 -2.37 -4.53
C GLY H 22 -72.50 -1.46 -5.33
N LEU H 23 -72.50 -0.18 -4.92
CA LEU H 23 -73.31 0.84 -5.53
C LEU H 23 -72.44 1.95 -6.13
N THR H 24 -73.01 2.66 -7.09
CA THR H 24 -72.36 3.79 -7.73
C THR H 24 -72.62 5.08 -6.95
N THR H 25 -71.87 6.13 -7.29
CA THR H 25 -72.04 7.41 -6.62
C THR H 25 -73.39 8.04 -6.97
N SER H 26 -73.84 7.86 -8.22
CA SER H 26 -75.13 8.40 -8.63
C SER H 26 -76.28 7.77 -7.85
N GLU H 27 -76.22 6.45 -7.62
CA GLU H 27 -77.26 5.79 -6.82
C GLU H 27 -77.26 6.31 -5.39
N VAL H 28 -76.08 6.54 -4.83
CA VAL H 28 -75.99 7.04 -3.46
C VAL H 28 -76.55 8.45 -3.38
N THR H 29 -76.21 9.29 -4.36
CA THR H 29 -76.69 10.67 -4.39
C THR H 29 -78.21 10.71 -4.58
N LYS H 30 -78.75 9.83 -5.41
CA LYS H 30 -80.21 9.80 -5.62
C LYS H 30 -80.95 9.35 -4.38
N ARG H 31 -80.55 8.20 -3.82
CA ARG H 31 -81.28 7.65 -2.68
C ARG H 31 -81.03 8.40 -1.38
N GLN H 32 -79.94 9.16 -1.28
CA GLN H 32 -79.78 10.01 -0.10
C GLN H 32 -80.80 11.15 -0.09
N GLU H 33 -81.25 11.56 -1.28
CA GLU H 33 -82.33 12.54 -1.38
C GLU H 33 -83.69 11.88 -1.27
N LYS H 34 -83.83 10.65 -1.77
CA LYS H 34 -85.12 9.98 -1.72
C LYS H 34 -85.41 9.46 -0.31
N TYR H 35 -84.45 8.76 0.28
CA TYR H 35 -84.63 8.13 1.58
C TYR H 35 -84.15 9.00 2.73
N GLY H 36 -83.33 10.03 2.46
CA GLY H 36 -82.75 10.82 3.52
C GLY H 36 -81.54 10.15 4.12
N PHE H 37 -80.99 10.79 5.15
CA PHE H 37 -79.83 10.25 5.84
C PHE H 37 -80.26 9.25 6.92
N ASN H 38 -79.33 8.36 7.26
CA ASN H 38 -79.57 7.32 8.24
C ASN H 38 -79.38 7.95 9.62
N GLU H 39 -80.39 8.70 10.05
CA GLU H 39 -80.37 9.41 11.32
C GLU H 39 -81.79 9.61 11.81
N LEU H 40 -81.93 10.00 13.08
CA LEU H 40 -83.24 10.18 13.69
C LEU H 40 -83.65 11.65 13.76
N LYS H 41 -82.88 12.48 14.47
CA LYS H 41 -83.11 13.92 14.54
C LYS H 41 -84.50 14.26 15.11
N ASP H 50 -89.97 28.79 23.01
CA ASP H 50 -89.59 29.22 24.34
C ASP H 50 -90.46 28.57 25.42
N PRO H 51 -90.15 27.31 25.78
CA PRO H 51 -90.94 26.57 26.77
C PRO H 51 -90.75 27.04 28.21
N LEU H 52 -90.78 28.36 28.41
CA LEU H 52 -90.61 28.97 29.73
C LEU H 52 -91.89 29.61 30.27
N TRP H 53 -92.54 30.46 29.46
CA TRP H 53 -93.71 31.19 29.94
C TRP H 53 -95.01 30.39 29.79
N LYS H 54 -95.08 29.48 28.83
CA LYS H 54 -96.29 28.71 28.63
C LYS H 54 -96.55 27.76 29.78
N LEU H 55 -95.49 27.30 30.46
CA LEU H 55 -95.72 26.36 31.55
C LEU H 55 -96.18 27.07 32.81
N PHE H 56 -95.73 28.31 33.02
CA PHE H 56 -96.26 29.09 34.13
C PHE H 56 -97.66 29.60 33.83
N LEU H 57 -97.99 29.80 32.56
CA LEU H 57 -99.34 30.23 32.22
C LEU H 57 -100.34 29.09 32.35
N GLU H 58 -99.93 27.85 32.05
CA GLU H 58 -100.86 26.74 32.15
C GLU H 58 -101.28 26.42 33.58
N THR H 59 -100.58 26.94 34.58
CA THR H 59 -101.03 26.71 35.96
C THR H 59 -102.33 27.45 36.25
N PHE H 60 -102.69 28.43 35.42
CA PHE H 60 -103.89 29.24 35.59
C PHE H 60 -105.14 28.55 35.04
N LYS H 61 -105.01 27.35 34.50
CA LYS H 61 -106.17 26.57 34.06
C LYS H 61 -106.89 25.89 35.21
N ASP H 62 -106.25 25.79 36.38
CA ASP H 62 -106.85 25.13 37.52
C ASP H 62 -107.95 26.01 38.14
N PRO H 63 -109.11 25.44 38.48
CA PRO H 63 -110.18 26.25 39.08
C PRO H 63 -109.80 26.92 40.40
N MET H 64 -109.04 26.23 41.25
CA MET H 64 -108.68 26.80 42.55
C MET H 64 -107.80 28.03 42.38
N VAL H 65 -106.91 28.00 41.38
CA VAL H 65 -106.06 29.16 41.13
C VAL H 65 -106.93 30.33 40.66
N ILE H 66 -107.95 30.05 39.85
CA ILE H 66 -108.83 31.12 39.36
C ILE H 66 -109.57 31.78 40.52
N VAL H 67 -110.13 30.97 41.42
CA VAL H 67 -110.84 31.56 42.56
C VAL H 67 -109.88 32.39 43.41
N LEU H 68 -108.65 31.90 43.62
CA LEU H 68 -107.74 32.64 44.49
C LEU H 68 -107.25 33.92 43.82
N VAL H 69 -107.07 33.91 42.50
CA VAL H 69 -106.67 35.12 41.78
C VAL H 69 -107.78 36.17 41.85
N ILE H 70 -109.03 35.75 41.61
CA ILE H 70 -110.14 36.69 41.69
C ILE H 70 -110.25 37.26 43.10
N ALA H 71 -110.11 36.41 44.12
CA ALA H 71 -110.22 36.89 45.49
C ALA H 71 -109.12 37.89 45.81
N ALA H 72 -107.90 37.64 45.33
CA ALA H 72 -106.80 38.55 45.60
C ALA H 72 -107.03 39.89 44.92
N LEU H 73 -107.53 39.88 43.68
CA LEU H 73 -107.77 41.13 42.98
C LEU H 73 -108.89 41.94 43.67
N VAL H 74 -109.95 41.25 44.09
CA VAL H 74 -111.05 41.91 44.77
C VAL H 74 -110.56 42.54 46.07
N GLN H 75 -109.70 41.83 46.81
CA GLN H 75 -109.17 42.41 48.05
C GLN H 75 -108.19 43.53 47.77
N LEU H 76 -107.51 43.49 46.62
CA LEU H 76 -106.65 44.59 46.23
C LEU H 76 -107.43 45.88 46.06
N VAL H 77 -108.60 45.80 45.43
CA VAL H 77 -109.38 47.04 45.27
C VAL H 77 -109.94 47.50 46.62
N LEU H 78 -110.25 46.57 47.52
CA LEU H 78 -110.85 46.95 48.79
C LEU H 78 -109.87 47.61 49.75
N GLY H 79 -108.57 47.57 49.44
CA GLY H 79 -107.56 48.18 50.27
C GLY H 79 -106.82 47.19 51.15
N GLU H 80 -107.27 45.95 51.20
CA GLU H 80 -106.64 44.91 52.01
C GLU H 80 -105.54 44.30 51.16
N VAL H 81 -104.37 44.93 51.22
CA VAL H 81 -103.25 44.56 50.35
C VAL H 81 -102.44 43.40 50.92
N VAL H 82 -102.23 43.40 52.24
CA VAL H 82 -101.33 42.42 52.86
C VAL H 82 -101.89 41.01 52.71
N GLU H 83 -103.17 40.85 52.98
CA GLU H 83 -103.76 39.54 52.78
C GLU H 83 -103.79 39.16 51.29
N SER H 84 -104.00 40.14 50.42
CA SER H 84 -103.93 39.88 48.99
C SER H 84 -102.53 39.50 48.55
N LEU H 85 -101.51 40.17 49.09
CA LEU H 85 -100.14 39.82 48.71
C LEU H 85 -99.72 38.44 49.21
N ILE H 86 -100.14 38.05 50.42
CA ILE H 86 -99.81 36.70 50.87
C ILE H 86 -100.51 35.68 49.98
N ILE H 87 -101.74 35.98 49.52
CA ILE H 87 -102.38 35.10 48.56
C ILE H 87 -101.57 35.03 47.27
N PHE H 88 -101.01 36.17 46.86
CA PHE H 88 -100.17 36.16 45.66
C PHE H 88 -98.93 35.28 45.85
N LEU H 89 -98.37 35.23 47.06
CA LEU H 89 -97.24 34.33 47.31
C LEU H 89 -97.67 32.87 47.18
N VAL H 90 -98.84 32.52 47.74
CA VAL H 90 -99.23 31.12 47.61
C VAL H 90 -99.57 30.79 46.16
N LEU H 91 -99.98 31.77 45.37
CA LEU H 91 -100.22 31.51 43.96
C LEU H 91 -98.90 31.18 43.26
N ILE H 92 -97.84 31.94 43.57
CA ILE H 92 -96.52 31.61 43.04
C ILE H 92 -96.10 30.21 43.48
N VAL H 93 -96.45 29.85 44.71
CA VAL H 93 -96.03 28.54 45.24
C VAL H 93 -96.77 27.42 44.53
N ASN H 94 -98.09 27.56 44.37
CA ASN H 94 -98.82 26.49 43.69
C ASN H 94 -98.35 26.39 42.24
N SER H 95 -97.91 27.51 41.66
CA SER H 95 -97.47 27.47 40.28
C SER H 95 -96.17 26.69 40.13
N ILE H 96 -95.21 26.95 41.03
CA ILE H 96 -93.97 26.20 40.87
C ILE H 96 -94.16 24.73 41.23
N ILE H 97 -95.02 24.43 42.21
CA ILE H 97 -95.29 23.03 42.54
C ILE H 97 -95.94 22.33 41.35
N SER H 98 -96.73 23.05 40.57
CA SER H 98 -97.33 22.38 39.42
C SER H 98 -96.35 22.27 38.25
N VAL H 99 -95.47 23.25 38.07
CA VAL H 99 -94.56 23.22 36.92
C VAL H 99 -93.45 22.19 37.07
N VAL H 100 -93.11 21.79 38.30
CA VAL H 100 -91.99 20.89 38.46
C VAL H 100 -92.25 19.52 37.84
N GLN H 101 -93.52 19.19 37.59
CA GLN H 101 -93.83 17.89 37.00
C GLN H 101 -93.79 17.91 35.47
N THR H 102 -94.00 19.07 34.84
CA THR H 102 -93.92 19.20 33.39
C THR H 102 -92.52 19.53 32.87
N ARG H 103 -91.68 20.21 33.65
CA ARG H 103 -90.36 20.56 33.12
C ARG H 103 -89.44 19.34 33.02
N LYS H 104 -89.35 18.56 34.10
CA LYS H 104 -88.56 17.34 34.10
C LYS H 104 -89.00 16.37 33.02
N ALA H 105 -90.27 16.40 32.63
CA ALA H 105 -90.74 15.60 31.49
C ALA H 105 -89.85 15.80 30.26
N GLU H 106 -89.65 17.05 29.85
CA GLU H 106 -88.81 17.38 28.71
C GLU H 106 -87.34 17.21 29.03
N SER H 107 -86.98 17.22 30.32
CA SER H 107 -85.59 16.94 30.67
C SER H 107 -85.28 15.44 30.60
N SER H 108 -86.29 14.58 30.79
CA SER H 108 -86.11 13.14 30.66
C SER H 108 -86.45 12.60 29.27
N LEU H 109 -87.14 13.35 28.43
CA LEU H 109 -87.49 12.90 27.08
C LEU H 109 -86.55 13.50 26.02
N ASP H 110 -85.26 13.19 26.11
CA ASP H 110 -84.34 13.69 25.10
C ASP H 110 -83.95 12.65 24.05
N ALA H 111 -84.11 11.36 24.33
CA ALA H 111 -83.75 10.28 23.41
C ALA H 111 -82.35 10.46 22.83
N LEU H 112 -81.35 10.47 23.72
CA LEU H 112 -79.94 10.64 23.35
C LEU H 112 -79.36 9.30 22.90
N ARG H 113 -79.32 9.05 21.59
CA ARG H 113 -78.80 7.81 21.01
C ARG H 113 -77.48 7.93 20.25
N GLU H 114 -76.35 7.77 20.93
CA GLU H 114 -75.08 7.58 20.25
C GLU H 114 -74.74 6.11 20.00
N MET H 115 -75.59 5.19 20.45
CA MET H 115 -75.32 3.77 20.27
C MET H 115 -75.31 3.34 18.81
N SER H 116 -75.79 4.18 17.90
CA SER H 116 -75.70 3.89 16.48
C SER H 116 -74.23 3.94 16.03
N ALA H 117 -73.91 3.12 15.02
CA ALA H 117 -72.54 3.07 14.54
C ALA H 117 -72.17 4.38 13.88
N PRO H 118 -71.00 4.95 14.18
CA PRO H 118 -70.63 6.22 13.56
C PRO H 118 -69.93 6.03 12.23
N VAL H 119 -69.41 4.83 11.99
CA VAL H 119 -68.69 4.49 10.78
C VAL H 119 -69.22 3.16 10.27
N ALA H 120 -69.32 3.03 8.95
CA ALA H 120 -69.79 1.83 8.27
C ALA H 120 -68.74 1.42 7.24
N LYS H 121 -68.53 0.11 7.09
CA LYS H 121 -67.53 -0.45 6.20
C LYS H 121 -68.23 -0.93 4.93
N VAL H 122 -68.34 -0.05 3.94
CA VAL H 122 -69.15 -0.31 2.75
C VAL H 122 -68.24 -0.49 1.54
N ILE H 123 -68.78 -1.16 0.53
CA ILE H 123 -68.15 -1.27 -0.78
C ILE H 123 -68.87 -0.27 -1.69
N ARG H 124 -68.15 0.74 -2.17
CA ARG H 124 -68.76 1.70 -3.07
C ARG H 124 -67.79 2.06 -4.19
N ASP H 125 -68.34 2.22 -5.39
CA ASP H 125 -67.58 2.56 -6.60
C ASP H 125 -66.47 1.56 -6.90
N GLY H 126 -66.60 0.32 -6.42
CA GLY H 126 -65.60 -0.68 -6.63
C GLY H 126 -64.48 -0.70 -5.62
N SER H 127 -64.55 0.14 -4.60
CA SER H 127 -63.49 0.22 -3.59
C SER H 127 -64.08 0.01 -2.21
N LYS H 128 -63.40 -0.81 -1.42
CA LYS H 128 -63.76 -0.98 -0.02
C LYS H 128 -63.36 0.28 0.73
N GLN H 129 -64.29 0.84 1.51
CA GLN H 129 -63.99 2.09 2.19
C GLN H 129 -64.89 2.23 3.41
N SER H 130 -64.41 3.01 4.37
CA SER H 130 -65.19 3.35 5.54
C SER H 130 -65.84 4.70 5.31
N ILE H 131 -67.15 4.77 5.54
CA ILE H 131 -67.93 5.98 5.33
C ILE H 131 -68.74 6.23 6.60
N HIS H 132 -69.34 7.42 6.65
CA HIS H 132 -70.28 7.68 7.73
C HIS H 132 -71.54 6.85 7.55
N ALA H 133 -71.97 6.19 8.64
CA ALA H 133 -73.15 5.34 8.56
C ALA H 133 -74.40 6.15 8.25
N ARG H 134 -74.38 7.44 8.57
CA ARG H 134 -75.51 8.30 8.23
C ARG H 134 -75.66 8.45 6.71
N GLU H 135 -74.61 8.12 5.96
CA GLU H 135 -74.64 8.18 4.51
C GLU H 135 -75.08 6.86 3.87
N LEU H 136 -75.60 5.94 4.68
CA LEU H 136 -76.04 4.66 4.15
C LEU H 136 -77.41 4.79 3.48
N VAL H 137 -77.67 3.90 2.54
CA VAL H 137 -78.92 3.86 1.80
C VAL H 137 -79.35 2.46 1.59
N PRO H 138 -80.63 2.15 1.51
CA PRO H 138 -81.09 0.80 1.27
C PRO H 138 -80.53 0.29 -0.05
N GLY H 139 -79.90 -0.87 -0.01
CA GLY H 139 -79.21 -1.43 -1.16
C GLY H 139 -77.71 -1.43 -1.05
N ASP H 140 -77.13 -0.70 -0.10
CA ASP H 140 -75.68 -0.72 0.09
C ASP H 140 -75.25 -2.09 0.61
N VAL H 141 -74.08 -2.53 0.15
CA VAL H 141 -73.48 -3.78 0.61
C VAL H 141 -72.39 -3.39 1.60
N VAL H 142 -72.60 -3.73 2.86
CA VAL H 142 -71.71 -3.37 3.96
C VAL H 142 -71.03 -4.63 4.50
N ILE H 143 -69.79 -4.44 4.96
CA ILE H 143 -68.94 -5.50 5.51
C ILE H 143 -69.02 -5.44 7.03
N LEU H 144 -69.13 -6.61 7.65
CA LEU H 144 -69.17 -6.74 9.10
C LEU H 144 -67.99 -7.59 9.55
N ASP H 145 -67.32 -7.14 10.61
CA ASP H 145 -66.23 -7.87 11.22
C ASP H 145 -66.49 -7.97 12.72
N ALA H 146 -65.62 -8.70 13.41
CA ALA H 146 -65.79 -8.84 14.85
C ALA H 146 -65.60 -7.49 15.54
N GLY H 147 -66.47 -7.21 16.51
CA GLY H 147 -66.43 -5.96 17.24
C GLY H 147 -67.06 -4.79 16.54
N ASP H 148 -67.61 -4.97 15.34
CA ASP H 148 -68.24 -3.89 14.60
C ASP H 148 -69.69 -3.70 15.03
N PHE H 149 -70.16 -2.47 14.89
CA PHE H 149 -71.55 -2.12 15.18
C PHE H 149 -72.32 -2.09 13.87
N VAL H 150 -73.43 -2.82 13.81
CA VAL H 150 -74.23 -2.91 12.59
C VAL H 150 -74.79 -1.52 12.26
N PRO H 151 -74.49 -0.96 11.08
CA PRO H 151 -74.90 0.42 10.82
C PRO H 151 -76.32 0.60 10.30
N ALA H 152 -76.93 -0.42 9.68
CA ALA H 152 -78.28 -0.28 9.15
C ALA H 152 -78.89 -1.67 8.99
N ASP H 153 -80.22 -1.73 8.83
CA ASP H 153 -80.87 -3.03 8.69
C ASP H 153 -80.72 -3.59 7.27
N GLY H 154 -80.48 -4.89 7.17
CA GLY H 154 -80.30 -5.50 5.85
C GLY H 154 -80.28 -7.01 5.89
N ARG H 155 -80.31 -7.58 4.69
CA ARG H 155 -80.41 -9.02 4.47
C ARG H 155 -79.04 -9.61 4.21
N LEU H 156 -78.69 -10.63 4.98
CA LEU H 156 -77.38 -11.27 4.85
C LEU H 156 -77.31 -12.08 3.56
N PHE H 157 -76.17 -11.97 2.86
CA PHE H 157 -75.87 -12.84 1.74
C PHE H 157 -74.48 -13.44 1.82
N GLU H 158 -73.67 -13.06 2.81
CA GLU H 158 -72.38 -13.71 2.99
C GLU H 158 -72.03 -13.72 4.47
N SER H 159 -71.88 -14.91 5.05
CA SER H 159 -71.56 -15.01 6.46
C SER H 159 -70.50 -16.07 6.65
N GLY H 160 -69.48 -15.73 7.40
CA GLY H 160 -68.40 -16.63 7.75
C GLY H 160 -68.40 -16.80 9.26
N SER H 161 -69.22 -17.74 9.72
CA SER H 161 -69.40 -18.04 11.13
C SER H 161 -69.76 -16.79 11.92
N LEU H 162 -70.74 -16.05 11.41
CA LEU H 162 -71.15 -14.78 11.98
C LEU H 162 -72.00 -15.00 13.23
N LYS H 163 -71.61 -14.33 14.32
CA LYS H 163 -72.34 -14.35 15.58
C LYS H 163 -72.43 -12.92 16.06
N ILE H 164 -73.67 -12.46 16.28
CA ILE H 164 -74.00 -11.08 16.62
C ILE H 164 -74.79 -11.04 17.92
N ASP H 165 -74.59 -9.98 18.70
CA ASP H 165 -75.32 -9.77 19.95
C ASP H 165 -76.51 -8.86 19.68
N GLU H 166 -77.71 -9.45 19.57
CA GLU H 166 -78.94 -8.69 19.33
C GLU H 166 -79.66 -8.33 20.62
N GLY H 167 -78.92 -8.00 21.68
CA GLY H 167 -79.54 -7.70 22.96
C GLY H 167 -80.38 -6.43 22.98
N MET H 168 -80.30 -5.59 21.95
CA MET H 168 -81.14 -4.41 21.91
C MET H 168 -82.57 -4.73 21.46
N LEU H 169 -82.76 -5.83 20.73
CA LEU H 169 -84.07 -6.23 20.26
C LEU H 169 -84.67 -7.41 21.01
N THR H 170 -83.82 -8.32 21.51
CA THR H 170 -84.29 -9.47 22.26
C THR H 170 -83.95 -9.42 23.73
N GLY H 171 -83.01 -8.56 24.13
CA GLY H 171 -82.60 -8.48 25.51
C GLY H 171 -81.54 -9.49 25.91
N GLU H 172 -81.12 -10.36 25.00
CA GLU H 172 -80.11 -11.37 25.28
C GLU H 172 -78.75 -10.88 24.83
N SER H 173 -77.81 -10.78 25.76
CA SER H 173 -76.46 -10.32 25.44
C SER H 173 -75.60 -11.43 24.83
N GLU H 174 -76.13 -12.65 24.76
CA GLU H 174 -75.41 -13.76 24.15
C GLU H 174 -75.45 -13.64 22.64
N ALA H 175 -74.33 -13.96 22.00
CA ALA H 175 -74.26 -13.89 20.54
C ALA H 175 -75.10 -15.00 19.92
N VAL H 176 -75.87 -14.64 18.91
CA VAL H 176 -76.70 -15.56 18.15
C VAL H 176 -75.97 -15.90 16.86
N GLU H 177 -76.12 -17.15 16.44
CA GLU H 177 -75.49 -17.66 15.23
C GLU H 177 -76.27 -17.18 14.01
N LYS H 178 -75.52 -16.76 12.98
CA LYS H 178 -76.11 -16.25 11.76
C LYS H 178 -75.92 -17.23 10.60
N TYR H 179 -76.90 -17.24 9.69
CA TYR H 179 -76.88 -18.06 8.49
C TYR H 179 -77.45 -17.27 7.32
N ILE H 180 -76.88 -17.49 6.13
CA ILE H 180 -77.34 -16.81 4.93
C ILE H 180 -78.53 -17.49 4.27
N ASP H 181 -79.03 -18.58 4.85
CA ASP H 181 -80.12 -19.32 4.23
C ASP H 181 -81.40 -18.51 4.24
N THR H 182 -82.21 -18.70 3.19
CA THR H 182 -83.50 -18.04 3.08
C THR H 182 -84.50 -18.69 4.00
N ILE H 183 -85.26 -17.89 4.75
CA ILE H 183 -86.26 -18.36 5.66
C ILE H 183 -87.57 -18.51 4.91
N PRO H 184 -88.13 -19.70 4.77
CA PRO H 184 -89.36 -19.87 4.00
C PRO H 184 -90.60 -19.43 4.75
N ASP H 185 -90.63 -19.72 6.05
CA ASP H 185 -91.78 -19.48 6.90
C ASP H 185 -91.65 -18.18 7.68
N GLU H 186 -92.69 -17.85 8.44
CA GLU H 186 -92.69 -16.67 9.29
C GLU H 186 -91.95 -16.97 10.59
N VAL H 187 -90.99 -16.12 10.92
CA VAL H 187 -90.23 -16.27 12.16
C VAL H 187 -90.36 -14.99 12.97
N GLY H 188 -90.02 -15.10 14.25
CA GLY H 188 -90.06 -13.95 15.11
C GLY H 188 -88.96 -12.96 14.79
N LEU H 189 -89.03 -11.79 15.43
CA LEU H 189 -88.03 -10.75 15.16
C LEU H 189 -86.65 -11.18 15.66
N GLY H 190 -86.61 -11.88 16.80
CA GLY H 190 -85.34 -12.35 17.32
C GLY H 190 -84.74 -13.50 16.55
N ASP H 191 -85.58 -14.25 15.82
CA ASP H 191 -85.13 -15.42 15.09
C ASP H 191 -84.88 -15.11 13.61
N ARG H 192 -84.70 -13.84 13.27
CA ARG H 192 -84.36 -13.44 11.89
C ARG H 192 -82.88 -13.75 11.68
N VAL H 193 -82.60 -15.03 11.41
CA VAL H 193 -81.22 -15.48 11.29
C VAL H 193 -80.55 -14.89 10.05
N ASN H 194 -81.33 -14.67 8.99
CA ASN H 194 -80.78 -14.10 7.76
C ASN H 194 -80.91 -12.59 7.72
N MET H 195 -81.12 -11.94 8.87
CA MET H 195 -81.34 -10.50 8.94
C MET H 195 -80.51 -9.92 10.07
N VAL H 196 -79.92 -8.75 9.81
CA VAL H 196 -79.18 -8.01 10.83
C VAL H 196 -79.90 -6.69 11.06
N PHE H 197 -79.71 -6.14 12.25
CA PHE H 197 -80.43 -4.94 12.66
C PHE H 197 -79.43 -3.90 13.19
N SER H 198 -79.73 -2.63 12.90
CA SER H 198 -78.82 -1.55 13.28
C SER H 198 -78.73 -1.41 14.80
N GLY H 199 -77.50 -1.25 15.29
CA GLY H 199 -77.24 -1.08 16.70
C GLY H 199 -76.67 -2.30 17.40
N SER H 200 -76.89 -3.49 16.86
CA SER H 200 -76.37 -4.69 17.48
C SER H 200 -74.85 -4.77 17.29
N LEU H 201 -74.21 -5.57 18.13
CA LEU H 201 -72.76 -5.69 18.17
C LEU H 201 -72.35 -7.05 17.64
N VAL H 202 -71.49 -7.06 16.62
CA VAL H 202 -70.93 -8.30 16.12
C VAL H 202 -69.89 -8.81 17.10
N VAL H 203 -69.92 -10.11 17.37
CA VAL H 203 -69.03 -10.72 18.34
C VAL H 203 -67.95 -11.55 17.67
N TYR H 204 -68.30 -12.32 16.63
CA TYR H 204 -67.27 -13.16 16.03
C TYR H 204 -67.67 -13.56 14.62
N GLY H 205 -66.74 -13.47 13.68
CA GLY H 205 -66.97 -13.90 12.32
C GLY H 205 -67.00 -12.73 11.35
N ARG H 206 -67.12 -13.07 10.07
CA ARG H 206 -67.19 -12.07 9.01
C ARG H 206 -68.57 -12.08 8.37
N GLY H 207 -68.99 -10.92 7.86
CA GLY H 207 -70.29 -10.84 7.23
C GLY H 207 -70.33 -9.81 6.12
N MET H 208 -71.38 -9.89 5.32
CA MET H 208 -71.61 -9.00 4.19
C MET H 208 -73.10 -9.02 3.89
N PHE H 209 -73.74 -7.86 3.99
CA PHE H 209 -75.18 -7.80 3.76
C PHE H 209 -75.55 -6.55 2.98
N VAL H 210 -76.71 -6.63 2.31
CA VAL H 210 -77.27 -5.53 1.54
C VAL H 210 -78.31 -4.81 2.41
N VAL H 211 -78.16 -3.49 2.53
CA VAL H 211 -79.04 -2.72 3.40
C VAL H 211 -80.46 -2.71 2.83
N THR H 212 -81.44 -3.01 3.70
CA THR H 212 -82.85 -2.94 3.34
C THR H 212 -83.59 -1.84 4.10
N GLY H 213 -83.00 -1.27 5.15
CA GLY H 213 -83.66 -0.21 5.89
C GLY H 213 -82.75 0.76 6.62
N THR H 214 -83.08 2.05 6.50
CA THR H 214 -82.37 3.17 7.12
C THR H 214 -83.41 4.13 7.70
N ALA H 215 -82.92 5.14 8.44
CA ALA H 215 -83.74 6.25 8.99
C ALA H 215 -84.84 5.64 9.85
N SER H 216 -86.10 6.06 9.71
CA SER H 216 -87.18 5.57 10.55
C SER H 216 -87.81 4.29 10.04
N GLU H 217 -87.24 3.70 8.99
CA GLU H 217 -87.71 2.42 8.44
C GLU H 217 -86.91 1.24 9.00
N THR H 218 -86.43 1.36 10.23
CA THR H 218 -85.63 0.32 10.87
C THR H 218 -86.30 -0.08 12.18
N GLU H 219 -85.91 -1.25 12.69
CA GLU H 219 -86.44 -1.70 13.97
C GLU H 219 -86.11 -0.70 15.07
N ILE H 220 -84.92 -0.09 15.01
CA ILE H 220 -84.54 0.93 15.97
C ILE H 220 -85.28 2.23 15.69
N GLY H 221 -85.55 2.53 14.41
CA GLY H 221 -86.37 3.68 14.10
C GLY H 221 -87.79 3.51 14.60
N LYS H 222 -88.33 2.29 14.51
CA LYS H 222 -89.63 2.04 15.11
C LYS H 222 -89.56 2.16 16.62
N ILE H 223 -88.44 1.77 17.23
CA ILE H 223 -88.35 2.00 18.66
C ILE H 223 -88.39 3.51 18.96
N ALA H 224 -87.64 4.31 18.21
CA ALA H 224 -87.63 5.74 18.49
C ALA H 224 -89.04 6.31 18.35
N GLY H 225 -89.74 5.87 17.33
CA GLY H 225 -91.10 6.32 17.09
C GLY H 225 -92.13 5.87 18.11
N LEU H 226 -92.00 4.63 18.57
CA LEU H 226 -92.91 4.11 19.59
C LEU H 226 -92.74 4.86 20.91
N LEU H 227 -91.48 5.08 21.33
CA LEU H 227 -91.27 5.84 22.57
C LEU H 227 -91.75 7.25 22.44
N GLU H 228 -91.65 7.81 21.24
CA GLU H 228 -92.15 9.17 21.08
C GLU H 228 -93.66 9.23 21.28
N THR H 229 -94.38 8.19 20.80
CA THR H 229 -95.84 8.18 20.93
C THR H 229 -96.32 7.79 22.34
N ALA H 230 -95.49 7.16 23.17
CA ALA H 230 -95.88 6.87 24.54
C ALA H 230 -96.12 8.20 25.24
N GLU H 231 -97.24 8.29 25.96
CA GLU H 231 -97.71 9.55 26.50
C GLU H 231 -97.65 9.57 28.02
N ALA H 232 -97.38 10.75 28.58
CA ALA H 232 -97.40 10.84 30.03
C ALA H 232 -98.86 10.68 30.45
N LYS H 233 -99.08 9.85 31.47
CA LYS H 233 -100.44 9.53 31.88
C LYS H 233 -100.83 10.17 33.20
N GLN H 234 -102.11 10.03 33.49
CA GLN H 234 -102.70 10.75 34.60
C GLN H 234 -102.53 9.96 35.90
N THR H 235 -102.22 10.70 36.96
CA THR H 235 -101.88 10.12 38.24
C THR H 235 -103.11 10.04 39.14
N PRO H 236 -103.32 8.93 39.90
CA PRO H 236 -104.54 8.81 40.71
C PRO H 236 -104.74 9.93 41.73
N LEU H 237 -103.68 10.31 42.45
CA LEU H 237 -103.81 11.44 43.37
C LEU H 237 -104.11 12.73 42.61
N GLN H 238 -103.44 12.93 41.47
CA GLN H 238 -103.69 14.12 40.65
C GLN H 238 -105.11 14.12 40.10
N ARG H 239 -105.61 12.94 39.72
CA ARG H 239 -107.00 12.82 39.26
C ARG H 239 -107.96 13.24 40.34
N LYS H 240 -107.73 12.75 41.56
CA LYS H 240 -108.61 13.09 42.66
C LYS H 240 -108.57 14.59 42.90
N LEU H 241 -107.39 15.19 42.75
CA LEU H 241 -107.27 16.64 42.93
C LEU H 241 -107.99 17.39 41.82
N GLU H 242 -108.01 16.83 40.61
CA GLU H 242 -108.73 17.45 39.50
C GLU H 242 -110.24 17.51 39.76
N SER H 243 -110.83 16.35 40.09
CA SER H 243 -112.27 16.31 40.33
C SER H 243 -112.64 17.12 41.57
N PHE H 244 -111.78 17.10 42.59
CA PHE H 244 -112.03 17.87 43.79
C PHE H 244 -111.96 19.37 43.53
N SER H 245 -111.02 19.81 42.68
CA SER H 245 -110.91 21.23 42.37
C SER H 245 -112.10 21.71 41.57
N LYS H 246 -112.56 20.93 40.59
CA LYS H 246 -113.75 21.35 39.86
C LYS H 246 -114.98 21.39 40.77
N LYS H 247 -115.17 20.35 41.60
CA LYS H 247 -116.33 20.35 42.49
C LYS H 247 -116.28 21.53 43.46
N LEU H 248 -115.09 21.82 44.01
CA LEU H 248 -114.99 22.91 44.97
C LEU H 248 -115.17 24.26 44.30
N GLY H 249 -114.66 24.43 43.08
CA GLY H 249 -114.85 25.69 42.39
C GLY H 249 -116.31 25.95 42.06
N LEU H 250 -117.01 24.93 41.54
CA LEU H 250 -118.43 25.08 41.27
C LEU H 250 -119.20 25.37 42.54
N GLY H 251 -118.86 24.68 43.64
CA GLY H 251 -119.52 24.94 44.91
C GLY H 251 -119.32 26.35 45.38
N ILE H 252 -118.09 26.86 45.28
CA ILE H 252 -117.79 28.22 45.73
C ILE H 252 -118.56 29.23 44.90
N LEU H 253 -118.62 29.02 43.58
CA LEU H 253 -119.38 29.94 42.73
C LEU H 253 -120.86 29.92 43.09
N ALA H 254 -121.41 28.74 43.39
CA ALA H 254 -122.82 28.65 43.77
C ALA H 254 -123.08 29.34 45.10
N LEU H 255 -122.18 29.15 46.07
CA LEU H 255 -122.33 29.83 47.36
C LEU H 255 -122.24 31.35 47.19
N CYS H 256 -121.40 31.81 46.27
CA CYS H 256 -121.33 33.24 45.99
C CYS H 256 -122.65 33.74 45.41
N VAL H 257 -123.28 32.91 44.58
CA VAL H 257 -124.62 33.27 44.10
C VAL H 257 -125.58 33.40 45.28
N LEU H 258 -125.49 32.50 46.26
CA LEU H 258 -126.34 32.63 47.45
C LEU H 258 -126.03 33.92 48.21
N ILE H 259 -124.75 34.29 48.29
CA ILE H 259 -124.38 35.51 48.99
C ILE H 259 -125.01 36.72 48.30
N PHE H 260 -124.82 36.82 46.99
CA PHE H 260 -125.35 37.97 46.27
C PHE H 260 -126.87 37.99 46.27
N ALA H 261 -127.49 36.81 46.14
CA ALA H 261 -128.95 36.74 46.11
C ALA H 261 -129.56 37.16 47.44
N VAL H 262 -129.03 36.64 48.55
CA VAL H 262 -129.59 36.99 49.85
C VAL H 262 -129.32 38.46 50.18
N GLU H 263 -128.09 38.93 49.94
CA GLU H 263 -127.77 40.30 50.33
C GLU H 263 -128.50 41.32 49.47
N ALA H 264 -128.64 41.06 48.17
CA ALA H 264 -129.38 41.95 47.30
C ALA H 264 -130.87 41.85 47.57
N GLY H 265 -131.37 40.64 47.86
CA GLY H 265 -132.78 40.46 48.16
C GLY H 265 -133.18 41.16 49.44
N ARG H 266 -132.26 41.29 50.38
CA ARG H 266 -132.56 42.07 51.57
C ARG H 266 -132.75 43.54 51.22
N VAL H 267 -132.02 44.02 50.21
CA VAL H 267 -132.23 45.37 49.70
C VAL H 267 -133.54 45.41 48.91
N LEU H 268 -133.97 44.26 48.39
CA LEU H 268 -135.18 44.22 47.57
C LEU H 268 -136.43 44.36 48.43
N LEU H 269 -136.51 43.61 49.54
CA LEU H 269 -137.66 43.67 50.42
C LEU H 269 -137.31 44.38 51.73
N GLY H 270 -136.42 45.35 51.67
CA GLY H 270 -136.01 46.12 52.82
C GLY H 270 -135.84 47.58 52.44
N ASP H 271 -136.49 48.47 53.17
CA ASP H 271 -136.42 49.88 52.83
C ASP H 271 -134.99 50.42 52.93
N ASN H 272 -134.64 51.26 51.95
CA ASN H 272 -133.34 51.94 51.84
C ASN H 272 -133.05 52.89 53.02
N SER H 273 -133.46 52.48 54.22
CA SER H 273 -132.95 53.17 55.40
C SER H 273 -131.45 53.00 55.45
N ALA H 274 -130.97 51.86 54.95
CA ALA H 274 -129.56 51.54 54.82
C ALA H 274 -129.06 51.88 53.43
N ASP H 275 -127.77 51.62 53.21
CA ASP H 275 -127.11 51.80 51.93
C ASP H 275 -127.05 50.51 51.14
N MET H 276 -127.55 50.55 49.89
CA MET H 276 -127.40 49.38 49.03
C MET H 276 -125.93 49.12 48.75
N ALA H 277 -125.14 50.19 48.63
CA ALA H 277 -123.72 50.05 48.41
C ALA H 277 -123.04 49.31 49.55
N THR H 278 -123.45 49.60 50.79
CA THR H 278 -122.88 48.90 51.94
C THR H 278 -123.23 47.41 51.88
N ALA H 279 -124.44 47.08 51.40
CA ALA H 279 -124.82 45.68 51.28
C ALA H 279 -124.03 44.98 50.19
N ILE H 280 -123.73 45.69 49.09
CA ILE H 280 -122.92 45.08 48.04
C ILE H 280 -121.48 44.92 48.52
N LEU H 281 -120.99 45.86 49.31
CA LEU H 281 -119.66 45.72 49.90
C LEU H 281 -119.62 44.52 50.84
N ASN H 282 -120.68 44.33 51.62
CA ASN H 282 -120.77 43.17 52.50
C ASN H 282 -120.84 41.88 51.68
N ALA H 283 -121.53 41.91 50.53
CA ALA H 283 -121.56 40.75 49.66
C ALA H 283 -120.17 40.39 49.18
N PHE H 284 -119.38 41.42 48.84
CA PHE H 284 -118.01 41.18 48.40
C PHE H 284 -117.15 40.63 49.54
N MET H 285 -117.30 41.20 50.74
CA MET H 285 -116.51 40.74 51.88
C MET H 285 -116.88 39.30 52.25
N PHE H 286 -118.17 38.97 52.22
CA PHE H 286 -118.61 37.61 52.50
C PHE H 286 -118.14 36.65 51.41
N ALA H 287 -118.12 37.11 50.15
CA ALA H 287 -117.64 36.26 49.08
C ALA H 287 -116.16 35.95 49.24
N VAL H 288 -115.36 36.95 49.61
CA VAL H 288 -113.94 36.72 49.88
C VAL H 288 -113.75 35.79 51.07
N ALA H 289 -114.53 36.01 52.14
CA ALA H 289 -114.41 35.13 53.30
C ALA H 289 -114.72 33.69 52.93
N VAL H 290 -115.80 33.47 52.17
CA VAL H 290 -116.15 32.11 51.77
C VAL H 290 -115.10 31.53 50.84
N ALA H 291 -114.52 32.37 49.98
CA ALA H 291 -113.50 31.89 49.05
C ALA H 291 -112.25 31.43 49.79
N VAL H 292 -111.71 32.30 50.65
CA VAL H 292 -110.50 31.95 51.39
C VAL H 292 -110.76 30.80 52.36
N ALA H 293 -111.93 30.76 53.00
CA ALA H 293 -112.22 29.69 53.94
C ALA H 293 -112.38 28.35 53.24
N ALA H 294 -112.95 28.34 52.02
CA ALA H 294 -113.20 27.08 51.34
C ALA H 294 -111.97 26.51 50.66
N ILE H 295 -111.03 27.34 50.25
CA ILE H 295 -109.85 26.88 49.51
C ILE H 295 -108.78 26.42 50.50
N PRO H 296 -108.34 25.17 50.45
CA PRO H 296 -107.17 24.79 51.26
C PRO H 296 -105.88 25.25 50.60
N GLU H 297 -105.48 26.51 50.86
CA GLU H 297 -104.36 27.11 50.14
C GLU H 297 -103.06 26.34 50.37
N ALA H 298 -102.97 25.58 51.45
CA ALA H 298 -101.78 24.81 51.77
C ALA H 298 -101.87 23.37 51.27
N LEU H 299 -102.86 23.05 50.42
CA LEU H 299 -103.06 21.68 50.00
C LEU H 299 -101.90 21.18 49.14
N SER H 300 -101.52 21.96 48.14
CA SER H 300 -100.47 21.52 47.22
C SER H 300 -99.14 21.37 47.93
N SER H 301 -98.83 22.25 48.88
CA SER H 301 -97.55 22.18 49.57
C SER H 301 -97.48 20.95 50.46
N ILE H 302 -98.58 20.65 51.17
CA ILE H 302 -98.60 19.51 52.07
C ILE H 302 -98.55 18.20 51.30
N VAL H 303 -99.33 18.09 50.22
CA VAL H 303 -99.32 16.85 49.45
C VAL H 303 -97.94 16.60 48.85
N THR H 304 -97.30 17.66 48.33
CA THR H 304 -95.95 17.51 47.76
C THR H 304 -94.94 17.10 48.84
N ILE H 305 -95.07 17.67 50.03
CA ILE H 305 -94.11 17.37 51.08
C ILE H 305 -94.25 15.92 51.57
N VAL H 306 -95.49 15.43 51.72
CA VAL H 306 -95.67 14.04 52.14
C VAL H 306 -95.10 13.10 51.07
N LEU H 307 -95.30 13.44 49.79
CA LEU H 307 -94.69 12.63 48.73
C LEU H 307 -93.18 12.61 48.86
N ALA H 308 -92.59 13.73 49.28
CA ALA H 308 -91.14 13.78 49.47
C ALA H 308 -90.71 12.82 50.58
N VAL H 309 -91.49 12.72 51.65
CA VAL H 309 -91.14 11.77 52.72
C VAL H 309 -91.14 10.34 52.18
N GLY H 310 -92.14 10.02 51.34
CA GLY H 310 -92.18 8.69 50.77
C GLY H 310 -90.99 8.40 49.88
N THR H 311 -90.60 9.38 49.05
CA THR H 311 -89.47 9.17 48.17
C THR H 311 -88.17 9.06 48.94
N ASN H 312 -88.06 9.73 50.08
CA ASN H 312 -86.84 9.59 50.88
C ASN H 312 -86.76 8.20 51.50
N LYS H 313 -87.90 7.70 52.00
CA LYS H 313 -87.93 6.34 52.52
C LYS H 313 -87.54 5.33 51.44
N MET H 314 -87.89 5.60 50.18
CA MET H 314 -87.42 4.74 49.09
C MET H 314 -85.96 4.99 48.74
N ALA H 315 -85.47 6.21 48.91
CA ALA H 315 -84.07 6.52 48.61
C ALA H 315 -83.12 5.79 49.53
N LYS H 316 -83.57 5.48 50.75
CA LYS H 316 -82.72 4.71 51.66
C LYS H 316 -82.42 3.32 51.11
N GLN H 317 -83.33 2.75 50.32
CA GLN H 317 -83.15 1.44 49.71
C GLN H 317 -82.49 1.49 48.33
N HIS H 318 -81.82 2.60 47.99
CA HIS H 318 -81.12 2.75 46.71
C HIS H 318 -82.09 2.59 45.53
N ALA H 319 -83.26 3.20 45.67
CA ALA H 319 -84.27 3.25 44.62
C ALA H 319 -84.53 4.73 44.33
N ILE H 320 -84.02 5.19 43.20
CA ILE H 320 -84.01 6.62 42.86
C ILE H 320 -85.27 6.92 42.06
N ILE H 321 -86.17 7.71 42.66
CA ILE H 321 -87.41 8.14 42.01
C ILE H 321 -87.23 9.58 41.54
N ARG H 322 -87.42 9.83 40.24
CA ARG H 322 -87.24 11.17 39.71
C ARG H 322 -88.41 12.07 40.06
N LYS H 323 -89.62 11.70 39.63
CA LYS H 323 -90.80 12.50 39.90
C LYS H 323 -91.43 12.11 41.22
N LEU H 324 -91.84 13.12 41.99
CA LEU H 324 -92.38 12.87 43.31
C LEU H 324 -93.71 12.12 43.25
N PRO H 325 -94.70 12.53 42.43
CA PRO H 325 -95.98 11.80 42.42
C PRO H 325 -95.84 10.34 42.04
N ALA H 326 -94.69 9.94 41.49
CA ALA H 326 -94.55 8.57 41.04
C ALA H 326 -94.68 7.60 42.21
N VAL H 327 -94.28 8.01 43.42
CA VAL H 327 -94.35 7.07 44.53
C VAL H 327 -95.81 6.73 44.83
N GLU H 328 -96.70 7.72 44.74
CA GLU H 328 -98.10 7.43 45.02
C GLU H 328 -98.69 6.50 43.96
N THR H 329 -98.24 6.64 42.71
CA THR H 329 -98.76 5.76 41.67
C THR H 329 -98.40 4.31 41.95
N LEU H 330 -97.26 4.08 42.61
CA LEU H 330 -96.89 2.72 42.94
C LEU H 330 -97.90 2.06 43.86
N GLY H 331 -98.56 2.85 44.73
CA GLY H 331 -99.49 2.25 45.66
C GLY H 331 -100.76 1.71 45.05
N SER H 332 -101.19 2.27 43.91
CA SER H 332 -102.41 1.82 43.25
C SER H 332 -102.15 0.82 42.12
N THR H 333 -100.92 0.33 41.99
CA THR H 333 -100.55 -0.57 40.91
C THR H 333 -101.26 -1.91 41.04
N SER H 334 -101.66 -2.49 39.90
CA SER H 334 -102.31 -3.81 39.94
C SER H 334 -101.68 -4.88 39.04
N VAL H 335 -101.09 -4.50 37.90
CA VAL H 335 -100.42 -5.46 37.04
C VAL H 335 -99.02 -4.94 36.73
N ILE H 336 -98.04 -5.85 36.74
CA ILE H 336 -96.63 -5.54 36.57
C ILE H 336 -96.09 -6.29 35.36
N CYS H 337 -95.80 -5.56 34.27
CA CYS H 337 -95.17 -6.11 33.08
C CYS H 337 -93.64 -6.14 33.31
N THR H 338 -93.00 -7.27 33.02
CA THR H 338 -91.59 -7.42 33.30
C THR H 338 -90.83 -8.05 32.15
N ASP H 339 -89.56 -7.65 31.98
CA ASP H 339 -88.66 -8.36 31.07
C ASP H 339 -87.96 -9.46 31.85
N LYS H 340 -87.51 -10.49 31.13
CA LYS H 340 -86.85 -11.62 31.78
C LYS H 340 -85.37 -11.33 31.96
N THR H 341 -84.58 -11.57 30.92
CA THR H 341 -83.14 -11.38 30.99
C THR H 341 -82.77 -9.93 31.26
N GLY H 342 -82.00 -9.71 32.33
CA GLY H 342 -81.55 -8.39 32.73
C GLY H 342 -82.33 -7.78 33.87
N THR H 343 -83.56 -8.24 34.08
CA THR H 343 -84.39 -7.77 35.18
C THR H 343 -84.56 -8.88 36.21
N LEU H 344 -85.30 -9.94 35.88
CA LEU H 344 -85.41 -11.10 36.78
C LEU H 344 -84.07 -11.82 36.93
N THR H 345 -83.23 -11.81 35.91
CA THR H 345 -81.92 -12.40 35.96
C THR H 345 -80.86 -11.29 36.05
N GLN H 346 -79.60 -11.65 35.81
CA GLN H 346 -78.52 -10.67 35.88
C GLN H 346 -77.63 -10.70 34.64
N ASN H 347 -78.12 -11.30 33.55
CA ASN H 347 -77.40 -11.35 32.27
C ASN H 347 -76.01 -11.97 32.44
N LYS H 348 -75.92 -13.00 33.26
CA LYS H 348 -74.66 -13.68 33.56
C LYS H 348 -74.90 -15.18 33.45
N MET H 349 -74.43 -15.77 32.36
CA MET H 349 -74.59 -17.21 32.15
C MET H 349 -73.91 -17.99 33.27
N THR H 350 -74.63 -18.96 33.83
CA THR H 350 -74.13 -19.71 34.97
C THR H 350 -74.63 -21.15 34.87
N VAL H 351 -73.72 -22.10 35.12
CA VAL H 351 -74.09 -23.51 35.10
C VAL H 351 -74.96 -23.82 36.31
N VAL H 352 -76.02 -24.62 36.09
CA VAL H 352 -77.01 -24.90 37.11
C VAL H 352 -77.10 -26.38 37.44
N ASP H 353 -76.98 -27.26 36.44
CA ASP H 353 -77.11 -28.69 36.66
C ASP H 353 -75.91 -29.43 36.10
N TYR H 354 -75.69 -30.62 36.67
CA TYR H 354 -74.55 -31.46 36.38
C TYR H 354 -74.98 -32.92 36.38
N TYR H 355 -74.18 -33.74 35.69
CA TYR H 355 -74.41 -35.17 35.53
C TYR H 355 -73.17 -35.89 36.03
N LEU H 356 -73.36 -36.78 37.03
CA LEU H 356 -72.20 -37.55 37.49
C LEU H 356 -72.29 -38.98 37.02
N PRO H 357 -71.19 -39.49 36.48
CA PRO H 357 -71.19 -40.88 36.02
C PRO H 357 -71.24 -41.86 37.16
N ASP H 358 -70.64 -41.52 38.30
CA ASP H 358 -70.64 -42.35 39.49
C ASP H 358 -71.81 -42.01 40.40
N GLY H 359 -73.03 -41.96 39.85
CA GLY H 359 -74.14 -41.62 40.71
C GLY H 359 -74.40 -40.13 40.70
N THR H 360 -75.53 -39.69 40.16
CA THR H 360 -75.82 -38.27 40.11
C THR H 360 -76.55 -37.82 41.36
N LYS H 361 -76.03 -36.77 42.00
CA LYS H 361 -76.55 -36.16 43.20
C LYS H 361 -77.33 -34.89 42.88
N GLU H 362 -78.19 -34.50 43.83
CA GLU H 362 -79.01 -33.31 43.66
C GLU H 362 -78.16 -32.05 43.54
N ASN H 363 -77.28 -31.82 44.51
CA ASN H 363 -76.37 -30.67 44.50
C ASN H 363 -74.92 -31.10 44.54
N PHE H 364 -74.06 -30.26 43.97
CA PHE H 364 -72.60 -30.47 44.00
C PHE H 364 -72.06 -30.03 45.35
N PRO H 365 -71.22 -30.84 46.01
CA PRO H 365 -70.74 -30.47 47.35
C PRO H 365 -69.80 -29.27 47.32
N GLU H 366 -69.59 -28.69 48.50
CA GLU H 366 -68.79 -27.48 48.65
C GLU H 366 -67.45 -27.68 49.36
N SER H 367 -67.12 -28.90 49.76
CA SER H 367 -65.83 -29.11 50.42
C SER H 367 -64.79 -29.57 49.40
N PRO H 368 -63.60 -28.97 49.35
CA PRO H 368 -62.64 -29.35 48.30
C PRO H 368 -62.17 -30.80 48.36
N GLU H 369 -62.13 -31.43 49.54
CA GLU H 369 -61.72 -32.83 49.63
C GLU H 369 -62.84 -33.81 49.96
N ASN H 370 -64.02 -33.34 50.36
CA ASN H 370 -65.12 -34.23 50.68
C ASN H 370 -65.79 -34.79 49.44
N TRP H 371 -65.37 -34.35 48.25
CA TRP H 371 -65.97 -34.79 47.01
C TRP H 371 -65.64 -36.25 46.72
N SER H 372 -66.43 -36.85 45.84
CA SER H 372 -66.21 -38.19 45.31
C SER H 372 -65.21 -38.15 44.16
N GLU H 373 -64.63 -39.32 43.86
CA GLU H 373 -63.61 -39.39 42.82
C GLU H 373 -64.14 -38.90 41.47
N GLY H 374 -65.40 -39.22 41.14
CA GLY H 374 -65.99 -38.69 39.92
C GLY H 374 -66.17 -37.19 39.96
N GLU H 375 -66.56 -36.66 41.12
CA GLU H 375 -66.74 -35.22 41.25
C GLU H 375 -65.42 -34.49 41.11
N ARG H 376 -64.33 -35.09 41.58
CA ARG H 376 -63.02 -34.46 41.47
C ARG H 376 -62.45 -34.58 40.07
N ARG H 377 -62.78 -35.66 39.34
CA ARG H 377 -62.31 -35.77 37.96
C ARG H 377 -63.07 -34.86 37.01
N LEU H 378 -64.35 -34.59 37.27
CA LEU H 378 -65.14 -33.70 36.41
C LEU H 378 -64.59 -32.27 36.38
N ILE H 379 -64.10 -31.77 37.52
CA ILE H 379 -63.62 -30.40 37.60
C ILE H 379 -62.38 -30.21 36.72
N HIS H 380 -61.50 -31.20 36.70
CA HIS H 380 -60.28 -31.10 35.89
C HIS H 380 -60.60 -30.98 34.42
N ILE H 381 -61.64 -31.66 33.94
CA ILE H 381 -62.01 -31.55 32.54
C ILE H 381 -62.66 -30.21 32.26
N ALA H 382 -63.47 -29.71 33.20
CA ALA H 382 -64.15 -28.45 32.96
C ALA H 382 -63.19 -27.25 32.93
N VAL H 383 -62.11 -27.29 33.71
CA VAL H 383 -61.28 -26.10 33.86
C VAL H 383 -60.26 -25.96 32.72
N LEU H 384 -59.62 -27.05 32.31
CA LEU H 384 -58.48 -26.93 31.40
C LEU H 384 -58.87 -26.77 29.93
N CYS H 385 -60.10 -27.07 29.55
CA CYS H 385 -60.51 -26.97 28.15
C CYS H 385 -61.22 -25.65 27.86
N ASN H 386 -60.62 -24.52 28.27
CA ASN H 386 -61.19 -23.22 27.98
C ASN H 386 -60.12 -22.16 28.18
N ASP H 387 -60.35 -20.99 27.57
CA ASP H 387 -59.40 -19.88 27.60
C ASP H 387 -59.95 -18.67 28.36
N SER H 388 -60.98 -18.85 29.19
CA SER H 388 -61.56 -17.74 29.92
C SER H 388 -60.70 -17.35 31.13
N ASN H 389 -60.83 -16.10 31.55
CA ASN H 389 -60.03 -15.56 32.64
C ASN H 389 -60.83 -14.53 33.43
N ILE H 390 -60.43 -14.35 34.68
CA ILE H 390 -60.99 -13.33 35.57
C ILE H 390 -59.84 -12.63 36.29
N ASN H 391 -59.81 -11.31 36.22
CA ASN H 391 -58.74 -10.55 36.86
C ASN H 391 -59.09 -10.34 38.33
N SER H 392 -58.28 -9.56 39.04
CA SER H 392 -58.52 -9.37 40.47
C SER H 392 -59.76 -8.52 40.72
N GLU H 393 -60.00 -7.51 39.87
CA GLU H 393 -61.16 -6.65 40.07
C GLU H 393 -62.48 -7.36 39.75
N GLY H 394 -62.46 -8.34 38.87
CA GLY H 394 -63.67 -9.05 38.48
C GLY H 394 -64.11 -8.86 37.04
N LYS H 395 -63.26 -8.34 36.16
CA LYS H 395 -63.64 -8.18 34.76
C LYS H 395 -63.66 -9.53 34.05
N GLU H 396 -64.70 -9.76 33.25
CA GLU H 396 -64.87 -11.03 32.56
C GLU H 396 -64.18 -10.99 31.20
N LEU H 397 -63.39 -12.04 30.92
CA LEU H 397 -62.68 -12.17 29.66
C LEU H 397 -62.86 -13.59 29.15
N GLY H 398 -63.44 -13.73 27.97
CA GLY H 398 -63.65 -15.01 27.36
C GLY H 398 -65.08 -15.20 26.89
N ASP H 399 -65.33 -16.36 26.29
CA ASP H 399 -66.66 -16.70 25.81
C ASP H 399 -67.61 -16.85 26.99
N PRO H 400 -68.84 -16.31 26.90
CA PRO H 400 -69.78 -16.43 28.02
C PRO H 400 -70.06 -17.88 28.43
N THR H 401 -69.92 -18.83 27.50
CA THR H 401 -70.03 -20.24 27.88
C THR H 401 -68.88 -20.65 28.80
N GLU H 402 -67.67 -20.15 28.52
CA GLU H 402 -66.49 -20.52 29.29
C GLU H 402 -66.43 -19.84 30.66
N VAL H 403 -66.92 -18.60 30.77
CA VAL H 403 -66.84 -17.88 32.05
C VAL H 403 -67.71 -18.52 33.12
N ALA H 404 -68.78 -19.21 32.72
CA ALA H 404 -69.63 -19.86 33.72
C ALA H 404 -68.88 -20.97 34.45
N LEU H 405 -67.94 -21.62 33.76
CA LEU H 405 -67.23 -22.74 34.36
C LEU H 405 -66.21 -22.25 35.39
N ILE H 406 -65.48 -21.19 35.07
CA ILE H 406 -64.50 -20.68 36.02
C ILE H 406 -65.19 -20.01 37.21
N ALA H 407 -66.36 -19.41 36.98
CA ALA H 407 -67.10 -18.88 38.12
C ALA H 407 -67.63 -19.99 39.01
N PHE H 408 -68.02 -21.12 38.40
CA PHE H 408 -68.47 -22.25 39.21
C PHE H 408 -67.32 -22.86 40.02
N SER H 409 -66.13 -22.93 39.41
CA SER H 409 -64.99 -23.49 40.13
C SER H 409 -64.57 -22.58 41.28
N ASN H 410 -64.49 -21.27 41.04
CA ASN H 410 -64.14 -20.35 42.12
C ASN H 410 -65.22 -20.34 43.21
N LYS H 411 -66.46 -20.64 42.84
CA LYS H 411 -67.53 -20.71 43.83
C LYS H 411 -67.33 -21.85 44.83
N ASN H 412 -66.78 -22.97 44.37
CA ASN H 412 -66.62 -24.17 45.20
C ASN H 412 -65.21 -24.33 45.77
N ASN H 413 -64.52 -23.22 46.08
CA ASN H 413 -63.22 -23.20 46.72
C ASN H 413 -62.14 -23.93 45.92
N GLN H 414 -62.41 -24.25 44.66
CA GLN H 414 -61.45 -24.89 43.78
C GLN H 414 -61.02 -23.83 42.78
N ASP H 415 -59.89 -23.18 43.07
CA ASP H 415 -59.39 -22.13 42.20
C ASP H 415 -59.07 -22.66 40.82
N TYR H 416 -59.66 -22.03 39.80
CA TYR H 416 -59.40 -22.47 38.42
C TYR H 416 -57.96 -22.21 38.02
N ASN H 417 -57.35 -21.18 38.61
CA ASN H 417 -55.96 -20.87 38.28
C ASN H 417 -55.01 -21.95 38.79
N GLU H 418 -55.32 -22.62 39.90
CA GLU H 418 -54.42 -23.66 40.38
C GLU H 418 -54.31 -24.81 39.38
N ILE H 419 -55.42 -25.15 38.72
CA ILE H 419 -55.37 -26.20 37.71
C ILE H 419 -54.79 -25.70 36.40
N ARG H 420 -55.02 -24.43 36.05
CA ARG H 420 -54.39 -23.93 34.82
C ARG H 420 -52.88 -23.73 34.99
N GLU H 421 -52.46 -23.31 36.18
CA GLU H 421 -51.06 -22.97 36.46
C GLU H 421 -50.22 -24.20 36.77
N LYS H 422 -50.79 -25.23 37.39
CA LYS H 422 -50.01 -26.43 37.69
C LYS H 422 -49.81 -27.27 36.43
N PHE H 423 -50.82 -27.31 35.57
CA PHE H 423 -50.78 -28.10 34.35
C PHE H 423 -50.59 -27.10 33.22
N ILE H 424 -49.48 -27.22 32.53
CA ILE H 424 -49.08 -26.25 31.52
C ILE H 424 -49.60 -26.73 30.18
N ARG H 425 -49.80 -25.79 29.25
CA ARG H 425 -50.39 -26.14 27.98
C ARG H 425 -49.37 -26.81 27.07
N GLU H 426 -49.71 -28.01 26.64
CA GLU H 426 -48.88 -28.81 25.74
C GLU H 426 -49.64 -29.00 24.43
N GLY H 427 -49.74 -27.94 23.64
CA GLY H 427 -50.43 -28.14 22.38
C GLY H 427 -51.94 -28.06 22.50
N GLU H 428 -52.59 -27.66 21.40
CA GLU H 428 -54.03 -27.48 21.36
C GLU H 428 -54.58 -28.07 20.07
N ILE H 429 -55.90 -28.08 19.99
CA ILE H 429 -56.65 -28.41 18.76
C ILE H 429 -57.45 -27.23 18.40
N PRO H 430 -57.36 -26.71 17.17
CA PRO H 430 -57.91 -25.40 16.83
C PRO H 430 -59.42 -25.31 16.96
N PHE H 431 -59.87 -24.11 17.30
CA PHE H 431 -61.30 -23.83 17.42
C PHE H 431 -61.95 -23.96 16.06
N ASP H 432 -62.90 -24.89 15.95
CA ASP H 432 -63.63 -25.09 14.72
C ASP H 432 -64.94 -24.34 14.88
N SER H 433 -65.30 -23.55 13.88
CA SER H 433 -66.52 -22.76 13.99
C SER H 433 -67.76 -23.56 13.59
N ASP H 434 -67.55 -24.71 12.94
CA ASP H 434 -68.63 -25.60 12.54
C ASP H 434 -69.19 -26.40 13.70
N ARG H 435 -68.95 -25.94 14.93
CA ARG H 435 -69.49 -26.44 16.22
C ARG H 435 -68.81 -27.70 16.77
N LYS H 436 -67.66 -28.13 16.29
CA LYS H 436 -67.14 -29.42 16.74
C LYS H 436 -66.42 -29.23 18.08
N LEU H 437 -65.70 -30.24 18.54
CA LEU H 437 -65.27 -30.26 19.93
C LEU H 437 -63.84 -29.77 20.11
N MET H 438 -63.57 -29.27 21.32
CA MET H 438 -62.26 -28.73 21.69
C MET H 438 -61.51 -29.75 22.53
N SER H 439 -60.29 -30.09 22.09
CA SER H 439 -59.47 -31.09 22.74
C SER H 439 -58.08 -30.55 22.98
N THR H 440 -57.52 -30.83 24.16
CA THR H 440 -56.17 -30.45 24.53
C THR H 440 -55.45 -31.62 25.19
N LEU H 441 -54.15 -31.73 24.93
CA LEU H 441 -53.29 -32.78 25.46
C LEU H 441 -52.37 -32.18 26.51
N HIS H 442 -52.37 -32.76 27.71
CA HIS H 442 -51.56 -32.30 28.82
C HIS H 442 -50.96 -33.52 29.49
N THR H 443 -49.78 -33.34 30.06
CA THR H 443 -49.02 -34.43 30.67
C THR H 443 -49.18 -34.35 32.18
N PHE H 444 -49.77 -35.40 32.77
CA PHE H 444 -49.97 -35.44 34.21
C PHE H 444 -48.72 -35.99 34.90
N ASN H 445 -48.87 -36.98 35.77
CA ASN H 445 -47.70 -37.55 36.43
C ASN H 445 -46.80 -38.28 35.44
N GLU H 446 -47.38 -39.03 34.51
CA GLU H 446 -46.62 -39.74 33.48
C GLU H 446 -47.53 -39.92 32.26
N ASN H 447 -47.02 -40.67 31.27
CA ASN H 447 -47.66 -41.02 30.00
C ASN H 447 -48.81 -40.11 29.54
N LYS H 448 -48.69 -38.80 29.80
CA LYS H 448 -49.62 -37.78 29.32
C LYS H 448 -51.09 -38.08 29.61
N ALA H 449 -51.97 -37.35 28.91
CA ALA H 449 -53.43 -37.48 28.98
C ALA H 449 -54.10 -36.47 28.05
N MET H 450 -55.25 -36.83 27.47
CA MET H 450 -56.02 -35.96 26.58
C MET H 450 -57.40 -35.69 27.18
N LEU H 451 -57.86 -34.43 27.08
CA LEU H 451 -59.19 -34.07 27.55
C LEU H 451 -59.94 -33.36 26.42
N THR H 452 -61.26 -33.57 26.36
CA THR H 452 -62.06 -33.11 25.24
C THR H 452 -63.47 -32.77 25.71
N LYS H 453 -63.99 -31.64 25.26
CA LYS H 453 -65.38 -31.30 25.60
C LYS H 453 -66.02 -30.57 24.44
N GLY H 454 -67.35 -30.63 24.40
CA GLY H 454 -68.08 -30.00 23.32
C GLY H 454 -69.55 -30.41 23.35
N GLY H 455 -70.25 -30.07 22.26
CA GLY H 455 -71.66 -30.32 22.17
C GLY H 455 -71.99 -31.81 22.18
N PRO H 456 -73.18 -32.15 22.68
CA PRO H 456 -73.52 -33.57 22.89
C PRO H 456 -73.74 -34.37 21.61
N ASP H 457 -74.31 -33.78 20.56
CA ASP H 457 -74.68 -34.55 19.37
C ASP H 457 -73.47 -35.15 18.69
N VAL H 458 -72.41 -34.36 18.49
CA VAL H 458 -71.23 -34.87 17.81
C VAL H 458 -70.30 -35.63 18.78
N MET H 459 -70.49 -35.44 20.09
CA MET H 459 -69.70 -36.17 21.07
C MET H 459 -70.19 -37.60 21.25
N PHE H 460 -71.51 -37.82 21.14
CA PHE H 460 -72.02 -39.17 21.33
C PHE H 460 -71.55 -40.11 20.22
N ALA H 461 -71.26 -39.57 19.04
CA ALA H 461 -70.83 -40.42 17.92
C ALA H 461 -69.38 -40.89 18.02
N ARG H 462 -68.54 -40.23 18.82
CA ARG H 462 -67.13 -40.60 18.91
C ARG H 462 -66.70 -41.05 20.31
N CYS H 463 -67.63 -41.22 21.24
CA CYS H 463 -67.29 -41.66 22.60
C CYS H 463 -67.39 -43.18 22.68
N SER H 464 -66.30 -43.81 23.07
CA SER H 464 -66.22 -45.26 23.24
C SER H 464 -65.86 -45.66 24.66
N TYR H 465 -65.83 -44.73 25.61
CA TYR H 465 -65.60 -45.09 27.00
C TYR H 465 -66.38 -44.15 27.92
N VAL H 466 -66.75 -44.67 29.09
CA VAL H 466 -67.39 -43.90 30.15
C VAL H 466 -66.63 -44.16 31.45
N PHE H 467 -66.75 -43.23 32.39
CA PHE H 467 -66.10 -43.32 33.70
C PHE H 467 -67.13 -43.61 34.78
N LEU H 468 -67.46 -44.89 34.97
CA LEU H 468 -68.33 -45.31 36.07
C LEU H 468 -67.51 -46.24 36.95
N ASP H 469 -66.90 -45.69 38.00
CA ASP H 469 -66.11 -46.45 38.95
C ASP H 469 -64.93 -47.14 38.27
N GLY H 470 -64.62 -46.68 37.06
CA GLY H 470 -63.55 -47.21 36.23
C GLY H 470 -63.85 -46.85 34.79
N GLU H 471 -63.09 -47.43 33.87
CA GLU H 471 -63.31 -47.17 32.46
C GLU H 471 -64.10 -48.32 31.85
N GLU H 472 -65.19 -47.97 31.17
CA GLU H 472 -66.16 -48.94 30.67
C GLU H 472 -66.50 -48.66 29.21
N LYS H 473 -66.60 -49.73 28.42
CA LYS H 473 -66.96 -49.62 27.02
C LYS H 473 -68.43 -49.20 26.92
N PRO H 474 -68.83 -48.46 25.87
CA PRO H 474 -70.16 -47.84 25.89
C PRO H 474 -71.25 -48.85 25.55
N MET H 475 -72.25 -48.92 26.42
CA MET H 475 -73.42 -49.76 26.26
C MET H 475 -74.56 -48.92 25.69
N THR H 476 -75.13 -49.37 24.57
CA THR H 476 -76.18 -48.61 23.89
C THR H 476 -77.37 -48.24 24.79
N GLU H 477 -77.70 -49.08 25.77
CA GLU H 477 -78.82 -48.83 26.67
C GLU H 477 -78.33 -48.55 28.09
N GLU H 478 -79.02 -47.62 28.77
CA GLU H 478 -78.71 -47.25 30.15
C GLU H 478 -77.34 -46.58 30.30
N ILE H 479 -76.56 -46.50 29.21
CA ILE H 479 -75.32 -45.74 29.28
C ILE H 479 -75.29 -44.66 28.20
N LEU H 480 -75.37 -45.06 26.92
CA LEU H 480 -75.44 -44.07 25.86
C LEU H 480 -76.85 -43.49 25.79
N ALA H 481 -77.86 -44.34 25.99
CA ALA H 481 -79.24 -43.91 26.07
C ALA H 481 -79.48 -43.12 27.35
N LYS H 482 -78.76 -43.45 28.44
CA LYS H 482 -78.87 -42.63 29.64
C LYS H 482 -78.32 -41.23 29.39
N LEU H 483 -77.28 -41.12 28.55
CA LEU H 483 -76.81 -39.81 28.14
C LEU H 483 -77.89 -39.06 27.37
N LYS H 484 -78.57 -39.74 26.46
CA LYS H 484 -79.67 -39.04 25.77
C LYS H 484 -80.83 -38.76 26.71
N GLU H 485 -81.03 -39.59 27.73
CA GLU H 485 -82.08 -39.35 28.71
C GLU H 485 -81.82 -38.09 29.51
N THR H 486 -80.59 -37.92 29.99
CA THR H 486 -80.28 -36.74 30.79
C THR H 486 -80.09 -35.51 29.92
N ASN H 487 -79.59 -35.68 28.70
CA ASN H 487 -79.44 -34.54 27.79
C ASN H 487 -80.78 -34.02 27.33
N GLU H 488 -81.69 -34.91 26.89
CA GLU H 488 -83.01 -34.45 26.49
C GLU H 488 -83.84 -33.98 27.68
N GLU H 489 -83.59 -34.51 28.88
CA GLU H 489 -84.24 -33.97 30.06
C GLU H 489 -83.77 -32.54 30.35
N PHE H 490 -82.47 -32.28 30.15
CA PHE H 490 -81.99 -30.91 30.30
C PHE H 490 -82.53 -30.01 29.20
N SER H 491 -82.62 -30.52 27.97
CA SER H 491 -83.15 -29.74 26.85
C SER H 491 -84.63 -29.45 27.01
N ASN H 492 -85.39 -30.37 27.61
CA ASN H 492 -86.81 -30.12 27.87
C ASN H 492 -87.01 -29.01 28.88
N GLN H 493 -86.00 -28.71 29.69
CA GLN H 493 -86.05 -27.59 30.62
C GLN H 493 -85.31 -26.36 30.10
N ALA H 494 -84.98 -26.34 28.80
CA ALA H 494 -84.30 -25.21 28.17
C ALA H 494 -82.96 -24.89 28.84
N LEU H 495 -82.07 -25.88 28.81
CA LEU H 495 -80.73 -25.77 29.39
C LEU H 495 -79.70 -26.00 28.29
N ARG H 496 -78.70 -25.13 28.21
CA ARG H 496 -77.65 -25.35 27.22
C ARG H 496 -76.70 -26.43 27.74
N VAL H 497 -76.60 -27.54 27.00
CA VAL H 497 -75.91 -28.75 27.46
C VAL H 497 -74.55 -28.85 26.80
N LEU H 498 -73.54 -29.25 27.59
CA LEU H 498 -72.21 -29.57 27.10
C LEU H 498 -71.73 -30.88 27.71
N ALA H 499 -71.09 -31.72 26.90
CA ALA H 499 -70.54 -32.99 27.34
C ALA H 499 -69.02 -32.95 27.44
N TYR H 500 -68.51 -33.70 28.42
CA TYR H 500 -67.10 -33.76 28.78
C TYR H 500 -66.56 -35.17 28.61
N GLY H 501 -65.25 -35.26 28.43
CA GLY H 501 -64.63 -36.55 28.32
C GLY H 501 -63.12 -36.42 28.26
N TYR H 502 -62.45 -37.57 28.22
CA TYR H 502 -60.99 -37.60 28.12
C TYR H 502 -60.60 -38.84 27.33
N LYS H 503 -59.29 -38.99 27.13
CA LYS H 503 -58.71 -40.11 26.39
C LYS H 503 -57.29 -40.36 26.89
N ARG H 504 -56.95 -41.64 27.06
CA ARG H 504 -55.66 -41.99 27.62
C ARG H 504 -54.52 -41.64 26.66
N MET H 505 -54.65 -42.04 25.39
CA MET H 505 -53.72 -41.69 24.32
C MET H 505 -52.36 -42.34 24.60
N PRO H 506 -51.41 -42.35 23.65
CA PRO H 506 -50.09 -42.93 23.97
C PRO H 506 -49.24 -42.06 24.87
N ALA H 507 -47.92 -42.27 24.80
CA ALA H 507 -46.97 -41.51 25.59
C ALA H 507 -45.74 -41.09 24.79
N ASP H 508 -45.68 -41.41 23.50
CA ASP H 508 -44.55 -41.03 22.66
C ASP H 508 -44.86 -39.85 21.76
N THR H 509 -46.13 -39.52 21.57
CA THR H 509 -46.53 -38.42 20.72
C THR H 509 -46.43 -37.11 21.50
N THR H 510 -45.97 -36.06 20.83
CA THR H 510 -45.93 -34.74 21.43
C THR H 510 -46.83 -33.77 20.69
N GLU H 511 -47.56 -34.23 19.67
CA GLU H 511 -48.43 -33.41 18.87
C GLU H 511 -49.71 -34.17 18.58
N LEU H 512 -50.79 -33.42 18.35
CA LEU H 512 -52.11 -33.98 18.10
C LEU H 512 -52.49 -33.91 16.63
N LYS H 513 -53.26 -34.90 16.20
CA LYS H 513 -53.83 -34.93 14.86
C LYS H 513 -55.34 -35.01 14.99
N LEU H 514 -56.04 -34.78 13.88
CA LEU H 514 -57.50 -34.74 13.91
C LEU H 514 -58.10 -36.14 13.95
N GLU H 515 -57.46 -37.12 13.29
CA GLU H 515 -57.95 -38.49 13.31
C GLU H 515 -57.90 -39.15 14.68
N ASP H 516 -57.35 -38.50 15.71
CA ASP H 516 -57.25 -39.10 17.04
C ASP H 516 -58.30 -38.55 18.01
N GLU H 517 -59.52 -38.31 17.52
CA GLU H 517 -60.60 -37.78 18.34
C GLU H 517 -61.67 -38.83 18.64
N GLN H 518 -61.29 -40.10 18.65
CA GLN H 518 -62.17 -41.22 18.94
C GLN H 518 -61.78 -41.86 20.26
N ASP H 519 -62.60 -42.82 20.68
CA ASP H 519 -62.49 -43.49 21.97
C ASP H 519 -62.25 -42.48 23.10
N ILE H 520 -63.26 -41.65 23.34
CA ILE H 520 -63.17 -40.68 24.42
C ILE H 520 -63.85 -41.29 25.64
N VAL H 521 -63.29 -41.04 26.82
CA VAL H 521 -63.87 -41.55 28.06
C VAL H 521 -64.76 -40.44 28.62
N LEU H 522 -66.06 -40.67 28.66
CA LEU H 522 -66.98 -39.62 29.08
C LEU H 522 -67.14 -39.61 30.59
N VAL H 523 -67.16 -38.41 31.16
CA VAL H 523 -67.32 -38.25 32.60
C VAL H 523 -68.72 -37.74 32.88
N GLY H 524 -69.02 -36.51 32.49
CA GLY H 524 -70.32 -35.99 32.84
C GLY H 524 -70.77 -34.88 31.91
N LEU H 525 -71.94 -34.35 32.23
CA LEU H 525 -72.60 -33.32 31.44
C LEU H 525 -72.86 -32.09 32.30
N THR H 526 -73.01 -30.95 31.63
CA THR H 526 -73.34 -29.71 32.29
C THR H 526 -74.44 -28.98 31.53
N ALA H 527 -75.12 -28.11 32.27
CA ALA H 527 -76.21 -27.31 31.72
C ALA H 527 -76.05 -25.90 32.25
N MET H 528 -76.03 -24.94 31.34
CA MET H 528 -75.89 -23.54 31.71
C MET H 528 -77.08 -22.74 31.17
N ILE H 529 -77.47 -21.76 31.96
CA ILE H 529 -78.55 -20.83 31.68
C ILE H 529 -78.25 -19.55 32.46
N ASP H 530 -79.00 -18.50 32.17
CA ASP H 530 -78.95 -17.24 32.88
C ASP H 530 -79.89 -17.29 34.10
N PRO H 531 -79.36 -17.45 35.33
CA PRO H 531 -80.21 -17.80 36.49
C PRO H 531 -80.94 -16.60 37.06
N PRO H 532 -82.11 -16.82 37.66
CA PRO H 532 -82.85 -15.73 38.31
C PRO H 532 -82.20 -15.27 39.61
N ARG H 533 -82.63 -14.09 40.05
CA ARG H 533 -82.20 -13.55 41.34
C ARG H 533 -82.88 -14.30 42.48
N GLU H 534 -82.22 -14.28 43.64
CA GLU H 534 -82.71 -15.07 44.78
C GLU H 534 -83.97 -14.47 45.38
N ALA H 535 -84.09 -13.14 45.39
CA ALA H 535 -85.20 -12.48 46.08
C ALA H 535 -86.48 -12.42 45.25
N VAL H 536 -86.48 -12.89 44.01
CA VAL H 536 -87.67 -12.76 43.17
C VAL H 536 -88.79 -13.65 43.69
N TYR H 537 -88.46 -14.89 44.09
CA TYR H 537 -89.49 -15.84 44.47
C TYR H 537 -90.36 -15.30 45.58
N ALA H 538 -89.73 -14.87 46.68
CA ALA H 538 -90.48 -14.38 47.82
C ALA H 538 -91.19 -13.08 47.46
N SER H 539 -90.63 -12.30 46.55
CA SER H 539 -91.28 -11.05 46.17
C SER H 539 -92.61 -11.32 45.47
N ILE H 540 -92.63 -12.33 44.59
CA ILE H 540 -93.83 -12.53 43.77
C ILE H 540 -95.00 -12.97 44.64
N GLU H 541 -94.72 -13.81 45.64
CA GLU H 541 -95.79 -14.27 46.52
C GLU H 541 -96.43 -13.09 47.23
N GLU H 542 -95.63 -12.09 47.64
CA GLU H 542 -96.22 -10.97 48.34
C GLU H 542 -97.18 -10.21 47.43
N SER H 543 -96.84 -10.07 46.15
CA SER H 543 -97.71 -9.34 45.25
C SER H 543 -99.00 -10.12 45.01
N LYS H 544 -98.96 -11.45 45.09
CA LYS H 544 -100.21 -12.20 45.01
C LYS H 544 -101.10 -11.91 46.20
N LYS H 545 -100.53 -11.88 47.41
CA LYS H 545 -101.32 -11.60 48.60
C LYS H 545 -101.83 -10.17 48.63
N ALA H 546 -101.16 -9.25 47.93
CA ALA H 546 -101.56 -7.86 47.84
C ALA H 546 -102.51 -7.60 46.67
N GLY H 547 -102.96 -8.65 45.99
CA GLY H 547 -103.87 -8.50 44.88
C GLY H 547 -103.26 -7.90 43.63
N ILE H 548 -102.01 -8.25 43.33
CA ILE H 548 -101.30 -7.74 42.17
C ILE H 548 -100.97 -8.91 41.25
N ARG H 549 -101.40 -8.82 40.00
CA ARG H 549 -101.09 -9.84 39.01
C ARG H 549 -99.73 -9.51 38.40
N THR H 550 -98.88 -10.53 38.28
CA THR H 550 -97.54 -10.36 37.73
C THR H 550 -97.47 -11.06 36.38
N VAL H 551 -97.08 -10.31 35.34
CA VAL H 551 -96.96 -10.83 33.98
C VAL H 551 -95.54 -10.61 33.48
N MET H 552 -94.95 -11.63 32.85
CA MET H 552 -93.57 -11.59 32.36
C MET H 552 -93.58 -11.47 30.83
N ILE H 553 -92.93 -10.44 30.30
CA ILE H 553 -92.88 -10.14 28.87
C ILE H 553 -91.42 -10.09 28.44
N THR H 554 -90.94 -11.12 27.75
CA THR H 554 -89.54 -11.22 27.37
C THR H 554 -89.38 -11.47 25.88
N GLY H 555 -88.20 -11.11 25.37
CA GLY H 555 -87.81 -11.38 24.01
C GLY H 555 -86.99 -12.64 23.82
N ASP H 556 -86.84 -13.44 24.87
CA ASP H 556 -86.10 -14.69 24.80
C ASP H 556 -86.96 -15.80 24.20
N HIS H 557 -86.33 -16.95 23.98
CA HIS H 557 -87.03 -18.06 23.35
C HIS H 557 -88.13 -18.59 24.25
N LYS H 558 -89.14 -19.20 23.62
CA LYS H 558 -90.31 -19.68 24.36
C LYS H 558 -89.92 -20.75 25.36
N THR H 559 -88.97 -21.60 25.01
CA THR H 559 -88.53 -22.66 25.92
C THR H 559 -87.94 -22.07 27.20
N THR H 560 -87.06 -21.07 27.04
CA THR H 560 -86.44 -20.45 28.20
C THR H 560 -87.46 -19.69 29.01
N ALA H 561 -88.36 -18.98 28.32
CA ALA H 561 -89.42 -18.21 28.96
C ALA H 561 -90.48 -19.08 29.62
N GLN H 562 -90.51 -20.37 29.31
CA GLN H 562 -91.39 -21.28 30.01
C GLN H 562 -90.71 -21.93 31.19
N ALA H 563 -89.40 -22.18 31.08
CA ALA H 563 -88.65 -22.66 32.23
C ALA H 563 -88.65 -21.62 33.35
N ILE H 564 -88.19 -20.41 33.06
CA ILE H 564 -88.36 -19.31 34.01
C ILE H 564 -89.82 -18.90 34.03
N GLY H 565 -90.30 -18.52 35.22
CA GLY H 565 -91.72 -18.24 35.40
C GLY H 565 -92.48 -19.44 35.93
N ARG H 566 -92.13 -20.65 35.49
CA ARG H 566 -92.67 -21.84 36.12
C ARG H 566 -92.03 -22.08 37.48
N ASP H 567 -90.79 -21.64 37.66
CA ASP H 567 -90.09 -21.81 38.92
C ASP H 567 -90.39 -20.70 39.92
N ILE H 568 -90.66 -19.48 39.43
CA ILE H 568 -90.92 -18.36 40.33
C ILE H 568 -92.39 -18.17 40.65
N GLY H 569 -93.28 -18.97 40.05
CA GLY H 569 -94.68 -18.95 40.44
C GLY H 569 -95.59 -18.10 39.58
N LEU H 570 -95.35 -18.09 38.27
CA LEU H 570 -96.20 -17.33 37.34
C LEU H 570 -97.03 -18.21 36.42
N MET H 571 -96.59 -19.43 36.14
CA MET H 571 -97.24 -20.34 35.20
C MET H 571 -97.63 -21.64 35.89
N ASP H 572 -98.78 -22.18 35.49
CA ASP H 572 -99.13 -23.52 35.91
C ASP H 572 -98.48 -24.58 35.01
N ALA H 573 -98.54 -25.81 35.49
CA ALA H 573 -98.01 -27.00 34.81
C ALA H 573 -98.36 -27.07 33.33
N ASP H 574 -97.32 -27.17 32.49
CA ASP H 574 -97.46 -27.46 31.06
C ASP H 574 -98.30 -26.41 30.32
N ASP H 575 -98.23 -25.16 30.73
CA ASP H 575 -98.86 -24.07 29.99
C ASP H 575 -97.84 -23.39 29.07
N ILE H 576 -98.32 -22.95 27.92
CA ILE H 576 -97.49 -22.35 26.87
C ILE H 576 -97.58 -20.82 26.96
N ALA H 577 -96.49 -20.18 26.55
CA ALA H 577 -96.36 -18.74 26.53
C ALA H 577 -96.53 -18.20 25.11
N LEU H 578 -97.13 -17.02 25.01
CA LEU H 578 -97.37 -16.39 23.71
C LEU H 578 -96.07 -15.85 23.13
N THR H 579 -96.00 -15.83 21.79
CA THR H 579 -94.83 -15.36 21.07
C THR H 579 -95.16 -14.06 20.32
N GLY H 580 -94.11 -13.32 19.99
CA GLY H 580 -94.31 -12.11 19.22
C GLY H 580 -94.95 -12.35 17.87
N GLN H 581 -94.59 -13.47 17.22
CA GLN H 581 -95.21 -13.85 15.96
C GLN H 581 -96.70 -14.10 16.16
N GLU H 582 -97.05 -14.90 17.16
CA GLU H 582 -98.46 -15.20 17.42
C GLU H 582 -99.22 -13.96 17.85
N LEU H 583 -98.54 -13.00 18.48
CA LEU H 583 -99.22 -11.77 18.90
C LEU H 583 -99.47 -10.85 17.72
N ASP H 584 -98.51 -10.73 16.80
CA ASP H 584 -98.69 -9.85 15.64
C ASP H 584 -99.83 -10.32 14.75
N ALA H 585 -100.14 -11.63 14.77
CA ALA H 585 -101.23 -12.18 13.98
C ALA H 585 -102.60 -12.00 14.64
N MET H 586 -102.65 -11.60 15.91
CA MET H 586 -103.89 -11.41 16.66
C MET H 586 -104.40 -9.99 16.50
N PRO H 587 -105.69 -9.80 16.20
CA PRO H 587 -106.26 -8.45 16.23
C PRO H 587 -106.36 -7.93 17.66
N GLU H 588 -106.72 -6.65 17.77
CA GLU H 588 -106.71 -5.98 19.07
C GLU H 588 -107.83 -6.48 19.98
N GLU H 589 -109.00 -6.76 19.39
CA GLU H 589 -110.15 -7.20 20.18
C GLU H 589 -109.92 -8.56 20.81
N GLU H 590 -109.28 -9.46 20.07
CA GLU H 590 -109.00 -10.79 20.60
C GLU H 590 -108.06 -10.72 21.79
N LEU H 591 -107.08 -9.82 21.73
CA LEU H 591 -106.18 -9.70 22.87
C LEU H 591 -106.89 -9.05 24.04
N ASP H 592 -107.80 -8.11 23.77
CA ASP H 592 -108.54 -7.54 24.90
C ASP H 592 -109.31 -8.62 25.62
N LYS H 593 -109.81 -9.61 24.90
CA LYS H 593 -110.50 -10.66 25.63
C LYS H 593 -109.57 -11.74 26.17
N LYS H 594 -108.34 -11.85 25.65
CA LYS H 594 -107.40 -12.86 26.14
C LYS H 594 -106.36 -12.33 27.12
N LEU H 595 -106.44 -11.06 27.53
CA LEU H 595 -105.35 -10.45 28.29
C LEU H 595 -105.25 -10.91 29.74
N GLU H 596 -106.38 -11.14 30.44
CA GLU H 596 -106.32 -11.41 31.86
C GLU H 596 -106.03 -12.87 32.18
N HIS H 597 -105.69 -13.65 31.16
CA HIS H 597 -105.49 -15.08 31.33
C HIS H 597 -104.17 -15.57 30.78
N ILE H 598 -103.36 -14.71 30.24
CA ILE H 598 -102.03 -15.09 29.85
C ILE H 598 -101.17 -14.92 31.09
N ALA H 599 -99.94 -15.43 31.03
CA ALA H 599 -99.06 -15.27 32.17
C ALA H 599 -97.61 -14.96 31.80
N VAL H 600 -97.14 -15.37 30.63
CA VAL H 600 -95.77 -15.13 30.17
C VAL H 600 -95.80 -14.88 28.67
N TYR H 601 -95.13 -13.82 28.23
CA TYR H 601 -94.89 -13.57 26.82
C TYR H 601 -93.45 -13.89 26.50
N ALA H 602 -93.22 -14.55 25.37
CA ALA H 602 -91.90 -15.00 24.98
C ALA H 602 -91.60 -14.52 23.57
N ARG H 603 -90.33 -14.20 23.32
CA ARG H 603 -89.84 -13.86 22.00
C ARG H 603 -90.67 -12.75 21.35
N VAL H 604 -90.73 -11.61 22.05
CA VAL H 604 -91.57 -10.50 21.64
C VAL H 604 -90.71 -9.35 21.12
N SER H 605 -91.32 -8.53 20.26
CA SER H 605 -90.67 -7.38 19.66
C SER H 605 -90.84 -6.15 20.54
N PRO H 606 -90.03 -5.11 20.33
CA PRO H 606 -90.18 -3.90 21.16
C PRO H 606 -91.57 -3.27 21.09
N GLU H 607 -92.28 -3.43 19.98
CA GLU H 607 -93.63 -2.91 19.90
C GLU H 607 -94.62 -3.77 20.68
N ASN H 608 -94.30 -5.04 20.89
CA ASN H 608 -95.23 -5.93 21.58
C ASN H 608 -95.31 -5.63 23.07
N LYS H 609 -94.21 -5.24 23.70
CA LYS H 609 -94.24 -4.92 25.13
C LYS H 609 -95.08 -3.67 25.41
N ILE H 610 -94.86 -2.61 24.62
CA ILE H 610 -95.66 -1.40 24.79
C ILE H 610 -97.11 -1.68 24.46
N ARG H 611 -97.36 -2.64 23.56
CA ARG H 611 -98.74 -3.00 23.26
C ARG H 611 -99.39 -3.71 24.45
N ILE H 612 -98.64 -4.58 25.15
CA ILE H 612 -99.22 -5.28 26.29
C ILE H 612 -99.56 -4.30 27.41
N VAL H 613 -98.67 -3.36 27.70
CA VAL H 613 -98.99 -2.40 28.77
C VAL H 613 -100.17 -1.54 28.37
N LYS H 614 -100.26 -1.15 27.09
CA LYS H 614 -101.43 -0.40 26.62
C LYS H 614 -102.71 -1.21 26.77
N ALA H 615 -102.62 -2.52 26.52
CA ALA H 615 -103.79 -3.39 26.63
C ALA H 615 -104.26 -3.50 28.08
N TRP H 616 -103.33 -3.62 29.02
CA TRP H 616 -103.71 -3.65 30.43
C TRP H 616 -104.29 -2.32 30.87
N GLN H 617 -103.81 -1.21 30.31
CA GLN H 617 -104.41 0.08 30.63
C GLN H 617 -105.84 0.18 30.12
N LYS H 618 -106.15 -0.48 29.00
CA LYS H 618 -107.54 -0.45 28.53
C LYS H 618 -108.47 -1.19 29.49
N LYS H 619 -107.98 -2.21 30.20
CA LYS H 619 -108.79 -2.91 31.20
C LYS H 619 -109.04 -2.10 32.47
N GLY H 620 -108.43 -0.92 32.61
CA GLY H 620 -108.61 -0.10 33.79
C GLY H 620 -107.68 -0.38 34.95
N LYS H 621 -106.62 -1.16 34.75
CA LYS H 621 -105.66 -1.51 35.80
C LYS H 621 -104.46 -0.57 35.75
N ILE H 622 -103.98 -0.17 36.94
CA ILE H 622 -102.78 0.66 37.08
C ILE H 622 -101.54 -0.20 36.88
N THR H 623 -100.76 0.11 35.84
CA THR H 623 -99.68 -0.77 35.40
C THR H 623 -98.26 -0.25 35.67
N ALA H 624 -97.42 -1.18 36.14
CA ALA H 624 -95.99 -1.00 36.33
C ALA H 624 -95.23 -1.91 35.35
N MET H 625 -94.09 -1.43 34.84
CA MET H 625 -93.26 -2.18 33.90
C MET H 625 -91.82 -2.19 34.40
N THR H 626 -91.18 -3.37 34.45
CA THR H 626 -89.76 -3.45 34.83
C THR H 626 -88.95 -3.82 33.60
N GLY H 627 -87.84 -3.12 33.35
CA GLY H 627 -87.07 -3.41 32.16
C GLY H 627 -85.65 -2.90 32.10
N ASP H 628 -84.85 -3.40 31.14
CA ASP H 628 -83.42 -3.08 31.12
C ASP H 628 -82.79 -2.89 29.75
N GLY H 629 -83.54 -2.96 28.65
CA GLY H 629 -82.93 -2.86 27.34
C GLY H 629 -83.77 -1.98 26.45
N VAL H 630 -83.28 -1.77 25.23
CA VAL H 630 -83.91 -0.80 24.34
C VAL H 630 -85.31 -1.24 23.96
N ASN H 631 -85.55 -2.55 23.92
CA ASN H 631 -86.90 -3.03 23.67
C ASN H 631 -87.83 -2.77 24.86
N ASP H 632 -87.28 -2.66 26.07
CA ASP H 632 -88.12 -2.39 27.24
C ASP H 632 -88.42 -0.91 27.46
N ALA H 633 -87.67 -0.02 26.82
CA ALA H 633 -87.93 1.41 27.00
C ALA H 633 -89.34 1.81 26.61
N PRO H 634 -89.92 1.31 25.49
CA PRO H 634 -91.30 1.73 25.16
C PRO H 634 -92.29 1.40 26.25
N ALA H 635 -92.18 0.19 26.78
CA ALA H 635 -93.08 -0.30 27.81
C ALA H 635 -92.78 0.37 29.15
N LEU H 636 -91.53 0.76 29.37
CA LEU H 636 -91.19 1.47 30.59
C LEU H 636 -91.84 2.86 30.59
N LYS H 637 -91.90 3.51 29.42
CA LYS H 637 -92.50 4.84 29.38
C LYS H 637 -94.02 4.79 29.35
N GLN H 638 -94.62 3.77 28.72
CA GLN H 638 -96.07 3.71 28.65
C GLN H 638 -96.68 3.33 30.00
N ALA H 639 -95.99 2.54 30.80
CA ALA H 639 -96.55 2.07 32.05
C ALA H 639 -96.82 3.23 33.00
N ASP H 640 -97.74 2.99 33.95
CA ASP H 640 -97.99 4.01 34.96
C ASP H 640 -96.74 4.24 35.78
N ILE H 641 -95.93 3.20 35.98
CA ILE H 641 -94.65 3.37 36.66
C ILE H 641 -93.61 2.46 36.03
N GLY H 642 -92.54 3.05 35.53
CA GLY H 642 -91.44 2.32 34.92
C GLY H 642 -90.28 2.15 35.87
N VAL H 643 -89.74 0.94 35.93
CA VAL H 643 -88.64 0.58 36.83
C VAL H 643 -87.49 0.04 36.00
N ALA H 644 -86.35 0.72 36.07
CA ALA H 644 -85.16 0.32 35.33
C ALA H 644 -84.08 -0.16 36.29
N MET H 645 -83.28 -1.12 35.82
CA MET H 645 -82.14 -1.63 36.57
C MET H 645 -80.96 -0.67 36.45
N GLY H 646 -80.19 -0.56 37.54
CA GLY H 646 -79.02 0.30 37.53
C GLY H 646 -77.94 -0.16 36.57
N SER H 647 -77.86 -1.47 36.34
CA SER H 647 -76.90 -2.05 35.41
C SER H 647 -77.43 -2.13 33.98
N GLY H 648 -78.57 -1.52 33.70
CA GLY H 648 -79.14 -1.53 32.37
C GLY H 648 -78.53 -0.47 31.48
N THR H 649 -79.09 -0.36 30.27
CA THR H 649 -78.61 0.63 29.31
C THR H 649 -79.04 2.03 29.73
N ASP H 650 -78.36 3.04 29.19
CA ASP H 650 -78.66 4.41 29.57
C ASP H 650 -79.98 4.90 28.99
N VAL H 651 -80.33 4.40 27.80
CA VAL H 651 -81.59 4.79 27.18
C VAL H 651 -82.76 4.26 28.00
N ALA H 652 -82.64 3.02 28.47
CA ALA H 652 -83.67 2.42 29.29
C ALA H 652 -83.81 3.13 30.62
N LYS H 653 -82.69 3.66 31.15
CA LYS H 653 -82.76 4.44 32.37
C LYS H 653 -83.48 5.76 32.14
N ASP H 654 -83.29 6.37 30.97
CA ASP H 654 -84.04 7.59 30.69
C ASP H 654 -85.52 7.29 30.48
N SER H 655 -85.88 6.05 30.12
CA SER H 655 -87.30 5.78 29.88
C SER H 655 -88.09 5.42 31.14
N ALA H 656 -87.45 5.10 32.26
CA ALA H 656 -88.16 4.67 33.47
C ALA H 656 -88.38 5.82 34.45
N ALA H 657 -89.24 5.56 35.44
CA ALA H 657 -89.56 6.56 36.47
C ALA H 657 -88.86 6.30 37.79
N MET H 658 -88.50 5.05 38.08
CA MET H 658 -87.71 4.71 39.25
C MET H 658 -86.57 3.79 38.80
N ILE H 659 -85.41 3.95 39.45
CA ILE H 659 -84.20 3.23 39.08
C ILE H 659 -83.67 2.49 40.30
N LEU H 660 -83.45 1.18 40.15
CA LEU H 660 -82.86 0.36 41.21
C LEU H 660 -81.35 0.35 41.03
N THR H 661 -80.64 1.21 41.77
CA THR H 661 -79.20 1.34 41.59
C THR H 661 -78.48 0.06 41.99
N ASP H 662 -78.85 -0.52 43.14
CA ASP H 662 -78.25 -1.75 43.62
C ASP H 662 -78.91 -3.01 43.06
N ASP H 663 -79.80 -2.85 42.08
CA ASP H 663 -80.50 -3.95 41.42
C ASP H 663 -81.31 -4.81 42.41
N ASN H 664 -81.75 -4.21 43.52
CA ASN H 664 -82.51 -4.95 44.52
C ASN H 664 -83.96 -5.04 44.06
N PHE H 665 -84.35 -6.22 43.58
CA PHE H 665 -85.69 -6.39 43.02
C PHE H 665 -86.77 -6.30 44.09
N VAL H 666 -86.48 -6.74 45.32
CA VAL H 666 -87.49 -6.72 46.38
C VAL H 666 -87.91 -5.32 46.75
N SER H 667 -87.21 -4.30 46.26
CA SER H 667 -87.63 -2.93 46.54
C SER H 667 -88.96 -2.62 45.87
N ILE H 668 -89.27 -3.26 44.73
CA ILE H 668 -90.47 -2.88 43.98
C ILE H 668 -91.71 -3.12 44.82
N VAL H 669 -91.88 -4.34 45.32
CA VAL H 669 -93.04 -4.61 46.18
C VAL H 669 -92.99 -3.74 47.42
N ASP H 670 -91.78 -3.54 47.97
CA ASP H 670 -91.67 -2.67 49.15
C ASP H 670 -92.15 -1.27 48.81
N ALA H 671 -91.82 -0.77 47.61
CA ALA H 671 -92.26 0.57 47.23
C ALA H 671 -93.78 0.64 47.16
N VAL H 672 -94.43 -0.43 46.71
CA VAL H 672 -95.88 -0.43 46.66
C VAL H 672 -96.45 -0.14 48.05
N GLY H 673 -95.88 -0.78 49.07
CA GLY H 673 -96.36 -0.53 50.42
C GLY H 673 -96.25 0.92 50.80
N VAL H 674 -95.11 1.54 50.47
CA VAL H 674 -94.92 2.95 50.79
C VAL H 674 -96.00 3.78 50.10
N GLY H 675 -96.25 3.50 48.82
CA GLY H 675 -97.24 4.30 48.12
C GLY H 675 -98.59 4.17 48.79
N ARG H 676 -98.92 2.95 49.24
CA ARG H 676 -100.22 2.74 49.87
C ARG H 676 -100.35 3.56 51.14
N THR H 677 -99.27 3.66 51.92
CA THR H 677 -99.37 4.47 53.12
C THR H 677 -99.38 5.95 52.77
N VAL H 678 -98.62 6.34 51.73
CA VAL H 678 -98.55 7.75 51.38
C VAL H 678 -99.94 8.28 51.08
N PHE H 679 -100.65 7.57 50.21
CA PHE H 679 -101.99 8.01 49.86
C PHE H 679 -102.92 7.95 51.06
N ASP H 680 -102.79 6.91 51.89
CA ASP H 680 -103.64 6.81 53.06
C ASP H 680 -103.50 8.04 53.93
N ASN H 681 -102.27 8.53 54.08
CA ASN H 681 -102.07 9.70 54.92
C ASN H 681 -102.51 10.98 54.21
N ILE H 682 -102.32 11.06 52.88
CA ILE H 682 -102.76 12.24 52.15
C ILE H 682 -104.28 12.35 52.20
N LYS H 683 -104.97 11.22 52.02
CA LYS H 683 -106.41 11.19 52.18
C LYS H 683 -106.80 11.67 53.57
N LYS H 684 -105.98 11.35 54.58
CA LYS H 684 -106.25 11.85 55.91
C LYS H 684 -106.04 13.35 55.98
N SER H 685 -104.92 13.84 55.42
CA SER H 685 -104.56 15.24 55.59
C SER H 685 -105.59 16.15 54.93
N ILE H 686 -105.96 15.81 53.69
CA ILE H 686 -106.97 16.61 52.99
C ILE H 686 -108.28 16.54 53.76
N ALA H 687 -108.63 15.35 54.28
CA ALA H 687 -109.85 15.23 55.06
C ALA H 687 -109.81 16.10 56.30
N TYR H 688 -108.62 16.27 56.89
CA TYR H 688 -108.50 17.18 58.02
C TYR H 688 -108.64 18.62 57.60
N LEU H 689 -108.08 18.98 56.44
CA LEU H 689 -108.10 20.38 56.02
C LEU H 689 -109.51 20.83 55.64
N PHE H 690 -110.22 20.00 54.87
CA PHE H 690 -111.52 20.40 54.36
C PHE H 690 -112.57 20.40 55.46
N ALA H 691 -112.41 19.51 56.45
CA ALA H 691 -113.29 19.55 57.61
C ALA H 691 -113.18 20.90 58.30
N GLY H 692 -111.99 21.51 58.28
CA GLY H 692 -111.88 22.86 58.80
C GLY H 692 -112.49 23.87 57.84
N ASN H 693 -112.24 23.70 56.55
CA ASN H 693 -112.76 24.66 55.58
C ASN H 693 -114.29 24.63 55.55
N LEU H 694 -114.87 23.43 55.50
CA LEU H 694 -116.32 23.33 55.59
C LEU H 694 -116.79 23.93 56.91
N GLY H 695 -116.04 23.65 57.98
CA GLY H 695 -116.38 24.19 59.28
C GLY H 695 -116.38 25.70 59.31
N ALA H 696 -115.52 26.33 58.51
CA ALA H 696 -115.55 27.78 58.44
C ALA H 696 -116.76 28.26 57.65
N ILE H 697 -117.06 27.59 56.54
CA ILE H 697 -118.15 28.03 55.68
C ILE H 697 -119.46 28.02 56.45
N ILE H 698 -119.72 26.95 57.20
CA ILE H 698 -120.97 26.83 57.94
C ILE H 698 -121.14 28.02 58.88
N ALA H 699 -120.05 28.49 59.47
CA ALA H 699 -120.17 29.61 60.40
C ALA H 699 -120.45 30.90 59.67
N ILE H 700 -119.88 31.07 58.47
CA ILE H 700 -120.08 32.31 57.74
C ILE H 700 -121.49 32.38 57.18
N LEU H 701 -121.95 31.29 56.57
CA LEU H 701 -123.30 31.27 56.01
C LEU H 701 -124.34 31.52 57.08
N PHE H 702 -124.13 30.97 58.28
CA PHE H 702 -125.04 31.24 59.38
C PHE H 702 -125.02 32.72 59.75
N ALA H 703 -123.83 33.32 59.72
CA ALA H 703 -123.74 34.76 59.93
C ALA H 703 -124.41 35.53 58.81
N LEU H 704 -124.46 34.94 57.61
CA LEU H 704 -125.07 35.64 56.48
C LEU H 704 -126.59 35.70 56.62
N VAL H 705 -127.24 34.54 56.82
CA VAL H 705 -128.70 34.52 56.90
C VAL H 705 -129.23 35.24 58.15
N LEU H 706 -128.41 35.41 59.19
CA LEU H 706 -128.81 36.20 60.33
C LEU H 706 -128.22 37.60 60.30
N ASP H 707 -127.47 37.91 59.23
CA ASP H 707 -126.86 39.23 59.02
C ASP H 707 -125.98 39.64 60.19
N TRP H 708 -125.20 38.69 60.68
CA TRP H 708 -124.21 39.11 61.65
C TRP H 708 -123.01 39.64 60.89
N ILE H 709 -122.10 40.31 61.60
CA ILE H 709 -120.90 40.77 60.94
C ILE H 709 -120.05 39.55 60.61
N ASN H 710 -119.29 39.65 59.53
CA ASN H 710 -118.42 38.57 59.09
C ASN H 710 -117.61 38.07 60.29
N PRO H 711 -117.85 36.83 60.72
CA PRO H 711 -117.18 36.34 61.93
C PRO H 711 -115.68 36.21 61.78
N PHE H 712 -115.17 36.13 60.56
CA PHE H 712 -113.75 35.94 60.31
C PHE H 712 -113.27 37.02 59.36
N THR H 713 -111.99 37.32 59.42
CA THR H 713 -111.33 38.22 58.49
C THR H 713 -110.58 37.40 57.46
N ALA H 714 -110.39 37.98 56.27
CA ALA H 714 -109.63 37.28 55.24
C ALA H 714 -108.23 36.93 55.73
N LEU H 715 -107.62 37.80 56.53
CA LEU H 715 -106.29 37.52 57.05
C LEU H 715 -106.34 36.41 58.10
N GLN H 716 -107.38 36.39 58.93
CA GLN H 716 -107.54 35.33 59.91
C GLN H 716 -107.69 33.97 59.22
N LEU H 717 -108.59 33.90 58.23
CA LEU H 717 -108.80 32.64 57.50
C LEU H 717 -107.55 32.25 56.73
N LEU H 718 -106.82 33.23 56.20
CA LEU H 718 -105.62 32.92 55.45
C LEU H 718 -104.57 32.26 56.36
N PHE H 719 -104.42 32.79 57.58
CA PHE H 719 -103.45 32.18 58.49
C PHE H 719 -103.95 30.85 59.06
N ILE H 720 -105.25 30.69 59.27
CA ILE H 720 -105.73 29.39 59.73
C ILE H 720 -105.50 28.34 58.67
N ASN H 721 -105.76 28.67 57.41
CA ASN H 721 -105.59 27.68 56.35
C ASN H 721 -104.12 27.46 55.98
N LEU H 722 -103.25 28.44 56.22
CA LEU H 722 -101.84 28.31 55.85
C LEU H 722 -100.92 27.96 57.02
N VAL H 723 -101.04 28.66 58.13
CA VAL H 723 -100.10 28.52 59.24
C VAL H 723 -100.57 27.51 60.26
N ASN H 724 -101.82 27.65 60.72
CA ASN H 724 -102.26 26.80 61.84
C ASN H 724 -102.60 25.39 61.39
N ASP H 725 -103.21 25.20 60.22
CA ASP H 725 -103.63 23.87 59.83
C ASP H 725 -102.61 23.12 58.98
N SER H 726 -101.49 23.76 58.60
CA SER H 726 -100.48 23.05 57.83
C SER H 726 -99.71 22.07 58.70
N LEU H 727 -99.32 22.51 59.90
CA LEU H 727 -98.54 21.64 60.78
C LEU H 727 -99.29 20.37 61.17
N PRO H 728 -100.54 20.41 61.66
CA PRO H 728 -101.25 19.15 61.94
C PRO H 728 -101.42 18.27 60.71
N ALA H 729 -101.62 18.86 59.53
CA ALA H 729 -101.71 18.05 58.32
C ALA H 729 -100.38 17.34 58.04
N ILE H 730 -99.25 18.03 58.21
CA ILE H 730 -97.95 17.39 58.03
C ILE H 730 -97.77 16.26 59.04
N ALA H 731 -98.21 16.50 60.28
CA ALA H 731 -98.14 15.46 61.30
C ALA H 731 -98.96 14.25 60.88
N LEU H 732 -100.17 14.47 60.37
CA LEU H 732 -100.96 13.37 59.83
C LEU H 732 -100.29 12.72 58.62
N GLY H 733 -99.45 13.47 57.92
CA GLY H 733 -98.63 12.90 56.87
C GLY H 733 -97.55 11.97 57.37
N MET H 734 -97.15 12.12 58.62
CA MET H 734 -96.17 11.21 59.24
C MET H 734 -96.84 10.08 60.04
N GLU H 735 -97.88 9.45 59.50
CA GLU H 735 -98.66 8.46 60.22
C GLU H 735 -98.16 7.04 59.93
N LYS H 736 -98.36 6.15 60.92
CA LYS H 736 -97.90 4.77 60.80
C LYS H 736 -98.58 4.09 59.62
N ALA H 737 -97.87 3.12 59.04
CA ALA H 737 -98.44 2.36 57.92
C ALA H 737 -99.61 1.50 58.36
N GLU H 738 -99.50 0.88 59.54
CA GLU H 738 -100.44 -0.04 60.18
C GLU H 738 -100.45 -1.38 59.45
N PRO H 739 -100.77 -2.49 60.15
CA PRO H 739 -100.57 -3.82 59.57
C PRO H 739 -101.40 -4.15 58.34
N ASP H 740 -102.72 -3.96 58.40
CA ASP H 740 -103.59 -4.40 57.33
C ASP H 740 -103.50 -3.53 56.08
N VAL H 741 -102.28 -3.36 55.57
CA VAL H 741 -102.05 -2.61 54.33
C VAL H 741 -101.98 -3.54 53.13
N MET H 742 -101.03 -4.46 53.15
CA MET H 742 -100.76 -5.38 52.06
C MET H 742 -101.80 -6.49 51.93
N LYS H 743 -102.82 -6.49 52.80
CA LYS H 743 -103.93 -7.43 52.71
C LYS H 743 -105.09 -6.90 51.88
N ARG H 744 -105.06 -5.64 51.49
CA ARG H 744 -106.13 -5.01 50.74
C ARG H 744 -105.84 -5.07 49.25
N LYS H 745 -106.90 -4.95 48.46
CA LYS H 745 -106.73 -4.90 47.02
C LYS H 745 -106.40 -3.48 46.60
N PRO H 746 -105.82 -3.28 45.40
CA PRO H 746 -105.55 -1.92 44.94
C PRO H 746 -106.82 -1.09 44.87
N ARG H 747 -106.72 0.16 45.29
CA ARG H 747 -107.88 1.03 45.29
C ARG H 747 -108.37 1.32 43.87
N ASP H 748 -109.67 1.59 43.77
CA ASP H 748 -110.25 1.98 42.49
C ASP H 748 -109.75 3.36 42.10
N ILE H 749 -109.49 3.53 40.81
CA ILE H 749 -108.97 4.81 40.32
C ILE H 749 -110.08 5.86 40.29
N ASN H 750 -111.31 5.44 39.99
CA ASN H 750 -112.43 6.38 39.95
C ASN H 750 -112.94 6.73 41.34
N GLU H 751 -112.39 6.13 42.37
CA GLU H 751 -112.81 6.43 43.73
C GLU H 751 -112.42 7.86 44.10
N GLY H 752 -113.30 8.53 44.86
CA GLY H 752 -113.02 9.88 45.32
C GLY H 752 -112.06 9.92 46.50
N ILE H 753 -111.68 11.15 46.87
CA ILE H 753 -110.78 11.33 48.01
C ILE H 753 -111.49 11.21 49.34
N PHE H 754 -112.82 11.26 49.36
CA PHE H 754 -113.56 11.13 50.59
C PHE H 754 -114.42 9.88 50.61
N ALA H 755 -114.25 8.99 49.64
CA ALA H 755 -115.08 7.79 49.54
C ALA H 755 -114.63 6.74 50.55
N GLY H 756 -115.58 5.92 50.98
CA GLY H 756 -115.28 4.81 51.86
C GLY H 756 -115.23 5.20 53.32
N GLY H 757 -116.26 5.88 53.80
CA GLY H 757 -116.33 6.26 55.19
C GLY H 757 -115.61 7.55 55.52
N THR H 758 -114.72 8.03 54.64
CA THR H 758 -114.07 9.31 54.88
C THR H 758 -115.05 10.47 54.77
N MET H 759 -115.98 10.40 53.82
CA MET H 759 -116.96 11.47 53.63
C MET H 759 -117.81 11.68 54.88
N ARG H 760 -118.24 10.58 55.52
CA ARG H 760 -119.07 10.69 56.70
C ARG H 760 -118.30 11.34 57.84
N ALA H 761 -117.02 11.00 57.98
CA ALA H 761 -116.20 11.59 59.02
C ALA H 761 -115.96 13.07 58.75
N VAL H 762 -115.71 13.43 57.49
CA VAL H 762 -115.50 14.83 57.14
C VAL H 762 -116.74 15.65 57.47
N ILE H 763 -117.91 15.17 57.08
CA ILE H 763 -119.13 15.94 57.34
C ILE H 763 -119.38 16.05 58.83
N SER H 764 -119.13 14.98 59.58
CA SER H 764 -119.36 15.03 61.03
C SER H 764 -118.45 16.06 61.68
N ARG H 765 -117.14 15.97 61.41
CA ARG H 765 -116.19 16.87 62.07
C ARG H 765 -116.37 18.31 61.60
N GLY H 766 -116.64 18.51 60.31
CA GLY H 766 -116.82 19.86 59.82
C GLY H 766 -118.05 20.53 60.40
N VAL H 767 -119.18 19.83 60.41
CA VAL H 767 -120.40 20.39 60.97
C VAL H 767 -120.21 20.66 62.46
N LEU H 768 -119.50 19.77 63.18
CA LEU H 768 -119.29 20.00 64.60
C LEU H 768 -118.45 21.25 64.85
N ILE H 769 -117.39 21.45 64.07
CA ILE H 769 -116.60 22.68 64.21
C ILE H 769 -117.45 23.90 63.92
N GLY H 770 -118.28 23.82 62.87
CA GLY H 770 -119.12 24.94 62.50
C GLY H 770 -120.14 25.30 63.57
N ILE H 771 -120.80 24.27 64.13
CA ILE H 771 -121.79 24.53 65.17
C ILE H 771 -121.13 25.13 66.41
N ALA H 772 -119.91 24.67 66.74
CA ALA H 772 -119.22 25.24 67.88
C ALA H 772 -118.93 26.73 67.64
N VAL H 773 -118.56 27.07 66.41
CA VAL H 773 -118.30 28.47 66.10
C VAL H 773 -119.60 29.28 66.12
N ILE H 774 -120.70 28.67 65.67
CA ILE H 774 -121.98 29.39 65.66
C ILE H 774 -122.43 29.70 67.09
N ILE H 775 -122.38 28.70 67.97
CA ILE H 775 -122.79 28.93 69.36
C ILE H 775 -121.87 29.95 70.02
N SER H 776 -120.57 29.85 69.76
CA SER H 776 -119.63 30.82 70.31
C SER H 776 -119.93 32.23 69.81
N GLN H 777 -120.23 32.36 68.51
CA GLN H 777 -120.53 33.67 67.94
C GLN H 777 -121.82 34.25 68.51
N TYR H 778 -122.83 33.40 68.74
CA TYR H 778 -124.07 33.90 69.32
C TYR H 778 -123.85 34.39 70.75
N ILE H 779 -123.08 33.64 71.53
CA ILE H 779 -122.81 34.03 72.91
C ILE H 779 -122.02 35.33 72.94
N GLY H 780 -121.02 35.45 72.05
CA GLY H 780 -120.28 36.70 71.97
C GLY H 780 -121.14 37.84 71.45
N MET H 781 -122.09 37.54 70.57
CA MET H 781 -122.98 38.56 70.05
C MET H 781 -123.86 39.14 71.15
N GLN H 782 -124.10 38.35 72.21
CA GLN H 782 -124.84 38.92 73.33
C GLN H 782 -124.06 40.02 74.04
N ILE H 783 -122.74 40.08 73.85
CA ILE H 783 -121.93 41.13 74.44
C ILE H 783 -121.79 42.26 73.43
N SER H 784 -121.23 41.95 72.27
CA SER H 784 -121.05 42.91 71.17
C SER H 784 -120.68 42.16 69.91
N PRO H 785 -120.96 42.71 68.71
CA PRO H 785 -120.53 42.03 67.48
C PRO H 785 -119.02 41.90 67.35
N GLU H 786 -118.27 42.92 67.82
CA GLU H 786 -116.82 42.87 67.73
C GLU H 786 -116.28 41.71 68.56
N MET H 787 -116.93 41.43 69.68
CA MET H 787 -116.56 40.29 70.51
C MET H 787 -116.95 38.97 69.86
N SER H 788 -118.04 38.95 69.10
CA SER H 788 -118.43 37.73 68.41
C SER H 788 -117.41 37.36 67.35
N VAL H 789 -116.74 38.35 66.76
CA VAL H 789 -115.69 38.04 65.79
C VAL H 789 -114.54 37.32 66.46
N ALA H 790 -114.11 37.81 67.64
CA ALA H 790 -113.00 37.19 68.36
C ALA H 790 -113.37 35.81 68.86
N MET H 791 -114.59 35.64 69.37
CA MET H 791 -114.98 34.35 69.90
C MET H 791 -115.16 33.32 68.80
N ALA H 792 -115.67 33.74 67.64
CA ALA H 792 -115.79 32.82 66.52
C ALA H 792 -114.42 32.40 66.02
N PHE H 793 -113.48 33.34 65.91
CA PHE H 793 -112.14 33.00 65.47
C PHE H 793 -111.43 32.05 66.44
N THR H 794 -111.52 32.36 67.74
CA THR H 794 -110.89 31.50 68.74
C THR H 794 -111.46 30.09 68.71
N THR H 795 -112.79 29.98 68.69
CA THR H 795 -113.40 28.65 68.65
C THR H 795 -113.01 27.91 67.37
N LEU H 796 -112.97 28.60 66.24
CA LEU H 796 -112.63 27.93 64.99
C LEU H 796 -111.21 27.39 65.02
N ILE H 797 -110.25 28.24 65.39
CA ILE H 797 -108.85 27.81 65.33
C ILE H 797 -108.56 26.74 66.39
N LEU H 798 -109.23 26.82 67.55
CA LEU H 798 -108.98 25.82 68.59
C LEU H 798 -109.65 24.49 68.27
N ALA H 799 -110.85 24.52 67.69
CA ALA H 799 -111.49 23.27 67.26
C ALA H 799 -110.71 22.63 66.12
N ARG H 800 -110.17 23.43 65.20
CA ARG H 800 -109.36 22.86 64.14
C ARG H 800 -108.07 22.26 64.67
N THR H 801 -107.47 22.88 65.69
CA THR H 801 -106.25 22.30 66.26
C THR H 801 -106.55 21.00 67.00
N LEU H 802 -107.56 21.00 67.87
CA LEU H 802 -107.89 19.79 68.62
C LEU H 802 -108.47 18.68 67.73
N GLN H 803 -109.00 19.04 66.55
CA GLN H 803 -109.53 18.05 65.63
C GLN H 803 -108.47 17.03 65.19
N THR H 804 -107.19 17.36 65.33
CA THR H 804 -106.11 16.47 64.89
C THR H 804 -106.18 15.11 65.55
N PHE H 805 -106.61 15.04 66.81
CA PHE H 805 -106.75 13.76 67.49
C PHE H 805 -107.85 12.91 66.84
N ALA H 806 -108.97 13.54 66.48
CA ALA H 806 -110.08 12.83 65.86
C ALA H 806 -109.82 12.46 64.40
N ALA H 807 -108.92 13.18 63.73
CA ALA H 807 -108.67 12.95 62.32
C ALA H 807 -107.62 11.88 62.03
N ARG H 808 -107.07 11.24 63.07
CA ARG H 808 -106.04 10.23 62.82
C ARG H 808 -106.61 8.96 62.20
N SER H 809 -107.88 8.66 62.47
CA SER H 809 -108.51 7.45 61.95
C SER H 809 -110.00 7.66 61.94
N ASN H 810 -110.67 6.98 61.01
CA ASN H 810 -112.12 7.09 60.92
C ASN H 810 -112.85 6.20 61.92
N VAL H 811 -112.18 5.23 62.53
CA VAL H 811 -112.87 4.29 63.40
C VAL H 811 -112.23 4.28 64.78
N GLN H 812 -110.92 4.52 64.84
CA GLN H 812 -110.13 4.41 66.06
C GLN H 812 -110.01 5.76 66.75
N THR H 813 -110.63 5.88 67.92
CA THR H 813 -110.50 7.11 68.70
C THR H 813 -109.04 7.29 69.10
N ALA H 814 -108.68 8.55 69.40
CA ALA H 814 -107.32 8.84 69.84
C ALA H 814 -106.96 8.02 71.07
N PHE H 815 -107.80 8.05 72.10
CA PHE H 815 -107.61 7.22 73.28
C PHE H 815 -107.93 5.77 72.95
N GLY H 816 -107.01 5.13 72.22
CA GLY H 816 -107.15 3.72 71.86
C GLY H 816 -106.16 3.34 70.78
N ALA H 817 -106.09 4.19 69.76
CA ALA H 817 -105.10 4.14 68.70
C ALA H 817 -103.71 4.53 69.17
N GLY H 818 -103.63 5.42 70.15
CA GLY H 818 -102.34 5.90 70.58
C GLY H 818 -102.33 7.40 70.77
N PHE H 819 -102.68 7.91 71.96
CA PHE H 819 -102.81 9.35 72.08
C PHE H 819 -101.51 10.07 71.76
N PHE H 820 -100.37 9.45 72.07
CA PHE H 820 -99.08 10.01 71.68
C PHE H 820 -98.40 9.17 70.61
N SER H 821 -99.10 8.18 70.03
CA SER H 821 -98.49 7.28 69.05
C SER H 821 -97.94 8.05 67.86
N ASN H 822 -98.47 9.22 67.59
CA ASN H 822 -97.96 10.11 66.55
C ASN H 822 -97.37 11.28 67.31
N LYS H 823 -96.06 11.43 67.27
CA LYS H 823 -95.41 12.46 68.06
C LYS H 823 -95.39 13.80 67.33
N TYR H 824 -95.55 13.77 66.01
CA TYR H 824 -95.64 15.01 65.26
C TYR H 824 -96.98 15.69 65.53
N VAL H 825 -98.02 14.90 65.84
CA VAL H 825 -99.30 15.50 66.18
C VAL H 825 -99.18 16.32 67.45
N ILE H 826 -98.47 15.77 68.45
CA ILE H 826 -98.30 16.49 69.71
C ILE H 826 -97.46 17.74 69.50
N GLY H 827 -96.36 17.62 68.74
CA GLY H 827 -95.53 18.80 68.49
C GLY H 827 -96.26 19.85 67.68
N ALA H 828 -97.08 19.42 66.71
CA ALA H 828 -97.84 20.36 65.90
C ALA H 828 -98.89 21.08 66.73
N VAL H 829 -99.62 20.35 67.59
CA VAL H 829 -100.63 20.98 68.42
C VAL H 829 -99.99 21.99 69.37
N LEU H 830 -98.82 21.66 69.94
CA LEU H 830 -98.16 22.62 70.81
C LEU H 830 -97.77 23.88 70.03
N LEU H 831 -97.30 23.70 68.79
CA LEU H 831 -96.98 24.87 67.98
C LEU H 831 -98.23 25.68 67.66
N CYS H 832 -99.37 25.02 67.44
CA CYS H 832 -100.61 25.74 67.18
C CYS H 832 -101.11 26.49 68.42
N PHE H 833 -100.90 25.93 69.61
CA PHE H 833 -101.24 26.67 70.82
C PHE H 833 -100.38 27.91 70.95
N VAL H 834 -99.09 27.78 70.63
CA VAL H 834 -98.21 28.96 70.63
C VAL H 834 -98.68 29.98 69.59
N LEU H 835 -99.17 29.49 68.45
CA LEU H 835 -99.65 30.38 67.39
C LEU H 835 -100.85 31.20 67.87
N TYR H 836 -101.85 30.53 68.45
CA TYR H 836 -102.99 31.26 69.00
C TYR H 836 -102.55 32.21 70.10
N GLY H 837 -101.53 31.82 70.87
CA GLY H 837 -100.97 32.72 71.87
C GLY H 837 -100.37 33.97 71.24
N ILE H 838 -99.76 33.83 70.06
CA ILE H 838 -99.28 35.00 69.35
C ILE H 838 -100.43 35.87 68.88
N THR H 839 -101.58 35.27 68.51
CA THR H 839 -102.68 36.07 67.99
C THR H 839 -103.27 37.01 69.04
N VAL H 840 -103.22 36.63 70.31
CA VAL H 840 -103.84 37.42 71.38
C VAL H 840 -102.83 38.34 72.05
N LEU H 841 -101.60 38.38 71.55
CA LEU H 841 -100.62 39.32 72.05
C LEU H 841 -101.10 40.75 71.78
N PRO H 842 -100.79 41.70 72.66
CA PRO H 842 -101.33 43.06 72.50
C PRO H 842 -100.94 43.72 71.18
N GLY H 843 -99.87 43.25 70.53
CA GLY H 843 -99.50 43.79 69.23
C GLY H 843 -100.33 43.24 68.09
N ALA H 844 -100.70 41.95 68.16
CA ALA H 844 -101.41 41.31 67.07
C ALA H 844 -102.92 41.22 67.32
N ARG H 845 -103.44 41.97 68.30
CA ARG H 845 -104.87 41.92 68.54
C ARG H 845 -105.63 42.64 67.45
N GLU H 846 -105.19 43.86 67.10
CA GLU H 846 -105.83 44.58 66.00
C GLU H 846 -105.59 43.92 64.66
N ILE H 847 -104.52 43.14 64.52
CA ILE H 847 -104.29 42.40 63.28
C ILE H 847 -105.34 41.32 63.11
N PHE H 848 -105.62 40.56 64.17
CA PHE H 848 -106.61 39.49 64.12
C PHE H 848 -107.99 39.93 64.62
N SER H 849 -108.24 41.23 64.73
CA SER H 849 -109.56 41.77 65.06
C SER H 849 -110.04 41.24 66.41
N ILE H 850 -109.15 41.25 67.39
CA ILE H 850 -109.46 40.84 68.77
C ILE H 850 -109.47 42.09 69.64
N PRO H 851 -110.59 42.44 70.27
CA PRO H 851 -110.61 43.64 71.10
C PRO H 851 -109.75 43.47 72.36
N ALA H 852 -109.38 44.61 72.94
CA ALA H 852 -108.54 44.60 74.14
C ALA H 852 -109.27 44.01 75.33
N SER H 853 -110.60 44.05 75.33
CA SER H 853 -111.40 43.54 76.45
C SER H 853 -111.57 42.03 76.44
N PHE H 854 -111.03 41.33 75.44
CA PHE H 854 -111.15 39.87 75.39
C PHE H 854 -110.32 39.25 76.51
N GLY H 855 -110.99 38.77 77.55
CA GLY H 855 -110.36 38.20 78.72
C GLY H 855 -110.52 36.70 78.80
N LEU H 856 -110.09 36.15 79.94
CA LEU H 856 -110.30 34.74 80.22
C LEU H 856 -111.78 34.41 80.32
N HIS H 857 -112.62 35.41 80.59
CA HIS H 857 -114.05 35.20 80.77
C HIS H 857 -114.67 34.65 79.48
N GLU H 858 -114.49 35.37 78.38
CA GLU H 858 -114.99 34.93 77.08
C GLU H 858 -114.12 33.83 76.47
N TRP H 859 -112.81 33.87 76.73
CA TRP H 859 -111.93 32.84 76.19
C TRP H 859 -112.30 31.48 76.73
N SER H 860 -112.77 31.40 77.97
CA SER H 860 -113.18 30.12 78.52
C SER H 860 -114.33 29.54 77.73
N ILE H 861 -115.32 30.35 77.36
CA ILE H 861 -116.42 29.83 76.56
C ILE H 861 -115.92 29.45 75.16
N ALA H 862 -115.10 30.29 74.53
CA ALA H 862 -114.69 29.99 73.17
C ALA H 862 -113.86 28.71 73.10
N ALA H 863 -112.91 28.55 74.01
CA ALA H 863 -112.08 27.36 74.02
C ALA H 863 -112.87 26.15 74.52
N GLY H 864 -113.76 26.36 75.48
CA GLY H 864 -114.57 25.26 75.97
C GLY H 864 -115.50 24.72 74.91
N LEU H 865 -116.06 25.61 74.08
CA LEU H 865 -116.91 25.14 72.98
C LEU H 865 -116.08 24.41 71.95
N ALA H 866 -114.85 24.88 71.68
CA ALA H 866 -114.00 24.12 70.76
C ALA H 866 -113.70 22.72 71.32
N LEU H 867 -113.35 22.66 72.61
CA LEU H 867 -113.06 21.38 73.25
C LEU H 867 -114.30 20.48 73.30
N ALA H 868 -115.47 21.05 73.59
CA ALA H 868 -116.69 20.29 73.59
C ALA H 868 -117.01 19.77 72.20
N ALA H 869 -116.71 20.57 71.17
CA ALA H 869 -116.92 20.11 69.81
C ALA H 869 -116.01 18.94 69.51
N VAL H 870 -114.79 18.93 70.05
CA VAL H 870 -113.91 17.79 69.80
C VAL H 870 -114.26 16.57 70.68
N VAL H 871 -114.72 16.77 71.91
CA VAL H 871 -115.21 15.63 72.70
C VAL H 871 -116.40 15.00 72.01
N MET H 872 -117.32 15.83 71.50
CA MET H 872 -118.41 15.33 70.67
C MET H 872 -117.89 14.76 69.37
N MET H 873 -116.77 15.27 68.85
CA MET H 873 -116.17 14.70 67.64
C MET H 873 -115.70 13.27 67.89
N GLU H 874 -115.08 13.02 69.04
CA GLU H 874 -114.67 11.66 69.37
C GLU H 874 -115.89 10.79 69.62
N ILE H 875 -116.90 11.35 70.28
CA ILE H 875 -118.14 10.61 70.49
C ILE H 875 -118.81 10.33 69.16
N ILE H 876 -118.80 11.29 68.25
CA ILE H 876 -119.39 11.15 66.93
C ILE H 876 -118.63 10.10 66.13
N LYS H 877 -117.32 9.98 66.32
CA LYS H 877 -116.62 8.88 65.64
C LYS H 877 -117.05 7.55 66.24
N VAL H 878 -117.29 7.52 67.56
CA VAL H 878 -117.71 6.28 68.20
C VAL H 878 -119.12 5.89 67.75
N VAL H 879 -119.98 6.89 67.55
CA VAL H 879 -121.31 6.65 66.99
C VAL H 879 -121.22 6.34 65.50
N GLN H 880 -120.20 6.88 64.82
CA GLN H 880 -120.01 6.56 63.41
C GLN H 880 -119.64 5.09 63.29
N ASN H 881 -119.09 4.51 64.35
CA ASN H 881 -118.91 3.07 64.36
C ASN H 881 -120.26 2.33 64.40
N LYS H 882 -121.36 3.07 64.52
CA LYS H 882 -122.71 2.53 64.42
C LYS H 882 -123.27 2.75 63.01
N PHE H 883 -122.45 3.26 62.10
CA PHE H 883 -122.83 3.47 60.71
C PHE H 883 -122.20 2.36 59.88
N PHE H 884 -122.72 1.16 60.10
CA PHE H 884 -122.34 -0.04 59.36
C PHE H 884 -123.49 -0.62 58.54
N LYS H 885 -124.73 -0.42 58.97
CA LYS H 885 -125.90 -1.01 58.30
C LYS H 885 -127.14 -0.13 58.56
#